data_8RTH
#
_entry.id   8RTH
#
_cell.length_a   1.00
_cell.length_b   1.00
_cell.length_c   1.00
_cell.angle_alpha   90.00
_cell.angle_beta   90.00
_cell.angle_gamma   90.00
#
_symmetry.space_group_name_H-M   'P 1'
#
loop_
_entity.id
_entity.type
_entity.pdbx_description
1 polymer '3-methylcrotonyl-CoA carboxylase, putative'
2 polymer 'methylcrotonoyl-CoA carboxylase'
3 non-polymer 5-(HEXAHYDRO-2-OXO-1H-THIENO[3,4-D]IMIDAZOL-6-YL)PENTANAL
#
loop_
_entity_poly.entity_id
_entity_poly.type
_entity_poly.pdbx_seq_one_letter_code
_entity_poly.pdbx_strand_id
1 'polypeptide(L)'
;MLRYNVFYHGDFKKVLVANRGEIACRVFRTCREMNIRTVAVCCEGEPNAKHVLEADEAFVLGPPPASTSYLRGDRIICAA
KKLQADAVHPGYGFLSENAEFASAVLAAGLKFVGPPPAAMLSMGSKSESKRIMEAAGVPIVPGYYGEDQNPDRLLHEAKT
IGFPVLIKAVSGGGGKGMKIVMEETEFHLMLESAKREAINFFKDDRVILERYVMHPRHIECQIFFDSFGNGVFFFERDCS
VQRRHQKVIEEAPAPGLSVDMRRRIGDVALTAARAVGYVGAGTVEFIFDTEKDEFFFMEMNTRLQVEHPVTEQVCQVRGR
PLDLVRLQLQTAMGLPLGFRQEDISMSGASVEARIYAESPRNGFLPVGGRLRYLKEPPQGNRGTVKVRLDTGFRAGDDVL
VHYDPMIAKLVVWGDNRATALEGLRTALASYHIVGVETNIDFLQCCLSNPGFVEGGVTTRFIEDNSVNLLQPREIPNNVL
ALAAVSYLCSQRGTSTLFWPNRQISQGVCFTVGGNPVVVRVTVSTKMCFTCDFDSSSVTVYVESTTNMPDSSTFIRVTVD
GETRFGFTSFVTDSEVAVALPQGFYTLALQPLATDFGSTSAQANGSASVLSPMPGKVTKLLVADGTLVQQGQAILILEAM
KMEHVVKASCDGEVKFCVHADGIVGGSTLLAHIASAAV
;
A,C,E,G,I,K
2 'polypeptide(L)'
;MKSFCRLGKVCGCSVSVVFSHRVFALGPRRDYSTSEVPLGSSQVPKGDPRKEQKGGNMSEVYLFHPAQYESAPATTRPNV
LHYPAESTNPEFKANTERMKALTAELRRRVQVIVDGDSEADKRARDRHISRGKLLVHQRIEKLVDPMSPFLELSQLAGGD
LYPGEACHRGGILTGIGVVHGMRVMIVANDATVKGGTYYPITVKKHLRAQRIAEENRLPCIYLVDSGGANLGMQGDVFPD
EQHFGRIFFNQANMSAKGIAQIATVMGSCTAGGAYVPAMSDESIIVKGNGTIFLGGPPLVFAATGEEVTPEELGGADVHC
RASGVTDYFATDDLHALYLTRRIVANLNRNDCERPCRGREFTPPLYDPSEIGGFIPDMGADVVKGFDVRAVIARLVDGSE
FDEFKKLYGDTLVCGFARFEGMLVGIVANNGILYSESALKGAHFVELCSHRNIPLLFLQNITGFMVGKTYEEGGIAKNGA
KLVTAVSTTHVPKITIIIGGSYGAGNYGMCGRAFGPRFLFMWPNARISVMGGNQAATVLALTNSKLRENEVQDFKAKVRS
KYEYEGSCYYSTARLWDDGVIAPEDTRAVVVQALLSTLSAPCGETKFGVFRM
;
B,D,F,H,J,L
#
# COMPACT_ATOMS: atom_id res chain seq x y z
N ASP A 11 25.19 -54.37 63.02
CA ASP A 11 25.37 -54.25 61.57
C ASP A 11 25.14 -52.80 61.14
N PHE A 12 26.07 -52.27 60.35
CA PHE A 12 25.98 -50.89 59.90
C PHE A 12 24.86 -50.72 58.88
N LYS A 13 24.20 -49.56 58.94
CA LYS A 13 23.24 -49.17 57.92
C LYS A 13 23.70 -47.96 57.12
N LYS A 14 24.42 -47.03 57.74
CA LYS A 14 24.95 -45.87 57.04
C LYS A 14 26.39 -45.63 57.44
N VAL A 15 27.24 -45.40 56.44
CA VAL A 15 28.64 -45.08 56.65
C VAL A 15 28.91 -43.72 56.01
N LEU A 16 29.51 -42.81 56.79
CA LEU A 16 29.86 -41.48 56.31
C LEU A 16 31.35 -41.44 56.03
N VAL A 17 31.71 -41.04 54.81
CA VAL A 17 33.10 -40.90 54.41
C VAL A 17 33.49 -39.44 54.55
N ALA A 18 34.53 -39.18 55.34
CA ALA A 18 34.96 -37.82 55.65
C ALA A 18 36.00 -37.28 54.68
N ASN A 19 36.37 -38.04 53.65
CA ASN A 19 37.39 -37.61 52.70
C ASN A 19 36.82 -37.69 51.29
N ARG A 20 37.07 -36.66 50.49
CA ARG A 20 36.62 -36.63 49.11
C ARG A 20 37.57 -37.43 48.23
N GLY A 21 37.33 -37.39 46.92
CA GLY A 21 38.22 -38.01 45.97
C GLY A 21 37.79 -39.40 45.57
N GLU A 22 38.76 -40.13 45.01
CA GLU A 22 38.48 -41.49 44.53
C GLU A 22 38.30 -42.48 45.67
N ILE A 23 38.87 -42.20 46.84
CA ILE A 23 38.70 -43.08 47.98
C ILE A 23 37.24 -43.10 48.41
N ALA A 24 36.58 -41.94 48.36
CA ALA A 24 35.16 -41.88 48.66
C ALA A 24 34.36 -42.74 47.70
N CYS A 25 34.70 -42.68 46.41
CA CYS A 25 34.01 -43.52 45.43
C CYS A 25 34.26 -45.00 45.68
N ARG A 26 35.49 -45.36 46.06
CA ARG A 26 35.80 -46.76 46.37
C ARG A 26 34.96 -47.25 47.54
N VAL A 27 34.90 -46.46 48.61
CA VAL A 27 34.12 -46.84 49.78
C VAL A 27 32.64 -46.91 49.43
N PHE A 28 32.16 -45.98 48.60
CA PHE A 28 30.76 -46.01 48.19
C PHE A 28 30.45 -47.27 47.40
N ARG A 29 31.36 -47.67 46.51
CA ARG A 29 31.15 -48.87 45.72
C ARG A 29 31.10 -50.11 46.61
N THR A 30 32.04 -50.21 47.56
CA THR A 30 32.05 -51.40 48.42
C THR A 30 30.87 -51.39 49.39
N CYS A 31 30.33 -50.20 49.71
CA CYS A 31 29.12 -50.16 50.54
C CYS A 31 27.89 -50.55 49.73
N ARG A 32 27.84 -50.16 48.45
CA ARG A 32 26.74 -50.59 47.60
C ARG A 32 26.78 -52.10 47.39
N GLU A 33 27.99 -52.68 47.34
CA GLU A 33 28.09 -54.13 47.28
C GLU A 33 27.53 -54.78 48.54
N MET A 34 27.71 -54.14 49.70
CA MET A 34 27.28 -54.69 50.98
C MET A 34 25.93 -54.15 51.43
N ASN A 35 25.25 -53.35 50.59
CA ASN A 35 23.94 -52.78 50.89
C ASN A 35 23.97 -51.79 52.05
N ILE A 36 25.03 -51.00 52.17
CA ILE A 36 25.09 -49.94 53.18
C ILE A 36 24.84 -48.61 52.50
N ARG A 37 23.92 -47.83 53.07
CA ARG A 37 23.66 -46.50 52.54
C ARG A 37 24.86 -45.59 52.74
N THR A 38 25.15 -44.77 51.74
CA THR A 38 26.35 -43.95 51.70
C THR A 38 26.01 -42.49 51.98
N VAL A 39 26.81 -41.85 52.83
CA VAL A 39 26.68 -40.44 53.14
C VAL A 39 28.01 -39.77 52.82
N ALA A 40 27.95 -38.67 52.06
CA ALA A 40 29.14 -37.97 51.61
C ALA A 40 29.31 -36.65 52.37
N VAL A 41 30.49 -36.07 52.20
CA VAL A 41 30.87 -34.82 52.84
C VAL A 41 31.43 -33.89 51.77
N CYS A 42 31.00 -32.63 51.79
CA CYS A 42 31.42 -31.67 50.78
C CYS A 42 31.33 -30.27 51.37
N CYS A 43 31.85 -29.31 50.61
CA CYS A 43 31.74 -27.89 50.92
C CYS A 43 30.84 -27.21 49.90
N GLU A 44 30.58 -25.93 50.12
CA GLU A 44 29.66 -25.18 49.27
C GLU A 44 30.18 -24.98 47.85
N GLY A 45 31.46 -25.24 47.60
CA GLY A 45 32.02 -25.03 46.28
C GLY A 45 32.13 -26.29 45.45
N GLU A 46 31.30 -27.30 45.75
CA GLU A 46 31.34 -28.60 45.08
C GLU A 46 29.96 -28.92 44.53
N PRO A 47 29.56 -28.28 43.43
CA PRO A 47 28.24 -28.58 42.85
C PRO A 47 28.21 -29.83 42.00
N ASN A 48 29.36 -30.31 41.51
CA ASN A 48 29.38 -31.48 40.65
C ASN A 48 30.50 -32.44 41.03
N ALA A 49 30.83 -32.54 42.32
CA ALA A 49 31.85 -33.48 42.76
C ALA A 49 31.37 -34.91 42.51
N LYS A 50 32.28 -35.76 42.04
CA LYS A 50 31.90 -37.12 41.68
C LYS A 50 31.40 -37.91 42.87
N HIS A 51 32.07 -37.79 44.01
CA HIS A 51 31.65 -38.55 45.20
C HIS A 51 30.29 -38.08 45.70
N VAL A 52 29.99 -36.79 45.55
CA VAL A 52 28.67 -36.29 45.94
C VAL A 52 27.58 -36.93 45.08
N LEU A 53 27.83 -37.03 43.77
CA LEU A 53 26.84 -37.63 42.88
C LEU A 53 26.71 -39.12 43.11
N GLU A 54 27.80 -39.80 43.47
CA GLU A 54 27.79 -41.25 43.65
C GLU A 54 27.25 -41.67 45.02
N ALA A 55 26.94 -40.74 45.90
CA ALA A 55 26.45 -41.06 47.24
C ALA A 55 24.95 -40.87 47.33
N ASP A 56 24.34 -41.61 48.26
CA ASP A 56 22.91 -41.46 48.49
C ASP A 56 22.58 -40.09 49.07
N GLU A 57 23.41 -39.61 50.01
CA GLU A 57 23.18 -38.32 50.64
C GLU A 57 24.51 -37.61 50.82
N ALA A 58 24.44 -36.29 50.95
CA ALA A 58 25.62 -35.47 51.17
C ALA A 58 25.29 -34.38 52.19
N PHE A 59 26.31 -33.96 52.92
CA PHE A 59 26.18 -32.92 53.94
C PHE A 59 27.26 -31.88 53.70
N VAL A 60 26.87 -30.61 53.66
CA VAL A 60 27.83 -29.54 53.43
C VAL A 60 28.46 -29.13 54.75
N LEU A 61 29.77 -28.94 54.74
CA LEU A 61 30.51 -28.68 55.97
C LEU A 61 30.64 -27.21 56.32
N GLY A 62 30.17 -26.32 55.44
CA GLY A 62 30.26 -24.90 55.70
C GLY A 62 30.87 -24.15 54.54
N PRO A 63 31.65 -23.12 54.84
CA PRO A 63 32.30 -22.36 53.77
C PRO A 63 33.26 -23.23 53.00
N PRO A 64 33.46 -22.94 51.72
CA PRO A 64 34.46 -23.67 50.93
C PRO A 64 35.81 -22.95 50.83
N PRO A 65 36.64 -22.94 51.87
CA PRO A 65 38.06 -22.63 51.64
C PRO A 65 38.94 -23.85 51.46
N ALA A 66 38.36 -25.05 51.45
CA ALA A 66 39.05 -26.33 51.31
C ALA A 66 40.00 -26.62 52.46
N SER A 67 40.04 -25.77 53.48
CA SER A 67 40.87 -25.98 54.66
C SER A 67 40.04 -26.22 55.90
N THR A 68 39.16 -25.27 56.25
CA THR A 68 38.26 -25.50 57.37
C THR A 68 37.32 -26.66 57.09
N SER A 69 36.76 -26.72 55.89
CA SER A 69 35.95 -27.87 55.49
C SER A 69 36.84 -29.08 55.33
N TYR A 70 36.22 -30.26 55.46
CA TYR A 70 36.86 -31.58 55.43
C TYR A 70 37.80 -31.78 56.60
N LEU A 71 37.91 -30.82 57.53
CA LEU A 71 38.76 -30.96 58.70
C LEU A 71 38.04 -30.64 60.01
N ARG A 72 36.87 -30.01 59.97
CA ARG A 72 36.12 -29.72 61.19
C ARG A 72 35.52 -31.02 61.70
N GLY A 73 36.14 -31.57 62.75
CA GLY A 73 35.64 -32.81 63.32
C GLY A 73 34.25 -32.67 63.90
N ASP A 74 33.98 -31.56 64.59
CA ASP A 74 32.66 -31.35 65.17
C ASP A 74 31.58 -31.28 64.09
N ARG A 75 31.87 -30.61 62.98
CA ARG A 75 30.91 -30.53 61.89
C ARG A 75 30.64 -31.89 61.29
N ILE A 76 31.68 -32.73 61.16
CA ILE A 76 31.48 -34.07 60.63
C ILE A 76 30.66 -34.92 61.60
N ILE A 77 30.90 -34.76 62.89
CA ILE A 77 30.11 -35.49 63.90
C ILE A 77 28.65 -35.08 63.81
N CYS A 78 28.40 -33.77 63.68
CA CYS A 78 27.03 -33.29 63.54
C CYS A 78 26.38 -33.82 62.26
N ALA A 79 27.15 -33.89 61.18
CA ALA A 79 26.64 -34.43 59.93
C ALA A 79 26.25 -35.89 60.09
N ALA A 80 27.11 -36.67 60.74
CA ALA A 80 26.81 -38.09 60.94
C ALA A 80 25.60 -38.28 61.84
N LYS A 81 25.47 -37.47 62.88
CA LYS A 81 24.32 -37.60 63.78
C LYS A 81 23.02 -37.19 63.10
N LYS A 82 23.05 -36.12 62.31
CA LYS A 82 21.84 -35.65 61.65
C LYS A 82 21.33 -36.67 60.64
N LEU A 83 22.23 -37.29 59.89
CA LEU A 83 21.85 -38.26 58.86
C LEU A 83 21.77 -39.68 59.39
N GLN A 84 21.83 -39.86 60.72
CA GLN A 84 21.72 -41.18 61.34
C GLN A 84 22.77 -42.14 60.82
N ALA A 85 23.98 -41.63 60.60
CA ALA A 85 25.08 -42.47 60.15
C ALA A 85 25.49 -43.43 61.25
N ASP A 86 25.79 -44.67 60.87
CA ASP A 86 26.21 -45.69 61.83
C ASP A 86 27.72 -45.72 62.03
N ALA A 87 28.49 -45.49 60.98
CA ALA A 87 29.95 -45.57 61.07
C ALA A 87 30.57 -44.38 60.35
N VAL A 88 31.81 -44.07 60.72
CA VAL A 88 32.57 -43.01 60.08
C VAL A 88 33.87 -43.59 59.55
N HIS A 89 34.06 -43.49 58.24
CA HIS A 89 35.26 -43.96 57.57
C HIS A 89 36.05 -42.76 57.06
N PRO A 90 37.29 -42.53 57.51
CA PRO A 90 38.02 -41.33 57.12
C PRO A 90 38.83 -41.46 55.83
N GLY A 91 38.92 -42.65 55.24
CA GLY A 91 39.75 -42.79 54.06
C GLY A 91 41.23 -42.69 54.42
N TYR A 92 42.03 -42.37 53.40
CA TYR A 92 43.47 -42.17 53.60
C TYR A 92 43.89 -40.72 53.40
N GLY A 93 42.94 -39.80 53.28
CA GLY A 93 43.25 -38.40 53.07
C GLY A 93 43.51 -37.67 54.37
N PHE A 94 43.13 -36.40 54.40
CA PHE A 94 43.28 -35.59 55.59
C PHE A 94 42.32 -36.04 56.68
N LEU A 95 42.69 -35.74 57.93
CA LEU A 95 41.91 -36.04 59.12
C LEU A 95 41.76 -37.54 59.36
N SER A 96 42.50 -38.37 58.64
CA SER A 96 42.46 -39.81 58.81
C SER A 96 43.49 -40.34 59.78
N GLU A 97 44.37 -39.47 60.30
CA GLU A 97 45.40 -39.88 61.25
C GLU A 97 45.36 -39.03 62.52
N ASN A 98 44.27 -38.32 62.76
CA ASN A 98 44.13 -37.46 63.92
C ASN A 98 43.47 -38.24 65.05
N ALA A 99 44.19 -38.43 66.15
CA ALA A 99 43.64 -39.19 67.28
C ALA A 99 42.47 -38.47 67.92
N GLU A 100 42.51 -37.14 67.95
CA GLU A 100 41.41 -36.38 68.55
C GLU A 100 40.11 -36.61 67.80
N PHE A 101 40.17 -36.66 66.46
CA PHE A 101 38.97 -36.90 65.69
C PHE A 101 38.38 -38.28 65.97
N ALA A 102 39.22 -39.30 66.06
CA ALA A 102 38.74 -40.64 66.38
C ALA A 102 38.15 -40.70 67.78
N SER A 103 38.79 -40.03 68.74
CA SER A 103 38.24 -39.98 70.09
C SER A 103 36.89 -39.31 70.12
N ALA A 104 36.74 -38.21 69.36
CA ALA A 104 35.44 -37.54 69.28
C ALA A 104 34.40 -38.43 68.62
N VAL A 105 34.79 -39.17 67.59
CA VAL A 105 33.86 -40.10 66.93
C VAL A 105 33.38 -41.15 67.91
N LEU A 106 34.30 -41.72 68.69
CA LEU A 106 33.92 -42.73 69.67
C LEU A 106 33.06 -42.13 70.78
N ALA A 107 33.35 -40.89 71.18
CA ALA A 107 32.60 -40.26 72.26
C ALA A 107 31.15 -40.04 71.89
N ALA A 108 30.89 -39.64 70.65
CA ALA A 108 29.53 -39.36 70.20
C ALA A 108 28.69 -40.62 70.03
N GLY A 109 29.30 -41.80 70.10
CA GLY A 109 28.59 -43.05 69.89
C GLY A 109 28.80 -43.67 68.53
N LEU A 110 29.33 -42.90 67.57
CA LEU A 110 29.61 -43.43 66.25
C LEU A 110 30.79 -44.39 66.31
N LYS A 111 30.86 -45.29 65.33
CA LYS A 111 31.93 -46.27 65.25
C LYS A 111 32.97 -45.81 64.24
N PHE A 112 34.20 -45.65 64.70
CA PHE A 112 35.29 -45.23 63.83
C PHE A 112 35.84 -46.42 63.07
N VAL A 113 36.02 -46.27 61.76
CA VAL A 113 36.55 -47.34 60.91
C VAL A 113 38.06 -47.16 60.87
N GLY A 114 38.75 -47.73 61.84
CA GLY A 114 40.18 -47.63 61.92
C GLY A 114 40.75 -48.08 63.24
N PRO A 115 42.01 -47.76 63.50
CA PRO A 115 42.68 -48.20 64.73
C PRO A 115 42.17 -47.43 65.93
N PRO A 116 42.40 -47.94 67.13
CA PRO A 116 42.03 -47.19 68.32
C PRO A 116 42.81 -45.90 68.40
N PRO A 117 42.24 -44.86 69.02
CA PRO A 117 42.94 -43.56 69.08
C PRO A 117 44.28 -43.63 69.77
N ALA A 118 44.43 -44.49 70.78
CA ALA A 118 45.71 -44.58 71.50
C ALA A 118 46.83 -45.05 70.57
N ALA A 119 46.57 -46.10 69.79
CA ALA A 119 47.58 -46.61 68.88
C ALA A 119 47.92 -45.59 67.80
N MET A 120 46.91 -44.91 67.27
CA MET A 120 47.15 -43.90 66.24
C MET A 120 47.95 -42.72 66.80
N LEU A 121 47.67 -42.30 68.02
CA LEU A 121 48.42 -41.21 68.63
C LEU A 121 49.86 -41.63 68.94
N SER A 122 50.05 -42.87 69.38
CA SER A 122 51.38 -43.29 69.80
C SER A 122 52.34 -43.47 68.63
N MET A 123 51.81 -43.68 67.43
CA MET A 123 52.63 -43.97 66.25
C MET A 123 52.78 -42.77 65.33
N GLY A 124 52.45 -41.57 65.81
CA GLY A 124 52.53 -40.39 64.96
C GLY A 124 53.57 -39.39 65.43
N SER A 125 54.28 -39.72 66.50
CA SER A 125 55.29 -38.82 67.06
C SER A 125 56.69 -39.08 66.56
N LYS A 126 56.93 -40.24 65.94
CA LYS A 126 58.22 -40.67 65.38
C LYS A 126 59.27 -40.90 66.47
N SER A 127 58.95 -40.68 67.74
CA SER A 127 59.87 -40.92 68.83
C SER A 127 59.39 -42.03 69.74
N GLU A 128 58.16 -41.95 70.26
CA GLU A 128 57.62 -43.02 71.07
C GLU A 128 57.39 -44.28 70.23
N SER A 129 57.06 -44.11 68.96
CA SER A 129 56.90 -45.27 68.08
C SER A 129 58.21 -46.05 67.97
N LYS A 130 59.34 -45.34 67.86
CA LYS A 130 60.63 -46.02 67.81
C LYS A 130 60.91 -46.76 69.12
N ARG A 131 60.56 -46.16 70.25
CA ARG A 131 60.75 -46.82 71.54
C ARG A 131 59.93 -48.11 71.62
N ILE A 132 58.67 -48.03 71.19
CA ILE A 132 57.80 -49.21 71.22
C ILE A 132 58.34 -50.30 70.30
N MET A 133 58.79 -49.90 69.11
CA MET A 133 59.32 -50.88 68.17
C MET A 133 60.60 -51.54 68.69
N GLU A 134 61.46 -50.76 69.35
CA GLU A 134 62.65 -51.33 69.96
C GLU A 134 62.28 -52.30 71.09
N ALA A 135 61.33 -51.92 71.93
CA ALA A 135 60.94 -52.77 73.05
C ALA A 135 60.23 -54.05 72.60
N ALA A 136 59.75 -54.08 71.35
CA ALA A 136 59.05 -55.25 70.84
C ALA A 136 59.97 -56.26 70.16
N GLY A 137 61.25 -55.93 69.99
CA GLY A 137 62.17 -56.81 69.29
C GLY A 137 62.15 -56.69 67.79
N VAL A 138 61.34 -55.81 67.23
CA VAL A 138 61.34 -55.58 65.79
C VAL A 138 62.66 -54.94 65.38
N PRO A 139 63.29 -55.36 64.28
CA PRO A 139 64.56 -54.76 63.87
C PRO A 139 64.44 -53.26 63.65
N ILE A 140 65.46 -52.52 64.07
CA ILE A 140 65.52 -51.08 63.96
C ILE A 140 66.79 -50.71 63.20
N VAL A 141 66.77 -49.54 62.55
CA VAL A 141 67.95 -49.09 61.82
C VAL A 141 69.12 -48.94 62.79
N PRO A 142 70.27 -49.55 62.52
CA PRO A 142 71.39 -49.48 63.48
C PRO A 142 72.05 -48.12 63.50
N GLY A 143 71.45 -47.18 64.24
CA GLY A 143 72.00 -45.86 64.38
C GLY A 143 72.14 -45.48 65.84
N TYR A 144 72.96 -44.44 66.07
CA TYR A 144 73.22 -43.93 67.41
C TYR A 144 72.58 -42.54 67.54
N TYR A 145 71.81 -42.36 68.61
CA TYR A 145 71.11 -41.10 68.86
C TYR A 145 71.22 -40.70 70.33
N GLY A 146 72.28 -41.11 71.00
CA GLY A 146 72.45 -40.82 72.40
C GLY A 146 72.80 -39.37 72.66
N GLU A 147 72.72 -38.99 73.93
CA GLU A 147 73.02 -37.62 74.33
C GLU A 147 74.51 -37.32 74.32
N ASP A 148 75.36 -38.35 74.35
CA ASP A 148 76.80 -38.14 74.36
C ASP A 148 77.27 -37.73 72.97
N GLN A 149 77.90 -36.57 72.88
CA GLN A 149 78.42 -36.05 71.61
C GLN A 149 79.94 -36.01 71.59
N ASN A 150 80.60 -36.79 72.45
CA ASN A 150 82.06 -36.81 72.48
C ASN A 150 82.59 -37.44 71.19
N PRO A 151 83.61 -36.83 70.57
CA PRO A 151 84.12 -37.37 69.30
C PRO A 151 84.61 -38.81 69.40
N ASP A 152 85.25 -39.18 70.51
CA ASP A 152 85.72 -40.56 70.65
C ASP A 152 84.55 -41.53 70.77
N ARG A 153 83.54 -41.17 71.56
CA ARG A 153 82.35 -42.01 71.68
C ARG A 153 81.62 -42.13 70.34
N LEU A 154 81.51 -41.03 69.61
CA LEU A 154 80.88 -41.07 68.29
C LEU A 154 81.67 -41.96 67.34
N LEU A 155 83.01 -41.88 67.37
CA LEU A 155 83.83 -42.74 66.52
C LEU A 155 83.65 -44.21 66.89
N HIS A 156 83.59 -44.51 68.19
CA HIS A 156 83.37 -45.89 68.61
C HIS A 156 82.01 -46.40 68.15
N GLU A 157 80.98 -45.55 68.27
CA GLU A 157 79.65 -45.96 67.80
C GLU A 157 79.64 -46.16 66.30
N ALA A 158 80.34 -45.31 65.55
CA ALA A 158 80.43 -45.49 64.10
C ALA A 158 81.13 -46.79 63.75
N LYS A 159 82.20 -47.14 64.48
CA LYS A 159 82.86 -48.42 64.26
C LYS A 159 81.92 -49.58 64.56
N THR A 160 81.14 -49.47 65.65
CA THR A 160 80.21 -50.54 65.99
C THR A 160 79.13 -50.70 64.91
N ILE A 161 78.61 -49.58 64.41
CA ILE A 161 77.56 -49.64 63.40
C ILE A 161 78.08 -50.26 62.11
N GLY A 162 79.26 -49.82 61.66
CA GLY A 162 79.83 -50.32 60.43
C GLY A 162 79.67 -49.37 59.26
N PHE A 163 80.78 -49.01 58.64
CA PHE A 163 80.74 -48.12 57.49
C PHE A 163 80.07 -48.81 56.31
N PRO A 164 79.41 -48.05 55.41
CA PRO A 164 79.26 -46.59 55.39
C PRO A 164 78.26 -46.08 56.42
N VAL A 165 78.39 -44.82 56.86
CA VAL A 165 77.49 -44.23 57.84
C VAL A 165 77.08 -42.85 57.36
N LEU A 166 76.04 -42.32 58.00
CA LEU A 166 75.48 -41.02 57.67
C LEU A 166 75.33 -40.21 58.95
N ILE A 167 75.68 -38.93 58.88
CA ILE A 167 75.62 -38.02 60.01
C ILE A 167 74.55 -36.98 59.72
N LYS A 168 73.62 -36.80 60.65
CA LYS A 168 72.52 -35.87 60.50
C LYS A 168 72.46 -34.93 61.69
N ALA A 169 71.82 -33.78 61.48
CA ALA A 169 71.53 -32.87 62.57
C ALA A 169 70.27 -33.32 63.31
N VAL A 170 70.22 -33.01 64.60
CA VAL A 170 69.05 -33.36 65.40
C VAL A 170 67.82 -32.65 64.89
N SER A 171 67.95 -31.36 64.57
CA SER A 171 66.88 -30.57 63.98
C SER A 171 66.98 -30.52 62.46
N GLY A 172 67.88 -31.29 61.87
CA GLY A 172 68.05 -31.24 60.42
C GLY A 172 66.82 -31.74 59.69
N GLY A 173 66.52 -31.08 58.58
CA GLY A 173 65.39 -31.45 57.76
C GLY A 173 65.66 -31.11 56.30
N GLY A 174 65.00 -31.87 55.42
CA GLY A 174 65.17 -31.64 53.99
C GLY A 174 66.51 -32.09 53.43
N GLY A 175 67.22 -32.98 54.13
CA GLY A 175 68.51 -33.46 53.68
C GLY A 175 69.67 -32.56 54.01
N LYS A 176 69.44 -31.45 54.71
CA LYS A 176 70.52 -30.53 55.07
C LYS A 176 71.26 -31.03 56.30
N GLY A 177 72.58 -30.81 56.31
CA GLY A 177 73.40 -31.23 57.42
C GLY A 177 73.70 -32.71 57.48
N MET A 178 73.55 -33.42 56.37
CA MET A 178 73.83 -34.85 56.31
C MET A 178 75.14 -35.08 55.58
N LYS A 179 76.04 -35.83 56.21
CA LYS A 179 77.36 -36.13 55.64
C LYS A 179 77.55 -37.63 55.57
N ILE A 180 77.98 -38.12 54.41
CA ILE A 180 78.19 -39.55 54.20
C ILE A 180 79.67 -39.86 54.45
N VAL A 181 79.92 -40.82 55.33
CA VAL A 181 81.26 -41.23 55.70
C VAL A 181 81.47 -42.66 55.24
N MET A 182 82.48 -42.87 54.39
CA MET A 182 82.81 -44.19 53.86
C MET A 182 84.01 -44.81 54.56
N GLU A 183 84.96 -44.01 55.00
CA GLU A 183 86.17 -44.49 55.65
C GLU A 183 86.36 -43.79 56.99
N GLU A 184 87.05 -44.49 57.90
CA GLU A 184 87.22 -43.96 59.26
C GLU A 184 88.02 -42.66 59.25
N THR A 185 88.96 -42.52 58.32
CA THR A 185 89.81 -41.33 58.29
C THR A 185 88.99 -40.08 58.03
N GLU A 186 88.00 -40.17 57.14
CA GLU A 186 87.20 -39.00 56.78
C GLU A 186 86.24 -38.59 57.89
N PHE A 187 86.08 -39.42 58.92
CA PHE A 187 85.10 -39.15 59.96
C PHE A 187 85.45 -37.88 60.73
N HIS A 188 86.73 -37.69 61.06
CA HIS A 188 87.14 -36.54 61.86
C HIS A 188 86.86 -35.22 61.15
N LEU A 189 86.83 -35.24 59.82
CA LEU A 189 86.52 -34.03 59.06
C LEU A 189 85.02 -33.89 58.83
N MET A 190 84.36 -35.00 58.50
CA MET A 190 82.93 -34.96 58.19
C MET A 190 82.12 -34.57 59.42
N LEU A 191 82.50 -35.07 60.60
CA LEU A 191 81.79 -34.72 61.82
C LEU A 191 81.88 -33.23 62.10
N GLU A 192 83.08 -32.66 61.96
CA GLU A 192 83.27 -31.24 62.18
C GLU A 192 82.47 -30.41 61.17
N SER A 193 82.50 -30.83 59.90
CA SER A 193 81.74 -30.11 58.88
C SER A 193 80.24 -30.15 59.17
N ALA A 194 79.73 -31.32 59.58
CA ALA A 194 78.32 -31.46 59.89
C ALA A 194 77.95 -30.61 61.11
N LYS A 195 78.81 -30.58 62.12
CA LYS A 195 78.55 -29.74 63.28
C LYS A 195 78.51 -28.26 62.91
N ARG A 196 79.46 -27.84 62.06
CA ARG A 196 79.47 -26.44 61.62
C ARG A 196 78.20 -26.10 60.86
N GLU A 197 77.78 -26.98 59.95
CA GLU A 197 76.56 -26.72 59.18
C GLU A 197 75.34 -26.70 60.08
N ALA A 198 75.26 -27.61 61.05
CA ALA A 198 74.13 -27.62 61.98
C ALA A 198 74.09 -26.35 62.81
N ILE A 199 75.25 -25.88 63.25
CA ILE A 199 75.30 -24.62 64.00
C ILE A 199 74.84 -23.46 63.11
N ASN A 200 75.31 -23.42 61.86
CA ASN A 200 74.95 -22.34 60.96
C ASN A 200 73.50 -22.42 60.48
N PHE A 201 72.84 -23.56 60.63
CA PHE A 201 71.47 -23.70 60.16
C PHE A 201 70.47 -23.94 61.28
N PHE A 202 70.86 -24.66 62.34
CA PHE A 202 69.93 -25.02 63.40
C PHE A 202 70.41 -24.63 64.79
N LYS A 203 71.62 -24.09 64.93
CA LYS A 203 72.16 -23.64 66.21
C LYS A 203 72.18 -24.79 67.23
N ASP A 204 72.54 -25.99 66.75
CA ASP A 204 72.61 -27.17 67.62
C ASP A 204 73.68 -28.08 67.06
N ASP A 205 74.80 -28.19 67.78
CA ASP A 205 75.93 -28.99 67.31
C ASP A 205 75.74 -30.48 67.53
N ARG A 206 74.68 -30.89 68.23
CA ARG A 206 74.43 -32.32 68.46
C ARG A 206 74.14 -33.01 67.14
N VAL A 207 74.68 -34.22 66.98
CA VAL A 207 74.58 -34.97 65.73
C VAL A 207 74.05 -36.36 66.02
N ILE A 208 73.51 -36.99 64.98
CA ILE A 208 72.99 -38.35 65.04
C ILE A 208 73.70 -39.18 63.97
N LEU A 209 74.23 -40.33 64.37
CA LEU A 209 74.92 -41.22 63.47
C LEU A 209 74.05 -42.43 63.17
N GLU A 210 73.86 -42.71 61.87
CA GLU A 210 73.04 -43.84 61.45
C GLU A 210 73.78 -44.60 60.35
N ARG A 211 73.26 -45.78 60.01
CA ARG A 211 73.85 -46.56 58.94
C ARG A 211 73.26 -46.14 57.60
N TYR A 212 74.13 -45.78 56.66
CA TYR A 212 73.70 -45.30 55.36
C TYR A 212 73.50 -46.48 54.41
N VAL A 213 72.32 -46.54 53.79
CA VAL A 213 71.99 -47.57 52.81
C VAL A 213 72.19 -46.98 51.43
N MET A 214 73.10 -47.58 50.65
CA MET A 214 73.42 -47.05 49.34
C MET A 214 72.33 -47.33 48.31
N HIS A 215 71.63 -48.45 48.46
CA HIS A 215 70.58 -48.86 47.51
C HIS A 215 69.31 -49.20 48.28
N PRO A 216 68.63 -48.20 48.83
CA PRO A 216 67.42 -48.48 49.62
C PRO A 216 66.25 -48.88 48.74
N ARG A 217 65.33 -49.63 49.34
CA ARG A 217 64.06 -49.96 48.70
C ARG A 217 62.97 -49.87 49.77
N HIS A 218 61.95 -49.06 49.52
CA HIS A 218 60.83 -48.94 50.46
C HIS A 218 59.88 -50.10 50.24
N ILE A 219 59.92 -51.08 51.14
CA ILE A 219 59.09 -52.27 51.03
C ILE A 219 57.98 -52.19 52.08
N GLU A 220 56.74 -52.26 51.62
CA GLU A 220 55.58 -52.12 52.49
C GLU A 220 54.89 -53.46 52.66
N CYS A 221 54.64 -53.85 53.90
CA CYS A 221 53.85 -55.03 54.24
C CYS A 221 52.53 -54.56 54.83
N GLN A 222 51.44 -55.16 54.36
CA GLN A 222 50.09 -54.76 54.76
C GLN A 222 49.52 -55.78 55.73
N ILE A 223 49.05 -55.30 56.88
CA ILE A 223 48.52 -56.17 57.91
C ILE A 223 47.06 -55.78 58.18
N PHE A 224 46.28 -56.77 58.61
CA PHE A 224 44.88 -56.56 58.93
C PHE A 224 44.57 -57.31 60.22
N PHE A 225 44.04 -56.59 61.20
CA PHE A 225 43.80 -57.16 62.52
C PHE A 225 42.34 -56.98 62.92
N ASP A 226 41.79 -58.01 63.56
CA ASP A 226 40.41 -58.02 64.00
C ASP A 226 40.29 -57.35 65.37
N SER A 227 39.06 -57.23 65.85
CA SER A 227 38.82 -56.70 67.19
C SER A 227 39.16 -57.69 68.29
N PHE A 228 39.30 -58.97 67.96
CA PHE A 228 39.59 -60.01 68.94
C PHE A 228 41.07 -60.26 69.12
N GLY A 229 41.93 -59.54 68.40
CA GLY A 229 43.36 -59.70 68.51
C GLY A 229 44.00 -60.51 67.40
N ASN A 230 43.21 -61.18 66.57
CA ASN A 230 43.78 -61.93 65.46
C ASN A 230 44.33 -60.97 64.40
N GLY A 231 45.33 -61.44 63.67
CA GLY A 231 45.96 -60.61 62.65
C GLY A 231 46.51 -61.45 61.52
N VAL A 232 46.42 -60.90 60.31
CA VAL A 232 46.87 -61.58 59.10
C VAL A 232 47.61 -60.57 58.22
N PHE A 233 48.75 -60.99 57.68
CA PHE A 233 49.51 -60.16 56.76
C PHE A 233 49.08 -60.43 55.32
N PHE A 234 49.39 -59.48 54.44
CA PHE A 234 48.96 -59.52 53.05
C PHE A 234 50.14 -59.28 52.11
N PHE A 235 51.22 -60.04 52.35
CA PHE A 235 52.39 -60.11 51.46
C PHE A 235 53.10 -58.75 51.48
N GLU A 236 53.54 -58.21 50.34
CA GLU A 236 54.39 -57.04 50.32
C GLU A 236 54.00 -56.13 49.17
N ARG A 237 54.41 -54.87 49.27
CA ARG A 237 54.23 -53.89 48.21
C ARG A 237 55.52 -53.10 48.06
N ASP A 238 55.94 -52.86 46.82
CA ASP A 238 57.16 -52.13 46.53
C ASP A 238 56.82 -50.71 46.09
N CYS A 239 57.39 -49.72 46.77
CA CYS A 239 57.19 -48.32 46.46
C CYS A 239 58.53 -47.63 46.16
N SER A 240 59.47 -48.35 45.55
CA SER A 240 60.80 -47.80 45.32
C SER A 240 60.75 -46.65 44.32
N VAL A 241 59.97 -46.78 43.26
CA VAL A 241 59.93 -45.77 42.21
C VAL A 241 59.15 -44.56 42.71
N GLN A 242 59.87 -43.53 43.14
CA GLN A 242 59.24 -42.33 43.66
C GLN A 242 60.22 -41.18 43.54
N ARG A 243 59.71 -39.96 43.72
CA ARG A 243 60.52 -38.75 43.61
C ARG A 243 60.07 -37.77 44.69
N ARG A 244 61.01 -37.38 45.55
CA ARG A 244 60.76 -36.41 46.61
C ARG A 244 59.57 -36.82 47.48
N HIS A 245 59.60 -38.07 47.92
CA HIS A 245 58.56 -38.63 48.81
C HIS A 245 57.18 -38.58 48.17
N GLN A 246 57.12 -38.75 46.85
CA GLN A 246 55.86 -38.81 46.12
C GLN A 246 55.84 -40.11 45.33
N LYS A 247 54.98 -41.05 45.76
CA LYS A 247 54.92 -42.35 45.11
C LYS A 247 54.41 -42.20 43.67
N VAL A 248 55.00 -42.97 42.76
CA VAL A 248 54.67 -42.86 41.35
C VAL A 248 54.16 -44.19 40.82
N ILE A 249 54.98 -45.23 40.92
CA ILE A 249 54.65 -46.55 40.39
C ILE A 249 54.87 -47.58 41.48
N GLU A 250 53.90 -48.47 41.67
CA GLU A 250 53.97 -49.52 42.67
C GLU A 250 53.78 -50.87 42.02
N GLU A 251 54.29 -51.91 42.69
CA GLU A 251 54.21 -53.27 42.19
C GLU A 251 53.88 -54.21 43.34
N ALA A 252 53.24 -55.33 43.01
CA ALA A 252 52.92 -56.32 44.02
C ALA A 252 52.87 -57.70 43.35
N PRO A 253 53.62 -58.68 43.84
CA PRO A 253 54.54 -58.63 44.98
C PRO A 253 55.86 -57.95 44.59
N ALA A 254 56.71 -57.64 45.55
CA ALA A 254 57.97 -56.99 45.24
C ALA A 254 58.88 -57.96 44.50
N PRO A 255 59.36 -57.62 43.30
CA PRO A 255 60.23 -58.54 42.56
C PRO A 255 61.57 -58.72 43.24
N GLY A 256 62.15 -59.90 43.04
CA GLY A 256 63.44 -60.21 43.63
C GLY A 256 63.41 -60.54 45.10
N LEU A 257 62.26 -60.93 45.64
CA LEU A 257 62.11 -61.28 47.04
C LEU A 257 61.82 -62.77 47.16
N SER A 258 62.62 -63.46 47.96
CA SER A 258 62.42 -64.89 48.16
C SER A 258 61.20 -65.14 49.03
N VAL A 259 60.69 -66.38 48.95
CA VAL A 259 59.53 -66.75 49.76
C VAL A 259 59.87 -66.68 51.25
N ASP A 260 61.07 -67.13 51.62
CA ASP A 260 61.49 -67.05 53.02
C ASP A 260 61.57 -65.61 53.50
N MET A 261 62.09 -64.72 52.65
CA MET A 261 62.17 -63.30 53.02
C MET A 261 60.78 -62.71 53.22
N ARG A 262 59.84 -63.06 52.34
CA ARG A 262 58.47 -62.58 52.49
C ARG A 262 57.84 -63.11 53.77
N ARG A 263 58.07 -64.38 54.08
CA ARG A 263 57.56 -64.94 55.33
C ARG A 263 58.14 -64.21 56.54
N ARG A 264 59.44 -63.93 56.52
CA ARG A 264 60.08 -63.22 57.62
C ARG A 264 59.50 -61.82 57.77
N ILE A 265 59.33 -61.10 56.66
CA ILE A 265 58.78 -59.75 56.72
C ILE A 265 57.36 -59.76 57.23
N GLY A 266 56.55 -60.72 56.76
CA GLY A 266 55.18 -60.82 57.25
C GLY A 266 55.10 -61.13 58.73
N ASP A 267 55.96 -62.04 59.21
CA ASP A 267 55.98 -62.35 60.63
C ASP A 267 56.39 -61.15 61.46
N VAL A 268 57.40 -60.41 60.99
CA VAL A 268 57.84 -59.20 61.71
C VAL A 268 56.71 -58.18 61.74
N ALA A 269 56.02 -58.00 60.62
CA ALA A 269 54.91 -57.05 60.58
C ALA A 269 53.79 -57.44 61.52
N LEU A 270 53.44 -58.72 61.55
CA LEU A 270 52.40 -59.19 62.46
C LEU A 270 52.82 -58.98 63.91
N THR A 271 54.08 -59.26 64.23
CA THR A 271 54.56 -59.06 65.60
C THR A 271 54.50 -57.59 65.99
N ALA A 272 54.92 -56.71 65.08
CA ALA A 272 54.86 -55.28 65.38
C ALA A 272 53.43 -54.81 65.59
N ALA A 273 52.51 -55.27 64.75
CA ALA A 273 51.11 -54.87 64.90
C ALA A 273 50.52 -55.40 66.21
N ARG A 274 50.88 -56.63 66.59
CA ARG A 274 50.44 -57.16 67.88
C ARG A 274 51.00 -56.33 69.03
N ALA A 275 52.27 -55.92 68.92
CA ALA A 275 52.89 -55.12 69.98
C ALA A 275 52.22 -53.77 70.11
N VAL A 276 51.89 -53.13 68.98
CA VAL A 276 51.24 -51.83 69.05
C VAL A 276 49.76 -51.94 69.37
N GLY A 277 49.18 -53.13 69.30
CA GLY A 277 47.76 -53.29 69.56
C GLY A 277 46.90 -52.62 68.51
N TYR A 278 46.99 -53.12 67.29
CA TYR A 278 46.35 -52.49 66.14
C TYR A 278 45.04 -53.19 65.79
N VAL A 279 44.07 -52.39 65.35
CA VAL A 279 42.79 -52.88 64.86
C VAL A 279 42.53 -52.25 63.50
N GLY A 280 42.09 -53.07 62.55
CA GLY A 280 41.81 -52.58 61.22
C GLY A 280 42.93 -52.88 60.23
N ALA A 281 43.06 -52.07 59.19
CA ALA A 281 44.06 -52.27 58.15
C ALA A 281 45.19 -51.26 58.32
N GLY A 282 46.43 -51.75 58.39
CA GLY A 282 47.58 -50.89 58.53
C GLY A 282 48.71 -51.34 57.61
N THR A 283 49.73 -50.49 57.52
CA THR A 283 50.88 -50.76 56.68
C THR A 283 52.15 -50.50 57.47
N VAL A 284 53.20 -51.27 57.17
CA VAL A 284 54.52 -51.06 57.75
C VAL A 284 55.54 -51.00 56.62
N GLU A 285 56.30 -49.91 56.56
CA GLU A 285 57.29 -49.68 55.53
C GLU A 285 58.67 -49.86 56.14
N PHE A 286 59.48 -50.70 55.50
CA PHE A 286 60.85 -50.97 55.88
C PHE A 286 61.79 -50.52 54.77
N ILE A 287 63.03 -50.25 55.14
CA ILE A 287 64.09 -49.90 54.20
C ILE A 287 64.90 -51.18 53.96
N PHE A 288 64.63 -51.84 52.84
CA PHE A 288 65.30 -53.07 52.47
C PHE A 288 66.55 -52.75 51.65
N ASP A 289 67.62 -53.49 51.88
CA ASP A 289 68.87 -53.34 51.16
C ASP A 289 69.11 -54.57 50.29
N THR A 290 69.37 -54.34 48.99
CA THR A 290 69.64 -55.46 48.09
C THR A 290 70.96 -56.12 48.42
N GLU A 291 71.97 -55.34 48.82
CA GLU A 291 73.29 -55.91 49.09
C GLU A 291 73.30 -56.69 50.40
N LYS A 292 72.68 -56.16 51.45
CA LYS A 292 72.75 -56.76 52.76
C LYS A 292 71.63 -57.76 53.03
N ASP A 293 70.56 -57.73 52.24
CA ASP A 293 69.42 -58.65 52.40
C ASP A 293 68.85 -58.61 53.81
N GLU A 294 68.79 -57.41 54.39
CA GLU A 294 68.23 -57.21 55.71
C GLU A 294 67.33 -55.99 55.70
N PHE A 295 66.15 -56.11 56.30
CA PHE A 295 65.19 -55.02 56.34
C PHE A 295 65.11 -54.44 57.74
N PHE A 296 64.90 -53.13 57.82
CA PHE A 296 64.79 -52.41 59.09
C PHE A 296 63.52 -51.59 59.08
N PHE A 297 62.79 -51.60 60.19
CA PHE A 297 61.55 -50.86 60.29
C PHE A 297 61.81 -49.36 60.08
N MET A 298 61.00 -48.75 59.21
CA MET A 298 61.10 -47.33 58.93
C MET A 298 59.90 -46.54 59.42
N GLU A 299 58.68 -46.91 59.03
CA GLU A 299 57.51 -46.15 59.47
C GLU A 299 56.25 -46.97 59.25
N MET A 300 55.32 -46.88 60.20
CA MET A 300 54.04 -47.55 60.07
C MET A 300 52.92 -46.54 59.87
N ASN A 301 52.00 -46.86 58.99
CA ASN A 301 50.82 -46.06 58.69
C ASN A 301 49.59 -46.76 59.26
N THR A 302 48.88 -46.08 60.15
CA THR A 302 47.70 -46.63 60.81
C THR A 302 46.44 -46.21 60.06
N ARG A 303 46.40 -46.55 58.77
CA ARG A 303 45.29 -46.20 57.90
C ARG A 303 45.41 -46.99 56.62
N LEU A 304 44.38 -46.88 55.78
CA LEU A 304 44.45 -47.42 54.44
C LEU A 304 45.42 -46.61 53.59
N GLN A 305 45.84 -47.18 52.47
CA GLN A 305 46.79 -46.53 51.59
C GLN A 305 46.26 -46.53 50.16
N VAL A 306 46.74 -45.57 49.38
CA VAL A 306 46.35 -45.45 47.98
C VAL A 306 46.78 -46.66 47.17
N GLU A 307 47.80 -47.38 47.63
CA GLU A 307 48.36 -48.50 46.90
C GLU A 307 47.69 -49.83 47.25
N HIS A 308 46.60 -49.79 48.00
CA HIS A 308 45.91 -51.02 48.39
C HIS A 308 45.32 -51.81 47.23
N PRO A 309 44.87 -51.20 46.12
CA PRO A 309 44.35 -52.02 45.02
C PRO A 309 45.36 -53.02 44.47
N VAL A 310 46.65 -52.67 44.43
CA VAL A 310 47.64 -53.59 43.89
C VAL A 310 47.75 -54.84 44.76
N THR A 311 47.42 -54.72 46.05
CA THR A 311 47.31 -55.90 46.90
C THR A 311 46.06 -56.70 46.58
N GLU A 312 44.95 -56.01 46.30
CA GLU A 312 43.69 -56.69 46.04
C GLU A 312 43.74 -57.52 44.77
N GLN A 313 44.70 -57.24 43.90
CA GLN A 313 44.88 -58.04 42.69
C GLN A 313 45.96 -59.10 42.91
N CYS A 315 46.03 -61.35 45.92
CA CYS A 315 45.45 -61.98 47.10
C CYS A 315 44.05 -62.52 46.82
N GLN A 316 43.91 -63.84 46.91
CA GLN A 316 42.65 -64.53 46.66
C GLN A 316 42.23 -65.23 47.94
N VAL A 317 41.43 -64.55 48.75
CA VAL A 317 40.92 -65.14 49.99
C VAL A 317 39.92 -66.24 49.63
N ARG A 318 40.21 -67.47 50.07
CA ARG A 318 39.46 -68.67 49.76
C ARG A 318 38.97 -68.70 48.30
N GLY A 319 39.83 -68.27 47.39
CA GLY A 319 39.50 -68.19 45.97
C GLY A 319 38.85 -66.90 45.56
N ARG A 320 38.05 -66.30 46.44
CA ARG A 320 37.41 -65.04 46.11
C ARG A 320 38.43 -63.90 46.16
N PRO A 321 38.32 -62.92 45.28
CA PRO A 321 39.24 -61.78 45.31
C PRO A 321 39.08 -60.97 46.58
N LEU A 322 40.19 -60.37 47.02
CA LEU A 322 40.19 -59.59 48.25
C LEU A 322 39.52 -58.24 48.03
N ASP A 323 38.69 -57.84 49.00
CA ASP A 323 38.11 -56.50 49.05
C ASP A 323 38.49 -55.92 50.41
N LEU A 324 39.56 -55.13 50.44
CA LEU A 324 40.12 -54.68 51.72
C LEU A 324 39.13 -53.78 52.46
N VAL A 325 38.42 -52.91 51.74
CA VAL A 325 37.48 -52.01 52.39
C VAL A 325 36.31 -52.80 52.98
N ARG A 326 35.90 -53.87 52.30
CA ARG A 326 34.86 -54.73 52.85
C ARG A 326 35.30 -55.36 54.16
N LEU A 327 36.53 -55.86 54.22
CA LEU A 327 37.05 -56.42 55.47
C LEU A 327 37.14 -55.36 56.55
N GLN A 328 37.54 -54.14 56.18
CA GLN A 328 37.63 -53.06 57.15
C GLN A 328 36.25 -52.74 57.73
N LEU A 329 35.23 -52.68 56.87
CA LEU A 329 33.87 -52.46 57.35
C LEU A 329 33.39 -53.59 58.24
N GLN A 330 33.70 -54.83 57.87
CA GLN A 330 33.30 -55.97 58.68
C GLN A 330 33.95 -55.92 60.06
N THR A 331 35.23 -55.57 60.11
CA THR A 331 35.91 -55.44 61.40
C THR A 331 35.31 -54.30 62.22
N ALA A 332 35.00 -53.17 61.57
CA ALA A 332 34.36 -52.07 62.27
C ALA A 332 33.00 -52.47 62.84
N MET A 333 32.27 -53.32 62.13
CA MET A 333 31.01 -53.84 62.66
C MET A 333 31.22 -54.74 63.87
N GLY A 334 32.42 -55.31 64.03
CA GLY A 334 32.69 -56.20 65.14
C GLY A 334 32.42 -57.66 64.79
N LEU A 335 33.02 -58.13 63.71
CA LEU A 335 32.83 -59.50 63.27
C LEU A 335 34.16 -60.24 63.22
N PRO A 336 34.16 -61.54 63.52
CA PRO A 336 35.42 -62.30 63.46
C PRO A 336 35.91 -62.46 62.03
N LEU A 337 37.23 -62.59 61.90
CA LEU A 337 37.84 -62.84 60.60
C LEU A 337 37.45 -64.21 60.07
N GLY A 338 37.29 -64.29 58.75
CA GLY A 338 36.88 -65.55 58.15
C GLY A 338 37.92 -66.65 58.28
N PHE A 339 39.19 -66.31 58.04
CA PHE A 339 40.25 -67.30 58.08
C PHE A 339 41.53 -66.64 58.58
N ARG A 340 42.51 -67.46 58.93
CA ARG A 340 43.75 -67.01 59.57
C ARG A 340 44.95 -67.52 58.77
N GLN A 341 45.34 -66.76 57.76
CA GLN A 341 46.57 -67.01 57.00
C GLN A 341 46.59 -68.40 56.37
N GLU A 342 45.43 -68.92 55.98
CA GLU A 342 45.36 -70.23 55.35
C GLU A 342 44.69 -70.21 54.00
N ASP A 343 43.65 -69.41 53.83
CA ASP A 343 42.92 -69.31 52.56
C ASP A 343 43.42 -68.17 51.69
N ILE A 344 44.66 -67.73 51.88
CA ILE A 344 45.25 -66.63 51.12
C ILE A 344 46.31 -67.21 50.19
N SER A 345 46.18 -66.91 48.90
CA SER A 345 47.08 -67.43 47.89
C SER A 345 47.60 -66.29 47.02
N MET A 346 48.90 -66.34 46.71
CA MET A 346 49.48 -65.37 45.79
C MET A 346 48.99 -65.63 44.37
N SER A 347 49.05 -64.59 43.55
CA SER A 347 48.61 -64.66 42.17
C SER A 347 49.61 -63.93 41.30
N GLY A 348 49.23 -63.67 40.05
CA GLY A 348 50.13 -62.98 39.14
C GLY A 348 50.41 -61.56 39.59
N ALA A 349 51.53 -61.03 39.11
CA ALA A 349 51.97 -59.70 39.52
C ALA A 349 51.03 -58.63 39.00
N SER A 350 50.85 -57.58 39.81
CA SER A 350 50.04 -56.43 39.45
C SER A 350 50.87 -55.16 39.65
N VAL A 351 50.61 -54.17 38.80
CA VAL A 351 51.37 -52.93 38.79
C VAL A 351 50.40 -51.75 38.74
N GLU A 352 50.69 -50.72 39.54
CA GLU A 352 49.85 -49.55 39.66
C GLU A 352 50.64 -48.31 39.25
N ALA A 353 50.04 -47.50 38.38
CA ALA A 353 50.61 -46.22 37.96
C ALA A 353 49.72 -45.08 38.44
N ARG A 354 50.33 -44.05 38.99
CA ARG A 354 49.62 -42.90 39.56
C ARG A 354 49.71 -41.75 38.59
N ILE A 355 48.60 -41.44 37.91
CA ILE A 355 48.54 -40.35 36.95
C ILE A 355 48.22 -39.07 37.73
N TYR A 356 49.20 -38.16 37.78
CA TYR A 356 49.07 -36.89 38.46
C TYR A 356 48.70 -35.80 37.46
N ALA A 357 48.74 -34.55 37.91
CA ALA A 357 48.41 -33.38 37.10
C ALA A 357 49.55 -32.38 37.16
N GLU A 358 50.77 -32.85 36.94
CA GLU A 358 51.96 -32.01 36.98
C GLU A 358 52.73 -32.14 35.68
N SER A 359 53.67 -31.21 35.47
CA SER A 359 54.49 -31.20 34.27
C SER A 359 55.90 -31.66 34.62
N PRO A 360 56.29 -32.89 34.24
CA PRO A 360 57.62 -33.38 34.60
C PRO A 360 58.76 -32.55 34.04
N ARG A 361 58.58 -31.96 32.86
CA ARG A 361 59.66 -31.17 32.26
C ARG A 361 60.00 -29.96 33.11
N ASN A 362 58.99 -29.26 33.62
CA ASN A 362 59.21 -28.04 34.39
C ASN A 362 59.27 -28.32 35.89
N GLY A 363 60.14 -29.27 36.28
CA GLY A 363 60.35 -29.53 37.69
C GLY A 363 59.19 -30.19 38.41
N PHE A 364 58.32 -30.88 37.68
CA PHE A 364 57.21 -31.63 38.27
C PHE A 364 56.26 -30.73 39.08
N LEU A 365 56.15 -29.47 38.70
CA LEU A 365 55.27 -28.58 39.44
C LEU A 365 53.81 -28.90 39.12
N PRO A 366 52.94 -28.90 40.13
CA PRO A 366 51.51 -29.13 39.86
C PRO A 366 50.93 -28.03 38.98
N VAL A 367 50.04 -28.43 38.09
CA VAL A 367 49.35 -27.49 37.20
C VAL A 367 47.87 -27.84 37.17
N GLY A 368 47.02 -26.81 37.11
CA GLY A 368 45.60 -27.00 37.07
C GLY A 368 45.06 -27.10 35.66
N GLY A 369 43.75 -27.02 35.55
CA GLY A 369 43.08 -27.09 34.27
C GLY A 369 41.72 -27.73 34.41
N ARG A 370 41.14 -28.07 33.27
CA ARG A 370 39.83 -28.72 33.21
C ARG A 370 39.91 -29.94 32.31
N LEU A 371 39.37 -31.06 32.78
CA LEU A 371 39.37 -32.30 32.02
C LEU A 371 38.35 -32.18 30.90
N ARG A 372 38.77 -31.54 29.80
CA ARG A 372 37.88 -31.31 28.68
C ARG A 372 37.64 -32.57 27.86
N TYR A 373 38.53 -33.55 27.93
CA TYR A 373 38.33 -34.82 27.26
C TYR A 373 39.01 -35.90 28.08
N LEU A 374 38.28 -36.94 28.46
CA LEU A 374 38.74 -37.91 29.44
C LEU A 374 38.47 -39.34 28.98
N LYS A 375 38.88 -39.67 27.76
CA LYS A 375 38.63 -41.02 27.27
C LYS A 375 39.46 -42.04 28.05
N GLU A 376 38.79 -42.83 28.89
CA GLU A 376 39.44 -43.81 29.75
C GLU A 376 39.85 -45.05 28.96
N PRO A 377 40.89 -45.75 29.39
CA PRO A 377 41.27 -47.00 28.73
C PRO A 377 40.23 -48.07 28.98
N PRO A 378 40.16 -49.09 28.11
CA PRO A 378 39.18 -50.16 28.32
C PRO A 378 39.42 -50.92 29.62
N GLN A 379 38.50 -50.77 30.56
CA GLN A 379 38.63 -51.32 31.90
C GLN A 379 37.84 -52.61 32.02
N GLY A 380 38.38 -53.55 32.80
CA GLY A 380 37.73 -54.81 33.07
C GLY A 380 38.71 -55.96 32.87
N ASN A 381 38.15 -57.12 32.55
CA ASN A 381 38.94 -58.32 32.30
C ASN A 381 39.20 -58.39 30.79
N ARG A 382 40.41 -58.03 30.39
CA ARG A 382 40.78 -58.03 28.98
C ARG A 382 41.16 -59.46 28.57
N GLY A 383 41.76 -59.60 27.39
CA GLY A 383 42.07 -60.92 26.87
C GLY A 383 43.03 -61.69 27.75
N THR A 384 44.08 -61.02 28.23
CA THR A 384 45.09 -61.67 29.06
C THR A 384 45.33 -61.00 30.40
N VAL A 385 44.87 -59.76 30.60
CA VAL A 385 45.13 -59.02 31.83
C VAL A 385 43.83 -58.41 32.32
N LYS A 386 43.83 -58.01 33.59
CA LYS A 386 42.71 -57.33 34.21
C LYS A 386 43.10 -55.89 34.50
N VAL A 387 42.29 -54.95 34.01
CA VAL A 387 42.58 -53.52 34.11
C VAL A 387 41.55 -52.90 35.04
N ARG A 388 42.01 -52.07 35.96
CA ARG A 388 41.13 -51.38 36.91
C ARG A 388 41.60 -49.95 37.07
N LEU A 389 40.71 -49.01 36.77
CA LEU A 389 40.99 -47.58 36.87
C LEU A 389 40.18 -46.98 38.01
N ASP A 390 40.84 -46.23 38.89
CA ASP A 390 40.17 -45.57 40.00
C ASP A 390 40.46 -44.08 39.93
N THR A 391 39.41 -43.28 39.77
CA THR A 391 39.55 -41.85 39.59
C THR A 391 38.44 -41.13 40.35
N GLY A 392 38.69 -39.87 40.67
CA GLY A 392 37.72 -39.05 41.33
C GLY A 392 37.24 -37.90 40.47
N PHE A 393 37.52 -37.96 39.18
CA PHE A 393 37.18 -36.91 38.24
C PHE A 393 36.41 -37.49 37.07
N ARG A 394 35.46 -36.70 36.55
CA ARG A 394 34.74 -37.04 35.33
C ARG A 394 35.06 -36.01 34.26
N ALA A 395 34.65 -36.32 33.03
CA ALA A 395 34.86 -35.40 31.92
C ALA A 395 34.12 -34.09 32.18
N GLY A 396 34.82 -32.97 31.97
CA GLY A 396 34.26 -31.67 32.24
C GLY A 396 34.60 -31.10 33.59
N ASP A 397 35.06 -31.92 34.53
CA ASP A 397 35.49 -31.41 35.82
C ASP A 397 36.81 -30.65 35.68
N ASP A 398 37.00 -29.67 36.54
CA ASP A 398 38.23 -28.88 36.58
C ASP A 398 39.02 -29.25 37.81
N VAL A 399 40.26 -29.72 37.60
CA VAL A 399 41.16 -30.03 38.70
C VAL A 399 41.86 -28.76 39.13
N LEU A 400 41.72 -28.41 40.40
CA LEU A 400 42.30 -27.18 40.94
C LEU A 400 43.66 -27.49 41.55
N VAL A 401 44.65 -26.66 41.23
CA VAL A 401 46.02 -26.91 41.66
C VAL A 401 46.13 -26.81 43.17
N HIS A 402 47.13 -27.51 43.72
CA HIS A 402 47.42 -27.54 45.15
C HIS A 402 46.30 -28.17 45.97
N TYR A 403 45.47 -29.00 45.34
CA TYR A 403 44.41 -29.72 46.05
C TYR A 403 44.23 -31.06 45.35
N ASP A 404 44.80 -32.12 45.95
CA ASP A 404 44.69 -33.48 45.43
C ASP A 404 45.22 -33.55 44.00
N PRO A 405 46.54 -33.41 43.80
CA PRO A 405 47.07 -33.37 42.43
C PRO A 405 46.88 -34.67 41.66
N MET A 406 46.66 -35.79 42.34
CA MET A 406 46.52 -37.08 41.66
C MET A 406 45.25 -37.08 40.82
N ILE A 407 45.40 -37.36 39.53
CA ILE A 407 44.23 -37.46 38.66
C ILE A 407 43.58 -38.83 38.79
N ALA A 408 44.37 -39.90 38.71
CA ALA A 408 43.80 -41.24 38.77
C ALA A 408 44.89 -42.23 39.15
N LYS A 409 44.47 -43.47 39.40
CA LYS A 409 45.38 -44.58 39.60
C LYS A 409 44.91 -45.76 38.74
N LEU A 410 45.82 -46.31 37.95
CA LEU A 410 45.51 -47.36 37.00
C LEU A 410 46.32 -48.60 37.36
N VAL A 411 45.62 -49.70 37.64
CA VAL A 411 46.27 -50.94 38.05
C VAL A 411 46.00 -52.00 37.00
N VAL A 412 47.02 -52.80 36.70
CA VAL A 412 46.94 -53.88 35.73
C VAL A 412 47.48 -55.15 36.38
N TRP A 413 46.71 -56.22 36.29
CA TRP A 413 47.09 -57.52 36.84
C TRP A 413 47.26 -58.51 35.69
N GLY A 414 48.38 -59.23 35.70
CA GLY A 414 48.66 -60.27 34.74
C GLY A 414 49.07 -61.54 35.44
N ASP A 415 49.86 -62.35 34.73
CA ASP A 415 50.45 -63.56 35.30
C ASP A 415 51.93 -63.38 35.64
N ASN A 416 52.63 -62.52 34.91
CA ASN A 416 54.03 -62.25 35.15
C ASN A 416 54.25 -60.74 35.16
N ARG A 417 55.38 -60.32 35.70
CA ARG A 417 55.68 -58.89 35.77
C ARG A 417 55.77 -58.28 34.38
N ALA A 418 56.39 -59.00 33.44
CA ALA A 418 56.51 -58.48 32.08
C ALA A 418 55.14 -58.29 31.43
N THR A 419 54.25 -59.27 31.60
CA THR A 419 52.91 -59.14 31.04
C THR A 419 52.14 -57.99 31.68
N ALA A 420 52.29 -57.83 33.00
CA ALA A 420 51.64 -56.71 33.68
C ALA A 420 52.16 -55.37 33.17
N LEU A 421 53.48 -55.28 32.95
CA LEU A 421 54.05 -54.04 32.42
C LEU A 421 53.55 -53.75 31.02
N GLU A 422 53.47 -54.79 30.17
CA GLU A 422 52.95 -54.58 28.82
C GLU A 422 51.49 -54.13 28.85
N GLY A 423 50.68 -54.75 29.72
CA GLY A 423 49.30 -54.33 29.85
C GLY A 423 49.18 -52.90 30.34
N LEU A 424 50.04 -52.51 31.29
CA LEU A 424 50.02 -51.13 31.78
C LEU A 424 50.43 -50.16 30.68
N ARG A 425 51.42 -50.53 29.86
CA ARG A 425 51.79 -49.68 28.74
C ARG A 425 50.63 -49.51 27.77
N THR A 426 49.96 -50.61 27.45
CA THR A 426 48.82 -50.53 26.53
C THR A 426 47.70 -49.68 27.11
N ALA A 427 47.41 -49.84 28.40
CA ALA A 427 46.33 -49.08 29.02
C ALA A 427 46.68 -47.59 29.09
N LEU A 428 47.92 -47.26 29.42
CA LEU A 428 48.33 -45.86 29.45
C LEU A 428 48.30 -45.24 28.07
N ALA A 429 48.64 -46.03 27.04
CA ALA A 429 48.56 -45.53 25.67
C ALA A 429 47.13 -45.19 25.28
N SER A 430 46.15 -45.86 25.90
CA SER A 430 44.74 -45.64 25.59
C SER A 430 44.08 -44.61 26.50
N TYR A 431 44.79 -44.08 27.48
CA TYR A 431 44.23 -43.09 28.40
C TYR A 431 44.43 -41.72 27.78
N HIS A 432 43.37 -41.15 27.21
CA HIS A 432 43.44 -39.90 26.47
C HIS A 432 42.85 -38.78 27.31
N ILE A 433 43.71 -37.85 27.73
CA ILE A 433 43.34 -36.73 28.57
C ILE A 433 43.69 -35.44 27.84
N VAL A 434 42.70 -34.58 27.66
CA VAL A 434 42.86 -33.30 26.99
C VAL A 434 42.32 -32.21 27.90
N GLY A 435 43.13 -31.19 28.16
CA GLY A 435 42.77 -30.05 29.00
C GLY A 435 43.72 -29.80 30.14
N VAL A 436 44.37 -30.86 30.63
CA VAL A 436 45.29 -30.77 31.75
C VAL A 436 46.57 -31.49 31.39
N GLU A 437 47.71 -30.86 31.66
CA GLU A 437 48.99 -31.54 31.49
C GLU A 437 49.12 -32.68 32.49
N THR A 438 49.77 -33.75 32.06
CA THR A 438 49.89 -34.95 32.87
C THR A 438 51.30 -35.51 32.71
N ASN A 439 51.53 -36.67 33.31
CA ASN A 439 52.83 -37.35 33.27
C ASN A 439 52.72 -38.70 32.56
N ILE A 440 51.81 -38.81 31.60
CA ILE A 440 51.64 -40.06 30.86
C ILE A 440 52.92 -40.39 30.11
N ASP A 441 53.53 -39.40 29.46
CA ASP A 441 54.79 -39.62 28.76
C ASP A 441 55.89 -40.02 29.73
N PHE A 442 55.92 -39.39 30.91
CA PHE A 442 56.90 -39.77 31.93
C PHE A 442 56.69 -41.20 32.39
N LEU A 443 55.43 -41.61 32.58
CA LEU A 443 55.15 -42.98 32.98
C LEU A 443 55.56 -43.97 31.88
N GLN A 444 55.33 -43.62 30.62
CA GLN A 444 55.76 -44.48 29.52
C GLN A 444 57.28 -44.60 29.48
N CYS A 445 57.99 -43.49 29.70
CA CYS A 445 59.44 -43.55 29.74
C CYS A 445 59.93 -44.42 30.89
N CYS A 446 59.30 -44.30 32.06
CA CYS A 446 59.68 -45.12 33.20
C CYS A 446 59.43 -46.60 32.92
N LEU A 447 58.29 -46.93 32.31
CA LEU A 447 57.96 -48.32 32.03
C LEU A 447 58.89 -48.90 30.98
N SER A 448 59.27 -48.11 29.98
CA SER A 448 60.15 -48.59 28.92
C SER A 448 61.62 -48.49 29.28
N ASN A 449 61.95 -47.96 30.46
CA ASN A 449 63.34 -47.85 30.86
C ASN A 449 63.94 -49.25 31.08
N PRO A 450 65.12 -49.54 30.54
CA PRO A 450 65.71 -50.86 30.75
C PRO A 450 65.96 -51.19 32.21
N GLY A 451 66.36 -50.21 33.01
CA GLY A 451 66.62 -50.47 34.42
C GLY A 451 65.37 -50.91 35.16
N PHE A 452 64.23 -50.28 34.87
CA PHE A 452 62.99 -50.68 35.50
C PHE A 452 62.57 -52.08 35.07
N VAL A 453 62.73 -52.41 33.78
CA VAL A 453 62.30 -53.71 33.30
C VAL A 453 63.25 -54.82 33.73
N GLU A 454 64.48 -54.48 34.12
CA GLU A 454 65.41 -55.50 34.62
C GLU A 454 64.89 -56.13 35.90
N GLY A 455 64.41 -55.32 36.83
CA GLY A 455 63.94 -55.82 38.11
C GLY A 455 63.82 -54.72 39.15
N GLY A 456 64.05 -55.07 40.42
CA GLY A 456 63.97 -54.08 41.47
C GLY A 456 65.03 -53.00 41.32
N VAL A 457 64.65 -51.76 41.59
CA VAL A 457 65.53 -50.61 41.44
C VAL A 457 65.54 -49.83 42.74
N THR A 458 66.57 -49.00 42.90
CA THR A 458 66.74 -48.21 44.10
C THR A 458 65.74 -47.06 44.14
N THR A 459 65.70 -46.39 45.30
CA THR A 459 64.77 -45.26 45.47
C THR A 459 65.16 -44.09 44.58
N ARG A 460 66.46 -43.85 44.40
CA ARG A 460 66.94 -42.72 43.61
C ARG A 460 66.86 -42.96 42.11
N PHE A 461 66.12 -43.98 41.67
CA PHE A 461 66.06 -44.31 40.26
C PHE A 461 65.53 -43.14 39.43
N ILE A 462 64.50 -42.45 39.93
CA ILE A 462 64.00 -41.26 39.25
C ILE A 462 65.10 -40.22 39.14
N GLU A 463 65.87 -40.03 40.22
CA GLU A 463 66.99 -39.10 40.16
C GLU A 463 68.17 -39.67 39.39
N ASP A 464 68.18 -40.99 39.13
CA ASP A 464 69.31 -41.59 38.44
C ASP A 464 69.19 -41.46 36.93
N ASN A 465 67.97 -41.62 36.40
CA ASN A 465 67.73 -41.56 34.96
C ASN A 465 66.92 -40.32 34.58
N SER A 466 67.18 -39.19 35.26
CA SER A 466 66.42 -37.98 35.00
C SER A 466 66.58 -37.51 33.56
N VAL A 467 67.81 -37.56 33.04
CA VAL A 467 68.04 -37.14 31.65
C VAL A 467 67.32 -38.08 30.68
N ASN A 468 67.33 -39.38 30.96
CA ASN A 468 66.71 -40.34 30.05
C ASN A 468 65.19 -40.29 30.14
N LEU A 469 64.65 -40.16 31.36
CA LEU A 469 63.20 -40.19 31.53
C LEU A 469 62.54 -38.91 31.05
N LEU A 470 63.23 -37.77 31.15
CA LEU A 470 62.69 -36.48 30.72
C LEU A 470 62.97 -36.19 29.25
N GLN A 471 63.16 -37.22 28.44
CA GLN A 471 63.44 -37.00 27.02
C GLN A 471 62.21 -36.41 26.33
N PRO A 472 62.39 -35.39 25.49
CA PRO A 472 61.24 -34.83 24.77
C PRO A 472 60.62 -35.84 23.81
N ARG A 473 59.32 -35.69 23.60
CA ARG A 473 58.60 -36.53 22.65
C ARG A 473 58.59 -35.88 21.29
N GLU A 474 59.06 -36.61 20.27
CA GLU A 474 59.15 -36.07 18.92
C GLU A 474 57.78 -36.03 18.27
N ILE A 475 57.54 -34.99 17.49
CA ILE A 475 56.28 -34.78 16.78
C ILE A 475 56.57 -34.79 15.29
N PRO A 476 56.26 -35.89 14.59
CA PRO A 476 56.49 -35.93 13.14
C PRO A 476 55.55 -34.99 12.40
N ASN A 477 55.96 -34.65 11.18
CA ASN A 477 55.18 -33.71 10.37
C ASN A 477 53.80 -34.25 10.04
N ASN A 478 53.64 -35.58 10.02
CA ASN A 478 52.32 -36.17 9.78
C ASN A 478 51.34 -35.75 10.86
N VAL A 479 51.78 -35.74 12.13
CA VAL A 479 50.91 -35.33 13.22
C VAL A 479 50.51 -33.87 13.06
N LEU A 480 51.46 -33.01 12.69
CA LEU A 480 51.14 -31.60 12.48
C LEU A 480 50.11 -31.42 11.38
N ALA A 481 50.31 -32.13 10.25
CA ALA A 481 49.37 -32.02 9.15
C ALA A 481 47.98 -32.50 9.54
N LEU A 482 47.91 -33.64 10.23
CA LEU A 482 46.62 -34.17 10.63
C LEU A 482 45.93 -33.26 11.63
N ALA A 483 46.69 -32.67 12.56
CA ALA A 483 46.10 -31.74 13.52
C ALA A 483 45.56 -30.50 12.82
N ALA A 484 46.31 -29.96 11.86
CA ALA A 484 45.84 -28.80 11.12
C ALA A 484 44.57 -29.13 10.33
N VAL A 485 44.55 -30.30 9.69
CA VAL A 485 43.37 -30.69 8.92
C VAL A 485 42.17 -30.86 9.85
N SER A 486 42.37 -31.48 11.02
CA SER A 486 41.28 -31.64 11.97
C SER A 486 40.77 -30.29 12.47
N TYR A 487 41.68 -29.36 12.74
CA TYR A 487 41.27 -28.02 13.16
C TYR A 487 40.45 -27.34 12.09
N LEU A 488 40.89 -27.43 10.83
CA LEU A 488 40.16 -26.81 9.73
C LEU A 488 38.79 -27.44 9.56
N CYS A 489 38.71 -28.77 9.66
CA CYS A 489 37.42 -29.45 9.56
C CYS A 489 36.49 -29.04 10.70
N SER A 490 37.05 -28.82 11.89
CA SER A 490 36.25 -28.31 12.99
C SER A 490 35.72 -26.92 12.68
N GLN A 491 36.56 -26.07 12.08
CA GLN A 491 36.10 -24.74 11.69
C GLN A 491 34.99 -24.82 10.64
N ARG A 492 35.14 -25.71 9.67
CA ARG A 492 34.16 -25.83 8.61
C ARG A 492 32.85 -26.41 9.14
N GLY A 493 31.73 -25.84 8.71
CA GLY A 493 30.43 -26.42 9.00
C GLY A 493 29.92 -27.22 7.82
N THR A 494 28.86 -26.74 7.19
CA THR A 494 28.35 -27.32 5.96
C THR A 494 28.71 -26.51 4.74
N SER A 495 29.49 -25.44 4.90
CA SER A 495 29.85 -24.59 3.78
C SER A 495 30.86 -25.27 2.88
N THR A 496 30.76 -25.00 1.58
CA THR A 496 31.65 -25.56 0.58
C THR A 496 32.87 -24.66 0.41
N LEU A 497 34.04 -25.27 0.32
CA LEU A 497 35.27 -24.53 0.08
C LEU A 497 35.38 -24.26 -1.41
N PHE A 498 35.17 -23.01 -1.82
CA PHE A 498 35.22 -22.68 -3.24
C PHE A 498 35.76 -21.28 -3.42
N TRP A 499 36.86 -21.17 -4.17
CA TRP A 499 37.35 -19.90 -4.68
C TRP A 499 37.61 -20.13 -6.16
N PRO A 500 36.99 -19.37 -7.07
CA PRO A 500 37.12 -19.68 -8.49
C PRO A 500 38.55 -19.60 -8.97
N ASN A 501 38.99 -20.66 -9.65
CA ASN A 501 40.32 -20.75 -10.27
C ASN A 501 41.43 -20.66 -9.24
N ARG A 502 41.16 -21.04 -8.00
CA ARG A 502 42.15 -20.95 -6.93
C ARG A 502 41.92 -22.06 -5.92
N GLN A 503 42.96 -22.33 -5.14
CA GLN A 503 42.88 -23.21 -3.99
C GLN A 503 42.74 -22.37 -2.73
N ILE A 504 41.79 -22.73 -1.87
CA ILE A 504 41.54 -21.93 -0.68
C ILE A 504 42.74 -22.06 0.26
N SER A 505 43.23 -20.93 0.74
CA SER A 505 44.42 -20.87 1.57
C SER A 505 44.04 -20.70 3.03
N GLN A 506 44.66 -21.49 3.91
CA GLN A 506 44.41 -21.43 5.33
C GLN A 506 45.73 -21.59 6.07
N GLY A 507 45.74 -21.14 7.32
CA GLY A 507 46.92 -21.28 8.15
C GLY A 507 46.60 -21.63 9.59
N VAL A 508 47.35 -22.58 10.16
CA VAL A 508 47.15 -23.00 11.54
C VAL A 508 48.48 -22.88 12.28
N CYS A 509 48.46 -22.22 13.43
CA CYS A 509 49.68 -21.97 14.20
C CYS A 509 49.66 -22.80 15.47
N PHE A 510 50.70 -23.62 15.64
CA PHE A 510 50.91 -24.39 16.85
C PHE A 510 52.18 -23.92 17.56
N THR A 511 52.30 -24.29 18.82
CA THR A 511 53.52 -24.05 19.59
C THR A 511 54.18 -25.39 19.85
N VAL A 512 55.41 -25.55 19.36
CA VAL A 512 56.19 -26.77 19.57
C VAL A 512 57.46 -26.37 20.29
N GLY A 513 57.54 -26.72 21.58
CA GLY A 513 58.70 -26.35 22.38
C GLY A 513 58.93 -24.86 22.45
N GLY A 514 57.85 -24.08 22.52
CA GLY A 514 57.95 -22.64 22.49
C GLY A 514 58.17 -22.06 21.11
N ASN A 515 58.32 -22.89 20.09
CA ASN A 515 58.53 -22.41 18.74
C ASN A 515 57.18 -22.23 18.04
N PRO A 516 56.90 -21.05 17.49
CA PRO A 516 55.63 -20.85 16.79
C PRO A 516 55.63 -21.45 15.39
N VAL A 517 55.32 -22.74 15.30
CA VAL A 517 55.27 -23.41 14.01
C VAL A 517 53.97 -23.03 13.31
N VAL A 518 54.05 -22.78 12.01
CA VAL A 518 52.88 -22.41 11.20
C VAL A 518 52.75 -23.41 10.07
N VAL A 519 51.54 -23.95 9.91
CA VAL A 519 51.22 -24.89 8.84
C VAL A 519 50.32 -24.17 7.86
N ARG A 520 50.80 -24.04 6.62
CA ARG A 520 50.04 -23.44 5.53
C ARG A 520 49.39 -24.54 4.72
N VAL A 521 48.07 -24.47 4.57
CA VAL A 521 47.29 -25.51 3.93
C VAL A 521 46.55 -24.92 2.75
N THR A 522 46.58 -25.62 1.63
CA THR A 522 45.76 -25.30 0.47
C THR A 522 44.74 -26.41 0.31
N VAL A 523 43.45 -26.04 0.31
CA VAL A 523 42.35 -26.99 0.28
C VAL A 523 41.53 -26.75 -0.98
N SER A 524 41.14 -27.85 -1.63
CA SER A 524 40.35 -27.82 -2.84
C SER A 524 38.89 -28.12 -2.52
N THR A 525 38.06 -28.08 -3.56
CA THR A 525 36.64 -28.37 -3.38
C THR A 525 36.37 -29.84 -3.10
N LYS A 526 37.31 -30.72 -3.43
CA LYS A 526 37.17 -32.15 -3.19
C LYS A 526 37.60 -32.58 -1.80
N MET A 527 37.67 -31.63 -0.87
CA MET A 527 38.05 -31.92 0.52
C MET A 527 39.42 -32.57 0.59
N CYS A 528 40.37 -32.06 -0.18
CA CYS A 528 41.74 -32.55 -0.20
C CYS A 528 42.67 -31.42 0.22
N PHE A 529 43.32 -31.60 1.36
CA PHE A 529 44.22 -30.60 1.93
C PHE A 529 45.66 -30.92 1.55
N THR A 530 46.45 -29.89 1.32
CA THR A 530 47.89 -30.02 1.15
C THR A 530 48.57 -29.07 2.13
N CYS A 531 49.33 -29.63 3.06
CA CYS A 531 50.02 -28.88 4.11
C CYS A 531 51.49 -28.79 3.78
N ASP A 532 52.07 -27.61 3.94
CA ASP A 532 53.44 -27.34 3.56
C ASP A 532 54.32 -27.18 4.79
N PHE A 533 55.42 -27.92 4.82
CA PHE A 533 56.48 -27.78 5.80
C PHE A 533 57.80 -27.60 5.04
N ASP A 534 58.87 -27.36 5.79
CA ASP A 534 60.19 -27.11 5.19
C ASP A 534 60.60 -28.28 4.30
N SER A 535 60.63 -28.03 2.98
CA SER A 535 60.96 -29.06 1.99
C SER A 535 60.10 -30.31 2.17
N SER A 536 58.82 -30.11 2.48
CA SER A 536 57.92 -31.23 2.68
C SER A 536 56.49 -30.82 2.38
N SER A 537 55.73 -31.74 1.79
CA SER A 537 54.32 -31.52 1.51
C SER A 537 53.55 -32.77 1.88
N VAL A 538 52.46 -32.61 2.64
CA VAL A 538 51.64 -33.72 3.07
C VAL A 538 50.23 -33.52 2.51
N THR A 539 49.74 -34.52 1.79
CA THR A 539 48.40 -34.48 1.19
C THR A 539 47.47 -35.36 2.01
N VAL A 540 46.38 -34.78 2.48
CA VAL A 540 45.40 -35.47 3.31
C VAL A 540 44.04 -35.33 2.66
N TYR A 541 43.45 -36.45 2.25
CA TYR A 541 42.11 -36.47 1.69
C TYR A 541 41.14 -36.96 2.75
N VAL A 542 40.19 -36.10 3.12
CA VAL A 542 39.23 -36.43 4.16
C VAL A 542 38.03 -37.10 3.51
N GLU A 543 37.89 -38.41 3.73
CA GLU A 543 36.79 -39.15 3.11
C GLU A 543 35.47 -38.82 3.79
N SER A 544 35.44 -38.80 5.12
CA SER A 544 34.21 -38.52 5.84
C SER A 544 34.56 -38.10 7.27
N THR A 545 33.59 -37.45 7.91
CA THR A 545 33.69 -37.06 9.30
C THR A 545 32.41 -37.45 10.03
N THR A 546 32.53 -37.68 11.34
CA THR A 546 31.38 -38.02 12.15
C THR A 546 31.57 -37.41 13.54
N ASN A 547 30.59 -36.62 13.97
CA ASN A 547 30.67 -35.95 15.26
C ASN A 547 30.22 -36.90 16.35
N MET A 548 31.16 -37.36 17.17
CA MET A 548 30.83 -38.25 18.27
C MET A 548 30.08 -37.48 19.36
N PRO A 549 29.26 -38.17 20.15
CA PRO A 549 28.54 -37.47 21.23
C PRO A 549 29.44 -36.83 22.27
N ASP A 550 30.67 -37.31 22.43
CA ASP A 550 31.59 -36.74 23.41
C ASP A 550 32.38 -35.57 22.83
N SER A 551 31.67 -34.66 22.17
CA SER A 551 32.23 -33.41 21.61
C SER A 551 33.51 -33.65 20.81
N SER A 552 33.68 -34.85 20.26
CA SER A 552 34.84 -35.19 19.44
C SER A 552 34.38 -35.57 18.04
N THR A 553 35.35 -35.77 17.15
CA THR A 553 35.06 -36.08 15.76
C THR A 553 35.89 -37.25 15.28
N PHE A 554 35.26 -38.22 14.63
CA PHE A 554 35.97 -39.32 14.01
C PHE A 554 36.15 -39.03 12.53
N ILE A 555 37.41 -39.02 12.08
CA ILE A 555 37.74 -38.61 10.72
C ILE A 555 38.45 -39.76 10.03
N ARG A 556 37.96 -40.11 8.83
CA ARG A 556 38.62 -41.06 7.95
C ARG A 556 39.44 -40.29 6.93
N VAL A 557 40.73 -40.60 6.84
CA VAL A 557 41.64 -39.85 5.99
C VAL A 557 42.48 -40.79 5.15
N THR A 558 42.97 -40.25 4.04
CA THR A 558 43.98 -40.86 3.20
C THR A 558 45.16 -39.91 3.16
N VAL A 559 46.23 -40.25 3.87
CA VAL A 559 47.45 -39.46 3.88
C VAL A 559 48.26 -39.78 2.63
N ASP A 560 48.84 -38.74 2.04
CA ASP A 560 49.51 -38.78 0.74
C ASP A 560 48.51 -39.33 -0.26
N GLY A 561 48.77 -40.46 -0.90
CA GLY A 561 47.75 -41.06 -1.73
C GLY A 561 47.62 -42.54 -1.43
N GLU A 562 48.26 -42.99 -0.35
CA GLU A 562 48.37 -44.41 -0.10
C GLU A 562 48.21 -44.84 1.35
N THR A 563 47.93 -43.94 2.30
CA THR A 563 47.82 -44.35 3.70
C THR A 563 46.41 -44.04 4.22
N ARG A 564 45.52 -45.02 4.15
CA ARG A 564 44.15 -44.83 4.61
C ARG A 564 43.99 -45.30 6.05
N PHE A 565 43.40 -44.46 6.88
CA PHE A 565 43.09 -44.85 8.26
C PHE A 565 42.11 -43.86 8.85
N GLY A 566 41.50 -44.25 9.97
CA GLY A 566 40.61 -43.38 10.71
C GLY A 566 41.19 -43.04 12.07
N PHE A 567 40.87 -41.85 12.56
CA PHE A 567 41.36 -41.41 13.85
C PHE A 567 40.30 -40.53 14.51
N THR A 568 40.58 -40.15 15.76
CA THR A 568 39.69 -39.34 16.56
C THR A 568 40.38 -38.02 16.90
N SER A 569 39.63 -36.93 16.80
CA SER A 569 40.18 -35.60 17.01
C SER A 569 39.30 -34.82 17.97
N PHE A 570 39.94 -34.03 18.82
CA PHE A 570 39.27 -33.18 19.78
C PHE A 570 39.89 -31.79 19.70
N VAL A 571 39.08 -30.79 19.39
CA VAL A 571 39.57 -29.43 19.16
C VAL A 571 38.97 -28.51 20.21
N THR A 572 39.83 -27.89 21.00
CA THR A 572 39.45 -26.83 21.92
C THR A 572 39.87 -25.49 21.33
N ASP A 573 39.74 -24.44 22.12
CA ASP A 573 40.22 -23.13 21.72
C ASP A 573 41.71 -22.94 21.99
N SER A 574 42.37 -23.93 22.61
CA SER A 574 43.77 -23.81 22.96
C SER A 574 44.64 -24.96 22.47
N GLU A 575 44.09 -26.13 22.18
CA GLU A 575 44.91 -27.24 21.71
C GLU A 575 44.07 -28.15 20.83
N VAL A 576 44.77 -28.96 20.03
CA VAL A 576 44.17 -29.96 19.16
C VAL A 576 44.77 -31.31 19.51
N ALA A 577 43.91 -32.30 19.77
CA ALA A 577 44.35 -33.63 20.16
C ALA A 577 43.94 -34.63 19.09
N VAL A 578 44.87 -35.50 18.71
CA VAL A 578 44.64 -36.52 17.70
C VAL A 578 45.04 -37.87 18.27
N ALA A 579 44.17 -38.86 18.09
CA ALA A 579 44.42 -40.24 18.50
C ALA A 579 44.70 -41.04 17.24
N LEU A 580 45.96 -41.03 16.82
CA LEU A 580 46.40 -41.73 15.63
C LEU A 580 46.81 -43.15 15.96
N PRO A 581 46.92 -44.03 14.97
CA PRO A 581 47.47 -45.36 15.24
C PRO A 581 48.86 -45.31 15.85
N GLN A 582 49.62 -44.26 15.59
CA GLN A 582 50.93 -44.10 16.20
C GLN A 582 50.85 -43.80 17.69
N GLY A 583 49.75 -43.27 18.17
CA GLY A 583 49.64 -42.93 19.57
C GLY A 583 48.63 -41.81 19.78
N PHE A 584 48.87 -41.00 20.80
CA PHE A 584 48.01 -39.88 21.13
C PHE A 584 48.87 -38.63 21.25
N TYR A 585 48.45 -37.57 20.56
CA TYR A 585 49.23 -36.34 20.53
C TYR A 585 48.32 -35.15 20.84
N THR A 586 48.87 -34.17 21.56
CA THR A 586 48.21 -32.91 21.82
C THR A 586 49.14 -31.78 21.41
N LEU A 587 48.69 -30.96 20.47
CA LEU A 587 49.46 -29.82 19.98
C LEU A 587 48.78 -28.54 20.45
N ALA A 588 49.53 -27.69 21.13
CA ALA A 588 48.97 -26.45 21.66
C ALA A 588 48.95 -25.38 20.57
N LEU A 589 47.79 -24.79 20.36
CA LEU A 589 47.69 -23.66 19.45
C LEU A 589 48.47 -22.47 20.00
N GLN A 590 48.96 -21.64 19.09
CA GLN A 590 49.68 -20.44 19.48
C GLN A 590 48.76 -19.56 20.32
N PRO A 591 49.12 -19.24 21.55
CA PRO A 591 48.19 -18.50 22.42
C PRO A 591 47.90 -17.10 21.88
N LEU A 592 46.66 -16.65 22.09
CA LEU A 592 46.24 -15.33 21.67
C LEU A 592 46.83 -14.26 22.60
N ALA A 593 47.17 -13.12 22.00
CA ALA A 593 47.68 -12.00 22.78
C ALA A 593 46.60 -11.43 23.68
N THR A 594 46.98 -11.06 24.89
CA THR A 594 46.05 -10.48 25.85
C THR A 594 45.87 -8.97 25.67
N ASP A 595 46.69 -8.33 24.84
CA ASP A 595 46.63 -6.90 24.60
C ASP A 595 46.21 -6.61 23.15
N PHE A 596 45.37 -7.47 22.59
CA PHE A 596 44.94 -7.31 21.21
C PHE A 596 44.10 -6.04 21.06
N GLY A 597 44.55 -5.14 20.20
CA GLY A 597 43.87 -3.87 20.01
C GLY A 597 43.88 -2.99 21.23
N SER A 598 45.00 -2.93 21.94
CA SER A 598 45.12 -2.15 23.17
C SER A 598 45.47 -0.71 22.81
N THR A 599 44.59 0.21 23.15
CA THR A 599 44.80 1.64 22.92
C THR A 599 44.58 2.35 24.26
N SER A 600 45.66 2.52 25.02
CA SER A 600 45.57 3.15 26.34
C SER A 600 45.79 4.65 26.27
N ALA A 601 45.08 5.31 25.35
CA ALA A 601 44.98 6.76 25.25
C ALA A 601 46.29 7.44 24.90
N GLN A 602 47.39 6.68 24.86
CA GLN A 602 48.73 7.22 24.58
C GLN A 602 49.72 6.08 24.60
N ALA A 603 50.89 6.32 24.02
CA ALA A 603 51.99 5.38 24.08
C ALA A 603 53.33 6.06 24.33
N ASN A 604 53.34 7.36 24.62
CA ASN A 604 54.57 8.10 24.81
C ASN A 604 55.18 7.81 26.17
N GLY A 605 56.50 7.95 26.25
CA GLY A 605 57.23 7.70 27.49
C GLY A 605 57.22 8.83 28.49
N SER A 606 56.69 10.00 28.12
CA SER A 606 56.62 11.15 29.01
C SER A 606 55.21 11.42 29.50
N ALA A 607 54.23 11.44 28.59
CA ALA A 607 52.81 11.59 28.94
C ALA A 607 52.55 12.88 29.72
N SER A 608 52.82 14.00 29.05
CA SER A 608 52.56 15.32 29.62
C SER A 608 51.10 15.68 29.33
N VAL A 609 50.21 15.31 30.24
CA VAL A 609 48.77 15.52 30.07
C VAL A 609 48.43 16.92 30.55
N LEU A 610 47.36 17.48 29.98
CA LEU A 610 46.91 18.83 30.30
C LEU A 610 45.53 18.79 30.94
N SER A 611 45.23 19.82 31.72
CA SER A 611 43.96 19.88 32.41
C SER A 611 42.81 20.08 31.42
N PRO A 612 41.66 19.48 31.68
CA PRO A 612 40.53 19.61 30.74
C PRO A 612 39.81 20.95 30.85
N MET A 613 39.73 21.48 32.07
CA MET A 613 39.00 22.72 32.31
C MET A 613 39.52 23.32 33.62
N PRO A 614 39.31 24.62 33.84
CA PRO A 614 39.68 25.21 35.13
C PRO A 614 38.95 24.53 36.28
N GLY A 615 39.67 24.35 37.38
CA GLY A 615 39.11 23.66 38.53
C GLY A 615 40.14 23.56 39.63
N LYS A 616 39.75 22.85 40.69
CA LYS A 616 40.58 22.69 41.88
C LYS A 616 41.02 21.24 42.01
N VAL A 617 42.32 21.02 42.15
CA VAL A 617 42.83 19.69 42.41
C VAL A 617 42.61 19.37 43.88
N THR A 618 41.84 18.32 44.16
CA THR A 618 41.42 18.03 45.53
C THR A 618 42.33 17.04 46.23
N LYS A 619 42.65 15.92 45.59
CA LYS A 619 43.40 14.86 46.25
C LYS A 619 44.24 14.12 45.22
N LEU A 620 45.49 13.85 45.58
CA LEU A 620 46.38 13.03 44.75
C LEU A 620 46.19 11.58 45.16
N LEU A 621 45.56 10.79 44.28
CA LEU A 621 45.25 9.40 44.62
C LEU A 621 46.48 8.51 44.69
N VAL A 622 47.60 8.97 44.16
CA VAL A 622 48.86 8.23 44.23
C VAL A 622 49.94 9.17 44.78
N ALA A 623 50.84 8.62 45.58
CA ALA A 623 51.92 9.41 46.14
C ALA A 623 52.92 9.81 45.04
N ASP A 624 53.68 10.86 45.31
CA ASP A 624 54.69 11.31 44.37
C ASP A 624 55.78 10.25 44.22
N GLY A 625 56.17 9.98 42.99
CA GLY A 625 57.17 8.96 42.72
C GLY A 625 56.64 7.54 42.66
N THR A 626 55.32 7.36 42.61
CA THR A 626 54.73 6.04 42.60
C THR A 626 54.54 5.55 41.17
N LEU A 627 54.71 4.24 40.97
CA LEU A 627 54.46 3.62 39.69
C LEU A 627 52.96 3.47 39.46
N VAL A 628 52.47 3.91 38.31
CA VAL A 628 51.06 3.82 37.95
C VAL A 628 50.95 3.17 36.58
N GLN A 629 49.95 2.33 36.40
CA GLN A 629 49.69 1.67 35.13
C GLN A 629 48.88 2.58 34.22
N GLN A 630 48.60 2.08 33.02
CA GLN A 630 47.76 2.81 32.08
C GLN A 630 46.33 2.86 32.60
N GLY A 631 45.65 3.98 32.35
CA GLY A 631 44.29 4.13 32.80
C GLY A 631 44.11 4.19 34.31
N GLN A 632 45.17 4.43 35.07
CA GLN A 632 45.10 4.46 36.52
C GLN A 632 44.97 5.89 37.02
N ALA A 633 44.05 6.10 37.96
CA ALA A 633 43.83 7.43 38.50
C ALA A 633 45.03 7.90 39.30
N ILE A 634 45.38 9.17 39.15
CA ILE A 634 46.52 9.75 39.84
C ILE A 634 46.08 10.94 40.70
N LEU A 635 45.01 11.61 40.30
CA LEU A 635 44.54 12.78 41.04
C LEU A 635 43.08 13.03 40.71
N ILE A 636 42.44 13.85 41.55
CA ILE A 636 41.03 14.18 41.41
C ILE A 636 40.91 15.68 41.19
N LEU A 637 40.16 16.06 40.15
CA LEU A 637 39.90 17.45 39.81
C LEU A 637 38.42 17.74 40.01
N GLU A 638 38.12 18.81 40.75
CA GLU A 638 36.76 19.20 41.06
C GLU A 638 36.43 20.50 40.35
N ALA A 639 35.33 20.49 39.60
CA ALA A 639 34.83 21.67 38.92
C ALA A 639 33.32 21.57 38.84
N MET A 640 32.62 22.68 39.10
CA MET A 640 31.16 22.72 39.08
C MET A 640 30.57 21.71 40.06
N LYS A 641 31.26 21.52 41.20
CA LYS A 641 30.83 20.60 42.24
C LYS A 641 30.71 19.16 41.73
N MET A 642 31.57 18.80 40.78
CA MET A 642 31.61 17.45 40.22
C MET A 642 33.05 16.95 40.27
N GLU A 643 33.23 15.72 40.74
CA GLU A 643 34.57 15.15 40.81
C GLU A 643 34.96 14.57 39.45
N HIS A 644 36.06 15.08 38.91
CA HIS A 644 36.69 14.53 37.71
C HIS A 644 38.04 13.97 38.08
N VAL A 645 38.32 12.75 37.64
CA VAL A 645 39.53 12.03 38.04
C VAL A 645 40.46 11.95 36.84
N VAL A 646 41.70 12.39 37.03
CA VAL A 646 42.72 12.32 35.99
C VAL A 646 43.39 10.96 36.05
N LYS A 647 43.49 10.30 34.90
CA LYS A 647 44.04 8.96 34.81
C LYS A 647 45.39 8.98 34.11
N ALA A 648 46.26 8.05 34.50
CA ALA A 648 47.54 7.89 33.83
C ALA A 648 47.35 7.26 32.47
N SER A 649 48.04 7.82 31.47
CA SER A 649 47.91 7.35 30.10
C SER A 649 48.91 6.26 29.73
N CYS A 650 49.87 5.94 30.61
CA CYS A 650 50.84 4.91 30.33
C CYS A 650 51.47 4.46 31.64
N ASP A 651 52.14 3.31 31.58
CA ASP A 651 52.83 2.79 32.75
C ASP A 651 54.06 3.65 33.07
N GLY A 652 54.37 3.74 34.36
CA GLY A 652 55.57 4.45 34.78
C GLY A 652 55.41 5.22 36.06
N GLU A 653 56.51 5.78 36.56
CA GLU A 653 56.48 6.62 37.75
C GLU A 653 55.83 7.96 37.43
N VAL A 654 54.90 8.38 38.27
CA VAL A 654 54.18 9.63 38.07
C VAL A 654 54.71 10.67 39.06
N LYS A 655 55.05 11.85 38.54
CA LYS A 655 55.49 12.98 39.35
C LYS A 655 54.59 14.17 39.06
N PHE A 656 53.93 14.67 40.10
CA PHE A 656 52.98 15.78 39.93
C PHE A 656 53.72 17.10 39.77
N CYS A 657 53.10 18.02 39.04
CA CYS A 657 53.62 19.36 38.82
C CYS A 657 52.88 20.42 39.60
N VAL A 658 51.57 20.29 39.73
CA VAL A 658 50.74 21.26 40.44
C VAL A 658 50.50 20.77 41.85
N HIS A 659 50.47 21.71 42.79
CA HIS A 659 50.21 21.38 44.18
C HIS A 659 48.73 21.09 44.38
N ALA A 660 48.43 20.27 45.39
CA ALA A 660 47.05 19.92 45.71
C ALA A 660 46.36 21.09 46.41
N ASP A 661 45.02 21.02 46.44
CA ASP A 661 44.18 22.05 47.05
C ASP A 661 44.46 23.43 46.45
N GLY A 662 44.69 23.46 45.15
CA GLY A 662 44.96 24.71 44.46
C GLY A 662 43.95 25.01 43.38
N ILE A 663 44.43 25.48 42.22
CA ILE A 663 43.57 25.80 41.10
C ILE A 663 44.40 25.71 39.83
N VAL A 664 43.79 25.20 38.76
CA VAL A 664 44.45 25.05 37.47
C VAL A 664 43.58 25.73 36.41
N GLY A 665 44.14 25.86 35.21
CA GLY A 665 43.43 26.47 34.11
C GLY A 665 43.27 25.55 32.92
N GLY A 666 42.75 26.08 31.81
CA GLY A 666 42.56 25.27 30.62
C GLY A 666 43.90 24.84 30.05
N SER A 667 44.01 23.54 29.74
CA SER A 667 45.22 22.97 29.13
C SER A 667 46.46 23.24 29.98
N THR A 668 46.33 23.02 31.29
CA THR A 668 47.45 23.22 32.21
C THR A 668 48.10 21.87 32.53
N LEU A 669 49.42 21.82 32.43
CA LEU A 669 50.15 20.60 32.72
C LEU A 669 49.93 20.17 34.17
N LEU A 670 49.74 18.87 34.36
CA LEU A 670 49.45 18.32 35.68
C LEU A 670 50.57 17.45 36.23
N ALA A 671 51.00 16.44 35.47
CA ALA A 671 52.02 15.52 35.97
C ALA A 671 52.76 14.90 34.79
N HIS A 672 53.92 14.31 35.10
CA HIS A 672 54.75 13.62 34.12
C HIS A 672 54.81 12.14 34.48
N ILE A 673 54.60 11.29 33.47
CA ILE A 673 54.64 9.85 33.65
C ILE A 673 55.88 9.34 32.92
N ALA A 674 56.95 9.09 33.67
CA ALA A 674 58.22 8.65 33.11
C ALA A 674 58.34 7.14 33.29
N SER A 675 58.59 6.43 32.19
CA SER A 675 58.69 4.98 32.23
C SER A 675 59.94 4.58 33.00
N ALA A 676 59.77 4.13 34.23
CA ALA A 676 60.90 3.71 35.04
C ALA A 676 61.45 2.37 34.55
N ALA A 677 62.78 2.28 34.48
CA ALA A 677 63.43 1.05 34.03
C ALA A 677 63.34 -0.04 35.08
N GLU B 60 -2.72 -55.95 -17.19
CA GLU B 60 -1.58 -55.91 -18.10
C GLU B 60 -1.42 -54.51 -18.67
N VAL B 61 -2.49 -53.72 -18.62
CA VAL B 61 -2.51 -52.36 -19.14
C VAL B 61 -2.72 -51.42 -17.96
N TYR B 62 -1.84 -50.42 -17.85
CA TYR B 62 -1.91 -49.41 -16.78
C TYR B 62 -1.85 -50.07 -15.41
N LEU B 63 -0.75 -50.76 -15.16
CA LEU B 63 -0.56 -51.48 -13.91
C LEU B 63 0.09 -50.63 -12.83
N PHE B 64 0.98 -49.72 -13.22
CA PHE B 64 1.77 -48.96 -12.25
C PHE B 64 1.04 -47.68 -11.83
N HIS B 65 1.75 -46.86 -11.09
CA HIS B 65 1.36 -45.53 -10.69
C HIS B 65 2.47 -44.55 -11.07
N PRO B 66 2.13 -43.34 -11.52
CA PRO B 66 3.17 -42.40 -11.95
C PRO B 66 4.20 -42.07 -10.88
N ALA B 67 3.80 -42.12 -9.60
CA ALA B 67 4.76 -41.87 -8.54
C ALA B 67 5.87 -42.92 -8.53
N GLN B 68 5.58 -44.13 -9.00
CA GLN B 68 6.62 -45.14 -9.11
C GLN B 68 7.71 -44.73 -10.09
N TYR B 69 7.30 -44.17 -11.23
CA TYR B 69 8.28 -43.65 -12.17
C TYR B 69 8.97 -42.41 -11.64
N GLU B 70 8.27 -41.60 -10.84
CA GLU B 70 8.90 -40.42 -10.26
C GLU B 70 10.01 -40.80 -9.30
N SER B 71 9.81 -41.84 -8.50
CA SER B 71 10.81 -42.33 -7.56
C SER B 71 11.32 -43.67 -8.10
N ALA B 72 12.30 -43.61 -8.99
CA ALA B 72 12.83 -44.77 -9.67
C ALA B 72 14.33 -44.63 -9.79
N PRO B 73 15.06 -45.73 -9.98
CA PRO B 73 16.49 -45.62 -10.23
C PRO B 73 16.78 -44.85 -11.51
N ALA B 74 18.01 -44.34 -11.61
CA ALA B 74 18.36 -43.45 -12.71
C ALA B 74 18.18 -44.11 -14.07
N THR B 75 18.25 -45.44 -14.13
CA THR B 75 18.07 -46.12 -15.40
C THR B 75 16.65 -45.96 -15.93
N THR B 76 15.66 -45.97 -15.04
CA THR B 76 14.26 -45.96 -15.46
C THR B 76 13.54 -44.65 -15.18
N ARG B 77 14.15 -43.73 -14.44
CA ARG B 77 13.48 -42.46 -14.19
C ARG B 77 13.43 -41.66 -15.49
N PRO B 78 12.24 -41.29 -15.97
CA PRO B 78 12.12 -40.81 -17.35
C PRO B 78 12.60 -39.38 -17.56
N ASN B 79 12.74 -38.57 -16.52
CA ASN B 79 13.21 -37.19 -16.67
C ASN B 79 14.69 -37.06 -16.41
N VAL B 80 15.45 -38.14 -16.55
CA VAL B 80 16.90 -38.12 -16.34
C VAL B 80 17.59 -38.13 -17.69
N LEU B 81 18.49 -37.15 -17.89
CA LEU B 81 19.24 -37.06 -19.13
C LEU B 81 20.36 -38.10 -19.14
N HIS B 82 20.44 -38.88 -20.21
CA HIS B 82 21.45 -39.92 -20.35
C HIS B 82 22.38 -39.55 -21.50
N TYR B 83 23.52 -38.96 -21.17
CA TYR B 83 24.52 -38.54 -22.14
C TYR B 83 25.90 -39.03 -21.69
N PRO B 84 26.17 -40.33 -21.82
CA PRO B 84 27.48 -40.85 -21.45
C PRO B 84 28.56 -40.33 -22.39
N ALA B 85 29.76 -40.19 -21.83
CA ALA B 85 30.89 -39.68 -22.59
C ALA B 85 31.42 -40.75 -23.55
N GLU B 86 31.61 -40.36 -24.81
CA GLU B 86 32.22 -41.24 -25.81
C GLU B 86 33.74 -41.07 -25.75
N SER B 87 34.32 -41.59 -24.66
CA SER B 87 35.72 -41.32 -24.36
C SER B 87 36.67 -41.91 -25.38
N THR B 88 36.23 -42.87 -26.19
CA THR B 88 37.08 -43.46 -27.21
C THR B 88 37.03 -42.72 -28.54
N ASN B 89 36.14 -41.74 -28.67
CA ASN B 89 36.01 -41.01 -29.93
C ASN B 89 37.16 -40.01 -30.06
N PRO B 90 37.87 -40.00 -31.19
CA PRO B 90 38.99 -39.05 -31.34
C PRO B 90 38.59 -37.59 -31.20
N GLU B 91 37.42 -37.22 -31.72
CA GLU B 91 36.95 -35.85 -31.57
C GLU B 91 36.74 -35.51 -30.10
N PHE B 92 36.24 -36.47 -29.32
CA PHE B 92 36.07 -36.26 -27.89
C PHE B 92 37.41 -35.99 -27.22
N LYS B 93 38.44 -36.74 -27.58
CA LYS B 93 39.77 -36.53 -27.01
C LYS B 93 40.32 -35.17 -27.40
N ALA B 94 40.15 -34.78 -28.67
CA ALA B 94 40.64 -33.48 -29.10
C ALA B 94 39.95 -32.34 -28.36
N ASN B 95 38.63 -32.44 -28.19
CA ASN B 95 37.90 -31.43 -27.43
C ASN B 95 38.37 -31.40 -25.98
N THR B 96 38.60 -32.57 -25.38
CA THR B 96 39.09 -32.61 -24.01
C THR B 96 40.45 -31.94 -23.89
N GLU B 97 41.34 -32.19 -24.85
CA GLU B 97 42.67 -31.56 -24.81
C GLU B 97 42.57 -30.05 -24.94
N ARG B 98 41.72 -29.57 -25.85
CA ARG B 98 41.55 -28.13 -26.00
C ARG B 98 41.02 -27.49 -24.71
N MET B 99 39.99 -28.09 -24.13
CA MET B 99 39.42 -27.53 -22.91
C MET B 99 40.43 -27.57 -21.77
N LYS B 100 41.21 -28.64 -21.68
CA LYS B 100 42.23 -28.74 -20.64
C LYS B 100 43.28 -27.65 -20.81
N ALA B 101 43.72 -27.40 -22.04
CA ALA B 101 44.69 -26.34 -22.27
C ALA B 101 44.12 -24.97 -21.89
N LEU B 102 42.87 -24.71 -22.28
CA LEU B 102 42.27 -23.41 -21.95
C LEU B 102 42.14 -23.23 -20.44
N THR B 103 41.70 -24.26 -19.73
CA THR B 103 41.53 -24.15 -18.29
C THR B 103 42.87 -24.01 -17.59
N ALA B 104 43.90 -24.70 -18.08
CA ALA B 104 45.24 -24.55 -17.52
C ALA B 104 45.73 -23.13 -17.70
N GLU B 105 45.51 -22.54 -18.88
CA GLU B 105 45.91 -21.15 -19.09
C GLU B 105 45.16 -20.21 -18.16
N LEU B 106 43.86 -20.45 -17.97
CA LEU B 106 43.08 -19.61 -17.05
C LEU B 106 43.64 -19.67 -15.64
N ARG B 107 43.89 -20.88 -15.14
CA ARG B 107 44.44 -21.03 -13.79
C ARG B 107 45.81 -20.40 -13.68
N ARG B 108 46.63 -20.53 -14.73
CA ARG B 108 47.95 -19.92 -14.71
C ARG B 108 47.87 -18.41 -14.61
N ARG B 109 46.96 -17.78 -15.37
CA ARG B 109 46.81 -16.34 -15.28
C ARG B 109 46.34 -15.90 -13.90
N VAL B 110 45.38 -16.63 -13.33
CA VAL B 110 44.92 -16.29 -11.98
C VAL B 110 46.07 -16.43 -10.98
N GLN B 111 46.86 -17.48 -11.11
CA GLN B 111 47.95 -17.72 -10.18
C GLN B 111 49.03 -16.64 -10.29
N VAL B 112 49.37 -16.23 -11.51
CA VAL B 112 50.39 -15.20 -11.65
C VAL B 112 49.87 -13.86 -11.14
N ILE B 113 48.55 -13.63 -11.24
CA ILE B 113 48.00 -12.43 -10.61
C ILE B 113 48.14 -12.50 -9.10
N VAL B 114 47.84 -13.66 -8.51
CA VAL B 114 47.88 -13.77 -7.05
C VAL B 114 49.31 -13.64 -6.53
N ASP B 115 50.25 -14.36 -7.15
CA ASP B 115 51.62 -14.42 -6.66
C ASP B 115 52.51 -13.33 -7.23
N GLY B 116 52.10 -12.65 -8.28
CA GLY B 116 52.95 -11.66 -8.93
C GLY B 116 53.95 -12.30 -9.85
N ASP B 117 54.27 -11.63 -10.96
CA ASP B 117 55.20 -12.18 -11.95
C ASP B 117 56.48 -11.36 -12.08
N SER B 118 56.37 -10.05 -12.34
CA SER B 118 57.54 -9.25 -12.59
C SER B 118 58.25 -8.87 -11.29
N GLU B 119 59.46 -8.34 -11.43
CA GLU B 119 60.21 -7.90 -10.26
C GLU B 119 59.62 -6.65 -9.65
N ALA B 120 58.97 -5.80 -10.46
CA ALA B 120 58.32 -4.62 -9.92
C ALA B 120 57.20 -5.01 -8.96
N ASP B 121 56.45 -6.06 -9.30
CA ASP B 121 55.44 -6.57 -8.38
C ASP B 121 56.07 -7.03 -7.07
N LYS B 122 57.21 -7.71 -7.15
CA LYS B 122 57.88 -8.17 -5.94
C LYS B 122 58.32 -7.00 -5.08
N ARG B 123 58.88 -5.95 -5.70
CA ARG B 123 59.30 -4.78 -4.95
C ARG B 123 58.10 -4.10 -4.28
N ALA B 124 57.00 -3.95 -5.02
CA ALA B 124 55.82 -3.31 -4.46
C ALA B 124 55.25 -4.12 -3.30
N ARG B 125 55.22 -5.45 -3.43
CA ARG B 125 54.73 -6.29 -2.36
C ARG B 125 55.66 -6.24 -1.15
N ASP B 126 56.97 -6.16 -1.38
CA ASP B 126 57.90 -6.02 -0.26
C ASP B 126 57.69 -4.71 0.48
N ARG B 127 57.48 -3.62 -0.26
CA ARG B 127 57.17 -2.34 0.38
C ARG B 127 55.88 -2.43 1.17
N HIS B 128 54.87 -3.09 0.60
CA HIS B 128 53.58 -3.22 1.27
C HIS B 128 53.70 -4.02 2.56
N ILE B 129 54.45 -5.12 2.53
CA ILE B 129 54.62 -5.96 3.71
C ILE B 129 55.45 -5.22 4.76
N SER B 130 56.48 -4.49 4.34
CA SER B 130 57.35 -3.80 5.28
C SER B 130 56.60 -2.71 6.05
N ARG B 131 55.44 -2.28 5.57
CA ARG B 131 54.62 -1.30 6.27
C ARG B 131 53.67 -1.95 7.29
N GLY B 132 53.77 -3.26 7.48
CA GLY B 132 52.84 -3.94 8.36
C GLY B 132 51.48 -4.19 7.78
N LYS B 133 51.36 -4.15 6.45
CA LYS B 133 50.09 -4.33 5.77
C LYS B 133 49.94 -5.76 5.27
N LEU B 134 48.71 -6.25 5.27
CA LEU B 134 48.37 -7.52 4.65
C LEU B 134 48.06 -7.31 3.18
N LEU B 135 48.38 -8.32 2.38
CA LEU B 135 48.00 -8.28 0.97
C LEU B 135 46.49 -8.41 0.83
N VAL B 136 45.99 -7.97 -0.32
CA VAL B 136 44.54 -7.84 -0.51
C VAL B 136 43.86 -9.20 -0.39
N HIS B 137 44.42 -10.23 -1.04
CA HIS B 137 43.84 -11.56 -0.91
C HIS B 137 43.99 -12.09 0.50
N GLN B 138 45.07 -11.73 1.19
CA GLN B 138 45.23 -12.11 2.59
C GLN B 138 44.19 -11.40 3.47
N ARG B 139 43.90 -10.14 3.17
CA ARG B 139 42.84 -9.44 3.89
C ARG B 139 41.49 -10.12 3.67
N ILE B 140 41.23 -10.56 2.44
CA ILE B 140 40.00 -11.30 2.18
C ILE B 140 39.97 -12.60 2.99
N GLU B 141 41.09 -13.33 2.99
CA GLU B 141 41.14 -14.60 3.70
C GLU B 141 40.91 -14.42 5.19
N LYS B 142 41.47 -13.36 5.78
CA LYS B 142 41.34 -13.16 7.21
C LYS B 142 40.09 -12.36 7.60
N LEU B 143 39.34 -11.83 6.64
CA LEU B 143 38.10 -11.14 6.96
C LEU B 143 36.90 -12.09 6.89
N VAL B 144 36.91 -13.01 5.93
CA VAL B 144 35.81 -13.95 5.76
C VAL B 144 35.93 -15.06 6.80
N ASP B 145 34.84 -15.80 6.99
CA ASP B 145 34.85 -16.93 7.91
C ASP B 145 35.90 -17.95 7.45
N PRO B 146 36.57 -18.63 8.37
CA PRO B 146 37.79 -19.37 8.01
C PRO B 146 37.60 -20.44 6.94
N MET B 147 36.49 -21.16 6.94
CA MET B 147 36.24 -22.21 5.95
C MET B 147 34.91 -21.91 5.28
N SER B 148 34.94 -21.09 4.23
CA SER B 148 33.73 -20.60 3.59
C SER B 148 34.07 -20.22 2.15
N PRO B 149 33.09 -20.25 1.26
CA PRO B 149 33.36 -19.88 -0.14
C PRO B 149 33.44 -18.37 -0.32
N PHE B 150 34.22 -17.98 -1.32
CA PHE B 150 34.36 -16.58 -1.69
C PHE B 150 34.27 -16.46 -3.19
N LEU B 151 33.27 -15.72 -3.68
CA LEU B 151 33.03 -15.56 -5.10
C LEU B 151 33.69 -14.27 -5.59
N GLU B 152 34.98 -14.38 -5.89
CA GLU B 152 35.69 -13.26 -6.50
C GLU B 152 35.22 -13.09 -7.94
N LEU B 153 34.89 -11.86 -8.33
CA LEU B 153 34.13 -11.66 -9.56
C LEU B 153 35.02 -11.39 -10.78
N SER B 154 35.72 -10.26 -10.79
CA SER B 154 36.51 -9.86 -11.95
C SER B 154 37.99 -10.13 -11.69
N GLN B 155 38.37 -11.41 -11.76
CA GLN B 155 39.75 -11.79 -11.45
C GLN B 155 40.71 -11.20 -12.48
N LEU B 156 40.38 -11.30 -13.77
CA LEU B 156 41.28 -10.92 -14.85
C LEU B 156 40.93 -9.57 -15.46
N ALA B 157 40.32 -8.68 -14.68
CA ALA B 157 40.05 -7.34 -15.16
C ALA B 157 41.35 -6.56 -15.35
N GLY B 158 41.36 -5.69 -16.35
CA GLY B 158 42.54 -4.89 -16.63
C GLY B 158 43.67 -5.61 -17.31
N GLY B 159 43.42 -6.78 -17.88
CA GLY B 159 44.45 -7.53 -18.57
C GLY B 159 44.72 -7.01 -19.97
N ASP B 160 45.92 -6.49 -20.19
CA ASP B 160 46.32 -5.90 -21.47
C ASP B 160 45.40 -4.75 -21.87
N LEU B 161 44.80 -4.10 -20.88
CA LEU B 161 43.86 -3.01 -21.15
C LEU B 161 44.56 -1.68 -21.36
N TYR B 162 45.50 -1.33 -20.48
CA TYR B 162 46.28 -0.11 -20.63
C TYR B 162 47.71 -0.48 -20.97
N PRO B 163 48.22 -0.10 -22.13
CA PRO B 163 49.58 -0.48 -22.50
C PRO B 163 50.61 0.10 -21.55
N GLY B 164 51.58 -0.73 -21.16
CA GLY B 164 52.63 -0.33 -20.26
C GLY B 164 52.33 -0.53 -18.79
N GLU B 165 51.11 -0.90 -18.44
CA GLU B 165 50.73 -1.12 -17.05
C GLU B 165 50.15 -2.51 -16.88
N ALA B 166 50.64 -3.24 -15.88
CA ALA B 166 50.09 -4.54 -15.51
C ALA B 166 49.07 -4.32 -14.39
N CYS B 167 47.89 -3.86 -14.78
CA CYS B 167 46.83 -3.51 -13.83
C CYS B 167 46.20 -4.81 -13.34
N HIS B 168 46.86 -5.44 -12.37
CA HIS B 168 46.39 -6.71 -11.83
C HIS B 168 45.07 -6.52 -11.12
N ARG B 169 44.09 -7.35 -11.47
CA ARG B 169 42.74 -7.30 -10.93
C ARG B 169 42.05 -5.96 -11.14
N GLY B 170 42.58 -5.12 -12.02
CA GLY B 170 42.05 -3.77 -12.15
C GLY B 170 42.35 -2.88 -10.98
N GLY B 171 43.33 -3.25 -10.15
CA GLY B 171 43.68 -2.48 -8.98
C GLY B 171 42.73 -2.63 -7.81
N ILE B 172 41.82 -3.59 -7.85
CA ILE B 172 40.79 -3.70 -6.84
C ILE B 172 40.23 -5.12 -6.88
N LEU B 173 39.94 -5.67 -5.70
CA LEU B 173 39.40 -7.01 -5.57
C LEU B 173 37.95 -6.89 -5.08
N THR B 174 37.03 -7.49 -5.81
CA THR B 174 35.62 -7.48 -5.45
C THR B 174 35.12 -8.91 -5.37
N GLY B 175 34.31 -9.19 -4.35
CA GLY B 175 33.80 -10.54 -4.22
C GLY B 175 32.66 -10.61 -3.24
N ILE B 176 32.04 -11.78 -3.17
CA ILE B 176 30.99 -12.06 -2.21
C ILE B 176 31.52 -13.08 -1.21
N GLY B 177 31.59 -12.68 0.06
CA GLY B 177 32.09 -13.53 1.12
C GLY B 177 31.01 -13.80 2.15
N VAL B 178 31.40 -14.60 3.15
CA VAL B 178 30.50 -14.97 4.25
C VAL B 178 31.15 -14.52 5.55
N VAL B 179 30.50 -13.60 6.24
CA VAL B 179 30.94 -13.13 7.55
C VAL B 179 29.82 -13.41 8.54
N HIS B 180 30.14 -14.17 9.58
CA HIS B 180 29.16 -14.55 10.60
C HIS B 180 27.92 -15.18 9.98
N GLY B 181 28.13 -15.97 8.93
CA GLY B 181 27.06 -16.66 8.26
C GLY B 181 26.25 -15.82 7.30
N MET B 182 26.58 -14.54 7.16
CA MET B 182 25.85 -13.63 6.30
C MET B 182 26.68 -13.32 5.06
N ARG B 183 26.04 -13.35 3.89
CA ARG B 183 26.74 -13.02 2.66
C ARG B 183 26.86 -11.52 2.51
N VAL B 184 28.09 -11.06 2.27
CA VAL B 184 28.40 -9.64 2.13
C VAL B 184 29.21 -9.44 0.87
N MET B 185 29.19 -8.21 0.37
CA MET B 185 30.00 -7.80 -0.76
C MET B 185 31.23 -7.07 -0.24
N ILE B 186 32.41 -7.57 -0.59
CA ILE B 186 33.68 -7.02 -0.13
C ILE B 186 34.37 -6.38 -1.32
N VAL B 187 34.78 -5.12 -1.13
CA VAL B 187 35.51 -4.34 -2.11
C VAL B 187 36.79 -3.86 -1.44
N ALA B 188 37.94 -4.33 -1.92
CA ALA B 188 39.21 -4.04 -1.29
C ALA B 188 40.18 -3.47 -2.31
N ASN B 189 40.75 -2.30 -2.00
CA ASN B 189 41.73 -1.69 -2.88
C ASN B 189 43.07 -2.41 -2.77
N ASP B 190 43.76 -2.53 -3.89
CA ASP B 190 45.08 -3.16 -3.94
C ASP B 190 46.12 -2.04 -4.06
N ALA B 191 46.78 -1.74 -2.95
CA ALA B 191 47.76 -0.67 -2.91
C ALA B 191 49.04 -1.01 -3.67
N THR B 192 49.22 -2.25 -4.09
CA THR B 192 50.39 -2.65 -4.85
C THR B 192 50.26 -2.44 -6.34
N VAL B 193 49.12 -1.91 -6.79
CA VAL B 193 48.88 -1.63 -8.19
C VAL B 193 48.86 -0.11 -8.35
N LYS B 194 50.00 0.47 -8.72
CA LYS B 194 50.13 1.91 -8.90
C LYS B 194 49.72 2.69 -7.66
N GLY B 195 50.04 2.13 -6.49
CA GLY B 195 49.66 2.78 -5.25
C GLY B 195 48.18 2.74 -4.95
N GLY B 196 47.42 1.89 -5.64
CA GLY B 196 46.00 1.82 -5.43
C GLY B 196 45.20 2.85 -6.18
N THR B 197 45.81 3.61 -7.08
CA THR B 197 45.09 4.64 -7.82
C THR B 197 44.02 4.04 -8.70
N TYR B 198 42.92 4.76 -8.86
CA TYR B 198 41.76 4.28 -9.59
C TYR B 198 41.96 4.51 -11.09
N TYR B 199 42.08 3.43 -11.84
CA TYR B 199 41.95 3.46 -13.29
C TYR B 199 40.48 3.53 -13.66
N PRO B 200 40.16 3.84 -14.92
CA PRO B 200 38.75 3.73 -15.34
C PRO B 200 38.16 2.35 -15.10
N ILE B 201 38.96 1.30 -15.34
CA ILE B 201 38.49 -0.05 -15.06
C ILE B 201 38.27 -0.26 -13.56
N THR B 202 39.08 0.37 -12.72
CA THR B 202 38.89 0.26 -11.28
C THR B 202 37.56 0.86 -10.86
N VAL B 203 37.24 2.04 -11.38
CA VAL B 203 35.95 2.68 -11.10
C VAL B 203 34.81 1.80 -11.60
N LYS B 204 34.96 1.25 -12.81
CA LYS B 204 33.90 0.41 -13.37
C LYS B 204 33.67 -0.83 -12.52
N LYS B 205 34.74 -1.47 -12.06
CA LYS B 205 34.61 -2.67 -11.24
C LYS B 205 34.00 -2.35 -9.88
N HIS B 206 34.41 -1.24 -9.28
CA HIS B 206 33.81 -0.82 -8.01
C HIS B 206 32.31 -0.56 -8.17
N LEU B 207 31.93 0.11 -9.26
CA LEU B 207 30.52 0.37 -9.52
C LEU B 207 29.75 -0.92 -9.76
N ARG B 208 30.37 -1.88 -10.46
CA ARG B 208 29.70 -3.16 -10.70
C ARG B 208 29.46 -3.90 -9.39
N ALA B 209 30.46 -3.90 -8.50
CA ALA B 209 30.29 -4.52 -7.21
C ALA B 209 29.16 -3.85 -6.42
N GLN B 210 29.12 -2.52 -6.46
CA GLN B 210 28.05 -1.80 -5.77
C GLN B 210 26.68 -2.14 -6.36
N ARG B 211 26.61 -2.27 -7.69
CA ARG B 211 25.35 -2.61 -8.33
C ARG B 211 24.87 -4.00 -7.89
N ILE B 212 25.78 -4.96 -7.87
CA ILE B 212 25.41 -6.31 -7.44
C ILE B 212 24.94 -6.29 -6.01
N ALA B 213 25.68 -5.60 -5.14
CA ALA B 213 25.31 -5.54 -3.73
C ALA B 213 23.96 -4.88 -3.53
N GLU B 214 23.69 -3.80 -4.26
CA GLU B 214 22.42 -3.10 -4.09
C GLU B 214 21.26 -3.94 -4.59
N GLU B 215 21.41 -4.57 -5.76
CA GLU B 215 20.29 -5.36 -6.28
C GLU B 215 20.10 -6.67 -5.54
N ASN B 216 21.09 -7.14 -4.77
CA ASN B 216 20.92 -8.32 -3.94
C ASN B 216 20.86 -8.01 -2.45
N ARG B 217 20.86 -6.72 -2.07
CA ARG B 217 20.81 -6.30 -0.66
C ARG B 217 21.93 -6.94 0.16
N LEU B 218 23.11 -6.99 -0.42
CA LEU B 218 24.29 -7.48 0.28
C LEU B 218 25.00 -6.33 0.95
N PRO B 219 25.26 -6.39 2.25
CA PRO B 219 26.03 -5.33 2.91
C PRO B 219 27.39 -5.17 2.27
N CYS B 220 27.83 -3.93 2.14
CA CYS B 220 29.08 -3.59 1.47
C CYS B 220 30.17 -3.33 2.50
N ILE B 221 31.34 -3.90 2.27
CA ILE B 221 32.53 -3.65 3.07
C ILE B 221 33.62 -3.16 2.13
N TYR B 222 34.11 -1.96 2.38
CA TYR B 222 35.14 -1.32 1.56
C TYR B 222 36.43 -1.28 2.35
N LEU B 223 37.42 -2.06 1.94
CA LEU B 223 38.75 -2.01 2.53
C LEU B 223 39.55 -1.00 1.71
N VAL B 224 39.71 0.21 2.25
CA VAL B 224 40.18 1.35 1.48
C VAL B 224 41.68 1.49 1.65
N ASP B 225 42.41 1.41 0.55
CA ASP B 225 43.83 1.76 0.50
C ASP B 225 44.12 2.22 -0.94
N SER B 226 44.00 3.53 -1.17
CA SER B 226 44.07 4.04 -2.52
C SER B 226 44.57 5.48 -2.53
N GLY B 227 45.47 5.78 -3.46
CA GLY B 227 45.94 7.15 -3.61
C GLY B 227 44.86 8.09 -4.10
N GLY B 228 43.98 7.61 -4.95
CA GLY B 228 42.91 8.38 -5.52
C GLY B 228 42.82 8.14 -7.01
N ALA B 229 42.02 8.94 -7.69
CA ALA B 229 41.94 8.86 -9.14
C ALA B 229 43.27 9.25 -9.76
N ASN B 230 43.69 8.51 -10.78
CA ASN B 230 44.95 8.82 -11.46
C ASN B 230 44.73 10.01 -12.39
N LEU B 231 45.60 11.01 -12.27
CA LEU B 231 45.43 12.25 -13.00
C LEU B 231 45.76 12.13 -14.48
N GLY B 232 46.47 11.07 -14.87
CA GLY B 232 46.80 10.88 -16.26
C GLY B 232 45.59 10.62 -17.13
N MET B 233 44.59 9.92 -16.61
CA MET B 233 43.38 9.56 -17.33
C MET B 233 42.15 10.17 -16.67
N GLN B 234 42.31 11.36 -16.10
CA GLN B 234 41.22 11.96 -15.33
C GLN B 234 39.99 12.20 -16.19
N GLY B 235 40.16 12.37 -17.49
CA GLY B 235 39.01 12.55 -18.37
C GLY B 235 38.10 11.34 -18.39
N ASP B 236 38.67 10.15 -18.25
CA ASP B 236 37.89 8.91 -18.25
C ASP B 236 37.53 8.43 -16.86
N VAL B 237 37.86 9.19 -15.82
CA VAL B 237 37.66 8.78 -14.45
C VAL B 237 36.75 9.75 -13.69
N PHE B 238 37.08 11.04 -13.73
CA PHE B 238 36.33 11.99 -12.92
C PHE B 238 34.94 12.32 -13.46
N PRO B 239 34.81 13.01 -14.62
CA PRO B 239 33.49 13.53 -15.01
C PRO B 239 32.64 12.59 -15.84
N ASP B 240 31.58 12.00 -15.27
CA ASP B 240 30.51 11.37 -16.03
C ASP B 240 29.52 10.77 -15.04
N GLU B 241 28.41 10.25 -15.57
CA GLU B 241 27.44 9.54 -14.73
C GLU B 241 28.07 8.30 -14.12
N GLN B 242 28.66 7.45 -14.96
CA GLN B 242 29.31 6.21 -14.49
C GLN B 242 30.77 6.44 -14.17
N HIS B 243 31.04 7.41 -13.30
CA HIS B 243 32.40 7.76 -12.91
C HIS B 243 32.55 7.81 -11.41
N PHE B 244 33.66 8.36 -10.93
CA PHE B 244 34.06 8.19 -9.53
C PHE B 244 33.00 8.67 -8.56
N GLY B 245 32.24 9.71 -8.90
CA GLY B 245 31.19 10.18 -8.01
C GLY B 245 30.00 9.25 -7.91
N ARG B 246 29.81 8.40 -8.92
CA ARG B 246 28.73 7.42 -8.84
C ARG B 246 28.94 6.45 -7.70
N ILE B 247 30.19 6.24 -7.26
CA ILE B 247 30.45 5.41 -6.09
C ILE B 247 29.77 5.99 -4.86
N PHE B 248 29.93 7.30 -4.66
CA PHE B 248 29.30 7.94 -3.50
C PHE B 248 27.79 8.01 -3.67
N PHE B 249 27.32 8.24 -4.89
CA PHE B 249 25.89 8.21 -5.14
C PHE B 249 25.29 6.85 -4.74
N ASN B 250 25.92 5.76 -5.20
CA ASN B 250 25.46 4.42 -4.86
C ASN B 250 25.54 4.17 -3.37
N GLN B 251 26.62 4.62 -2.74
CA GLN B 251 26.79 4.39 -1.30
C GLN B 251 25.68 5.08 -0.51
N ALA B 252 25.39 6.34 -0.85
CA ALA B 252 24.33 7.06 -0.16
C ALA B 252 22.97 6.40 -0.39
N ASN B 253 22.69 6.00 -1.63
CA ASN B 253 21.38 5.42 -1.92
C ASN B 253 21.23 4.05 -1.26
N MET B 254 22.29 3.25 -1.21
CA MET B 254 22.23 1.98 -0.52
C MET B 254 22.03 2.18 0.98
N SER B 255 22.72 3.17 1.56
CA SER B 255 22.53 3.46 2.98
C SER B 255 21.10 3.89 3.26
N ALA B 256 20.50 4.63 2.34
CA ALA B 256 19.12 5.06 2.53
C ALA B 256 18.15 3.88 2.48
N LYS B 257 18.50 2.81 1.77
CA LYS B 257 17.64 1.66 1.62
C LYS B 257 17.84 0.62 2.72
N GLY B 258 18.67 0.92 3.72
CA GLY B 258 18.91 -0.01 4.80
C GLY B 258 20.00 -1.01 4.56
N ILE B 259 20.71 -0.92 3.44
CA ILE B 259 21.84 -1.79 3.16
C ILE B 259 23.08 -1.20 3.80
N ALA B 260 23.68 -1.94 4.73
CA ALA B 260 24.76 -1.40 5.53
C ALA B 260 26.00 -1.15 4.68
N GLN B 261 26.65 -0.01 4.91
CA GLN B 261 27.89 0.36 4.26
C GLN B 261 28.97 0.49 5.34
N ILE B 262 30.02 -0.30 5.21
CA ILE B 262 31.10 -0.34 6.20
C ILE B 262 32.40 -0.01 5.47
N ALA B 263 33.21 0.86 6.06
CA ALA B 263 34.49 1.24 5.50
C ALA B 263 35.59 0.97 6.53
N THR B 264 36.66 0.33 6.09
CA THR B 264 37.84 0.10 6.92
C THR B 264 39.03 0.71 6.19
N VAL B 265 39.64 1.73 6.80
CA VAL B 265 40.70 2.48 6.15
C VAL B 265 42.02 1.81 6.53
N MET B 266 42.43 0.85 5.70
CA MET B 266 43.71 0.18 5.90
C MET B 266 44.89 1.02 5.43
N GLY B 267 44.64 2.00 4.58
CA GLY B 267 45.71 2.81 4.02
C GLY B 267 45.32 4.27 3.86
N SER B 268 45.56 4.82 2.67
CA SER B 268 45.26 6.21 2.40
C SER B 268 43.98 6.35 1.60
N CYS B 269 43.28 7.46 1.81
CA CYS B 269 42.16 7.87 0.97
C CYS B 269 42.20 9.37 0.83
N THR B 270 42.44 9.86 -0.39
CA THR B 270 42.71 11.26 -0.65
C THR B 270 41.65 11.84 -1.58
N ALA B 271 41.27 13.08 -1.31
CA ALA B 271 40.37 13.86 -2.17
C ALA B 271 39.04 13.13 -2.28
N GLY B 272 38.59 12.76 -3.48
CA GLY B 272 37.28 12.13 -3.61
C GLY B 272 37.17 10.85 -2.80
N GLY B 273 38.23 10.05 -2.77
CA GLY B 273 38.19 8.81 -2.01
C GLY B 273 37.89 9.03 -0.54
N ALA B 274 38.21 10.21 -0.02
CA ALA B 274 37.92 10.51 1.38
C ALA B 274 36.44 10.47 1.69
N TYR B 275 35.58 10.55 0.68
CA TYR B 275 34.15 10.45 0.90
C TYR B 275 33.74 9.03 1.28
N VAL B 276 34.52 8.02 0.89
CA VAL B 276 34.14 6.63 1.16
C VAL B 276 34.03 6.36 2.66
N PRO B 277 35.02 6.69 3.50
CA PRO B 277 34.81 6.50 4.94
C PRO B 277 33.72 7.39 5.51
N ALA B 278 33.62 8.63 5.01
CA ALA B 278 32.74 9.59 5.64
C ALA B 278 31.26 9.34 5.34
N MET B 279 30.97 8.74 4.19
CA MET B 279 29.59 8.47 3.80
C MET B 279 29.11 7.08 4.21
N SER B 280 29.93 6.31 4.90
CA SER B 280 29.55 4.99 5.36
C SER B 280 28.85 5.07 6.70
N ASP B 281 28.02 4.06 6.98
CA ASP B 281 27.33 4.00 8.26
C ASP B 281 28.32 3.86 9.41
N GLU B 282 29.32 3.00 9.25
CA GLU B 282 30.37 2.83 10.25
C GLU B 282 31.71 2.72 9.55
N SER B 283 32.74 3.32 10.14
CA SER B 283 34.05 3.37 9.53
C SER B 283 35.13 2.99 10.55
N ILE B 284 36.18 2.37 10.05
CA ILE B 284 37.33 1.94 10.84
C ILE B 284 38.59 2.50 10.19
N ILE B 285 39.52 2.97 11.01
CA ILE B 285 40.78 3.50 10.51
C ILE B 285 41.93 2.85 11.29
N VAL B 286 42.96 2.42 10.58
CA VAL B 286 44.15 1.83 11.19
C VAL B 286 45.09 2.95 11.60
N LYS B 287 45.75 2.78 12.75
CA LYS B 287 46.55 3.84 13.33
C LYS B 287 47.68 4.32 12.44
N GLY B 288 48.64 3.43 12.14
CA GLY B 288 49.82 3.86 11.42
C GLY B 288 49.55 4.24 9.98
N ASN B 289 48.84 3.38 9.25
CA ASN B 289 48.72 3.52 7.81
C ASN B 289 47.44 4.23 7.37
N GLY B 290 46.52 4.52 8.28
CA GLY B 290 45.25 5.12 7.91
C GLY B 290 45.32 6.63 7.90
N THR B 291 44.98 7.22 6.75
CA THR B 291 44.94 8.67 6.60
C THR B 291 43.72 9.06 5.79
N ILE B 292 42.98 10.07 6.28
CA ILE B 292 41.79 10.57 5.60
C ILE B 292 41.89 12.09 5.53
N PHE B 293 41.87 12.64 4.32
CA PHE B 293 41.84 14.08 4.14
C PHE B 293 41.35 14.41 2.74
N LEU B 294 40.61 15.51 2.65
CA LEU B 294 40.17 16.00 1.34
C LEU B 294 41.33 16.66 0.58
N GLY B 295 42.21 17.35 1.29
CA GLY B 295 43.37 17.95 0.68
C GLY B 295 44.66 17.38 1.21
N GLY B 296 45.49 16.84 0.33
CA GLY B 296 46.73 16.22 0.74
C GLY B 296 47.78 17.22 1.13
N PRO B 297 48.86 16.72 1.73
CA PRO B 297 49.95 17.60 2.15
C PRO B 297 50.55 18.40 1.00
N PRO B 298 50.71 17.83 -0.20
CA PRO B 298 51.15 18.69 -1.32
C PRO B 298 50.20 19.85 -1.58
N LEU B 299 48.90 19.59 -1.52
CA LEU B 299 47.92 20.64 -1.78
C LEU B 299 47.97 21.71 -0.69
N VAL B 300 48.05 21.29 0.57
CA VAL B 300 48.07 22.28 1.66
C VAL B 300 49.35 23.09 1.61
N PHE B 301 50.47 22.49 1.19
CA PHE B 301 51.69 23.26 1.08
C PHE B 301 51.63 24.23 -0.10
N ALA B 302 51.10 23.79 -1.24
CA ALA B 302 50.95 24.68 -2.39
C ALA B 302 49.95 25.80 -2.11
N ALA B 303 49.02 25.60 -1.19
CA ALA B 303 48.02 26.61 -0.88
C ALA B 303 48.49 27.58 0.19
N THR B 304 48.81 27.08 1.38
CA THR B 304 49.13 27.93 2.52
C THR B 304 50.62 27.96 2.85
N GLY B 305 51.46 27.21 2.13
CA GLY B 305 52.87 27.21 2.43
C GLY B 305 53.24 26.53 3.72
N GLU B 306 52.43 25.60 4.20
CA GLU B 306 52.69 24.87 5.43
C GLU B 306 53.02 23.41 5.13
N GLU B 307 53.93 22.85 5.91
CA GLU B 307 54.36 21.46 5.76
C GLU B 307 53.78 20.65 6.91
N VAL B 308 53.00 19.64 6.56
CA VAL B 308 52.39 18.73 7.55
C VAL B 308 52.51 17.31 7.04
N THR B 309 52.80 16.39 7.95
CA THR B 309 52.83 14.98 7.59
C THR B 309 51.40 14.44 7.45
N PRO B 310 51.20 13.38 6.66
CA PRO B 310 49.85 12.81 6.55
C PRO B 310 49.28 12.36 7.88
N GLU B 311 50.12 11.89 8.80
CA GLU B 311 49.62 11.42 10.09
C GLU B 311 49.01 12.56 10.89
N GLU B 312 49.70 13.71 10.96
CA GLU B 312 49.15 14.83 11.72
C GLU B 312 48.09 15.59 10.95
N LEU B 313 47.93 15.32 9.66
CA LEU B 313 46.87 15.94 8.87
C LEU B 313 45.56 15.16 8.98
N GLY B 314 45.59 13.88 8.63
CA GLY B 314 44.38 13.07 8.65
C GLY B 314 44.58 11.69 9.24
N GLY B 315 45.44 11.57 10.24
CA GLY B 315 45.73 10.29 10.85
C GLY B 315 44.57 9.77 11.68
N ALA B 316 44.80 8.60 12.27
CA ALA B 316 43.76 7.95 13.06
C ALA B 316 43.38 8.75 14.29
N ASP B 317 44.36 9.37 14.95
CA ASP B 317 44.07 10.13 16.17
C ASP B 317 43.15 11.32 15.87
N VAL B 318 43.44 12.08 14.81
CA VAL B 318 42.65 13.27 14.54
C VAL B 318 41.24 12.91 14.12
N HIS B 319 41.06 11.83 13.35
CA HIS B 319 39.75 11.44 12.88
C HIS B 319 38.99 10.54 13.84
N CYS B 320 39.62 10.08 14.92
CA CYS B 320 38.96 9.20 15.86
C CYS B 320 38.75 9.84 17.23
N ARG B 321 39.51 10.87 17.57
CA ARG B 321 39.36 11.54 18.86
C ARG B 321 38.78 12.94 18.75
N ALA B 322 39.02 13.65 17.66
CA ALA B 322 38.58 15.03 17.51
C ALA B 322 37.59 15.21 16.37
N SER B 323 37.92 14.75 15.17
CA SER B 323 37.07 14.99 14.02
C SER B 323 35.75 14.22 14.11
N GLY B 324 35.81 12.96 14.51
CA GLY B 324 34.62 12.14 14.57
C GLY B 324 34.23 11.50 13.25
N VAL B 325 35.07 11.59 12.22
CA VAL B 325 34.77 10.95 10.94
C VAL B 325 34.71 9.44 11.09
N THR B 326 35.67 8.86 11.82
CA THR B 326 35.74 7.42 12.00
C THR B 326 35.18 7.03 13.37
N ASP B 327 34.72 5.78 13.45
CA ASP B 327 34.08 5.28 14.65
C ASP B 327 34.90 4.26 15.42
N TYR B 328 35.85 3.59 14.78
CA TYR B 328 36.61 2.53 15.44
C TYR B 328 38.09 2.73 15.18
N PHE B 329 38.88 2.67 16.25
CA PHE B 329 40.32 2.83 16.19
C PHE B 329 40.96 1.45 16.14
N ALA B 330 41.70 1.17 15.07
CA ALA B 330 42.34 -0.12 14.87
C ALA B 330 43.84 0.03 15.03
N THR B 331 44.44 -0.88 15.81
CA THR B 331 45.88 -0.82 16.03
C THR B 331 46.66 -1.36 14.83
N ASP B 332 46.11 -2.34 14.11
CA ASP B 332 46.80 -2.94 12.98
C ASP B 332 45.74 -3.53 12.05
N ASP B 333 46.19 -4.21 11.00
CA ASP B 333 45.27 -4.79 10.03
C ASP B 333 44.40 -5.88 10.66
N LEU B 334 44.99 -6.72 11.50
CA LEU B 334 44.23 -7.80 12.11
C LEU B 334 43.15 -7.25 13.03
N HIS B 335 43.47 -6.24 13.83
CA HIS B 335 42.47 -5.60 14.67
C HIS B 335 41.39 -4.95 13.82
N ALA B 336 41.78 -4.38 12.68
CA ALA B 336 40.79 -3.77 11.80
C ALA B 336 39.81 -4.80 11.26
N LEU B 337 40.33 -5.96 10.84
CA LEU B 337 39.44 -7.02 10.34
C LEU B 337 38.56 -7.57 11.46
N TYR B 338 39.11 -7.68 12.67
CA TYR B 338 38.28 -8.09 13.80
C TYR B 338 37.15 -7.11 14.05
N LEU B 339 37.45 -5.81 14.01
CA LEU B 339 36.43 -4.79 14.21
C LEU B 339 35.38 -4.83 13.09
N THR B 340 35.83 -5.11 11.86
CA THR B 340 34.89 -5.27 10.77
C THR B 340 33.93 -6.43 11.03
N ARG B 341 34.47 -7.55 11.49
CA ARG B 341 33.62 -8.70 11.81
C ARG B 341 32.67 -8.36 12.95
N ARG B 342 33.13 -7.59 13.92
CA ARG B 342 32.26 -7.17 15.03
C ARG B 342 31.13 -6.28 14.53
N ILE B 343 31.44 -5.38 13.59
CA ILE B 343 30.39 -4.55 13.01
C ILE B 343 29.37 -5.40 12.28
N VAL B 344 29.84 -6.38 11.49
CA VAL B 344 28.91 -7.25 10.76
C VAL B 344 28.05 -8.04 11.74
N ALA B 345 28.64 -8.44 12.88
CA ALA B 345 27.91 -9.25 13.85
C ALA B 345 26.71 -8.51 14.43
N ASN B 346 26.77 -7.18 14.47
CA ASN B 346 25.74 -6.39 15.10
C ASN B 346 24.76 -5.77 14.10
N LEU B 347 24.74 -6.26 12.87
CA LEU B 347 23.67 -5.94 11.94
C LEU B 347 22.47 -6.80 12.30
N ASN B 348 21.35 -6.17 12.64
CA ASN B 348 20.17 -6.90 13.11
C ASN B 348 19.42 -7.49 11.93
N ARG B 349 20.13 -8.31 11.16
CA ARG B 349 19.60 -8.96 9.98
C ARG B 349 19.22 -10.40 10.34
N ASN B 350 17.98 -10.76 10.09
CA ASN B 350 17.50 -12.09 10.45
C ASN B 350 18.25 -13.16 9.67
N ASP B 351 18.45 -14.31 10.30
CA ASP B 351 19.21 -15.39 9.67
C ASP B 351 18.52 -15.89 8.40
N CYS B 352 17.20 -16.04 8.44
CA CYS B 352 16.46 -16.52 7.29
C CYS B 352 15.00 -16.13 7.45
N GLU B 353 14.39 -15.67 6.36
CA GLU B 353 12.96 -15.36 6.38
C GLU B 353 12.13 -16.61 6.63
N ARG B 354 12.51 -17.72 6.01
CA ARG B 354 11.84 -19.00 6.21
C ARG B 354 12.87 -20.04 6.65
N PRO B 355 12.66 -20.71 7.79
CA PRO B 355 13.66 -21.68 8.27
C PRO B 355 13.71 -22.99 7.50
N CYS B 356 12.91 -23.14 6.44
CA CYS B 356 12.92 -24.38 5.66
C CYS B 356 14.26 -24.55 4.97
N ARG B 357 14.78 -25.78 5.01
CA ARG B 357 16.10 -26.06 4.45
C ARG B 357 16.01 -26.57 3.01
N GLY B 358 15.32 -27.70 2.81
CA GLY B 358 15.19 -28.27 1.48
C GLY B 358 16.51 -28.65 0.84
N ARG B 359 17.43 -29.25 1.61
CA ARG B 359 18.74 -29.62 1.12
C ARG B 359 18.84 -31.10 0.78
N GLU B 360 17.71 -31.75 0.47
CA GLU B 360 17.70 -33.16 0.11
C GLU B 360 17.87 -33.30 -1.39
N PHE B 361 19.08 -33.02 -1.85
CA PHE B 361 19.40 -33.06 -3.27
C PHE B 361 20.42 -34.15 -3.56
N THR B 362 20.51 -34.51 -4.84
CA THR B 362 21.41 -35.51 -5.35
C THR B 362 22.39 -34.89 -6.33
N PRO B 363 23.68 -35.20 -6.23
CA PRO B 363 24.66 -34.63 -7.16
C PRO B 363 24.39 -35.09 -8.58
N PRO B 364 24.94 -34.40 -9.59
CA PRO B 364 24.77 -34.85 -10.97
C PRO B 364 25.31 -36.26 -11.17
N LEU B 365 24.63 -37.01 -12.03
CA LEU B 365 24.99 -38.40 -12.27
C LEU B 365 26.17 -38.57 -13.21
N TYR B 366 26.63 -37.49 -13.83
CA TYR B 366 27.77 -37.54 -14.75
C TYR B 366 28.83 -36.54 -14.31
N ASP B 367 30.08 -36.90 -14.52
CA ASP B 367 31.18 -36.10 -14.04
C ASP B 367 31.30 -34.82 -14.86
N PRO B 368 31.33 -33.65 -14.22
CA PRO B 368 31.55 -32.40 -14.99
C PRO B 368 32.88 -32.35 -15.69
N SER B 369 33.87 -33.13 -15.26
CA SER B 369 35.22 -33.03 -15.79
C SER B 369 35.28 -33.39 -17.27
N GLU B 370 34.28 -34.05 -17.80
CA GLU B 370 34.25 -34.42 -19.21
C GLU B 370 33.36 -33.52 -20.05
N ILE B 371 32.87 -32.41 -19.47
CA ILE B 371 32.05 -31.48 -20.24
C ILE B 371 32.80 -31.00 -21.47
N GLY B 372 34.09 -30.70 -21.30
CA GLY B 372 34.89 -30.24 -22.41
C GLY B 372 34.95 -31.21 -23.58
N GLY B 373 34.69 -32.49 -23.32
CA GLY B 373 34.64 -33.45 -24.42
C GLY B 373 33.55 -33.14 -25.42
N PHE B 374 32.44 -32.57 -24.96
CA PHE B 374 31.32 -32.26 -25.83
C PHE B 374 31.44 -30.89 -26.48
N ILE B 375 32.40 -30.07 -26.08
CA ILE B 375 32.50 -28.69 -26.55
C ILE B 375 33.43 -28.67 -27.76
N PRO B 376 32.95 -28.31 -28.94
CA PRO B 376 33.80 -28.28 -30.13
C PRO B 376 34.63 -26.99 -30.18
N ASP B 377 35.38 -26.84 -31.25
CA ASP B 377 36.22 -25.66 -31.45
C ASP B 377 35.35 -24.52 -31.97
N MET B 378 35.15 -23.50 -31.13
CA MET B 378 34.33 -22.37 -31.55
C MET B 378 35.00 -21.55 -32.64
N GLY B 379 36.32 -21.44 -32.61
CA GLY B 379 37.04 -20.77 -33.68
C GLY B 379 37.41 -21.73 -34.78
N ALA B 380 36.59 -21.78 -35.83
CA ALA B 380 36.82 -22.68 -36.94
C ALA B 380 36.08 -22.16 -38.16
N ASP B 381 36.49 -22.66 -39.33
CA ASP B 381 35.80 -22.27 -40.56
C ASP B 381 34.36 -22.72 -40.56
N VAL B 382 34.12 -23.96 -40.13
CA VAL B 382 32.76 -24.49 -39.97
C VAL B 382 32.65 -25.02 -38.54
N VAL B 383 31.75 -24.44 -37.77
CA VAL B 383 31.62 -24.78 -36.35
C VAL B 383 30.63 -25.93 -36.22
N LYS B 384 31.06 -27.01 -35.57
CA LYS B 384 30.19 -28.15 -35.37
C LYS B 384 29.15 -27.86 -34.30
N GLY B 385 28.04 -28.58 -34.37
CA GLY B 385 26.98 -28.45 -33.39
C GLY B 385 27.01 -29.59 -32.39
N PHE B 386 26.50 -29.32 -31.19
CA PHE B 386 26.44 -30.30 -30.14
C PHE B 386 25.14 -30.12 -29.37
N ASP B 387 24.78 -31.15 -28.61
CA ASP B 387 23.58 -31.11 -27.78
C ASP B 387 23.94 -30.49 -26.44
N VAL B 388 23.27 -29.38 -26.10
CA VAL B 388 23.55 -28.70 -24.85
C VAL B 388 23.05 -29.50 -23.66
N ARG B 389 22.15 -30.46 -23.88
CA ARG B 389 21.67 -31.29 -22.78
C ARG B 389 22.78 -32.08 -22.13
N ALA B 390 23.76 -32.53 -22.92
CA ALA B 390 24.92 -33.20 -22.35
C ALA B 390 25.64 -32.32 -21.34
N VAL B 391 25.64 -31.00 -21.56
CA VAL B 391 26.16 -30.09 -20.55
C VAL B 391 25.22 -30.04 -19.35
N ILE B 392 23.91 -29.94 -19.60
CA ILE B 392 22.95 -29.79 -18.52
C ILE B 392 22.97 -31.01 -17.62
N ALA B 393 23.15 -32.19 -18.20
CA ALA B 393 23.20 -33.41 -17.41
C ALA B 393 24.35 -33.41 -16.43
N ARG B 394 25.38 -32.59 -16.64
CA ARG B 394 26.55 -32.54 -15.77
C ARG B 394 26.55 -31.33 -14.86
N LEU B 395 25.42 -30.62 -14.74
CA LEU B 395 25.33 -29.44 -13.90
C LEU B 395 24.18 -29.46 -12.91
N VAL B 396 23.12 -30.21 -13.14
CA VAL B 396 21.90 -30.12 -12.35
C VAL B 396 21.77 -31.34 -11.46
N ASP B 397 20.92 -31.21 -10.45
CA ASP B 397 20.76 -32.24 -9.43
C ASP B 397 20.21 -33.52 -10.03
N GLY B 398 20.95 -34.62 -9.87
CA GLY B 398 20.50 -35.92 -10.30
C GLY B 398 20.32 -36.04 -11.80
N SER B 399 20.87 -35.09 -12.54
CA SER B 399 20.74 -35.04 -14.00
C SER B 399 19.28 -35.05 -14.44
N GLU B 400 18.40 -34.49 -13.61
CA GLU B 400 16.98 -34.45 -13.91
C GLU B 400 16.61 -33.13 -14.56
N PHE B 401 15.75 -33.19 -15.57
CA PHE B 401 15.46 -32.02 -16.39
C PHE B 401 14.10 -32.22 -17.04
N ASP B 402 13.13 -31.40 -16.65
CA ASP B 402 11.79 -31.45 -17.21
C ASP B 402 11.73 -30.46 -18.37
N GLU B 403 11.79 -30.98 -19.60
CA GLU B 403 11.81 -30.12 -20.77
C GLU B 403 10.42 -29.55 -21.05
N PHE B 404 10.38 -28.27 -21.45
CA PHE B 404 9.14 -27.52 -21.56
C PHE B 404 8.39 -27.81 -22.85
N LYS B 405 9.00 -27.51 -24.00
CA LYS B 405 8.43 -27.82 -25.31
C LYS B 405 9.49 -28.57 -26.09
N LYS B 406 9.54 -29.88 -25.91
CA LYS B 406 10.63 -30.68 -26.46
C LYS B 406 10.58 -30.75 -27.98
N LEU B 407 9.42 -30.59 -28.58
CA LEU B 407 9.24 -30.82 -30.01
C LEU B 407 8.93 -29.54 -30.79
N TYR B 408 8.85 -28.39 -30.13
CA TYR B 408 8.44 -27.16 -30.81
C TYR B 408 9.64 -26.27 -31.14
N GLY B 409 10.41 -25.88 -30.14
CA GLY B 409 11.57 -25.04 -30.37
C GLY B 409 12.65 -25.78 -31.14
N ASP B 410 13.15 -26.86 -30.56
CA ASP B 410 14.07 -27.80 -31.21
C ASP B 410 15.43 -27.16 -31.47
N THR B 411 15.55 -25.87 -31.19
CA THR B 411 16.84 -25.18 -31.21
C THR B 411 17.05 -24.34 -29.98
N LEU B 412 16.04 -24.20 -29.12
CA LEU B 412 16.18 -23.55 -27.82
C LEU B 412 15.60 -24.50 -26.80
N VAL B 413 16.45 -25.01 -25.90
CA VAL B 413 16.02 -25.97 -24.89
C VAL B 413 15.60 -25.20 -23.65
N CYS B 414 14.33 -25.33 -23.27
CA CYS B 414 13.80 -24.70 -22.08
C CYS B 414 13.30 -25.78 -21.14
N GLY B 415 13.63 -25.66 -19.87
CA GLY B 415 13.21 -26.69 -18.94
C GLY B 415 13.42 -26.27 -17.51
N PHE B 416 13.04 -27.16 -16.60
CA PHE B 416 13.19 -26.94 -15.17
C PHE B 416 14.23 -27.90 -14.62
N ALA B 417 15.04 -27.41 -13.69
CA ALA B 417 16.05 -28.22 -13.05
C ALA B 417 16.28 -27.69 -11.64
N ARG B 418 17.21 -28.31 -10.93
CA ARG B 418 17.50 -27.89 -9.57
C ARG B 418 19.01 -27.87 -9.34
N PHE B 419 19.47 -26.84 -8.64
CA PHE B 419 20.85 -26.71 -8.21
C PHE B 419 20.86 -26.76 -6.69
N GLU B 420 21.34 -27.88 -6.15
CA GLU B 420 21.37 -28.10 -4.70
C GLU B 420 20.02 -27.83 -4.06
N GLY B 421 18.96 -28.29 -4.73
CA GLY B 421 17.61 -28.15 -4.23
C GLY B 421 16.91 -26.87 -4.61
N MET B 422 17.59 -25.94 -5.28
CA MET B 422 16.97 -24.69 -5.69
C MET B 422 16.43 -24.83 -7.10
N LEU B 423 15.14 -24.58 -7.27
CA LEU B 423 14.50 -24.74 -8.56
C LEU B 423 14.88 -23.59 -9.49
N VAL B 424 15.27 -23.93 -10.72
CA VAL B 424 15.76 -22.97 -11.69
C VAL B 424 15.22 -23.32 -13.06
N GLY B 425 14.79 -22.31 -13.80
CA GLY B 425 14.44 -22.48 -15.20
C GLY B 425 15.66 -22.25 -16.07
N ILE B 426 15.93 -23.19 -16.96
CA ILE B 426 17.11 -23.17 -17.82
C ILE B 426 16.65 -22.91 -19.25
N VAL B 427 17.25 -21.90 -19.87
CA VAL B 427 17.08 -21.60 -21.29
C VAL B 427 18.46 -21.69 -21.93
N ALA B 428 18.62 -22.60 -22.88
CA ALA B 428 19.91 -22.85 -23.50
C ALA B 428 19.76 -22.86 -25.02
N ASN B 429 20.77 -22.35 -25.71
CA ASN B 429 20.76 -22.37 -27.17
C ASN B 429 21.19 -23.73 -27.69
N ASN B 430 20.53 -24.18 -28.75
CA ASN B 430 20.83 -25.47 -29.36
C ASN B 430 20.82 -25.37 -30.88
N GLY B 431 21.15 -24.21 -31.41
CA GLY B 431 21.17 -24.00 -32.85
C GLY B 431 20.71 -22.59 -33.19
N ILE B 432 20.30 -22.42 -34.45
CA ILE B 432 19.84 -21.12 -34.92
C ILE B 432 18.48 -20.80 -34.31
N LEU B 433 18.30 -19.56 -33.88
CA LEU B 433 17.01 -19.11 -33.37
C LEU B 433 16.02 -18.92 -34.50
N TYR B 434 14.83 -19.48 -34.34
CA TYR B 434 13.72 -19.31 -35.25
C TYR B 434 12.60 -18.54 -34.56
N SER B 435 11.52 -18.28 -35.30
CA SER B 435 10.35 -17.65 -34.70
C SER B 435 9.74 -18.54 -33.63
N GLU B 436 9.66 -19.85 -33.92
CA GLU B 436 9.11 -20.79 -32.93
C GLU B 436 9.97 -20.83 -31.69
N SER B 437 11.29 -20.85 -31.84
CA SER B 437 12.18 -20.90 -30.69
C SER B 437 12.07 -19.63 -29.86
N ALA B 438 11.98 -18.48 -30.52
CA ALA B 438 11.82 -17.22 -29.79
C ALA B 438 10.50 -17.17 -29.03
N LEU B 439 9.42 -17.61 -29.68
CA LEU B 439 8.12 -17.68 -28.99
C LEU B 439 8.18 -18.61 -27.79
N LYS B 440 8.82 -19.77 -27.97
CA LYS B 440 8.95 -20.73 -26.87
C LYS B 440 9.75 -20.14 -25.72
N GLY B 441 10.85 -19.45 -26.03
CA GLY B 441 11.64 -18.83 -24.98
C GLY B 441 10.87 -17.75 -24.25
N ALA B 442 10.13 -16.92 -24.98
CA ALA B 442 9.33 -15.88 -24.33
C ALA B 442 8.26 -16.49 -23.44
N HIS B 443 7.57 -17.52 -23.91
CA HIS B 443 6.54 -18.16 -23.10
C HIS B 443 7.14 -18.79 -21.85
N PHE B 444 8.30 -19.43 -21.99
CA PHE B 444 8.95 -20.04 -20.83
C PHE B 444 9.40 -18.99 -19.83
N VAL B 445 9.92 -17.86 -20.31
CA VAL B 445 10.35 -16.80 -19.41
C VAL B 445 9.15 -16.21 -18.67
N GLU B 446 8.03 -16.02 -19.36
CA GLU B 446 6.82 -15.57 -18.69
C GLU B 446 6.36 -16.58 -17.64
N LEU B 447 6.42 -17.86 -17.98
CA LEU B 447 5.99 -18.90 -17.05
C LEU B 447 6.85 -18.90 -15.80
N CYS B 448 8.17 -18.77 -15.96
CA CYS B 448 9.06 -18.70 -14.80
C CYS B 448 8.85 -17.42 -14.00
N SER B 449 8.59 -16.31 -14.68
CA SER B 449 8.37 -15.04 -13.98
C SER B 449 7.11 -15.10 -13.12
N HIS B 450 6.04 -15.71 -13.64
CA HIS B 450 4.82 -15.83 -12.86
C HIS B 450 4.99 -16.71 -11.64
N ARG B 451 6.01 -17.56 -11.61
CA ARG B 451 6.25 -18.48 -10.50
C ARG B 451 7.43 -18.06 -9.63
N ASN B 452 8.06 -16.91 -9.92
CA ASN B 452 9.23 -16.45 -9.17
C ASN B 452 10.35 -17.49 -9.21
N ILE B 453 10.51 -18.13 -10.36
CA ILE B 453 11.57 -19.12 -10.57
C ILE B 453 12.76 -18.43 -11.21
N PRO B 454 13.95 -18.49 -10.62
CA PRO B 454 15.12 -17.86 -11.24
C PRO B 454 15.43 -18.50 -12.59
N LEU B 455 16.01 -17.69 -13.48
CA LEU B 455 16.32 -18.11 -14.83
C LEU B 455 17.81 -18.30 -15.00
N LEU B 456 18.18 -19.33 -15.74
CA LEU B 456 19.57 -19.59 -16.10
C LEU B 456 19.66 -19.70 -17.62
N PHE B 457 20.43 -18.80 -18.22
CA PHE B 457 20.64 -18.77 -19.67
C PHE B 457 22.01 -19.36 -19.99
N LEU B 458 22.05 -20.25 -20.97
CA LEU B 458 23.30 -20.82 -21.47
C LEU B 458 23.43 -20.39 -22.92
N GLN B 459 24.30 -19.42 -23.18
CA GLN B 459 24.37 -18.78 -24.49
C GLN B 459 25.40 -19.46 -25.38
N ASN B 460 24.93 -20.00 -26.50
CA ASN B 460 25.79 -20.34 -27.65
C ASN B 460 24.95 -20.02 -28.88
N ILE B 461 25.03 -18.78 -29.34
CA ILE B 461 24.08 -18.26 -30.31
C ILE B 461 24.83 -17.59 -31.45
N THR B 462 24.37 -17.84 -32.67
CA THR B 462 24.94 -17.26 -33.88
C THR B 462 23.86 -16.57 -34.70
N GLY B 463 23.03 -15.78 -34.03
CA GLY B 463 22.01 -14.99 -34.70
C GLY B 463 20.75 -15.78 -35.04
N PHE B 464 19.85 -15.09 -35.74
CA PHE B 464 18.58 -15.66 -36.12
C PHE B 464 18.66 -16.24 -37.54
N MET B 465 17.55 -16.81 -37.99
CA MET B 465 17.44 -17.35 -39.35
C MET B 465 17.09 -16.21 -40.31
N VAL B 466 17.85 -16.13 -41.40
CA VAL B 466 17.66 -15.07 -42.37
C VAL B 466 16.83 -15.59 -43.52
N GLY B 467 16.27 -14.67 -44.31
CA GLY B 467 15.49 -15.04 -45.47
C GLY B 467 14.20 -14.26 -45.61
N LYS B 468 13.68 -14.20 -46.83
CA LYS B 468 12.44 -13.47 -47.09
C LYS B 468 11.26 -14.10 -46.36
N THR B 469 11.18 -15.43 -46.37
CA THR B 469 10.06 -16.12 -45.73
C THR B 469 10.07 -15.88 -44.22
N TYR B 470 11.24 -15.90 -43.60
CA TYR B 470 11.31 -15.76 -42.15
C TYR B 470 10.99 -14.34 -41.70
N GLU B 471 11.48 -13.35 -42.45
CA GLU B 471 11.09 -11.97 -42.15
C GLU B 471 9.60 -11.75 -42.38
N GLU B 472 9.06 -12.33 -43.45
CA GLU B 472 7.63 -12.20 -43.71
C GLU B 472 6.79 -12.87 -42.63
N GLY B 473 7.32 -13.93 -42.02
CA GLY B 473 6.62 -14.59 -40.92
C GLY B 473 6.68 -13.83 -39.62
N GLY B 474 7.48 -12.78 -39.53
CA GLY B 474 7.53 -11.95 -38.34
C GLY B 474 8.57 -12.38 -37.33
N ILE B 475 9.75 -12.77 -37.82
CA ILE B 475 10.80 -13.23 -36.90
C ILE B 475 11.27 -12.08 -36.02
N ALA B 476 11.30 -10.86 -36.55
CA ALA B 476 11.67 -9.71 -35.73
C ALA B 476 10.69 -9.51 -34.61
N LYS B 477 9.39 -9.69 -34.88
CA LYS B 477 8.38 -9.53 -33.84
C LYS B 477 8.54 -10.56 -32.74
N ASN B 478 8.83 -11.81 -33.11
CA ASN B 478 8.97 -12.86 -32.09
C ASN B 478 10.26 -12.68 -31.29
N GLY B 479 11.34 -12.29 -31.96
CA GLY B 479 12.55 -11.93 -31.23
C GLY B 479 12.32 -10.79 -30.28
N ALA B 480 11.51 -9.81 -30.69
CA ALA B 480 11.15 -8.71 -29.81
C ALA B 480 10.34 -9.21 -28.62
N LYS B 481 9.44 -10.16 -28.85
CA LYS B 481 8.68 -10.74 -27.73
C LYS B 481 9.62 -11.39 -26.72
N LEU B 482 10.59 -12.17 -27.22
CA LEU B 482 11.56 -12.78 -26.32
C LEU B 482 12.37 -11.73 -25.56
N VAL B 483 12.82 -10.69 -26.26
CA VAL B 483 13.61 -9.64 -25.63
C VAL B 483 12.79 -8.93 -24.56
N THR B 484 11.53 -8.63 -24.87
CA THR B 484 10.66 -7.98 -23.89
C THR B 484 10.44 -8.85 -22.66
N ALA B 485 10.19 -10.14 -22.87
CA ALA B 485 9.99 -11.04 -21.74
C ALA B 485 11.24 -11.10 -20.87
N VAL B 486 12.42 -11.17 -21.49
CA VAL B 486 13.65 -11.22 -20.71
C VAL B 486 13.87 -9.90 -19.97
N SER B 487 13.56 -8.77 -20.62
CA SER B 487 13.88 -7.48 -20.04
C SER B 487 12.97 -7.13 -18.87
N THR B 488 11.69 -7.43 -19.00
CA THR B 488 10.71 -6.93 -18.04
C THR B 488 10.44 -7.89 -16.89
N THR B 489 11.13 -9.03 -16.82
CA THR B 489 10.94 -9.93 -15.71
C THR B 489 11.69 -9.45 -14.47
N HIS B 490 11.23 -9.89 -13.31
CA HIS B 490 11.80 -9.49 -12.04
C HIS B 490 12.51 -10.60 -11.30
N VAL B 491 12.44 -11.84 -11.78
CA VAL B 491 13.13 -12.96 -11.14
C VAL B 491 14.63 -12.80 -11.36
N PRO B 492 15.47 -13.32 -10.47
CA PRO B 492 16.92 -13.27 -10.72
C PRO B 492 17.29 -14.03 -11.98
N LYS B 493 18.24 -13.49 -12.73
CA LYS B 493 18.69 -14.09 -13.98
C LYS B 493 20.20 -14.26 -13.93
N ILE B 494 20.68 -15.45 -14.31
CA ILE B 494 22.10 -15.74 -14.39
C ILE B 494 22.38 -16.29 -15.79
N THR B 495 23.34 -15.69 -16.49
CA THR B 495 23.68 -16.11 -17.84
C THR B 495 25.15 -16.53 -17.90
N ILE B 496 25.41 -17.59 -18.65
CA ILE B 496 26.75 -18.10 -18.86
C ILE B 496 26.98 -18.28 -20.35
N ILE B 497 28.06 -17.71 -20.86
CA ILE B 497 28.42 -17.84 -22.28
C ILE B 497 29.26 -19.10 -22.40
N ILE B 498 28.65 -20.17 -22.91
CA ILE B 498 29.35 -21.44 -23.06
C ILE B 498 29.92 -21.54 -24.47
N GLY B 499 29.25 -20.90 -25.43
CA GLY B 499 29.72 -20.92 -26.80
C GLY B 499 30.01 -19.54 -27.35
N GLY B 500 29.24 -19.12 -28.34
CA GLY B 500 29.38 -17.79 -28.93
C GLY B 500 28.12 -16.99 -28.74
N SER B 501 28.28 -15.69 -28.49
CA SER B 501 27.17 -14.75 -28.38
C SER B 501 27.38 -13.67 -29.44
N TYR B 502 26.55 -13.71 -30.48
CA TYR B 502 26.75 -12.86 -31.65
C TYR B 502 25.46 -12.10 -31.94
N GLY B 503 25.56 -10.77 -31.98
CA GLY B 503 24.49 -9.94 -32.50
C GLY B 503 23.23 -9.94 -31.66
N ALA B 504 22.11 -9.72 -32.34
CA ALA B 504 20.82 -9.56 -31.66
C ALA B 504 20.44 -10.81 -30.88
N GLY B 505 20.94 -11.98 -31.30
CA GLY B 505 20.69 -13.19 -30.53
C GLY B 505 21.17 -13.06 -29.10
N ASN B 506 22.34 -12.46 -28.91
CA ASN B 506 22.82 -12.14 -27.57
C ASN B 506 21.76 -11.37 -26.80
N TYR B 507 21.17 -10.37 -27.43
CA TYR B 507 20.13 -9.58 -26.78
C TYR B 507 18.95 -10.45 -26.38
N GLY B 508 18.62 -11.44 -27.21
CA GLY B 508 17.51 -12.31 -26.86
C GLY B 508 17.82 -13.32 -25.77
N MET B 509 19.09 -13.45 -25.38
CA MET B 509 19.50 -14.47 -24.43
C MET B 509 20.07 -13.86 -23.16
N CYS B 510 19.52 -12.71 -22.75
CA CYS B 510 19.91 -12.04 -21.50
C CYS B 510 21.41 -11.71 -21.49
N GLY B 511 21.80 -10.83 -22.39
CA GLY B 511 23.17 -10.37 -22.43
C GLY B 511 23.45 -9.39 -21.29
N ARG B 512 24.63 -8.78 -21.38
CA ARG B 512 25.07 -7.86 -20.34
C ARG B 512 24.15 -6.66 -20.21
N ALA B 513 23.56 -6.21 -21.32
CA ALA B 513 22.72 -5.02 -21.30
C ALA B 513 21.35 -5.25 -20.66
N PHE B 514 20.99 -6.49 -20.36
CA PHE B 514 19.64 -6.80 -19.89
C PHE B 514 19.60 -7.12 -18.40
N GLY B 515 20.65 -6.75 -17.67
CA GLY B 515 20.67 -6.83 -16.24
C GLY B 515 20.49 -8.21 -15.61
N PRO B 516 21.28 -9.19 -16.03
CA PRO B 516 21.37 -10.41 -15.23
C PRO B 516 22.09 -10.13 -13.92
N ARG B 517 21.77 -10.93 -12.91
CA ARG B 517 22.45 -10.79 -11.63
C ARG B 517 23.94 -11.06 -11.79
N PHE B 518 24.31 -12.09 -12.54
CA PHE B 518 25.69 -12.43 -12.79
C PHE B 518 25.83 -12.92 -14.23
N LEU B 519 27.02 -12.74 -14.79
CA LEU B 519 27.33 -13.21 -16.13
C LEU B 519 28.76 -13.71 -16.18
N PHE B 520 28.94 -14.96 -16.58
CA PHE B 520 30.25 -15.58 -16.64
C PHE B 520 30.48 -16.17 -18.02
N MET B 521 31.75 -16.25 -18.40
CA MET B 521 32.15 -16.80 -19.68
C MET B 521 33.10 -17.98 -19.47
N TRP B 522 32.91 -19.03 -20.27
CA TRP B 522 33.87 -20.11 -20.32
C TRP B 522 35.09 -19.69 -21.13
N PRO B 523 36.24 -20.31 -20.89
CA PRO B 523 37.46 -19.88 -21.58
C PRO B 523 37.41 -20.03 -23.08
N ASN B 524 36.52 -20.85 -23.61
CA ASN B 524 36.38 -21.01 -25.05
C ASN B 524 35.37 -20.04 -25.67
N ALA B 525 34.69 -19.24 -24.84
CA ALA B 525 33.60 -18.41 -25.32
C ALA B 525 34.11 -17.23 -26.14
N ARG B 526 33.29 -16.80 -27.10
CA ARG B 526 33.56 -15.63 -27.92
C ARG B 526 32.32 -14.76 -27.99
N ILE B 527 32.50 -13.45 -27.81
CA ILE B 527 31.41 -12.49 -27.86
C ILE B 527 31.78 -11.39 -28.84
N SER B 528 30.89 -11.14 -29.80
CA SER B 528 31.13 -10.13 -30.83
C SER B 528 29.79 -9.72 -31.41
N VAL B 529 29.82 -8.61 -32.16
CA VAL B 529 28.62 -8.17 -32.86
C VAL B 529 28.22 -9.17 -33.93
N MET B 530 29.18 -9.95 -34.43
CA MET B 530 28.89 -11.00 -35.40
C MET B 530 30.06 -11.97 -35.38
N GLY B 531 29.83 -13.16 -35.93
CA GLY B 531 30.88 -14.17 -35.97
C GLY B 531 32.05 -13.73 -36.84
N GLY B 532 33.22 -14.27 -36.52
CA GLY B 532 34.42 -13.89 -37.26
C GLY B 532 34.36 -14.27 -38.73
N ASN B 533 33.93 -15.50 -39.02
CA ASN B 533 33.74 -15.91 -40.40
C ASN B 533 32.64 -15.08 -41.06
N GLN B 534 31.54 -14.86 -40.34
CA GLN B 534 30.46 -14.05 -40.88
C GLN B 534 30.92 -12.62 -41.12
N ALA B 535 31.68 -12.05 -40.19
CA ALA B 535 32.19 -10.71 -40.38
C ALA B 535 33.09 -10.64 -41.60
N ALA B 536 34.00 -11.61 -41.75
CA ALA B 536 34.90 -11.61 -42.89
C ALA B 536 34.13 -11.69 -44.20
N THR B 537 33.19 -12.64 -44.30
CA THR B 537 32.44 -12.81 -45.53
C THR B 537 31.62 -11.57 -45.87
N VAL B 538 30.90 -11.02 -44.88
CA VAL B 538 30.03 -9.89 -45.14
C VAL B 538 30.85 -8.66 -45.50
N LEU B 539 31.95 -8.40 -44.78
CA LEU B 539 32.77 -7.23 -45.08
C LEU B 539 33.42 -7.36 -46.45
N ALA B 540 33.88 -8.56 -46.81
CA ALA B 540 34.47 -8.74 -48.13
C ALA B 540 33.43 -8.53 -49.23
N LEU B 541 32.21 -9.05 -49.04
CA LEU B 541 31.18 -8.92 -50.06
C LEU B 541 30.72 -7.47 -50.20
N THR B 542 30.58 -6.77 -49.08
CA THR B 542 30.09 -5.40 -49.12
C THR B 542 31.13 -4.44 -49.70
N ASN B 543 32.39 -4.60 -49.32
CA ASN B 543 33.43 -3.68 -49.74
C ASN B 543 33.76 -3.87 -51.22
N SER B 544 33.12 -3.09 -52.08
CA SER B 544 33.38 -3.18 -53.52
C SER B 544 34.72 -2.55 -53.91
N LYS B 545 35.25 -1.66 -53.06
CA LYS B 545 36.56 -1.07 -53.34
C LYS B 545 37.66 -2.12 -53.32
N LEU B 546 37.50 -3.15 -52.49
CA LEU B 546 38.55 -4.16 -52.35
C LEU B 546 38.78 -4.90 -53.66
N ARG B 547 40.03 -5.06 -54.04
CA ARG B 547 40.41 -5.75 -55.26
C ARG B 547 40.46 -7.26 -55.01
N GLU B 548 40.35 -8.03 -56.11
CA GLU B 548 40.42 -9.48 -56.00
C GLU B 548 41.77 -9.94 -55.49
N ASN B 549 42.83 -9.18 -55.79
CA ASN B 549 44.17 -9.54 -55.34
C ASN B 549 44.34 -9.39 -53.83
N GLU B 550 43.49 -8.61 -53.18
CA GLU B 550 43.60 -8.31 -51.76
C GLU B 550 42.39 -8.79 -50.98
N VAL B 551 41.91 -9.99 -51.29
CA VAL B 551 40.75 -10.54 -50.59
C VAL B 551 41.16 -11.39 -49.40
N GLN B 552 42.12 -12.31 -49.60
CA GLN B 552 42.50 -13.21 -48.52
C GLN B 552 43.13 -12.45 -47.35
N ASP B 553 43.97 -11.45 -47.65
CA ASP B 553 44.59 -10.68 -46.58
C ASP B 553 43.56 -9.92 -45.78
N PHE B 554 42.58 -9.32 -46.44
CA PHE B 554 41.53 -8.59 -45.75
C PHE B 554 40.72 -9.51 -44.85
N LYS B 555 40.34 -10.69 -45.36
CA LYS B 555 39.60 -11.65 -44.55
C LYS B 555 40.41 -12.11 -43.35
N ALA B 556 41.70 -12.40 -43.57
CA ALA B 556 42.55 -12.82 -42.46
C ALA B 556 42.68 -11.72 -41.42
N LYS B 557 42.82 -10.47 -41.84
CA LYS B 557 42.96 -9.36 -40.90
C LYS B 557 41.69 -9.19 -40.07
N VAL B 558 40.52 -9.22 -40.72
CA VAL B 558 39.29 -9.02 -39.97
C VAL B 558 39.01 -10.21 -39.06
N ARG B 559 39.33 -11.43 -39.51
CA ARG B 559 39.18 -12.59 -38.65
C ARG B 559 40.08 -12.51 -37.43
N SER B 560 41.33 -12.08 -37.62
CA SER B 560 42.24 -11.93 -36.50
C SER B 560 41.74 -10.86 -35.52
N LYS B 561 41.23 -9.74 -36.06
CA LYS B 561 40.71 -8.69 -35.19
C LYS B 561 39.52 -9.19 -34.37
N TYR B 562 38.60 -9.91 -35.00
CA TYR B 562 37.44 -10.41 -34.29
C TYR B 562 37.81 -11.48 -33.28
N GLU B 563 38.79 -12.34 -33.61
CA GLU B 563 39.26 -13.33 -32.66
C GLU B 563 39.91 -12.66 -31.45
N TYR B 564 40.67 -11.60 -31.68
CA TYR B 564 41.34 -10.91 -30.58
C TYR B 564 40.34 -10.18 -29.69
N GLU B 565 39.39 -9.48 -30.30
CA GLU B 565 38.43 -8.69 -29.53
C GLU B 565 37.25 -9.50 -29.03
N GLY B 566 37.14 -10.78 -29.40
CA GLY B 566 36.04 -11.59 -28.95
C GLY B 566 36.43 -12.62 -27.91
N SER B 567 37.73 -12.71 -27.60
CA SER B 567 38.19 -13.72 -26.67
C SER B 567 37.66 -13.46 -25.26
N CYS B 568 37.68 -14.50 -24.44
CA CYS B 568 37.19 -14.39 -23.08
C CYS B 568 37.99 -13.38 -22.28
N TYR B 569 39.31 -13.35 -22.47
CA TYR B 569 40.14 -12.43 -21.70
C TYR B 569 39.90 -10.98 -22.11
N TYR B 570 39.68 -10.74 -23.40
CA TYR B 570 39.37 -9.40 -23.85
C TYR B 570 38.08 -8.90 -23.21
N SER B 571 37.05 -9.75 -23.15
CA SER B 571 35.81 -9.37 -22.50
C SER B 571 36.01 -9.16 -21.01
N THR B 572 36.78 -10.04 -20.36
CA THR B 572 36.95 -9.98 -18.91
C THR B 572 37.69 -8.71 -18.49
N ALA B 573 38.73 -8.34 -19.23
CA ALA B 573 39.50 -7.15 -18.87
C ALA B 573 38.66 -5.89 -18.91
N ARG B 574 37.53 -5.90 -19.62
CA ARG B 574 36.69 -4.72 -19.79
C ARG B 574 35.41 -4.81 -18.98
N LEU B 575 35.33 -5.72 -18.02
CA LEU B 575 34.18 -5.85 -17.12
C LEU B 575 32.90 -6.09 -17.90
N TRP B 576 33.02 -6.71 -19.08
CA TRP B 576 31.84 -7.11 -19.84
C TRP B 576 31.16 -8.33 -19.24
N ASP B 577 31.85 -9.07 -18.37
CA ASP B 577 31.29 -10.20 -17.67
C ASP B 577 31.76 -10.13 -16.22
N ASP B 578 31.31 -11.11 -15.42
CA ASP B 578 31.73 -11.21 -14.03
C ASP B 578 32.80 -12.27 -13.83
N GLY B 579 33.67 -12.45 -14.80
CA GLY B 579 34.78 -13.38 -14.69
C GLY B 579 34.66 -14.56 -15.62
N VAL B 580 35.79 -15.25 -15.77
CA VAL B 580 35.89 -16.46 -16.58
C VAL B 580 36.02 -17.64 -15.63
N ILE B 581 35.20 -18.67 -15.84
CA ILE B 581 35.18 -19.84 -14.98
C ILE B 581 35.35 -21.08 -15.84
N ALA B 582 35.90 -22.13 -15.22
CA ALA B 582 36.03 -23.40 -15.90
C ALA B 582 34.67 -24.09 -15.97
N PRO B 583 34.41 -24.86 -17.03
CA PRO B 583 33.13 -25.57 -17.12
C PRO B 583 32.85 -26.49 -15.94
N GLU B 584 33.86 -27.21 -15.45
CA GLU B 584 33.63 -28.13 -14.35
C GLU B 584 33.27 -27.42 -13.05
N ASP B 585 33.65 -26.16 -12.90
CA ASP B 585 33.26 -25.37 -11.74
C ASP B 585 31.90 -24.70 -11.93
N THR B 586 31.32 -24.77 -13.13
CA THR B 586 30.14 -23.98 -13.44
C THR B 586 29.04 -24.18 -12.41
N ARG B 587 28.69 -25.44 -12.14
CA ARG B 587 27.64 -25.71 -11.16
C ARG B 587 27.92 -25.00 -9.85
N ALA B 588 29.12 -25.17 -9.31
CA ALA B 588 29.46 -24.51 -8.06
C ALA B 588 29.20 -23.02 -8.14
N VAL B 589 29.70 -22.38 -9.19
CA VAL B 589 29.52 -20.94 -9.34
C VAL B 589 28.04 -20.60 -9.28
N VAL B 590 27.23 -21.33 -10.07
CA VAL B 590 25.81 -21.03 -10.11
C VAL B 590 25.23 -21.08 -8.71
N VAL B 591 25.56 -22.13 -7.96
CA VAL B 591 24.99 -22.27 -6.63
C VAL B 591 25.30 -21.02 -5.80
N GLN B 592 26.57 -20.61 -5.80
CA GLN B 592 26.93 -19.44 -5.01
C GLN B 592 26.12 -18.23 -5.46
N ALA B 593 26.05 -18.03 -6.79
CA ALA B 593 25.28 -16.89 -7.29
C ALA B 593 23.84 -16.97 -6.82
N LEU B 594 23.24 -18.16 -6.90
CA LEU B 594 21.86 -18.30 -6.46
C LEU B 594 21.72 -17.93 -5.00
N LEU B 595 22.66 -18.38 -4.16
CA LEU B 595 22.57 -18.06 -2.75
C LEU B 595 22.67 -16.55 -2.54
N SER B 596 23.49 -15.87 -3.34
CA SER B 596 23.63 -14.43 -3.20
C SER B 596 22.31 -13.72 -3.48
N THR B 597 21.44 -14.34 -4.26
CA THR B 597 20.16 -13.73 -4.58
C THR B 597 19.07 -14.04 -3.56
N LEU B 598 19.37 -14.85 -2.53
CA LEU B 598 18.33 -15.22 -1.59
C LEU B 598 17.95 -14.07 -0.65
N SER B 599 18.83 -13.10 -0.47
CA SER B 599 18.52 -11.94 0.36
C SER B 599 17.86 -10.80 -0.41
N ALA B 600 17.64 -10.99 -1.71
CA ALA B 600 16.99 -9.96 -2.51
C ALA B 600 15.52 -9.81 -2.09
N PRO B 601 14.95 -8.60 -2.24
CA PRO B 601 13.56 -8.37 -1.84
C PRO B 601 12.56 -9.05 -2.76
N ASP C 11 58.63 -61.51 18.41
CA ASP C 11 57.19 -61.31 18.56
C ASP C 11 56.68 -60.28 17.56
N PHE C 12 55.62 -60.63 16.85
CA PHE C 12 55.06 -59.75 15.83
C PHE C 12 54.38 -58.54 16.46
N LYS C 13 54.53 -57.38 15.82
CA LYS C 13 53.80 -56.19 16.19
C LYS C 13 52.77 -55.77 15.15
N LYS C 14 53.05 -56.00 13.87
CA LYS C 14 52.11 -55.69 12.80
C LYS C 14 52.05 -56.84 11.82
N VAL C 15 50.83 -57.22 11.45
CA VAL C 15 50.58 -58.25 10.45
C VAL C 15 49.76 -57.64 9.32
N LEU C 16 50.23 -57.81 8.10
CA LEU C 16 49.54 -57.30 6.91
C LEU C 16 48.83 -58.45 6.22
N VAL C 17 47.53 -58.30 6.00
CA VAL C 17 46.72 -59.31 5.33
C VAL C 17 46.58 -58.88 3.86
N ALA C 18 46.99 -59.76 2.96
CA ALA C 18 47.03 -59.46 1.54
C ALA C 18 45.75 -59.85 0.81
N ASN C 19 44.74 -60.35 1.52
CA ASN C 19 43.50 -60.78 0.89
C ASN C 19 42.32 -60.11 1.58
N ARG C 20 41.39 -59.61 0.79
CA ARG C 20 40.19 -58.97 1.31
C ARG C 20 39.17 -60.01 1.74
N GLY C 21 37.99 -59.54 2.14
CA GLY C 21 36.89 -60.42 2.47
C GLY C 21 36.79 -60.73 3.95
N GLU C 22 36.06 -61.81 4.24
CA GLU C 22 35.83 -62.21 5.62
C GLU C 22 37.08 -62.80 6.27
N ILE C 23 37.99 -63.34 5.46
CA ILE C 23 39.23 -63.88 6.02
C ILE C 23 40.06 -62.76 6.63
N ALA C 24 40.08 -61.59 5.98
CA ALA C 24 40.77 -60.45 6.55
C ALA C 24 40.17 -60.06 7.89
N CYS C 25 38.84 -60.07 8.00
CA CYS C 25 38.20 -59.74 9.26
C CYS C 25 38.53 -60.78 10.33
N ARG C 26 38.57 -62.06 9.96
CA ARG C 26 38.93 -63.11 10.91
C ARG C 26 40.34 -62.90 11.44
N VAL C 27 41.28 -62.63 10.54
CA VAL C 27 42.67 -62.42 10.96
C VAL C 27 42.77 -61.16 11.82
N PHE C 28 42.02 -60.11 11.46
CA PHE C 28 42.04 -58.89 12.26
C PHE C 28 41.50 -59.15 13.65
N ARG C 29 40.44 -59.94 13.77
CA ARG C 29 39.88 -60.25 15.08
C ARG C 29 40.88 -61.03 15.93
N THR C 30 41.51 -62.04 15.34
CA THR C 30 42.46 -62.83 16.13
C THR C 30 43.72 -62.04 16.46
N CYS C 31 44.06 -61.03 15.64
CA CYS C 31 45.18 -60.17 15.97
C CYS C 31 44.81 -59.21 17.10
N ARG C 32 43.58 -58.70 17.09
CA ARG C 32 43.11 -57.86 18.20
C ARG C 32 43.08 -58.65 19.50
N GLU C 33 42.75 -59.96 19.41
CA GLU C 33 42.83 -60.80 20.59
C GLU C 33 44.26 -60.91 21.10
N MET C 34 45.25 -60.96 20.21
CA MET C 34 46.65 -61.11 20.58
C MET C 34 47.40 -59.79 20.67
N ASN C 35 46.71 -58.66 20.53
CA ASN C 35 47.29 -57.32 20.60
C ASN C 35 48.28 -57.05 19.47
N ILE C 36 48.01 -57.53 18.27
CA ILE C 36 48.83 -57.24 17.10
C ILE C 36 48.12 -56.18 16.27
N ARG C 37 48.84 -55.12 15.92
CA ARG C 37 48.28 -54.09 15.05
C ARG C 37 48.02 -54.65 13.65
N THR C 38 46.90 -54.26 13.07
CA THR C 38 46.43 -54.81 11.81
C THR C 38 46.62 -53.82 10.68
N VAL C 39 47.13 -54.30 9.55
CA VAL C 39 47.31 -53.50 8.34
C VAL C 39 46.53 -54.18 7.22
N ALA C 40 45.73 -53.40 6.50
CA ALA C 40 44.88 -53.92 5.45
C ALA C 40 45.40 -53.53 4.08
N VAL C 41 44.85 -54.16 3.06
CA VAL C 41 45.22 -53.94 1.66
C VAL C 41 43.94 -53.71 0.87
N CYS C 42 43.94 -52.71 0.01
CA CYS C 42 42.75 -52.36 -0.75
C CYS C 42 43.16 -51.66 -2.04
N CYS C 43 42.18 -51.40 -2.88
CA CYS C 43 42.36 -50.62 -4.10
C CYS C 43 41.56 -49.33 -4.01
N GLU C 44 41.71 -48.48 -5.02
CA GLU C 44 41.09 -47.16 -5.00
C GLU C 44 39.56 -47.21 -5.08
N GLY C 45 38.99 -48.36 -5.41
CA GLY C 45 37.55 -48.47 -5.54
C GLY C 45 36.87 -49.06 -4.32
N GLU C 46 37.51 -48.97 -3.15
CA GLU C 46 37.00 -49.56 -1.92
C GLU C 46 36.91 -48.48 -0.85
N PRO C 47 35.91 -47.60 -0.92
CA PRO C 47 35.78 -46.56 0.11
C PRO C 47 35.12 -47.05 1.39
N ASN C 48 34.39 -48.17 1.35
CA ASN C 48 33.67 -48.65 2.52
C ASN C 48 33.82 -50.16 2.69
N ALA C 49 34.95 -50.72 2.29
CA ALA C 49 35.18 -52.14 2.49
C ALA C 49 35.26 -52.46 3.98
N LYS C 50 34.65 -53.57 4.36
CA LYS C 50 34.54 -53.91 5.78
C LYS C 50 35.92 -54.13 6.39
N HIS C 51 36.81 -54.84 5.70
CA HIS C 51 38.13 -55.11 6.25
C HIS C 51 38.94 -53.84 6.40
N VAL C 52 38.75 -52.87 5.51
CA VAL C 52 39.44 -51.59 5.63
C VAL C 52 39.00 -50.87 6.90
N LEU C 53 37.70 -50.89 7.19
CA LEU C 53 37.20 -50.22 8.38
C LEU C 53 37.61 -50.95 9.65
N GLU C 54 37.74 -52.28 9.60
CA GLU C 54 38.08 -53.07 10.77
C GLU C 54 39.57 -53.10 11.06
N ALA C 55 40.40 -52.50 10.22
CA ALA C 55 41.84 -52.52 10.40
C ALA C 55 42.34 -51.20 10.93
N ASP C 56 43.49 -51.25 11.63
CA ASP C 56 44.10 -50.03 12.13
C ASP C 56 44.60 -49.15 11.01
N GLU C 57 45.20 -49.75 9.97
CA GLU C 57 45.73 -49.00 8.83
C GLU C 57 45.44 -49.78 7.55
N ALA C 58 45.43 -49.05 6.44
CA ALA C 58 45.21 -49.63 5.13
C ALA C 58 46.16 -48.99 4.13
N PHE C 59 46.49 -49.74 3.09
CA PHE C 59 47.38 -49.29 2.04
C PHE C 59 46.73 -49.59 0.70
N VAL C 60 46.64 -48.59 -0.17
CA VAL C 60 46.03 -48.78 -1.48
C VAL C 60 47.08 -49.32 -2.45
N LEU C 61 46.71 -50.33 -3.23
CA LEU C 61 47.66 -51.01 -4.10
C LEU C 61 47.79 -50.38 -5.47
N GLY C 62 46.96 -49.38 -5.80
CA GLY C 62 47.03 -48.75 -7.09
C GLY C 62 45.66 -48.64 -7.73
N PRO C 63 45.62 -48.78 -9.06
CA PRO C 63 44.33 -48.72 -9.76
C PRO C 63 43.42 -49.83 -9.30
N PRO C 64 42.11 -49.61 -9.33
CA PRO C 64 41.14 -50.67 -9.01
C PRO C 64 40.59 -51.38 -10.23
N PRO C 65 41.34 -52.27 -10.89
CA PRO C 65 40.67 -53.23 -11.78
C PRO C 65 40.38 -54.57 -11.13
N ALA C 66 40.68 -54.71 -9.84
CA ALA C 66 40.49 -55.93 -9.05
C ALA C 66 41.36 -57.10 -9.54
N SER C 67 42.21 -56.88 -10.53
CA SER C 67 43.12 -57.90 -11.03
C SER C 67 44.58 -57.56 -10.74
N THR C 68 45.04 -56.39 -11.19
CA THR C 68 46.40 -55.97 -10.83
C THR C 68 46.53 -55.76 -9.34
N SER C 69 45.56 -55.10 -8.72
CA SER C 69 45.54 -54.97 -7.28
C SER C 69 45.27 -56.32 -6.64
N TYR C 70 45.70 -56.46 -5.38
CA TYR C 70 45.63 -57.68 -4.58
C TYR C 70 46.49 -58.79 -5.15
N LEU C 71 47.24 -58.55 -6.23
CA LEU C 71 48.13 -59.54 -6.81
C LEU C 71 49.53 -59.03 -7.06
N ARG C 72 49.77 -57.73 -7.01
CA ARG C 72 51.11 -57.18 -7.18
C ARG C 72 51.92 -57.46 -5.93
N GLY C 73 52.80 -58.46 -6.01
CA GLY C 73 53.61 -58.81 -4.86
C GLY C 73 54.55 -57.70 -4.44
N ASP C 74 55.16 -57.02 -5.41
CA ASP C 74 56.07 -55.93 -5.10
C ASP C 74 55.35 -54.80 -4.39
N ARG C 75 54.13 -54.48 -4.83
CA ARG C 75 53.36 -53.42 -4.17
C ARG C 75 53.02 -53.81 -2.74
N ILE C 76 52.68 -55.08 -2.50
CA ILE C 76 52.39 -55.53 -1.15
C ILE C 76 53.63 -55.48 -0.27
N ILE C 77 54.79 -55.85 -0.84
CA ILE C 77 56.04 -55.76 -0.08
C ILE C 77 56.34 -54.31 0.29
N CYS C 78 56.15 -53.40 -0.66
CA CYS C 78 56.36 -51.97 -0.37
C CYS C 78 55.39 -51.49 0.69
N ALA C 79 54.13 -51.94 0.63
CA ALA C 79 53.15 -51.56 1.64
C ALA C 79 53.57 -52.04 3.02
N ALA C 80 54.02 -53.28 3.12
CA ALA C 80 54.44 -53.83 4.41
C ALA C 80 55.67 -53.11 4.94
N LYS C 81 56.61 -52.77 4.06
CA LYS C 81 57.81 -52.07 4.52
C LYS C 81 57.49 -50.65 4.96
N LYS C 82 56.62 -49.95 4.23
CA LYS C 82 56.29 -48.57 4.59
C LYS C 82 55.58 -48.50 5.94
N LEU C 83 54.68 -49.43 6.21
CA LEU C 83 53.92 -49.43 7.45
C LEU C 83 54.59 -50.23 8.56
N GLN C 84 55.85 -50.63 8.36
CA GLN C 84 56.63 -51.35 9.37
C GLN C 84 55.92 -52.63 9.80
N ALA C 85 55.31 -53.32 8.83
CA ALA C 85 54.66 -54.59 9.11
C ALA C 85 55.70 -55.66 9.47
N ASP C 86 55.38 -56.48 10.45
CA ASP C 86 56.29 -57.54 10.87
C ASP C 86 56.04 -58.85 10.14
N ALA C 87 54.79 -59.16 9.82
CA ALA C 87 54.47 -60.43 9.16
C ALA C 87 53.48 -60.19 8.03
N VAL C 88 53.44 -61.11 7.09
CA VAL C 88 52.50 -61.06 5.97
C VAL C 88 51.69 -62.35 5.97
N HIS C 89 50.37 -62.21 6.12
CA HIS C 89 49.43 -63.33 6.09
C HIS C 89 48.59 -63.24 4.84
N PRO C 90 48.65 -64.22 3.94
CA PRO C 90 47.92 -64.11 2.67
C PRO C 90 46.48 -64.61 2.70
N GLY C 91 46.03 -65.21 3.79
CA GLY C 91 44.69 -65.76 3.80
C GLY C 91 44.60 -66.99 2.91
N TYR C 92 43.37 -67.30 2.49
CA TYR C 92 43.12 -68.41 1.58
C TYR C 92 42.65 -67.95 0.21
N GLY C 93 42.70 -66.66 -0.08
CA GLY C 93 42.27 -66.13 -1.36
C GLY C 93 43.36 -66.20 -2.41
N PHE C 94 43.36 -65.22 -3.29
CA PHE C 94 44.36 -65.15 -4.34
C PHE C 94 45.72 -64.80 -3.75
N LEU C 95 46.77 -65.17 -4.49
CA LEU C 95 48.16 -64.91 -4.14
C LEU C 95 48.60 -65.63 -2.88
N SER C 96 47.79 -66.55 -2.36
CA SER C 96 48.12 -67.30 -1.16
C SER C 96 48.80 -68.63 -1.46
N GLU C 97 48.96 -68.98 -2.74
CA GLU C 97 49.62 -70.23 -3.12
C GLU C 97 50.74 -69.99 -4.12
N ASN C 98 51.21 -68.74 -4.25
CA ASN C 98 52.26 -68.41 -5.19
C ASN C 98 53.61 -68.48 -4.49
N ALA C 99 54.47 -69.39 -4.94
CA ALA C 99 55.78 -69.56 -4.32
C ALA C 99 56.65 -68.33 -4.51
N GLU C 100 56.53 -67.66 -5.66
CA GLU C 100 57.32 -66.47 -5.91
C GLU C 100 57.00 -65.37 -4.90
N PHE C 101 55.73 -65.19 -4.57
CA PHE C 101 55.35 -64.17 -3.59
C PHE C 101 55.94 -64.47 -2.23
N ALA C 102 55.89 -65.74 -1.79
CA ALA C 102 56.48 -66.09 -0.50
C ALA C 102 57.99 -65.90 -0.50
N SER C 103 58.64 -66.26 -1.61
CA SER C 103 60.08 -66.04 -1.72
C SER C 103 60.43 -64.56 -1.63
N ALA C 104 59.64 -63.72 -2.30
CA ALA C 104 59.85 -62.28 -2.22
C ALA C 104 59.61 -61.75 -0.81
N VAL C 105 58.60 -62.28 -0.12
CA VAL C 105 58.33 -61.88 1.26
C VAL C 105 59.53 -62.22 2.14
N LEU C 106 60.07 -63.43 1.98
CA LEU C 106 61.22 -63.84 2.79
C LEU C 106 62.45 -63.03 2.43
N ALA C 107 62.62 -62.68 1.15
CA ALA C 107 63.79 -61.94 0.72
C ALA C 107 63.83 -60.55 1.34
N ALA C 108 62.67 -59.88 1.41
CA ALA C 108 62.62 -58.52 1.95
C ALA C 108 62.82 -58.47 3.46
N GLY C 109 62.84 -59.61 4.14
CA GLY C 109 62.97 -59.66 5.57
C GLY C 109 61.67 -59.89 6.31
N LEU C 110 60.53 -59.74 5.65
CA LEU C 110 59.25 -60.01 6.28
C LEU C 110 59.07 -61.51 6.49
N LYS C 111 58.24 -61.86 7.46
CA LYS C 111 57.96 -63.24 7.79
C LYS C 111 56.64 -63.66 7.14
N PHE C 112 56.71 -64.68 6.30
CA PHE C 112 55.53 -65.20 5.62
C PHE C 112 54.78 -66.15 6.55
N VAL C 113 53.46 -65.96 6.65
CA VAL C 113 52.62 -66.81 7.50
C VAL C 113 52.13 -67.95 6.62
N GLY C 114 52.92 -69.02 6.56
CA GLY C 114 52.57 -70.17 5.76
C GLY C 114 53.73 -71.11 5.54
N PRO C 115 53.57 -72.04 4.60
CA PRO C 115 54.60 -73.05 4.36
C PRO C 115 55.81 -72.45 3.67
N PRO C 116 56.95 -73.14 3.69
CA PRO C 116 58.11 -72.65 2.95
C PRO C 116 57.82 -72.63 1.46
N PRO C 117 58.45 -71.73 0.71
CA PRO C 117 58.17 -71.63 -0.72
C PRO C 117 58.45 -72.91 -1.49
N ALA C 118 59.46 -73.69 -1.08
CA ALA C 118 59.77 -74.93 -1.79
C ALA C 118 58.62 -75.92 -1.71
N ALA C 119 58.07 -76.11 -0.51
CA ALA C 119 56.95 -77.04 -0.33
C ALA C 119 55.72 -76.57 -1.10
N MET C 120 55.44 -75.28 -1.06
CA MET C 120 54.29 -74.74 -1.78
C MET C 120 54.44 -74.90 -3.29
N LEU C 121 55.65 -74.67 -3.82
CA LEU C 121 55.89 -74.84 -5.24
C LEU C 121 55.81 -76.30 -5.65
N SER C 122 56.32 -77.20 -4.81
CA SER C 122 56.38 -78.61 -5.19
C SER C 122 55.00 -79.26 -5.23
N MET C 123 54.04 -78.72 -4.47
CA MET C 123 52.72 -79.33 -4.35
C MET C 123 51.66 -78.63 -5.21
N GLY C 124 52.08 -77.84 -6.19
CA GLY C 124 51.14 -77.12 -7.02
C GLY C 124 51.18 -77.53 -8.48
N SER C 125 52.03 -78.50 -8.81
CA SER C 125 52.19 -78.95 -10.18
C SER C 125 51.32 -80.17 -10.52
N LYS C 126 50.79 -80.86 -9.52
CA LYS C 126 49.94 -82.04 -9.64
C LYS C 126 50.69 -83.24 -10.23
N SER C 127 51.97 -83.09 -10.57
CA SER C 127 52.77 -84.21 -11.07
C SER C 127 53.90 -84.57 -10.13
N GLU C 128 54.75 -83.60 -9.74
CA GLU C 128 55.78 -83.88 -8.76
C GLU C 128 55.20 -84.20 -7.39
N SER C 129 54.06 -83.59 -7.06
CA SER C 129 53.40 -83.91 -5.80
C SER C 129 53.00 -85.37 -5.73
N LYS C 130 52.48 -85.91 -6.84
CA LYS C 130 52.14 -87.33 -6.88
C LYS C 130 53.38 -88.20 -6.71
N ARG C 131 54.49 -87.81 -7.33
CA ARG C 131 55.74 -88.57 -7.18
C ARG C 131 56.19 -88.57 -5.72
N ILE C 132 56.14 -87.41 -5.07
CA ILE C 132 56.56 -87.32 -3.68
C ILE C 132 55.65 -88.16 -2.80
N MET C 133 54.33 -88.11 -3.05
CA MET C 133 53.39 -88.87 -2.25
C MET C 133 53.60 -90.38 -2.43
N GLU C 134 53.89 -90.80 -3.67
CA GLU C 134 54.19 -92.21 -3.91
C GLU C 134 55.47 -92.63 -3.18
N ALA C 135 56.51 -91.80 -3.25
CA ALA C 135 57.77 -92.15 -2.61
C ALA C 135 57.69 -92.14 -1.09
N ALA C 136 56.64 -91.54 -0.52
CA ALA C 136 56.48 -91.47 0.92
C ALA C 136 55.68 -92.63 1.49
N GLY C 137 55.11 -93.49 0.64
CA GLY C 137 54.28 -94.58 1.12
C GLY C 137 52.83 -94.23 1.37
N VAL C 138 52.45 -92.98 1.16
CA VAL C 138 51.04 -92.59 1.31
C VAL C 138 50.21 -93.26 0.23
N PRO C 139 49.03 -93.80 0.55
CA PRO C 139 48.22 -94.45 -0.47
C PRO C 139 47.87 -93.52 -1.62
N ILE C 140 47.90 -94.06 -2.83
CA ILE C 140 47.62 -93.32 -4.06
C ILE C 140 46.51 -94.03 -4.80
N VAL C 141 45.77 -93.27 -5.61
CA VAL C 141 44.68 -93.87 -6.38
C VAL C 141 45.24 -94.94 -7.30
N PRO C 142 44.72 -96.16 -7.29
CA PRO C 142 45.29 -97.23 -8.11
C PRO C 142 44.99 -97.06 -9.58
N GLY C 143 45.76 -96.21 -10.26
CA GLY C 143 45.59 -96.00 -11.68
C GLY C 143 46.89 -96.20 -12.42
N TYR C 144 46.77 -96.37 -13.74
CA TYR C 144 47.89 -96.56 -14.62
C TYR C 144 48.06 -95.33 -15.51
N TYR C 145 49.27 -94.79 -15.56
CA TYR C 145 49.58 -93.60 -16.33
C TYR C 145 50.91 -93.77 -17.08
N GLY C 146 51.28 -94.99 -17.41
CA GLY C 146 52.54 -95.23 -18.07
C GLY C 146 52.52 -94.81 -19.53
N GLU C 147 53.73 -94.79 -20.12
CA GLU C 147 53.87 -94.39 -21.51
C GLU C 147 53.40 -95.47 -22.48
N ASP C 148 53.27 -96.71 -22.02
CA ASP C 148 52.86 -97.80 -22.90
C ASP C 148 51.35 -97.73 -23.13
N GLN C 149 50.95 -97.57 -24.39
CA GLN C 149 49.55 -97.50 -24.77
C GLN C 149 49.09 -98.73 -25.54
N ASN C 150 49.81 -99.85 -25.40
CA ASN C 150 49.43 -101.07 -26.09
C ASN C 150 48.11 -101.60 -25.54
N PRO C 151 47.16 -102.01 -26.39
CA PRO C 151 45.87 -102.48 -25.87
C PRO C 151 45.98 -103.65 -24.92
N ASP C 152 46.90 -104.60 -25.17
CA ASP C 152 47.04 -105.74 -24.28
C ASP C 152 47.61 -105.31 -22.92
N ARG C 153 48.60 -104.42 -22.93
CA ARG C 153 49.15 -103.92 -21.67
C ARG C 153 48.10 -103.12 -20.90
N LEU C 154 47.31 -102.31 -21.60
CA LEU C 154 46.24 -101.57 -20.94
C LEU C 154 45.20 -102.50 -20.34
N LEU C 155 44.85 -103.57 -21.07
CA LEU C 155 43.90 -104.54 -20.53
C LEU C 155 44.46 -105.24 -19.30
N HIS C 156 45.73 -105.60 -19.33
CA HIS C 156 46.35 -106.23 -18.16
C HIS C 156 46.37 -105.29 -16.97
N GLU C 157 46.68 -104.01 -17.21
CA GLU C 157 46.66 -103.04 -16.13
C GLU C 157 45.25 -102.85 -15.57
N ALA C 158 44.25 -102.85 -16.45
CA ALA C 158 42.86 -102.74 -15.99
C ALA C 158 42.47 -103.94 -15.15
N LYS C 159 42.90 -105.14 -15.55
CA LYS C 159 42.65 -106.33 -14.74
C LYS C 159 43.32 -106.22 -13.38
N THR C 160 44.55 -105.73 -13.36
CA THR C 160 45.28 -105.58 -12.10
C THR C 160 44.58 -104.58 -11.18
N ILE C 161 44.13 -103.45 -11.74
CA ILE C 161 43.47 -102.43 -10.94
C ILE C 161 42.16 -102.95 -10.36
N GLY C 162 41.34 -103.59 -11.20
CA GLY C 162 40.07 -104.11 -10.75
C GLY C 162 38.90 -103.25 -11.18
N PHE C 163 37.94 -103.86 -11.88
CA PHE C 163 36.77 -103.13 -12.33
C PHE C 163 35.91 -102.73 -11.13
N PRO C 164 35.16 -101.61 -11.24
CA PRO C 164 35.03 -100.71 -12.40
C PRO C 164 36.25 -99.80 -12.59
N VAL C 165 36.48 -99.33 -13.81
CA VAL C 165 37.60 -98.47 -14.12
C VAL C 165 37.12 -97.29 -14.95
N LEU C 166 37.97 -96.27 -15.06
CA LEU C 166 37.68 -95.06 -15.80
C LEU C 166 38.85 -94.76 -16.72
N ILE C 167 38.54 -94.37 -17.96
CA ILE C 167 39.54 -94.05 -18.97
C ILE C 167 39.45 -92.56 -19.27
N LYS C 168 40.59 -91.87 -19.19
CA LYS C 168 40.65 -90.44 -19.40
C LYS C 168 41.70 -90.11 -20.46
N ALA C 169 41.55 -88.93 -21.06
CA ALA C 169 42.58 -88.42 -21.96
C ALA C 169 43.69 -87.75 -21.15
N VAL C 170 44.90 -87.81 -21.69
CA VAL C 170 46.04 -87.18 -21.01
C VAL C 170 45.83 -85.68 -20.91
N SER C 171 45.36 -85.06 -22.00
CA SER C 171 45.03 -83.64 -22.00
C SER C 171 43.54 -83.40 -21.74
N GLY C 172 42.80 -84.44 -21.37
CA GLY C 172 41.38 -84.28 -21.15
C GLY C 172 41.08 -83.37 -19.97
N GLY C 173 40.04 -82.57 -20.12
CA GLY C 173 39.61 -81.66 -19.06
C GLY C 173 38.13 -81.44 -19.12
N GLY C 174 37.54 -81.12 -17.97
CA GLY C 174 36.12 -80.88 -17.89
C GLY C 174 35.26 -82.12 -18.02
N GLY C 175 35.81 -83.29 -17.75
CA GLY C 175 35.07 -84.53 -17.87
C GLY C 175 34.95 -85.08 -19.27
N LYS C 176 35.56 -84.45 -20.26
CA LYS C 176 35.48 -84.92 -21.63
C LYS C 176 36.48 -86.03 -21.88
N GLY C 177 36.08 -87.02 -22.68
CA GLY C 177 36.95 -88.13 -22.99
C GLY C 177 37.09 -89.16 -21.90
N MET C 178 36.15 -89.21 -20.96
CA MET C 178 36.18 -90.18 -19.88
C MET C 178 35.13 -91.26 -20.13
N LYS C 179 35.55 -92.52 -20.09
CA LYS C 179 34.67 -93.65 -20.33
C LYS C 179 34.71 -94.59 -19.14
N ILE C 180 33.54 -94.98 -18.66
CA ILE C 180 33.43 -95.87 -17.51
C ILE C 180 33.28 -97.30 -18.02
N VAL C 181 34.15 -98.19 -17.54
CA VAL C 181 34.16 -99.59 -17.94
C VAL C 181 33.82 -100.43 -16.71
N MET C 182 32.75 -101.22 -16.83
CA MET C 182 32.29 -102.09 -15.75
C MET C 182 32.68 -103.55 -15.97
N GLU C 183 32.73 -103.99 -17.22
CA GLU C 183 33.06 -105.37 -17.55
C GLU C 183 34.20 -105.40 -18.55
N GLU C 184 34.95 -106.51 -18.53
CA GLU C 184 36.13 -106.63 -19.38
C GLU C 184 35.76 -106.60 -20.87
N THR C 185 34.58 -107.14 -21.21
CA THR C 185 34.18 -107.20 -22.61
C THR C 185 34.03 -105.81 -23.21
N GLU C 186 33.48 -104.87 -22.44
CA GLU C 186 33.24 -103.53 -22.95
C GLU C 186 34.53 -102.72 -23.11
N PHE C 187 35.65 -103.22 -22.57
CA PHE C 187 36.89 -102.46 -22.57
C PHE C 187 37.38 -102.22 -23.99
N HIS C 188 37.30 -103.24 -24.85
CA HIS C 188 37.84 -103.12 -26.20
C HIS C 188 37.10 -102.07 -27.01
N LEU C 189 35.84 -101.80 -26.67
CA LEU C 189 35.09 -100.76 -27.36
C LEU C 189 35.28 -99.40 -26.69
N MET C 190 35.27 -99.38 -25.36
CA MET C 190 35.38 -98.12 -24.63
C MET C 190 36.73 -97.47 -24.85
N LEU C 191 37.80 -98.28 -24.90
CA LEU C 191 39.13 -97.73 -25.14
C LEU C 191 39.22 -97.07 -26.52
N GLU C 192 38.67 -97.74 -27.54
CA GLU C 192 38.68 -97.18 -28.88
C GLU C 192 37.86 -95.89 -28.94
N SER C 193 36.69 -95.90 -28.30
CA SER C 193 35.85 -94.69 -28.29
C SER C 193 36.56 -93.53 -27.61
N ALA C 194 37.21 -93.81 -26.48
CA ALA C 194 37.94 -92.78 -25.75
C ALA C 194 39.11 -92.24 -26.58
N LYS C 195 39.82 -93.13 -27.27
CA LYS C 195 40.92 -92.69 -28.13
C LYS C 195 40.42 -91.82 -29.26
N ARG C 196 39.29 -92.20 -29.87
CA ARG C 196 38.71 -91.40 -30.95
C ARG C 196 38.32 -90.02 -30.44
N GLU C 197 37.66 -89.96 -29.28
CA GLU C 197 37.25 -88.68 -28.73
C GLU C 197 38.45 -87.81 -28.37
N ALA C 198 39.50 -88.42 -27.79
CA ALA C 198 40.69 -87.67 -27.45
C ALA C 198 41.37 -87.12 -28.70
N ILE C 199 41.42 -87.92 -29.78
CA ILE C 199 41.98 -87.43 -31.03
C ILE C 199 41.14 -86.28 -31.59
N ASN C 200 39.82 -86.40 -31.54
CA ASN C 200 38.94 -85.36 -32.06
C ASN C 200 38.92 -84.11 -31.19
N PHE C 201 39.34 -84.19 -29.94
CA PHE C 201 39.32 -83.05 -29.05
C PHE C 201 40.70 -82.55 -28.65
N PHE C 202 41.67 -83.46 -28.48
CA PHE C 202 42.98 -83.07 -27.99
C PHE C 202 44.13 -83.54 -28.88
N LYS C 203 43.84 -84.27 -29.96
CA LYS C 203 44.87 -84.73 -30.90
C LYS C 203 45.95 -85.55 -30.19
N ASP C 204 45.53 -86.38 -29.23
CA ASP C 204 46.45 -87.24 -28.50
C ASP C 204 45.72 -88.51 -28.11
N ASP C 205 46.10 -89.64 -28.72
CA ASP C 205 45.42 -90.90 -28.47
C ASP C 205 45.85 -91.56 -27.18
N ARG C 206 46.86 -91.04 -26.49
CA ARG C 206 47.30 -91.63 -25.23
C ARG C 206 46.19 -91.51 -24.18
N VAL C 207 46.03 -92.56 -23.38
CA VAL C 207 44.96 -92.65 -22.41
C VAL C 207 45.53 -92.99 -21.04
N ILE C 208 44.75 -92.69 -20.02
CA ILE C 208 45.10 -92.98 -18.62
C ILE C 208 43.98 -93.80 -18.02
N LEU C 209 44.34 -94.92 -17.40
CA LEU C 209 43.37 -95.82 -16.77
C LEU C 209 43.47 -95.67 -15.26
N GLU C 210 42.33 -95.42 -14.61
CA GLU C 210 42.28 -95.26 -13.17
C GLU C 210 41.11 -96.06 -12.62
N ARG C 211 41.06 -96.19 -11.30
CA ARG C 211 39.96 -96.89 -10.66
C ARG C 211 38.82 -95.92 -10.41
N TYR C 212 37.64 -96.27 -10.91
CA TYR C 212 36.46 -95.42 -10.79
C TYR C 212 35.74 -95.69 -9.47
N VAL C 213 35.49 -94.63 -8.71
CA VAL C 213 34.77 -94.71 -7.45
C VAL C 213 33.34 -94.30 -7.70
N MET C 214 32.40 -95.23 -7.44
CA MET C 214 31.00 -94.95 -7.73
C MET C 214 30.37 -94.01 -6.73
N HIS C 215 30.83 -94.04 -5.47
CA HIS C 215 30.28 -93.21 -4.40
C HIS C 215 31.41 -92.49 -3.69
N PRO C 216 32.03 -91.50 -4.34
CA PRO C 216 33.16 -90.80 -3.72
C PRO C 216 32.69 -89.88 -2.60
N ARG C 217 33.61 -89.63 -1.66
CA ARG C 217 33.42 -88.63 -0.62
C ARG C 217 34.73 -87.88 -0.44
N HIS C 218 34.69 -86.55 -0.55
CA HIS C 218 35.89 -85.75 -0.35
C HIS C 218 36.08 -85.54 1.15
N ILE C 219 37.03 -86.26 1.75
CA ILE C 219 37.30 -86.18 3.18
C ILE C 219 38.59 -85.42 3.38
N GLU C 220 38.53 -84.34 4.16
CA GLU C 220 39.68 -83.47 4.39
C GLU C 220 40.17 -83.65 5.81
N CYS C 221 41.48 -83.88 5.95
CA CYS C 221 42.15 -83.91 7.25
C CYS C 221 43.03 -82.69 7.36
N GLN C 222 42.97 -82.00 8.49
CA GLN C 222 43.69 -80.76 8.71
C GLN C 222 44.89 -81.01 9.61
N ILE C 223 46.06 -80.59 9.17
CA ILE C 223 47.30 -80.80 9.89
C ILE C 223 47.93 -79.45 10.20
N PHE C 224 48.67 -79.39 11.30
CA PHE C 224 49.35 -78.18 11.72
C PHE C 224 50.75 -78.57 12.20
N PHE C 225 51.75 -77.94 11.62
CA PHE C 225 53.15 -78.28 11.88
C PHE C 225 53.92 -77.06 12.34
N ASP C 226 54.79 -77.27 13.33
CA ASP C 226 55.61 -76.21 13.89
C ASP C 226 56.87 -76.03 13.05
N SER C 227 57.68 -75.04 13.43
CA SER C 227 58.95 -74.81 12.77
C SER C 227 60.02 -75.82 13.18
N PHE C 228 59.80 -76.55 14.27
CA PHE C 228 60.77 -77.52 14.78
C PHE C 228 60.54 -78.92 14.22
N GLY C 229 59.52 -79.11 13.39
CA GLY C 229 59.24 -80.40 12.80
C GLY C 229 58.08 -81.15 13.43
N ASN C 230 57.60 -80.70 14.59
CA ASN C 230 56.45 -81.35 15.21
C ASN C 230 55.19 -81.10 14.39
N GLY C 231 54.25 -82.04 14.48
CA GLY C 231 53.02 -81.93 13.72
C GLY C 231 51.88 -82.61 14.44
N VAL C 232 50.68 -82.02 14.30
CA VAL C 232 49.48 -82.52 14.96
C VAL C 232 48.32 -82.43 13.97
N PHE C 233 47.53 -83.50 13.89
CA PHE C 233 46.34 -83.51 13.05
C PHE C 233 45.12 -83.03 13.83
N PHE C 234 44.09 -82.62 13.10
CA PHE C 234 42.90 -82.01 13.68
C PHE C 234 41.63 -82.69 13.14
N PHE C 235 41.64 -84.01 13.20
CA PHE C 235 40.47 -84.86 12.91
C PHE C 235 40.14 -84.73 11.42
N GLU C 236 38.87 -84.59 11.03
CA GLU C 236 38.48 -84.68 9.63
C GLU C 236 37.40 -83.65 9.33
N ARG C 237 37.22 -83.38 8.04
CA ARG C 237 36.16 -82.50 7.55
C ARG C 237 35.56 -83.12 6.30
N ASP C 238 34.24 -83.10 6.20
CA ASP C 238 33.54 -83.67 5.06
C ASP C 238 33.06 -82.55 4.15
N CYS C 239 33.43 -82.63 2.87
CA CYS C 239 33.04 -81.66 1.86
C CYS C 239 32.30 -82.34 0.70
N SER C 240 31.53 -83.39 1.02
CA SER C 240 30.87 -84.16 -0.03
C SER C 240 29.82 -83.33 -0.76
N VAL C 241 29.03 -82.56 -0.02
CA VAL C 241 27.93 -81.79 -0.61
C VAL C 241 28.50 -80.60 -1.36
N GLN C 242 28.60 -80.72 -2.68
CA GLN C 242 29.15 -79.67 -3.52
C GLN C 242 28.62 -79.83 -4.92
N ARG C 243 28.81 -78.79 -5.74
CA ARG C 243 28.33 -78.79 -7.12
C ARG C 243 29.38 -78.11 -7.99
N ARG C 244 29.88 -78.85 -8.99
CA ARG C 244 30.87 -78.34 -9.94
C ARG C 244 32.08 -77.73 -9.23
N HIS C 245 32.64 -78.52 -8.30
CA HIS C 245 33.83 -78.13 -7.55
C HIS C 245 33.63 -76.84 -6.76
N GLN C 246 32.41 -76.64 -6.26
CA GLN C 246 32.09 -75.48 -5.42
C GLN C 246 31.49 -76.00 -4.12
N LYS C 247 32.25 -75.87 -3.04
CA LYS C 247 31.79 -76.37 -1.75
C LYS C 247 30.56 -75.60 -1.28
N VAL C 248 29.61 -76.32 -0.69
CA VAL C 248 28.35 -75.72 -0.29
C VAL C 248 28.13 -75.91 1.21
N ILE C 249 28.10 -77.15 1.67
CA ILE C 249 27.83 -77.48 3.06
C ILE C 249 28.91 -78.41 3.56
N GLU C 250 29.46 -78.12 4.74
CA GLU C 250 30.51 -78.92 5.34
C GLU C 250 30.09 -79.35 6.74
N GLU C 251 30.68 -80.45 7.19
CA GLU C 251 30.37 -81.01 8.50
C GLU C 251 31.67 -81.45 9.17
N ALA C 252 31.66 -81.45 10.51
CA ALA C 252 32.82 -81.90 11.26
C ALA C 252 32.35 -82.44 12.60
N PRO C 253 32.71 -83.68 12.95
CA PRO C 253 33.52 -84.63 12.18
C PRO C 253 32.70 -85.28 11.07
N ALA C 254 33.34 -86.00 10.16
CA ALA C 254 32.61 -86.65 9.08
C ALA C 254 31.75 -87.78 9.64
N PRO C 255 30.44 -87.77 9.41
CA PRO C 255 29.59 -88.83 9.94
C PRO C 255 29.88 -90.17 9.29
N GLY C 256 29.64 -91.24 10.04
CA GLY C 256 29.87 -92.58 9.55
C GLY C 256 31.31 -93.00 9.48
N LEU C 257 32.19 -92.36 10.23
CA LEU C 257 33.61 -92.69 10.26
C LEU C 257 33.97 -93.25 11.63
N SER C 258 34.57 -94.44 11.63
CA SER C 258 34.98 -95.08 12.88
C SER C 258 36.19 -94.36 13.48
N VAL C 259 36.39 -94.58 14.78
CA VAL C 259 37.54 -93.98 15.46
C VAL C 259 38.84 -94.49 14.87
N ASP C 260 38.91 -95.79 14.58
CA ASP C 260 40.12 -96.36 13.98
C ASP C 260 40.37 -95.75 12.61
N MET C 261 39.32 -95.55 11.81
CA MET C 261 39.49 -94.94 10.49
C MET C 261 40.01 -93.52 10.62
N ARG C 262 39.49 -92.76 11.59
CA ARG C 262 39.97 -91.40 11.81
C ARG C 262 41.43 -91.39 12.25
N ARG C 263 41.81 -92.33 13.12
CA ARG C 263 43.20 -92.43 13.54
C ARG C 263 44.11 -92.74 12.35
N ARG C 264 43.67 -93.67 11.50
CA ARG C 264 44.46 -94.04 10.32
C ARG C 264 44.63 -92.85 9.38
N ILE C 265 43.54 -92.12 9.13
CA ILE C 265 43.60 -90.96 8.24
C ILE C 265 44.51 -89.88 8.82
N GLY C 266 44.39 -89.62 10.13
CA GLY C 266 45.25 -88.64 10.76
C GLY C 266 46.72 -89.02 10.69
N ASP C 267 47.03 -90.30 10.93
CA ASP C 267 48.41 -90.75 10.85
C ASP C 267 48.95 -90.62 9.43
N VAL C 268 48.13 -90.97 8.43
CA VAL C 268 48.57 -90.83 7.04
C VAL C 268 48.81 -89.36 6.71
N ALA C 269 47.92 -88.48 7.17
CA ALA C 269 48.09 -87.06 6.90
C ALA C 269 49.36 -86.52 7.54
N LEU C 270 49.63 -86.90 8.80
CA LEU C 270 50.84 -86.46 9.47
C LEU C 270 52.08 -86.97 8.74
N THR C 271 52.05 -88.23 8.29
CA THR C 271 53.19 -88.79 7.56
C THR C 271 53.42 -88.03 6.26
N ALA C 272 52.35 -87.73 5.53
CA ALA C 272 52.48 -86.99 4.28
C ALA C 272 53.05 -85.59 4.53
N ALA C 273 52.56 -84.91 5.56
CA ALA C 273 53.06 -83.58 5.86
C ALA C 273 54.53 -83.62 6.28
N ARG C 274 54.93 -84.63 7.05
CA ARG C 274 56.34 -84.80 7.39
C ARG C 274 57.18 -85.04 6.14
N ALA C 275 56.67 -85.86 5.22
CA ALA C 275 57.41 -86.14 3.99
C ALA C 275 57.58 -84.90 3.15
N VAL C 276 56.54 -84.08 3.04
CA VAL C 276 56.63 -82.85 2.24
C VAL C 276 57.38 -81.75 2.96
N GLY C 277 57.62 -81.89 4.27
CA GLY C 277 58.29 -80.85 5.03
C GLY C 277 57.46 -79.59 5.12
N TYR C 278 56.33 -79.68 5.80
CA TYR C 278 55.35 -78.60 5.85
C TYR C 278 55.47 -77.82 7.15
N VAL C 279 55.25 -76.51 7.06
CA VAL C 279 55.20 -75.63 8.21
C VAL C 279 53.91 -74.82 8.13
N GLY C 280 53.21 -74.72 9.26
CA GLY C 280 51.96 -73.98 9.29
C GLY C 280 50.75 -74.86 9.27
N ALA C 281 49.63 -74.35 8.77
CA ALA C 281 48.37 -75.09 8.71
C ALA C 281 48.11 -75.53 7.27
N GLY C 282 47.87 -76.82 7.07
CA GLY C 282 47.57 -77.35 5.75
C GLY C 282 46.43 -78.34 5.82
N THR C 283 45.96 -78.72 4.63
CA THR C 283 44.86 -79.67 4.51
C THR C 283 45.21 -80.73 3.48
N VAL C 284 44.71 -81.94 3.70
CA VAL C 284 44.86 -83.03 2.74
C VAL C 284 43.49 -83.63 2.47
N GLU C 285 43.10 -83.67 1.20
CA GLU C 285 41.81 -84.17 0.78
C GLU C 285 42.00 -85.53 0.11
N PHE C 286 41.26 -86.52 0.58
CA PHE C 286 41.26 -87.87 0.06
C PHE C 286 39.88 -88.20 -0.51
N ILE C 287 39.86 -89.16 -1.43
CA ILE C 287 38.62 -89.67 -2.00
C ILE C 287 38.29 -90.96 -1.27
N PHE C 288 37.37 -90.89 -0.32
CA PHE C 288 36.96 -92.03 0.49
C PHE C 288 35.79 -92.72 -0.19
N ASP C 289 35.78 -94.06 -0.13
CA ASP C 289 34.70 -94.87 -0.69
C ASP C 289 33.94 -95.53 0.45
N THR C 290 32.62 -95.40 0.44
CA THR C 290 31.81 -96.03 1.46
C THR C 290 31.81 -97.56 1.32
N GLU C 291 31.82 -98.05 0.08
CA GLU C 291 31.76 -99.49 -0.14
C GLU C 291 33.08 -100.16 0.19
N LYS C 292 34.20 -99.57 -0.22
CA LYS C 292 35.50 -100.20 -0.05
C LYS C 292 36.18 -99.84 1.26
N ASP C 293 35.75 -98.78 1.94
CA ASP C 293 36.32 -98.37 3.22
C ASP C 293 37.82 -98.13 3.12
N GLU C 294 38.26 -97.57 1.99
CA GLU C 294 39.66 -97.25 1.78
C GLU C 294 39.76 -95.85 1.19
N PHE C 295 40.69 -95.06 1.72
CA PHE C 295 40.89 -93.69 1.26
C PHE C 295 42.19 -93.60 0.47
N PHE C 296 42.17 -92.73 -0.55
CA PHE C 296 43.33 -92.50 -1.40
C PHE C 296 43.59 -91.01 -1.48
N PHE C 297 44.87 -90.64 -1.40
CA PHE C 297 45.25 -89.23 -1.45
C PHE C 297 44.80 -88.62 -2.77
N MET C 298 44.15 -87.46 -2.68
CA MET C 298 43.70 -86.74 -3.86
C MET C 298 44.43 -85.41 -4.06
N GLU C 299 44.44 -84.54 -3.06
CA GLU C 299 45.11 -83.25 -3.25
C GLU C 299 45.36 -82.60 -1.91
N MET C 300 46.51 -81.95 -1.76
CA MET C 300 46.83 -81.23 -0.53
C MET C 300 46.85 -79.73 -0.81
N ASN C 301 46.30 -78.96 0.13
CA ASN C 301 46.28 -77.51 0.08
C ASN C 301 47.24 -76.97 1.13
N THR C 302 48.22 -76.19 0.68
CA THR C 302 49.24 -75.63 1.56
C THR C 302 48.85 -74.21 2.00
N ARG C 303 47.68 -74.13 2.61
CA ARG C 303 47.13 -72.86 3.07
C ARG C 303 45.96 -73.14 3.98
N LEU C 304 45.46 -72.07 4.60
CA LEU C 304 44.22 -72.14 5.36
C LEU C 304 43.05 -72.36 4.39
N GLN C 305 41.93 -72.80 4.94
CA GLN C 305 40.74 -73.07 4.15
C GLN C 305 39.54 -72.37 4.75
N VAL C 306 38.55 -72.11 3.88
CA VAL C 306 37.31 -71.46 4.29
C VAL C 306 36.55 -72.30 5.31
N GLU C 307 36.77 -73.62 5.32
CA GLU C 307 36.03 -74.53 6.16
C GLU C 307 36.70 -74.74 7.52
N HIS C 308 37.73 -73.97 7.84
CA HIS C 308 38.44 -74.13 9.11
C HIS C 308 37.58 -73.83 10.34
N PRO C 309 36.59 -72.92 10.30
CA PRO C 309 35.78 -72.71 11.52
C PRO C 309 35.08 -73.96 12.01
N VAL C 310 34.63 -74.83 11.11
CA VAL C 310 33.93 -76.03 11.54
C VAL C 310 34.87 -76.94 12.32
N THR C 311 36.17 -76.86 12.07
CA THR C 311 37.14 -77.57 12.91
C THR C 311 37.29 -76.89 14.25
N GLU C 312 37.27 -75.55 14.27
CA GLU C 312 37.47 -74.82 15.51
C GLU C 312 36.35 -75.06 16.51
N GLN C 313 35.20 -75.52 16.03
CA GLN C 313 34.09 -75.86 16.92
C GLN C 313 34.11 -77.36 17.24
N CYS C 315 37.14 -79.21 18.36
CA CYS C 315 38.49 -79.30 18.88
C CYS C 315 38.69 -78.37 20.07
N GLN C 316 38.98 -78.96 21.23
CA GLN C 316 39.17 -78.23 22.48
C GLN C 316 40.59 -78.49 22.97
N VAL C 317 41.52 -77.63 22.57
CA VAL C 317 42.91 -77.75 23.02
C VAL C 317 42.98 -77.44 24.51
N ARG C 318 43.45 -78.41 25.30
CA ARG C 318 43.50 -78.37 26.76
C ARG C 318 42.26 -77.72 27.36
N GLY C 319 41.10 -78.03 26.81
CA GLY C 319 39.84 -77.45 27.25
C GLY C 319 39.49 -76.14 26.57
N ARG C 320 40.48 -75.32 26.25
CA ARG C 320 40.21 -74.06 25.58
C ARG C 320 39.83 -74.31 24.12
N PRO C 321 38.91 -73.52 23.56
CA PRO C 321 38.56 -73.69 22.15
C PRO C 321 39.74 -73.38 21.23
N LEU C 322 39.76 -74.05 20.09
CA LEU C 322 40.85 -73.88 19.13
C LEU C 322 40.69 -72.56 18.37
N ASP C 323 41.81 -71.85 18.20
CA ASP C 323 41.89 -70.68 17.33
C ASP C 323 43.01 -70.94 16.34
N LEU C 324 42.65 -71.42 15.16
CA LEU C 324 43.65 -71.88 14.20
C LEU C 324 44.54 -70.74 13.72
N VAL C 325 43.96 -69.56 13.52
CA VAL C 325 44.76 -68.42 13.06
C VAL C 325 45.74 -67.98 14.14
N ARG C 326 45.32 -68.07 15.41
CA ARG C 326 46.25 -67.77 16.50
C ARG C 326 47.44 -68.71 16.50
N LEU C 327 47.19 -70.01 16.31
CA LEU C 327 48.28 -70.98 16.23
C LEU C 327 49.17 -70.69 15.04
N GLN C 328 48.58 -70.32 13.90
CA GLN C 328 49.36 -70.00 12.72
C GLN C 328 50.27 -68.80 12.97
N LEU C 329 49.74 -67.77 13.62
CA LEU C 329 50.56 -66.61 13.96
C LEU C 329 51.68 -66.98 14.93
N GLN C 330 51.37 -67.82 15.92
CA GLN C 330 52.38 -68.24 16.88
C GLN C 330 53.50 -69.02 16.18
N THR C 331 53.15 -69.91 15.27
CA THR C 331 54.16 -70.64 14.51
C THR C 331 54.98 -69.70 13.64
N ALA C 332 54.33 -68.72 13.01
CA ALA C 332 55.06 -67.75 12.21
C ALA C 332 56.03 -66.94 13.06
N MET C 333 55.67 -66.65 14.31
CA MET C 333 56.59 -65.98 15.23
C MET C 333 57.77 -66.86 15.59
N GLY C 334 57.64 -68.18 15.46
CA GLY C 334 58.71 -69.08 15.82
C GLY C 334 58.62 -69.56 17.26
N LEU C 335 57.46 -70.11 17.63
CA LEU C 335 57.25 -70.59 18.98
C LEU C 335 56.90 -72.07 18.97
N PRO C 336 57.32 -72.82 19.99
CA PRO C 336 56.99 -74.25 20.03
C PRO C 336 55.51 -74.48 20.28
N LEU C 337 55.02 -75.61 19.78
CA LEU C 337 53.64 -76.00 20.00
C LEU C 337 53.39 -76.30 21.48
N GLY C 338 52.19 -75.96 21.95
CA GLY C 338 51.88 -76.18 23.36
C GLY C 338 51.82 -77.65 23.73
N PHE C 339 51.19 -78.47 22.90
CA PHE C 339 51.03 -79.88 23.20
C PHE C 339 51.06 -80.67 21.90
N ARG C 340 51.20 -81.99 22.04
CA ARG C 340 51.41 -82.90 20.91
C ARG C 340 50.36 -84.01 20.95
N GLN C 341 49.19 -83.75 20.36
CA GLN C 341 48.15 -84.75 20.17
C GLN C 341 47.70 -85.38 21.48
N GLU C 342 47.73 -84.63 22.58
CA GLU C 342 47.31 -85.14 23.87
C GLU C 342 46.20 -84.32 24.51
N ASP C 343 46.25 -82.99 24.36
CA ASP C 343 45.24 -82.11 24.94
C ASP C 343 44.15 -81.74 23.95
N ILE C 344 43.92 -82.57 22.94
CA ILE C 344 42.90 -82.32 21.92
C ILE C 344 41.78 -83.33 22.12
N SER C 345 40.55 -82.83 22.23
CA SER C 345 39.39 -83.67 22.47
C SER C 345 38.29 -83.33 21.47
N MET C 346 37.62 -84.36 20.97
CA MET C 346 36.48 -84.17 20.10
C MET C 346 35.30 -83.63 20.90
N SER C 347 34.38 -82.97 20.20
CA SER C 347 33.21 -82.38 20.82
C SER C 347 32.01 -82.67 19.93
N GLY C 348 30.90 -81.97 20.19
CA GLY C 348 29.71 -82.18 19.40
C GLY C 348 29.90 -81.74 17.96
N ALA C 349 29.07 -82.29 17.08
CA ALA C 349 29.19 -82.02 15.65
C ALA C 349 28.86 -80.57 15.34
N SER C 350 29.56 -80.03 14.34
CA SER C 350 29.31 -78.69 13.84
C SER C 350 29.13 -78.74 12.33
N VAL C 351 28.30 -77.84 11.82
CA VAL C 351 27.94 -77.81 10.41
C VAL C 351 28.04 -76.38 9.90
N GLU C 352 28.60 -76.23 8.70
CA GLU C 352 28.83 -74.93 8.08
C GLU C 352 28.09 -74.86 6.76
N ALA C 353 27.35 -73.77 6.56
CA ALA C 353 26.66 -73.49 5.31
C ALA C 353 27.26 -72.25 4.67
N ARG C 354 27.47 -72.31 3.36
CA ARG C 354 28.10 -71.24 2.60
C ARG C 354 27.01 -70.51 1.82
N ILE C 355 26.65 -69.31 2.29
CA ILE C 355 25.63 -68.50 1.62
C ILE C 355 26.31 -67.70 0.51
N TYR C 356 25.99 -68.04 -0.73
CA TYR C 356 26.53 -67.38 -1.90
C TYR C 356 25.56 -66.31 -2.39
N ALA C 357 25.84 -65.77 -3.57
CA ALA C 357 25.03 -64.73 -4.21
C ALA C 357 24.65 -65.14 -5.61
N GLU C 358 24.15 -66.36 -5.75
CA GLU C 358 23.75 -66.90 -7.05
C GLU C 358 22.30 -67.38 -6.99
N SER C 359 21.74 -67.63 -8.16
CA SER C 359 20.36 -68.08 -8.28
C SER C 359 20.33 -69.56 -8.65
N PRO C 360 19.99 -70.44 -7.71
CA PRO C 360 20.01 -71.88 -8.02
C PRO C 360 19.06 -72.28 -9.15
N ARG C 361 17.92 -71.60 -9.26
CA ARG C 361 16.96 -71.97 -10.30
C ARG C 361 17.53 -71.76 -11.69
N ASN C 362 18.24 -70.66 -11.91
CA ASN C 362 18.78 -70.34 -13.23
C ASN C 362 20.21 -70.82 -13.40
N GLY C 363 20.44 -72.10 -13.10
CA GLY C 363 21.75 -72.69 -13.32
C GLY C 363 22.84 -72.20 -12.39
N PHE C 364 22.48 -71.70 -11.21
CA PHE C 364 23.45 -71.29 -10.19
C PHE C 364 24.38 -70.18 -10.69
N LEU C 365 23.91 -69.36 -11.61
CA LEU C 365 24.76 -68.29 -12.13
C LEU C 365 24.92 -67.20 -11.08
N PRO C 366 26.13 -66.67 -10.88
CA PRO C 366 26.30 -65.56 -9.93
C PRO C 366 25.53 -64.33 -10.37
N VAL C 367 24.97 -63.62 -9.39
CA VAL C 367 24.22 -62.40 -9.64
C VAL C 367 24.66 -61.35 -8.62
N GLY C 368 24.74 -60.10 -9.06
CA GLY C 368 25.13 -59.00 -8.21
C GLY C 368 23.95 -58.36 -7.51
N GLY C 369 24.21 -57.21 -6.93
CA GLY C 369 23.18 -56.45 -6.24
C GLY C 369 23.79 -55.68 -5.09
N ARG C 370 22.90 -55.16 -4.23
CA ARG C 370 23.30 -54.42 -3.05
C ARG C 370 22.56 -54.97 -1.84
N LEU C 371 23.30 -55.19 -0.75
CA LEU C 371 22.71 -55.71 0.48
C LEU C 371 21.92 -54.58 1.15
N ARG C 372 20.70 -54.38 0.66
CA ARG C 372 19.85 -53.31 1.17
C ARG C 372 19.27 -53.62 2.54
N TYR C 373 19.19 -54.90 2.90
CA TYR C 373 18.74 -55.28 4.25
C TYR C 373 19.44 -56.57 4.62
N LEU C 374 20.12 -56.58 5.76
CA LEU C 374 21.02 -57.67 6.12
C LEU C 374 20.81 -58.10 7.57
N LYS C 375 19.56 -58.39 7.94
CA LYS C 375 19.32 -58.81 9.32
C LYS C 375 19.94 -60.17 9.57
N GLU C 376 20.99 -60.20 10.40
CA GLU C 376 21.74 -61.41 10.70
C GLU C 376 21.00 -62.26 11.73
N PRO C 377 21.20 -63.58 11.71
CA PRO C 377 20.60 -64.43 12.74
C PRO C 377 21.25 -64.18 14.09
N PRO C 378 20.57 -64.50 15.19
CA PRO C 378 21.17 -64.29 16.51
C PRO C 378 22.43 -65.13 16.71
N GLN C 379 23.57 -64.46 16.80
CA GLN C 379 24.87 -65.12 16.88
C GLN C 379 25.34 -65.17 18.32
N GLY C 380 26.03 -66.25 18.66
CA GLY C 380 26.60 -66.42 19.99
C GLY C 380 26.27 -67.79 20.52
N ASN C 381 26.25 -67.90 21.85
CA ASN C 381 25.92 -69.14 22.54
C ASN C 381 24.42 -69.12 22.84
N ARG C 382 23.65 -69.85 22.03
CA ARG C 382 22.21 -69.90 22.21
C ARG C 382 21.85 -70.87 23.33
N GLY C 383 20.57 -71.22 23.43
CA GLY C 383 20.14 -72.08 24.52
C GLY C 383 20.79 -73.46 24.48
N THR C 384 20.86 -74.06 23.29
CA THR C 384 21.42 -75.40 23.15
C THR C 384 22.56 -75.49 22.14
N VAL C 385 22.74 -74.51 21.27
CA VAL C 385 23.76 -74.56 20.23
C VAL C 385 24.53 -73.24 20.22
N LYS C 386 25.69 -73.28 19.58
CA LYS C 386 26.53 -72.11 19.39
C LYS C 386 26.54 -71.73 17.92
N VAL C 387 26.20 -70.47 17.63
CA VAL C 387 26.06 -69.97 16.27
C VAL C 387 27.18 -68.96 16.02
N ARG C 388 27.83 -69.08 14.87
CA ARG C 388 28.90 -68.17 14.49
C ARG C 388 28.78 -67.83 13.03
N LEU C 389 28.64 -66.54 12.73
CA LEU C 389 28.50 -66.05 11.36
C LEU C 389 29.76 -65.27 10.98
N ASP C 390 30.32 -65.58 9.81
CA ASP C 390 31.50 -64.90 9.30
C ASP C 390 31.18 -64.34 7.93
N THR C 391 31.23 -63.01 7.81
CA THR C 391 30.86 -62.33 6.58
C THR C 391 31.83 -61.18 6.33
N GLY C 392 31.93 -60.79 5.07
CA GLY C 392 32.76 -59.66 4.69
C GLY C 392 31.95 -58.50 4.16
N PHE C 393 30.64 -58.53 4.38
CA PHE C 393 29.74 -57.50 3.90
C PHE C 393 28.89 -56.96 5.04
N ARG C 394 28.59 -55.67 4.96
CA ARG C 394 27.66 -55.02 5.88
C ARG C 394 26.44 -54.54 5.12
N ALA C 395 25.42 -54.14 5.87
CA ALA C 395 24.21 -53.61 5.26
C ALA C 395 24.54 -52.35 4.45
N GLY C 396 24.01 -52.30 3.23
CA GLY C 396 24.29 -51.19 2.34
C GLY C 396 25.43 -51.43 1.37
N ASP C 397 26.27 -52.43 1.61
CA ASP C 397 27.32 -52.77 0.66
C ASP C 397 26.74 -53.42 -0.58
N ASP C 398 27.40 -53.21 -1.71
CA ASP C 398 27.00 -53.80 -2.98
C ASP C 398 27.98 -54.90 -3.34
N VAL C 399 27.46 -56.12 -3.50
CA VAL C 399 28.29 -57.24 -3.92
C VAL C 399 28.36 -57.24 -5.44
N LEU C 400 29.58 -57.18 -5.97
CA LEU C 400 29.80 -57.12 -7.40
C LEU C 400 30.03 -58.52 -7.95
N VAL C 401 29.36 -58.84 -9.06
CA VAL C 401 29.39 -60.18 -9.60
C VAL C 401 30.79 -60.52 -10.10
N HIS C 402 31.11 -61.81 -10.13
CA HIS C 402 32.40 -62.33 -10.59
C HIS C 402 33.56 -61.89 -9.71
N TYR C 403 33.29 -61.52 -8.45
CA TYR C 403 34.35 -61.16 -7.51
C TYR C 403 33.88 -61.59 -6.12
N ASP C 404 34.39 -62.73 -5.65
CA ASP C 404 34.07 -63.27 -4.33
C ASP C 404 32.56 -63.47 -4.19
N PRO C 405 31.99 -64.45 -4.91
CA PRO C 405 30.53 -64.60 -4.87
C PRO C 405 29.98 -64.99 -3.51
N MET C 406 30.80 -65.54 -2.62
CA MET C 406 30.31 -65.97 -1.32
C MET C 406 29.89 -64.77 -0.49
N ILE C 407 28.65 -64.80 0.01
CA ILE C 407 28.18 -63.71 0.86
C ILE C 407 28.65 -63.93 2.29
N ALA C 408 28.46 -65.14 2.83
CA ALA C 408 28.82 -65.39 4.21
C ALA C 408 28.98 -66.88 4.44
N LYS C 409 29.48 -67.24 5.61
CA LYS C 409 29.52 -68.62 6.06
C LYS C 409 28.97 -68.69 7.49
N LEU C 410 28.01 -69.59 7.70
CA LEU C 410 27.32 -69.70 8.97
C LEU C 410 27.56 -71.08 9.53
N VAL C 411 28.14 -71.15 10.74
CA VAL C 411 28.48 -72.41 11.37
C VAL C 411 27.66 -72.55 12.66
N VAL C 412 27.17 -73.75 12.89
CA VAL C 412 26.39 -74.07 14.08
C VAL C 412 26.98 -75.32 14.73
N TRP C 413 27.23 -75.24 16.03
CA TRP C 413 27.78 -76.34 16.80
C TRP C 413 26.76 -76.78 17.84
N GLY C 414 26.52 -78.09 17.90
CA GLY C 414 25.64 -78.68 18.88
C GLY C 414 26.34 -79.84 19.59
N ASP C 415 25.52 -80.78 20.06
CA ASP C 415 26.04 -82.02 20.65
C ASP C 415 25.92 -83.20 19.71
N ASN C 416 24.94 -83.19 18.82
CA ASN C 416 24.72 -84.26 17.85
C ASN C 416 24.51 -83.64 16.48
N ARG C 417 24.66 -84.46 15.44
CA ARG C 417 24.48 -83.95 14.08
C ARG C 417 23.05 -83.46 13.86
N ALA C 418 22.07 -84.16 14.41
CA ALA C 418 20.68 -83.73 14.25
C ALA C 418 20.43 -82.38 14.90
N THR C 419 20.96 -82.17 16.11
CA THR C 419 20.80 -80.89 16.79
C THR C 419 21.50 -79.78 16.02
N ALA C 420 22.69 -80.06 15.49
CA ALA C 420 23.40 -79.06 14.69
C ALA C 420 22.62 -78.71 13.44
N LEU C 421 22.02 -79.70 12.78
CA LEU C 421 21.21 -79.42 11.60
C LEU C 421 19.98 -78.59 11.94
N GLU C 422 19.32 -78.90 13.06
CA GLU C 422 18.17 -78.10 13.46
C GLU C 422 18.57 -76.67 13.78
N GLY C 423 19.70 -76.49 14.47
CA GLY C 423 20.18 -75.15 14.75
C GLY C 423 20.53 -74.38 13.48
N LEU C 424 21.13 -75.08 12.51
CA LEU C 424 21.45 -74.43 11.24
C LEU C 424 20.19 -74.03 10.49
N ARG C 425 19.16 -74.89 10.52
CA ARG C 425 17.89 -74.55 9.90
C ARG C 425 17.29 -73.31 10.55
N THR C 426 17.29 -73.27 11.88
CA THR C 426 16.74 -72.11 12.59
C THR C 426 17.53 -70.85 12.27
N ALA C 427 18.85 -70.94 12.24
CA ALA C 427 19.68 -69.77 11.95
C ALA C 427 19.48 -69.28 10.53
N LEU C 428 19.39 -70.19 9.56
CA LEU C 428 19.15 -69.79 8.18
C LEU C 428 17.77 -69.17 8.02
N ALA C 429 16.79 -69.68 8.78
CA ALA C 429 15.45 -69.08 8.75
C ALA C 429 15.47 -67.64 9.24
N SER C 430 16.41 -67.30 10.12
CA SER C 430 16.51 -65.96 10.69
C SER C 430 17.44 -65.05 9.90
N TYR C 431 18.10 -65.54 8.86
CA TYR C 431 19.02 -64.74 8.07
C TYR C 431 18.22 -64.06 6.97
N HIS C 432 17.93 -62.78 7.15
CA HIS C 432 17.07 -62.03 6.23
C HIS C 432 17.91 -61.12 5.37
N ILE C 433 17.97 -61.42 4.07
CA ILE C 433 18.76 -60.68 3.11
C ILE C 433 17.84 -60.15 2.02
N VAL C 434 17.85 -58.83 1.83
CA VAL C 434 17.03 -58.16 0.83
C VAL C 434 17.92 -57.30 -0.04
N GLY C 435 17.83 -57.48 -1.35
CA GLY C 435 18.61 -56.75 -2.33
C GLY C 435 19.39 -57.63 -3.27
N VAL C 436 19.78 -58.82 -2.83
CA VAL C 436 20.57 -59.75 -3.62
C VAL C 436 19.92 -61.12 -3.54
N GLU C 437 19.79 -61.78 -4.69
CA GLU C 437 19.34 -63.15 -4.69
C GLU C 437 20.38 -64.06 -4.05
N THR C 438 19.90 -65.08 -3.33
CA THR C 438 20.77 -65.96 -2.58
C THR C 438 20.28 -67.40 -2.74
N ASN C 439 20.93 -68.31 -2.02
CA ASN C 439 20.59 -69.73 -2.06
C ASN C 439 20.10 -70.23 -0.71
N ILE C 440 19.45 -69.35 0.06
CA ILE C 440 18.93 -69.73 1.37
C ILE C 440 17.88 -70.83 1.22
N ASP C 441 16.99 -70.68 0.24
CA ASP C 441 15.97 -71.70 -0.01
C ASP C 441 16.62 -73.01 -0.44
N PHE C 442 17.67 -72.92 -1.27
CA PHE C 442 18.39 -74.13 -1.68
C PHE C 442 19.05 -74.80 -0.48
N LEU C 443 19.64 -74.02 0.42
CA LEU C 443 20.24 -74.59 1.61
C LEU C 443 19.19 -75.25 2.51
N GLN C 444 18.02 -74.62 2.64
CA GLN C 444 16.94 -75.22 3.42
C GLN C 444 16.49 -76.54 2.81
N CYS C 445 16.37 -76.57 1.47
CA CYS C 445 15.99 -77.82 0.80
C CYS C 445 17.03 -78.90 1.02
N CYS C 446 18.32 -78.54 0.93
CA CYS C 446 19.38 -79.51 1.17
C CYS C 446 19.34 -80.04 2.60
N LEU C 447 19.13 -79.14 3.57
CA LEU C 447 19.11 -79.56 4.97
C LEU C 447 17.90 -80.45 5.27
N SER C 448 16.75 -80.15 4.66
CA SER C 448 15.55 -80.93 4.90
C SER C 448 15.46 -82.17 4.02
N ASN C 449 16.42 -82.38 3.13
CA ASN C 449 16.39 -83.55 2.27
C ASN C 449 16.59 -84.82 3.10
N PRO C 450 15.76 -85.85 2.92
CA PRO C 450 15.93 -87.08 3.70
C PRO C 450 17.28 -87.73 3.51
N GLY C 451 17.82 -87.71 2.28
CA GLY C 451 19.11 -88.32 2.04
C GLY C 451 20.23 -87.67 2.83
N PHE C 452 20.20 -86.34 2.91
CA PHE C 452 21.21 -85.63 3.69
C PHE C 452 21.08 -85.95 5.18
N VAL C 453 19.86 -86.01 5.69
CA VAL C 453 19.66 -86.24 7.12
C VAL C 453 19.92 -87.70 7.49
N GLU C 454 19.90 -88.61 6.52
CA GLU C 454 20.22 -90.01 6.81
C GLU C 454 21.66 -90.15 7.28
N GLY C 455 22.59 -89.49 6.59
CA GLY C 455 23.99 -89.62 6.93
C GLY C 455 24.90 -89.15 5.82
N GLY C 456 26.07 -89.75 5.68
CA GLY C 456 26.99 -89.36 4.64
C GLY C 456 26.42 -89.65 3.26
N VAL C 457 26.66 -88.72 2.33
CA VAL C 457 26.14 -88.81 0.97
C VAL C 457 27.29 -88.66 -0.01
N THR C 458 27.04 -89.10 -1.24
CA THR C 458 28.05 -89.05 -2.28
C THR C 458 28.26 -87.62 -2.77
N THR C 459 29.29 -87.44 -3.60
CA THR C 459 29.61 -86.13 -4.15
C THR C 459 28.52 -85.66 -5.10
N ARG C 460 27.95 -86.57 -5.88
CA ARG C 460 26.94 -86.22 -6.88
C ARG C 460 25.55 -86.00 -6.28
N PHE C 461 25.47 -85.84 -4.95
CA PHE C 461 24.17 -85.69 -4.31
C PHE C 461 23.41 -84.48 -4.85
N ILE C 462 24.11 -83.36 -5.05
CA ILE C 462 23.47 -82.20 -5.64
C ILE C 462 22.94 -82.54 -7.03
N GLU C 463 23.72 -83.27 -7.82
CA GLU C 463 23.24 -83.70 -9.12
C GLU C 463 22.23 -84.84 -9.02
N ASP C 464 22.13 -85.49 -7.86
CA ASP C 464 21.21 -86.61 -7.73
C ASP C 464 19.80 -86.16 -7.40
N ASN C 465 19.66 -85.12 -6.57
CA ASN C 465 18.37 -84.62 -6.13
C ASN C 465 18.08 -83.23 -6.70
N SER C 466 18.52 -82.98 -7.93
CA SER C 466 18.36 -81.65 -8.51
C SER C 466 16.88 -81.28 -8.63
N VAL C 467 16.05 -82.23 -9.06
CA VAL C 467 14.62 -81.94 -9.18
C VAL C 467 14.00 -81.65 -7.82
N ASN C 468 14.42 -82.40 -6.79
CA ASN C 468 13.84 -82.22 -5.47
C ASN C 468 14.36 -80.95 -4.80
N LEU C 469 15.64 -80.66 -4.94
CA LEU C 469 16.24 -79.50 -4.27
C LEU C 469 15.82 -78.19 -4.92
N LEU C 470 15.59 -78.18 -6.23
CA LEU C 470 15.20 -76.98 -6.95
C LEU C 470 13.69 -76.78 -6.98
N GLN C 471 12.97 -77.33 -6.01
CA GLN C 471 11.52 -77.18 -5.99
C GLN C 471 11.16 -75.72 -5.72
N PRO C 472 10.19 -75.16 -6.45
CA PRO C 472 9.78 -73.77 -6.21
C PRO C 472 9.15 -73.62 -4.83
N ARG C 473 9.30 -72.42 -4.26
CA ARG C 473 8.71 -72.10 -2.98
C ARG C 473 7.33 -71.48 -3.19
N GLU C 474 6.32 -72.08 -2.57
CA GLU C 474 4.95 -71.61 -2.72
C GLU C 474 4.72 -70.32 -1.94
N ILE C 475 3.92 -69.43 -2.51
CA ILE C 475 3.59 -68.15 -1.91
C ILE C 475 2.08 -68.11 -1.67
N PRO C 476 1.63 -68.30 -0.44
CA PRO C 476 0.19 -68.23 -0.17
C PRO C 476 -0.34 -66.81 -0.32
N ASN C 477 -1.66 -66.73 -0.51
CA ASN C 477 -2.30 -65.43 -0.75
C ASN C 477 -2.16 -64.51 0.46
N ASN C 478 -1.98 -65.08 1.65
CA ASN C 478 -1.77 -64.25 2.84
C ASN C 478 -0.50 -63.43 2.71
N VAL C 479 0.56 -64.03 2.18
CA VAL C 479 1.81 -63.30 1.98
C VAL C 479 1.62 -62.16 0.99
N LEU C 480 0.90 -62.43 -0.10
CA LEU C 480 0.65 -61.38 -1.09
C LEU C 480 -0.13 -60.23 -0.47
N ALA C 481 -1.18 -60.54 0.30
CA ALA C 481 -1.98 -59.50 0.93
C ALA C 481 -1.15 -58.68 1.91
N LEU C 482 -0.35 -59.36 2.73
CA LEU C 482 0.46 -58.64 3.71
C LEU C 482 1.51 -57.78 3.02
N ALA C 483 2.12 -58.28 1.95
CA ALA C 483 3.09 -57.48 1.22
C ALA C 483 2.45 -56.25 0.60
N ALA C 484 1.26 -56.40 0.01
CA ALA C 484 0.57 -55.26 -0.56
C ALA C 484 0.22 -54.23 0.52
N VAL C 485 -0.26 -54.71 1.67
CA VAL C 485 -0.60 -53.79 2.76
C VAL C 485 0.64 -53.07 3.26
N SER C 486 1.77 -53.78 3.39
CA SER C 486 3.00 -53.15 3.82
C SER C 486 3.47 -52.11 2.82
N TYR C 487 3.37 -52.42 1.52
CA TYR C 487 3.74 -51.44 0.50
C TYR C 487 2.87 -50.20 0.57
N LEU C 488 1.56 -50.39 0.73
CA LEU C 488 0.66 -49.24 0.83
C LEU C 488 0.95 -48.41 2.08
N CYS C 489 1.23 -49.06 3.20
CA CYS C 489 1.57 -48.33 4.41
C CYS C 489 2.87 -47.57 4.25
N SER C 490 3.83 -48.14 3.52
CA SER C 490 5.05 -47.42 3.21
C SER C 490 4.77 -46.19 2.37
N GLN C 491 3.85 -46.31 1.40
CA GLN C 491 3.47 -45.15 0.61
C GLN C 491 2.81 -44.08 1.46
N ARG C 492 1.93 -44.49 2.37
CA ARG C 492 1.21 -43.55 3.21
C ARG C 492 2.15 -42.86 4.19
N GLY C 493 2.00 -41.56 4.36
CA GLY C 493 2.71 -40.85 5.40
C GLY C 493 1.82 -40.63 6.60
N THR C 494 1.47 -39.37 6.87
CA THR C 494 0.50 -39.03 7.90
C THR C 494 -0.86 -38.66 7.32
N SER C 495 -1.04 -38.78 6.00
CA SER C 495 -2.30 -38.42 5.38
C SER C 495 -3.37 -39.45 5.69
N THR C 496 -4.61 -38.97 5.82
CA THR C 496 -5.75 -39.82 6.10
C THR C 496 -6.37 -40.31 4.80
N LEU C 497 -6.75 -41.59 4.80
CA LEU C 497 -7.41 -42.17 3.63
C LEU C 497 -8.90 -41.86 3.70
N PHE C 498 -9.36 -40.92 2.89
CA PHE C 498 -10.76 -40.53 2.92
C PHE C 498 -11.23 -40.18 1.51
N TRP C 499 -12.24 -40.90 1.05
CA TRP C 499 -13.00 -40.53 -0.14
C TRP C 499 -14.46 -40.58 0.29
N PRO C 500 -15.21 -39.50 0.17
CA PRO C 500 -16.58 -39.48 0.70
C PRO C 500 -17.46 -40.55 0.07
N ASN C 501 -18.12 -41.34 0.93
CA ASN C 501 -19.07 -42.36 0.51
C ASN C 501 -18.43 -43.43 -0.37
N ARG C 502 -17.13 -43.65 -0.20
CA ARG C 502 -16.41 -44.63 -1.01
C ARG C 502 -15.27 -45.22 -0.22
N GLN C 503 -14.79 -46.37 -0.68
CA GLN C 503 -13.58 -47.00 -0.18
C GLN C 503 -12.44 -46.67 -1.12
N ILE C 504 -11.31 -46.24 -0.56
CA ILE C 504 -10.18 -45.84 -1.40
C ILE C 504 -9.61 -47.06 -2.10
N SER C 505 -9.44 -46.98 -3.41
CA SER C 505 -9.00 -48.09 -4.23
C SER C 505 -7.50 -47.95 -4.54
N GLN C 506 -6.78 -49.05 -4.39
CA GLN C 506 -5.34 -49.08 -4.66
C GLN C 506 -4.99 -50.39 -5.34
N GLY C 507 -3.86 -50.40 -6.03
CA GLY C 507 -3.40 -51.60 -6.68
C GLY C 507 -1.90 -51.80 -6.56
N VAL C 508 -1.47 -53.03 -6.28
CA VAL C 508 -0.06 -53.36 -6.16
C VAL C 508 0.25 -54.52 -7.07
N CYS C 509 1.27 -54.38 -7.91
CA CYS C 509 1.63 -55.39 -8.89
C CYS C 509 2.94 -56.07 -8.48
N PHE C 510 2.91 -57.39 -8.33
CA PHE C 510 4.08 -58.19 -8.07
C PHE C 510 4.33 -59.12 -9.26
N THR C 511 5.54 -59.67 -9.31
CA THR C 511 5.90 -60.70 -10.28
C THR C 511 6.10 -62.01 -9.54
N VAL C 512 5.29 -63.02 -9.88
CA VAL C 512 5.39 -64.34 -9.27
C VAL C 512 5.67 -65.33 -10.40
N GLY C 513 6.91 -65.82 -10.45
CA GLY C 513 7.31 -66.74 -11.51
C GLY C 513 7.15 -66.16 -12.89
N GLY C 514 7.44 -64.87 -13.07
CA GLY C 514 7.22 -64.20 -14.32
C GLY C 514 5.78 -63.80 -14.58
N ASN C 515 4.86 -64.17 -13.71
CA ASN C 515 3.46 -63.82 -13.89
C ASN C 515 3.17 -62.48 -13.22
N PRO C 516 2.62 -61.51 -13.94
CA PRO C 516 2.29 -60.22 -13.34
C PRO C 516 1.03 -60.27 -12.49
N VAL C 517 1.17 -60.69 -11.24
CA VAL C 517 0.02 -60.75 -10.33
C VAL C 517 -0.31 -59.34 -9.87
N VAL C 518 -1.60 -59.04 -9.80
CA VAL C 518 -2.07 -57.72 -9.35
C VAL C 518 -3.01 -57.94 -8.17
N VAL C 519 -2.77 -57.19 -7.10
CA VAL C 519 -3.60 -57.22 -5.89
C VAL C 519 -4.35 -55.90 -5.84
N ARG C 520 -5.67 -55.99 -5.87
CA ARG C 520 -6.55 -54.83 -5.73
C ARG C 520 -7.01 -54.73 -4.30
N VAL C 521 -6.79 -53.57 -3.68
CA VAL C 521 -7.06 -53.35 -2.27
C VAL C 521 -8.05 -52.20 -2.14
N THR C 522 -9.04 -52.39 -1.28
CA THR C 522 -9.94 -51.32 -0.87
C THR C 522 -9.67 -51.03 0.59
N VAL C 523 -9.34 -49.78 0.89
CA VAL C 523 -8.95 -49.36 2.23
C VAL C 523 -9.93 -48.31 2.73
N SER C 524 -10.33 -48.45 4.00
CA SER C 524 -11.26 -47.56 4.65
C SER C 524 -10.50 -46.57 5.53
N THR C 525 -11.25 -45.65 6.15
CA THR C 525 -10.65 -44.66 7.03
C THR C 525 -10.14 -45.27 8.33
N LYS C 526 -10.64 -46.45 8.70
CA LYS C 526 -10.22 -47.13 9.92
C LYS C 526 -8.97 -47.98 9.72
N MET C 527 -8.21 -47.73 8.66
CA MET C 527 -6.97 -48.47 8.38
C MET C 527 -7.24 -49.97 8.26
N CYS C 528 -8.30 -50.32 7.55
CA CYS C 528 -8.67 -51.72 7.32
C CYS C 528 -8.65 -51.98 5.82
N PHE C 529 -7.71 -52.80 5.37
CA PHE C 529 -7.52 -53.13 3.97
C PHE C 529 -8.26 -54.41 3.64
N THR C 530 -8.83 -54.48 2.44
CA THR C 530 -9.39 -55.71 1.90
C THR C 530 -8.76 -55.95 0.54
N CYS C 531 -8.03 -57.06 0.42
CA CYS C 531 -7.32 -57.42 -0.80
C CYS C 531 -8.06 -58.54 -1.50
N ASP C 532 -8.20 -58.41 -2.82
CA ASP C 532 -8.99 -59.34 -3.62
C ASP C 532 -8.08 -60.21 -4.47
N PHE C 533 -8.28 -61.52 -4.39
CA PHE C 533 -7.68 -62.51 -5.26
C PHE C 533 -8.79 -63.36 -5.88
N ASP C 534 -8.41 -64.27 -6.77
CA ASP C 534 -9.38 -65.10 -7.48
C ASP C 534 -10.22 -65.89 -6.48
N SER C 535 -11.51 -65.54 -6.37
CA SER C 535 -12.43 -66.18 -5.44
C SER C 535 -11.88 -66.16 -4.02
N SER C 536 -11.24 -65.05 -3.64
CA SER C 536 -10.67 -64.94 -2.30
C SER C 536 -10.60 -63.48 -1.89
N SER C 537 -10.83 -63.23 -0.60
CA SER C 537 -10.73 -61.90 -0.04
C SER C 537 -10.01 -62.00 1.30
N VAL C 538 -9.01 -61.15 1.50
CA VAL C 538 -8.23 -61.13 2.73
C VAL C 538 -8.37 -59.76 3.38
N THR C 539 -8.80 -59.75 4.64
CA THR C 539 -8.99 -58.51 5.39
C THR C 539 -7.85 -58.36 6.39
N VAL C 540 -7.14 -57.23 6.30
CA VAL C 540 -6.01 -56.94 7.17
C VAL C 540 -6.28 -55.62 7.86
N TYR C 541 -6.35 -55.64 9.19
CA TYR C 541 -6.51 -54.44 9.98
C TYR C 541 -5.16 -54.09 10.61
N VAL C 542 -4.63 -52.92 10.27
CA VAL C 542 -3.32 -52.48 10.75
C VAL C 542 -3.52 -51.72 12.06
N GLU C 543 -3.15 -52.36 13.17
CA GLU C 543 -3.32 -51.72 14.47
C GLU C 543 -2.34 -50.57 14.66
N SER C 544 -1.07 -50.79 14.34
CA SER C 544 -0.06 -49.76 14.51
C SER C 544 1.15 -50.10 13.66
N THR C 545 1.98 -49.08 13.42
CA THR C 545 3.22 -49.23 12.69
C THR C 545 4.32 -48.50 13.45
N THR C 546 5.56 -48.97 13.28
CA THR C 546 6.71 -48.37 13.92
C THR C 546 7.90 -48.46 12.97
N ASN C 547 8.51 -47.32 12.67
CA ASN C 547 9.64 -47.26 11.75
C ASN C 547 10.92 -47.60 12.51
N MET C 548 11.47 -48.78 12.24
CA MET C 548 12.71 -49.20 12.87
C MET C 548 13.87 -48.37 12.33
N PRO C 549 14.94 -48.20 13.12
CA PRO C 549 16.09 -47.43 12.63
C PRO C 549 16.77 -48.04 11.41
N ASP C 550 16.63 -49.34 11.18
CA ASP C 550 17.23 -49.98 10.03
C ASP C 550 16.31 -49.92 8.81
N SER C 551 15.79 -48.72 8.53
CA SER C 551 14.96 -48.43 7.36
C SER C 551 13.86 -49.45 7.14
N SER C 552 13.41 -50.12 8.19
CA SER C 552 12.34 -51.11 8.12
C SER C 552 11.18 -50.67 9.00
N THR C 553 10.07 -51.40 8.91
CA THR C 553 8.86 -51.05 9.65
C THR C 553 8.31 -52.28 10.35
N PHE C 554 7.98 -52.15 11.62
CA PHE C 554 7.31 -53.21 12.36
C PHE C 554 5.81 -52.90 12.38
N ILE C 555 5.01 -53.84 11.88
CA ILE C 555 3.58 -53.65 11.71
C ILE C 555 2.85 -54.71 12.50
N ARG C 556 1.89 -54.27 13.32
CA ARG C 556 0.97 -55.15 14.02
C ARG C 556 -0.32 -55.22 13.23
N VAL C 557 -0.76 -56.45 12.89
CA VAL C 557 -1.91 -56.64 12.02
C VAL C 557 -2.84 -57.68 12.62
N THR C 558 -4.09 -57.58 12.18
CA THR C 558 -5.12 -58.60 12.42
C THR C 558 -5.60 -59.06 11.04
N VAL C 559 -5.20 -60.26 10.66
CA VAL C 559 -5.64 -60.85 9.40
C VAL C 559 -7.01 -61.46 9.59
N ASP C 560 -7.86 -61.26 8.56
CA ASP C 560 -9.29 -61.59 8.59
C ASP C 560 -9.88 -60.86 9.79
N GLY C 561 -10.44 -61.54 10.77
CA GLY C 561 -10.87 -60.87 11.98
C GLY C 561 -10.38 -61.60 13.21
N GLU C 562 -9.50 -62.57 13.01
CA GLU C 562 -9.14 -63.46 14.10
C GLU C 562 -7.66 -63.84 14.17
N THR C 563 -6.79 -63.31 13.32
CA THR C 563 -5.38 -63.71 13.36
C THR C 563 -4.51 -62.49 13.66
N ARG C 564 -4.21 -62.26 14.94
CA ARG C 564 -3.41 -61.10 15.34
C ARG C 564 -1.95 -61.50 15.46
N PHE C 565 -1.07 -60.70 14.85
CA PHE C 565 0.37 -60.92 14.99
C PHE C 565 1.10 -59.69 14.48
N GLY C 566 2.39 -59.61 14.84
CA GLY C 566 3.24 -58.54 14.36
C GLY C 566 4.34 -59.10 13.47
N PHE C 567 4.77 -58.31 12.50
CA PHE C 567 5.82 -58.72 11.59
C PHE C 567 6.65 -57.51 11.19
N THR C 568 7.71 -57.78 10.43
CA THR C 568 8.64 -56.76 9.98
C THR C 568 8.61 -56.70 8.45
N SER C 569 8.65 -55.49 7.91
CA SER C 569 8.55 -55.29 6.48
C SER C 569 9.63 -54.33 6.02
N PHE C 570 10.17 -54.60 4.83
CA PHE C 570 11.18 -53.77 4.19
C PHE C 570 10.77 -53.54 2.76
N VAL C 571 10.60 -52.28 2.37
CA VAL C 571 10.08 -51.93 1.06
C VAL C 571 11.16 -51.15 0.31
N THR C 572 11.59 -51.69 -0.83
CA THR C 572 12.47 -50.99 -1.75
C THR C 572 11.66 -50.50 -2.94
N ASP C 573 12.33 -49.98 -3.95
CA ASP C 573 11.68 -49.61 -5.19
C ASP C 573 11.49 -50.79 -6.13
N SER C 574 11.98 -51.98 -5.76
CA SER C 574 11.90 -53.15 -6.63
C SER C 574 11.31 -54.38 -5.96
N GLU C 575 11.33 -54.50 -4.64
CA GLU C 575 10.77 -55.67 -3.99
C GLU C 575 10.26 -55.30 -2.60
N VAL C 576 9.39 -56.14 -2.07
CA VAL C 576 8.84 -56.01 -0.73
C VAL C 576 9.14 -57.29 0.04
N ALA C 577 9.74 -57.15 1.22
CA ALA C 577 10.13 -58.28 2.04
C ALA C 577 9.33 -58.27 3.34
N VAL C 578 8.80 -59.42 3.70
CA VAL C 578 8.01 -59.58 4.92
C VAL C 578 8.58 -60.74 5.73
N ALA C 579 8.78 -60.51 7.02
CA ALA C 579 9.24 -61.52 7.96
C ALA C 579 8.05 -61.95 8.82
N LEU C 580 7.28 -62.89 8.30
CA LEU C 580 6.10 -63.40 8.97
C LEU C 580 6.47 -64.55 9.89
N PRO C 581 5.58 -64.92 10.82
CA PRO C 581 5.83 -66.14 11.61
C PRO C 581 6.01 -67.38 10.75
N GLN C 582 5.42 -67.39 9.55
CA GLN C 582 5.59 -68.52 8.63
C GLN C 582 7.00 -68.58 8.06
N GLY C 583 7.72 -67.46 8.02
CA GLY C 583 9.05 -67.46 7.45
C GLY C 583 9.41 -66.08 6.94
N PHE C 584 10.24 -66.05 5.91
CA PHE C 584 10.68 -64.80 5.30
C PHE C 584 10.40 -64.87 3.81
N TYR C 585 9.76 -63.83 3.27
CA TYR C 585 9.37 -63.82 1.88
C TYR C 585 9.80 -62.50 1.23
N THR C 586 10.22 -62.58 -0.03
CA THR C 586 10.53 -61.41 -0.83
C THR C 586 9.74 -61.50 -2.13
N LEU C 587 8.88 -60.54 -2.38
CA LEU C 587 8.08 -60.47 -3.59
C LEU C 587 8.58 -59.32 -4.45
N ALA C 588 8.91 -59.62 -5.69
CA ALA C 588 9.43 -58.61 -6.60
C ALA C 588 8.29 -57.83 -7.23
N LEU C 589 8.35 -56.50 -7.12
CA LEU C 589 7.38 -55.65 -7.80
C LEU C 589 7.55 -55.78 -9.30
N GLN C 590 6.45 -55.57 -10.03
CA GLN C 590 6.50 -55.61 -11.48
C GLN C 590 7.45 -54.55 -11.98
N PRO C 591 8.49 -54.91 -12.73
CA PRO C 591 9.50 -53.91 -13.10
C PRO C 591 8.94 -52.83 -14.01
N LEU C 592 9.45 -51.61 -13.83
CA LEU C 592 9.01 -50.49 -14.65
C LEU C 592 9.61 -50.58 -16.05
N ALA C 593 8.83 -50.14 -17.04
CA ALA C 593 9.31 -50.14 -18.40
C ALA C 593 10.41 -49.10 -18.59
N THR C 594 11.41 -49.44 -19.40
CA THR C 594 12.52 -48.53 -19.67
C THR C 594 12.25 -47.57 -20.81
N ASP C 595 11.14 -47.74 -21.52
CA ASP C 595 10.75 -46.88 -22.63
C ASP C 595 9.47 -46.12 -22.33
N PHE C 596 9.27 -45.78 -21.06
CA PHE C 596 8.05 -45.08 -20.64
C PHE C 596 8.01 -43.69 -21.27
N GLY C 597 6.96 -43.43 -22.04
CA GLY C 597 6.84 -42.15 -22.73
C GLY C 597 7.92 -41.91 -23.76
N SER C 598 8.26 -42.95 -24.53
CA SER C 598 9.32 -42.85 -25.54
C SER C 598 8.72 -42.31 -26.83
N THR C 599 9.22 -41.15 -27.26
CA THR C 599 8.80 -40.52 -28.51
C THR C 599 10.06 -40.24 -29.33
N SER C 600 10.44 -41.18 -30.18
CA SER C 600 11.65 -41.04 -30.99
C SER C 600 11.35 -40.41 -32.34
N ALA C 601 10.61 -39.30 -32.33
CA ALA C 601 10.39 -38.43 -33.48
C ALA C 601 9.61 -39.09 -34.61
N GLN C 602 9.33 -40.39 -34.48
CA GLN C 602 8.62 -41.15 -35.51
C GLN C 602 8.47 -42.59 -35.02
N ALA C 603 7.55 -43.32 -35.65
CA ALA C 603 7.39 -44.75 -35.39
C ALA C 603 7.17 -45.53 -36.69
N ASN C 604 7.31 -44.91 -37.85
CA ASN C 604 7.05 -45.57 -39.12
C ASN C 604 8.22 -46.50 -39.49
N GLY C 605 7.90 -47.53 -40.27
CA GLY C 605 8.90 -48.49 -40.70
C GLY C 605 9.73 -48.08 -41.89
N SER C 606 9.39 -46.95 -42.53
CA SER C 606 10.14 -46.46 -43.69
C SER C 606 10.98 -45.24 -43.36
N ALA C 607 10.41 -44.25 -42.68
CA ALA C 607 11.12 -43.06 -42.21
C ALA C 607 11.79 -42.32 -43.37
N SER C 608 10.96 -41.81 -44.27
CA SER C 608 11.42 -41.01 -45.40
C SER C 608 11.52 -39.56 -44.94
N VAL C 609 12.69 -39.18 -44.43
CA VAL C 609 12.92 -37.85 -43.88
C VAL C 609 13.33 -36.91 -45.01
N LEU C 610 13.04 -35.62 -44.83
CA LEU C 610 13.32 -34.60 -45.82
C LEU C 610 14.34 -33.61 -45.27
N SER C 611 15.08 -32.97 -46.18
CA SER C 611 16.09 -32.01 -45.79
C SER C 611 15.44 -30.78 -45.16
N PRO C 612 16.08 -30.18 -44.15
CA PRO C 612 15.50 -29.02 -43.49
C PRO C 612 15.67 -27.73 -44.29
N MET C 613 16.79 -27.60 -44.99
CA MET C 613 17.09 -26.39 -45.75
C MET C 613 18.12 -26.75 -46.82
N PRO C 614 18.24 -25.92 -47.86
CA PRO C 614 19.31 -26.16 -48.84
C PRO C 614 20.68 -26.13 -48.20
N GLY C 615 21.54 -27.03 -48.66
CA GLY C 615 22.87 -27.14 -48.08
C GLY C 615 23.64 -28.25 -48.76
N LYS C 616 24.83 -28.52 -48.24
CA LYS C 616 25.74 -29.51 -48.78
C LYS C 616 25.90 -30.66 -47.82
N VAL C 617 25.68 -31.89 -48.30
CA VAL C 617 25.92 -33.07 -47.48
C VAL C 617 27.42 -33.33 -47.46
N THR C 618 28.02 -33.30 -46.26
CA THR C 618 29.48 -33.37 -46.16
C THR C 618 30.00 -34.78 -45.94
N LYS C 619 29.41 -35.51 -44.99
CA LYS C 619 29.94 -36.82 -44.64
C LYS C 619 28.80 -37.71 -44.17
N LEU C 620 28.80 -38.96 -44.62
CA LEU C 620 27.85 -39.97 -44.16
C LEU C 620 28.46 -40.66 -42.94
N LEU C 621 27.90 -40.39 -41.77
CA LEU C 621 28.46 -40.93 -40.54
C LEU C 621 28.27 -42.43 -40.40
N VAL C 622 27.39 -43.02 -41.19
CA VAL C 622 27.18 -44.46 -41.21
C VAL C 622 27.28 -44.96 -42.64
N ALA C 623 27.85 -46.15 -42.81
CA ALA C 623 27.97 -46.72 -44.14
C ALA C 623 26.60 -47.13 -44.68
N ASP C 624 26.52 -47.25 -46.00
CA ASP C 624 25.29 -47.67 -46.64
C ASP C 624 24.95 -49.10 -46.25
N GLY C 625 23.69 -49.34 -45.91
CA GLY C 625 23.26 -50.65 -45.47
C GLY C 625 23.51 -50.96 -44.01
N THR C 626 23.86 -49.95 -43.20
CA THR C 626 24.17 -50.16 -41.79
C THR C 626 22.92 -50.00 -40.95
N LEU C 627 22.83 -50.80 -39.88
CA LEU C 627 21.74 -50.67 -38.93
C LEU C 627 21.98 -49.47 -38.02
N VAL C 628 20.98 -48.62 -37.87
CA VAL C 628 21.05 -47.44 -37.04
C VAL C 628 19.84 -47.42 -36.10
N GLN C 629 20.06 -46.99 -34.87
CA GLN C 629 19.00 -46.88 -33.88
C GLN C 629 18.27 -45.55 -34.03
N GLN C 630 17.25 -45.36 -33.19
CA GLN C 630 16.53 -44.10 -33.17
C GLN C 630 17.43 -42.99 -32.65
N GLY C 631 17.26 -41.79 -33.20
CA GLY C 631 18.07 -40.66 -32.77
C GLY C 631 19.55 -40.79 -33.09
N GLN C 632 19.92 -41.68 -34.00
CA GLN C 632 21.33 -41.88 -34.34
C GLN C 632 21.68 -41.12 -35.61
N ALA C 633 22.81 -40.42 -35.57
CA ALA C 633 23.26 -39.64 -36.71
C ALA C 633 23.61 -40.54 -37.89
N ILE C 634 23.22 -40.12 -39.09
CA ILE C 634 23.48 -40.89 -40.31
C ILE C 634 24.30 -40.07 -41.29
N LEU C 635 24.16 -38.74 -41.24
CA LEU C 635 24.87 -37.87 -42.17
C LEU C 635 24.96 -36.47 -41.59
N ILE C 636 25.84 -35.67 -42.18
CA ILE C 636 26.09 -34.30 -41.74
C ILE C 636 25.75 -33.36 -42.88
N LEU C 637 24.94 -32.34 -42.58
CA LEU C 637 24.54 -31.33 -43.55
C LEU C 637 25.13 -29.99 -43.14
N GLU C 638 25.78 -29.31 -44.06
CA GLU C 638 26.43 -28.03 -43.81
C GLU C 638 25.69 -26.93 -44.57
N ALA C 639 25.31 -25.89 -43.85
CA ALA C 639 24.68 -24.72 -44.44
C ALA C 639 25.06 -23.51 -43.60
N MET C 640 25.39 -22.42 -44.27
CA MET C 640 25.80 -21.17 -43.60
C MET C 640 27.00 -21.42 -42.70
N LYS C 641 27.91 -22.28 -43.16
CA LYS C 641 29.13 -22.63 -42.43
C LYS C 641 28.83 -23.20 -41.05
N MET C 642 27.72 -23.93 -40.92
CA MET C 642 27.32 -24.57 -39.67
C MET C 642 27.01 -26.03 -39.96
N GLU C 643 27.54 -26.92 -39.12
CA GLU C 643 27.27 -28.34 -39.30
C GLU C 643 25.94 -28.72 -38.67
N HIS C 644 25.04 -29.25 -39.49
CA HIS C 644 23.78 -29.81 -39.03
C HIS C 644 23.79 -31.30 -39.32
N VAL C 645 23.46 -32.10 -38.31
CA VAL C 645 23.57 -33.55 -38.39
C VAL C 645 22.17 -34.14 -38.48
N VAL C 646 21.93 -34.95 -39.50
CA VAL C 646 20.66 -35.63 -39.68
C VAL C 646 20.69 -36.93 -38.88
N LYS C 647 19.64 -37.14 -38.09
CA LYS C 647 19.55 -38.30 -37.21
C LYS C 647 18.49 -39.27 -37.71
N ALA C 648 18.71 -40.55 -37.43
CA ALA C 648 17.73 -41.57 -37.75
C ALA C 648 16.54 -41.49 -36.81
N SER C 649 15.33 -41.57 -37.36
CA SER C 649 14.11 -41.45 -36.57
C SER C 649 13.60 -42.79 -36.04
N CYS C 650 14.19 -43.91 -36.45
CA CYS C 650 13.76 -45.22 -35.97
C CYS C 650 14.86 -46.23 -36.22
N ASP C 651 14.75 -47.38 -35.56
CA ASP C 651 15.70 -48.45 -35.76
C ASP C 651 15.57 -49.06 -37.14
N GLY C 652 16.69 -49.53 -37.69
CA GLY C 652 16.65 -50.22 -38.96
C GLY C 652 17.84 -49.93 -39.85
N GLU C 653 17.94 -50.63 -40.97
CA GLU C 653 18.99 -50.39 -41.94
C GLU C 653 18.73 -49.08 -42.68
N VAL C 654 19.75 -48.24 -42.80
CA VAL C 654 19.63 -46.95 -43.46
C VAL C 654 20.29 -47.03 -44.83
N LYS C 655 19.58 -46.58 -45.85
CA LYS C 655 20.09 -46.51 -47.21
C LYS C 655 19.95 -45.09 -47.71
N PHE C 656 21.07 -44.47 -48.07
CA PHE C 656 21.06 -43.07 -48.50
C PHE C 656 20.55 -42.95 -49.93
N CYS C 657 19.93 -41.80 -50.22
CA CYS C 657 19.43 -41.49 -51.55
C CYS C 657 20.27 -40.46 -52.28
N VAL C 658 20.79 -39.47 -51.56
CA VAL C 658 21.60 -38.41 -52.15
C VAL C 658 23.07 -38.74 -51.96
N HIS C 659 23.87 -38.41 -52.96
CA HIS C 659 25.31 -38.62 -52.88
C HIS C 659 25.95 -37.57 -51.96
N ALA C 660 27.08 -37.95 -51.37
CA ALA C 660 27.80 -37.05 -50.49
C ALA C 660 28.56 -36.01 -51.30
N ASP C 661 28.97 -34.94 -50.61
CA ASP C 661 29.70 -33.82 -51.22
C ASP C 661 28.91 -33.21 -52.37
N GLY C 662 27.59 -33.12 -52.20
CA GLY C 662 26.74 -32.55 -53.23
C GLY C 662 25.95 -31.36 -52.73
N ILE C 663 24.67 -31.31 -53.08
CA ILE C 663 23.80 -30.20 -52.66
C ILE C 663 22.36 -30.70 -52.69
N VAL C 664 21.58 -30.26 -51.72
CA VAL C 664 20.17 -30.64 -51.60
C VAL C 664 19.34 -29.36 -51.49
N GLY C 665 18.03 -29.54 -51.59
CA GLY C 665 17.11 -28.41 -51.51
C GLY C 665 16.14 -28.53 -50.35
N GLY C 666 15.18 -27.61 -50.28
CA GLY C 666 14.19 -27.66 -49.21
C GLY C 666 13.30 -28.89 -49.35
N SER C 667 13.12 -29.62 -48.25
CA SER C 667 12.25 -30.79 -48.21
C SER C 667 12.68 -31.83 -49.25
N THR C 668 13.98 -32.10 -49.31
CA THR C 668 14.52 -33.10 -50.23
C THR C 668 14.77 -34.39 -49.49
N LEU C 669 14.30 -35.50 -50.07
CA LEU C 669 14.50 -36.81 -49.45
C LEU C 669 15.99 -37.13 -49.33
N LEU C 670 16.37 -37.70 -48.19
CA LEU C 670 17.77 -38.00 -47.90
C LEU C 670 18.05 -39.48 -47.83
N ALA C 671 17.32 -40.23 -47.02
CA ALA C 671 17.60 -41.66 -46.84
C ALA C 671 16.33 -42.38 -46.39
N HIS C 672 16.36 -43.70 -46.54
CA HIS C 672 15.27 -44.57 -46.12
C HIS C 672 15.75 -45.46 -44.99
N ILE C 673 14.96 -45.54 -43.92
CA ILE C 673 15.27 -46.37 -42.76
C ILE C 673 14.27 -47.52 -42.77
N ALA C 674 14.70 -48.68 -43.26
CA ALA C 674 13.84 -49.85 -43.37
C ALA C 674 14.16 -50.80 -42.21
N SER C 675 13.12 -51.17 -41.45
CA SER C 675 13.30 -52.04 -40.30
C SER C 675 13.70 -53.43 -40.77
N ALA C 676 14.98 -53.77 -40.62
CA ALA C 676 15.46 -55.09 -41.01
C ALA C 676 14.99 -56.15 -40.03
N ALA C 677 14.54 -57.28 -40.57
CA ALA C 677 14.07 -58.38 -39.74
C ALA C 677 15.21 -59.09 -39.03
N GLU D 60 -9.50 -24.04 52.59
CA GLU D 60 -10.69 -24.81 52.21
C GLU D 60 -11.44 -24.10 51.08
N VAL D 61 -11.17 -22.80 50.93
CA VAL D 61 -11.81 -21.98 49.91
C VAL D 61 -10.74 -21.52 48.92
N TYR D 62 -10.99 -21.75 47.64
CA TYR D 62 -10.08 -21.38 46.56
C TYR D 62 -8.71 -22.01 46.76
N LEU D 63 -8.71 -23.35 46.75
CA LEU D 63 -7.49 -24.12 46.98
C LEU D 63 -6.74 -24.41 45.69
N PHE D 64 -7.44 -24.55 44.57
CA PHE D 64 -6.82 -24.99 43.33
C PHE D 64 -6.36 -23.79 42.50
N HIS D 65 -5.90 -24.08 41.29
CA HIS D 65 -5.56 -23.13 40.25
C HIS D 65 -6.35 -23.47 38.99
N PRO D 66 -6.83 -22.47 38.26
CA PRO D 66 -7.66 -22.77 37.08
C PRO D 66 -6.97 -23.64 36.04
N ALA D 67 -5.64 -23.58 35.96
CA ALA D 67 -4.93 -24.45 35.02
C ALA D 67 -5.15 -25.92 35.36
N GLN D 68 -5.36 -26.24 36.63
CA GLN D 68 -5.65 -27.62 37.01
C GLN D 68 -6.94 -28.10 36.38
N TYR D 69 -7.98 -27.27 36.39
CA TYR D 69 -9.22 -27.61 35.71
C TYR D 69 -9.04 -27.63 34.20
N GLU D 70 -8.17 -26.76 33.67
CA GLU D 70 -7.92 -26.78 32.23
C GLU D 70 -7.28 -28.08 31.78
N SER D 71 -6.35 -28.61 32.57
CA SER D 71 -5.69 -29.88 32.29
C SER D 71 -6.21 -30.90 33.29
N ALA D 72 -7.34 -31.52 32.96
CA ALA D 72 -8.02 -32.45 33.84
C ALA D 72 -8.58 -33.59 33.02
N PRO D 73 -8.85 -34.73 33.64
CA PRO D 73 -9.50 -35.81 32.91
C PRO D 73 -10.90 -35.40 32.45
N ALA D 74 -11.40 -36.13 31.44
CA ALA D 74 -12.64 -35.75 30.79
C ALA D 74 -13.81 -35.69 31.77
N THR D 75 -13.73 -36.43 32.87
CA THR D 75 -14.82 -36.41 33.84
C THR D 75 -14.94 -35.06 34.52
N THR D 76 -13.82 -34.40 34.80
CA THR D 76 -13.82 -33.17 35.56
C THR D 76 -13.48 -31.93 34.74
N ARG D 77 -13.10 -32.07 33.49
CA ARG D 77 -12.80 -30.90 32.68
C ARG D 77 -14.10 -30.17 32.37
N PRO D 78 -14.26 -28.90 32.75
CA PRO D 78 -15.59 -28.28 32.72
C PRO D 78 -16.07 -27.88 31.34
N ASN D 79 -15.20 -27.82 30.33
CA ASN D 79 -15.63 -27.44 28.99
C ASN D 79 -15.80 -28.65 28.08
N VAL D 80 -16.04 -29.83 28.64
CA VAL D 80 -16.24 -31.05 27.88
C VAL D 80 -17.73 -31.37 27.85
N LEU D 81 -18.28 -31.53 26.65
CA LEU D 81 -19.68 -31.88 26.49
C LEU D 81 -19.89 -33.35 26.83
N HIS D 82 -20.85 -33.63 27.70
CA HIS D 82 -21.15 -34.99 28.14
C HIS D 82 -22.55 -35.36 27.65
N TYR D 83 -22.62 -36.05 26.52
CA TYR D 83 -23.90 -36.49 25.94
C TYR D 83 -23.80 -37.97 25.58
N PRO D 84 -23.87 -38.83 26.58
CA PRO D 84 -23.85 -40.27 26.30
C PRO D 84 -25.11 -40.71 25.57
N ALA D 85 -24.95 -41.74 24.75
CA ALA D 85 -26.06 -42.27 23.96
C ALA D 85 -27.00 -43.08 24.84
N GLU D 86 -28.30 -42.81 24.72
CA GLU D 86 -29.32 -43.60 25.40
C GLU D 86 -29.73 -44.77 24.51
N SER D 87 -28.79 -45.72 24.39
CA SER D 87 -28.93 -46.81 23.42
C SER D 87 -30.13 -47.71 23.70
N THR D 88 -30.66 -47.70 24.92
CA THR D 88 -31.81 -48.52 25.26
C THR D 88 -33.14 -47.83 24.99
N ASN D 89 -33.12 -46.55 24.62
CA ASN D 89 -34.35 -45.81 24.37
C ASN D 89 -34.93 -46.21 23.01
N PRO D 90 -36.21 -46.59 22.94
CA PRO D 90 -36.79 -46.99 21.64
C PRO D 90 -36.70 -45.90 20.57
N GLU D 91 -36.90 -44.64 20.95
CA GLU D 91 -36.77 -43.56 19.98
C GLU D 91 -35.36 -43.48 19.44
N PHE D 92 -34.37 -43.72 20.30
CA PHE D 92 -32.98 -43.74 19.87
C PHE D 92 -32.75 -44.82 18.83
N LYS D 93 -33.31 -46.02 19.06
CA LYS D 93 -33.16 -47.10 18.10
C LYS D 93 -33.85 -46.78 16.77
N ALA D 94 -35.04 -46.17 16.84
CA ALA D 94 -35.74 -45.81 15.61
C ALA D 94 -34.95 -44.78 14.80
N ASN D 95 -34.40 -43.78 15.49
CA ASN D 95 -33.56 -42.79 14.82
C ASN D 95 -32.34 -43.44 14.20
N THR D 96 -31.71 -44.37 14.92
CA THR D 96 -30.54 -45.06 14.40
C THR D 96 -30.88 -45.84 13.14
N GLU D 97 -32.03 -46.54 13.16
CA GLU D 97 -32.44 -47.30 11.98
C GLU D 97 -32.70 -46.39 10.78
N ARG D 98 -33.38 -45.26 11.01
CA ARG D 98 -33.63 -44.33 9.91
C ARG D 98 -32.32 -43.81 9.33
N MET D 99 -31.40 -43.38 10.18
CA MET D 99 -30.14 -42.84 9.70
C MET D 99 -29.34 -43.91 8.97
N LYS D 100 -29.36 -45.14 9.47
CA LYS D 100 -28.65 -46.23 8.81
C LYS D 100 -29.23 -46.49 7.43
N ALA D 101 -30.55 -46.48 7.30
CA ALA D 101 -31.17 -46.69 5.98
C ALA D 101 -30.79 -45.56 5.02
N LEU D 102 -30.83 -44.31 5.49
CA LEU D 102 -30.47 -43.19 4.63
C LEU D 102 -29.02 -43.28 4.17
N THR D 103 -28.11 -43.60 5.09
CA THR D 103 -26.70 -43.68 4.72
C THR D 103 -26.43 -44.85 3.78
N ALA D 104 -27.13 -45.97 3.99
CA ALA D 104 -26.99 -47.10 3.07
C ALA D 104 -27.46 -46.72 1.68
N GLU D 105 -28.57 -45.99 1.59
CA GLU D 105 -29.05 -45.55 0.27
C GLU D 105 -28.04 -44.62 -0.39
N LEU D 106 -27.46 -43.71 0.39
CA LEU D 106 -26.46 -42.79 -0.16
C LEU D 106 -25.26 -43.55 -0.72
N ARG D 107 -24.74 -44.51 0.06
CA ARG D 107 -23.59 -45.29 -0.39
C ARG D 107 -23.96 -46.12 -1.62
N ARG D 108 -25.17 -46.65 -1.66
CA ARG D 108 -25.60 -47.44 -2.81
C ARG D 108 -25.64 -46.58 -4.08
N ARG D 109 -26.16 -45.36 -3.96
CA ARG D 109 -26.20 -44.48 -5.13
C ARG D 109 -24.79 -44.13 -5.60
N VAL D 110 -23.89 -43.82 -4.67
CA VAL D 110 -22.52 -43.52 -5.06
C VAL D 110 -21.88 -44.73 -5.73
N GLN D 111 -22.12 -45.93 -5.20
CA GLN D 111 -21.51 -47.13 -5.76
C GLN D 111 -22.05 -47.43 -7.15
N VAL D 112 -23.35 -47.25 -7.37
CA VAL D 112 -23.89 -47.52 -8.71
C VAL D 112 -23.39 -46.48 -9.70
N ILE D 113 -23.14 -45.25 -9.23
CA ILE D 113 -22.51 -44.27 -10.12
C ILE D 113 -21.11 -44.71 -10.50
N VAL D 114 -20.33 -45.18 -9.52
CA VAL D 114 -18.94 -45.56 -9.80
C VAL D 114 -18.88 -46.77 -10.73
N ASP D 115 -19.66 -47.81 -10.43
CA ASP D 115 -19.58 -49.07 -11.16
C ASP D 115 -20.49 -49.13 -12.37
N GLY D 116 -21.44 -48.21 -12.51
CA GLY D 116 -22.41 -48.29 -13.59
C GLY D 116 -23.51 -49.28 -13.30
N ASP D 117 -24.73 -48.98 -13.75
CA ASP D 117 -25.87 -49.86 -13.50
C ASP D 117 -26.46 -50.45 -14.76
N SER D 118 -26.80 -49.61 -15.74
CA SER D 118 -27.47 -50.11 -16.94
C SER D 118 -26.48 -50.73 -17.91
N GLU D 119 -27.02 -51.45 -18.90
CA GLU D 119 -26.18 -52.06 -19.92
C GLU D 119 -25.56 -51.01 -20.84
N ALA D 120 -26.25 -49.89 -21.04
CA ALA D 120 -25.67 -48.80 -21.84
C ALA D 120 -24.38 -48.29 -21.20
N ASP D 121 -24.37 -48.16 -19.87
CA ASP D 121 -23.15 -47.76 -19.18
C ASP D 121 -22.03 -48.77 -19.42
N LYS D 122 -22.37 -50.07 -19.38
CA LYS D 122 -21.36 -51.10 -19.62
C LYS D 122 -20.80 -51.00 -21.02
N ARG D 123 -21.66 -50.79 -22.02
CA ARG D 123 -21.20 -50.65 -23.39
C ARG D 123 -20.30 -49.43 -23.55
N ALA D 124 -20.70 -48.30 -22.96
CA ALA D 124 -19.89 -47.10 -23.05
C ALA D 124 -18.54 -47.28 -22.38
N ARG D 125 -18.52 -47.93 -21.22
CA ARG D 125 -17.25 -48.18 -20.53
C ARG D 125 -16.38 -49.15 -21.33
N ASP D 126 -16.98 -50.15 -21.97
CA ASP D 126 -16.21 -51.05 -22.81
C ASP D 126 -15.59 -50.32 -23.99
N ARG D 127 -16.35 -49.43 -24.63
CA ARG D 127 -15.78 -48.61 -25.71
C ARG D 127 -14.65 -47.74 -25.19
N HIS D 128 -14.84 -47.15 -24.01
CA HIS D 128 -13.82 -46.28 -23.44
C HIS D 128 -12.53 -47.04 -23.14
N ILE D 129 -12.66 -48.24 -22.58
CA ILE D 129 -11.49 -49.04 -22.24
C ILE D 129 -10.80 -49.54 -23.50
N SER D 130 -11.58 -49.93 -24.51
CA SER D 130 -11.01 -50.45 -25.75
C SER D 130 -10.17 -49.42 -26.48
N ARG D 131 -10.34 -48.13 -26.17
CA ARG D 131 -9.53 -47.07 -26.76
C ARG D 131 -8.24 -46.82 -26.01
N GLY D 132 -7.94 -47.62 -25.00
CA GLY D 132 -6.76 -47.39 -24.18
C GLY D 132 -6.90 -46.28 -23.18
N LYS D 133 -8.14 -45.91 -22.83
CA LYS D 133 -8.41 -44.82 -21.90
C LYS D 133 -8.69 -45.35 -20.51
N LEU D 134 -8.27 -44.60 -19.51
CA LEU D 134 -8.62 -44.88 -18.13
C LEU D 134 -9.97 -44.23 -17.80
N LEU D 135 -10.71 -44.86 -16.90
CA LEU D 135 -11.94 -44.26 -16.42
C LEU D 135 -11.63 -43.06 -15.53
N VAL D 136 -12.64 -42.20 -15.38
CA VAL D 136 -12.42 -40.90 -14.73
C VAL D 136 -11.96 -41.08 -13.29
N HIS D 137 -12.61 -41.97 -12.54
CA HIS D 137 -12.18 -42.22 -11.17
C HIS D 137 -10.81 -42.90 -11.15
N GLN D 138 -10.51 -43.74 -12.14
CA GLN D 138 -9.17 -44.31 -12.24
C GLN D 138 -8.13 -43.26 -12.55
N ARG D 139 -8.48 -42.29 -13.40
CA ARG D 139 -7.58 -41.17 -13.66
C ARG D 139 -7.31 -40.38 -12.40
N ILE D 140 -8.34 -40.17 -11.59
CA ILE D 140 -8.15 -39.48 -10.30
C ILE D 140 -7.23 -40.29 -9.41
N GLU D 141 -7.47 -41.61 -9.33
CA GLU D 141 -6.68 -42.46 -8.45
C GLU D 141 -5.20 -42.45 -8.86
N LYS D 142 -4.93 -42.47 -10.15
CA LYS D 142 -3.54 -42.52 -10.61
C LYS D 142 -2.91 -41.15 -10.79
N LEU D 143 -3.67 -40.07 -10.64
CA LEU D 143 -3.08 -38.74 -10.69
C LEU D 143 -2.72 -38.23 -9.30
N VAL D 144 -3.53 -38.55 -8.30
CA VAL D 144 -3.28 -38.11 -6.93
C VAL D 144 -2.21 -39.00 -6.30
N ASP D 145 -1.61 -38.51 -5.23
CA ASP D 145 -0.62 -39.29 -4.49
C ASP D 145 -1.26 -40.61 -4.01
N PRO D 146 -0.49 -41.71 -3.99
CA PRO D 146 -1.13 -43.03 -3.85
C PRO D 146 -1.97 -43.22 -2.61
N MET D 147 -1.56 -42.68 -1.46
CA MET D 147 -2.31 -42.84 -0.21
C MET D 147 -2.59 -41.45 0.34
N SER D 148 -3.70 -40.85 -0.11
CA SER D 148 -4.02 -39.47 0.24
C SER D 148 -5.52 -39.27 0.08
N PRO D 149 -6.10 -38.31 0.79
CA PRO D 149 -7.53 -38.08 0.68
C PRO D 149 -7.90 -37.34 -0.59
N PHE D 150 -9.13 -37.56 -1.04
CA PHE D 150 -9.68 -36.87 -2.20
C PHE D 150 -11.10 -36.45 -1.88
N LEU D 151 -11.35 -35.14 -1.92
CA LEU D 151 -12.66 -34.59 -1.58
C LEU D 151 -13.44 -34.36 -2.87
N GLU D 152 -14.09 -35.42 -3.33
CA GLU D 152 -14.99 -35.30 -4.48
C GLU D 152 -16.25 -34.57 -4.05
N LEU D 153 -16.66 -33.57 -4.84
CA LEU D 153 -17.65 -32.60 -4.35
C LEU D 153 -19.08 -32.98 -4.72
N SER D 154 -19.42 -32.95 -6.00
CA SER D 154 -20.79 -33.19 -6.44
C SER D 154 -20.92 -34.61 -7.00
N GLN D 155 -20.95 -35.58 -6.09
CA GLN D 155 -21.03 -36.97 -6.51
C GLN D 155 -22.35 -37.26 -7.22
N LEU D 156 -23.46 -36.79 -6.66
CA LEU D 156 -24.79 -37.12 -7.16
C LEU D 156 -25.41 -36.01 -7.99
N ALA D 157 -24.59 -35.16 -8.62
CA ALA D 157 -25.10 -34.14 -9.50
C ALA D 157 -25.74 -34.77 -10.73
N GLY D 158 -26.81 -34.14 -11.22
CA GLY D 158 -27.48 -34.63 -12.39
C GLY D 158 -28.39 -35.82 -12.16
N GLY D 159 -28.71 -36.13 -10.92
CA GLY D 159 -29.59 -37.25 -10.63
C GLY D 159 -31.05 -36.94 -10.86
N ASP D 160 -31.66 -37.62 -11.82
CA ASP D 160 -33.06 -37.40 -12.19
C ASP D 160 -33.31 -35.95 -12.63
N LEU D 161 -32.27 -35.30 -13.14
CA LEU D 161 -32.37 -33.90 -13.53
C LEU D 161 -32.93 -33.73 -14.93
N TYR D 162 -32.41 -34.48 -15.90
CA TYR D 162 -32.92 -34.46 -17.26
C TYR D 162 -33.61 -35.77 -17.56
N PRO D 163 -34.91 -35.78 -17.83
CA PRO D 163 -35.60 -37.05 -18.08
C PRO D 163 -35.05 -37.76 -19.30
N GLY D 164 -34.88 -39.07 -19.16
CA GLY D 164 -34.36 -39.90 -20.22
C GLY D 164 -32.85 -40.04 -20.28
N GLU D 165 -32.12 -39.29 -19.45
CA GLU D 165 -30.67 -39.35 -19.42
C GLU D 165 -30.19 -39.64 -18.00
N ALA D 166 -29.29 -40.62 -17.88
CA ALA D 166 -28.64 -40.92 -16.61
C ALA D 166 -27.32 -40.17 -16.58
N CYS D 167 -27.41 -38.88 -16.28
CA CYS D 167 -26.25 -37.98 -16.28
C CYS D 167 -25.45 -38.25 -15.02
N HIS D 168 -24.67 -39.32 -15.05
CA HIS D 168 -23.87 -39.71 -13.89
C HIS D 168 -22.82 -38.65 -13.58
N ARG D 169 -22.78 -38.22 -12.32
CA ARG D 169 -21.87 -37.18 -11.84
C ARG D 169 -22.02 -35.85 -12.59
N GLY D 170 -23.10 -35.69 -13.34
CA GLY D 170 -23.21 -34.51 -14.17
C GLY D 170 -22.29 -34.50 -15.35
N GLY D 171 -21.74 -35.67 -15.72
CA GLY D 171 -20.81 -35.76 -16.82
C GLY D 171 -19.42 -35.27 -16.52
N ILE D 172 -19.09 -35.03 -15.26
CA ILE D 172 -17.82 -34.42 -14.91
C ILE D 172 -17.54 -34.70 -13.44
N LEU D 173 -16.28 -34.97 -13.13
CA LEU D 173 -15.84 -35.25 -11.76
C LEU D 173 -14.97 -34.09 -11.29
N THR D 174 -15.33 -33.50 -10.16
CA THR D 174 -14.57 -32.41 -9.58
C THR D 174 -14.20 -32.76 -8.15
N GLY D 175 -12.98 -32.44 -7.77
CA GLY D 175 -12.57 -32.74 -6.42
C GLY D 175 -11.29 -32.01 -6.04
N ILE D 176 -10.92 -32.14 -4.78
CA ILE D 176 -9.68 -31.60 -4.26
C ILE D 176 -8.77 -32.76 -3.91
N GLY D 177 -7.64 -32.85 -4.60
CA GLY D 177 -6.68 -33.91 -4.37
C GLY D 177 -5.35 -33.37 -3.88
N VAL D 178 -4.43 -34.29 -3.63
CA VAL D 178 -3.10 -33.97 -3.15
C VAL D 178 -2.09 -34.51 -4.15
N VAL D 179 -1.34 -33.62 -4.78
CA VAL D 179 -0.28 -33.99 -5.72
C VAL D 179 1.01 -33.39 -5.20
N HIS D 180 2.00 -34.25 -4.97
CA HIS D 180 3.30 -33.84 -4.42
C HIS D 180 3.14 -33.04 -3.13
N GLY D 181 2.16 -33.44 -2.32
CA GLY D 181 1.91 -32.79 -1.05
C GLY D 181 1.16 -31.49 -1.14
N MET D 182 0.78 -31.05 -2.34
CA MET D 182 0.09 -29.79 -2.54
C MET D 182 -1.37 -30.08 -2.90
N ARG D 183 -2.29 -29.34 -2.29
CA ARG D 183 -3.70 -29.51 -2.60
C ARG D 183 -4.04 -28.80 -3.90
N VAL D 184 -4.68 -29.52 -4.80
CA VAL D 184 -5.05 -29.00 -6.12
C VAL D 184 -6.51 -29.33 -6.37
N MET D 185 -7.12 -28.56 -7.27
CA MET D 185 -8.48 -28.80 -7.72
C MET D 185 -8.41 -29.53 -9.05
N ILE D 186 -9.03 -30.70 -9.12
CA ILE D 186 -9.01 -31.54 -10.31
C ILE D 186 -10.41 -31.56 -10.90
N VAL D 187 -10.49 -31.28 -12.20
CA VAL D 187 -11.72 -31.29 -12.97
C VAL D 187 -11.49 -32.22 -14.15
N ALA D 188 -12.24 -33.32 -14.21
CA ALA D 188 -12.04 -34.34 -15.22
C ALA D 188 -13.35 -34.64 -15.92
N ASN D 189 -13.35 -34.58 -17.25
CA ASN D 189 -14.54 -34.89 -18.01
C ASN D 189 -14.75 -36.40 -18.09
N ASP D 190 -16.00 -36.82 -18.04
CA ASP D 190 -16.38 -38.24 -18.13
C ASP D 190 -16.90 -38.49 -19.53
N ALA D 191 -16.06 -39.10 -20.37
CA ALA D 191 -16.44 -39.35 -21.76
C ALA D 191 -17.48 -40.43 -21.91
N THR D 192 -17.81 -41.16 -20.84
CA THR D 192 -18.82 -42.20 -20.90
C THR D 192 -20.23 -41.68 -20.65
N VAL D 193 -20.39 -40.38 -20.45
CA VAL D 193 -21.68 -39.75 -20.24
C VAL D 193 -21.97 -38.90 -21.46
N LYS D 194 -22.70 -39.48 -22.42
CA LYS D 194 -23.06 -38.79 -23.67
C LYS D 194 -21.83 -38.26 -24.39
N GLY D 195 -20.75 -39.05 -24.37
CA GLY D 195 -19.52 -38.62 -25.02
C GLY D 195 -18.82 -37.48 -24.35
N GLY D 196 -19.17 -37.17 -23.10
CA GLY D 196 -18.56 -36.06 -22.40
C GLY D 196 -19.16 -34.70 -22.71
N THR D 197 -20.28 -34.65 -23.42
CA THR D 197 -20.88 -33.37 -23.77
C THR D 197 -21.37 -32.64 -22.53
N TYR D 198 -21.28 -31.31 -22.58
CA TYR D 198 -21.60 -30.48 -21.42
C TYR D 198 -23.11 -30.24 -21.36
N TYR D 199 -23.75 -30.78 -20.34
CA TYR D 199 -25.09 -30.39 -19.95
C TYR D 199 -25.03 -29.07 -19.20
N PRO D 200 -26.17 -28.40 -19.00
CA PRO D 200 -26.15 -27.21 -18.14
C PRO D 200 -25.59 -27.49 -16.75
N ILE D 201 -25.92 -28.65 -16.18
CA ILE D 201 -25.38 -29.02 -14.88
C ILE D 201 -23.89 -29.24 -14.96
N THR D 202 -23.38 -29.74 -16.10
CA THR D 202 -21.94 -29.92 -16.26
C THR D 202 -21.22 -28.58 -16.21
N VAL D 203 -21.75 -27.58 -16.93
CA VAL D 203 -21.18 -26.24 -16.91
C VAL D 203 -21.24 -25.67 -15.50
N LYS D 204 -22.37 -25.85 -14.82
CA LYS D 204 -22.51 -25.31 -13.47
C LYS D 204 -21.50 -25.93 -12.52
N LYS D 205 -21.30 -27.25 -12.61
CA LYS D 205 -20.35 -27.93 -11.73
C LYS D 205 -18.92 -27.51 -12.02
N HIS D 206 -18.58 -27.37 -13.31
CA HIS D 206 -17.26 -26.89 -13.68
C HIS D 206 -17.00 -25.49 -13.14
N LEU D 207 -18.01 -24.61 -13.26
CA LEU D 207 -17.88 -23.26 -12.73
C LEU D 207 -17.74 -23.27 -11.21
N ARG D 208 -18.48 -24.14 -10.53
CA ARG D 208 -18.37 -24.22 -9.08
C ARG D 208 -16.98 -24.67 -8.66
N ALA D 209 -16.43 -25.66 -9.35
CA ALA D 209 -15.07 -26.09 -9.07
C ALA D 209 -14.08 -24.95 -9.28
N GLN D 210 -14.23 -24.21 -10.37
CA GLN D 210 -13.35 -23.07 -10.62
C GLN D 210 -13.49 -22.01 -9.53
N ARG D 211 -14.71 -21.77 -9.07
CA ARG D 211 -14.92 -20.78 -8.02
C ARG D 211 -14.23 -21.19 -6.73
N ILE D 212 -14.37 -22.47 -6.35
CA ILE D 212 -13.72 -22.95 -5.14
C ILE D 212 -12.20 -22.83 -5.27
N ALA D 213 -11.67 -23.24 -6.43
CA ALA D 213 -10.22 -23.17 -6.64
C ALA D 213 -9.72 -21.74 -6.59
N GLU D 214 -10.45 -20.81 -7.19
CA GLU D 214 -10.00 -19.42 -7.22
C GLU D 214 -10.06 -18.79 -5.82
N GLU D 215 -11.13 -19.04 -5.09
CA GLU D 215 -11.22 -18.43 -3.77
C GLU D 215 -10.31 -19.11 -2.75
N ASN D 216 -9.84 -20.32 -3.02
CA ASN D 216 -8.89 -20.99 -2.15
C ASN D 216 -7.49 -21.06 -2.72
N ARG D 217 -7.26 -20.47 -3.89
CA ARG D 217 -5.94 -20.46 -4.54
C ARG D 217 -5.42 -21.88 -4.77
N LEU D 218 -6.31 -22.78 -5.13
CA LEU D 218 -5.93 -24.15 -5.47
C LEU D 218 -5.61 -24.24 -6.96
N PRO D 219 -4.44 -24.73 -7.34
CA PRO D 219 -4.15 -24.91 -8.77
C PRO D 219 -5.17 -25.84 -9.41
N CYS D 220 -5.56 -25.52 -10.63
CA CYS D 220 -6.59 -26.25 -11.35
C CYS D 220 -5.95 -27.20 -12.36
N ILE D 221 -6.42 -28.43 -12.38
CA ILE D 221 -6.01 -29.42 -13.37
C ILE D 221 -7.28 -29.88 -14.08
N TYR D 222 -7.30 -29.72 -15.39
CA TYR D 222 -8.45 -30.07 -16.22
C TYR D 222 -8.06 -31.26 -17.08
N LEU D 223 -8.65 -32.42 -16.79
CA LEU D 223 -8.49 -33.61 -17.63
C LEU D 223 -9.62 -33.59 -18.65
N VAL D 224 -9.29 -33.19 -19.88
CA VAL D 224 -10.29 -32.83 -20.87
C VAL D 224 -10.58 -34.03 -21.76
N ASP D 225 -11.83 -34.48 -21.75
CA ASP D 225 -12.33 -35.45 -22.73
C ASP D 225 -13.82 -35.17 -22.90
N SER D 226 -14.15 -34.34 -23.90
CA SER D 226 -15.51 -33.86 -24.03
C SER D 226 -15.80 -33.51 -25.49
N GLY D 227 -16.99 -33.93 -25.95
CA GLY D 227 -17.40 -33.57 -27.30
C GLY D 227 -17.65 -32.08 -27.47
N GLY D 228 -18.17 -31.43 -26.42
CA GLY D 228 -18.48 -30.03 -26.44
C GLY D 228 -19.84 -29.81 -25.83
N ALA D 229 -20.35 -28.58 -25.96
CA ALA D 229 -21.69 -28.29 -25.50
C ALA D 229 -22.70 -29.08 -26.32
N ASN D 230 -23.72 -29.62 -25.66
CA ASN D 230 -24.75 -30.37 -26.36
C ASN D 230 -25.70 -29.39 -27.04
N LEU D 231 -25.94 -29.60 -28.33
CA LEU D 231 -26.72 -28.66 -29.12
C LEU D 231 -28.21 -28.73 -28.83
N GLY D 232 -28.66 -29.80 -28.17
CA GLY D 232 -30.08 -29.91 -27.83
C GLY D 232 -30.53 -28.88 -26.82
N MET D 233 -29.67 -28.52 -25.87
CA MET D 233 -29.99 -27.58 -24.81
C MET D 233 -29.07 -26.35 -24.88
N GLN D 234 -28.70 -25.96 -26.10
CA GLN D 234 -27.73 -24.88 -26.27
C GLN D 234 -28.21 -23.57 -25.66
N GLY D 235 -29.53 -23.39 -25.56
CA GLY D 235 -30.05 -22.18 -24.95
C GLY D 235 -29.68 -22.06 -23.49
N ASP D 236 -29.57 -23.19 -22.79
CA ASP D 236 -29.23 -23.20 -21.38
C ASP D 236 -27.74 -23.43 -21.13
N VAL D 237 -26.94 -23.48 -22.18
CA VAL D 237 -25.51 -23.79 -22.07
C VAL D 237 -24.65 -22.68 -22.64
N PHE D 238 -24.91 -22.26 -23.87
CA PHE D 238 -24.03 -21.29 -24.52
C PHE D 238 -24.19 -19.86 -24.00
N PRO D 239 -25.34 -19.18 -24.22
CA PRO D 239 -25.39 -17.73 -23.94
C PRO D 239 -25.84 -17.36 -22.54
N ASP D 240 -24.93 -16.91 -21.67
CA ASP D 240 -25.28 -16.22 -20.42
C ASP D 240 -23.99 -15.90 -19.68
N GLU D 241 -24.13 -15.16 -18.58
CA GLU D 241 -22.99 -14.89 -17.72
C GLU D 241 -22.43 -16.18 -17.13
N GLN D 242 -23.28 -16.98 -16.50
CA GLN D 242 -22.87 -18.23 -15.88
C GLN D 242 -23.00 -19.40 -16.86
N HIS D 243 -22.36 -19.27 -18.01
CA HIS D 243 -22.44 -20.29 -19.05
C HIS D 243 -21.04 -20.66 -19.53
N PHE D 244 -20.97 -21.39 -20.65
CA PHE D 244 -19.72 -22.06 -21.04
C PHE D 244 -18.55 -21.10 -21.15
N GLY D 245 -18.77 -19.87 -21.59
CA GLY D 245 -17.68 -18.92 -21.70
C GLY D 245 -17.14 -18.45 -20.36
N ARG D 246 -17.95 -18.54 -19.30
CA ARG D 246 -17.46 -18.19 -17.98
C ARG D 246 -16.32 -19.09 -17.54
N ILE D 247 -16.26 -20.31 -18.08
CA ILE D 247 -15.13 -21.19 -17.79
C ILE D 247 -13.83 -20.54 -18.24
N PHE D 248 -13.82 -20.03 -19.47
CA PHE D 248 -12.61 -19.40 -19.98
C PHE D 248 -12.33 -18.08 -19.28
N PHE D 249 -13.39 -17.35 -18.94
CA PHE D 249 -13.20 -16.11 -18.17
C PHE D 249 -12.51 -16.41 -16.84
N ASN D 250 -13.02 -17.41 -16.11
CA ASN D 250 -12.42 -17.81 -14.84
C ASN D 250 -11.00 -18.29 -15.02
N GLN D 251 -10.76 -19.06 -16.08
CA GLN D 251 -9.41 -19.59 -16.31
C GLN D 251 -8.42 -18.47 -16.53
N ALA D 252 -8.79 -17.50 -17.37
CA ALA D 252 -7.90 -16.36 -17.63
C ALA D 252 -7.67 -15.55 -16.36
N ASN D 253 -8.73 -15.30 -15.59
CA ASN D 253 -8.56 -14.47 -14.40
C ASN D 253 -7.74 -15.19 -13.33
N MET D 254 -7.91 -16.50 -13.19
CA MET D 254 -7.09 -17.25 -12.26
C MET D 254 -5.64 -17.27 -12.70
N SER D 255 -5.39 -17.42 -14.00
CA SER D 255 -4.01 -17.38 -14.49
C SER D 255 -3.38 -16.02 -14.23
N ALA D 256 -4.16 -14.95 -14.37
CA ALA D 256 -3.64 -13.62 -14.09
C ALA D 256 -3.29 -13.43 -12.62
N LYS D 257 -3.95 -14.16 -11.73
CA LYS D 257 -3.73 -14.04 -10.29
C LYS D 257 -2.63 -14.94 -9.78
N GLY D 258 -1.94 -15.66 -10.67
CA GLY D 258 -0.88 -16.54 -10.27
C GLY D 258 -1.31 -17.95 -9.91
N ILE D 259 -2.57 -18.28 -10.08
CA ILE D 259 -3.07 -19.63 -9.80
C ILE D 259 -2.87 -20.46 -11.06
N ALA D 260 -2.09 -21.53 -10.94
CA ALA D 260 -1.70 -22.30 -12.12
C ALA D 260 -2.89 -23.03 -12.72
N GLN D 261 -2.97 -22.99 -14.05
CA GLN D 261 -3.98 -23.71 -14.80
C GLN D 261 -3.27 -24.73 -15.68
N ILE D 262 -3.62 -26.00 -15.50
CA ILE D 262 -2.98 -27.10 -16.21
C ILE D 262 -4.07 -27.86 -16.94
N ALA D 263 -3.83 -28.17 -18.21
CA ALA D 263 -4.78 -28.93 -19.02
C ALA D 263 -4.10 -30.17 -19.57
N THR D 264 -4.76 -31.32 -19.45
CA THR D 264 -4.29 -32.56 -20.02
C THR D 264 -5.38 -33.10 -20.94
N VAL D 265 -5.10 -33.17 -22.23
CA VAL D 265 -6.10 -33.53 -23.23
C VAL D 265 -6.04 -35.05 -23.38
N MET D 266 -6.84 -35.75 -22.58
CA MET D 266 -6.93 -37.19 -22.67
C MET D 266 -7.81 -37.64 -23.82
N GLY D 267 -8.67 -36.75 -24.33
CA GLY D 267 -9.60 -37.10 -25.39
C GLY D 267 -9.80 -35.99 -26.38
N SER D 268 -11.06 -35.65 -26.67
CA SER D 268 -11.38 -34.62 -27.64
C SER D 268 -11.80 -33.34 -26.94
N CYS D 269 -11.52 -32.21 -27.59
CA CYS D 269 -12.03 -30.91 -27.18
C CYS D 269 -12.35 -30.13 -28.45
N THR D 270 -13.63 -29.82 -28.66
CA THR D 270 -14.11 -29.26 -29.91
C THR D 270 -14.75 -27.91 -29.66
N ALA D 271 -14.52 -26.97 -30.58
CA ALA D 271 -15.17 -25.67 -30.60
C ALA D 271 -14.81 -24.93 -29.31
N GLY D 272 -15.79 -24.52 -28.48
CA GLY D 272 -15.47 -23.76 -27.29
C GLY D 272 -14.51 -24.49 -26.36
N GLY D 273 -14.71 -25.79 -26.19
CA GLY D 273 -13.83 -26.56 -25.33
C GLY D 273 -12.37 -26.47 -25.73
N ALA D 274 -12.10 -26.20 -27.01
CA ALA D 274 -10.73 -26.09 -27.47
C ALA D 274 -9.99 -24.93 -26.80
N TYR D 275 -10.71 -23.99 -26.20
CA TYR D 275 -10.06 -22.91 -25.48
C TYR D 275 -9.42 -23.40 -24.19
N VAL D 276 -9.92 -24.49 -23.62
CA VAL D 276 -9.40 -24.96 -22.34
C VAL D 276 -7.91 -25.30 -22.42
N PRO D 277 -7.44 -26.10 -23.39
CA PRO D 277 -5.98 -26.31 -23.47
C PRO D 277 -5.23 -25.05 -23.86
N ALA D 278 -5.82 -24.22 -24.72
CA ALA D 278 -5.09 -23.09 -25.28
C ALA D 278 -4.93 -21.95 -24.27
N MET D 279 -5.86 -21.82 -23.33
CA MET D 279 -5.80 -20.75 -22.34
C MET D 279 -5.11 -21.17 -21.05
N SER D 280 -4.59 -22.38 -20.98
CA SER D 280 -3.90 -22.85 -19.79
C SER D 280 -2.43 -22.47 -19.83
N ASP D 281 -1.83 -22.36 -18.65
CA ASP D 281 -0.41 -22.07 -18.56
C ASP D 281 0.43 -23.18 -19.19
N GLU D 282 0.08 -24.42 -18.92
CA GLU D 282 0.75 -25.57 -19.51
C GLU D 282 -0.29 -26.61 -19.88
N SER D 283 -0.09 -27.26 -21.03
CA SER D 283 -1.06 -28.19 -21.57
C SER D 283 -0.36 -29.48 -22.01
N ILE D 284 -1.08 -30.59 -21.88
CA ILE D 284 -0.62 -31.91 -22.26
C ILE D 284 -1.66 -32.53 -23.19
N ILE D 285 -1.20 -33.21 -24.23
CA ILE D 285 -2.08 -33.89 -25.17
C ILE D 285 -1.60 -35.31 -25.37
N VAL D 286 -2.51 -36.26 -25.31
CA VAL D 286 -2.20 -37.67 -25.53
C VAL D 286 -2.21 -37.94 -27.03
N LYS D 287 -1.28 -38.79 -27.49
CA LYS D 287 -1.08 -39.02 -28.91
C LYS D 287 -2.31 -39.54 -29.62
N GLY D 288 -2.77 -40.74 -29.26
CA GLY D 288 -3.83 -41.38 -30.02
C GLY D 288 -5.17 -40.68 -29.88
N ASN D 289 -5.56 -40.36 -28.65
CA ASN D 289 -6.92 -39.91 -28.37
C ASN D 289 -7.06 -38.40 -28.24
N GLY D 290 -5.94 -37.66 -28.23
CA GLY D 290 -6.01 -36.22 -28.03
C GLY D 290 -6.18 -35.47 -29.33
N THR D 291 -7.24 -34.68 -29.42
CA THR D 291 -7.52 -33.85 -30.58
C THR D 291 -8.00 -32.49 -30.14
N ILE D 292 -7.44 -31.43 -30.72
CA ILE D 292 -7.82 -30.06 -30.42
C ILE D 292 -8.07 -29.33 -31.73
N PHE D 293 -9.27 -28.78 -31.90
CA PHE D 293 -9.58 -27.97 -33.06
C PHE D 293 -10.81 -27.11 -32.76
N LEU D 294 -10.81 -25.90 -33.31
CA LEU D 294 -11.99 -25.04 -33.19
C LEU D 294 -13.11 -25.51 -34.10
N GLY D 295 -12.78 -26.02 -35.28
CA GLY D 295 -13.77 -26.55 -36.19
C GLY D 295 -13.55 -28.02 -36.47
N GLY D 296 -14.56 -28.84 -36.20
CA GLY D 296 -14.45 -30.27 -36.38
C GLY D 296 -14.50 -30.67 -37.83
N PRO D 297 -14.19 -31.94 -38.08
CA PRO D 297 -14.21 -32.47 -39.45
C PRO D 297 -15.57 -32.30 -40.13
N PRO D 298 -16.69 -32.52 -39.44
CA PRO D 298 -17.97 -32.21 -40.09
C PRO D 298 -18.09 -30.75 -40.53
N LEU D 299 -17.62 -29.83 -39.71
CA LEU D 299 -17.70 -28.41 -40.07
C LEU D 299 -16.79 -28.09 -41.24
N VAL D 300 -15.57 -28.62 -41.24
CA VAL D 300 -14.65 -28.32 -42.34
C VAL D 300 -15.15 -28.94 -43.64
N PHE D 301 -15.80 -30.10 -43.57
CA PHE D 301 -16.35 -30.68 -44.78
C PHE D 301 -17.57 -29.91 -45.27
N ALA D 302 -18.44 -29.48 -44.36
CA ALA D 302 -19.58 -28.67 -44.77
C ALA D 302 -19.17 -27.30 -45.28
N ALA D 303 -17.99 -26.81 -44.90
CA ALA D 303 -17.53 -25.51 -45.34
C ALA D 303 -16.76 -25.59 -46.66
N THR D 304 -15.66 -26.34 -46.67
CA THR D 304 -14.76 -26.37 -47.82
C THR D 304 -14.87 -27.65 -48.65
N GLY D 305 -15.70 -28.60 -48.23
CA GLY D 305 -15.81 -29.83 -48.99
C GLY D 305 -14.61 -30.75 -48.90
N GLU D 306 -13.83 -30.64 -47.84
CA GLU D 306 -12.64 -31.47 -47.65
C GLU D 306 -12.87 -32.46 -46.52
N GLU D 307 -12.33 -33.66 -46.69
CA GLU D 307 -12.44 -34.72 -45.70
C GLU D 307 -11.09 -34.89 -45.01
N VAL D 308 -11.08 -34.72 -43.69
CA VAL D 308 -9.88 -34.88 -42.88
C VAL D 308 -10.24 -35.64 -41.62
N THR D 309 -9.36 -36.54 -41.20
CA THR D 309 -9.55 -37.24 -39.95
C THR D 309 -9.23 -36.31 -38.78
N PRO D 310 -9.81 -36.56 -37.61
CA PRO D 310 -9.48 -35.73 -36.43
C PRO D 310 -8.00 -35.74 -36.09
N GLU D 311 -7.31 -36.86 -36.31
CA GLU D 311 -5.89 -36.94 -36.00
C GLU D 311 -5.08 -35.99 -36.86
N GLU D 312 -5.34 -35.97 -38.17
CA GLU D 312 -4.59 -35.09 -39.04
C GLU D 312 -5.09 -33.64 -39.00
N LEU D 313 -6.23 -33.40 -38.36
CA LEU D 313 -6.73 -32.04 -38.19
C LEU D 313 -6.17 -31.39 -36.92
N GLY D 314 -6.36 -32.04 -35.77
CA GLY D 314 -5.91 -31.48 -34.51
C GLY D 314 -5.25 -32.47 -33.59
N GLY D 315 -4.53 -33.44 -34.15
CA GLY D 315 -3.89 -34.46 -33.36
C GLY D 315 -2.71 -33.94 -32.57
N ALA D 316 -2.09 -34.85 -31.82
CA ALA D 316 -0.98 -34.47 -30.95
C ALA D 316 0.22 -33.98 -31.75
N ASP D 317 0.49 -34.60 -32.90
CA ASP D 317 1.65 -34.18 -33.70
C ASP D 317 1.50 -32.75 -34.17
N VAL D 318 0.34 -32.39 -34.71
CA VAL D 318 0.18 -31.05 -35.28
C VAL D 318 0.22 -29.99 -34.18
N HIS D 319 -0.34 -30.27 -33.01
CA HIS D 319 -0.40 -29.30 -31.93
C HIS D 319 0.84 -29.31 -31.05
N CYS D 320 1.73 -30.29 -31.21
CA CYS D 320 2.91 -30.37 -30.37
C CYS D 320 4.21 -30.13 -31.12
N ARG D 321 4.21 -30.26 -32.45
CA ARG D 321 5.40 -30.05 -33.25
C ARG D 321 5.33 -28.82 -34.13
N ALA D 322 4.14 -28.43 -34.58
CA ALA D 322 3.98 -27.30 -35.49
C ALA D 322 3.16 -26.16 -34.90
N SER D 323 1.97 -26.47 -34.38
CA SER D 323 1.08 -25.42 -33.91
C SER D 323 1.62 -24.74 -32.64
N GLY D 324 2.13 -25.54 -31.71
CA GLY D 324 2.61 -25.00 -30.45
C GLY D 324 1.54 -24.76 -29.41
N VAL D 325 0.32 -25.23 -29.63
CA VAL D 325 -0.74 -25.05 -28.64
C VAL D 325 -0.42 -25.84 -27.38
N THR D 326 0.05 -27.07 -27.53
CA THR D 326 0.38 -27.92 -26.40
C THR D 326 1.87 -27.93 -26.14
N ASP D 327 2.23 -28.22 -24.89
CA ASP D 327 3.62 -28.19 -24.45
C ASP D 327 4.21 -29.56 -24.18
N TYR D 328 3.39 -30.56 -23.87
CA TYR D 328 3.92 -31.87 -23.50
C TYR D 328 3.21 -32.94 -24.32
N PHE D 329 4.01 -33.83 -24.91
CA PHE D 329 3.52 -34.92 -25.72
C PHE D 329 3.43 -36.18 -24.86
N ALA D 330 2.24 -36.75 -24.75
CA ALA D 330 2.01 -37.92 -23.92
C ALA D 330 1.72 -39.12 -24.80
N THR D 331 2.37 -40.24 -24.52
CA THR D 331 2.17 -41.45 -25.31
C THR D 331 0.87 -42.15 -24.95
N ASP D 332 0.45 -42.09 -23.69
CA ASP D 332 -0.77 -42.74 -23.24
C ASP D 332 -1.29 -42.00 -22.01
N ASP D 333 -2.35 -42.54 -21.40
CA ASP D 333 -2.93 -41.89 -20.23
C ASP D 333 -1.98 -41.87 -19.06
N LEU D 334 -1.25 -42.96 -18.83
CA LEU D 334 -0.33 -43.02 -17.70
C LEU D 334 0.79 -42.01 -17.86
N HIS D 335 1.34 -41.90 -19.07
CA HIS D 335 2.37 -40.89 -19.32
C HIS D 335 1.81 -39.49 -19.14
N ALA D 336 0.56 -39.28 -19.54
CA ALA D 336 -0.08 -37.98 -19.36
C ALA D 336 -0.19 -37.62 -17.88
N LEU D 337 -0.61 -38.58 -17.06
CA LEU D 337 -0.72 -38.30 -15.62
C LEU D 337 0.65 -38.08 -15.00
N TYR D 338 1.66 -38.82 -15.46
CA TYR D 338 3.03 -38.57 -14.99
C TYR D 338 3.48 -37.16 -15.33
N LEU D 339 3.21 -36.71 -16.56
CA LEU D 339 3.59 -35.38 -16.97
C LEU D 339 2.84 -34.32 -16.17
N THR D 340 1.57 -34.59 -15.85
CA THR D 340 0.81 -33.69 -14.99
C THR D 340 1.46 -33.56 -13.62
N ARG D 341 1.86 -34.69 -13.03
CA ARG D 341 2.54 -34.66 -11.75
C ARG D 341 3.85 -33.90 -11.84
N ARG D 342 4.57 -34.06 -12.96
CA ARG D 342 5.82 -33.33 -13.16
C ARG D 342 5.57 -31.83 -13.25
N ILE D 343 4.49 -31.44 -13.92
CA ILE D 343 4.13 -30.02 -13.99
C ILE D 343 3.83 -29.48 -12.59
N VAL D 344 3.06 -30.24 -11.81
CA VAL D 344 2.73 -29.80 -10.45
C VAL D 344 4.00 -29.70 -9.60
N ALA D 345 4.96 -30.60 -9.83
CA ALA D 345 6.17 -30.61 -9.03
C ALA D 345 6.98 -29.34 -9.19
N ASN D 346 6.88 -28.69 -10.35
CA ASN D 346 7.69 -27.53 -10.67
C ASN D 346 6.95 -26.21 -10.47
N LEU D 347 5.81 -26.23 -9.79
CA LEU D 347 5.19 -25.00 -9.31
C LEU D 347 5.96 -24.53 -8.09
N ASN D 348 6.57 -23.34 -8.19
CA ASN D 348 7.44 -22.84 -7.13
C ASN D 348 6.60 -22.29 -5.98
N ARG D 349 5.76 -23.18 -5.42
CA ARG D 349 4.87 -22.83 -4.33
C ARG D 349 5.47 -23.35 -3.03
N ASN D 350 5.62 -22.46 -2.06
CA ASN D 350 6.24 -22.84 -0.79
C ASN D 350 5.39 -23.87 -0.06
N ASP D 351 6.07 -24.76 0.66
CA ASP D 351 5.37 -25.84 1.35
C ASP D 351 4.42 -25.30 2.41
N CYS D 352 4.84 -24.30 3.16
CA CYS D 352 4.00 -23.72 4.20
C CYS D 352 4.53 -22.33 4.55
N GLU D 353 3.61 -21.37 4.69
CA GLU D 353 4.01 -20.03 5.12
C GLU D 353 4.58 -20.07 6.53
N ARG D 354 3.97 -20.84 7.43
CA ARG D 354 4.46 -21.00 8.79
C ARG D 354 4.75 -22.47 9.06
N PRO D 355 5.97 -22.83 9.45
CA PRO D 355 6.29 -24.25 9.66
C PRO D 355 5.70 -24.84 10.93
N CYS D 356 4.92 -24.09 11.69
CA CYS D 356 4.32 -24.63 12.91
C CYS D 356 3.29 -25.71 12.57
N ARG D 357 3.33 -26.80 13.35
CA ARG D 357 2.46 -27.94 13.09
C ARG D 357 1.17 -27.88 13.91
N GLY D 358 1.29 -27.86 15.23
CA GLY D 358 0.13 -27.80 16.09
C GLY D 358 -0.83 -28.97 15.92
N ARG D 359 -0.29 -30.19 15.83
CA ARG D 359 -1.09 -31.39 15.63
C ARG D 359 -1.29 -32.17 16.92
N GLU D 360 -1.21 -31.51 18.07
CA GLU D 360 -1.38 -32.18 19.36
C GLU D 360 -2.86 -32.11 19.75
N PHE D 361 -3.67 -32.90 19.05
CA PHE D 361 -5.10 -32.91 19.28
C PHE D 361 -5.56 -34.27 19.76
N THR D 362 -6.74 -34.28 20.37
CA THR D 362 -7.37 -35.48 20.90
C THR D 362 -8.65 -35.76 20.13
N PRO D 363 -8.90 -37.01 19.74
CA PRO D 363 -10.12 -37.34 19.01
C PRO D 363 -11.35 -37.09 19.87
N PRO D 364 -12.53 -36.99 19.26
CA PRO D 364 -13.76 -36.83 20.05
C PRO D 364 -13.95 -37.99 21.02
N LEU D 365 -14.50 -37.68 22.19
CA LEU D 365 -14.69 -38.66 23.24
C LEU D 365 -15.90 -39.55 23.02
N TYR D 366 -16.75 -39.24 22.05
CA TYR D 366 -17.92 -40.03 21.75
C TYR D 366 -17.91 -40.46 20.30
N ASP D 367 -18.43 -41.65 20.04
CA ASP D 367 -18.37 -42.23 18.70
C ASP D 367 -19.32 -41.48 17.77
N PRO D 368 -18.87 -41.02 16.62
CA PRO D 368 -19.79 -40.40 15.66
C PRO D 368 -20.86 -41.35 15.14
N SER D 369 -20.63 -42.66 15.21
CA SER D 369 -21.55 -43.62 14.62
C SER D 369 -22.93 -43.59 15.24
N GLU D 370 -23.07 -43.00 16.42
CA GLU D 370 -24.36 -42.90 17.09
C GLU D 370 -25.00 -41.53 16.96
N ILE D 371 -24.44 -40.65 16.13
CA ILE D 371 -25.03 -39.33 15.93
C ILE D 371 -26.47 -39.46 15.46
N GLY D 372 -26.72 -40.40 14.54
CA GLY D 372 -28.05 -40.61 14.03
C GLY D 372 -29.07 -40.95 15.10
N GLY D 373 -28.61 -41.45 16.25
CA GLY D 373 -29.54 -41.72 17.32
C GLY D 373 -30.22 -40.47 17.85
N PHE D 374 -29.52 -39.34 17.80
CA PHE D 374 -30.07 -38.07 18.29
C PHE D 374 -30.88 -37.32 17.24
N ILE D 375 -30.86 -37.76 15.98
CA ILE D 375 -31.48 -37.04 14.89
C ILE D 375 -32.90 -37.57 14.70
N PRO D 376 -33.92 -36.77 14.92
CA PRO D 376 -35.31 -37.24 14.76
C PRO D 376 -35.72 -37.22 13.29
N ASP D 377 -36.98 -37.56 13.05
CA ASP D 377 -37.52 -37.60 11.69
C ASP D 377 -37.91 -36.17 11.30
N MET D 378 -37.17 -35.60 10.34
CA MET D 378 -37.45 -34.25 9.90
C MET D 378 -38.78 -34.17 9.14
N GLY D 379 -39.13 -35.21 8.39
CA GLY D 379 -40.42 -35.24 7.74
C GLY D 379 -41.48 -35.87 8.62
N ALA D 380 -42.25 -35.02 9.32
CA ALA D 380 -43.28 -35.50 10.22
C ALA D 380 -44.28 -34.37 10.44
N ASP D 381 -45.45 -34.74 10.96
CA ASP D 381 -46.47 -33.74 11.26
C ASP D 381 -45.99 -32.78 12.33
N VAL D 382 -45.39 -33.31 13.40
CA VAL D 382 -44.78 -32.50 14.45
C VAL D 382 -43.34 -32.96 14.59
N VAL D 383 -42.40 -32.06 14.35
CA VAL D 383 -40.98 -32.39 14.36
C VAL D 383 -40.44 -32.20 15.77
N LYS D 384 -39.83 -33.25 16.32
CA LYS D 384 -39.26 -33.18 17.65
C LYS D 384 -37.97 -32.36 17.63
N GLY D 385 -37.64 -31.81 18.79
CA GLY D 385 -36.42 -31.04 18.97
C GLY D 385 -35.35 -31.86 19.68
N PHE D 386 -34.10 -31.53 19.40
CA PHE D 386 -32.96 -32.20 20.03
C PHE D 386 -31.88 -31.18 20.32
N ASP D 387 -30.94 -31.57 21.16
CA ASP D 387 -29.82 -30.71 21.51
C ASP D 387 -28.71 -30.92 20.48
N VAL D 388 -28.33 -29.84 19.80
CA VAL D 388 -27.28 -29.93 18.79
C VAL D 388 -25.92 -30.19 19.42
N ARG D 389 -25.77 -29.92 20.72
CA ARG D 389 -24.49 -30.16 21.39
C ARG D 389 -24.11 -31.64 21.36
N ALA D 390 -25.11 -32.53 21.45
CA ALA D 390 -24.83 -33.95 21.32
C ALA D 390 -24.17 -34.27 19.99
N VAL D 391 -24.52 -33.53 18.94
CA VAL D 391 -23.80 -33.66 17.68
C VAL D 391 -22.39 -33.08 17.80
N ILE D 392 -22.28 -31.90 18.41
CA ILE D 392 -20.99 -31.22 18.48
C ILE D 392 -19.99 -32.06 19.28
N ALA D 393 -20.46 -32.72 20.33
CA ALA D 393 -19.59 -33.56 21.14
C ALA D 393 -18.98 -34.70 20.35
N ARG D 394 -19.59 -35.07 19.22
CA ARG D 394 -19.10 -36.19 18.41
C ARG D 394 -18.36 -35.71 17.16
N LEU D 395 -18.01 -34.43 17.09
CA LEU D 395 -17.30 -33.89 15.93
C LEU D 395 -16.04 -33.14 16.26
N VAL D 396 -15.87 -32.61 17.47
CA VAL D 396 -14.78 -31.71 17.78
C VAL D 396 -13.76 -32.41 18.67
N ASP D 397 -12.56 -31.83 18.72
CA ASP D 397 -11.44 -32.45 19.42
C ASP D 397 -11.72 -32.55 20.91
N GLY D 398 -11.64 -33.77 21.44
CA GLY D 398 -11.79 -34.01 22.86
C GLY D 398 -13.16 -33.64 23.40
N SER D 399 -14.13 -33.45 22.51
CA SER D 399 -15.48 -33.05 22.88
C SER D 399 -15.48 -31.75 23.69
N GLU D 400 -14.50 -30.89 23.45
CA GLU D 400 -14.38 -29.64 24.17
C GLU D 400 -15.05 -28.51 23.39
N PHE D 401 -15.75 -27.64 24.10
CA PHE D 401 -16.57 -26.62 23.46
C PHE D 401 -16.77 -25.47 24.43
N ASP D 402 -16.21 -24.32 24.12
CA ASP D 402 -16.37 -23.12 24.95
C ASP D 402 -17.55 -22.33 24.42
N GLU D 403 -18.69 -22.43 25.10
CA GLU D 403 -19.90 -21.76 24.66
C GLU D 403 -19.82 -20.26 24.92
N PHE D 404 -20.33 -19.48 23.96
CA PHE D 404 -20.14 -18.03 23.96
C PHE D 404 -21.13 -17.33 24.87
N LYS D 405 -22.43 -17.45 24.60
CA LYS D 405 -23.48 -16.89 25.46
C LYS D 405 -24.45 -18.02 25.76
N LYS D 406 -24.13 -18.79 26.80
CA LYS D 406 -24.89 -20.01 27.07
C LYS D 406 -26.31 -19.71 27.53
N LEU D 407 -26.57 -18.55 28.11
CA LEU D 407 -27.85 -18.26 28.72
C LEU D 407 -28.64 -17.18 28.01
N TYR D 408 -28.12 -16.62 26.92
CA TYR D 408 -28.79 -15.51 26.24
C TYR D 408 -29.55 -15.96 24.99
N GLY D 409 -28.87 -16.59 24.04
CA GLY D 409 -29.52 -17.05 22.83
C GLY D 409 -30.48 -18.19 23.11
N ASP D 410 -29.94 -19.30 23.65
CA ASP D 410 -30.72 -20.43 24.15
C ASP D 410 -31.41 -21.18 23.02
N THR D 411 -31.33 -20.65 21.80
CA THR D 411 -31.77 -21.35 20.60
C THR D 411 -30.75 -21.30 19.49
N LEU D 412 -29.67 -20.56 19.66
CA LEU D 412 -28.54 -20.55 18.73
C LEU D 412 -27.28 -20.78 19.56
N VAL D 413 -26.66 -21.94 19.38
CA VAL D 413 -25.47 -22.30 20.14
C VAL D 413 -24.25 -21.77 19.39
N CYS D 414 -23.51 -20.86 20.03
CA CYS D 414 -22.29 -20.31 19.47
C CYS D 414 -21.13 -20.64 20.39
N GLY D 415 -20.03 -21.09 19.81
CA GLY D 415 -18.91 -21.44 20.66
C GLY D 415 -17.65 -21.68 19.86
N PHE D 416 -16.58 -21.99 20.58
CA PHE D 416 -15.29 -22.28 19.97
C PHE D 416 -14.96 -23.76 20.14
N ALA D 417 -14.37 -24.35 19.11
CA ALA D 417 -13.99 -25.75 19.15
C ALA D 417 -12.76 -25.92 18.27
N ARG D 418 -12.28 -27.15 18.17
CA ARG D 418 -11.12 -27.42 17.34
C ARG D 418 -11.32 -28.70 16.55
N PHE D 419 -10.89 -28.66 15.29
CA PHE D 419 -10.88 -29.82 14.41
C PHE D 419 -9.43 -30.14 14.09
N GLU D 420 -8.92 -31.23 14.67
CA GLU D 420 -7.53 -31.65 14.49
C GLU D 420 -6.58 -30.49 14.77
N GLY D 421 -6.87 -29.74 15.82
CA GLY D 421 -6.04 -28.64 16.24
C GLY D 421 -6.35 -27.30 15.60
N MET D 422 -7.25 -27.26 14.62
CA MET D 422 -7.61 -26.01 13.96
C MET D 422 -8.78 -25.38 14.70
N LEU D 423 -8.59 -24.15 15.17
CA LEU D 423 -9.63 -23.45 15.92
C LEU D 423 -10.74 -22.98 15.00
N VAL D 424 -11.98 -23.24 15.39
CA VAL D 424 -13.15 -22.96 14.55
C VAL D 424 -14.26 -22.44 15.45
N GLY D 425 -14.96 -21.40 14.97
CA GLY D 425 -16.18 -20.94 15.61
C GLY D 425 -17.38 -21.68 15.03
N ILE D 426 -18.19 -22.23 15.93
CA ILE D 426 -19.35 -23.03 15.55
C ILE D 426 -20.61 -22.26 15.91
N VAL D 427 -21.48 -22.08 14.90
CA VAL D 427 -22.81 -21.51 15.08
C VAL D 427 -23.81 -22.58 14.64
N ALA D 428 -24.65 -23.02 15.56
CA ALA D 428 -25.60 -24.09 15.30
C ALA D 428 -26.98 -23.69 15.75
N ASN D 429 -28.00 -24.13 15.00
CA ASN D 429 -29.38 -23.85 15.38
C ASN D 429 -29.83 -24.83 16.45
N ASN D 430 -30.60 -24.31 17.42
CA ASN D 430 -31.12 -25.13 18.49
C ASN D 430 -32.58 -24.79 18.79
N GLY D 431 -33.32 -24.36 17.77
CA GLY D 431 -34.71 -24.00 17.93
C GLY D 431 -35.06 -22.83 17.03
N ILE D 432 -36.14 -22.14 17.39
CA ILE D 432 -36.61 -21.00 16.63
C ILE D 432 -35.69 -19.81 16.88
N LEU D 433 -35.37 -19.08 15.81
CA LEU D 433 -34.56 -17.88 15.94
C LEU D 433 -35.39 -16.76 16.54
N TYR D 434 -34.82 -16.08 17.54
CA TYR D 434 -35.40 -14.90 18.15
C TYR D 434 -34.50 -13.70 17.88
N SER D 435 -34.93 -12.54 18.37
CA SER D 435 -34.10 -11.35 18.26
C SER D 435 -32.80 -11.51 19.04
N GLU D 436 -32.90 -12.08 20.25
CA GLU D 436 -31.70 -12.30 21.05
C GLU D 436 -30.75 -13.28 20.38
N SER D 437 -31.29 -14.35 19.79
CA SER D 437 -30.44 -15.33 19.12
C SER D 437 -29.75 -14.72 17.90
N ALA D 438 -30.48 -13.91 17.13
CA ALA D 438 -29.86 -13.25 15.98
C ALA D 438 -28.79 -12.27 16.41
N LEU D 439 -29.04 -11.49 17.46
CA LEU D 439 -28.01 -10.58 17.96
C LEU D 439 -26.79 -11.34 18.45
N LYS D 440 -27.01 -12.44 19.15
CA LYS D 440 -25.89 -13.26 19.64
C LYS D 440 -25.09 -13.83 18.48
N GLY D 441 -25.77 -14.33 17.45
CA GLY D 441 -25.07 -14.84 16.29
C GLY D 441 -24.26 -13.79 15.57
N ALA D 442 -24.84 -12.59 15.40
CA ALA D 442 -24.11 -11.51 14.75
C ALA D 442 -22.89 -11.11 15.56
N HIS D 443 -23.03 -10.99 16.88
CA HIS D 443 -21.90 -10.63 17.71
C HIS D 443 -20.81 -11.69 17.65
N PHE D 444 -21.20 -12.97 17.67
CA PHE D 444 -20.21 -14.04 17.60
C PHE D 444 -19.50 -14.06 16.25
N VAL D 445 -20.24 -13.80 15.16
CA VAL D 445 -19.62 -13.76 13.85
C VAL D 445 -18.63 -12.60 13.77
N GLU D 446 -18.99 -11.44 14.32
CA GLU D 446 -18.04 -10.33 14.36
C GLU D 446 -16.81 -10.69 15.17
N LEU D 447 -17.00 -11.36 16.31
CA LEU D 447 -15.88 -11.75 17.15
C LEU D 447 -14.94 -12.69 16.42
N CYS D 448 -15.50 -13.67 15.70
CA CYS D 448 -14.67 -14.59 14.93
C CYS D 448 -13.96 -13.89 13.78
N SER D 449 -14.67 -12.95 13.13
CA SER D 449 -14.06 -12.24 12.00
C SER D 449 -12.89 -11.38 12.46
N HIS D 450 -13.01 -10.72 13.61
CA HIS D 450 -11.91 -9.91 14.12
C HIS D 450 -10.69 -10.75 14.48
N ARG D 451 -10.85 -12.05 14.69
CA ARG D 451 -9.76 -12.93 15.07
C ARG D 451 -9.31 -13.85 13.94
N ASN D 452 -9.88 -13.71 12.74
CA ASN D 452 -9.57 -14.58 11.61
C ASN D 452 -9.82 -16.05 11.96
N ILE D 453 -10.88 -16.31 12.70
CA ILE D 453 -11.28 -17.67 13.08
C ILE D 453 -12.31 -18.15 12.08
N PRO D 454 -12.09 -19.28 11.41
CA PRO D 454 -13.09 -19.79 10.47
C PRO D 454 -14.39 -20.15 11.18
N LEU D 455 -15.49 -20.06 10.44
CA LEU D 455 -16.82 -20.27 10.96
C LEU D 455 -17.40 -21.58 10.45
N LEU D 456 -18.11 -22.30 11.32
CA LEU D 456 -18.82 -23.51 10.96
C LEU D 456 -20.28 -23.35 11.35
N PHE D 457 -21.17 -23.41 10.38
CA PHE D 457 -22.61 -23.30 10.59
C PHE D 457 -23.24 -24.68 10.50
N LEU D 458 -24.09 -25.00 11.46
CA LEU D 458 -24.87 -26.23 11.46
C LEU D 458 -26.34 -25.84 11.38
N GLN D 459 -26.94 -26.00 10.21
CA GLN D 459 -28.27 -25.47 9.95
C GLN D 459 -29.33 -26.52 10.24
N ASN D 460 -30.21 -26.20 11.20
CA ASN D 460 -31.51 -26.87 11.35
C ASN D 460 -32.46 -25.77 11.79
N ILE D 461 -33.06 -25.08 10.83
CA ILE D 461 -33.77 -23.84 11.08
C ILE D 461 -35.13 -23.88 10.41
N THR D 462 -36.15 -23.42 11.13
CA THR D 462 -37.52 -23.35 10.64
C THR D 462 -38.07 -21.95 10.79
N GLY D 463 -37.28 -20.96 10.39
CA GLY D 463 -37.73 -19.58 10.39
C GLY D 463 -37.60 -18.89 11.74
N PHE D 464 -38.09 -17.65 11.78
CA PHE D 464 -38.03 -16.81 12.96
C PHE D 464 -39.33 -16.91 13.74
N MET D 465 -39.38 -16.22 14.88
CA MET D 465 -40.58 -16.15 15.69
C MET D 465 -41.52 -15.09 15.14
N VAL D 466 -42.78 -15.47 14.96
CA VAL D 466 -43.78 -14.58 14.39
C VAL D 466 -44.60 -13.95 15.52
N GLY D 467 -45.27 -12.85 15.19
CA GLY D 467 -46.10 -12.18 16.17
C GLY D 467 -45.94 -10.67 16.18
N LYS D 468 -46.97 -9.97 16.67
CA LYS D 468 -46.92 -8.52 16.71
C LYS D 468 -45.82 -8.01 17.64
N THR D 469 -45.67 -8.64 18.80
CA THR D 469 -44.66 -8.20 19.76
C THR D 469 -43.25 -8.35 19.20
N TYR D 470 -42.99 -9.46 18.50
CA TYR D 470 -41.64 -9.71 18.00
C TYR D 470 -41.29 -8.78 16.86
N GLU D 471 -42.25 -8.49 15.97
CA GLU D 471 -42.01 -7.50 14.92
C GLU D 471 -41.82 -6.11 15.51
N GLU D 472 -42.61 -5.78 16.53
CA GLU D 472 -42.47 -4.48 17.19
C GLU D 472 -41.12 -4.36 17.89
N GLY D 473 -40.58 -5.46 18.37
CA GLY D 473 -39.26 -5.45 18.98
C GLY D 473 -38.11 -5.33 18.00
N GLY D 474 -38.39 -5.45 16.71
CA GLY D 474 -37.36 -5.28 15.70
C GLY D 474 -36.65 -6.56 15.32
N ILE D 475 -37.40 -7.65 15.20
CA ILE D 475 -36.78 -8.93 14.86
C ILE D 475 -36.20 -8.89 13.45
N ALA D 476 -36.85 -8.16 12.53
CA ALA D 476 -36.31 -8.04 11.19
C ALA D 476 -34.96 -7.32 11.21
N LYS D 477 -34.82 -6.30 12.06
CA LYS D 477 -33.57 -5.57 12.16
C LYS D 477 -32.45 -6.46 12.68
N ASN D 478 -32.75 -7.30 13.68
CA ASN D 478 -31.71 -8.17 14.24
C ASN D 478 -31.35 -9.29 13.27
N GLY D 479 -32.35 -9.85 12.57
CA GLY D 479 -32.05 -10.80 11.52
C GLY D 479 -31.19 -10.18 10.43
N ALA D 480 -31.45 -8.92 10.10
CA ALA D 480 -30.62 -8.21 9.14
C ALA D 480 -29.21 -8.03 9.65
N LYS D 481 -29.06 -7.74 10.95
CA LYS D 481 -27.72 -7.63 11.52
C LYS D 481 -26.96 -8.94 11.38
N LEU D 482 -27.63 -10.06 11.68
CA LEU D 482 -26.99 -11.37 11.51
C LEU D 482 -26.61 -11.62 10.05
N VAL D 483 -27.52 -11.30 9.13
CA VAL D 483 -27.25 -11.53 7.71
C VAL D 483 -26.08 -10.69 7.24
N THR D 484 -26.03 -9.42 7.68
CA THR D 484 -24.93 -8.55 7.31
C THR D 484 -23.61 -9.06 7.85
N ALA D 485 -23.60 -9.49 9.11
CA ALA D 485 -22.37 -10.02 9.70
C ALA D 485 -21.88 -11.24 8.94
N VAL D 486 -22.81 -12.13 8.58
CA VAL D 486 -22.40 -13.33 7.84
C VAL D 486 -21.92 -12.95 6.44
N SER D 487 -22.56 -11.98 5.80
CA SER D 487 -22.25 -11.66 4.41
C SER D 487 -20.91 -10.95 4.29
N THR D 488 -20.63 -10.01 5.18
CA THR D 488 -19.49 -9.13 4.99
C THR D 488 -18.21 -9.63 5.64
N THR D 489 -18.22 -10.80 6.27
CA THR D 489 -17.01 -11.33 6.87
C THR D 489 -16.11 -11.95 5.81
N HIS D 490 -14.81 -11.99 6.12
CA HIS D 490 -13.82 -12.50 5.19
C HIS D 490 -13.20 -13.83 5.61
N VAL D 491 -13.50 -14.32 6.80
CA VAL D 491 -12.97 -15.60 7.26
C VAL D 491 -13.62 -16.72 6.47
N PRO D 492 -12.96 -17.86 6.29
CA PRO D 492 -13.61 -18.98 5.61
C PRO D 492 -14.83 -19.46 6.38
N LYS D 493 -15.88 -19.81 5.64
CA LYS D 493 -17.13 -20.27 6.24
C LYS D 493 -17.50 -21.62 5.64
N ILE D 494 -17.87 -22.56 6.49
CA ILE D 494 -18.32 -23.88 6.07
C ILE D 494 -19.67 -24.13 6.73
N THR D 495 -20.67 -24.50 5.93
CA THR D 495 -22.01 -24.74 6.44
C THR D 495 -22.44 -26.16 6.10
N ILE D 496 -23.13 -26.80 7.05
CA ILE D 496 -23.66 -28.15 6.87
C ILE D 496 -25.12 -28.14 7.28
N ILE D 497 -25.98 -28.62 6.39
CA ILE D 497 -27.41 -28.73 6.67
C ILE D 497 -27.63 -30.07 7.35
N ILE D 498 -27.85 -30.04 8.66
CA ILE D 498 -28.04 -31.27 9.42
C ILE D 498 -29.53 -31.53 9.59
N GLY D 499 -30.32 -30.46 9.61
CA GLY D 499 -31.76 -30.58 9.76
C GLY D 499 -32.52 -29.98 8.59
N GLY D 500 -33.29 -28.94 8.86
CA GLY D 500 -34.04 -28.24 7.82
C GLY D 500 -33.58 -26.80 7.71
N SER D 501 -33.54 -26.29 6.48
CA SER D 501 -33.22 -24.90 6.20
C SER D 501 -34.39 -24.31 5.44
N TYR D 502 -35.16 -23.45 6.12
CA TYR D 502 -36.41 -22.93 5.59
C TYR D 502 -36.41 -21.41 5.63
N GLY D 503 -36.61 -20.79 4.47
CA GLY D 503 -36.88 -19.37 4.41
C GLY D 503 -35.71 -18.49 4.81
N ALA D 504 -36.05 -17.31 5.33
CA ALA D 504 -35.05 -16.30 5.65
C ALA D 504 -34.07 -16.79 6.70
N GLY D 505 -34.49 -17.73 7.55
CA GLY D 505 -33.56 -18.31 8.50
C GLY D 505 -32.35 -18.93 7.82
N ASN D 506 -32.58 -19.61 6.69
CA ASN D 506 -31.48 -20.09 5.88
C ASN D 506 -30.51 -18.96 5.56
N TYR D 507 -31.05 -17.80 5.16
CA TYR D 507 -30.22 -16.65 4.84
C TYR D 507 -29.40 -16.21 6.05
N GLY D 508 -29.99 -16.30 7.25
CA GLY D 508 -29.25 -15.93 8.43
C GLY D 508 -28.19 -16.92 8.85
N MET D 509 -28.17 -18.11 8.25
CA MET D 509 -27.27 -19.17 8.67
C MET D 509 -26.30 -19.56 7.56
N CYS D 510 -25.88 -18.58 6.77
CA CYS D 510 -24.89 -18.77 5.70
C CYS D 510 -25.34 -19.85 4.72
N GLY D 511 -26.41 -19.54 4.00
CA GLY D 511 -26.89 -20.42 2.96
C GLY D 511 -26.01 -20.36 1.72
N ARG D 512 -26.51 -20.98 0.65
CA ARG D 512 -25.75 -21.06 -0.58
C ARG D 512 -25.47 -19.69 -1.18
N ALA D 513 -26.38 -18.74 -0.97
CA ALA D 513 -26.24 -17.42 -1.58
C ALA D 513 -25.22 -16.54 -0.89
N PHE D 514 -24.69 -16.94 0.26
CA PHE D 514 -23.82 -16.08 1.05
C PHE D 514 -22.36 -16.51 0.98
N GLY D 515 -22.01 -17.32 -0.01
CA GLY D 515 -20.63 -17.65 -0.30
C GLY D 515 -19.85 -18.34 0.79
N PRO D 516 -20.36 -19.44 1.34
CA PRO D 516 -19.50 -20.31 2.14
C PRO D 516 -18.49 -21.00 1.25
N ARG D 517 -17.34 -21.35 1.84
CA ARG D 517 -16.33 -22.08 1.08
C ARG D 517 -16.88 -23.42 0.60
N PHE D 518 -17.59 -24.13 1.49
CA PHE D 518 -18.20 -25.41 1.17
C PHE D 518 -19.55 -25.51 1.86
N LEU D 519 -20.45 -26.29 1.26
CA LEU D 519 -21.76 -26.54 1.83
C LEU D 519 -22.15 -27.98 1.57
N PHE D 520 -22.47 -28.71 2.63
CA PHE D 520 -22.83 -30.11 2.54
C PHE D 520 -24.15 -30.35 3.26
N MET D 521 -24.86 -31.39 2.84
CA MET D 521 -26.14 -31.77 3.41
C MET D 521 -26.08 -33.21 3.89
N TRP D 522 -26.66 -33.46 5.06
CA TRP D 522 -26.88 -34.82 5.53
C TRP D 522 -28.04 -35.45 4.77
N PRO D 523 -28.07 -36.78 4.68
CA PRO D 523 -29.14 -37.43 3.89
C PRO D 523 -30.54 -37.18 4.41
N ASN D 524 -30.70 -36.77 5.66
CA ASN D 524 -32.01 -36.46 6.21
C ASN D 524 -32.40 -35.00 6.03
N ALA D 525 -31.52 -34.17 5.47
CA ALA D 525 -31.76 -32.74 5.42
C ALA D 525 -32.81 -32.38 4.38
N ARG D 526 -33.51 -31.28 4.64
CA ARG D 526 -34.51 -30.74 3.73
C ARG D 526 -34.30 -29.23 3.60
N ILE D 527 -34.33 -28.73 2.38
CA ILE D 527 -34.18 -27.30 2.12
C ILE D 527 -35.35 -26.85 1.25
N SER D 528 -36.04 -25.80 1.69
CA SER D 528 -37.19 -25.28 0.97
C SER D 528 -37.42 -23.85 1.40
N VAL D 529 -38.25 -23.14 0.64
CA VAL D 529 -38.62 -21.77 1.01
C VAL D 529 -39.42 -21.77 2.32
N MET D 530 -40.08 -22.88 2.64
CA MET D 530 -40.80 -23.04 3.89
C MET D 530 -41.01 -24.52 4.14
N GLY D 531 -41.34 -24.85 5.38
CA GLY D 531 -41.56 -26.24 5.73
C GLY D 531 -42.76 -26.82 5.00
N GLY D 532 -42.75 -28.14 4.83
CA GLY D 532 -43.84 -28.80 4.12
C GLY D 532 -45.17 -28.64 4.83
N ASN D 533 -45.19 -28.89 6.13
CA ASN D 533 -46.41 -28.67 6.90
C ASN D 533 -46.80 -27.19 6.88
N GLN D 534 -45.82 -26.31 7.06
CA GLN D 534 -46.10 -24.88 7.01
C GLN D 534 -46.64 -24.46 5.65
N ALA D 535 -46.02 -24.97 4.57
CA ALA D 535 -46.51 -24.66 3.23
C ALA D 535 -47.93 -25.13 3.05
N ALA D 536 -48.23 -26.37 3.48
CA ALA D 536 -49.57 -26.90 3.32
C ALA D 536 -50.58 -26.06 4.07
N THR D 537 -50.30 -25.75 5.33
CA THR D 537 -51.24 -24.98 6.15
C THR D 537 -51.46 -23.59 5.57
N VAL D 538 -50.38 -22.89 5.21
CA VAL D 538 -50.50 -21.52 4.73
C VAL D 538 -51.21 -21.49 3.39
N LEU D 539 -50.87 -22.40 2.48
CA LEU D 539 -51.52 -22.41 1.18
C LEU D 539 -53.00 -22.76 1.30
N ALA D 540 -53.35 -23.70 2.18
CA ALA D 540 -54.76 -24.04 2.37
C ALA D 540 -55.52 -22.86 2.96
N LEU D 541 -54.93 -22.16 3.93
CA LEU D 541 -55.62 -21.05 4.56
C LEU D 541 -55.78 -19.88 3.61
N THR D 542 -54.76 -19.60 2.81
CA THR D 542 -54.81 -18.45 1.90
C THR D 542 -55.75 -18.71 0.74
N ASN D 543 -55.74 -19.91 0.17
CA ASN D 543 -56.55 -20.21 -1.00
C ASN D 543 -58.02 -20.31 -0.63
N SER D 544 -58.75 -19.20 -0.78
CA SER D 544 -60.18 -19.19 -0.50
C SER D 544 -61.00 -19.88 -1.59
N LYS D 545 -60.45 -20.02 -2.80
CA LYS D 545 -61.16 -20.73 -3.86
C LYS D 545 -61.33 -22.20 -3.52
N LEU D 546 -60.39 -22.77 -2.78
CA LEU D 546 -60.44 -24.20 -2.46
C LEU D 546 -61.67 -24.52 -1.63
N ARG D 547 -62.37 -25.59 -2.02
CA ARG D 547 -63.56 -26.03 -1.31
C ARG D 547 -63.18 -26.92 -0.13
N GLU D 548 -64.10 -27.03 0.83
CA GLU D 548 -63.86 -27.87 2.00
C GLU D 548 -63.71 -29.33 1.60
N ASN D 549 -64.39 -29.76 0.53
CA ASN D 549 -64.30 -31.14 0.08
C ASN D 549 -62.93 -31.48 -0.50
N GLU D 550 -62.15 -30.48 -0.89
CA GLU D 550 -60.86 -30.70 -1.56
C GLU D 550 -59.72 -30.09 -0.74
N VAL D 551 -59.75 -30.26 0.57
CA VAL D 551 -58.70 -29.73 1.43
C VAL D 551 -57.59 -30.75 1.65
N GLN D 552 -57.95 -31.97 2.02
CA GLN D 552 -56.94 -32.98 2.33
C GLN D 552 -56.10 -33.32 1.11
N ASP D 553 -56.73 -33.44 -0.07
CA ASP D 553 -55.97 -33.75 -1.28
C ASP D 553 -54.99 -32.64 -1.63
N PHE D 554 -55.42 -31.38 -1.48
CA PHE D 554 -54.52 -30.26 -1.76
C PHE D 554 -53.34 -30.25 -0.82
N LYS D 555 -53.59 -30.46 0.49
CA LYS D 555 -52.50 -30.50 1.46
C LYS D 555 -51.55 -31.65 1.16
N ALA D 556 -52.09 -32.83 0.83
CA ALA D 556 -51.24 -33.96 0.51
C ALA D 556 -50.39 -33.68 -0.72
N LYS D 557 -50.98 -33.06 -1.74
CA LYS D 557 -50.24 -32.77 -2.97
C LYS D 557 -49.11 -31.78 -2.71
N VAL D 558 -49.39 -30.71 -1.96
CA VAL D 558 -48.34 -29.72 -1.70
C VAL D 558 -47.26 -30.30 -0.79
N ARG D 559 -47.65 -31.13 0.19
CA ARG D 559 -46.66 -31.77 1.04
C ARG D 559 -45.77 -32.71 0.24
N SER D 560 -46.36 -33.48 -0.68
CA SER D 560 -45.55 -34.36 -1.52
C SER D 560 -44.62 -33.56 -2.41
N LYS D 561 -45.09 -32.46 -2.98
CA LYS D 561 -44.23 -31.63 -3.83
C LYS D 561 -43.06 -31.07 -3.04
N TYR D 562 -43.33 -30.57 -1.83
CA TYR D 562 -42.25 -30.01 -1.02
C TYR D 562 -41.28 -31.08 -0.54
N GLU D 563 -41.79 -32.27 -0.21
CA GLU D 563 -40.91 -33.38 0.15
C GLU D 563 -40.01 -33.77 -1.01
N TYR D 564 -40.57 -33.81 -2.22
CA TYR D 564 -39.78 -34.20 -3.38
C TYR D 564 -38.74 -33.16 -3.73
N GLU D 565 -39.11 -31.88 -3.71
CA GLU D 565 -38.20 -30.81 -4.09
C GLU D 565 -37.30 -30.35 -2.96
N GLY D 566 -37.48 -30.87 -1.75
CA GLY D 566 -36.65 -30.47 -0.64
C GLY D 566 -35.66 -31.55 -0.21
N SER D 567 -35.73 -32.71 -0.83
CA SER D 567 -34.87 -33.81 -0.44
C SER D 567 -33.41 -33.49 -0.73
N CYS D 568 -32.52 -34.23 -0.06
CA CYS D 568 -31.09 -34.01 -0.24
C CYS D 568 -30.66 -34.29 -1.67
N TYR D 569 -31.21 -35.34 -2.28
CA TYR D 569 -30.83 -35.69 -3.64
C TYR D 569 -31.29 -34.65 -4.64
N TYR D 570 -32.48 -34.08 -4.43
CA TYR D 570 -32.95 -33.01 -5.30
C TYR D 570 -32.02 -31.81 -5.25
N SER D 571 -31.58 -31.44 -4.06
CA SER D 571 -30.64 -30.34 -3.92
C SER D 571 -29.29 -30.67 -4.56
N THR D 572 -28.82 -31.90 -4.35
CA THR D 572 -27.49 -32.27 -4.85
C THR D 572 -27.46 -32.30 -6.37
N ALA D 573 -28.51 -32.81 -7.00
CA ALA D 573 -28.52 -32.89 -8.46
C ALA D 573 -28.48 -31.52 -9.12
N ARG D 574 -28.78 -30.46 -8.38
CA ARG D 574 -28.84 -29.11 -8.92
C ARG D 574 -27.69 -28.24 -8.43
N LEU D 575 -26.66 -28.84 -7.85
CA LEU D 575 -25.46 -28.12 -7.42
C LEU D 575 -25.82 -27.02 -6.41
N TRP D 576 -26.89 -27.23 -5.66
CA TRP D 576 -27.24 -26.34 -4.56
C TRP D 576 -26.34 -26.54 -3.36
N ASP D 577 -25.64 -27.67 -3.28
CA ASP D 577 -24.68 -27.94 -2.23
C ASP D 577 -23.44 -28.56 -2.86
N ASP D 578 -22.44 -28.85 -2.04
CA ASP D 578 -21.23 -29.51 -2.50
C ASP D 578 -21.21 -31.00 -2.16
N GLY D 579 -22.37 -31.63 -2.14
CA GLY D 579 -22.47 -33.06 -1.93
C GLY D 579 -23.22 -33.41 -0.65
N VAL D 580 -23.63 -34.67 -0.61
CA VAL D 580 -24.30 -35.26 0.55
C VAL D 580 -23.32 -36.17 1.25
N ILE D 581 -23.17 -36.00 2.55
CA ILE D 581 -22.21 -36.76 3.34
C ILE D 581 -22.93 -37.40 4.52
N ALA D 582 -22.38 -38.53 4.98
CA ALA D 582 -22.93 -39.18 6.15
C ALA D 582 -22.53 -38.41 7.41
N PRO D 583 -23.39 -38.40 8.43
CA PRO D 583 -23.03 -37.69 9.67
C PRO D 583 -21.73 -38.17 10.29
N GLU D 584 -21.47 -39.48 10.30
CA GLU D 584 -20.26 -39.99 10.92
C GLU D 584 -18.99 -39.56 10.20
N ASP D 585 -19.09 -39.24 8.91
CA ASP D 585 -17.96 -38.71 8.16
C ASP D 585 -17.82 -37.20 8.29
N THR D 586 -18.80 -36.54 8.93
CA THR D 586 -18.84 -35.08 8.90
C THR D 586 -17.53 -34.47 9.34
N ARG D 587 -17.02 -34.88 10.51
CA ARG D 587 -15.76 -34.35 11.01
C ARG D 587 -14.67 -34.46 9.96
N ALA D 588 -14.49 -35.65 9.38
CA ALA D 588 -13.47 -35.83 8.36
C ALA D 588 -13.64 -34.81 7.25
N VAL D 589 -14.85 -34.69 6.71
CA VAL D 589 -15.09 -33.75 5.62
C VAL D 589 -14.65 -32.36 6.04
N VAL D 590 -15.08 -31.93 7.23
CA VAL D 590 -14.75 -30.58 7.68
C VAL D 590 -13.24 -30.38 7.66
N VAL D 591 -12.50 -31.36 8.19
CA VAL D 591 -11.05 -31.22 8.26
C VAL D 591 -10.50 -30.97 6.86
N GLN D 592 -10.90 -31.80 5.89
CA GLN D 592 -10.39 -31.62 4.54
C GLN D 592 -10.73 -30.23 4.04
N ALA D 593 -11.98 -29.81 4.22
CA ALA D 593 -12.38 -28.48 3.78
C ALA D 593 -11.50 -27.42 4.42
N LEU D 594 -11.27 -27.53 5.73
CA LEU D 594 -10.45 -26.55 6.40
C LEU D 594 -9.05 -26.51 5.81
N LEU D 595 -8.48 -27.69 5.53
CA LEU D 595 -7.15 -27.73 4.96
C LEU D 595 -7.13 -27.05 3.60
N SER D 596 -8.21 -27.22 2.82
CA SER D 596 -8.27 -26.60 1.51
C SER D 596 -8.23 -25.08 1.61
N THR D 597 -8.66 -24.54 2.73
CA THR D 597 -8.66 -23.09 2.91
C THR D 597 -7.35 -22.56 3.46
N LEU D 598 -6.38 -23.43 3.76
CA LEU D 598 -5.13 -22.94 4.35
C LEU D 598 -4.26 -22.20 3.34
N SER D 599 -4.44 -22.44 2.05
CA SER D 599 -3.69 -21.74 1.02
C SER D 599 -4.35 -20.44 0.58
N ALA D 600 -5.53 -20.11 1.13
CA ALA D 600 -6.21 -18.89 0.76
C ALA D 600 -5.42 -17.66 1.23
N PRO D 601 -5.50 -16.54 0.51
CA PRO D 601 -4.76 -15.33 0.88
C PRO D 601 -5.29 -14.68 2.15
N ASP E 11 7.37 -84.52 19.04
CA ASP E 11 7.90 -83.25 19.54
C ASP E 11 6.98 -82.10 19.16
N PHE E 12 6.65 -81.26 20.13
CA PHE E 12 5.76 -80.15 19.90
C PHE E 12 6.43 -79.07 19.05
N LYS E 13 5.64 -78.44 18.18
CA LYS E 13 6.09 -77.26 17.45
C LYS E 13 5.34 -75.99 17.85
N LYS E 14 4.06 -76.10 18.21
CA LYS E 14 3.29 -74.96 18.65
C LYS E 14 2.48 -75.33 19.88
N VAL E 15 2.51 -74.46 20.89
CA VAL E 15 1.74 -74.62 22.11
C VAL E 15 0.84 -73.41 22.26
N LEU E 16 -0.44 -73.65 22.48
CA LEU E 16 -1.42 -72.58 22.67
C LEU E 16 -1.76 -72.48 24.15
N VAL E 17 -1.61 -71.28 24.71
CA VAL E 17 -1.92 -71.02 26.10
C VAL E 17 -3.31 -70.41 26.16
N ALA E 18 -4.21 -71.05 26.92
CA ALA E 18 -5.60 -70.65 26.99
C ALA E 18 -5.88 -69.66 28.12
N ASN E 19 -4.86 -69.24 28.86
CA ASN E 19 -5.06 -68.32 29.97
C ASN E 19 -4.14 -67.11 29.79
N ARG E 20 -4.69 -65.92 30.02
CA ARG E 20 -3.93 -64.69 29.92
C ARG E 20 -3.10 -64.48 31.19
N GLY E 21 -2.43 -63.33 31.26
CA GLY E 21 -1.71 -62.93 32.45
C GLY E 21 -0.24 -63.30 32.40
N GLU E 22 0.36 -63.33 33.60
CA GLU E 22 1.78 -63.60 33.70
C GLU E 22 2.10 -65.07 33.45
N ILE E 23 1.14 -65.97 33.66
CA ILE E 23 1.39 -67.38 33.38
C ILE E 23 1.62 -67.59 31.89
N ALA E 24 0.86 -66.87 31.05
CA ALA E 24 1.08 -66.94 29.63
C ALA E 24 2.49 -66.49 29.26
N CYS E 25 2.97 -65.41 29.88
CA CYS E 25 4.32 -64.94 29.62
C CYS E 25 5.36 -65.96 30.08
N ARG E 26 5.13 -66.61 31.22
CA ARG E 26 6.05 -67.63 31.70
C ARG E 26 6.13 -68.79 30.72
N VAL E 27 4.98 -69.26 30.25
CA VAL E 27 4.95 -70.38 29.31
C VAL E 27 5.60 -69.96 27.99
N PHE E 28 5.37 -68.72 27.56
CA PHE E 28 5.99 -68.24 26.33
C PHE E 28 7.51 -68.20 26.47
N ARG E 29 8.00 -67.75 27.62
CA ARG E 29 9.44 -67.70 27.84
C ARG E 29 10.05 -69.10 27.81
N THR E 30 9.42 -70.05 28.50
CA THR E 30 9.99 -71.39 28.52
C THR E 30 9.86 -72.08 27.16
N CYS E 31 8.87 -71.68 26.36
CA CYS E 31 8.77 -72.22 25.01
C CYS E 31 9.85 -71.61 24.10
N ARG E 32 10.14 -70.32 24.27
CA ARG E 32 11.23 -69.71 23.52
C ARG E 32 12.56 -70.34 23.90
N GLU E 33 12.71 -70.73 25.16
CA GLU E 33 13.91 -71.47 25.56
C GLU E 33 14.00 -72.81 24.84
N MET E 34 12.87 -73.48 24.62
CA MET E 34 12.83 -74.79 23.99
C MET E 34 12.56 -74.74 22.49
N ASN E 35 12.50 -73.54 21.91
CA ASN E 35 12.25 -73.33 20.48
C ASN E 35 10.86 -73.79 20.04
N ILE E 36 9.85 -73.61 20.87
CA ILE E 36 8.47 -73.90 20.50
C ILE E 36 7.77 -72.59 20.15
N ARG E 37 7.12 -72.55 18.99
CA ARG E 37 6.35 -71.38 18.62
C ARG E 37 5.16 -71.20 19.54
N THR E 38 4.87 -69.95 19.89
CA THR E 38 3.88 -69.62 20.90
C THR E 38 2.64 -69.05 20.24
N VAL E 39 1.47 -69.50 20.68
CA VAL E 39 0.18 -69.00 20.22
C VAL E 39 -0.59 -68.51 21.42
N ALA E 40 -1.13 -67.29 21.33
CA ALA E 40 -1.83 -66.66 22.44
C ALA E 40 -3.34 -66.64 22.17
N VAL E 41 -4.08 -66.31 23.23
CA VAL E 41 -5.53 -66.25 23.21
C VAL E 41 -5.95 -64.92 23.83
N CYS E 42 -6.88 -64.22 23.18
CA CYS E 42 -7.32 -62.92 23.66
C CYS E 42 -8.73 -62.66 23.16
N CYS E 43 -9.29 -61.55 23.63
CA CYS E 43 -10.58 -61.06 23.19
C CYS E 43 -10.39 -59.73 22.46
N GLU E 44 -11.50 -59.21 21.91
CA GLU E 44 -11.44 -58.00 21.10
C GLU E 44 -11.06 -56.75 21.90
N GLY E 45 -11.10 -56.82 23.23
CA GLY E 45 -10.79 -55.65 24.04
C GLY E 45 -9.38 -55.65 24.59
N GLU E 46 -8.46 -56.34 23.91
CA GLU E 46 -7.07 -56.47 24.35
C GLU E 46 -6.14 -56.02 23.24
N PRO E 47 -6.03 -54.71 22.99
CA PRO E 47 -5.12 -54.24 21.94
C PRO E 47 -3.66 -54.18 22.36
N ASN E 48 -3.37 -54.16 23.66
CA ASN E 48 -1.99 -54.05 24.11
C ASN E 48 -1.70 -54.99 25.27
N ALA E 49 -2.33 -56.16 25.29
CA ALA E 49 -2.06 -57.14 26.32
C ALA E 49 -0.63 -57.65 26.20
N LYS E 50 0.04 -57.81 27.35
CA LYS E 50 1.45 -58.17 27.33
C LYS E 50 1.68 -59.54 26.70
N HIS E 51 0.82 -60.51 27.05
CA HIS E 51 1.01 -61.86 26.50
C HIS E 51 0.77 -61.89 25.00
N VAL E 52 -0.13 -61.06 24.49
CA VAL E 52 -0.35 -60.98 23.06
C VAL E 52 0.90 -60.46 22.36
N LEU E 53 1.55 -59.46 22.93
CA LEU E 53 2.75 -58.91 22.33
C LEU E 53 3.93 -59.88 22.42
N GLU E 54 3.99 -60.68 23.48
CA GLU E 54 5.11 -61.59 23.68
C GLU E 54 4.95 -62.90 22.92
N ALA E 55 3.84 -63.12 22.23
CA ALA E 55 3.59 -64.35 21.51
C ALA E 55 3.82 -64.17 20.02
N ASP E 56 4.16 -65.28 19.35
CA ASP E 56 4.34 -65.24 17.90
C ASP E 56 3.02 -64.97 17.19
N GLU E 57 1.94 -65.58 17.66
CA GLU E 57 0.63 -65.42 17.06
C GLU E 57 -0.42 -65.32 18.15
N ALA E 58 -1.56 -64.72 17.80
CA ALA E 58 -2.69 -64.61 18.72
C ALA E 58 -3.98 -64.87 17.95
N PHE E 59 -4.99 -65.35 18.68
CA PHE E 59 -6.29 -65.64 18.12
C PHE E 59 -7.36 -65.02 19.01
N VAL E 60 -8.26 -64.25 18.41
CA VAL E 60 -9.32 -63.60 19.18
C VAL E 60 -10.46 -64.57 19.38
N LEU E 61 -11.00 -64.61 20.60
CA LEU E 61 -12.01 -65.59 20.97
C LEU E 61 -13.43 -65.13 20.73
N GLY E 62 -13.62 -63.89 20.30
CA GLY E 62 -14.95 -63.37 20.06
C GLY E 62 -15.19 -62.06 20.77
N PRO E 63 -16.42 -61.85 21.25
CA PRO E 63 -16.72 -60.62 21.97
C PRO E 63 -15.89 -60.53 23.23
N PRO E 64 -15.58 -59.32 23.68
CA PRO E 64 -14.87 -59.14 24.96
C PRO E 64 -15.81 -58.81 26.13
N PRO E 65 -16.55 -59.78 26.67
CA PRO E 65 -17.11 -59.57 28.01
C PRO E 65 -16.26 -60.15 29.13
N ALA E 66 -15.10 -60.72 28.80
CA ALA E 66 -14.17 -61.37 29.73
C ALA E 66 -14.75 -62.59 30.42
N SER E 67 -15.98 -63.00 30.05
CA SER E 67 -16.59 -64.20 30.60
C SER E 67 -16.77 -65.28 29.55
N THR E 68 -17.46 -64.97 28.44
CA THR E 68 -17.56 -65.94 27.36
C THR E 68 -16.20 -66.22 26.76
N SER E 69 -15.41 -65.18 26.53
CA SER E 69 -14.04 -65.37 26.08
C SER E 69 -13.21 -65.99 27.20
N TYR E 70 -12.11 -66.65 26.80
CA TYR E 70 -11.20 -67.38 27.66
C TYR E 70 -11.87 -68.59 28.31
N LEU E 71 -13.14 -68.86 28.00
CA LEU E 71 -13.84 -70.02 28.55
C LEU E 71 -14.53 -70.87 27.50
N ARG E 72 -14.70 -70.37 26.28
CA ARG E 72 -15.31 -71.16 25.20
C ARG E 72 -14.32 -72.22 24.76
N GLY E 73 -14.54 -73.46 25.19
CA GLY E 73 -13.63 -74.54 24.82
C GLY E 73 -13.63 -74.80 23.32
N ASP E 74 -14.80 -74.76 22.68
CA ASP E 74 -14.87 -75.01 21.25
C ASP E 74 -14.11 -73.94 20.47
N ARG E 75 -14.21 -72.68 20.89
CA ARG E 75 -13.49 -71.62 20.22
C ARG E 75 -11.98 -71.80 20.37
N ILE E 76 -11.53 -72.24 21.54
CA ILE E 76 -10.10 -72.49 21.75
C ILE E 76 -9.63 -73.65 20.90
N ILE E 77 -10.45 -74.70 20.77
CA ILE E 77 -10.10 -75.83 19.93
C ILE E 77 -9.98 -75.38 18.48
N CYS E 78 -10.92 -74.56 18.02
CA CYS E 78 -10.87 -74.04 16.65
C CYS E 78 -9.63 -73.18 16.45
N ALA E 79 -9.28 -72.37 17.46
CA ALA E 79 -8.07 -71.55 17.38
C ALA E 79 -6.83 -72.41 17.25
N ALA E 80 -6.74 -73.46 18.05
CA ALA E 80 -5.57 -74.33 18.00
C ALA E 80 -5.49 -75.08 16.67
N LYS E 81 -6.64 -75.51 16.14
CA LYS E 81 -6.62 -76.21 14.85
C LYS E 81 -6.26 -75.28 13.70
N LYS E 82 -6.78 -74.05 13.72
CA LYS E 82 -6.49 -73.12 12.63
C LYS E 82 -5.02 -72.75 12.59
N LEU E 83 -4.40 -72.54 13.74
CA LEU E 83 -3.00 -72.15 13.81
C LEU E 83 -2.05 -73.33 13.88
N GLN E 84 -2.55 -74.56 13.65
CA GLN E 84 -1.73 -75.77 13.65
C GLN E 84 -0.99 -75.94 14.97
N ALA E 85 -1.65 -75.63 16.06
CA ALA E 85 -1.06 -75.82 17.38
C ALA E 85 -0.91 -77.30 17.69
N ASP E 86 0.21 -77.66 18.31
CA ASP E 86 0.46 -79.05 18.66
C ASP E 86 -0.02 -79.40 20.06
N ALA E 87 0.05 -78.47 21.01
CA ALA E 87 -0.35 -78.75 22.38
C ALA E 87 -1.17 -77.58 22.92
N VAL E 88 -1.94 -77.87 23.96
CA VAL E 88 -2.74 -76.85 24.63
C VAL E 88 -2.38 -76.85 26.11
N HIS E 89 -1.88 -75.71 26.59
CA HIS E 89 -1.51 -75.53 28.00
C HIS E 89 -2.48 -74.54 28.63
N PRO E 90 -3.25 -74.94 29.65
CA PRO E 90 -4.26 -74.04 30.22
C PRO E 90 -3.76 -73.12 31.31
N GLY E 91 -2.53 -73.27 31.78
CA GLY E 91 -2.07 -72.44 32.88
C GLY E 91 -2.75 -72.86 34.18
N TYR E 92 -2.76 -71.92 35.13
CA TYR E 92 -3.43 -72.14 36.41
C TYR E 92 -4.66 -71.26 36.58
N GLY E 93 -5.09 -70.56 35.54
CA GLY E 93 -6.25 -69.69 35.61
C GLY E 93 -7.55 -70.43 35.40
N PHE E 94 -8.50 -69.73 34.79
CA PHE E 94 -9.80 -70.33 34.50
C PHE E 94 -9.67 -71.38 33.40
N LEU E 95 -10.63 -72.31 33.38
CA LEU E 95 -10.73 -73.38 32.41
C LEU E 95 -9.56 -74.37 32.49
N SER E 96 -8.73 -74.27 33.53
CA SER E 96 -7.59 -75.17 33.71
C SER E 96 -7.94 -76.38 34.58
N GLU E 97 -9.15 -76.44 35.11
CA GLU E 97 -9.57 -77.57 35.94
C GLU E 97 -10.87 -78.20 35.44
N ASN E 98 -11.26 -77.90 34.20
CA ASN E 98 -12.50 -78.41 33.63
C ASN E 98 -12.20 -79.70 32.88
N ALA E 99 -12.79 -80.81 33.34
CA ALA E 99 -12.55 -82.10 32.71
C ALA E 99 -13.12 -82.14 31.29
N GLU E 100 -14.25 -81.46 31.06
CA GLU E 100 -14.86 -81.44 29.74
C GLU E 100 -13.93 -80.80 28.72
N PHE E 101 -13.26 -79.71 29.11
CA PHE E 101 -12.34 -79.04 28.20
C PHE E 101 -11.17 -79.95 27.83
N ALA E 102 -10.61 -80.65 28.81
CA ALA E 102 -9.51 -81.57 28.52
C ALA E 102 -9.96 -82.72 27.64
N SER E 103 -11.16 -83.24 27.88
CA SER E 103 -11.70 -84.30 27.05
C SER E 103 -11.89 -83.82 25.60
N ALA E 104 -12.38 -82.59 25.44
CA ALA E 104 -12.54 -82.03 24.10
C ALA E 104 -11.17 -81.83 23.43
N VAL E 105 -10.18 -81.40 24.19
CA VAL E 105 -8.83 -81.23 23.65
C VAL E 105 -8.29 -82.56 23.15
N LEU E 106 -8.46 -83.61 23.95
CA LEU E 106 -7.99 -84.93 23.54
C LEU E 106 -8.77 -85.46 22.34
N ALA E 107 -10.07 -85.17 22.29
CA ALA E 107 -10.90 -85.66 21.20
C ALA E 107 -10.47 -85.08 19.86
N ALA E 108 -10.14 -83.79 19.84
CA ALA E 108 -9.77 -83.12 18.59
C ALA E 108 -8.39 -83.55 18.09
N GLY E 109 -7.63 -84.30 18.88
CA GLY E 109 -6.30 -84.70 18.50
C GLY E 109 -5.19 -83.89 19.14
N LEU E 110 -5.51 -82.74 19.71
CA LEU E 110 -4.52 -81.93 20.41
C LEU E 110 -4.10 -82.62 21.71
N LYS E 111 -2.89 -82.29 22.17
CA LYS E 111 -2.35 -82.87 23.39
C LYS E 111 -2.54 -81.88 24.53
N PHE E 112 -3.25 -82.31 25.56
CA PHE E 112 -3.49 -81.47 26.74
C PHE E 112 -2.29 -81.52 27.67
N VAL E 113 -1.85 -80.36 28.13
CA VAL E 113 -0.70 -80.28 29.04
C VAL E 113 -1.27 -80.30 30.45
N GLY E 114 -1.44 -81.51 30.98
CA GLY E 114 -1.97 -81.68 32.32
C GLY E 114 -2.42 -83.10 32.61
N PRO E 115 -3.17 -83.28 33.69
CA PRO E 115 -3.58 -84.62 34.10
C PRO E 115 -4.66 -85.17 33.18
N PRO E 116 -4.89 -86.48 33.21
CA PRO E 116 -5.98 -87.04 32.42
C PRO E 116 -7.31 -86.51 32.90
N PRO E 117 -8.31 -86.41 32.01
CA PRO E 117 -9.60 -85.85 32.42
C PRO E 117 -10.27 -86.62 33.54
N ALA E 118 -10.09 -87.93 33.61
CA ALA E 118 -10.72 -88.72 34.67
C ALA E 118 -10.20 -88.32 36.04
N ALA E 119 -8.88 -88.19 36.18
CA ALA E 119 -8.30 -87.79 37.46
C ALA E 119 -8.73 -86.38 37.86
N MET E 120 -8.74 -85.46 36.89
CA MET E 120 -9.15 -84.09 37.18
C MET E 120 -10.61 -84.02 37.60
N LEU E 121 -11.49 -84.79 36.94
CA LEU E 121 -12.90 -84.81 37.31
C LEU E 121 -13.11 -85.45 38.67
N SER E 122 -12.35 -86.50 38.99
CA SER E 122 -12.57 -87.23 40.24
C SER E 122 -12.15 -86.43 41.46
N MET E 123 -11.23 -85.47 41.29
CA MET E 123 -10.67 -84.73 42.42
C MET E 123 -11.25 -83.32 42.54
N GLY E 124 -12.40 -83.06 41.91
CA GLY E 124 -13.00 -81.75 41.97
C GLY E 124 -14.35 -81.72 42.65
N SER E 125 -14.81 -82.87 43.13
CA SER E 125 -16.11 -82.98 43.77
C SER E 125 -16.05 -82.85 45.29
N LYS E 126 -14.86 -82.96 45.89
CA LYS E 126 -14.61 -82.87 47.32
C LYS E 126 -15.23 -84.02 48.10
N SER E 127 -15.93 -84.93 47.45
CA SER E 127 -16.53 -86.08 48.12
C SER E 127 -15.91 -87.38 47.64
N GLU E 128 -15.89 -87.63 46.33
CA GLU E 128 -15.23 -88.83 45.82
C GLU E 128 -13.73 -88.78 46.03
N SER E 129 -13.15 -87.58 46.00
CA SER E 129 -11.72 -87.43 46.27
C SER E 129 -11.39 -87.89 47.68
N LYS E 130 -12.24 -87.54 48.66
CA LYS E 130 -12.02 -87.99 50.02
C LYS E 130 -12.12 -89.51 50.12
N ARG E 131 -13.08 -90.11 49.40
CA ARG E 131 -13.20 -91.57 49.41
C ARG E 131 -11.95 -92.22 48.84
N ILE E 132 -11.44 -91.69 47.73
CA ILE E 132 -10.25 -92.26 47.12
C ILE E 132 -9.05 -92.12 48.06
N MET E 133 -8.92 -90.95 48.70
CA MET E 133 -7.81 -90.73 49.61
C MET E 133 -7.89 -91.66 50.81
N GLU E 134 -9.09 -91.90 51.33
CA GLU E 134 -9.26 -92.84 52.43
C GLU E 134 -8.89 -94.26 52.00
N ALA E 135 -9.33 -94.67 50.81
CA ALA E 135 -9.06 -96.02 50.33
C ALA E 135 -7.58 -96.22 50.01
N ALA E 136 -6.82 -95.15 49.86
CA ALA E 136 -5.40 -95.25 49.54
C ALA E 136 -4.50 -95.31 50.77
N GLY E 137 -5.06 -95.13 51.97
CA GLY E 137 -4.26 -95.12 53.17
C GLY E 137 -3.63 -93.79 53.51
N VAL E 138 -3.85 -92.76 52.69
CA VAL E 138 -3.35 -91.42 53.01
C VAL E 138 -4.06 -90.89 54.25
N PRO E 139 -3.36 -90.25 55.18
CA PRO E 139 -4.03 -89.75 56.38
C PRO E 139 -5.13 -88.74 56.03
N ILE E 140 -6.23 -88.82 56.77
CA ILE E 140 -7.39 -87.97 56.57
C ILE E 140 -7.71 -87.28 57.89
N VAL E 141 -8.34 -86.12 57.81
CA VAL E 141 -8.71 -85.39 59.03
C VAL E 141 -9.63 -86.24 59.87
N PRO E 142 -9.33 -86.47 61.15
CA PRO E 142 -10.17 -87.36 61.97
C PRO E 142 -11.50 -86.73 62.33
N GLY E 143 -12.46 -86.80 61.40
CA GLY E 143 -13.78 -86.27 61.65
C GLY E 143 -14.84 -87.31 61.36
N TYR E 144 -16.04 -87.05 61.89
CA TYR E 144 -17.19 -87.93 61.71
C TYR E 144 -18.21 -87.23 60.82
N TYR E 145 -18.67 -87.95 59.78
CA TYR E 145 -19.62 -87.42 58.83
C TYR E 145 -20.69 -88.45 58.49
N GLY E 146 -20.98 -89.36 59.43
CA GLY E 146 -21.95 -90.40 59.19
C GLY E 146 -23.38 -89.90 59.18
N GLU E 147 -24.28 -90.77 58.72
CA GLU E 147 -25.69 -90.41 58.65
C GLU E 147 -26.36 -90.41 60.03
N ASP E 148 -25.76 -91.05 61.02
CA ASP E 148 -26.35 -91.11 62.34
C ASP E 148 -26.14 -89.79 63.07
N GLN E 149 -27.24 -89.14 63.44
CA GLN E 149 -27.21 -87.86 64.14
C GLN E 149 -27.67 -88.00 65.60
N ASN E 150 -27.63 -89.20 66.15
CA ASN E 150 -28.04 -89.41 67.53
C ASN E 150 -27.08 -88.70 68.48
N PRO E 151 -27.57 -87.97 69.48
CA PRO E 151 -26.64 -87.25 70.37
C PRO E 151 -25.64 -88.14 71.08
N ASP E 152 -26.05 -89.34 71.50
CA ASP E 152 -25.12 -90.24 72.17
C ASP E 152 -24.04 -90.73 71.21
N ARG E 153 -24.42 -91.08 69.99
CA ARG E 153 -23.43 -91.50 68.99
C ARG E 153 -22.48 -90.36 68.65
N LEU E 154 -23.01 -89.15 68.52
CA LEU E 154 -22.16 -87.99 68.25
C LEU E 154 -21.19 -87.74 69.40
N LEU E 155 -21.66 -87.88 70.64
CA LEU E 155 -20.79 -87.70 71.79
C LEU E 155 -19.70 -88.76 71.81
N HIS E 156 -20.04 -90.02 71.50
CA HIS E 156 -19.05 -91.07 71.45
C HIS E 156 -18.01 -90.81 70.36
N GLU E 157 -18.46 -90.36 69.19
CA GLU E 157 -17.53 -90.03 68.12
C GLU E 157 -16.63 -88.87 68.51
N ALA E 158 -17.18 -87.86 69.20
CA ALA E 158 -16.37 -86.75 69.67
C ALA E 158 -15.31 -87.21 70.66
N LYS E 159 -15.69 -88.13 71.56
CA LYS E 159 -14.72 -88.69 72.49
C LYS E 159 -13.63 -89.45 71.75
N THR E 160 -14.01 -90.22 70.73
CA THR E 160 -13.02 -90.96 69.96
C THR E 160 -12.06 -90.04 69.23
N ILE E 161 -12.59 -88.96 68.64
CA ILE E 161 -11.75 -88.02 67.90
C ILE E 161 -10.77 -87.32 68.84
N GLY E 162 -11.26 -86.84 69.97
CA GLY E 162 -10.42 -86.14 70.91
C GLY E 162 -10.58 -84.63 70.86
N PHE E 163 -10.91 -84.03 72.00
CA PHE E 163 -11.08 -82.59 72.07
C PHE E 163 -9.73 -81.89 71.83
N PRO E 164 -9.75 -80.66 71.28
CA PRO E 164 -10.91 -79.86 70.86
C PRO E 164 -11.54 -80.35 69.57
N VAL E 165 -12.82 -80.07 69.35
CA VAL E 165 -13.54 -80.48 68.16
C VAL E 165 -14.33 -79.31 67.61
N LEU E 166 -14.78 -79.46 66.37
CA LEU E 166 -15.53 -78.43 65.67
C LEU E 166 -16.78 -79.07 65.06
N ILE E 167 -17.91 -78.37 65.18
CA ILE E 167 -19.19 -78.83 64.67
C ILE E 167 -19.61 -77.92 63.53
N LYS E 168 -19.93 -78.51 62.38
CA LYS E 168 -20.31 -77.77 61.19
C LYS E 168 -21.65 -78.27 60.67
N ALA E 169 -22.31 -77.41 59.89
CA ALA E 169 -23.51 -77.83 59.18
C ALA E 169 -23.13 -78.55 57.89
N VAL E 170 -23.98 -79.48 57.47
CA VAL E 170 -23.73 -80.21 56.23
C VAL E 170 -23.73 -79.26 55.04
N SER E 171 -24.69 -78.33 55.00
CA SER E 171 -24.75 -77.30 53.97
C SER E 171 -24.10 -76.00 54.42
N GLY E 172 -23.42 -76.00 55.57
CA GLY E 172 -22.82 -74.79 56.08
C GLY E 172 -21.71 -74.28 55.17
N GLY E 173 -21.64 -72.97 55.03
CA GLY E 173 -20.61 -72.35 54.22
C GLY E 173 -20.26 -70.97 54.76
N GLY E 174 -19.03 -70.55 54.50
CA GLY E 174 -18.58 -69.25 54.97
C GLY E 174 -18.33 -69.17 56.45
N GLY E 175 -18.11 -70.30 57.12
CA GLY E 175 -17.86 -70.32 58.54
C GLY E 175 -19.11 -70.25 59.41
N LYS E 176 -20.30 -70.23 58.81
CA LYS E 176 -21.53 -70.15 59.58
C LYS E 176 -21.93 -71.53 60.09
N GLY E 177 -22.47 -71.55 61.30
CA GLY E 177 -22.90 -72.80 61.89
C GLY E 177 -21.79 -73.67 62.44
N MET E 178 -20.63 -73.10 62.71
CA MET E 178 -19.50 -73.84 63.26
C MET E 178 -19.33 -73.49 64.73
N LYS E 179 -19.28 -74.52 65.57
CA LYS E 179 -19.14 -74.34 67.01
C LYS E 179 -17.92 -75.10 67.50
N ILE E 180 -17.08 -74.43 68.28
CA ILE E 180 -15.86 -75.02 68.81
C ILE E 180 -16.15 -75.56 70.21
N VAL E 181 -15.84 -76.84 70.41
CA VAL E 181 -16.07 -77.51 71.69
C VAL E 181 -14.71 -77.90 72.27
N MET E 182 -14.43 -77.41 73.47
CA MET E 182 -13.18 -77.69 74.16
C MET E 182 -13.33 -78.74 75.26
N GLU E 183 -14.49 -78.80 75.90
CA GLU E 183 -14.75 -79.73 76.99
C GLU E 183 -16.03 -80.51 76.70
N GLU E 184 -16.10 -81.72 77.27
CA GLU E 184 -17.23 -82.59 77.01
C GLU E 184 -18.53 -82.00 77.53
N THR E 185 -18.47 -81.24 78.63
CA THR E 185 -19.68 -80.67 79.22
C THR E 185 -20.37 -79.70 78.26
N GLU E 186 -19.57 -78.89 77.54
CA GLU E 186 -20.14 -77.89 76.65
C GLU E 186 -20.74 -78.50 75.38
N PHE E 187 -20.49 -79.79 75.14
CA PHE E 187 -20.95 -80.42 73.90
C PHE E 187 -22.48 -80.43 73.81
N HIS E 188 -23.15 -80.75 74.92
CA HIS E 188 -24.60 -80.87 74.89
C HIS E 188 -25.27 -79.54 74.55
N LEU E 189 -24.62 -78.42 74.84
CA LEU E 189 -25.17 -77.12 74.50
C LEU E 189 -24.74 -76.69 73.11
N MET E 190 -23.47 -76.92 72.77
CA MET E 190 -22.95 -76.48 71.48
C MET E 190 -23.62 -77.22 70.33
N LEU E 191 -23.88 -78.52 70.51
CA LEU E 191 -24.55 -79.29 69.47
C LEU E 191 -25.95 -78.75 69.21
N GLU E 192 -26.70 -78.46 70.28
CA GLU E 192 -28.04 -77.91 70.13
C GLU E 192 -28.00 -76.54 69.45
N SER E 193 -27.05 -75.70 69.86
CA SER E 193 -26.93 -74.37 69.24
C SER E 193 -26.61 -74.48 67.76
N ALA E 194 -25.70 -75.38 67.41
CA ALA E 194 -25.33 -75.57 66.01
C ALA E 194 -26.51 -76.09 65.21
N LYS E 195 -27.27 -77.03 65.78
CA LYS E 195 -28.45 -77.55 65.08
C LYS E 195 -29.49 -76.45 64.87
N ARG E 196 -29.70 -75.61 65.88
CA ARG E 196 -30.65 -74.50 65.73
C ARG E 196 -30.20 -73.53 64.65
N GLU E 197 -28.90 -73.18 64.63
CA GLU E 197 -28.40 -72.27 63.62
C GLU E 197 -28.50 -72.88 62.23
N ALA E 198 -28.19 -74.17 62.09
CA ALA E 198 -28.30 -74.83 60.80
C ALA E 198 -29.74 -74.86 60.31
N ILE E 199 -30.68 -75.11 61.22
CA ILE E 199 -32.10 -75.08 60.84
C ILE E 199 -32.50 -73.68 60.41
N ASN E 200 -32.07 -72.65 61.15
CA ASN E 200 -32.42 -71.28 60.80
C ASN E 200 -31.72 -70.76 59.56
N PHE E 201 -30.65 -71.41 59.13
CA PHE E 201 -29.91 -70.95 57.96
C PHE E 201 -29.97 -71.91 56.78
N PHE E 202 -30.00 -73.22 57.03
CA PHE E 202 -29.95 -74.19 55.95
C PHE E 202 -31.07 -75.22 56.00
N LYS E 203 -31.94 -75.17 57.02
CA LYS E 203 -33.07 -76.09 57.14
C LYS E 203 -32.63 -77.54 57.13
N ASP E 204 -31.52 -77.82 57.81
CA ASP E 204 -30.98 -79.18 57.90
C ASP E 204 -30.26 -79.31 59.24
N ASP E 205 -30.82 -80.10 60.14
CA ASP E 205 -30.26 -80.26 61.48
C ASP E 205 -29.07 -81.21 61.52
N ARG E 206 -28.77 -81.90 60.42
CA ARG E 206 -27.63 -82.80 60.40
C ARG E 206 -26.33 -82.03 60.58
N VAL E 207 -25.41 -82.60 61.35
CA VAL E 207 -24.16 -81.94 61.71
C VAL E 207 -22.99 -82.85 61.39
N ILE E 208 -21.82 -82.25 61.27
CA ILE E 208 -20.57 -82.94 61.01
C ILE E 208 -19.58 -82.56 62.10
N LEU E 209 -18.97 -83.57 62.72
CA LEU E 209 -18.00 -83.36 63.79
C LEU E 209 -16.60 -83.65 63.26
N GLU E 210 -15.69 -82.70 63.43
CA GLU E 210 -14.32 -82.84 62.97
C GLU E 210 -13.38 -82.39 64.08
N ARG E 211 -12.09 -82.68 63.90
CA ARG E 211 -11.08 -82.26 64.86
C ARG E 211 -10.63 -80.84 64.54
N TYR E 212 -10.72 -79.96 65.52
CA TYR E 212 -10.37 -78.55 65.35
C TYR E 212 -8.87 -78.36 65.60
N VAL E 213 -8.20 -77.74 64.65
CA VAL E 213 -6.78 -77.42 64.76
C VAL E 213 -6.65 -75.97 65.18
N MET E 214 -6.03 -75.74 66.34
CA MET E 214 -5.94 -74.38 66.87
C MET E 214 -4.90 -73.55 66.12
N HIS E 215 -3.83 -74.18 65.63
CA HIS E 215 -2.74 -73.49 64.94
C HIS E 215 -2.47 -74.17 63.61
N PRO E 216 -3.37 -74.04 62.65
CA PRO E 216 -3.17 -74.72 61.36
C PRO E 216 -2.08 -74.06 60.53
N ARG E 217 -1.48 -74.87 59.65
CA ARG E 217 -0.54 -74.37 58.65
C ARG E 217 -0.83 -75.10 57.34
N HIS E 218 -1.08 -74.35 56.27
CA HIS E 218 -1.30 -74.96 54.97
C HIS E 218 0.03 -75.29 54.33
N ILE E 219 0.40 -76.56 54.34
CA ILE E 219 1.69 -77.01 53.80
C ILE E 219 1.43 -77.72 52.49
N GLU E 220 2.06 -77.24 51.42
CA GLU E 220 1.86 -77.78 50.08
C GLU E 220 3.09 -78.55 49.64
N CYS E 221 2.87 -79.78 49.18
CA CYS E 221 3.91 -80.60 48.57
C CYS E 221 3.63 -80.71 47.08
N GLN E 222 4.66 -80.51 46.27
CA GLN E 222 4.52 -80.49 44.82
C GLN E 222 5.06 -81.78 44.23
N ILE E 223 4.25 -82.45 43.42
CA ILE E 223 4.62 -83.72 42.81
C ILE E 223 4.58 -83.58 41.30
N PHE E 224 5.42 -84.37 40.64
CA PHE E 224 5.49 -84.38 39.19
C PHE E 224 5.59 -85.82 38.72
N PHE E 225 4.68 -86.22 37.84
CA PHE E 225 4.57 -87.60 37.40
C PHE E 225 4.65 -87.69 35.88
N ASP E 226 5.36 -88.70 35.41
CA ASP E 226 5.55 -88.92 33.99
C ASP E 226 4.37 -89.72 33.43
N SER E 227 4.39 -89.93 32.11
CA SER E 227 3.37 -90.74 31.46
C SER E 227 3.55 -92.23 31.71
N PHE E 228 4.74 -92.65 32.16
CA PHE E 228 5.03 -94.05 32.40
C PHE E 228 4.72 -94.50 33.81
N GLY E 229 4.24 -93.60 34.67
CA GLY E 229 3.91 -93.93 36.04
C GLY E 229 4.93 -93.50 37.07
N ASN E 230 6.12 -93.07 36.64
CA ASN E 230 7.11 -92.58 37.59
C ASN E 230 6.67 -91.25 38.19
N GLY E 231 7.12 -90.99 39.40
CA GLY E 231 6.74 -89.77 40.10
C GLY E 231 7.83 -89.32 41.04
N VAL E 232 7.98 -87.99 41.15
CA VAL E 232 9.00 -87.39 42.00
C VAL E 232 8.38 -86.20 42.72
N PHE E 233 8.65 -86.09 44.02
CA PHE E 233 8.19 -84.95 44.80
C PHE E 233 9.24 -83.84 44.79
N PHE E 234 8.79 -82.63 45.13
CA PHE E 234 9.63 -81.43 45.05
C PHE E 234 9.55 -80.64 46.35
N PHE E 235 9.74 -81.36 47.47
CA PHE E 235 9.89 -80.78 48.81
C PHE E 235 8.55 -80.16 49.22
N GLU E 236 8.53 -78.96 49.81
CA GLU E 236 7.32 -78.42 50.40
C GLU E 236 7.23 -76.93 50.12
N ARG E 237 6.02 -76.39 50.29
CA ARG E 237 5.78 -74.96 50.18
C ARG E 237 4.82 -74.56 51.29
N ASP E 238 5.10 -73.42 51.93
CA ASP E 238 4.29 -72.94 53.03
C ASP E 238 3.43 -71.77 52.55
N CYS E 239 2.11 -71.89 52.75
CA CYS E 239 1.16 -70.85 52.37
C CYS E 239 0.35 -70.39 53.58
N SER E 240 0.98 -70.36 54.75
CA SER E 240 0.25 -70.02 55.97
C SER E 240 -0.22 -68.57 55.96
N VAL E 241 0.63 -67.65 55.50
CA VAL E 241 0.30 -66.23 55.52
C VAL E 241 -0.72 -65.93 54.42
N GLN E 242 -1.98 -65.83 54.80
CA GLN E 242 -3.05 -65.57 53.84
C GLN E 242 -4.23 -64.95 54.59
N ARG E 243 -5.16 -64.40 53.82
CA ARG E 243 -6.34 -63.75 54.38
C ARG E 243 -7.55 -64.10 53.52
N ARG E 244 -8.56 -64.73 54.14
CA ARG E 244 -9.80 -65.08 53.45
C ARG E 244 -9.54 -65.90 52.19
N HIS E 245 -8.74 -66.95 52.35
CA HIS E 245 -8.41 -67.87 51.26
C HIS E 245 -7.74 -67.15 50.09
N GLN E 246 -6.94 -66.14 50.39
CA GLN E 246 -6.17 -65.42 49.37
C GLN E 246 -4.71 -65.44 49.78
N LYS E 247 -3.90 -66.20 49.05
CA LYS E 247 -2.49 -66.33 49.39
C LYS E 247 -1.78 -64.99 49.22
N VAL E 248 -0.88 -64.69 50.15
CA VAL E 248 -0.18 -63.41 50.16
C VAL E 248 1.32 -63.61 50.06
N ILE E 249 1.90 -64.34 51.00
CA ILE E 249 3.34 -64.55 51.06
C ILE E 249 3.61 -66.05 51.21
N GLU E 250 4.54 -66.56 50.40
CA GLU E 250 4.90 -67.97 50.43
C GLU E 250 6.40 -68.12 50.66
N GLU E 251 6.78 -69.28 51.18
CA GLU E 251 8.18 -69.56 51.48
C GLU E 251 8.50 -70.99 51.07
N ALA E 252 9.77 -71.24 50.76
CA ALA E 252 10.21 -72.58 50.40
C ALA E 252 11.67 -72.74 50.76
N PRO E 253 12.03 -73.76 51.55
CA PRO E 253 11.16 -74.78 52.15
C PRO E 253 10.40 -74.23 53.36
N ALA E 254 9.43 -74.97 53.88
CA ALA E 254 8.69 -74.51 55.04
C ALA E 254 9.59 -74.49 56.27
N PRO E 255 9.75 -73.36 56.95
CA PRO E 255 10.62 -73.31 58.12
C PRO E 255 10.05 -74.14 59.27
N GLY E 256 10.96 -74.66 60.10
CA GLY E 256 10.56 -75.46 61.24
C GLY E 256 10.14 -76.87 60.91
N LEU E 257 10.53 -77.39 59.75
CA LEU E 257 10.19 -78.75 59.35
C LEU E 257 11.45 -79.60 59.32
N SER E 258 11.41 -80.73 60.02
CA SER E 258 12.54 -81.63 60.06
C SER E 258 12.69 -82.38 58.74
N VAL E 259 13.89 -82.91 58.51
CA VAL E 259 14.14 -83.66 57.29
C VAL E 259 13.27 -84.91 57.23
N ASP E 260 13.11 -85.59 58.37
CA ASP E 260 12.25 -86.77 58.41
C ASP E 260 10.81 -86.41 58.10
N MET E 261 10.33 -85.29 58.64
CA MET E 261 8.96 -84.86 58.36
C MET E 261 8.78 -84.55 56.87
N ARG E 262 9.77 -83.90 56.25
CA ARG E 262 9.69 -83.61 54.82
C ARG E 262 9.69 -84.91 54.01
N ARG E 263 10.52 -85.88 54.40
CA ARG E 263 10.53 -87.16 53.70
C ARG E 263 9.17 -87.85 53.83
N ARG E 264 8.57 -87.83 55.02
CA ARG E 264 7.28 -88.45 55.23
C ARG E 264 6.20 -87.77 54.37
N ILE E 265 6.21 -86.44 54.34
CA ILE E 265 5.20 -85.71 53.55
C ILE E 265 5.39 -86.00 52.07
N GLY E 266 6.64 -86.03 51.60
CA GLY E 266 6.88 -86.34 50.20
C GLY E 266 6.44 -87.74 49.83
N ASP E 267 6.72 -88.71 50.70
CA ASP E 267 6.29 -90.08 50.42
C ASP E 267 4.77 -90.18 50.40
N VAL E 268 4.09 -89.51 51.33
CA VAL E 268 2.63 -89.53 51.34
C VAL E 268 2.08 -88.89 50.07
N ALA E 269 2.67 -87.78 49.64
CA ALA E 269 2.22 -87.11 48.42
C ALA E 269 2.41 -88.00 47.21
N LEU E 270 3.57 -88.66 47.11
CA LEU E 270 3.81 -89.55 45.98
C LEU E 270 2.82 -90.71 45.99
N THR E 271 2.54 -91.27 47.17
CA THR E 271 1.58 -92.37 47.26
C THR E 271 0.19 -91.91 46.82
N ALA E 272 -0.23 -90.73 47.28
CA ALA E 272 -1.54 -90.22 46.89
C ALA E 272 -1.62 -89.98 45.38
N ALA E 273 -0.57 -89.42 44.79
CA ALA E 273 -0.56 -89.19 43.36
C ALA E 273 -0.58 -90.50 42.58
N ARG E 274 0.14 -91.52 43.06
CA ARG E 274 0.08 -92.83 42.42
C ARG E 274 -1.32 -93.41 42.52
N ALA E 275 -1.97 -93.25 43.68
CA ALA E 275 -3.32 -93.79 43.86
C ALA E 275 -4.31 -93.11 42.93
N VAL E 276 -4.20 -91.79 42.77
CA VAL E 276 -5.11 -91.07 41.89
C VAL E 276 -4.76 -91.24 40.42
N GLY E 277 -3.57 -91.76 40.11
CA GLY E 277 -3.16 -91.92 38.73
C GLY E 277 -2.97 -90.58 38.05
N TYR E 278 -1.98 -89.81 38.50
CA TYR E 278 -1.77 -88.45 38.05
C TYR E 278 -0.65 -88.38 37.02
N VAL E 279 -0.82 -87.48 36.06
CA VAL E 279 0.19 -87.20 35.05
C VAL E 279 0.41 -85.70 35.01
N GLY E 280 1.67 -85.27 35.00
CA GLY E 280 1.98 -83.85 34.96
C GLY E 280 2.39 -83.31 36.32
N ALA E 281 2.18 -82.02 36.54
CA ALA E 281 2.56 -81.37 37.79
C ALA E 281 1.32 -81.10 38.63
N GLY E 282 1.34 -81.55 39.88
CA GLY E 282 0.22 -81.34 40.79
C GLY E 282 0.72 -80.93 42.16
N THR E 283 -0.23 -80.51 42.99
CA THR E 283 0.07 -80.08 44.35
C THR E 283 -0.89 -80.74 45.33
N VAL E 284 -0.41 -81.00 46.53
CA VAL E 284 -1.25 -81.54 47.61
C VAL E 284 -1.05 -80.67 48.84
N GLU E 285 -2.14 -80.12 49.37
CA GLU E 285 -2.11 -79.24 50.52
C GLU E 285 -2.65 -79.99 51.73
N PHE E 286 -1.89 -79.98 52.81
CA PHE E 286 -2.24 -80.59 54.08
C PHE E 286 -2.34 -79.52 55.15
N ILE E 287 -3.13 -79.83 56.18
CA ILE E 287 -3.26 -78.98 57.36
C ILE E 287 -2.32 -79.53 58.41
N PHE E 288 -1.16 -78.90 58.56
CA PHE E 288 -0.15 -79.32 59.53
C PHE E 288 -0.38 -78.60 60.84
N ASP E 289 -0.17 -79.30 61.95
CA ASP E 289 -0.30 -78.74 63.28
C ASP E 289 1.07 -78.68 63.94
N THR E 290 1.44 -77.50 64.46
CA THR E 290 2.72 -77.37 65.14
C THR E 290 2.74 -78.14 66.45
N GLU E 291 1.61 -78.17 67.17
CA GLU E 291 1.57 -78.83 68.46
C GLU E 291 1.58 -80.35 68.31
N LYS E 292 0.80 -80.87 67.37
CA LYS E 292 0.65 -82.32 67.24
C LYS E 292 1.67 -82.95 66.29
N ASP E 293 2.32 -82.15 65.45
CA ASP E 293 3.33 -82.64 64.51
C ASP E 293 2.78 -83.75 63.62
N GLU E 294 1.53 -83.60 63.20
CA GLU E 294 0.88 -84.56 62.31
C GLU E 294 0.14 -83.79 61.22
N PHE E 295 0.29 -84.25 59.98
CA PHE E 295 -0.36 -83.60 58.84
C PHE E 295 -1.50 -84.48 58.32
N PHE E 296 -2.55 -83.81 57.86
CA PHE E 296 -3.72 -84.50 57.31
C PHE E 296 -4.04 -83.91 55.94
N PHE E 297 -4.35 -84.78 54.99
CA PHE E 297 -4.68 -84.33 53.64
C PHE E 297 -5.87 -83.39 53.66
N MET E 298 -5.72 -82.25 52.98
CA MET E 298 -6.79 -81.27 52.88
C MET E 298 -7.33 -81.14 51.47
N GLU E 299 -6.49 -80.86 50.48
CA GLU E 299 -7.00 -80.70 49.12
C GLU E 299 -5.85 -80.81 48.12
N MET E 300 -6.12 -81.46 46.99
CA MET E 300 -5.13 -81.57 45.93
C MET E 300 -5.56 -80.75 44.73
N ASN E 301 -4.59 -80.07 44.12
CA ASN E 301 -4.79 -79.27 42.92
C ASN E 301 -4.12 -79.98 41.75
N THR E 302 -4.91 -80.29 40.73
CA THR E 302 -4.43 -81.01 39.55
C THR E 302 -4.06 -80.01 38.45
N ARG E 303 -3.15 -79.11 38.79
CA ARG E 303 -2.71 -78.07 37.86
C ARG E 303 -1.46 -77.42 38.44
N LEU E 304 -0.85 -76.56 37.63
CA LEU E 304 0.23 -75.72 38.11
C LEU E 304 -0.32 -74.68 39.09
N GLN E 305 0.58 -74.10 39.86
CA GLN E 305 0.20 -73.11 40.87
C GLN E 305 1.03 -71.85 40.71
N VAL E 306 0.47 -70.74 41.18
CA VAL E 306 1.15 -69.45 41.13
C VAL E 306 2.42 -69.45 41.97
N GLU E 307 2.51 -70.34 42.96
CA GLU E 307 3.63 -70.39 43.88
C GLU E 307 4.74 -71.30 43.41
N HIS E 308 4.67 -71.79 42.18
CA HIS E 308 5.70 -72.69 41.66
C HIS E 308 7.08 -72.07 41.53
N PRO E 309 7.23 -70.76 41.27
CA PRO E 309 8.60 -70.22 41.18
C PRO E 309 9.40 -70.39 42.46
N VAL E 310 8.76 -70.31 43.62
CA VAL E 310 9.50 -70.45 44.87
C VAL E 310 10.07 -71.86 44.99
N THR E 311 9.44 -72.85 44.35
CA THR E 311 10.04 -74.18 44.27
C THR E 311 11.21 -74.20 43.30
N GLU E 312 11.08 -73.48 42.18
CA GLU E 312 12.14 -73.49 41.17
C GLU E 312 13.43 -72.86 41.68
N GLN E 313 13.35 -72.09 42.76
CA GLN E 313 14.55 -71.52 43.37
C GLN E 313 15.02 -72.38 44.53
N CYS E 315 15.41 -76.10 44.33
CA CYS E 315 15.51 -77.37 43.62
C CYS E 315 16.50 -77.27 42.45
N GLN E 316 17.59 -78.03 42.54
CA GLN E 316 18.64 -78.03 41.52
C GLN E 316 18.73 -79.44 40.94
N VAL E 317 18.00 -79.67 39.86
CA VAL E 317 18.04 -80.97 39.19
C VAL E 317 19.42 -81.13 38.53
N ARG E 318 20.14 -82.19 38.94
CA ARG E 318 21.50 -82.47 38.52
C ARG E 318 22.36 -81.21 38.42
N GLY E 319 22.20 -80.31 39.38
CA GLY E 319 22.91 -79.05 39.40
C GLY E 319 22.22 -77.93 38.64
N ARG E 320 21.55 -78.27 37.55
CA ARG E 320 20.83 -77.26 36.78
C ARG E 320 19.58 -76.81 37.52
N PRO E 321 19.22 -75.53 37.45
CA PRO E 321 18.00 -75.06 38.10
C PRO E 321 16.76 -75.69 37.49
N LEU E 322 15.74 -75.88 38.32
CA LEU E 322 14.49 -76.49 37.87
C LEU E 322 13.68 -75.51 37.03
N ASP E 323 13.12 -76.03 35.93
CA ASP E 323 12.15 -75.30 35.11
C ASP E 323 10.91 -76.18 35.03
N LEU E 324 9.93 -75.91 35.89
CA LEU E 324 8.79 -76.80 36.02
C LEU E 324 7.96 -76.84 34.74
N VAL E 325 7.80 -75.70 34.08
CA VAL E 325 7.02 -75.67 32.84
C VAL E 325 7.73 -76.45 31.75
N ARG E 326 9.05 -76.41 31.71
CA ARG E 326 9.80 -77.22 30.75
C ARG E 326 9.55 -78.71 30.97
N LEU E 327 9.59 -79.14 32.23
CA LEU E 327 9.30 -80.53 32.54
C LEU E 327 7.87 -80.90 32.16
N GLN E 328 6.93 -79.99 32.40
CA GLN E 328 5.53 -80.24 32.04
C GLN E 328 5.38 -80.42 30.52
N LEU E 329 6.05 -79.56 29.75
CA LEU E 329 6.01 -79.69 28.30
C LEU E 329 6.66 -80.99 27.85
N GLN E 330 7.78 -81.37 28.47
CA GLN E 330 8.44 -82.62 28.12
C GLN E 330 7.54 -83.82 28.39
N THR E 331 6.86 -83.81 29.53
CA THR E 331 5.93 -84.90 29.84
C THR E 331 4.76 -84.92 28.86
N ALA E 332 4.25 -83.74 28.50
CA ALA E 332 3.18 -83.69 27.51
C ALA E 332 3.62 -84.23 26.16
N MET E 333 4.89 -84.00 25.79
CA MET E 333 5.42 -84.59 24.57
C MET E 333 5.52 -86.10 24.64
N GLY E 334 5.58 -86.67 25.85
CA GLY E 334 5.72 -88.10 26.00
C GLY E 334 7.17 -88.54 26.10
N LEU E 335 7.91 -87.95 27.03
CA LEU E 335 9.31 -88.28 27.22
C LEU E 335 9.56 -88.77 28.64
N PRO E 336 10.49 -89.71 28.82
CA PRO E 336 10.78 -90.19 30.16
C PRO E 336 11.46 -89.14 31.02
N LEU E 337 11.26 -89.24 32.33
CA LEU E 337 11.90 -88.33 33.26
C LEU E 337 13.41 -88.57 33.28
N GLY E 338 14.17 -87.48 33.45
CA GLY E 338 15.61 -87.60 33.45
C GLY E 338 16.15 -88.40 34.62
N PHE E 339 15.63 -88.15 35.82
CA PHE E 339 16.13 -88.82 37.02
C PHE E 339 14.98 -89.03 37.99
N ARG E 340 15.22 -89.87 38.99
CA ARG E 340 14.18 -90.30 39.93
C ARG E 340 14.65 -90.04 41.36
N GLN E 341 14.39 -88.83 41.85
CA GLN E 341 14.62 -88.45 43.25
C GLN E 341 16.06 -88.67 43.68
N GLU E 342 17.01 -88.49 42.76
CA GLU E 342 18.42 -88.65 43.09
C GLU E 342 19.26 -87.42 42.77
N ASP E 343 18.97 -86.74 41.67
CA ASP E 343 19.69 -85.54 41.27
C ASP E 343 19.02 -84.26 41.73
N ILE E 344 18.22 -84.32 42.78
CA ILE E 344 17.51 -83.16 43.32
C ILE E 344 18.12 -82.81 44.66
N SER E 345 18.53 -81.55 44.81
CA SER E 345 19.17 -81.07 46.01
C SER E 345 18.50 -79.80 46.50
N MET E 346 18.32 -79.69 47.81
CA MET E 346 17.80 -78.48 48.41
C MET E 346 18.84 -77.37 48.34
N SER E 347 18.36 -76.13 48.40
CA SER E 347 19.24 -74.96 48.34
C SER E 347 18.76 -73.96 49.36
N GLY E 348 19.25 -72.72 49.25
CA GLY E 348 18.85 -71.70 50.19
C GLY E 348 17.38 -71.35 50.08
N ALA E 349 16.84 -70.79 51.15
CA ALA E 349 15.43 -70.47 51.21
C ALA E 349 15.06 -69.37 50.22
N SER E 350 13.86 -69.47 49.66
CA SER E 350 13.30 -68.47 48.77
C SER E 350 11.93 -68.06 49.27
N VAL E 351 11.59 -66.80 49.04
CA VAL E 351 10.35 -66.21 49.53
C VAL E 351 9.68 -65.44 48.40
N GLU E 352 8.36 -65.60 48.30
CA GLU E 352 7.56 -64.98 47.24
C GLU E 352 6.51 -64.08 47.85
N ALA E 353 6.42 -62.86 47.35
CA ALA E 353 5.41 -61.90 47.75
C ALA E 353 4.50 -61.59 46.57
N ARG E 354 3.19 -61.59 46.82
CA ARG E 354 2.18 -61.38 45.79
C ARG E 354 1.67 -59.94 45.89
N ILE E 355 2.05 -59.11 44.94
CA ILE E 355 1.63 -57.71 44.91
C ILE E 355 0.30 -57.65 44.18
N TYR E 356 -0.76 -57.33 44.91
CA TYR E 356 -2.11 -57.20 44.39
C TYR E 356 -2.41 -55.75 44.07
N ALA E 357 -3.68 -55.47 43.76
CA ALA E 357 -4.16 -54.13 43.43
C ALA E 357 -5.35 -53.77 44.31
N GLU E 358 -5.21 -53.98 45.61
CA GLU E 358 -6.26 -53.69 46.56
C GLU E 358 -5.74 -52.75 47.65
N SER E 359 -6.67 -52.19 48.42
CA SER E 359 -6.34 -51.26 49.49
C SER E 359 -6.52 -51.95 50.83
N PRO E 360 -5.44 -52.33 51.52
CA PRO E 360 -5.58 -53.03 52.79
C PRO E 360 -6.32 -52.25 53.86
N ARG E 361 -6.19 -50.91 53.87
CA ARG E 361 -6.85 -50.11 54.88
C ARG E 361 -8.37 -50.23 54.78
N ASN E 362 -8.90 -50.18 53.57
CA ASN E 362 -10.35 -50.22 53.37
C ASN E 362 -10.86 -51.64 53.12
N GLY E 363 -10.50 -52.56 54.01
CA GLY E 363 -11.01 -53.91 53.92
C GLY E 363 -10.50 -54.72 52.76
N PHE E 364 -9.33 -54.39 52.22
CA PHE E 364 -8.68 -55.17 51.16
C PHE E 364 -9.55 -55.26 49.91
N LEU E 365 -10.38 -54.25 49.65
CA LEU E 365 -11.23 -54.30 48.48
C LEU E 365 -10.40 -54.05 47.22
N PRO E 366 -10.63 -54.81 46.15
CA PRO E 366 -9.90 -54.55 44.91
C PRO E 366 -10.23 -53.17 44.35
N VAL E 367 -9.21 -52.52 43.79
CA VAL E 367 -9.35 -51.20 43.17
C VAL E 367 -8.62 -51.20 41.84
N GLY E 368 -9.20 -50.52 40.86
CA GLY E 368 -8.61 -50.43 39.53
C GLY E 368 -7.70 -49.23 39.39
N GLY E 369 -7.33 -48.97 38.16
CA GLY E 369 -6.46 -47.84 37.84
C GLY E 369 -5.61 -48.16 36.63
N ARG E 370 -4.62 -47.30 36.41
CA ARG E 370 -3.67 -47.45 35.31
C ARG E 370 -2.25 -47.37 35.85
N LEU E 371 -1.40 -48.30 35.42
CA LEU E 371 0.00 -48.32 35.84
C LEU E 371 0.73 -47.20 35.12
N ARG E 372 0.59 -45.98 35.66
CA ARG E 372 1.21 -44.81 35.04
C ARG E 372 2.71 -44.77 35.26
N TYR E 373 3.22 -45.42 36.29
CA TYR E 373 4.66 -45.50 36.51
C TYR E 373 4.96 -46.85 37.16
N LEU E 374 5.85 -47.63 36.56
CA LEU E 374 6.05 -49.02 36.94
C LEU E 374 7.53 -49.35 37.06
N LYS E 375 8.28 -48.55 37.81
CA LYS E 375 9.70 -48.84 37.95
C LYS E 375 9.92 -50.13 38.74
N GLU E 376 10.39 -51.17 38.07
CA GLU E 376 10.60 -52.48 38.66
C GLU E 376 11.89 -52.50 39.47
N PRO E 377 11.95 -53.36 40.49
CA PRO E 377 13.20 -53.51 41.25
C PRO E 377 14.27 -54.16 40.41
N PRO E 378 15.55 -53.96 40.74
CA PRO E 378 16.62 -54.59 39.96
C PRO E 378 16.54 -56.11 40.01
N GLN E 379 16.25 -56.73 38.88
CA GLN E 379 16.02 -58.15 38.78
C GLN E 379 17.25 -58.86 38.24
N GLY E 380 17.49 -60.07 38.74
CA GLY E 380 18.59 -60.89 38.30
C GLY E 380 19.36 -61.45 39.48
N ASN E 381 20.64 -61.73 39.25
CA ASN E 381 21.52 -62.23 40.29
C ASN E 381 22.22 -61.04 40.93
N ARG E 382 21.77 -60.64 42.10
CA ARG E 382 22.34 -59.50 42.80
C ARG E 382 23.62 -59.95 43.52
N GLY E 383 24.13 -59.09 44.41
CA GLY E 383 25.38 -59.39 45.08
C GLY E 383 25.31 -60.65 45.93
N THR E 384 24.22 -60.80 46.69
CA THR E 384 24.07 -61.95 47.58
C THR E 384 22.80 -62.76 47.35
N VAL E 385 21.81 -62.21 46.64
CA VAL E 385 20.53 -62.89 46.45
C VAL E 385 20.16 -62.84 44.97
N LYS E 386 19.22 -63.70 44.59
CA LYS E 386 18.68 -63.74 43.24
C LYS E 386 17.23 -63.26 43.27
N VAL E 387 16.93 -62.26 42.45
CA VAL E 387 15.61 -61.62 42.43
C VAL E 387 14.94 -61.96 41.10
N ARG E 388 13.68 -62.35 41.15
CA ARG E 388 12.92 -62.69 39.96
C ARG E 388 11.51 -62.12 40.08
N LEU E 389 11.13 -61.28 39.13
CA LEU E 389 9.82 -60.65 39.11
C LEU E 389 9.00 -61.21 37.94
N ASP E 390 7.77 -61.61 38.23
CA ASP E 390 6.87 -62.14 37.20
C ASP E 390 5.60 -61.31 37.22
N THR E 391 5.32 -60.63 36.11
CA THR E 391 4.19 -59.73 36.01
C THR E 391 3.54 -59.86 34.64
N GLY E 392 2.27 -59.51 34.57
CA GLY E 392 1.54 -59.54 33.32
C GLY E 392 1.14 -58.16 32.85
N PHE E 393 1.75 -57.13 33.44
CA PHE E 393 1.43 -55.75 33.12
C PHE E 393 2.70 -54.98 32.78
N ARG E 394 2.57 -54.00 31.90
CA ARG E 394 3.64 -53.07 31.57
C ARG E 394 3.21 -51.66 31.94
N ALA E 395 4.19 -50.74 31.90
CA ALA E 395 3.89 -49.35 32.17
C ALA E 395 2.90 -48.81 31.16
N GLY E 396 1.88 -48.11 31.65
CA GLY E 396 0.83 -47.60 30.80
C GLY E 396 -0.40 -48.48 30.70
N ASP E 397 -0.31 -49.76 31.06
CA ASP E 397 -1.47 -50.62 31.06
C ASP E 397 -2.41 -50.24 32.21
N ASP E 398 -3.70 -50.48 32.00
CA ASP E 398 -4.71 -50.22 33.00
C ASP E 398 -5.22 -51.54 33.55
N VAL E 399 -5.09 -51.73 34.86
CA VAL E 399 -5.61 -52.92 35.50
C VAL E 399 -7.08 -52.69 35.83
N LEU E 400 -7.95 -53.57 35.33
CA LEU E 400 -9.38 -53.43 35.52
C LEU E 400 -9.81 -54.26 36.72
N VAL E 401 -10.64 -53.66 37.58
CA VAL E 401 -11.03 -54.29 38.83
C VAL E 401 -11.87 -55.54 38.55
N HIS E 402 -11.84 -56.48 39.49
CA HIS E 402 -12.59 -57.74 39.42
C HIS E 402 -12.14 -58.62 38.27
N TYR E 403 -10.90 -58.45 37.80
CA TYR E 403 -10.35 -59.31 36.75
C TYR E 403 -8.85 -59.42 37.00
N ASP E 404 -8.43 -60.53 37.60
CA ASP E 404 -7.02 -60.81 37.90
C ASP E 404 -6.43 -59.70 38.76
N PRO E 405 -6.84 -59.59 40.03
CA PRO E 405 -6.37 -58.48 40.86
C PRO E 405 -4.87 -58.49 41.12
N MET E 406 -4.21 -59.63 40.97
CA MET E 406 -2.77 -59.71 41.25
C MET E 406 -1.99 -58.88 40.25
N ILE E 407 -1.16 -57.96 40.74
CA ILE E 407 -0.34 -57.15 39.85
C ILE E 407 0.92 -57.92 39.46
N ALA E 408 1.61 -58.51 40.43
CA ALA E 408 2.85 -59.20 40.13
C ALA E 408 3.17 -60.17 41.26
N LYS E 409 4.20 -60.99 41.03
CA LYS E 409 4.76 -61.84 42.07
C LYS E 409 6.27 -61.69 42.05
N LEU E 410 6.85 -61.42 43.21
CA LEU E 410 8.28 -61.14 43.34
C LEU E 410 8.90 -62.18 44.25
N VAL E 411 9.88 -62.93 43.74
CA VAL E 411 10.53 -64.00 44.48
C VAL E 411 12.00 -63.64 44.68
N VAL E 412 12.50 -63.91 45.88
CA VAL E 412 13.88 -63.66 46.24
C VAL E 412 14.46 -64.92 46.85
N TRP E 413 15.62 -65.34 46.34
CA TRP E 413 16.32 -66.52 46.82
C TRP E 413 17.64 -66.10 47.43
N GLY E 414 17.91 -66.61 48.63
CA GLY E 414 19.16 -66.39 49.32
C GLY E 414 19.75 -67.71 49.79
N ASP E 415 20.54 -67.62 50.86
CA ASP E 415 21.08 -68.81 51.52
C ASP E 415 20.36 -69.16 52.80
N ASN E 416 19.79 -68.17 53.49
CA ASN E 416 19.05 -68.37 54.71
C ASN E 416 17.73 -67.61 54.61
N ARG E 417 16.79 -67.96 55.49
CA ARG E 417 15.49 -67.30 55.48
C ARG E 417 15.63 -65.81 55.79
N ALA E 418 16.51 -65.47 56.74
CA ALA E 418 16.70 -64.06 57.08
C ALA E 418 17.25 -63.27 55.91
N THR E 419 18.23 -63.82 55.20
CA THR E 419 18.78 -63.14 54.04
C THR E 419 17.75 -62.98 52.94
N ALA E 420 16.94 -64.03 52.73
CA ALA E 420 15.87 -63.94 51.73
C ALA E 420 14.86 -62.86 52.10
N LEU E 421 14.50 -62.77 53.39
CA LEU E 421 13.57 -61.74 53.83
C LEU E 421 14.16 -60.35 53.64
N GLU E 422 15.45 -60.17 53.96
CA GLU E 422 16.08 -58.87 53.75
C GLU E 422 16.11 -58.49 52.28
N GLY E 423 16.44 -59.46 51.41
CA GLY E 423 16.41 -59.20 49.99
C GLY E 423 15.03 -58.85 49.48
N LEU E 424 14.01 -59.53 50.00
CA LEU E 424 12.64 -59.22 49.60
C LEU E 424 12.24 -57.82 50.06
N ARG E 425 12.65 -57.44 51.27
CA ARG E 425 12.38 -56.09 51.75
C ARG E 425 13.04 -55.05 50.84
N THR E 426 14.30 -55.29 50.49
CA THR E 426 15.01 -54.35 49.62
C THR E 426 14.34 -54.26 48.25
N ALA E 427 13.94 -55.40 47.69
CA ALA E 427 13.32 -55.40 46.37
C ALA E 427 11.97 -54.72 46.40
N LEU E 428 11.16 -54.96 47.43
CA LEU E 428 9.87 -54.30 47.54
C LEU E 428 10.04 -52.79 47.74
N ALA E 429 11.09 -52.39 48.46
CA ALA E 429 11.37 -50.97 48.61
C ALA E 429 11.67 -50.30 47.28
N SER E 430 12.22 -51.06 46.32
CA SER E 430 12.58 -50.53 45.02
C SER E 430 11.47 -50.68 43.98
N TYR E 431 10.35 -51.31 44.33
CA TYR E 431 9.25 -51.49 43.40
C TYR E 431 8.36 -50.26 43.48
N HIS E 432 8.47 -49.37 42.50
CA HIS E 432 7.77 -48.09 42.50
C HIS E 432 6.60 -48.15 41.53
N ILE E 433 5.39 -48.09 42.07
CA ILE E 433 4.16 -48.17 41.29
C ILE E 433 3.34 -46.92 41.56
N VAL E 434 3.00 -46.20 40.50
CA VAL E 434 2.21 -44.97 40.58
C VAL E 434 1.03 -45.10 39.63
N GLY E 435 -0.17 -44.87 40.16
CA GLY E 435 -1.40 -44.93 39.39
C GLY E 435 -2.43 -45.88 39.98
N VAL E 436 -1.99 -46.92 40.67
CA VAL E 436 -2.87 -47.92 41.27
C VAL E 436 -2.46 -48.11 42.71
N GLU E 437 -3.43 -48.14 43.62
CA GLU E 437 -3.15 -48.49 45.00
C GLU E 437 -2.73 -49.95 45.10
N THR E 438 -1.81 -50.23 46.01
CA THR E 438 -1.23 -51.56 46.15
C THR E 438 -1.10 -51.89 47.64
N ASN E 439 -0.50 -53.04 47.92
CA ASN E 439 -0.29 -53.51 49.28
C ASN E 439 1.19 -53.61 49.61
N ILE E 440 2.01 -52.76 49.01
CA ILE E 440 3.44 -52.78 49.28
C ILE E 440 3.71 -52.46 50.74
N ASP E 441 3.02 -51.45 51.27
CA ASP E 441 3.18 -51.12 52.68
C ASP E 441 2.73 -52.26 53.58
N PHE E 442 1.63 -52.93 53.20
CA PHE E 442 1.17 -54.09 53.96
C PHE E 442 2.20 -55.21 53.92
N LEU E 443 2.80 -55.45 52.76
CA LEU E 443 3.83 -56.48 52.65
C LEU E 443 5.06 -56.12 53.50
N GLN E 444 5.44 -54.84 53.51
CA GLN E 444 6.56 -54.43 54.34
C GLN E 444 6.24 -54.62 55.83
N CYS E 445 5.02 -54.30 56.23
CA CYS E 445 4.62 -54.51 57.62
C CYS E 445 4.65 -55.99 57.98
N CYS E 446 4.16 -56.84 57.07
CA CYS E 446 4.19 -58.28 57.33
C CYS E 446 5.62 -58.80 57.44
N LEU E 447 6.50 -58.34 56.54
CA LEU E 447 7.88 -58.80 56.56
C LEU E 447 8.62 -58.33 57.81
N SER E 448 8.34 -57.11 58.26
CA SER E 448 9.00 -56.57 59.44
C SER E 448 8.31 -56.98 60.74
N ASN E 449 7.22 -57.73 60.67
CA ASN E 449 6.53 -58.16 61.88
C ASN E 449 7.40 -59.14 62.65
N PRO E 450 7.57 -58.96 63.97
CA PRO E 450 8.40 -59.90 64.73
C PRO E 450 7.90 -61.34 64.68
N GLY E 451 6.58 -61.54 64.69
CA GLY E 451 6.04 -62.88 64.64
C GLY E 451 6.40 -63.61 63.36
N PHE E 452 6.36 -62.91 62.23
CA PHE E 452 6.74 -63.51 60.96
C PHE E 452 8.22 -63.85 60.93
N VAL E 453 9.07 -62.96 61.46
CA VAL E 453 10.50 -63.20 61.41
C VAL E 453 10.94 -64.25 62.43
N GLU E 454 10.11 -64.53 63.44
CA GLU E 454 10.45 -65.58 64.39
C GLU E 454 10.50 -66.95 63.72
N GLY E 455 9.51 -67.25 62.87
CA GLY E 455 9.44 -68.53 62.22
C GLY E 455 8.07 -68.82 61.65
N GLY E 456 7.68 -70.09 61.63
CA GLY E 456 6.38 -70.45 61.11
C GLY E 456 5.25 -69.86 61.95
N VAL E 457 4.20 -69.40 61.28
CA VAL E 457 3.08 -68.76 61.94
C VAL E 457 1.80 -69.44 61.49
N THR E 458 0.73 -69.24 62.27
CA THR E 458 -0.55 -69.85 61.99
C THR E 458 -1.24 -69.17 60.81
N THR E 459 -2.34 -69.78 60.36
CA THR E 459 -3.09 -69.23 59.24
C THR E 459 -3.73 -67.90 59.60
N ARG E 460 -4.21 -67.76 60.83
CA ARG E 460 -4.90 -66.56 61.27
C ARG E 460 -3.96 -65.41 61.60
N PHE E 461 -2.69 -65.50 61.19
CA PHE E 461 -1.71 -64.48 61.53
C PHE E 461 -2.14 -63.11 61.01
N ILE E 462 -2.65 -63.05 59.78
CA ILE E 462 -3.17 -61.79 59.24
C ILE E 462 -4.29 -61.27 60.12
N GLU E 463 -5.18 -62.16 60.55
CA GLU E 463 -6.25 -61.75 61.46
C GLU E 463 -5.74 -61.52 62.87
N ASP E 464 -4.54 -61.99 63.20
CA ASP E 464 -4.03 -61.85 64.56
C ASP E 464 -3.37 -60.50 64.78
N ASN E 465 -2.65 -60.00 63.77
CA ASN E 465 -1.92 -58.74 63.88
C ASN E 465 -2.52 -57.67 62.97
N SER E 466 -3.85 -57.68 62.83
CA SER E 466 -4.50 -56.73 61.93
C SER E 466 -4.25 -55.29 62.36
N VAL E 467 -4.31 -55.02 63.66
CA VAL E 467 -4.05 -53.67 64.14
C VAL E 467 -2.61 -53.26 63.87
N ASN E 468 -1.67 -54.19 64.06
CA ASN E 468 -0.25 -53.86 63.87
C ASN E 468 0.09 -53.74 62.39
N LEU E 469 -0.44 -54.63 61.55
CA LEU E 469 -0.09 -54.64 60.15
C LEU E 469 -0.72 -53.49 59.38
N LEU E 470 -1.90 -53.04 59.81
CA LEU E 470 -2.61 -51.94 59.14
C LEU E 470 -2.22 -50.58 59.70
N GLN E 471 -1.04 -50.46 60.29
CA GLN E 471 -0.61 -49.19 60.85
C GLN E 471 -0.42 -48.16 59.73
N PRO E 472 -0.89 -46.93 59.90
CA PRO E 472 -0.68 -45.91 58.87
C PRO E 472 0.80 -45.57 58.71
N ARG E 473 1.16 -45.17 57.49
CA ARG E 473 2.51 -44.75 57.20
C ARG E 473 2.63 -43.24 57.41
N GLU E 474 3.58 -42.84 58.24
CA GLU E 474 3.76 -41.42 58.56
C GLU E 474 4.43 -40.70 57.39
N ILE E 475 4.01 -39.46 57.17
CA ILE E 475 4.54 -38.62 56.10
C ILE E 475 5.19 -37.39 56.74
N PRO E 476 6.51 -37.35 56.81
CA PRO E 476 7.19 -36.19 57.39
C PRO E 476 7.04 -34.96 56.50
N ASN E 477 7.22 -33.79 57.11
CA ASN E 477 7.06 -32.54 56.38
C ASN E 477 8.06 -32.39 55.25
N ASN E 478 9.22 -33.06 55.35
CA ASN E 478 10.19 -33.03 54.27
C ASN E 478 9.61 -33.60 52.99
N VAL E 479 8.87 -34.70 53.11
CA VAL E 479 8.26 -35.32 51.93
C VAL E 479 7.23 -34.38 51.32
N LEU E 480 6.44 -33.72 52.15
CA LEU E 480 5.45 -32.76 51.65
C LEU E 480 6.13 -31.63 50.90
N ALA E 481 7.20 -31.08 51.47
CA ALA E 481 7.92 -29.98 50.82
C ALA E 481 8.52 -30.42 49.50
N LEU E 482 9.15 -31.60 49.48
CA LEU E 482 9.77 -32.08 48.26
C LEU E 482 8.73 -32.37 47.18
N ALA E 483 7.57 -32.92 47.58
CA ALA E 483 6.51 -33.17 46.61
C ALA E 483 5.98 -31.86 46.03
N ALA E 484 5.78 -30.85 46.88
CA ALA E 484 5.31 -29.56 46.39
C ALA E 484 6.32 -28.94 45.43
N VAL E 485 7.61 -29.02 45.78
CA VAL E 485 8.64 -28.46 44.91
C VAL E 485 8.68 -29.19 43.59
N SER E 486 8.55 -30.53 43.61
CA SER E 486 8.54 -31.30 42.37
C SER E 486 7.34 -30.95 41.52
N TYR E 487 6.17 -30.79 42.13
CA TYR E 487 4.98 -30.38 41.39
C TYR E 487 5.17 -29.01 40.74
N LEU E 488 5.72 -28.06 41.50
CA LEU E 488 5.95 -26.73 40.94
C LEU E 488 6.94 -26.77 39.79
N CYS E 489 8.02 -27.57 39.94
CA CYS E 489 8.99 -27.68 38.87
C CYS E 489 8.38 -28.32 37.64
N SER E 490 7.47 -29.28 37.83
CA SER E 490 6.74 -29.85 36.71
C SER E 490 5.89 -28.79 36.02
N GLN E 491 5.25 -27.93 36.80
CA GLN E 491 4.47 -26.84 36.21
C GLN E 491 5.36 -25.89 35.43
N ARG E 492 6.52 -25.55 35.96
CA ARG E 492 7.42 -24.62 35.31
C ARG E 492 8.01 -25.24 34.04
N GLY E 493 8.07 -24.45 32.98
CA GLY E 493 8.78 -24.86 31.79
C GLY E 493 10.15 -24.23 31.73
N THR E 494 10.38 -23.34 30.78
CA THR E 494 11.60 -22.57 30.71
C THR E 494 11.41 -21.13 31.20
N SER E 495 10.23 -20.79 31.69
CA SER E 495 9.96 -19.43 32.14
C SER E 495 10.67 -19.14 33.45
N THR E 496 11.10 -17.89 33.60
CA THR E 496 11.79 -17.46 34.81
C THR E 496 10.77 -16.97 35.84
N LEU E 497 11.01 -17.31 37.10
CA LEU E 497 10.16 -16.84 38.18
C LEU E 497 10.63 -15.46 38.61
N PHE E 498 9.86 -14.43 38.26
CA PHE E 498 10.25 -13.07 38.60
C PHE E 498 9.01 -12.24 38.88
N TRP E 499 8.95 -11.67 40.08
CA TRP E 499 7.99 -10.63 40.43
C TRP E 499 8.83 -9.54 41.08
N PRO E 500 8.82 -8.31 40.58
CA PRO E 500 9.72 -7.28 41.10
C PRO E 500 9.48 -7.00 42.58
N ASN E 501 10.57 -7.04 43.34
CA ASN E 501 10.56 -6.72 44.77
C ASN E 501 9.65 -7.65 45.57
N ARG E 502 9.45 -8.87 45.09
CA ARG E 502 8.58 -9.82 45.76
C ARG E 502 9.07 -11.23 45.50
N GLN E 503 8.62 -12.14 46.36
CA GLN E 503 8.82 -13.57 46.17
C GLN E 503 7.56 -14.17 45.56
N ILE E 504 7.72 -14.98 44.51
CA ILE E 504 6.55 -15.54 43.84
C ILE E 504 5.86 -16.53 44.77
N SER E 505 4.55 -16.37 44.92
CA SER E 505 3.77 -17.18 45.85
C SER E 505 3.04 -18.28 45.09
N GLN E 506 3.07 -19.49 45.63
CA GLN E 506 2.41 -20.65 45.03
C GLN E 506 1.81 -21.49 46.14
N GLY E 507 0.83 -22.31 45.76
CA GLY E 507 0.21 -23.21 46.71
C GLY E 507 -0.10 -24.57 46.13
N VAL E 508 0.19 -25.63 46.88
CA VAL E 508 -0.07 -27.00 46.44
C VAL E 508 -0.88 -27.70 47.50
N CYS E 509 -2.00 -28.30 47.09
CA CYS E 509 -2.91 -28.95 48.01
C CYS E 509 -2.84 -30.46 47.84
N PHE E 510 -2.54 -31.16 48.93
CA PHE E 510 -2.56 -32.61 48.99
C PHE E 510 -3.64 -33.08 49.95
N THR E 511 -3.98 -34.36 49.83
CA THR E 511 -4.90 -35.02 50.75
C THR E 511 -4.12 -36.03 51.57
N VAL E 512 -4.07 -35.82 52.89
CA VAL E 512 -3.39 -36.71 53.80
C VAL E 512 -4.43 -37.26 54.77
N GLY E 513 -4.78 -38.53 54.62
CA GLY E 513 -5.81 -39.13 55.46
C GLY E 513 -7.15 -38.44 55.38
N GLY E 514 -7.52 -37.98 54.18
CA GLY E 514 -8.73 -37.21 54.02
C GLY E 514 -8.63 -35.77 54.45
N ASN E 515 -7.49 -35.36 55.00
CA ASN E 515 -7.31 -33.98 55.43
C ASN E 515 -6.73 -33.15 54.28
N PRO E 516 -7.35 -32.04 53.91
CA PRO E 516 -6.82 -31.20 52.84
C PRO E 516 -5.64 -30.35 53.28
N VAL E 517 -4.45 -30.91 53.27
CA VAL E 517 -3.25 -30.18 53.65
C VAL E 517 -2.86 -29.25 52.52
N VAL E 518 -2.46 -28.03 52.87
CA VAL E 518 -2.05 -27.03 51.88
C VAL E 518 -0.63 -26.59 52.21
N VAL E 519 0.24 -26.61 51.21
CA VAL E 519 1.62 -26.17 51.33
C VAL E 519 1.77 -24.86 50.57
N ARG E 520 2.10 -23.80 51.30
CA ARG E 520 2.35 -22.49 50.72
C ARG E 520 3.84 -22.32 50.51
N VAL E 521 4.24 -22.02 49.28
CA VAL E 521 5.63 -21.93 48.89
C VAL E 521 5.91 -20.53 48.37
N THR E 522 7.04 -19.98 48.79
CA THR E 522 7.56 -18.74 48.22
C THR E 522 8.85 -19.09 47.49
N VAL E 523 8.92 -18.75 46.21
CA VAL E 523 10.04 -19.10 45.36
C VAL E 523 10.69 -17.84 44.83
N SER E 524 12.02 -17.81 44.85
CA SER E 524 12.81 -16.69 44.37
C SER E 524 13.31 -16.97 42.96
N THR E 525 14.01 -15.99 42.39
CA THR E 525 14.55 -16.14 41.05
C THR E 525 15.71 -17.12 41.00
N LYS E 526 16.33 -17.41 42.14
CA LYS E 526 17.45 -18.34 42.21
C LYS E 526 17.01 -19.79 42.38
N MET E 527 15.76 -20.09 42.04
CA MET E 527 15.22 -21.45 42.13
C MET E 527 15.35 -22.01 43.55
N CYS E 528 15.02 -21.18 44.54
CA CYS E 528 15.05 -21.56 45.94
C CYS E 528 13.65 -21.43 46.52
N PHE E 529 13.05 -22.56 46.87
CA PHE E 529 11.70 -22.62 47.40
C PHE E 529 11.74 -22.63 48.92
N THR E 530 10.76 -21.96 49.53
CA THR E 530 10.54 -22.04 50.96
C THR E 530 9.09 -22.44 51.20
N CYS E 531 8.89 -23.60 51.81
CA CYS E 531 7.57 -24.16 52.06
C CYS E 531 7.23 -24.00 53.53
N ASP E 532 6.01 -23.57 53.81
CA ASP E 532 5.58 -23.26 55.17
C ASP E 532 4.60 -24.31 55.67
N PHE E 533 4.88 -24.85 56.85
CA PHE E 533 3.98 -25.71 57.61
C PHE E 533 3.82 -25.12 59.01
N ASP E 534 2.95 -25.75 59.80
CA ASP E 534 2.66 -25.25 61.14
C ASP E 534 3.92 -25.17 61.97
N SER E 535 4.35 -23.93 62.27
CA SER E 535 5.58 -23.67 63.03
C SER E 535 6.78 -24.39 62.41
N SER E 536 6.83 -24.40 61.07
CA SER E 536 7.93 -25.06 60.38
C SER E 536 8.14 -24.43 59.01
N SER E 537 9.40 -24.34 58.60
CA SER E 537 9.76 -23.84 57.29
C SER E 537 10.84 -24.72 56.70
N VAL E 538 10.65 -25.16 55.46
CA VAL E 538 11.61 -26.02 54.77
C VAL E 538 12.11 -25.29 53.53
N THR E 539 13.43 -25.16 53.43
CA THR E 539 14.07 -24.49 52.30
C THR E 539 14.67 -25.54 51.38
N VAL E 540 14.28 -25.51 50.11
CA VAL E 540 14.75 -26.46 49.11
C VAL E 540 15.34 -25.69 47.95
N TYR E 541 16.63 -25.88 47.70
CA TYR E 541 17.29 -25.27 46.56
C TYR E 541 17.47 -26.31 45.47
N VAL E 542 16.86 -26.07 44.31
CA VAL E 542 16.89 -27.01 43.20
C VAL E 542 18.11 -26.70 42.34
N GLU E 543 19.13 -27.55 42.40
CA GLU E 543 20.34 -27.32 41.64
C GLU E 543 20.12 -27.56 40.15
N SER E 544 19.46 -28.67 39.81
CA SER E 544 19.23 -29.01 38.42
C SER E 544 18.09 -30.01 38.33
N THR E 545 17.53 -30.11 37.13
CA THR E 545 16.49 -31.09 36.83
C THR E 545 16.83 -31.77 35.51
N THR E 546 16.34 -33.00 35.35
CA THR E 546 16.58 -33.76 34.13
C THR E 546 15.34 -34.61 33.85
N ASN E 547 14.77 -34.46 32.66
CA ASN E 547 13.57 -35.20 32.29
C ASN E 547 13.97 -36.58 31.78
N MET E 548 13.67 -37.60 32.57
CA MET E 548 13.96 -38.96 32.16
C MET E 548 13.03 -39.39 31.03
N PRO E 549 13.45 -40.34 30.20
CA PRO E 549 12.56 -40.81 29.11
C PRO E 549 11.27 -41.44 29.59
N ASP E 550 11.24 -41.96 30.82
CA ASP E 550 10.02 -42.57 31.35
C ASP E 550 9.13 -41.54 32.03
N SER E 551 8.89 -40.43 31.34
CA SER E 551 7.97 -39.36 31.77
C SER E 551 8.19 -38.95 33.22
N SER E 552 9.39 -39.12 33.76
CA SER E 552 9.72 -38.75 35.11
C SER E 552 10.85 -37.73 35.09
N THR E 553 11.17 -37.18 36.27
CA THR E 553 12.18 -36.14 36.37
C THR E 553 13.13 -36.45 37.51
N PHE E 554 14.43 -36.34 37.25
CA PHE E 554 15.43 -36.49 38.29
C PHE E 554 15.86 -35.10 38.76
N ILE E 555 15.70 -34.85 40.06
CA ILE E 555 15.93 -33.53 40.64
C ILE E 555 17.02 -33.63 41.69
N ARG E 556 18.02 -32.76 41.58
CA ARG E 556 19.04 -32.60 42.60
C ARG E 556 18.68 -31.41 43.48
N VAL E 557 18.63 -31.63 44.79
CA VAL E 557 18.15 -30.62 45.72
C VAL E 557 19.11 -30.51 46.89
N THR E 558 19.05 -29.34 47.52
CA THR E 558 19.67 -29.06 48.81
C THR E 558 18.56 -28.65 49.77
N VAL E 559 18.18 -29.54 50.66
CA VAL E 559 17.17 -29.27 51.67
C VAL E 559 17.81 -28.49 52.81
N ASP E 560 17.06 -27.49 53.30
CA ASP E 560 17.52 -26.50 54.27
C ASP E 560 18.76 -25.84 53.65
N GLY E 561 19.92 -25.92 54.26
CA GLY E 561 21.12 -25.44 53.61
C GLY E 561 22.23 -26.46 53.69
N GLU E 562 21.90 -27.67 54.13
CA GLU E 562 22.92 -28.66 54.44
C GLU E 562 22.61 -30.08 54.03
N THR E 563 21.49 -30.36 53.37
CA THR E 563 21.18 -31.75 53.01
C THR E 563 21.08 -31.88 51.49
N ARG E 564 22.19 -32.25 50.84
CA ARG E 564 22.21 -32.37 49.39
C ARG E 564 21.95 -33.82 48.97
N PHE E 565 21.02 -34.01 48.04
CA PHE E 565 20.77 -35.34 47.50
C PHE E 565 19.95 -35.20 46.23
N GLY E 566 19.90 -36.29 45.46
CA GLY E 566 19.08 -36.35 44.27
C GLY E 566 17.98 -37.39 44.43
N PHE E 567 16.84 -37.13 43.78
CA PHE E 567 15.72 -38.04 43.85
C PHE E 567 14.98 -38.03 42.51
N THR E 568 13.98 -38.91 42.41
CA THR E 568 13.17 -39.04 41.21
C THR E 568 11.73 -38.70 41.54
N SER E 569 11.08 -37.99 40.64
CA SER E 569 9.72 -37.51 40.87
C SER E 569 8.86 -37.82 39.64
N PHE E 570 7.61 -38.18 39.90
CA PHE E 570 6.63 -38.45 38.87
C PHE E 570 5.35 -37.72 39.23
N VAL E 571 4.90 -36.84 38.34
CA VAL E 571 3.74 -35.98 38.60
C VAL E 571 2.65 -36.32 37.61
N THR E 572 1.51 -36.75 38.13
CA THR E 572 0.30 -36.92 37.34
C THR E 572 -0.65 -35.77 37.61
N ASP E 573 -1.87 -35.86 37.09
CA ASP E 573 -2.90 -34.88 37.41
C ASP E 573 -3.61 -35.17 38.72
N SER E 574 -3.27 -36.28 39.38
CA SER E 574 -3.95 -36.67 40.61
C SER E 574 -3.01 -36.95 41.78
N GLU E 575 -1.74 -37.28 41.55
CA GLU E 575 -0.83 -37.55 42.65
C GLU E 575 0.59 -37.21 42.25
N VAL E 576 1.44 -37.03 43.26
CA VAL E 576 2.86 -36.77 43.09
C VAL E 576 3.63 -37.84 43.83
N ALA E 577 4.58 -38.47 43.13
CA ALA E 577 5.37 -39.56 43.70
C ALA E 577 6.83 -39.14 43.75
N VAL E 578 7.46 -39.38 44.90
CA VAL E 578 8.86 -39.04 45.12
C VAL E 578 9.59 -40.28 45.62
N ALA E 579 10.74 -40.57 45.02
CA ALA E 579 11.61 -41.67 45.40
C ALA E 579 12.82 -41.07 46.14
N LEU E 580 12.65 -40.84 47.42
CA LEU E 580 13.68 -40.26 48.26
C LEU E 580 14.57 -41.34 48.84
N PRO E 581 15.75 -40.98 49.34
CA PRO E 581 16.56 -41.98 50.06
C PRO E 581 15.83 -42.62 51.22
N GLN E 582 14.86 -41.91 51.81
CA GLN E 582 14.06 -42.48 52.89
C GLN E 582 13.11 -43.56 52.40
N GLY E 583 12.75 -43.56 51.13
CA GLY E 583 11.83 -44.56 50.62
C GLY E 583 11.09 -44.03 49.41
N PHE E 584 9.86 -44.50 49.23
CA PHE E 584 9.02 -44.09 48.12
C PHE E 584 7.69 -43.61 48.67
N TYR E 585 7.25 -42.43 48.25
CA TYR E 585 6.03 -41.84 48.76
C TYR E 585 5.16 -41.37 47.61
N THR E 586 3.85 -41.53 47.77
CA THR E 586 2.86 -41.01 46.83
C THR E 586 1.86 -40.16 47.62
N LEU E 587 1.75 -38.90 47.26
CA LEU E 587 0.81 -37.98 47.89
C LEU E 587 -0.27 -37.61 46.88
N ALA E 588 -1.52 -37.83 47.27
CA ALA E 588 -2.64 -37.55 46.38
C ALA E 588 -2.97 -36.07 46.42
N LEU E 589 -3.05 -35.44 45.26
CA LEU E 589 -3.50 -34.06 45.17
C LEU E 589 -4.97 -33.98 45.59
N GLN E 590 -5.35 -32.82 46.12
CA GLN E 590 -6.74 -32.60 46.48
C GLN E 590 -7.60 -32.72 45.23
N PRO E 591 -8.58 -33.63 45.20
CA PRO E 591 -9.33 -33.87 43.96
C PRO E 591 -10.13 -32.65 43.54
N LEU E 592 -10.25 -32.47 42.23
CA LEU E 592 -11.02 -31.38 41.68
C LEU E 592 -12.52 -31.65 41.81
N ALA E 593 -13.28 -30.58 42.05
CA ALA E 593 -14.72 -30.71 42.14
C ALA E 593 -15.32 -31.05 40.79
N THR E 594 -16.34 -31.89 40.80
CA THR E 594 -17.02 -32.29 39.56
C THR E 594 -18.14 -31.33 39.16
N ASP E 595 -18.48 -30.38 40.02
CA ASP E 595 -19.53 -29.41 39.74
C ASP E 595 -18.96 -28.01 39.64
N PHE E 596 -17.74 -27.89 39.12
CA PHE E 596 -17.07 -26.59 39.03
C PHE E 596 -17.81 -25.71 38.03
N GLY E 597 -18.26 -24.55 38.50
CA GLY E 597 -19.03 -23.66 37.65
C GLY E 597 -20.35 -24.22 37.19
N SER E 598 -21.07 -24.90 38.08
CA SER E 598 -22.34 -25.53 37.75
C SER E 598 -23.45 -24.51 37.90
N THR E 599 -24.14 -24.21 36.80
CA THR E 599 -25.28 -23.29 36.78
C THR E 599 -26.45 -24.02 36.12
N SER E 600 -27.27 -24.68 36.94
CA SER E 600 -28.40 -25.45 36.42
C SER E 600 -29.67 -24.62 36.36
N ALA E 601 -29.56 -23.42 35.79
CA ALA E 601 -30.68 -22.55 35.44
C ALA E 601 -31.46 -22.04 36.65
N GLN E 602 -31.12 -22.52 37.85
CA GLN E 602 -31.81 -22.15 39.08
C GLN E 602 -31.15 -22.88 40.24
N ALA E 603 -31.41 -22.37 41.45
CA ALA E 603 -30.97 -23.05 42.67
C ALA E 603 -32.04 -23.04 43.75
N ASN E 604 -33.26 -22.60 43.44
CA ASN E 604 -34.31 -22.52 44.43
C ASN E 604 -34.90 -23.89 44.73
N GLY E 605 -35.44 -24.04 45.93
CA GLY E 605 -36.03 -25.29 46.37
C GLY E 605 -37.45 -25.54 45.90
N SER E 606 -38.09 -24.55 45.28
CA SER E 606 -39.45 -24.68 44.78
C SER E 606 -39.52 -24.79 43.27
N ALA E 607 -38.81 -23.91 42.54
CA ALA E 607 -38.70 -23.96 41.09
C ALA E 607 -40.07 -23.91 40.42
N SER E 608 -40.75 -22.78 40.62
CA SER E 608 -42.04 -22.53 39.99
C SER E 608 -41.78 -21.94 38.61
N VAL E 609 -41.67 -22.80 37.61
CA VAL E 609 -41.36 -22.38 36.24
C VAL E 609 -42.65 -22.01 35.53
N LEU E 610 -42.54 -21.12 34.54
CA LEU E 610 -43.68 -20.63 33.78
C LEU E 610 -43.55 -21.05 32.32
N SER E 611 -44.70 -21.15 31.65
CA SER E 611 -44.72 -21.55 30.26
C SER E 611 -44.07 -20.48 29.38
N PRO E 612 -43.37 -20.89 28.33
CA PRO E 612 -42.70 -19.91 27.46
C PRO E 612 -43.65 -19.22 26.49
N MET E 613 -44.66 -19.95 26.01
CA MET E 613 -45.59 -19.42 25.04
C MET E 613 -46.86 -20.26 25.10
N PRO E 614 -47.98 -19.75 24.59
CA PRO E 614 -49.20 -20.56 24.52
C PRO E 614 -48.98 -21.81 23.67
N GLY E 615 -49.56 -22.91 24.12
CA GLY E 615 -49.38 -24.17 23.44
C GLY E 615 -50.12 -25.27 24.17
N LYS E 616 -49.93 -26.49 23.69
CA LYS E 616 -50.61 -27.68 24.22
C LYS E 616 -49.61 -28.60 24.88
N VAL E 617 -49.87 -28.97 26.13
CA VAL E 617 -49.04 -29.94 26.81
C VAL E 617 -49.42 -31.33 26.31
N THR E 618 -48.47 -32.03 25.69
CA THR E 618 -48.77 -33.29 25.01
C THR E 618 -48.55 -34.50 25.90
N LYS E 619 -47.40 -34.59 26.57
CA LYS E 619 -47.08 -35.78 27.33
C LYS E 619 -46.20 -35.40 28.51
N LEU E 620 -46.49 -35.97 29.68
CA LEU E 620 -45.67 -35.81 30.87
C LEU E 620 -44.61 -36.90 30.86
N LEU E 621 -43.35 -36.52 30.61
CA LEU E 621 -42.28 -37.50 30.49
C LEU E 621 -41.93 -38.16 31.82
N VAL E 622 -42.38 -37.60 32.94
CA VAL E 622 -42.16 -38.18 34.25
C VAL E 622 -43.51 -38.27 34.97
N ALA E 623 -43.70 -39.33 35.73
CA ALA E 623 -44.93 -39.50 36.48
C ALA E 623 -45.02 -38.48 37.61
N ASP E 624 -46.25 -38.24 38.07
CA ASP E 624 -46.45 -37.32 39.17
C ASP E 624 -45.83 -37.87 40.44
N GLY E 625 -45.12 -37.01 41.17
CA GLY E 625 -44.43 -37.44 42.38
C GLY E 625 -43.08 -38.08 42.15
N THR E 626 -42.52 -37.98 40.95
CA THR E 626 -41.24 -38.61 40.63
C THR E 626 -40.10 -37.65 40.91
N LEU E 627 -38.98 -38.20 41.36
CA LEU E 627 -37.77 -37.40 41.56
C LEU E 627 -37.10 -37.14 40.21
N VAL E 628 -36.78 -35.87 39.94
CA VAL E 628 -36.13 -35.46 38.71
C VAL E 628 -34.90 -34.64 39.05
N GLN E 629 -33.83 -34.84 38.29
CA GLN E 629 -32.60 -34.10 38.48
C GLN E 629 -32.67 -32.76 37.76
N GLN E 630 -31.60 -31.97 37.90
CA GLN E 630 -31.51 -30.70 37.19
C GLN E 630 -31.38 -30.95 35.69
N GLY E 631 -32.00 -30.08 34.90
CA GLY E 631 -31.96 -30.23 33.46
C GLY E 631 -32.65 -31.45 32.91
N GLN E 632 -33.52 -32.08 33.69
CA GLN E 632 -34.23 -33.27 33.27
C GLN E 632 -35.62 -32.93 32.75
N ALA E 633 -35.99 -33.51 31.61
CA ALA E 633 -37.28 -33.25 31.01
C ALA E 633 -38.41 -33.80 31.88
N ILE E 634 -39.48 -33.02 32.00
CA ILE E 634 -40.63 -33.42 32.81
C ILE E 634 -41.90 -33.47 31.97
N LEU E 635 -41.95 -32.66 30.91
CA LEU E 635 -43.14 -32.62 30.07
C LEU E 635 -42.77 -32.06 28.70
N ILE E 636 -43.67 -32.26 27.74
CA ILE E 636 -43.49 -31.82 26.36
C ILE E 636 -44.57 -30.82 26.01
N LEU E 637 -44.17 -29.68 25.48
CA LEU E 637 -45.08 -28.62 25.05
C LEU E 637 -45.00 -28.48 23.54
N GLU E 638 -46.15 -28.50 22.88
CA GLU E 638 -46.24 -28.41 21.43
C GLU E 638 -46.87 -27.08 21.05
N ALA E 639 -46.19 -26.33 20.18
CA ALA E 639 -46.70 -25.08 19.64
C ALA E 639 -46.13 -24.91 18.24
N MET E 640 -46.99 -24.48 17.31
CA MET E 640 -46.60 -24.29 15.92
C MET E 640 -46.06 -25.58 15.31
N LYS E 641 -46.66 -26.71 15.72
CA LYS E 641 -46.27 -28.04 15.24
C LYS E 641 -44.81 -28.34 15.53
N MET E 642 -44.30 -27.84 16.65
CA MET E 642 -42.92 -28.07 17.08
C MET E 642 -42.94 -28.53 18.53
N GLU E 643 -42.21 -29.60 18.82
CA GLU E 643 -42.15 -30.11 20.19
C GLU E 643 -41.13 -29.31 21.00
N HIS E 644 -41.59 -28.70 22.08
CA HIS E 644 -40.73 -28.05 23.06
C HIS E 644 -40.84 -28.81 24.37
N VAL E 645 -39.70 -29.10 24.98
CA VAL E 645 -39.65 -29.95 26.17
C VAL E 645 -39.26 -29.09 27.36
N VAL E 646 -40.08 -29.14 28.41
CA VAL E 646 -39.82 -28.41 29.64
C VAL E 646 -38.90 -29.26 30.52
N LYS E 647 -37.83 -28.65 31.01
CA LYS E 647 -36.84 -29.34 31.81
C LYS E 647 -36.90 -28.89 33.26
N ALA E 648 -36.57 -29.81 34.16
CA ALA E 648 -36.48 -29.48 35.57
C ALA E 648 -35.25 -28.63 35.85
N SER E 649 -35.43 -27.57 36.64
CA SER E 649 -34.34 -26.66 36.95
C SER E 649 -33.55 -27.04 38.19
N CYS E 650 -34.00 -28.03 38.95
CA CYS E 650 -33.28 -28.46 40.14
C CYS E 650 -33.73 -29.87 40.51
N ASP E 651 -32.95 -30.51 41.37
CA ASP E 651 -33.28 -31.84 41.84
C ASP E 651 -34.49 -31.79 42.77
N GLY E 652 -35.29 -32.85 42.74
CA GLY E 652 -36.42 -32.96 43.64
C GLY E 652 -37.63 -33.62 43.05
N GLU E 653 -38.65 -33.86 43.87
CA GLU E 653 -39.91 -34.43 43.38
C GLU E 653 -40.67 -33.37 42.60
N VAL E 654 -41.16 -33.75 41.42
CA VAL E 654 -41.90 -32.84 40.55
C VAL E 654 -43.38 -33.18 40.63
N LYS E 655 -44.20 -32.15 40.84
CA LYS E 655 -45.65 -32.29 40.86
C LYS E 655 -46.24 -31.32 39.85
N PHE E 656 -46.97 -31.85 38.87
CA PHE E 656 -47.52 -31.02 37.81
C PHE E 656 -48.76 -30.27 38.29
N CYS E 657 -48.98 -29.10 37.69
CA CYS E 657 -50.13 -28.26 38.01
C CYS E 657 -51.18 -28.28 36.92
N VAL E 658 -50.76 -28.31 35.65
CA VAL E 658 -51.68 -28.31 34.52
C VAL E 658 -51.87 -29.74 34.03
N HIS E 659 -53.09 -30.03 33.60
CA HIS E 659 -53.40 -31.35 33.06
C HIS E 659 -52.83 -31.50 31.65
N ALA E 660 -52.55 -32.76 31.28
CA ALA E 660 -52.01 -33.04 29.96
C ALA E 660 -53.12 -32.96 28.91
N ASP E 661 -52.69 -32.86 27.65
CA ASP E 661 -53.60 -32.76 26.50
C ASP E 661 -54.53 -31.55 26.64
N GLY E 662 -54.01 -30.46 27.19
CA GLY E 662 -54.79 -29.25 27.37
C GLY E 662 -54.24 -28.06 26.62
N ILE E 663 -54.21 -26.91 27.28
CA ILE E 663 -53.68 -25.69 26.66
C ILE E 663 -53.25 -24.76 27.78
N VAL E 664 -52.13 -24.06 27.55
CA VAL E 664 -51.58 -23.11 28.51
C VAL E 664 -51.38 -21.78 27.81
N GLY E 665 -51.05 -20.76 28.61
CA GLY E 665 -50.82 -19.43 28.08
C GLY E 665 -49.44 -18.90 28.38
N GLY E 666 -49.21 -17.63 28.07
CA GLY E 666 -47.91 -17.04 28.34
C GLY E 666 -47.66 -16.92 29.84
N SER E 667 -46.47 -17.36 30.27
CA SER E 667 -46.06 -17.28 31.67
C SER E 667 -47.04 -17.99 32.59
N THR E 668 -47.46 -19.20 32.20
CA THR E 668 -48.38 -19.99 33.00
C THR E 668 -47.61 -21.04 33.79
N LEU E 669 -47.89 -21.12 35.09
CA LEU E 669 -47.23 -22.10 35.94
C LEU E 669 -47.50 -23.51 35.46
N LEU E 670 -46.47 -24.35 35.48
CA LEU E 670 -46.56 -25.71 34.99
C LEU E 670 -46.42 -26.75 36.09
N ALA E 671 -45.36 -26.70 36.88
CA ALA E 671 -45.12 -27.71 37.90
C ALA E 671 -44.25 -27.14 39.01
N HIS E 672 -44.25 -27.83 40.14
CA HIS E 672 -43.45 -27.47 41.30
C HIS E 672 -42.42 -28.55 41.55
N ILE E 673 -41.17 -28.15 41.74
CA ILE E 673 -40.07 -29.06 42.01
C ILE E 673 -39.66 -28.84 43.46
N ALA E 674 -40.12 -29.72 44.35
CA ALA E 674 -39.85 -29.61 45.77
C ALA E 674 -38.72 -30.58 46.13
N SER E 675 -37.68 -30.07 46.76
CA SER E 675 -36.53 -30.89 47.13
C SER E 675 -36.93 -31.87 48.21
N ALA E 676 -37.12 -33.14 47.84
CA ALA E 676 -37.50 -34.16 48.81
C ALA E 676 -36.31 -34.52 49.70
N ALA E 677 -36.56 -34.65 50.99
CA ALA E 677 -35.52 -34.98 51.95
C ALA E 677 -35.10 -36.44 51.81
N GLU F 60 55.38 -14.81 12.18
CA GLU F 60 55.46 -14.14 13.48
C GLU F 60 54.52 -12.93 13.50
N VAL F 61 54.17 -12.45 12.31
CA VAL F 61 53.30 -11.29 12.15
C VAL F 61 52.02 -11.75 11.50
N TYR F 62 50.88 -11.41 12.12
CA TYR F 62 49.55 -11.76 11.61
C TYR F 62 49.41 -13.28 11.45
N LEU F 63 49.53 -13.97 12.57
CA LEU F 63 49.46 -15.43 12.58
C LEU F 63 48.06 -15.96 12.78
N PHE F 64 47.22 -15.24 13.52
CA PHE F 64 45.90 -15.75 13.88
C PHE F 64 44.86 -15.33 12.85
N HIS F 65 43.60 -15.66 13.17
CA HIS F 65 42.42 -15.24 12.45
C HIS F 65 41.48 -14.53 13.41
N PRO F 66 40.81 -13.46 12.99
CA PRO F 66 39.97 -12.71 13.93
C PRO F 66 38.88 -13.53 14.58
N ALA F 67 38.40 -14.58 13.92
CA ALA F 67 37.40 -15.45 14.54
C ALA F 67 37.94 -16.13 15.79
N GLN F 68 39.26 -16.34 15.85
CA GLN F 68 39.86 -16.91 17.06
C GLN F 68 39.69 -15.97 18.24
N TYR F 69 39.89 -14.68 18.04
CA TYR F 69 39.64 -13.71 19.09
C TYR F 69 38.15 -13.58 19.39
N GLU F 70 37.31 -13.74 18.36
CA GLU F 70 35.87 -13.67 18.59
C GLU F 70 35.40 -14.81 19.50
N SER F 71 35.93 -16.01 19.29
CA SER F 71 35.60 -17.17 20.12
C SER F 71 36.82 -17.49 20.98
N ALA F 72 36.91 -16.82 22.12
CA ALA F 72 38.05 -16.91 23.01
C ALA F 72 37.55 -16.91 24.44
N PRO F 73 38.35 -17.40 25.38
CA PRO F 73 37.97 -17.29 26.79
C PRO F 73 37.88 -15.83 27.23
N ALA F 74 37.14 -15.62 28.32
CA ALA F 74 36.83 -14.26 28.76
C ALA F 74 38.09 -13.44 29.03
N THR F 75 39.21 -14.10 29.35
CA THR F 75 40.44 -13.38 29.62
C THR F 75 40.96 -12.68 28.37
N THR F 76 40.83 -13.33 27.21
CA THR F 76 41.42 -12.83 25.98
C THR F 76 40.41 -12.30 24.97
N ARG F 77 39.11 -12.48 25.21
CA ARG F 77 38.13 -11.95 24.27
C ARG F 77 38.11 -10.43 24.38
N PRO F 78 38.38 -9.69 23.30
CA PRO F 78 38.67 -8.26 23.44
C PRO F 78 37.45 -7.38 23.68
N ASN F 79 36.23 -7.86 23.42
CA ASN F 79 35.04 -7.06 23.64
C ASN F 79 34.37 -7.37 24.96
N VAL F 80 35.11 -7.90 25.93
CA VAL F 80 34.57 -8.22 27.25
C VAL F 80 35.02 -7.16 28.24
N LEU F 81 34.05 -6.56 28.93
CA LEU F 81 34.34 -5.56 29.95
C LEU F 81 34.88 -6.23 31.20
N HIS F 82 36.03 -5.74 31.69
CA HIS F 82 36.67 -6.30 32.88
C HIS F 82 36.66 -5.24 33.96
N TYR F 83 35.69 -5.33 34.87
CA TYR F 83 35.54 -4.40 35.98
C TYR F 83 35.34 -5.19 37.27
N PRO F 84 36.40 -5.78 37.80
CA PRO F 84 36.27 -6.51 39.06
C PRO F 84 35.98 -5.57 40.22
N ALA F 85 35.27 -6.09 41.21
CA ALA F 85 34.88 -5.30 42.36
C ALA F 85 36.07 -5.11 43.31
N GLU F 86 36.31 -3.87 43.72
CA GLU F 86 37.34 -3.56 44.71
C GLU F 86 36.74 -3.70 46.10
N SER F 87 36.46 -4.95 46.48
CA SER F 87 35.69 -5.22 47.69
C SER F 87 36.40 -4.77 48.96
N THR F 88 37.70 -4.56 48.92
CA THR F 88 38.44 -4.10 50.09
C THR F 88 38.50 -2.58 50.21
N ASN F 89 38.00 -1.85 49.22
CA ASN F 89 38.03 -0.40 49.26
C ASN F 89 36.95 0.13 50.20
N PRO F 90 37.28 1.00 51.15
CA PRO F 90 36.25 1.51 52.07
C PRO F 90 35.10 2.22 51.37
N GLU F 91 35.38 2.97 50.30
CA GLU F 91 34.31 3.62 49.56
C GLU F 91 33.38 2.58 48.95
N PHE F 92 33.94 1.47 48.46
CA PHE F 92 33.13 0.40 47.92
C PHE F 92 32.18 -0.16 48.98
N LYS F 93 32.69 -0.37 50.20
CA LYS F 93 31.86 -0.89 51.28
C LYS F 93 30.76 0.11 51.65
N ALA F 94 31.09 1.41 51.70
CA ALA F 94 30.10 2.41 52.03
C ALA F 94 28.99 2.45 50.97
N ASN F 95 29.37 2.39 49.69
CA ASN F 95 28.38 2.35 48.62
C ASN F 95 27.51 1.11 48.73
N THR F 96 28.13 -0.04 49.04
CA THR F 96 27.36 -1.27 49.19
C THR F 96 26.35 -1.15 50.33
N GLU F 97 26.77 -0.58 51.45
CA GLU F 97 25.86 -0.42 52.58
C GLU F 97 24.69 0.50 52.22
N ARG F 98 24.98 1.62 51.55
CA ARG F 98 23.91 2.53 51.14
C ARG F 98 22.92 1.83 50.22
N MET F 99 23.42 1.13 49.21
CA MET F 99 22.53 0.47 48.26
C MET F 99 21.73 -0.62 48.95
N LYS F 100 22.35 -1.35 49.88
CA LYS F 100 21.63 -2.39 50.61
C LYS F 100 20.51 -1.79 51.45
N ALA F 101 20.77 -0.66 52.11
CA ALA F 101 19.72 -0.02 52.90
C ALA F 101 18.57 0.45 52.01
N LEU F 102 18.90 1.05 50.87
CA LEU F 102 17.85 1.52 49.96
C LEU F 102 17.00 0.37 49.45
N THR F 103 17.64 -0.72 49.04
CA THR F 103 16.90 -1.86 48.51
C THR F 103 16.07 -2.53 49.59
N ALA F 104 16.58 -2.60 50.82
CA ALA F 104 15.80 -3.14 51.93
C ALA F 104 14.56 -2.28 52.17
N GLU F 105 14.71 -0.96 52.14
CA GLU F 105 13.55 -0.09 52.31
C GLU F 105 12.53 -0.29 51.19
N LEU F 106 13.01 -0.43 49.95
CA LEU F 106 12.10 -0.68 48.84
C LEU F 106 11.31 -1.97 49.04
N ARG F 107 12.00 -3.05 49.38
CA ARG F 107 11.32 -4.33 49.60
C ARG F 107 10.35 -4.24 50.76
N ARG F 108 10.72 -3.51 51.82
CA ARG F 108 9.82 -3.36 52.96
C ARG F 108 8.54 -2.63 52.57
N ARG F 109 8.67 -1.57 51.77
CA ARG F 109 7.47 -0.85 51.33
C ARG F 109 6.57 -1.74 50.47
N VAL F 110 7.18 -2.50 49.55
CA VAL F 110 6.37 -3.39 48.72
C VAL F 110 5.68 -4.45 49.59
N GLN F 111 6.39 -4.98 50.58
CA GLN F 111 5.82 -6.02 51.44
C GLN F 111 4.68 -5.47 52.29
N VAL F 112 4.82 -4.26 52.83
CA VAL F 112 3.74 -3.72 53.63
C VAL F 112 2.54 -3.37 52.75
N ILE F 113 2.78 -3.01 51.49
CA ILE F 113 1.65 -2.85 50.58
C ILE F 113 0.93 -4.18 50.36
N VAL F 114 1.68 -5.26 50.15
CA VAL F 114 1.06 -6.54 49.87
C VAL F 114 0.30 -7.06 51.09
N ASP F 115 0.92 -7.01 52.25
CA ASP F 115 0.35 -7.60 53.46
C ASP F 115 -0.54 -6.66 54.25
N GLY F 116 -0.50 -5.36 53.95
CA GLY F 116 -1.25 -4.40 54.75
C GLY F 116 -0.54 -4.06 56.03
N ASP F 117 -0.66 -2.81 56.49
CA ASP F 117 0.02 -2.37 57.71
C ASP F 117 -0.95 -1.96 58.80
N SER F 118 -1.89 -1.07 58.51
CA SER F 118 -2.77 -0.55 59.54
C SER F 118 -3.92 -1.51 59.82
N GLU F 119 -4.63 -1.25 60.91
CA GLU F 119 -5.78 -2.08 61.27
C GLU F 119 -6.94 -1.86 60.32
N ALA F 120 -7.06 -0.67 59.76
CA ALA F 120 -8.11 -0.42 58.77
C ALA F 120 -7.94 -1.32 57.56
N ASP F 121 -6.69 -1.52 57.11
CA ASP F 121 -6.43 -2.45 56.02
C ASP F 121 -6.85 -3.86 56.39
N LYS F 122 -6.58 -4.28 57.63
CA LYS F 122 -6.98 -5.61 58.06
C LYS F 122 -8.50 -5.76 58.06
N ARG F 123 -9.21 -4.74 58.54
CA ARG F 123 -10.67 -4.81 58.53
C ARG F 123 -11.21 -4.87 57.11
N ALA F 124 -10.65 -4.06 56.21
CA ALA F 124 -11.12 -4.07 54.83
C ALA F 124 -10.85 -5.41 54.17
N ARG F 125 -9.68 -5.99 54.43
CA ARG F 125 -9.36 -7.30 53.86
C ARG F 125 -10.26 -8.38 54.44
N ASP F 126 -10.60 -8.29 55.73
CA ASP F 126 -11.52 -9.24 56.33
C ASP F 126 -12.89 -9.15 55.68
N ARG F 127 -13.38 -7.93 55.46
CA ARG F 127 -14.65 -7.76 54.76
C ARG F 127 -14.58 -8.34 53.35
N HIS F 128 -13.47 -8.09 52.65
CA HIS F 128 -13.32 -8.58 51.29
C HIS F 128 -13.31 -10.11 51.25
N ILE F 129 -12.60 -10.75 52.17
CA ILE F 129 -12.54 -12.20 52.20
C ILE F 129 -13.88 -12.79 52.60
N SER F 130 -14.57 -12.16 53.55
CA SER F 130 -15.86 -12.69 54.01
C SER F 130 -16.91 -12.68 52.91
N ARG F 131 -16.71 -11.92 51.84
CA ARG F 131 -17.62 -11.92 50.70
C ARG F 131 -17.30 -13.01 49.69
N GLY F 132 -16.33 -13.87 49.98
CA GLY F 132 -15.92 -14.88 49.02
C GLY F 132 -15.04 -14.34 47.91
N LYS F 133 -14.40 -13.21 48.12
CA LYS F 133 -13.56 -12.56 47.11
C LYS F 133 -12.10 -12.87 47.35
N LEU F 134 -11.36 -13.02 46.26
CA LEU F 134 -9.91 -13.14 46.32
C LEU F 134 -9.27 -11.77 46.32
N LEU F 135 -8.14 -11.65 47.02
CA LEU F 135 -7.39 -10.40 46.99
C LEU F 135 -6.77 -10.20 45.62
N VAL F 136 -6.44 -8.93 45.33
CA VAL F 136 -6.04 -8.56 43.98
C VAL F 136 -4.77 -9.30 43.56
N HIS F 137 -3.77 -9.37 44.45
CA HIS F 137 -2.57 -10.12 44.13
C HIS F 137 -2.86 -11.60 44.02
N GLN F 138 -3.79 -12.10 44.83
CA GLN F 138 -4.21 -13.51 44.70
C GLN F 138 -4.90 -13.74 43.37
N ARG F 139 -5.73 -12.80 42.93
CA ARG F 139 -6.35 -12.91 41.61
C ARG F 139 -5.30 -12.95 40.51
N ILE F 140 -4.26 -12.12 40.63
CA ILE F 140 -3.17 -12.17 39.67
C ILE F 140 -2.48 -13.52 39.70
N GLU F 141 -2.21 -14.03 40.90
CA GLU F 141 -1.51 -15.31 41.02
C GLU F 141 -2.32 -16.45 40.40
N LYS F 142 -3.63 -16.44 40.58
CA LYS F 142 -4.46 -17.51 40.07
C LYS F 142 -4.95 -17.29 38.64
N LEU F 143 -4.71 -16.12 38.07
CA LEU F 143 -5.06 -15.91 36.67
C LEU F 143 -3.90 -16.21 35.73
N VAL F 144 -2.68 -15.86 36.14
CA VAL F 144 -1.50 -16.10 35.33
C VAL F 144 -1.12 -17.58 35.41
N ASP F 145 -0.29 -18.02 34.46
CA ASP F 145 0.21 -19.39 34.48
C ASP F 145 0.97 -19.65 35.78
N PRO F 146 0.88 -20.86 36.32
CA PRO F 146 1.34 -21.07 37.72
C PRO F 146 2.79 -20.71 37.98
N MET F 147 3.71 -20.98 37.05
CA MET F 147 5.13 -20.67 37.24
C MET F 147 5.57 -19.81 36.07
N SER F 148 5.40 -18.50 36.21
CA SER F 148 5.67 -17.57 35.13
C SER F 148 5.94 -16.20 35.71
N PRO F 149 6.68 -15.35 35.00
CA PRO F 149 6.96 -14.02 35.53
C PRO F 149 5.77 -13.08 35.39
N PHE F 150 5.73 -12.09 36.27
CA PHE F 150 4.70 -11.06 36.23
C PHE F 150 5.36 -9.71 36.48
N LEU F 151 5.24 -8.81 35.51
CA LEU F 151 5.88 -7.50 35.60
C LEU F 151 4.86 -6.48 36.10
N GLU F 152 4.72 -6.43 37.43
CA GLU F 152 3.89 -5.41 38.05
C GLU F 152 4.56 -4.05 37.92
N LEU F 153 3.81 -3.04 37.47
CA LEU F 153 4.45 -1.81 36.99
C LEU F 153 4.57 -0.74 38.08
N SER F 154 3.44 -0.21 38.54
CA SER F 154 3.44 0.89 39.50
C SER F 154 3.12 0.37 40.90
N GLN F 155 4.11 -0.30 41.51
CA GLN F 155 3.87 -0.90 42.82
C GLN F 155 3.60 0.15 43.88
N LEU F 156 4.38 1.24 43.87
CA LEU F 156 4.33 2.25 44.93
C LEU F 156 3.60 3.51 44.50
N ALA F 157 2.67 3.40 43.56
CA ALA F 157 1.87 4.55 43.17
C ALA F 157 0.94 4.97 44.31
N GLY F 158 0.71 6.27 44.40
CA GLY F 158 -0.17 6.78 45.43
C GLY F 158 0.45 6.87 46.82
N GLY F 159 1.77 6.75 46.92
CA GLY F 159 2.42 6.82 48.21
C GLY F 159 2.59 8.24 48.71
N ASP F 160 1.92 8.57 49.81
CA ASP F 160 1.94 9.92 50.39
C ASP F 160 1.43 10.96 49.41
N LEU F 161 0.62 10.54 48.45
CA LEU F 161 0.13 11.44 47.42
C LEU F 161 -1.08 12.25 47.88
N TYR F 162 -2.04 11.61 48.52
CA TYR F 162 -3.21 12.30 49.06
C TYR F 162 -3.15 12.23 50.57
N PRO F 163 -3.06 13.36 51.28
CA PRO F 163 -2.96 13.32 52.74
C PRO F 163 -4.20 12.70 53.36
N GLY F 164 -3.98 11.84 54.35
CA GLY F 164 -5.06 11.18 55.06
C GLY F 164 -5.53 9.87 54.46
N GLU F 165 -5.02 9.50 53.28
CA GLU F 165 -5.41 8.26 52.62
C GLU F 165 -4.16 7.44 52.31
N ALA F 166 -4.20 6.15 52.67
CA ALA F 166 -3.14 5.22 52.30
C ALA F 166 -3.57 4.51 51.02
N CYS F 167 -3.39 5.22 49.91
CA CYS F 167 -3.83 4.73 48.60
C CYS F 167 -2.82 3.69 48.12
N HIS F 168 -2.97 2.47 48.63
CA HIS F 168 -2.06 1.39 48.30
C HIS F 168 -2.17 1.03 46.82
N ARG F 169 -1.04 1.00 46.13
CA ARG F 169 -0.95 0.72 44.71
C ARG F 169 -1.76 1.67 43.85
N GLY F 170 -2.19 2.80 44.41
CA GLY F 170 -3.08 3.67 43.67
C GLY F 170 -4.48 3.12 43.50
N GLY F 171 -4.84 2.12 44.30
CA GLY F 171 -6.15 1.50 44.20
C GLY F 171 -6.32 0.55 43.05
N ILE F 172 -5.23 0.17 42.38
CA ILE F 172 -5.34 -0.63 41.16
C ILE F 172 -3.99 -1.29 40.91
N LEU F 173 -4.02 -2.53 40.44
CA LEU F 173 -2.82 -3.30 40.15
C LEU F 173 -2.74 -3.52 38.64
N THR F 174 -1.64 -3.08 38.04
CA THR F 174 -1.42 -3.24 36.61
C THR F 174 -0.13 -4.01 36.39
N GLY F 175 -0.16 -4.92 35.43
CA GLY F 175 1.04 -5.69 35.17
C GLY F 175 0.96 -6.44 33.86
N ILE F 176 2.07 -7.05 33.48
CA ILE F 176 2.15 -7.88 32.30
C ILE F 176 2.35 -9.32 32.76
N GLY F 177 1.38 -10.18 32.46
CA GLY F 177 1.44 -11.58 32.83
C GLY F 177 1.47 -12.48 31.61
N VAL F 178 1.54 -13.77 31.88
CA VAL F 178 1.58 -14.79 30.84
C VAL F 178 0.40 -15.73 31.05
N VAL F 179 -0.51 -15.76 30.09
CA VAL F 179 -1.66 -16.67 30.11
C VAL F 179 -1.58 -17.52 28.85
N HIS F 180 -1.54 -18.84 29.03
CA HIS F 180 -1.45 -19.79 27.93
C HIS F 180 -0.26 -19.47 27.02
N GLY F 181 0.83 -19.03 27.63
CA GLY F 181 2.03 -18.71 26.90
C GLY F 181 2.03 -17.38 26.19
N MET F 182 0.96 -16.61 26.31
CA MET F 182 0.82 -15.33 25.64
C MET F 182 0.91 -14.21 26.67
N ARG F 183 1.68 -13.17 26.36
CA ARG F 183 1.79 -12.04 27.27
C ARG F 183 0.59 -11.13 27.14
N VAL F 184 -0.03 -10.82 28.28
CA VAL F 184 -1.23 -9.98 28.33
C VAL F 184 -1.01 -8.91 29.38
N MET F 185 -1.79 -7.84 29.25
CA MET F 185 -1.81 -6.76 30.22
C MET F 185 -3.02 -6.94 31.12
N ILE F 186 -2.78 -7.03 32.42
CA ILE F 186 -3.82 -7.27 33.41
C ILE F 186 -3.98 -6.01 34.24
N VAL F 187 -5.21 -5.54 34.35
CA VAL F 187 -5.59 -4.38 35.14
C VAL F 187 -6.68 -4.83 36.11
N ALA F 188 -6.40 -4.80 37.40
CA ALA F 188 -7.31 -5.32 38.42
C ALA F 188 -7.56 -4.26 39.47
N ASN F 189 -8.83 -3.97 39.72
CA ASN F 189 -9.18 -3.01 40.75
C ASN F 189 -9.03 -3.62 42.13
N ASP F 190 -8.57 -2.81 43.08
CA ASP F 190 -8.40 -3.23 44.47
C ASP F 190 -9.56 -2.66 45.28
N ALA F 191 -10.54 -3.53 45.58
CA ALA F 191 -11.73 -3.09 46.29
C ALA F 191 -11.47 -2.77 47.76
N THR F 192 -10.28 -3.07 48.26
CA THR F 192 -9.94 -2.77 49.65
C THR F 192 -9.33 -1.39 49.82
N VAL F 193 -9.23 -0.60 48.76
CA VAL F 193 -8.72 0.76 48.81
C VAL F 193 -9.90 1.68 48.54
N LYS F 194 -10.53 2.17 49.61
CA LYS F 194 -11.68 3.08 49.52
C LYS F 194 -12.79 2.47 48.67
N GLY F 195 -13.00 1.17 48.81
CA GLY F 195 -14.01 0.51 48.03
C GLY F 195 -13.70 0.39 46.56
N GLY F 196 -12.45 0.61 46.17
CA GLY F 196 -12.07 0.55 44.77
C GLY F 196 -12.34 1.82 43.99
N THR F 197 -12.69 2.91 44.64
CA THR F 197 -12.99 4.15 43.93
C THR F 197 -11.75 4.69 43.23
N TYR F 198 -11.98 5.32 42.09
CA TYR F 198 -10.89 5.81 41.24
C TYR F 198 -10.42 7.16 41.74
N TYR F 199 -9.20 7.21 42.27
CA TYR F 199 -8.50 8.45 42.50
C TYR F 199 -7.94 8.96 41.17
N PRO F 200 -7.51 10.22 41.11
CA PRO F 200 -6.82 10.68 39.89
C PRO F 200 -5.62 9.81 39.53
N ILE F 201 -4.86 9.36 40.54
CA ILE F 201 -3.73 8.48 40.28
C ILE F 201 -4.22 7.13 39.75
N THR F 202 -5.39 6.67 40.20
CA THR F 202 -5.94 5.41 39.69
C THR F 202 -6.24 5.53 38.20
N VAL F 203 -6.87 6.63 37.81
CA VAL F 203 -7.16 6.86 36.39
C VAL F 203 -5.87 6.95 35.59
N LYS F 204 -4.87 7.65 36.14
CA LYS F 204 -3.61 7.80 35.43
C LYS F 204 -2.91 6.46 35.23
N LYS F 205 -2.92 5.61 36.26
CA LYS F 205 -2.28 4.30 36.16
C LYS F 205 -3.02 3.40 35.19
N HIS F 206 -4.36 3.43 35.22
CA HIS F 206 -5.14 2.64 34.26
C HIS F 206 -4.85 3.09 32.84
N LEU F 207 -4.77 4.41 32.61
CA LEU F 207 -4.45 4.90 31.27
C LEU F 207 -3.05 4.51 30.85
N ARG F 208 -2.10 4.54 31.78
CA ARG F 208 -0.73 4.12 31.45
C ARG F 208 -0.69 2.65 31.05
N ALA F 209 -1.40 1.80 31.79
CA ALA F 209 -1.46 0.39 31.41
C ALA F 209 -2.08 0.21 30.04
N GLN F 210 -3.16 0.94 29.75
CA GLN F 210 -3.78 0.86 28.44
C GLN F 210 -2.83 1.32 27.34
N ARG F 211 -2.05 2.38 27.60
CA ARG F 211 -1.10 2.87 26.61
C ARG F 211 -0.04 1.83 26.32
N ILE F 212 0.51 1.21 27.37
CA ILE F 212 1.53 0.18 27.18
C ILE F 212 0.95 -0.98 26.37
N ALA F 213 -0.25 -1.43 26.74
CA ALA F 213 -0.87 -2.54 26.05
C ALA F 213 -1.13 -2.21 24.58
N GLU F 214 -1.61 -1.00 24.30
CA GLU F 214 -1.90 -0.63 22.92
C GLU F 214 -0.64 -0.53 22.09
N GLU F 215 0.42 0.09 22.63
CA GLU F 215 1.62 0.23 21.84
C GLU F 215 2.42 -1.07 21.71
N ASN F 216 2.16 -2.05 22.57
CA ASN F 216 2.79 -3.36 22.44
C ASN F 216 1.83 -4.44 21.97
N ARG F 217 0.59 -4.09 21.65
CA ARG F 217 -0.42 -5.05 21.18
C ARG F 217 -0.63 -6.18 22.17
N LEU F 218 -0.61 -5.85 23.45
CA LEU F 218 -0.90 -6.82 24.50
C LEU F 218 -2.39 -6.85 24.78
N PRO F 219 -3.04 -8.02 24.71
CA PRO F 219 -4.46 -8.09 25.07
C PRO F 219 -4.67 -7.62 26.51
N CYS F 220 -5.76 -6.90 26.72
CA CYS F 220 -6.06 -6.30 28.01
C CYS F 220 -7.09 -7.13 28.74
N ILE F 221 -6.85 -7.39 30.02
CA ILE F 221 -7.79 -8.05 30.90
C ILE F 221 -8.07 -7.11 32.07
N TYR F 222 -9.33 -6.75 32.27
CA TYR F 222 -9.74 -5.83 33.32
C TYR F 222 -10.53 -6.62 34.35
N LEU F 223 -9.96 -6.80 35.53
CA LEU F 223 -10.67 -7.41 36.65
C LEU F 223 -11.33 -6.27 37.43
N VAL F 224 -12.63 -6.10 37.25
CA VAL F 224 -13.34 -4.90 37.65
C VAL F 224 -13.98 -5.12 39.02
N ASP F 225 -13.57 -4.32 39.99
CA ASP F 225 -14.26 -4.24 41.28
C ASP F 225 -14.03 -2.82 41.81
N SER F 226 -14.95 -1.92 41.49
CA SER F 226 -14.74 -0.51 41.78
C SER F 226 -16.07 0.19 41.98
N GLY F 227 -16.14 1.04 43.02
CA GLY F 227 -17.34 1.82 43.25
C GLY F 227 -17.59 2.85 42.17
N GLY F 228 -16.52 3.42 41.62
CA GLY F 228 -16.59 4.44 40.60
C GLY F 228 -15.64 5.57 40.93
N ALA F 229 -15.74 6.65 40.16
CA ALA F 229 -14.94 7.83 40.46
C ALA F 229 -15.35 8.41 41.80
N ASN F 230 -14.36 8.84 42.59
CA ASN F 230 -14.67 9.44 43.89
C ASN F 230 -15.14 10.87 43.69
N LEU F 231 -16.28 11.21 44.28
CA LEU F 231 -16.90 12.50 44.06
C LEU F 231 -16.19 13.63 44.77
N GLY F 232 -15.32 13.33 45.74
CA GLY F 232 -14.58 14.37 46.42
C GLY F 232 -13.61 15.10 45.52
N MET F 233 -13.00 14.38 44.57
CA MET F 233 -12.00 14.95 43.67
C MET F 233 -12.48 14.84 42.22
N GLN F 234 -13.78 14.97 42.01
CA GLN F 234 -14.34 14.76 40.68
C GLN F 234 -13.77 15.74 39.66
N GLY F 235 -13.33 16.91 40.10
CA GLY F 235 -12.72 17.86 39.19
C GLY F 235 -11.45 17.33 38.55
N ASP F 236 -10.69 16.52 39.29
CA ASP F 236 -9.44 15.97 38.79
C ASP F 236 -9.60 14.58 38.20
N VAL F 237 -10.83 14.07 38.11
CA VAL F 237 -11.10 12.71 37.66
C VAL F 237 -12.01 12.69 36.44
N PHE F 238 -13.15 13.36 36.51
CA PHE F 238 -14.11 13.26 35.42
C PHE F 238 -13.73 14.05 34.17
N PRO F 239 -13.71 15.39 34.19
CA PRO F 239 -13.58 16.14 32.93
C PRO F 239 -12.15 16.45 32.50
N ASP F 240 -11.63 15.77 31.48
CA ASP F 240 -10.43 16.18 30.76
C ASP F 240 -10.12 15.15 29.69
N GLU F 241 -9.11 15.44 28.87
CA GLU F 241 -8.64 14.47 27.89
C GLU F 241 -8.09 13.23 28.57
N GLN F 242 -7.16 13.41 29.51
CA GLN F 242 -6.56 12.30 30.24
C GLN F 242 -7.32 11.99 31.52
N HIS F 243 -8.62 11.74 31.36
CA HIS F 243 -9.49 11.46 32.51
C HIS F 243 -10.29 10.20 32.28
N PHE F 244 -11.31 9.97 33.12
CA PHE F 244 -11.96 8.67 33.18
C PHE F 244 -12.50 8.21 31.84
N GLY F 245 -13.01 9.13 31.01
CA GLY F 245 -13.53 8.74 29.70
C GLY F 245 -12.47 8.29 28.73
N ARG F 246 -11.22 8.71 28.94
CA ARG F 246 -10.14 8.24 28.10
C ARG F 246 -9.95 6.74 28.20
N ILE F 247 -10.36 6.14 29.32
CA ILE F 247 -10.30 4.68 29.45
C ILE F 247 -11.17 4.03 28.39
N PHE F 248 -12.40 4.53 28.23
CA PHE F 248 -13.30 3.96 27.24
C PHE F 248 -12.86 4.30 25.83
N PHE F 249 -12.30 5.50 25.64
CA PHE F 249 -11.74 5.85 24.34
C PHE F 249 -10.65 4.87 23.94
N ASN F 250 -9.71 4.62 24.86
CA ASN F 250 -8.63 3.67 24.58
C ASN F 250 -9.17 2.28 24.35
N GLN F 251 -10.16 1.86 25.13
CA GLN F 251 -10.70 0.52 24.98
C GLN F 251 -11.33 0.33 23.61
N ALA F 252 -12.13 1.31 23.17
CA ALA F 252 -12.75 1.22 21.86
C ALA F 252 -11.69 1.22 20.75
N ASN F 253 -10.69 2.09 20.87
CA ASN F 253 -9.68 2.17 19.81
C ASN F 253 -8.83 0.91 19.75
N MET F 254 -8.49 0.33 20.91
CA MET F 254 -7.76 -0.93 20.91
C MET F 254 -8.60 -2.06 20.33
N SER F 255 -9.89 -2.09 20.67
CA SER F 255 -10.75 -3.12 20.10
C SER F 255 -10.85 -2.99 18.58
N ALA F 256 -10.87 -1.75 18.08
CA ALA F 256 -10.93 -1.54 16.64
C ALA F 256 -9.64 -1.99 15.94
N LYS F 257 -8.52 -2.01 16.66
CA LYS F 257 -7.24 -2.39 16.09
C LYS F 257 -6.97 -3.88 16.21
N GLY F 258 -7.92 -4.67 16.68
CA GLY F 258 -7.75 -6.10 16.82
C GLY F 258 -7.11 -6.54 18.11
N ILE F 259 -6.86 -5.64 19.05
CA ILE F 259 -6.31 -5.98 20.35
C ILE F 259 -7.47 -6.36 21.26
N ALA F 260 -7.46 -7.59 21.75
CA ALA F 260 -8.59 -8.11 22.50
C ALA F 260 -8.75 -7.39 23.84
N GLN F 261 -9.99 -7.05 24.16
CA GLN F 261 -10.35 -6.44 25.43
C GLN F 261 -11.28 -7.38 26.17
N ILE F 262 -10.87 -7.79 27.37
CA ILE F 262 -11.62 -8.76 28.16
C ILE F 262 -11.93 -8.13 29.50
N ALA F 263 -13.16 -8.25 29.96
CA ALA F 263 -13.58 -7.72 31.25
C ALA F 263 -14.16 -8.84 32.09
N THR F 264 -13.73 -8.92 33.34
CA THR F 264 -14.27 -9.87 34.31
C THR F 264 -14.76 -9.08 35.51
N VAL F 265 -16.07 -9.11 35.74
CA VAL F 265 -16.69 -8.28 36.77
C VAL F 265 -16.69 -9.10 38.06
N MET F 266 -15.62 -8.98 38.83
CA MET F 266 -15.52 -9.64 40.12
C MET F 266 -16.33 -8.93 41.19
N GLY F 267 -16.67 -7.66 40.99
CA GLY F 267 -17.38 -6.89 41.98
C GLY F 267 -18.40 -5.94 41.37
N SER F 268 -18.36 -4.68 41.78
CA SER F 268 -19.30 -3.68 41.30
C SER F 268 -18.65 -2.77 40.25
N CYS F 269 -19.46 -2.30 39.31
CA CYS F 269 -19.07 -1.25 38.38
C CYS F 269 -20.26 -0.34 38.19
N THR F 270 -20.12 0.91 38.61
CA THR F 270 -21.23 1.86 38.67
C THR F 270 -20.95 3.06 37.79
N ALA F 271 -22.01 3.54 37.12
CA ALA F 271 -21.99 4.77 36.33
C ALA F 271 -20.96 4.62 35.23
N GLY F 272 -19.95 5.49 35.14
CA GLY F 272 -19.00 5.40 34.03
C GLY F 272 -18.29 4.06 33.97
N GLY F 273 -17.94 3.50 35.13
CA GLY F 273 -17.28 2.20 35.15
C GLY F 273 -18.08 1.12 34.46
N ALA F 274 -19.40 1.27 34.40
CA ALA F 274 -20.23 0.27 33.75
C ALA F 274 -19.93 0.15 32.27
N TYR F 275 -19.25 1.14 31.68
CA TYR F 275 -18.86 1.04 30.28
C TYR F 275 -17.75 0.02 30.08
N VAL F 276 -16.95 -0.25 31.11
CA VAL F 276 -15.83 -1.17 30.96
C VAL F 276 -16.29 -2.57 30.55
N PRO F 277 -17.27 -3.19 31.20
CA PRO F 277 -17.73 -4.49 30.69
C PRO F 277 -18.45 -4.39 29.36
N ALA F 278 -19.21 -3.31 29.16
CA ALA F 278 -20.08 -3.22 27.99
C ALA F 278 -19.29 -2.93 26.71
N MET F 279 -18.15 -2.27 26.82
CA MET F 279 -17.34 -1.94 25.66
C MET F 279 -16.25 -2.96 25.38
N SER F 280 -16.20 -4.05 26.13
CA SER F 280 -15.21 -5.09 25.91
C SER F 280 -15.71 -6.10 24.88
N ASP F 281 -14.76 -6.76 24.22
CA ASP F 281 -15.12 -7.79 23.25
C ASP F 281 -15.84 -8.95 23.93
N GLU F 282 -15.34 -9.38 25.09
CA GLU F 282 -15.97 -10.42 25.86
C GLU F 282 -15.93 -10.05 27.34
N SER F 283 -17.01 -10.34 28.05
CA SER F 283 -17.15 -9.95 29.45
C SER F 283 -17.63 -11.12 30.29
N ILE F 284 -17.19 -11.12 31.54
CA ILE F 284 -17.55 -12.14 32.53
C ILE F 284 -18.05 -11.44 33.77
N ILE F 285 -19.10 -11.98 34.38
CA ILE F 285 -19.66 -11.43 35.61
C ILE F 285 -19.84 -12.55 36.62
N VAL F 286 -19.43 -12.29 37.86
CA VAL F 286 -19.57 -13.26 38.94
C VAL F 286 -20.97 -13.13 39.53
N LYS F 287 -21.57 -14.26 39.91
CA LYS F 287 -22.97 -14.29 40.33
C LYS F 287 -23.23 -13.40 41.54
N GLY F 288 -22.63 -13.73 42.69
CA GLY F 288 -23.00 -13.02 43.91
C GLY F 288 -22.54 -11.58 43.92
N ASN F 289 -21.28 -11.33 43.58
CA ASN F 289 -20.68 -10.02 43.79
C ASN F 289 -20.68 -9.14 42.55
N GLY F 290 -21.10 -9.66 41.39
CA GLY F 290 -21.05 -8.89 40.16
C GLY F 290 -22.33 -8.09 39.94
N THR F 291 -22.17 -6.77 39.80
CA THR F 291 -23.30 -5.88 39.52
C THR F 291 -22.87 -4.84 38.51
N ILE F 292 -23.70 -4.63 37.49
CA ILE F 292 -23.44 -3.65 36.44
C ILE F 292 -24.70 -2.80 36.27
N PHE F 293 -24.56 -1.49 36.42
CA PHE F 293 -25.66 -0.57 36.17
C PHE F 293 -25.12 0.83 35.97
N LEU F 294 -25.77 1.59 35.08
CA LEU F 294 -25.41 2.99 34.90
C LEU F 294 -25.92 3.83 36.05
N GLY F 295 -27.09 3.50 36.59
CA GLY F 295 -27.64 4.21 37.73
C GLY F 295 -27.83 3.30 38.92
N GLY F 296 -27.18 3.63 40.03
CA GLY F 296 -27.23 2.80 41.22
C GLY F 296 -28.56 2.91 41.94
N PRO F 297 -28.74 2.04 42.92
CA PRO F 297 -29.98 2.05 43.72
C PRO F 297 -30.24 3.38 44.39
N PRO F 298 -29.24 4.08 44.94
CA PRO F 298 -29.52 5.42 45.46
C PRO F 298 -30.08 6.36 44.41
N LEU F 299 -29.53 6.32 43.19
CA LEU F 299 -30.00 7.20 42.13
C LEU F 299 -31.42 6.84 41.70
N VAL F 300 -31.71 5.55 41.56
CA VAL F 300 -33.05 5.16 41.14
C VAL F 300 -34.07 5.49 42.22
N PHE F 301 -33.69 5.40 43.50
CA PHE F 301 -34.62 5.77 44.55
C PHE F 301 -34.83 7.28 44.59
N ALA F 302 -33.76 8.07 44.45
CA ALA F 302 -33.91 9.51 44.42
C ALA F 302 -34.66 10.00 43.19
N ALA F 303 -34.68 9.21 42.12
CA ALA F 303 -35.38 9.61 40.90
C ALA F 303 -36.85 9.16 40.91
N THR F 304 -37.09 7.86 41.01
CA THR F 304 -38.44 7.32 40.88
C THR F 304 -39.05 6.89 42.21
N GLY F 305 -38.33 6.99 43.32
CA GLY F 305 -38.88 6.58 44.59
C GLY F 305 -39.04 5.09 44.75
N GLU F 306 -38.25 4.29 44.03
CA GLU F 306 -38.33 2.85 44.11
C GLU F 306 -37.08 2.29 44.78
N GLU F 307 -37.26 1.24 45.58
CA GLU F 307 -36.18 0.59 46.29
C GLU F 307 -35.88 -0.74 45.61
N VAL F 308 -34.65 -0.91 45.15
CA VAL F 308 -34.20 -2.14 44.51
C VAL F 308 -32.82 -2.48 45.03
N THR F 309 -32.57 -3.77 45.24
CA THR F 309 -31.24 -4.22 45.62
C THR F 309 -30.32 -4.22 44.40
N PRO F 310 -29.01 -4.09 44.60
CA PRO F 310 -28.09 -4.15 43.45
C PRO F 310 -28.19 -5.43 42.67
N GLU F 311 -28.48 -6.56 43.33
CA GLU F 311 -28.56 -7.83 42.63
C GLU F 311 -29.72 -7.85 41.64
N GLU F 312 -30.89 -7.37 42.05
CA GLU F 312 -32.03 -7.35 41.15
C GLU F 312 -31.99 -6.19 40.17
N LEU F 313 -31.10 -5.22 40.38
CA LEU F 313 -30.92 -4.12 39.45
C LEU F 313 -29.95 -4.50 38.32
N GLY F 314 -28.73 -4.89 38.67
CA GLY F 314 -27.73 -5.21 37.67
C GLY F 314 -26.94 -6.46 37.97
N GLY F 315 -27.57 -7.45 38.59
CA GLY F 315 -26.88 -8.66 38.96
C GLY F 315 -26.52 -9.52 37.76
N ALA F 316 -25.90 -10.66 38.06
CA ALA F 316 -25.43 -11.55 37.00
C ALA F 316 -26.60 -12.12 36.19
N ASP F 317 -27.70 -12.45 36.84
CA ASP F 317 -28.84 -13.04 36.13
C ASP F 317 -29.40 -12.07 35.10
N VAL F 318 -29.60 -10.81 35.49
CA VAL F 318 -30.24 -9.87 34.56
C VAL F 318 -29.32 -9.55 33.39
N HIS F 319 -28.01 -9.45 33.63
CA HIS F 319 -27.08 -9.10 32.57
C HIS F 319 -26.57 -10.30 31.78
N CYS F 320 -26.89 -11.52 32.22
CA CYS F 320 -26.42 -12.70 31.52
C CYS F 320 -27.54 -13.50 30.87
N ARG F 321 -28.79 -13.32 31.30
CA ARG F 321 -29.92 -14.05 30.74
C ARG F 321 -30.87 -13.17 29.95
N ALA F 322 -30.99 -11.90 30.31
CA ALA F 322 -31.94 -11.00 29.67
C ALA F 322 -31.27 -9.83 28.96
N SER F 323 -30.41 -9.10 29.66
CA SER F 323 -29.81 -7.89 29.08
C SER F 323 -28.85 -8.23 27.95
N GLY F 324 -28.02 -9.25 28.15
CA GLY F 324 -27.02 -9.60 27.16
C GLY F 324 -25.75 -8.78 27.22
N VAL F 325 -25.57 -7.97 28.27
CA VAL F 325 -24.34 -7.19 28.39
C VAL F 325 -23.15 -8.11 28.59
N THR F 326 -23.28 -9.12 29.43
CA THR F 326 -22.20 -10.04 29.72
C THR F 326 -22.37 -11.34 28.93
N ASP F 327 -21.24 -12.02 28.73
CA ASP F 327 -21.22 -13.23 27.91
C ASP F 327 -20.97 -14.51 28.71
N TYR F 328 -20.38 -14.43 29.89
CA TYR F 328 -20.05 -15.63 30.65
C TYR F 328 -20.51 -15.48 32.09
N PHE F 329 -21.19 -16.49 32.59
CA PHE F 329 -21.72 -16.52 33.94
C PHE F 329 -20.74 -17.28 34.82
N ALA F 330 -20.21 -16.60 35.84
CA ALA F 330 -19.22 -17.18 36.74
C ALA F 330 -19.85 -17.39 38.11
N THR F 331 -19.65 -18.59 38.66
CA THR F 331 -20.21 -18.89 39.97
C THR F 331 -19.42 -18.26 41.11
N ASP F 332 -18.11 -18.12 40.95
CA ASP F 332 -17.25 -17.55 41.99
C ASP F 332 -16.02 -16.97 41.31
N ASP F 333 -15.06 -16.49 42.11
CA ASP F 333 -13.86 -15.88 41.57
C ASP F 333 -13.02 -16.89 40.80
N LEU F 334 -12.88 -18.11 41.32
CA LEU F 334 -12.07 -19.12 40.65
C LEU F 334 -12.66 -19.48 39.30
N HIS F 335 -13.97 -19.66 39.23
CA HIS F 335 -14.62 -19.93 37.95
C HIS F 335 -14.45 -18.76 36.99
N ALA F 336 -14.49 -17.54 37.52
CA ALA F 336 -14.29 -16.36 36.68
C ALA F 336 -12.88 -16.35 36.08
N LEU F 337 -11.87 -16.67 36.88
CA LEU F 337 -10.51 -16.70 36.37
C LEU F 337 -10.33 -17.84 35.36
N TYR F 338 -10.98 -18.98 35.61
CA TYR F 338 -10.94 -20.05 34.63
C TYR F 338 -11.56 -19.62 33.31
N LEU F 339 -12.70 -18.93 33.36
CA LEU F 339 -13.34 -18.46 32.13
C LEU F 339 -12.48 -17.42 31.43
N THR F 340 -11.77 -16.58 32.20
CA THR F 340 -10.84 -15.63 31.60
C THR F 340 -9.73 -16.37 30.85
N ARG F 341 -9.17 -17.42 31.46
CA ARG F 341 -8.14 -18.20 30.80
C ARG F 341 -8.69 -18.86 29.55
N ARG F 342 -9.93 -19.34 29.60
CA ARG F 342 -10.54 -19.94 28.42
C ARG F 342 -10.73 -18.93 27.31
N ILE F 343 -11.10 -17.70 27.65
CA ILE F 343 -11.21 -16.64 26.66
C ILE F 343 -9.87 -16.36 26.02
N VAL F 344 -8.82 -16.28 26.84
CA VAL F 344 -7.48 -16.02 26.31
C VAL F 344 -7.04 -17.17 25.40
N ALA F 345 -7.43 -18.39 25.75
CA ALA F 345 -7.01 -19.56 24.98
C ALA F 345 -7.55 -19.52 23.55
N ASN F 346 -8.70 -18.89 23.35
CA ASN F 346 -9.36 -18.89 22.05
C ASN F 346 -9.10 -17.61 21.26
N LEU F 347 -8.11 -16.82 21.64
CA LEU F 347 -7.62 -15.75 20.79
C LEU F 347 -6.72 -16.36 19.72
N ASN F 348 -7.11 -16.21 18.47
CA ASN F 348 -6.40 -16.86 17.36
C ASN F 348 -5.12 -16.09 17.04
N ARG F 349 -4.26 -15.98 18.05
CA ARG F 349 -3.00 -15.27 17.93
C ARG F 349 -1.88 -16.27 17.76
N ASN F 350 -1.09 -16.11 16.69
CA ASN F 350 -0.03 -17.06 16.39
C ASN F 350 1.03 -17.03 17.50
N ASP F 351 1.62 -18.21 17.74
CA ASP F 351 2.60 -18.34 18.82
C ASP F 351 3.82 -17.46 18.55
N CYS F 352 4.30 -17.43 17.31
CA CYS F 352 5.47 -16.64 16.98
C CYS F 352 5.51 -16.42 15.47
N GLU F 353 5.78 -15.18 15.06
CA GLU F 353 5.94 -14.88 13.65
C GLU F 353 7.15 -15.60 13.07
N ARG F 354 8.25 -15.63 13.82
CA ARG F 354 9.47 -16.32 13.43
C ARG F 354 9.78 -17.42 14.43
N PRO F 355 9.81 -18.69 14.01
CA PRO F 355 10.06 -19.77 14.96
C PRO F 355 11.49 -19.87 15.45
N CYS F 356 12.38 -18.98 15.02
CA CYS F 356 13.76 -19.03 15.48
C CYS F 356 13.86 -18.69 16.96
N ARG F 357 14.70 -19.43 17.67
CA ARG F 357 14.82 -19.27 19.12
C ARG F 357 15.96 -18.32 19.49
N GLY F 358 17.18 -18.67 19.11
CA GLY F 358 18.33 -17.83 19.43
C GLY F 358 18.56 -17.63 20.91
N ARG F 359 18.44 -18.71 21.70
CA ARG F 359 18.60 -18.64 23.15
C ARG F 359 19.97 -19.14 23.60
N GLU F 360 20.97 -19.08 22.73
CA GLU F 360 22.32 -19.54 23.07
C GLU F 360 23.11 -18.35 23.62
N PHE F 361 22.76 -17.95 24.85
CA PHE F 361 23.38 -16.81 25.50
C PHE F 361 24.13 -17.26 26.74
N THR F 362 25.02 -16.40 27.20
CA THR F 362 25.84 -16.60 28.38
C THR F 362 25.51 -15.55 29.43
N PRO F 363 25.34 -15.94 30.69
CA PRO F 363 25.04 -14.96 31.73
C PRO F 363 26.18 -13.98 31.91
N PRO F 364 25.92 -12.83 32.55
CA PRO F 364 27.01 -11.88 32.80
C PRO F 364 28.12 -12.51 33.64
N LEU F 365 29.36 -12.12 33.34
CA LEU F 365 30.52 -12.68 34.00
C LEU F 365 30.76 -12.11 35.39
N TYR F 366 30.04 -11.06 35.78
CA TYR F 366 30.19 -10.44 37.09
C TYR F 366 28.85 -10.40 37.79
N ASP F 367 28.89 -10.56 39.11
CA ASP F 367 27.67 -10.66 39.89
C ASP F 367 26.98 -9.30 39.96
N PRO F 368 25.70 -9.21 39.61
CA PRO F 368 24.98 -7.94 39.77
C PRO F 368 24.89 -7.46 41.21
N SER F 369 25.04 -8.36 42.19
CA SER F 369 24.83 -8.00 43.58
C SER F 369 25.82 -6.96 44.07
N GLU F 370 26.92 -6.74 43.35
CA GLU F 370 27.91 -5.75 43.75
C GLU F 370 27.82 -4.47 42.92
N ILE F 371 26.77 -4.32 42.12
CA ILE F 371 26.60 -3.09 41.35
C ILE F 371 26.57 -1.88 42.27
N GLY F 372 25.89 -2.00 43.41
CA GLY F 372 25.81 -0.90 44.35
C GLY F 372 27.16 -0.45 44.86
N GLY F 373 28.18 -1.31 44.79
CA GLY F 373 29.51 -0.89 45.20
C GLY F 373 30.05 0.23 44.33
N PHE F 374 29.67 0.26 43.06
CA PHE F 374 30.15 1.29 42.14
C PHE F 374 29.31 2.56 42.15
N ILE F 375 28.16 2.55 42.83
CA ILE F 375 27.22 3.66 42.78
C ILE F 375 27.53 4.59 43.95
N PRO F 376 27.94 5.83 43.71
CA PRO F 376 28.24 6.76 44.81
C PRO F 376 26.96 7.38 45.35
N ASP F 377 27.13 8.30 46.30
CA ASP F 377 26.01 8.99 46.92
C ASP F 377 25.57 10.11 46.00
N MET F 378 24.39 9.98 45.41
CA MET F 378 23.89 11.01 44.50
C MET F 378 23.55 12.30 45.25
N GLY F 379 23.05 12.18 46.48
CA GLY F 379 22.81 13.36 47.29
C GLY F 379 24.02 13.75 48.10
N ALA F 380 24.81 14.69 47.59
CA ALA F 380 26.02 15.12 48.26
C ALA F 380 26.40 16.50 47.75
N ASP F 381 27.25 17.18 48.52
CA ASP F 381 27.72 18.50 48.10
C ASP F 381 28.52 18.41 46.81
N VAL F 382 29.41 17.42 46.70
CA VAL F 382 30.15 17.15 45.47
C VAL F 382 29.94 15.69 45.13
N VAL F 383 29.33 15.43 43.98
CA VAL F 383 28.97 14.07 43.58
C VAL F 383 30.13 13.47 42.81
N LYS F 384 30.59 12.30 43.27
CA LYS F 384 31.69 11.62 42.60
C LYS F 384 31.22 10.98 41.30
N GLY F 385 32.16 10.78 40.39
CA GLY F 385 31.88 10.14 39.12
C GLY F 385 32.35 8.70 39.12
N PHE F 386 31.68 7.88 38.31
CA PHE F 386 32.00 6.47 38.17
C PHE F 386 31.86 6.07 36.72
N ASP F 387 32.46 4.93 36.38
CA ASP F 387 32.38 4.38 35.04
C ASP F 387 31.12 3.54 34.92
N VAL F 388 30.22 3.93 34.03
CA VAL F 388 28.97 3.19 33.86
C VAL F 388 29.21 1.83 33.25
N ARG F 389 30.36 1.61 32.62
CA ARG F 389 30.66 0.31 32.04
C ARG F 389 30.68 -0.79 33.09
N ALA F 390 31.16 -0.48 34.30
CA ALA F 390 31.11 -1.44 35.38
C ALA F 390 29.70 -1.91 35.66
N VAL F 391 28.71 -1.03 35.47
CA VAL F 391 27.32 -1.45 35.56
C VAL F 391 26.96 -2.33 34.36
N ILE F 392 27.37 -1.92 33.16
CA ILE F 392 26.99 -2.65 31.95
C ILE F 392 27.55 -4.05 31.98
N ALA F 393 28.77 -4.21 32.52
CA ALA F 393 29.37 -5.53 32.61
C ALA F 393 28.57 -6.49 33.47
N ARG F 394 27.71 -5.98 34.34
CA ARG F 394 26.91 -6.80 35.24
C ARG F 394 25.47 -6.92 34.78
N LEU F 395 25.15 -6.54 33.54
CA LEU F 395 23.80 -6.60 33.02
C LEU F 395 23.67 -7.32 31.70
N VAL F 396 24.72 -7.41 30.88
CA VAL F 396 24.61 -7.89 29.52
C VAL F 396 25.21 -9.28 29.41
N ASP F 397 24.88 -9.97 28.33
CA ASP F 397 25.29 -11.36 28.14
C ASP F 397 26.80 -11.45 28.00
N GLY F 398 27.41 -12.29 28.84
CA GLY F 398 28.83 -12.55 28.75
C GLY F 398 29.70 -11.34 29.00
N SER F 399 29.10 -10.28 29.55
CA SER F 399 29.79 -9.02 29.79
C SER F 399 30.43 -8.47 28.51
N GLU F 400 29.83 -8.76 27.37
CA GLU F 400 30.36 -8.33 26.08
C GLU F 400 29.68 -7.03 25.65
N PHE F 401 30.46 -6.14 25.06
CA PHE F 401 29.98 -4.80 24.76
C PHE F 401 30.84 -4.23 23.64
N ASP F 402 30.23 -3.98 22.49
CA ASP F 402 30.93 -3.39 21.35
C ASP F 402 30.70 -1.88 21.37
N GLU F 403 31.68 -1.14 21.84
CA GLU F 403 31.54 0.31 21.97
C GLU F 403 31.59 0.99 20.61
N PHE F 404 30.73 2.00 20.43
CA PHE F 404 30.53 2.61 19.12
C PHE F 404 31.62 3.63 18.78
N LYS F 405 31.74 4.69 19.58
CA LYS F 405 32.80 5.68 19.39
C LYS F 405 33.50 5.84 20.73
N LYS F 406 34.47 4.97 20.99
CA LYS F 406 35.09 4.90 22.31
C LYS F 406 35.89 6.15 22.65
N LEU F 407 36.40 6.86 21.65
CA LEU F 407 37.31 7.97 21.87
C LEU F 407 36.74 9.33 21.55
N TYR F 408 35.49 9.40 21.06
CA TYR F 408 34.91 10.66 20.62
C TYR F 408 33.98 11.27 21.67
N GLY F 409 32.95 10.55 22.08
CA GLY F 409 32.04 11.06 23.08
C GLY F 409 32.70 11.21 24.43
N ASP F 410 33.18 10.09 24.97
CA ASP F 410 34.00 10.05 26.18
C ASP F 410 33.21 10.45 27.42
N THR F 411 31.96 10.88 27.23
CA THR F 411 31.02 11.10 28.32
C THR F 411 29.67 10.49 28.05
N LEU F 412 29.44 9.95 26.86
CA LEU F 412 28.23 9.20 26.54
C LEU F 412 28.69 7.88 25.92
N VAL F 413 28.49 6.79 26.65
CA VAL F 413 28.90 5.47 26.19
C VAL F 413 27.79 4.88 25.34
N CYS F 414 28.08 4.64 24.07
CA CYS F 414 27.14 4.04 23.14
C CYS F 414 27.72 2.74 22.63
N GLY F 415 26.91 1.68 22.64
CA GLY F 415 27.42 0.40 22.20
C GLY F 415 26.32 -0.61 21.98
N PHE F 416 26.74 -1.79 21.55
CA PHE F 416 25.82 -2.90 21.30
C PHE F 416 26.05 -3.99 22.34
N ALA F 417 24.96 -4.60 22.79
CA ALA F 417 25.03 -5.67 23.77
C ALA F 417 23.86 -6.60 23.53
N ARG F 418 23.76 -7.64 24.36
CA ARG F 418 22.66 -8.59 24.24
C ARG F 418 22.12 -8.94 25.61
N PHE F 419 20.79 -9.03 25.69
CA PHE F 419 20.09 -9.48 26.87
C PHE F 419 19.39 -10.78 26.52
N GLU F 420 19.91 -11.89 27.04
CA GLU F 420 19.38 -13.23 26.77
C GLU F 420 19.24 -13.47 25.27
N GLY F 421 20.24 -13.03 24.52
CA GLY F 421 20.26 -13.23 23.09
C GLY F 421 19.60 -12.14 22.27
N MET F 422 18.94 -11.18 22.91
CA MET F 422 18.28 -10.09 22.19
C MET F 422 19.24 -8.92 22.05
N LEU F 423 19.50 -8.51 20.81
CA LEU F 423 20.44 -7.42 20.56
C LEU F 423 19.82 -6.08 20.94
N VAL F 424 20.58 -5.28 21.68
CA VAL F 424 20.10 -4.00 22.20
C VAL F 424 21.22 -2.97 22.08
N GLY F 425 20.86 -1.76 21.65
CA GLY F 425 21.77 -0.64 21.69
C GLY F 425 21.66 0.07 23.02
N ILE F 426 22.80 0.28 23.67
CA ILE F 426 22.86 0.90 24.99
C ILE F 426 23.47 2.29 24.85
N VAL F 427 22.75 3.28 25.37
CA VAL F 427 23.23 4.66 25.48
C VAL F 427 23.22 5.00 26.97
N ALA F 428 24.40 5.28 27.52
CA ALA F 428 24.55 5.53 28.94
C ALA F 428 25.32 6.82 29.16
N ASN F 429 24.95 7.56 30.20
CA ASN F 429 25.66 8.78 30.55
C ASN F 429 26.92 8.45 31.33
N ASN F 430 27.99 9.19 31.04
CA ASN F 430 29.26 8.99 31.73
C ASN F 430 29.92 10.32 32.07
N GLY F 431 29.12 11.35 32.31
CA GLY F 431 29.64 12.66 32.64
C GLY F 431 28.75 13.74 32.04
N ILE F 432 29.35 14.92 31.87
CA ILE F 432 28.64 16.05 31.31
C ILE F 432 28.47 15.89 29.81
N LEU F 433 27.28 16.20 29.30
CA LEU F 433 27.04 16.15 27.87
C LEU F 433 27.74 17.31 27.17
N TYR F 434 28.44 17.00 26.08
CA TYR F 434 29.06 17.99 25.22
C TYR F 434 28.41 17.93 23.84
N SER F 435 28.87 18.81 22.95
CA SER F 435 28.40 18.76 21.57
C SER F 435 28.80 17.45 20.91
N GLU F 436 30.03 17.00 21.14
CA GLU F 436 30.48 15.74 20.55
C GLU F 436 29.67 14.57 21.09
N SER F 437 29.39 14.55 22.39
CA SER F 437 28.60 13.46 22.97
C SER F 437 27.18 13.45 22.41
N ALA F 438 26.57 14.63 22.25
CA ALA F 438 25.23 14.69 21.70
C ALA F 438 25.21 14.23 20.25
N LEU F 439 26.20 14.65 19.45
CA LEU F 439 26.28 14.18 18.07
C LEU F 439 26.47 12.67 18.01
N LYS F 440 27.33 12.13 18.87
CA LYS F 440 27.56 10.70 18.92
C LYS F 440 26.28 9.96 19.29
N GLY F 441 25.56 10.45 20.29
CA GLY F 441 24.30 9.81 20.65
C GLY F 441 23.27 9.85 19.54
N ALA F 442 23.16 10.99 18.86
CA ALA F 442 22.21 11.08 17.75
C ALA F 442 22.58 10.11 16.63
N HIS F 443 23.86 10.05 16.28
CA HIS F 443 24.29 9.13 15.24
C HIS F 443 24.04 7.69 15.62
N PHE F 444 24.30 7.34 16.88
CA PHE F 444 24.06 5.98 17.34
C PHE F 444 22.58 5.64 17.32
N VAL F 445 21.73 6.58 17.73
CA VAL F 445 20.29 6.34 17.71
C VAL F 445 19.80 6.15 16.27
N GLU F 446 20.31 6.96 15.33
CA GLU F 446 19.96 6.76 13.93
C GLU F 446 20.41 5.39 13.43
N LEU F 447 21.63 4.99 13.82
CA LEU F 447 22.16 3.69 13.40
C LEU F 447 21.29 2.55 13.92
N CYS F 448 20.88 2.63 15.18
CA CYS F 448 20.01 1.59 15.73
C CYS F 448 18.63 1.61 15.11
N SER F 449 18.12 2.80 14.79
CA SER F 449 16.80 2.91 14.17
C SER F 449 16.80 2.28 12.78
N HIS F 450 17.86 2.51 12.01
CA HIS F 450 17.94 1.93 10.68
C HIS F 450 18.03 0.41 10.71
N ARG F 451 18.42 -0.17 11.84
CA ARG F 451 18.56 -1.61 11.97
C ARG F 451 17.46 -2.25 12.80
N ASN F 452 16.47 -1.49 13.25
CA ASN F 452 15.40 -1.98 14.10
C ASN F 452 15.95 -2.62 15.37
N ILE F 453 16.98 -2.01 15.93
CA ILE F 453 17.61 -2.47 17.17
C ILE F 453 17.00 -1.69 18.33
N PRO F 454 16.42 -2.35 19.33
CA PRO F 454 15.86 -1.62 20.47
C PRO F 454 16.94 -0.86 21.22
N LEU F 455 16.54 0.24 21.83
CA LEU F 455 17.46 1.13 22.54
C LEU F 455 17.26 1.02 24.05
N LEU F 456 18.37 1.05 24.77
CA LEU F 456 18.37 1.07 26.23
C LEU F 456 19.16 2.28 26.70
N PHE F 457 18.49 3.17 27.42
CA PHE F 457 19.09 4.38 27.96
C PHE F 457 19.34 4.20 29.44
N LEU F 458 20.54 4.55 29.90
CA LEU F 458 20.89 4.54 31.31
C LEU F 458 21.20 5.97 31.70
N GLN F 459 20.28 6.62 32.41
CA GLN F 459 20.36 8.05 32.66
C GLN F 459 21.07 8.32 33.98
N ASN F 460 22.19 9.03 33.91
CA ASN F 460 22.77 9.72 35.06
C ASN F 460 23.35 11.02 34.50
N ILE F 461 22.52 12.05 34.45
CA ILE F 461 22.83 13.26 33.69
C ILE F 461 22.60 14.49 34.54
N THR F 462 23.52 15.43 34.46
CA THR F 462 23.45 16.70 35.19
C THR F 462 23.58 17.87 34.23
N GLY F 463 22.86 17.81 33.12
CA GLY F 463 22.83 18.91 32.17
C GLY F 463 23.99 18.91 31.20
N PHE F 464 24.04 19.96 30.39
CA PHE F 464 25.06 20.13 29.37
C PHE F 464 26.20 21.00 29.90
N MET F 465 27.22 21.18 29.06
CA MET F 465 28.33 22.06 29.39
C MET F 465 27.97 23.49 29.08
N VAL F 466 28.20 24.39 30.03
CA VAL F 466 27.83 25.78 29.89
C VAL F 466 29.07 26.57 29.48
N GLY F 467 28.84 27.78 28.97
CA GLY F 467 29.93 28.64 28.57
C GLY F 467 29.73 29.31 27.23
N LYS F 468 30.43 30.43 27.03
CA LYS F 468 30.30 31.17 25.77
C LYS F 468 30.81 30.35 24.59
N THR F 469 31.94 29.68 24.77
CA THR F 469 32.53 28.89 23.68
C THR F 469 31.59 27.75 23.25
N TYR F 470 30.97 27.09 24.22
CA TYR F 470 30.15 25.93 23.91
C TYR F 470 28.85 26.34 23.23
N GLU F 471 28.23 27.44 23.67
CA GLU F 471 27.06 27.96 22.98
C GLU F 471 27.42 28.44 21.59
N GLU F 472 28.58 29.10 21.44
CA GLU F 472 29.01 29.54 20.13
C GLU F 472 29.28 28.36 19.20
N GLY F 473 29.72 27.23 19.74
CA GLY F 473 29.92 26.05 18.93
C GLY F 473 28.64 25.34 18.54
N GLY F 474 27.51 25.74 19.09
CA GLY F 474 26.23 25.18 18.70
C GLY F 474 25.82 23.98 19.52
N ILE F 475 26.03 24.04 20.84
CA ILE F 475 25.67 22.92 21.68
C ILE F 475 24.16 22.73 21.71
N ALA F 476 23.39 23.81 21.63
CA ALA F 476 21.94 23.69 21.59
C ALA F 476 21.50 22.95 20.33
N LYS F 477 22.15 23.23 19.20
CA LYS F 477 21.81 22.54 17.96
C LYS F 477 22.09 21.04 18.04
N ASN F 478 23.21 20.66 18.66
CA ASN F 478 23.54 19.24 18.76
C ASN F 478 22.63 18.53 19.75
N GLY F 479 22.32 19.18 20.88
CA GLY F 479 21.33 18.64 21.78
C GLY F 479 19.98 18.46 21.10
N ALA F 480 19.61 19.41 20.24
CA ALA F 480 18.38 19.28 19.47
C ALA F 480 18.45 18.11 18.50
N LYS F 481 19.61 17.89 17.88
CA LYS F 481 19.76 16.73 17.01
C LYS F 481 19.54 15.43 17.78
N LEU F 482 20.14 15.33 18.97
CA LEU F 482 19.94 14.15 19.79
C LEU F 482 18.47 13.99 20.18
N VAL F 483 17.82 15.08 20.58
CA VAL F 483 16.42 15.00 20.98
C VAL F 483 15.55 14.57 19.81
N THR F 484 15.81 15.12 18.63
CA THR F 484 15.04 14.75 17.44
C THR F 484 15.24 13.27 17.10
N ALA F 485 16.48 12.80 17.16
CA ALA F 485 16.74 11.39 16.87
C ALA F 485 16.02 10.48 17.84
N VAL F 486 16.03 10.84 19.13
CA VAL F 486 15.35 10.02 20.12
C VAL F 486 13.83 10.08 19.91
N SER F 487 13.31 11.25 19.57
CA SER F 487 11.86 11.41 19.50
C SER F 487 11.28 10.72 18.29
N THR F 488 11.95 10.80 17.14
CA THR F 488 11.35 10.37 15.88
C THR F 488 11.66 8.91 15.54
N THR F 489 12.39 8.20 16.39
CA THR F 489 12.67 6.80 16.10
C THR F 489 11.45 5.93 16.42
N HIS F 490 11.40 4.77 15.78
CA HIS F 490 10.28 3.84 15.94
C HIS F 490 10.65 2.55 16.64
N VAL F 491 11.93 2.31 16.92
CA VAL F 491 12.34 1.10 17.63
C VAL F 491 11.89 1.21 19.08
N PRO F 492 11.65 0.09 19.76
CA PRO F 492 11.31 0.17 21.19
C PRO F 492 12.45 0.79 21.99
N LYS F 493 12.07 1.62 22.97
CA LYS F 493 13.05 2.29 23.82
C LYS F 493 12.72 1.99 25.27
N ILE F 494 13.74 1.62 26.04
CA ILE F 494 13.61 1.40 27.47
C ILE F 494 14.66 2.24 28.18
N THR F 495 14.23 3.03 29.16
CA THR F 495 15.14 3.90 29.89
C THR F 495 15.09 3.57 31.37
N ILE F 496 16.26 3.63 32.01
CA ILE F 496 16.40 3.39 33.45
C ILE F 496 17.20 4.53 34.04
N ILE F 497 16.67 5.17 35.08
CA ILE F 497 17.36 6.23 35.79
C ILE F 497 18.22 5.58 36.86
N ILE F 498 19.53 5.50 36.60
CA ILE F 498 20.44 4.87 37.55
C ILE F 498 21.05 5.95 38.44
N GLY F 499 21.17 7.17 37.92
CA GLY F 499 21.72 8.26 38.70
C GLY F 499 20.76 9.42 38.86
N GLY F 500 21.10 10.56 38.30
CA GLY F 500 20.25 11.73 38.33
C GLY F 500 19.86 12.16 36.93
N SER F 501 18.63 12.62 36.77
CA SER F 501 18.13 13.16 35.51
C SER F 501 17.69 14.59 35.76
N TYR F 502 18.45 15.55 35.25
CA TYR F 502 18.25 16.96 35.54
C TYR F 502 18.13 17.74 34.25
N GLY F 503 17.03 18.48 34.09
CA GLY F 503 16.92 19.46 33.04
C GLY F 503 16.86 18.87 31.63
N ALA F 504 17.31 19.68 30.67
CA ALA F 504 17.21 19.32 29.26
C ALA F 504 17.99 18.05 28.95
N GLY F 505 19.02 17.74 29.74
CA GLY F 505 19.72 16.49 29.55
C GLY F 505 18.79 15.30 29.65
N ASN F 506 17.86 15.33 30.62
CA ASN F 506 16.82 14.32 30.69
C ASN F 506 16.11 14.18 29.35
N TYR F 507 15.76 15.32 28.74
CA TYR F 507 15.08 15.29 27.44
C TYR F 507 15.95 14.63 26.39
N GLY F 508 17.26 14.84 26.47
CA GLY F 508 18.14 14.21 25.49
C GLY F 508 18.34 12.73 25.71
N MET F 509 17.90 12.19 26.84
CA MET F 509 18.17 10.81 27.19
C MET F 509 16.89 10.00 27.32
N CYS F 510 15.89 10.31 26.48
CA CYS F 510 14.62 9.58 26.43
C CYS F 510 13.92 9.58 27.78
N GLY F 511 13.51 10.76 28.21
CA GLY F 511 12.76 10.91 29.44
C GLY F 511 11.32 10.44 29.26
N ARG F 512 10.52 10.71 30.28
CA ARG F 512 9.13 10.27 30.29
C ARG F 512 8.34 10.89 29.15
N ALA F 513 8.70 12.10 28.73
CA ALA F 513 7.93 12.81 27.71
C ALA F 513 8.18 12.29 26.30
N PHE F 514 9.17 11.42 26.11
CA PHE F 514 9.58 11.01 24.77
C PHE F 514 9.14 9.59 24.44
N GLY F 515 8.17 9.06 25.18
CA GLY F 515 7.55 7.81 24.85
C GLY F 515 8.44 6.58 24.81
N PRO F 516 9.22 6.32 25.86
CA PRO F 516 9.82 5.00 26.00
C PRO F 516 8.75 3.97 26.32
N ARG F 517 9.01 2.73 25.90
CA ARG F 517 8.08 1.66 26.22
C ARG F 517 7.94 1.48 27.73
N PHE F 518 9.07 1.52 28.44
CA PHE F 518 9.08 1.41 29.90
C PHE F 518 10.14 2.35 30.45
N LEU F 519 9.93 2.79 31.68
CA LEU F 519 10.88 3.64 32.38
C LEU F 519 10.90 3.25 33.85
N PHE F 520 12.08 2.91 34.36
CA PHE F 520 12.25 2.48 35.73
C PHE F 520 13.33 3.32 36.40
N MET F 521 13.24 3.42 37.72
CA MET F 521 14.19 4.18 38.52
C MET F 521 14.79 3.29 39.58
N TRP F 522 16.10 3.42 39.80
CA TRP F 522 16.75 2.79 40.94
C TRP F 522 16.43 3.56 42.21
N PRO F 523 16.50 2.90 43.36
CA PRO F 523 16.12 3.58 44.62
C PRO F 523 16.99 4.77 44.96
N ASN F 524 18.18 4.88 44.39
CA ASN F 524 19.04 6.02 44.64
C ASN F 524 18.83 7.16 43.64
N ALA F 525 17.95 6.98 42.66
CA ALA F 525 17.82 7.95 41.58
C ALA F 525 17.09 9.20 42.04
N ARG F 526 17.44 10.32 41.40
CA ARG F 526 16.79 11.60 41.65
C ARG F 526 16.46 12.25 40.32
N ILE F 527 15.24 12.78 40.20
CA ILE F 527 14.79 13.45 38.99
C ILE F 527 14.25 14.83 39.38
N SER F 528 14.75 15.86 38.72
CA SER F 528 14.34 17.24 39.01
C SER F 528 14.66 18.10 37.80
N VAL F 529 14.08 19.30 37.79
CA VAL F 529 14.41 20.26 36.74
C VAL F 529 15.87 20.67 36.79
N MET F 530 16.48 20.58 37.98
CA MET F 530 17.90 20.86 38.14
C MET F 530 18.36 20.21 39.43
N GLY F 531 19.67 20.06 39.57
CA GLY F 531 20.22 19.44 40.76
C GLY F 531 19.94 20.27 42.00
N GLY F 532 19.91 19.59 43.15
CA GLY F 532 19.62 20.28 44.39
C GLY F 532 20.65 21.33 44.74
N ASN F 533 21.93 20.97 44.65
CA ASN F 533 22.99 21.95 44.87
C ASN F 533 22.94 23.05 43.83
N GLN F 534 22.73 22.69 42.56
CA GLN F 534 22.61 23.68 41.50
C GLN F 534 21.43 24.60 41.74
N ALA F 535 20.28 24.02 42.12
CA ALA F 535 19.11 24.84 42.41
C ALA F 535 19.39 25.80 43.55
N ALA F 536 20.00 25.32 44.62
CA ALA F 536 20.29 26.17 45.76
C ALA F 536 21.21 27.33 45.37
N THR F 537 22.30 27.01 44.67
CA THR F 537 23.26 28.04 44.30
C THR F 537 22.63 29.07 43.37
N VAL F 538 21.91 28.61 42.34
CA VAL F 538 21.34 29.52 41.36
C VAL F 538 20.26 30.39 41.99
N LEU F 539 19.39 29.80 42.82
CA LEU F 539 18.34 30.58 43.45
C LEU F 539 18.92 31.59 44.43
N ALA F 540 19.96 31.22 45.18
CA ALA F 540 20.59 32.16 46.09
C ALA F 540 21.23 33.31 45.31
N LEU F 541 21.91 33.00 44.21
CA LEU F 541 22.60 34.05 43.45
C LEU F 541 21.60 34.98 42.77
N THR F 542 20.51 34.43 42.24
CA THR F 542 19.53 35.24 41.52
C THR F 542 18.72 36.12 42.46
N ASN F 543 18.31 35.57 43.61
CA ASN F 543 17.45 36.31 44.53
C ASN F 543 18.23 37.40 45.24
N SER F 544 18.18 38.62 44.69
CA SER F 544 18.87 39.76 45.30
C SER F 544 18.15 40.27 46.54
N LYS F 545 16.85 39.98 46.69
CA LYS F 545 16.13 40.39 47.89
C LYS F 545 16.67 39.69 49.13
N LEU F 546 17.16 38.47 48.98
CA LEU F 546 17.63 37.70 50.13
C LEU F 546 18.82 38.39 50.79
N ARG F 547 18.77 38.48 52.12
CA ARG F 547 19.82 39.09 52.90
C ARG F 547 20.93 38.09 53.17
N GLU F 548 22.13 38.62 53.48
CA GLU F 548 23.26 37.76 53.78
C GLU F 548 23.01 36.93 55.04
N ASN F 549 22.22 37.47 55.98
CA ASN F 549 21.92 36.75 57.21
C ASN F 549 21.02 35.54 56.98
N GLU F 550 20.31 35.50 55.86
CA GLU F 550 19.34 34.45 55.59
C GLU F 550 19.71 33.67 54.33
N VAL F 551 20.99 33.36 54.16
CA VAL F 551 21.44 32.61 53.00
C VAL F 551 21.44 31.11 53.26
N GLN F 552 22.03 30.68 54.38
CA GLN F 552 22.14 29.26 54.66
C GLN F 552 20.77 28.61 54.84
N ASP F 553 19.85 29.30 55.52
CA ASP F 553 18.52 28.73 55.72
C ASP F 553 17.79 28.57 54.39
N PHE F 554 17.90 29.56 53.50
CA PHE F 554 17.25 29.46 52.20
C PHE F 554 17.82 28.30 51.38
N LYS F 555 19.14 28.17 51.37
CA LYS F 555 19.76 27.06 50.65
C LYS F 555 19.35 25.72 51.22
N ALA F 556 19.31 25.61 52.55
CA ALA F 556 18.89 24.36 53.18
C ALA F 556 17.44 24.04 52.83
N LYS F 557 16.57 25.05 52.84
CA LYS F 557 15.16 24.82 52.54
C LYS F 557 14.98 24.35 51.11
N VAL F 558 15.64 25.01 50.15
CA VAL F 558 15.47 24.62 48.76
C VAL F 558 16.10 23.25 48.50
N ARG F 559 17.24 22.96 49.15
CA ARG F 559 17.83 21.64 49.01
C ARG F 559 16.92 20.56 49.55
N SER F 560 16.29 20.81 50.71
CA SER F 560 15.37 19.83 51.28
C SER F 560 14.16 19.63 50.37
N LYS F 561 13.63 20.73 49.80
CA LYS F 561 12.49 20.61 48.91
C LYS F 561 12.85 19.80 47.67
N TYR F 562 14.02 20.05 47.08
CA TYR F 562 14.41 19.31 45.90
C TYR F 562 14.71 17.85 46.21
N GLU F 563 15.31 17.57 47.37
CA GLU F 563 15.52 16.19 47.78
C GLU F 563 14.20 15.46 47.96
N TYR F 564 13.21 16.13 48.56
CA TYR F 564 11.92 15.50 48.80
C TYR F 564 11.18 15.24 47.49
N GLU F 565 11.15 16.23 46.60
CA GLU F 565 10.41 16.10 45.36
C GLU F 565 11.19 15.39 44.25
N GLY F 566 12.46 15.04 44.50
CA GLY F 566 13.23 14.34 43.50
C GLY F 566 13.47 12.89 43.82
N SER F 567 13.01 12.44 44.99
CA SER F 567 13.26 11.07 45.40
C SER F 567 12.54 10.09 44.49
N CYS F 568 13.00 8.84 44.51
CA CYS F 568 12.39 7.81 43.68
C CYS F 568 10.93 7.57 44.07
N TYR F 569 10.63 7.60 45.37
CA TYR F 569 9.27 7.36 45.81
C TYR F 569 8.34 8.48 45.39
N TYR F 570 8.81 9.72 45.45
CA TYR F 570 8.00 10.84 44.99
C TYR F 570 7.64 10.70 43.52
N SER F 571 8.62 10.31 42.69
CA SER F 571 8.35 10.09 41.28
C SER F 571 7.40 8.92 41.07
N THR F 572 7.60 7.83 41.81
CA THR F 572 6.81 6.63 41.61
C THR F 572 5.34 6.85 41.99
N ALA F 573 5.10 7.58 43.07
CA ALA F 573 3.72 7.81 43.50
C ALA F 573 2.92 8.61 42.48
N ARG F 574 3.59 9.29 41.55
CA ARG F 574 2.95 10.15 40.58
C ARG F 574 2.99 9.58 39.17
N LEU F 575 3.30 8.29 39.03
CA LEU F 575 3.31 7.61 37.74
C LEU F 575 4.25 8.29 36.76
N TRP F 576 5.29 8.94 37.28
CA TRP F 576 6.34 9.49 36.44
C TRP F 576 7.25 8.42 35.87
N ASP F 577 7.23 7.22 36.46
CA ASP F 577 7.99 6.08 35.97
C ASP F 577 7.11 4.86 36.04
N ASP F 578 7.65 3.72 35.61
CA ASP F 578 6.94 2.45 35.68
C ASP F 578 7.42 1.60 36.84
N GLY F 579 7.81 2.22 37.94
CA GLY F 579 8.19 1.51 39.15
C GLY F 579 9.66 1.68 39.49
N VAL F 580 9.97 1.33 40.73
CA VAL F 580 11.34 1.35 41.26
C VAL F 580 11.82 -0.08 41.37
N ILE F 581 13.00 -0.35 40.83
CA ILE F 581 13.56 -1.70 40.81
C ILE F 581 14.95 -1.66 41.41
N ALA F 582 15.35 -2.78 42.01
CA ALA F 582 16.69 -2.89 42.55
C ALA F 582 17.70 -3.06 41.41
N PRO F 583 18.92 -2.54 41.58
CA PRO F 583 19.92 -2.70 40.50
C PRO F 583 20.18 -4.15 40.12
N GLU F 584 20.25 -5.05 41.10
CA GLU F 584 20.55 -6.45 40.79
C GLU F 584 19.45 -7.12 39.99
N ASP F 585 18.21 -6.62 40.08
CA ASP F 585 17.11 -7.14 39.28
C ASP F 585 17.03 -6.47 37.91
N THR F 586 17.85 -5.44 37.67
CA THR F 586 17.69 -4.62 36.47
C THR F 586 17.67 -5.47 35.21
N ARG F 587 18.68 -6.33 35.05
CA ARG F 587 18.75 -7.18 33.86
C ARG F 587 17.44 -7.94 33.68
N ALA F 588 16.97 -8.61 34.73
CA ALA F 588 15.73 -9.37 34.62
C ALA F 588 14.61 -8.49 34.12
N VAL F 589 14.44 -7.32 34.73
CA VAL F 589 13.37 -6.41 34.33
C VAL F 589 13.49 -6.11 32.84
N VAL F 590 14.69 -5.75 32.39
CA VAL F 590 14.88 -5.40 30.99
C VAL F 590 14.40 -6.55 30.11
N VAL F 591 14.81 -7.78 30.44
CA VAL F 591 14.42 -8.91 29.62
C VAL F 591 12.92 -8.97 29.48
N GLN F 592 12.20 -8.89 30.61
CA GLN F 592 10.75 -8.95 30.55
C GLN F 592 10.22 -7.85 29.65
N ALA F 593 10.71 -6.62 29.85
CA ALA F 593 10.25 -5.52 29.02
C ALA F 593 10.49 -5.82 27.55
N LEU F 594 11.68 -6.31 27.22
CA LEU F 594 11.98 -6.61 25.83
C LEU F 594 11.00 -7.63 25.27
N LEU F 595 10.70 -8.67 26.06
CA LEU F 595 9.77 -9.68 25.58
C LEU F 595 8.41 -9.07 25.33
N SER F 596 8.00 -8.12 26.18
CA SER F 596 6.69 -7.49 26.00
C SER F 596 6.63 -6.74 24.68
N THR F 597 7.78 -6.32 24.15
CA THR F 597 7.79 -5.59 22.88
C THR F 597 7.88 -6.51 21.68
N LEU F 598 7.96 -7.83 21.88
CA LEU F 598 8.13 -8.72 20.73
C LEU F 598 6.85 -8.84 19.91
N SER F 599 5.69 -8.58 20.51
CA SER F 599 4.42 -8.65 19.80
C SER F 599 4.05 -7.32 19.15
N ALA F 600 4.87 -6.29 19.30
CA ALA F 600 4.59 -5.00 18.69
C ALA F 600 4.66 -5.10 17.17
N PRO F 601 3.85 -4.30 16.44
CA PRO F 601 3.85 -4.33 14.98
C PRO F 601 5.15 -3.78 14.38
N ASP G 11 -4.94 68.33 -53.56
CA ASP G 11 -5.60 67.86 -52.34
C ASP G 11 -4.70 66.88 -51.60
N PHE G 12 -4.54 67.11 -50.29
CA PHE G 12 -3.68 66.26 -49.49
C PHE G 12 -4.30 64.89 -49.27
N LYS G 13 -3.46 63.87 -49.26
CA LYS G 13 -3.86 62.52 -48.88
C LYS G 13 -3.24 62.06 -47.57
N LYS G 14 -2.02 62.47 -47.27
CA LYS G 14 -1.36 62.12 -46.02
C LYS G 14 -0.68 63.35 -45.43
N VAL G 15 -0.89 63.56 -44.13
CA VAL G 15 -0.26 64.64 -43.39
C VAL G 15 0.54 64.03 -42.26
N LEU G 16 1.82 64.42 -42.16
CA LEU G 16 2.71 63.93 -41.12
C LEU G 16 2.86 65.01 -40.05
N VAL G 17 2.58 64.67 -38.81
CA VAL G 17 2.72 65.59 -37.68
C VAL G 17 4.06 65.32 -37.02
N ALA G 18 4.88 66.35 -36.93
CA ALA G 18 6.24 66.22 -36.41
C ALA G 18 6.34 66.46 -34.90
N ASN G 19 5.22 66.70 -34.23
CA ASN G 19 5.23 66.98 -32.80
C ASN G 19 4.28 66.02 -32.10
N ARG G 20 4.73 65.47 -30.98
CA ARG G 20 3.91 64.56 -30.19
C ARG G 20 2.94 65.35 -29.31
N GLY G 21 2.21 64.64 -28.46
CA GLY G 21 1.34 65.27 -27.49
C GLY G 21 -0.10 65.39 -27.97
N GLU G 22 -0.82 66.29 -27.30
CA GLU G 22 -2.24 66.47 -27.61
C GLU G 22 -2.44 67.19 -28.93
N ILE G 23 -1.47 67.98 -29.37
CA ILE G 23 -1.58 68.66 -30.66
C ILE G 23 -1.63 67.64 -31.79
N ALA G 24 -0.83 66.57 -31.67
CA ALA G 24 -0.87 65.51 -32.66
C ALA G 24 -2.26 64.87 -32.71
N CYS G 25 -2.86 64.63 -31.54
CA CYS G 25 -4.21 64.05 -31.51
C CYS G 25 -5.23 65.01 -32.12
N ARG G 26 -5.09 66.31 -31.86
CA ARG G 26 -6.00 67.29 -32.45
C ARG G 26 -5.91 67.28 -33.97
N VAL G 27 -4.68 67.28 -34.50
CA VAL G 27 -4.49 67.27 -35.94
C VAL G 27 -5.01 65.96 -36.52
N PHE G 28 -4.79 64.84 -35.82
CA PHE G 28 -5.29 63.56 -36.30
C PHE G 28 -6.82 63.56 -36.36
N ARG G 29 -7.47 64.14 -35.35
CA ARG G 29 -8.93 64.20 -35.34
C ARG G 29 -9.45 65.03 -36.51
N THR G 30 -8.84 66.20 -36.72
CA THR G 30 -9.32 67.06 -37.81
C THR G 30 -9.00 66.46 -39.17
N CYS G 31 -7.96 65.63 -39.27
CA CYS G 31 -7.68 64.93 -40.52
C CYS G 31 -8.67 63.80 -40.75
N ARG G 32 -9.06 63.10 -39.69
CA ARG G 32 -10.09 62.07 -39.81
C ARG G 32 -11.42 62.69 -40.21
N GLU G 33 -11.70 63.90 -39.73
CA GLU G 33 -12.90 64.60 -40.18
C GLU G 33 -12.83 64.91 -41.68
N MET G 34 -11.64 65.22 -42.20
CA MET G 34 -11.45 65.59 -43.59
C MET G 34 -11.01 64.43 -44.47
N ASN G 35 -10.95 63.21 -43.91
CA ASN G 35 -10.56 62.00 -44.64
C ASN G 35 -9.11 62.03 -45.11
N ILE G 36 -8.20 62.60 -44.33
CA ILE G 36 -6.78 62.57 -44.64
C ILE G 36 -6.10 61.52 -43.76
N ARG G 37 -5.33 60.64 -44.38
CA ARG G 37 -4.59 59.64 -43.63
C ARG G 37 -3.52 60.30 -42.77
N THR G 38 -3.35 59.79 -41.56
CA THR G 38 -2.48 60.40 -40.56
C THR G 38 -1.21 59.59 -40.39
N VAL G 39 -0.07 60.28 -40.35
CA VAL G 39 1.23 59.67 -40.10
C VAL G 39 1.84 60.33 -38.88
N ALA G 40 2.30 59.52 -37.93
CA ALA G 40 2.84 60.01 -36.68
C ALA G 40 4.35 59.87 -36.64
N VAL G 41 4.95 60.50 -35.65
CA VAL G 41 6.40 60.50 -35.43
C VAL G 41 6.67 60.14 -33.98
N CYS G 42 7.62 59.25 -33.76
CA CYS G 42 7.92 58.79 -32.41
C CYS G 42 9.37 58.32 -32.36
N CYS G 43 9.84 58.03 -31.15
CA CYS G 43 11.14 57.44 -30.91
C CYS G 43 10.96 56.02 -30.37
N GLU G 44 12.09 55.33 -30.20
CA GLU G 44 12.05 53.92 -29.79
C GLU G 44 11.53 53.73 -28.37
N GLY G 45 11.41 54.78 -27.59
CA GLY G 45 10.95 54.66 -26.22
C GLY G 45 9.49 54.97 -26.02
N GLU G 46 8.69 54.86 -27.08
CA GLU G 46 7.26 55.21 -27.05
C GLU G 46 6.45 54.01 -27.53
N PRO G 47 6.29 52.99 -26.68
CA PRO G 47 5.49 51.83 -27.10
C PRO G 47 4.00 52.04 -26.96
N ASN G 48 3.54 52.99 -26.15
CA ASN G 48 2.12 53.19 -25.94
C ASN G 48 1.75 54.67 -25.96
N ALA G 49 2.44 55.47 -26.78
CA ALA G 49 2.10 56.88 -26.90
C ALA G 49 0.72 57.02 -27.53
N LYS G 50 -0.07 57.97 -27.00
CA LYS G 50 -1.44 58.11 -27.45
C LYS G 50 -1.52 58.49 -28.92
N HIS G 51 -0.67 59.43 -29.36
CA HIS G 51 -0.71 59.87 -30.75
C HIS G 51 -0.30 58.74 -31.69
N VAL G 52 0.61 57.88 -31.26
CA VAL G 52 0.99 56.73 -32.09
C VAL G 52 -0.20 55.80 -32.29
N LEU G 53 -0.96 55.56 -31.22
CA LEU G 53 -2.12 54.67 -31.33
C LEU G 53 -3.23 55.31 -32.14
N GLU G 54 -3.38 56.63 -32.07
CA GLU G 54 -4.46 57.32 -32.77
C GLU G 54 -4.16 57.59 -34.23
N ALA G 55 -2.96 57.26 -34.71
CA ALA G 55 -2.58 57.52 -36.09
C ALA G 55 -2.64 56.25 -36.91
N ASP G 56 -2.84 56.43 -38.22
CA ASP G 56 -2.85 55.28 -39.13
C ASP G 56 -1.48 54.64 -39.22
N GLU G 57 -0.42 55.45 -39.27
CA GLU G 57 0.95 54.94 -39.38
C GLU G 57 1.86 55.78 -38.51
N ALA G 58 2.99 55.19 -38.13
CA ALA G 58 3.99 55.88 -37.34
C ALA G 58 5.38 55.52 -37.86
N PHE G 59 6.31 56.46 -37.69
CA PHE G 59 7.70 56.28 -38.12
C PHE G 59 8.61 56.61 -36.94
N VAL G 60 9.55 55.71 -36.64
CA VAL G 60 10.47 55.93 -35.54
C VAL G 60 11.64 56.77 -36.03
N LEU G 61 12.03 57.76 -35.22
CA LEU G 61 13.05 58.72 -35.63
C LEU G 61 14.47 58.30 -35.25
N GLY G 62 14.62 57.19 -34.53
CA GLY G 62 15.93 56.74 -34.13
C GLY G 62 16.02 56.47 -32.64
N PRO G 63 17.16 56.76 -32.04
CA PRO G 63 17.31 56.55 -30.60
C PRO G 63 16.35 57.43 -29.84
N PRO G 64 15.92 56.97 -28.65
CA PRO G 64 15.07 57.81 -27.79
C PRO G 64 15.85 58.55 -26.71
N PRO G 65 16.58 59.62 -27.02
CA PRO G 65 16.96 60.55 -25.94
C PRO G 65 16.03 61.74 -25.79
N ALA G 66 14.95 61.78 -26.57
CA ALA G 66 13.94 62.85 -26.56
C ALA G 66 14.52 64.19 -27.00
N SER G 67 15.78 64.24 -27.41
CA SER G 67 16.40 65.47 -27.91
C SER G 67 16.75 65.36 -29.38
N THR G 68 17.55 64.36 -29.77
CA THR G 68 17.83 64.15 -31.19
C THR G 68 16.55 63.79 -31.94
N SER G 69 15.74 62.90 -31.37
CA SER G 69 14.44 62.59 -31.96
C SER G 69 13.52 63.80 -31.82
N TYR G 70 12.52 63.85 -32.70
CA TYR G 70 11.55 64.94 -32.82
C TYR G 70 12.20 66.25 -33.25
N LEU G 71 13.51 66.26 -33.51
CA LEU G 71 14.20 67.46 -33.97
C LEU G 71 15.06 67.23 -35.21
N ARG G 72 15.34 65.99 -35.59
CA ARG G 72 16.11 65.71 -36.80
C ARG G 72 15.22 65.99 -38.00
N GLY G 73 15.47 67.13 -38.65
CA GLY G 73 14.68 67.49 -39.83
C GLY G 73 14.86 66.51 -40.97
N ASP G 74 16.09 66.07 -41.20
CA ASP G 74 16.34 65.12 -42.28
C ASP G 74 15.62 63.80 -42.05
N ARG G 75 15.60 63.32 -40.81
CA ARG G 75 14.89 62.09 -40.50
C ARG G 75 13.39 62.25 -40.73
N ILE G 76 12.83 63.40 -40.37
CA ILE G 76 11.41 63.64 -40.60
C ILE G 76 11.11 63.70 -42.09
N ILE G 77 12.00 64.33 -42.87
CA ILE G 77 11.81 64.38 -44.31
C ILE G 77 11.83 62.97 -44.90
N CYS G 78 12.79 62.15 -44.45
CA CYS G 78 12.85 60.77 -44.91
C CYS G 78 11.59 59.99 -44.53
N ALA G 79 11.08 60.24 -43.32
CA ALA G 79 9.86 59.58 -42.88
C ALA G 79 8.68 59.97 -43.77
N ALA G 80 8.56 61.26 -44.08
CA ALA G 80 7.47 61.71 -44.93
C ALA G 80 7.58 61.15 -46.34
N LYS G 81 8.81 61.08 -46.88
CA LYS G 81 8.98 60.55 -48.23
C LYS G 81 8.70 59.05 -48.29
N LYS G 82 9.15 58.30 -47.27
CA LYS G 82 8.94 56.86 -47.27
C LYS G 82 7.46 56.51 -47.19
N LEU G 83 6.70 57.23 -46.37
CA LEU G 83 5.29 56.96 -46.19
C LEU G 83 4.40 57.72 -47.17
N GLN G 84 5.00 58.35 -48.18
CA GLN G 84 4.25 59.08 -49.21
C GLN G 84 3.37 60.16 -48.61
N ALA G 85 3.88 60.83 -47.59
CA ALA G 85 3.15 61.93 -46.97
C ALA G 85 3.04 63.11 -47.93
N ASP G 86 1.88 63.75 -47.95
CA ASP G 86 1.67 64.90 -48.82
C ASP G 86 2.01 66.22 -48.15
N ALA G 87 1.77 66.34 -46.84
CA ALA G 87 2.02 67.59 -46.15
C ALA G 87 2.71 67.30 -44.81
N VAL G 88 3.38 68.32 -44.28
CA VAL G 88 4.04 68.23 -42.99
C VAL G 88 3.51 69.34 -42.10
N HIS G 89 2.90 68.96 -40.98
CA HIS G 89 2.35 69.90 -40.00
C HIS G 89 3.20 69.82 -38.73
N PRO G 90 3.85 70.90 -38.30
CA PRO G 90 4.75 70.81 -37.14
C PRO G 90 4.09 71.03 -35.79
N GLY G 91 2.81 71.41 -35.76
CA GLY G 91 2.19 71.70 -34.48
C GLY G 91 2.74 73.00 -33.89
N TYR G 92 2.58 73.12 -32.57
CA TYR G 92 3.11 74.28 -31.85
C TYR G 92 4.26 73.91 -30.91
N GLY G 93 4.77 72.68 -31.00
CA GLY G 93 5.86 72.24 -30.14
C GLY G 93 7.21 72.63 -30.69
N PHE G 94 8.19 71.77 -30.44
CA PHE G 94 9.54 72.00 -30.93
C PHE G 94 9.60 71.82 -32.44
N LEU G 95 10.60 72.46 -33.04
CA LEU G 95 10.87 72.41 -34.47
C LEU G 95 9.76 73.04 -35.31
N SER G 96 8.82 73.73 -34.67
CA SER G 96 7.73 74.39 -35.38
C SER G 96 8.02 75.84 -35.72
N GLU G 97 9.17 76.37 -35.29
CA GLU G 97 9.55 77.75 -35.59
C GLU G 97 10.94 77.83 -36.23
N ASN G 98 11.44 76.72 -36.74
CA ASN G 98 12.76 76.68 -37.36
C ASN G 98 12.63 76.91 -38.86
N ALA G 99 13.22 77.99 -39.35
CA ALA G 99 13.12 78.31 -40.77
C ALA G 99 13.84 77.28 -41.62
N GLU G 100 14.95 76.75 -41.12
CA GLU G 100 15.70 75.74 -41.88
C GLU G 100 14.87 74.50 -42.13
N PHE G 101 14.10 74.06 -41.13
CA PHE G 101 13.26 72.89 -41.30
C PHE G 101 12.19 73.13 -42.37
N ALA G 102 11.55 74.30 -42.35
CA ALA G 102 10.55 74.61 -43.36
C ALA G 102 11.17 74.69 -44.75
N SER G 103 12.36 75.28 -44.85
CA SER G 103 13.04 75.34 -46.14
C SER G 103 13.37 73.94 -46.65
N ALA G 104 13.81 73.05 -45.76
CA ALA G 104 14.08 71.67 -46.16
C ALA G 104 12.80 70.95 -46.58
N VAL G 105 11.70 71.21 -45.88
CA VAL G 105 10.41 70.61 -46.25
C VAL G 105 10.01 71.05 -47.66
N LEU G 106 10.15 72.35 -47.93
CA LEU G 106 9.80 72.86 -49.26
C LEU G 106 10.74 72.31 -50.33
N ALA G 107 12.03 72.16 -49.99
CA ALA G 107 13.00 71.68 -50.96
C ALA G 107 12.70 70.26 -51.41
N ALA G 108 12.30 69.40 -50.48
CA ALA G 108 12.03 68.00 -50.80
C ALA G 108 10.76 67.81 -51.60
N GLY G 109 9.95 68.85 -51.77
CA GLY G 109 8.69 68.74 -52.48
C GLY G 109 7.47 68.66 -51.59
N LEU G 110 7.66 68.39 -50.30
CA LEU G 110 6.55 68.36 -49.36
C LEU G 110 6.01 69.77 -49.12
N LYS G 111 4.76 69.84 -48.69
CA LYS G 111 4.10 71.12 -48.42
C LYS G 111 4.11 71.37 -46.92
N PHE G 112 4.73 72.48 -46.52
CA PHE G 112 4.79 72.85 -45.11
C PHE G 112 3.50 73.54 -44.70
N VAL G 113 2.93 73.11 -43.57
CA VAL G 113 1.69 73.70 -43.07
C VAL G 113 2.09 74.83 -42.12
N GLY G 114 2.28 76.02 -42.68
CA GLY G 114 2.66 77.16 -41.91
C GLY G 114 3.13 78.32 -42.76
N PRO G 115 3.75 79.31 -42.13
CA PRO G 115 4.20 80.51 -42.83
C PRO G 115 5.40 80.21 -43.71
N PRO G 116 5.69 81.09 -44.68
CA PRO G 116 6.89 80.91 -45.48
C PRO G 116 8.13 81.00 -44.62
N PRO G 117 9.21 80.31 -45.00
CA PRO G 117 10.42 80.34 -44.16
C PRO G 117 11.00 81.72 -43.96
N ALA G 118 10.88 82.61 -44.95
CA ALA G 118 11.43 83.96 -44.81
C ALA G 118 10.74 84.73 -43.68
N ALA G 119 9.41 84.68 -43.65
CA ALA G 119 8.67 85.38 -42.61
C ALA G 119 8.97 84.80 -41.23
N MET G 120 9.05 83.47 -41.14
CA MET G 120 9.35 82.84 -39.86
C MET G 120 10.76 83.19 -39.38
N LEU G 121 11.73 83.23 -40.29
CA LEU G 121 13.09 83.60 -39.92
C LEU G 121 13.18 85.07 -39.51
N SER G 122 12.44 85.94 -40.20
CA SER G 122 12.57 87.38 -39.94
C SER G 122 11.96 87.78 -38.61
N MET G 123 11.02 86.99 -38.09
CA MET G 123 10.29 87.33 -36.87
C MET G 123 10.79 86.58 -35.65
N GLY G 124 11.96 85.96 -35.72
CA GLY G 124 12.48 85.20 -34.61
C GLY G 124 13.73 85.78 -34.00
N SER G 125 14.19 86.91 -34.53
CA SER G 125 15.42 87.54 -34.05
C SER G 125 15.17 88.61 -32.99
N LYS G 126 13.94 89.08 -32.84
CA LYS G 126 13.51 90.10 -31.89
C LYS G 126 14.11 91.47 -32.20
N SER G 127 14.93 91.60 -33.24
CA SER G 127 15.51 92.88 -33.63
C SER G 127 15.02 93.31 -35.00
N GLU G 128 15.16 92.47 -36.03
CA GLU G 128 14.62 92.81 -37.33
C GLU G 128 13.10 92.85 -37.32
N SER G 129 12.47 92.03 -36.48
CA SER G 129 11.01 92.08 -36.37
C SER G 129 10.55 93.44 -35.86
N LYS G 130 11.27 94.01 -34.88
CA LYS G 130 10.94 95.34 -34.40
C LYS G 130 11.10 96.39 -35.49
N ARG G 131 12.15 96.27 -36.29
CA ARG G 131 12.36 97.21 -37.40
C ARG G 131 11.20 97.13 -38.40
N ILE G 132 10.80 95.91 -38.75
CA ILE G 132 9.70 95.73 -39.70
C ILE G 132 8.41 96.30 -39.13
N MET G 133 8.15 96.04 -37.84
CA MET G 133 6.93 96.55 -37.23
C MET G 133 6.92 98.07 -37.16
N GLU G 134 8.08 98.68 -36.88
CA GLU G 134 8.17 100.13 -36.90
C GLU G 134 7.93 100.69 -38.30
N ALA G 135 8.53 100.06 -39.32
CA ALA G 135 8.38 100.54 -40.68
C ALA G 135 6.96 100.36 -41.21
N ALA G 136 6.16 99.52 -40.57
CA ALA G 136 4.80 99.25 -41.02
C ALA G 136 3.77 100.18 -40.39
N GLY G 137 4.17 101.03 -39.44
CA GLY G 137 3.24 101.89 -38.75
C GLY G 137 2.50 101.25 -37.59
N VAL G 138 2.77 99.99 -37.29
CA VAL G 138 2.16 99.34 -36.13
C VAL G 138 2.70 99.99 -34.86
N PRO G 139 1.86 100.26 -33.86
CA PRO G 139 2.36 100.87 -32.63
C PRO G 139 3.44 100.03 -31.96
N ILE G 140 4.45 100.71 -31.43
CA ILE G 140 5.58 100.08 -30.76
C ILE G 140 5.69 100.66 -29.35
N VAL G 141 6.28 99.90 -28.45
CA VAL G 141 6.45 100.37 -27.07
C VAL G 141 7.32 101.63 -27.08
N PRO G 142 6.88 102.73 -26.49
CA PRO G 142 7.67 103.97 -26.56
C PRO G 142 8.92 103.92 -25.70
N GLY G 143 9.98 103.30 -26.22
CA GLY G 143 11.24 103.21 -25.52
C GLY G 143 12.37 103.73 -26.37
N TYR G 144 13.49 104.04 -25.70
CA TYR G 144 14.70 104.51 -26.35
C TYR G 144 15.77 103.45 -26.28
N TYR G 145 16.38 103.14 -27.43
CA TYR G 145 17.42 102.11 -27.52
C TYR G 145 18.57 102.58 -28.40
N GLY G 146 18.80 103.89 -28.46
CA GLY G 146 19.84 104.43 -29.30
C GLY G 146 21.23 104.17 -28.75
N GLU G 147 22.23 104.42 -29.61
CA GLU G 147 23.62 104.22 -29.22
C GLU G 147 24.12 105.30 -28.27
N ASP G 148 23.45 106.45 -28.20
CA ASP G 148 23.89 107.54 -27.34
C ASP G 148 23.54 107.22 -25.90
N GLN G 149 24.55 107.18 -25.03
CA GLN G 149 24.37 106.90 -23.61
C GLN G 149 24.66 108.11 -22.74
N ASN G 150 24.62 109.31 -23.31
CA ASN G 150 24.89 110.52 -22.54
C ASN G 150 23.77 110.74 -21.52
N PRO G 151 24.10 111.07 -20.28
CA PRO G 151 23.05 111.24 -19.25
C PRO G 151 22.03 112.30 -19.60
N ASP G 152 22.45 113.41 -20.22
CA ASP G 152 21.49 114.44 -20.59
C ASP G 152 20.55 113.97 -21.70
N ARG G 153 21.11 113.28 -22.70
CA ARG G 153 20.26 112.74 -23.76
C ARG G 153 19.30 111.69 -23.22
N LEU G 154 19.77 110.83 -22.31
CA LEU G 154 18.90 109.84 -21.70
C LEU G 154 17.79 110.51 -20.89
N LEU G 155 18.12 111.57 -20.15
CA LEU G 155 17.10 112.29 -19.40
C LEU G 155 16.07 112.93 -20.32
N HIS G 156 16.53 113.51 -21.43
CA HIS G 156 15.59 114.11 -22.39
C HIS G 156 14.69 113.04 -23.00
N GLU G 157 15.25 111.87 -23.33
CA GLU G 157 14.43 110.79 -23.87
C GLU G 157 13.43 110.30 -22.84
N ALA G 158 13.83 110.21 -21.57
CA ALA G 158 12.91 109.82 -20.51
C ALA G 158 11.78 110.83 -20.37
N LYS G 159 12.10 112.12 -20.46
CA LYS G 159 11.05 113.14 -20.41
C LYS G 159 10.10 113.00 -21.59
N THR G 160 10.65 112.73 -22.78
CA THR G 160 9.80 112.57 -23.96
C THR G 160 8.88 111.35 -23.81
N ILE G 161 9.42 110.24 -23.31
CA ILE G 161 8.62 109.03 -23.15
C ILE G 161 7.50 109.24 -22.14
N GLY G 162 7.83 109.83 -20.99
CA GLY G 162 6.84 110.05 -19.95
C GLY G 162 6.94 109.06 -18.81
N PHE G 163 7.09 109.57 -17.60
CA PHE G 163 7.18 108.71 -16.44
C PHE G 163 5.84 108.01 -16.19
N PRO G 164 5.84 106.81 -15.60
CA PRO G 164 7.00 106.03 -15.11
C PRO G 164 7.80 105.38 -16.24
N VAL G 165 9.08 105.10 -16.01
CA VAL G 165 9.94 104.50 -17.01
C VAL G 165 10.73 103.36 -16.35
N LEU G 166 11.32 102.53 -17.20
CA LEU G 166 12.10 101.37 -16.78
C LEU G 166 13.44 101.39 -17.50
N ILE G 167 14.50 101.09 -16.76
CA ILE G 167 15.86 101.07 -17.29
C ILE G 167 16.36 99.63 -17.27
N LYS G 168 16.84 99.15 -18.40
CA LYS G 168 17.31 97.79 -18.54
C LYS G 168 18.73 97.77 -19.11
N ALA G 169 19.43 96.67 -18.87
CA ALA G 169 20.72 96.45 -19.49
C ALA G 169 20.53 95.91 -20.90
N VAL G 170 21.49 96.22 -21.78
CA VAL G 170 21.43 95.73 -23.15
C VAL G 170 21.51 94.21 -23.17
N SER G 171 22.41 93.63 -22.38
CA SER G 171 22.53 92.19 -22.23
C SER G 171 21.76 91.67 -21.03
N GLY G 172 20.96 92.51 -20.38
CA GLY G 172 20.23 92.09 -19.20
C GLY G 172 19.21 91.02 -19.52
N GLY G 173 19.07 90.07 -18.60
CA GLY G 173 18.11 89.00 -18.76
C GLY G 173 17.63 88.51 -17.41
N GLY G 174 16.41 87.97 -17.40
CA GLY G 174 15.84 87.48 -16.16
C GLY G 174 15.41 88.54 -15.19
N GLY G 175 15.20 89.78 -15.65
CA GLY G 175 14.80 90.87 -14.79
C GLY G 175 15.92 91.55 -14.04
N LYS G 176 17.17 91.14 -14.28
CA LYS G 176 18.30 91.75 -13.59
C LYS G 176 18.71 93.04 -14.28
N GLY G 177 19.13 94.02 -13.48
CA GLY G 177 19.56 95.29 -14.01
C GLY G 177 18.44 96.21 -14.45
N MET G 178 17.22 95.98 -13.98
CA MET G 178 16.07 96.81 -14.33
C MET G 178 15.72 97.70 -13.14
N LYS G 179 15.62 99.01 -13.40
CA LYS G 179 15.31 99.99 -12.37
C LYS G 179 14.08 100.78 -12.78
N ILE G 180 13.12 100.91 -11.88
CA ILE G 180 11.87 101.62 -12.14
C ILE G 180 12.03 103.06 -11.64
N VAL G 181 11.77 104.02 -12.51
CA VAL G 181 11.89 105.43 -12.20
C VAL G 181 10.51 106.05 -12.28
N MET G 182 10.06 106.64 -11.19
CA MET G 182 8.75 107.29 -11.11
C MET G 182 8.84 108.80 -11.20
N GLU G 183 9.92 109.40 -10.71
CA GLU G 183 10.10 110.85 -10.70
C GLU G 183 11.44 111.20 -11.32
N GLU G 184 11.50 112.41 -11.88
CA GLU G 184 12.71 112.84 -12.59
C GLU G 184 13.91 112.91 -11.65
N THR G 185 13.68 113.27 -10.39
CA THR G 185 14.78 113.42 -9.44
C THR G 185 15.51 112.10 -9.23
N GLU G 186 14.76 111.00 -9.15
CA GLU G 186 15.38 109.70 -8.88
C GLU G 186 16.15 109.16 -10.07
N PHE G 187 16.01 109.78 -11.24
CA PHE G 187 16.64 109.26 -12.46
C PHE G 187 18.16 109.28 -12.35
N HIS G 188 18.72 110.37 -11.82
CA HIS G 188 20.17 110.51 -11.75
C HIS G 188 20.80 109.43 -10.87
N LEU G 189 20.05 108.90 -9.91
CA LEU G 189 20.56 107.83 -9.06
C LEU G 189 20.28 106.46 -9.67
N MET G 190 19.07 106.28 -10.20
CA MET G 190 18.68 104.99 -10.74
C MET G 190 19.52 104.62 -11.96
N LEU G 191 19.83 105.60 -12.81
CA LEU G 191 20.67 105.33 -13.98
C LEU G 191 22.05 104.86 -13.57
N GLU G 192 22.65 105.53 -12.58
CA GLU G 192 23.96 105.14 -12.10
C GLU G 192 23.93 103.75 -11.48
N SER G 193 22.90 103.47 -10.69
CA SER G 193 22.78 102.14 -10.07
C SER G 193 22.64 101.06 -11.14
N ALA G 194 21.82 101.31 -12.15
CA ALA G 194 21.63 100.35 -13.23
C ALA G 194 22.92 100.13 -14.00
N LYS G 195 23.66 101.20 -14.27
CA LYS G 195 24.94 101.07 -14.97
C LYS G 195 25.92 100.25 -14.14
N ARG G 196 25.98 100.50 -12.83
CA ARG G 196 26.87 99.73 -11.96
C ARG G 196 26.50 98.26 -11.96
N GLU G 197 25.20 97.96 -11.86
CA GLU G 197 24.77 96.56 -11.86
C GLU G 197 25.06 95.89 -13.19
N ALA G 198 24.85 96.60 -14.31
CA ALA G 198 25.14 96.05 -15.62
C ALA G 198 26.62 95.77 -15.77
N ILE G 199 27.46 96.67 -15.29
CA ILE G 199 28.91 96.44 -15.33
C ILE G 199 29.28 95.23 -14.49
N ASN G 200 28.71 95.11 -13.29
CA ASN G 200 29.03 94.00 -12.40
C ASN G 200 28.43 92.67 -12.87
N PHE G 201 27.47 92.69 -13.78
CA PHE G 201 26.85 91.46 -14.25
C PHE G 201 27.09 91.18 -15.72
N PHE G 202 27.16 92.21 -16.56
CA PHE G 202 27.28 92.02 -18.00
C PHE G 202 28.45 92.76 -18.63
N LYS G 203 29.19 93.56 -17.85
CA LYS G 203 30.36 94.30 -18.35
C LYS G 203 29.98 95.20 -19.52
N ASP G 204 28.82 95.84 -19.43
CA ASP G 204 28.34 96.74 -20.47
C ASP G 204 27.49 97.80 -19.82
N ASP G 205 27.99 99.04 -19.77
CA ASP G 205 27.29 100.14 -19.11
C ASP G 205 26.17 100.71 -19.94
N ARG G 206 26.02 100.30 -21.21
CA ARG G 206 24.95 100.81 -22.05
C ARG G 206 23.60 100.37 -21.49
N VAL G 207 22.63 101.28 -21.54
CA VAL G 207 21.31 101.06 -20.96
C VAL G 207 20.24 101.35 -21.99
N ILE G 208 19.06 100.79 -21.75
CA ILE G 208 17.89 100.98 -22.60
C ILE G 208 16.75 101.51 -21.73
N LEU G 209 16.13 102.60 -22.17
CA LEU G 209 15.03 103.22 -21.46
C LEU G 209 13.73 102.92 -22.18
N GLU G 210 12.74 102.41 -21.43
CA GLU G 210 11.44 102.07 -21.99
C GLU G 210 10.36 102.58 -21.06
N ARG G 211 9.12 102.55 -21.54
CA ARG G 211 7.99 102.97 -20.72
C ARG G 211 7.49 101.79 -19.89
N TYR G 212 7.43 101.98 -18.58
CA TYR G 212 7.02 100.93 -17.66
C TYR G 212 5.50 100.93 -17.52
N VAL G 213 4.90 99.75 -17.73
CA VAL G 213 3.46 99.57 -17.59
C VAL G 213 3.21 98.95 -16.22
N MET G 214 2.46 99.66 -15.37
CA MET G 214 2.23 99.18 -14.02
C MET G 214 1.23 98.03 -13.96
N HIS G 215 0.27 98.00 -14.88
CA HIS G 215 -0.77 96.97 -14.92
C HIS G 215 -0.86 96.38 -16.31
N PRO G 216 0.14 95.59 -16.72
CA PRO G 216 0.13 95.03 -18.08
C PRO G 216 -0.90 93.92 -18.22
N ARG G 217 -1.35 93.73 -19.46
CA ARG G 217 -2.19 92.59 -19.82
C ARG G 217 -1.73 92.08 -21.17
N HIS G 218 -1.39 90.79 -21.24
CA HIS G 218 -0.98 90.19 -22.51
C HIS G 218 -2.22 89.84 -23.31
N ILE G 219 -2.51 90.64 -24.33
CA ILE G 219 -3.70 90.46 -25.17
C ILE G 219 -3.25 89.91 -26.52
N GLU G 220 -3.78 88.75 -26.90
CA GLU G 220 -3.40 88.08 -28.13
C GLU G 220 -4.53 88.17 -29.14
N CYS G 221 -4.20 88.61 -30.35
CA CYS G 221 -5.12 88.62 -31.48
C CYS G 221 -4.66 87.56 -32.48
N GLN G 222 -5.59 86.75 -32.95
CA GLN G 222 -5.30 85.64 -33.84
C GLN G 222 -5.69 85.99 -35.26
N ILE G 223 -4.76 85.83 -36.19
CA ILE G 223 -4.99 86.17 -37.59
C ILE G 223 -4.79 84.92 -38.44
N PHE G 224 -5.49 84.88 -39.56
CA PHE G 224 -5.40 83.76 -40.50
C PHE G 224 -5.36 84.33 -41.91
N PHE G 225 -4.33 83.96 -42.66
CA PHE G 225 -4.10 84.51 -43.99
C PHE G 225 -4.01 83.40 -45.02
N ASP G 226 -4.59 83.65 -46.18
CA ASP G 226 -4.60 82.69 -47.27
C ASP G 226 -3.33 82.82 -48.10
N SER G 227 -3.19 81.96 -49.11
CA SER G 227 -2.06 82.03 -50.02
C SER G 227 -2.20 83.16 -51.02
N PHE G 228 -3.40 83.71 -51.19
CA PHE G 228 -3.65 84.77 -52.16
C PHE G 228 -3.48 86.16 -51.57
N GLY G 229 -3.14 86.27 -50.29
CA GLY G 229 -2.95 87.55 -49.64
C GLY G 229 -4.11 88.01 -48.77
N ASN G 230 -5.26 87.35 -48.84
CA ASN G 230 -6.37 87.70 -47.99
C ASN G 230 -6.08 87.33 -46.54
N GLY G 231 -6.68 88.08 -45.61
CA GLY G 231 -6.45 87.84 -44.20
C GLY G 231 -7.66 88.22 -43.38
N VAL G 232 -7.89 87.46 -42.32
CA VAL G 232 -9.04 87.65 -41.43
C VAL G 232 -8.57 87.48 -39.99
N PHE G 233 -9.00 88.39 -39.11
CA PHE G 233 -8.69 88.29 -37.70
C PHE G 233 -9.78 87.52 -36.98
N PHE G 234 -9.44 87.02 -35.78
CA PHE G 234 -10.32 86.15 -35.01
C PHE G 234 -10.43 86.66 -33.57
N PHE G 235 -10.72 87.95 -33.44
CA PHE G 235 -11.05 88.60 -32.16
C PHE G 235 -9.80 88.58 -31.27
N GLU G 236 -9.92 88.27 -29.98
CA GLU G 236 -8.82 88.45 -29.04
C GLU G 236 -8.78 87.29 -28.06
N ARG G 237 -7.63 87.11 -27.42
CA ARG G 237 -7.45 86.13 -26.36
C ARG G 237 -6.65 86.78 -25.24
N ASP G 238 -7.06 86.54 -24.00
CA ASP G 238 -6.41 87.11 -22.83
C ASP G 238 -5.56 86.04 -22.15
N CYS G 239 -4.28 86.34 -21.97
CA CYS G 239 -3.34 85.43 -21.30
C CYS G 239 -2.71 86.10 -20.09
N SER G 240 -3.46 86.95 -19.40
CA SER G 240 -2.89 87.70 -18.29
C SER G 240 -2.52 86.79 -17.12
N VAL G 241 -3.35 85.80 -16.81
CA VAL G 241 -3.11 84.93 -15.67
C VAL G 241 -2.00 83.96 -16.02
N GLN G 242 -0.79 84.25 -15.55
CA GLN G 242 0.36 83.41 -15.83
C GLN G 242 1.41 83.65 -14.76
N ARG G 243 2.41 82.78 -14.71
CA ARG G 243 3.48 82.86 -13.73
C ARG G 243 4.79 82.47 -14.40
N ARG G 244 5.76 83.39 -14.38
CA ARG G 244 7.08 83.17 -14.93
C ARG G 244 7.01 82.71 -16.38
N HIS G 245 6.25 83.45 -17.19
CA HIS G 245 6.09 83.19 -18.61
C HIS G 245 5.53 81.79 -18.88
N GLN G 246 4.65 81.32 -18.01
CA GLN G 246 3.97 80.05 -18.18
C GLN G 246 2.48 80.30 -18.11
N LYS G 247 1.79 80.18 -19.25
CA LYS G 247 0.36 80.45 -19.29
C LYS G 247 -0.40 79.42 -18.46
N VAL G 248 -1.42 79.89 -17.75
CA VAL G 248 -2.17 79.04 -16.83
C VAL G 248 -3.64 79.00 -17.23
N ILE G 249 -4.28 80.18 -17.25
CA ILE G 249 -5.70 80.28 -17.53
C ILE G 249 -5.90 81.33 -18.63
N GLU G 250 -6.70 81.00 -19.63
CA GLU G 250 -6.99 81.90 -20.74
C GLU G 250 -8.49 82.09 -20.88
N GLU G 251 -8.87 83.21 -21.49
CA GLU G 251 -10.27 83.55 -21.67
C GLU G 251 -10.46 84.13 -23.07
N ALA G 252 -11.68 83.99 -23.60
CA ALA G 252 -11.98 84.54 -24.90
C ALA G 252 -13.47 84.84 -24.96
N PRO G 253 -13.88 86.08 -25.28
CA PRO G 253 -13.03 87.24 -25.59
C PRO G 253 -12.46 87.86 -24.32
N ALA G 254 -11.52 88.78 -24.45
CA ALA G 254 -10.93 89.42 -23.28
C ALA G 254 -11.96 90.30 -22.59
N PRO G 255 -12.26 90.07 -21.31
CA PRO G 255 -13.26 90.91 -20.63
C PRO G 255 -12.79 92.34 -20.47
N GLY G 256 -13.76 93.25 -20.43
CA GLY G 256 -13.46 94.66 -20.28
C GLY G 256 -12.92 95.34 -21.51
N LEU G 257 -13.15 94.77 -22.70
CA LEU G 257 -12.69 95.34 -23.95
C LEU G 257 -13.89 95.81 -24.77
N SER G 258 -13.86 97.07 -25.19
CA SER G 258 -14.94 97.62 -25.99
C SER G 258 -14.88 97.07 -27.41
N VAL G 259 -16.03 97.15 -28.10
CA VAL G 259 -16.10 96.68 -29.48
C VAL G 259 -15.16 97.49 -30.37
N ASP G 260 -15.10 98.80 -30.15
CA ASP G 260 -14.20 99.65 -30.94
C ASP G 260 -12.74 99.26 -30.70
N MET G 261 -12.39 98.97 -29.44
CA MET G 261 -11.02 98.55 -29.13
C MET G 261 -10.69 97.24 -29.82
N ARG G 262 -11.63 96.29 -29.82
CA ARG G 262 -11.40 95.03 -30.50
C ARG G 262 -11.24 95.23 -32.00
N ARG G 263 -12.06 96.09 -32.59
CA ARG G 263 -11.91 96.40 -34.02
C ARG G 263 -10.54 97.01 -34.32
N ARG G 264 -10.09 97.94 -33.47
CA ARG G 264 -8.79 98.56 -33.66
C ARG G 264 -7.67 97.54 -33.57
N ILE G 265 -7.74 96.66 -32.57
CA ILE G 265 -6.70 95.65 -32.40
C ILE G 265 -6.68 94.68 -33.57
N GLY G 266 -7.87 94.27 -34.04
CA GLY G 266 -7.94 93.38 -35.19
C GLY G 266 -7.38 94.02 -36.45
N ASP G 267 -7.70 95.30 -36.67
CA ASP G 267 -7.17 95.99 -37.84
C ASP G 267 -5.66 96.11 -37.76
N VAL G 268 -5.13 96.44 -36.59
CA VAL G 268 -3.68 96.53 -36.42
C VAL G 268 -3.03 95.18 -36.67
N ALA G 269 -3.62 94.10 -36.16
CA ALA G 269 -3.07 92.77 -36.37
C ALA G 269 -3.07 92.39 -37.85
N LEU G 270 -4.17 92.68 -38.54
CA LEU G 270 -4.23 92.38 -39.97
C LEU G 270 -3.19 93.18 -40.74
N THR G 271 -3.01 94.47 -40.39
CA THR G 271 -2.01 95.29 -41.06
C THR G 271 -0.61 94.74 -40.82
N ALA G 272 -0.31 94.34 -39.58
CA ALA G 272 1.01 93.78 -39.29
C ALA G 272 1.25 92.49 -40.05
N ALA G 273 0.24 91.62 -40.11
CA ALA G 273 0.39 90.37 -40.85
C ALA G 273 0.58 90.62 -42.34
N ARG G 274 -0.15 91.60 -42.90
CA ARG G 274 0.06 91.96 -44.30
C ARG G 274 1.47 92.49 -44.52
N ALA G 275 1.97 93.30 -43.59
CA ALA G 275 3.31 93.87 -43.74
C ALA G 275 4.37 92.77 -43.69
N VAL G 276 4.21 91.79 -42.79
CA VAL G 276 5.18 90.71 -42.70
C VAL G 276 5.00 89.68 -43.80
N GLY G 277 3.89 89.70 -44.53
CA GLY G 277 3.65 88.72 -45.56
C GLY G 277 3.45 87.34 -45.00
N TYR G 278 2.39 87.15 -44.23
CA TYR G 278 2.16 85.92 -43.49
C TYR G 278 1.16 85.02 -44.22
N VAL G 279 1.39 83.72 -44.12
CA VAL G 279 0.48 82.71 -44.66
C VAL G 279 0.20 81.70 -43.56
N GLY G 280 -1.07 81.34 -43.39
CA GLY G 280 -1.46 80.39 -42.37
C GLY G 280 -2.04 81.05 -41.14
N ALA G 281 -1.93 80.41 -39.99
CA ALA G 281 -2.49 80.93 -38.74
C ALA G 281 -1.36 81.46 -37.87
N GLY G 282 -1.51 82.72 -37.41
CA GLY G 282 -0.52 83.32 -36.55
C GLY G 282 -1.18 84.09 -35.43
N THR G 283 -0.36 84.51 -34.46
CA THR G 283 -0.85 85.25 -33.31
C THR G 283 0.04 86.48 -33.09
N VAL G 284 -0.57 87.54 -32.59
CA VAL G 284 0.17 88.75 -32.22
C VAL G 284 -0.22 89.12 -30.80
N GLU G 285 0.77 89.24 -29.91
CA GLU G 285 0.57 89.56 -28.51
C GLU G 285 1.01 90.99 -28.27
N PHE G 286 0.12 91.78 -27.66
CA PHE G 286 0.36 93.16 -27.29
C PHE G 286 0.28 93.30 -25.78
N ILE G 287 0.93 94.34 -25.27
CA ILE G 287 0.89 94.69 -23.86
C ILE G 287 -0.13 95.81 -23.72
N PHE G 288 -1.34 95.46 -23.28
CA PHE G 288 -2.43 96.41 -23.11
C PHE G 288 -2.38 96.97 -21.69
N ASP G 289 -2.67 98.26 -21.56
CA ASP G 289 -2.72 98.93 -20.26
C ASP G 289 -4.16 99.33 -19.96
N THR G 290 -4.64 98.96 -18.77
CA THR G 290 -6.00 99.32 -18.37
C THR G 290 -6.12 100.82 -18.14
N GLU G 291 -5.08 101.44 -17.59
CA GLU G 291 -5.15 102.87 -17.28
C GLU G 291 -5.07 103.73 -18.53
N LYS G 292 -4.16 103.38 -19.45
CA LYS G 292 -3.91 104.20 -20.62
C LYS G 292 -4.79 103.83 -21.82
N ASP G 293 -5.38 102.64 -21.82
CA ASP G 293 -6.26 102.19 -22.91
C ASP G 293 -5.55 102.24 -24.25
N GLU G 294 -4.26 101.87 -24.26
CA GLU G 294 -3.47 101.84 -25.48
C GLU G 294 -2.65 100.56 -25.50
N PHE G 295 -2.63 99.89 -26.64
CA PHE G 295 -1.89 98.64 -26.79
C PHE G 295 -0.66 98.86 -27.66
N PHE G 296 0.40 98.14 -27.32
CA PHE G 296 1.67 98.22 -28.05
C PHE G 296 2.11 96.81 -28.43
N PHE G 297 2.57 96.66 -29.67
CA PHE G 297 3.01 95.35 -30.14
C PHE G 297 4.16 94.83 -29.27
N MET G 298 4.03 93.57 -28.85
CA MET G 298 5.05 92.92 -28.04
C MET G 298 5.75 91.79 -28.78
N GLU G 299 5.00 90.82 -29.29
CA GLU G 299 5.65 89.69 -29.97
C GLU G 299 4.64 88.94 -30.81
N MET G 300 5.07 88.50 -32.00
CA MET G 300 4.22 87.71 -32.86
C MET G 300 4.73 86.27 -32.96
N ASN G 301 3.81 85.33 -32.93
CA ASN G 301 4.10 83.90 -33.06
C ASN G 301 3.61 83.44 -34.41
N THR G 302 4.53 82.89 -35.21
CA THR G 302 4.23 82.42 -36.56
C THR G 302 3.93 80.92 -36.54
N ARG G 303 2.93 80.56 -35.73
CA ARG G 303 2.54 79.16 -35.57
C ARG G 303 1.20 79.12 -34.85
N LEU G 304 0.65 77.91 -34.74
CA LEU G 304 -0.52 77.69 -33.93
C LEU G 304 -0.15 77.81 -32.45
N GLN G 305 -1.16 77.98 -31.61
CA GLN G 305 -0.94 78.13 -30.18
C GLN G 305 -1.83 77.16 -29.41
N VAL G 306 -1.39 76.83 -28.19
CA VAL G 306 -2.13 75.92 -27.33
C VAL G 306 -3.49 76.50 -26.95
N GLU G 307 -3.63 77.82 -27.00
CA GLU G 307 -4.85 78.49 -26.58
C GLU G 307 -5.86 78.66 -27.71
N HIS G 308 -5.61 78.04 -28.86
CA HIS G 308 -6.52 78.17 -30.00
C HIS G 308 -7.91 77.59 -29.76
N PRO G 309 -8.11 76.53 -28.95
CA PRO G 309 -9.48 76.06 -28.74
C PRO G 309 -10.41 77.10 -28.15
N VAL G 310 -9.91 77.98 -27.28
CA VAL G 310 -10.78 78.99 -26.68
C VAL G 310 -11.29 79.96 -27.75
N THR G 311 -10.55 80.13 -28.83
CA THR G 311 -11.06 80.89 -29.97
C THR G 311 -12.12 80.10 -30.73
N GLU G 312 -11.91 78.78 -30.87
CA GLU G 312 -12.83 77.96 -31.64
C GLU G 312 -14.20 77.87 -30.98
N GLN G 313 -14.29 78.20 -29.69
CA GLN G 313 -15.57 78.24 -29.00
C GLN G 313 -16.12 79.67 -28.97
N CYS G 315 -16.27 81.85 -32.02
CA CYS G 315 -16.24 82.12 -33.46
C CYS G 315 -17.09 81.11 -34.23
N GLN G 316 -18.14 81.60 -34.88
CA GLN G 316 -19.07 80.79 -35.64
C GLN G 316 -19.00 81.23 -37.10
N VAL G 317 -18.14 80.59 -37.89
CA VAL G 317 -18.04 80.91 -39.31
C VAL G 317 -19.32 80.44 -40.00
N ARG G 318 -20.02 81.38 -40.64
CA ARG G 318 -21.31 81.19 -41.28
C ARG G 318 -22.23 80.25 -40.48
N GLY G 319 -22.22 80.41 -39.16
CA GLY G 319 -23.00 79.57 -38.27
C GLY G 319 -22.29 78.31 -37.82
N ARG G 320 -21.47 77.73 -38.69
CA ARG G 320 -20.73 76.53 -38.33
C ARG G 320 -19.59 76.88 -37.37
N PRO G 321 -19.30 76.03 -36.39
CA PRO G 321 -18.19 76.30 -35.48
C PRO G 321 -16.86 76.29 -36.21
N LEU G 322 -15.93 77.09 -35.70
CA LEU G 322 -14.61 77.22 -36.30
C LEU G 322 -13.75 76.00 -35.99
N ASP G 323 -13.05 75.52 -37.02
CA ASP G 323 -12.03 74.47 -36.87
C ASP G 323 -10.75 75.04 -37.45
N LEU G 324 -9.88 75.58 -36.58
CA LEU G 324 -8.71 76.32 -37.06
C LEU G 324 -7.75 75.41 -37.81
N VAL G 325 -7.57 74.17 -37.33
CA VAL G 325 -6.65 73.26 -38.00
C VAL G 325 -7.18 72.88 -39.37
N ARG G 326 -8.50 72.76 -39.51
CA ARG G 326 -9.09 72.49 -40.82
C ARG G 326 -8.79 73.62 -41.79
N LEU G 327 -8.95 74.87 -41.34
CA LEU G 327 -8.62 76.01 -42.19
C LEU G 327 -7.14 76.03 -42.53
N GLN G 328 -6.28 75.68 -41.58
CA GLN G 328 -4.85 75.65 -41.84
C GLN G 328 -4.52 74.61 -42.91
N LEU G 329 -5.13 73.42 -42.82
CA LEU G 329 -4.93 72.40 -43.84
C LEU G 329 -5.45 72.85 -45.19
N GLN G 330 -6.61 73.50 -45.21
CA GLN G 330 -7.16 73.99 -46.47
C GLN G 330 -6.24 75.01 -47.12
N THR G 331 -5.70 75.93 -46.32
CA THR G 331 -4.75 76.91 -46.86
C THR G 331 -3.49 76.23 -47.35
N ALA G 332 -2.98 75.23 -46.62
CA ALA G 332 -1.81 74.50 -47.07
C ALA G 332 -2.07 73.79 -48.39
N MET G 333 -3.29 73.30 -48.59
CA MET G 333 -3.65 72.71 -49.88
C MET G 333 -3.67 73.73 -51.00
N GLY G 334 -3.83 75.01 -50.68
CA GLY G 334 -3.90 76.04 -51.69
C GLY G 334 -5.33 76.33 -52.13
N LEU G 335 -6.20 76.61 -51.18
CA LEU G 335 -7.59 76.89 -51.48
C LEU G 335 -7.98 78.28 -50.99
N PRO G 336 -8.87 78.97 -51.70
CA PRO G 336 -9.30 80.30 -51.25
C PRO G 336 -10.13 80.24 -49.98
N LEU G 337 -10.07 81.32 -49.21
CA LEU G 337 -10.87 81.42 -48.00
C LEU G 337 -12.35 81.51 -48.34
N GLY G 338 -13.18 80.91 -47.48
CA GLY G 338 -14.61 80.90 -47.75
C GLY G 338 -15.24 82.28 -47.68
N PHE G 339 -14.86 83.07 -46.68
CA PHE G 339 -15.45 84.39 -46.50
C PHE G 339 -14.41 85.33 -45.91
N ARG G 340 -14.71 86.62 -45.94
CA ARG G 340 -13.77 87.68 -45.57
C ARG G 340 -14.39 88.57 -44.51
N GLN G 341 -14.26 88.18 -43.24
CA GLN G 341 -14.67 88.99 -42.10
C GLN G 341 -16.15 89.38 -42.15
N GLU G 342 -16.99 88.52 -42.70
CA GLU G 342 -18.42 88.80 -42.78
C GLU G 342 -19.27 87.73 -42.13
N ASP G 343 -18.90 86.46 -42.28
CA ASP G 343 -19.66 85.35 -41.69
C ASP G 343 -19.11 84.92 -40.34
N ILE G 344 -18.43 85.81 -39.63
CA ILE G 344 -17.85 85.52 -38.32
C ILE G 344 -18.63 86.28 -37.26
N SER G 345 -19.13 85.55 -36.26
CA SER G 345 -19.95 86.13 -35.21
C SER G 345 -19.40 85.72 -33.86
N MET G 346 -19.37 86.68 -32.93
CA MET G 346 -18.99 86.39 -31.56
C MET G 346 -20.07 85.56 -30.87
N SER G 347 -19.66 84.84 -29.83
CA SER G 347 -20.58 83.99 -29.08
C SER G 347 -20.27 84.15 -27.60
N GLY G 348 -20.81 83.25 -26.78
CA GLY G 348 -20.59 83.34 -25.35
C GLY G 348 -19.14 83.11 -24.98
N ALA G 349 -18.77 83.61 -23.81
CA ALA G 349 -17.38 83.54 -23.36
C ALA G 349 -16.97 82.10 -23.10
N SER G 350 -15.70 81.80 -23.39
CA SER G 350 -15.11 80.51 -23.14
C SER G 350 -13.82 80.70 -22.34
N VAL G 351 -13.53 79.73 -21.48
CA VAL G 351 -12.38 79.80 -20.59
C VAL G 351 -11.63 78.48 -20.63
N GLU G 352 -10.30 78.56 -20.68
CA GLU G 352 -9.43 77.40 -20.78
C GLU G 352 -8.50 77.36 -19.57
N ALA G 353 -8.43 76.18 -18.95
CA ALA G 353 -7.51 75.92 -17.85
C ALA G 353 -6.49 74.88 -18.25
N ARG G 354 -5.23 75.13 -17.92
CA ARG G 354 -4.11 74.27 -18.31
C ARG G 354 -3.69 73.46 -17.10
N ILE G 355 -4.02 72.17 -17.10
CA ILE G 355 -3.66 71.28 -16.00
C ILE G 355 -2.26 70.75 -16.26
N TYR G 356 -1.31 71.17 -15.43
CA TYR G 356 0.08 70.76 -15.51
C TYR G 356 0.34 69.61 -14.56
N ALA G 357 1.62 69.26 -14.39
CA ALA G 357 2.06 68.18 -13.53
C ALA G 357 3.12 68.67 -12.56
N GLU G 358 2.84 69.79 -11.90
CA GLU G 358 3.76 70.41 -10.96
C GLU G 358 3.07 70.60 -9.62
N SER G 359 3.89 70.89 -8.60
CA SER G 359 3.39 71.09 -7.24
C SER G 359 3.45 72.57 -6.90
N PRO G 360 2.32 73.27 -6.87
CA PRO G 360 2.35 74.72 -6.59
C PRO G 360 2.93 75.06 -5.23
N ARG G 361 2.73 74.21 -4.22
CA ARG G 361 3.23 74.52 -2.89
C ARG G 361 4.75 74.59 -2.88
N ASN G 362 5.42 73.65 -3.55
CA ASN G 362 6.88 73.59 -3.54
C ASN G 362 7.49 74.34 -4.72
N GLY G 363 7.09 75.59 -4.89
CA GLY G 363 7.69 76.43 -5.91
C GLY G 363 7.34 76.04 -7.33
N PHE G 364 6.23 75.35 -7.55
CA PHE G 364 5.73 75.00 -8.88
C PHE G 364 6.73 74.16 -9.67
N LEU G 365 7.54 73.37 -8.97
CA LEU G 365 8.51 72.54 -9.66
C LEU G 365 7.80 71.37 -10.35
N PRO G 366 8.20 71.04 -11.57
CA PRO G 366 7.61 69.88 -12.25
C PRO G 366 7.92 68.59 -11.50
N VAL G 367 6.94 67.69 -11.49
CA VAL G 367 7.09 66.39 -10.85
C VAL G 367 6.52 65.33 -11.78
N GLY G 368 7.16 64.17 -11.81
CA GLY G 368 6.74 63.06 -12.64
C GLY G 368 5.78 62.14 -11.92
N GLY G 369 5.54 61.00 -12.53
CA GLY G 369 4.66 59.98 -11.97
C GLY G 369 3.98 59.21 -13.08
N ARG G 370 2.96 58.46 -12.68
CA ARG G 370 2.16 57.65 -13.60
C ARG G 370 0.68 57.93 -13.36
N LEU G 371 -0.07 58.15 -14.43
CA LEU G 371 -1.50 58.41 -14.34
C LEU G 371 -2.20 57.09 -14.02
N ARG G 372 -2.20 56.73 -12.74
CA ARG G 372 -2.80 55.48 -12.31
C ARG G 372 -4.32 55.53 -12.30
N TYR G 373 -4.92 56.72 -12.25
CA TYR G 373 -6.37 56.85 -12.33
C TYR G 373 -6.67 58.19 -12.97
N LEU G 374 -7.43 58.19 -14.06
CA LEU G 374 -7.60 59.37 -14.90
C LEU G 374 -9.06 59.59 -15.25
N LYS G 375 -9.94 59.62 -14.24
CA LYS G 375 -11.35 59.83 -14.54
C LYS G 375 -11.59 61.24 -15.05
N GLU G 376 -11.90 61.36 -16.33
CA GLU G 376 -12.10 62.65 -16.98
C GLU G 376 -13.48 63.22 -16.64
N PRO G 377 -13.62 64.54 -16.66
CA PRO G 377 -14.93 65.16 -16.43
C PRO G 377 -15.86 64.87 -17.60
N PRO G 378 -17.18 64.93 -17.38
CA PRO G 378 -18.11 64.68 -18.48
C PRO G 378 -17.97 65.70 -19.60
N GLN G 379 -17.49 65.25 -20.75
CA GLN G 379 -17.18 66.10 -21.88
C GLN G 379 -18.31 66.08 -22.90
N GLY G 380 -18.55 67.22 -23.54
CA GLY G 380 -19.54 67.35 -24.57
C GLY G 380 -20.40 68.57 -24.33
N ASN G 381 -21.63 68.51 -24.84
CA ASN G 381 -22.61 69.58 -24.66
C ASN G 381 -23.45 69.25 -23.44
N ARG G 382 -23.16 69.92 -22.33
CA ARG G 382 -23.87 69.69 -21.08
C ARG G 382 -25.19 70.46 -21.11
N GLY G 383 -25.84 70.57 -19.95
CA GLY G 383 -27.15 71.20 -19.90
C GLY G 383 -27.11 72.66 -20.33
N THR G 384 -26.12 73.40 -19.84
CA THR G 384 -26.00 74.82 -20.14
C THR G 384 -24.68 75.24 -20.75
N VAL G 385 -23.64 74.39 -20.68
CA VAL G 385 -22.31 74.75 -21.17
C VAL G 385 -21.78 73.60 -22.02
N LYS G 386 -20.75 73.92 -22.81
CA LYS G 386 -20.06 72.94 -23.63
C LYS G 386 -18.66 72.74 -23.08
N VAL G 387 -18.31 71.48 -22.80
CA VAL G 387 -17.04 71.12 -22.18
C VAL G 387 -16.21 70.36 -23.20
N ARG G 388 -14.94 70.73 -23.32
CA ARG G 388 -14.02 70.07 -24.25
C ARG G 388 -12.67 69.88 -23.57
N LEU G 389 -12.23 68.63 -23.47
CA LEU G 389 -10.97 68.28 -22.85
C LEU G 389 -10.00 67.78 -23.91
N ASP G 390 -8.78 68.32 -23.92
CA ASP G 390 -7.75 67.92 -24.86
C ASP G 390 -6.53 67.47 -24.08
N THR G 391 -6.15 66.20 -24.23
CA THR G 391 -5.06 65.61 -23.48
C THR G 391 -4.26 64.69 -24.38
N GLY G 392 -3.01 64.46 -24.00
CA GLY G 392 -2.15 63.56 -24.73
C GLY G 392 -1.77 62.34 -23.91
N PHE G 393 -2.50 62.10 -22.82
CA PHE G 393 -2.21 61.00 -21.91
C PHE G 393 -3.47 60.18 -21.68
N ARG G 394 -3.30 58.88 -21.53
CA ARG G 394 -4.37 57.97 -21.15
C ARG G 394 -4.06 57.38 -19.78
N ALA G 395 -5.07 56.71 -19.22
CA ALA G 395 -4.90 56.06 -17.93
C ALA G 395 -3.82 54.98 -18.03
N GLY G 396 -2.90 54.97 -17.06
CA GLY G 396 -1.79 54.05 -17.07
C GLY G 396 -0.52 54.59 -17.67
N ASP G 397 -0.59 55.68 -18.43
CA ASP G 397 0.62 56.30 -18.96
C ASP G 397 1.40 56.98 -17.84
N ASP G 398 2.71 57.04 -18.01
CA ASP G 398 3.59 57.70 -17.05
C ASP G 398 4.11 58.99 -17.67
N VAL G 399 3.85 60.11 -17.00
CA VAL G 399 4.36 61.41 -17.44
C VAL G 399 5.76 61.58 -16.89
N LEU G 400 6.72 61.79 -17.78
CA LEU G 400 8.12 61.94 -17.39
C LEU G 400 8.45 63.42 -17.21
N VAL G 401 9.14 63.73 -16.12
CA VAL G 401 9.42 65.11 -15.77
C VAL G 401 10.35 65.74 -16.80
N HIS G 402 10.26 67.07 -16.93
CA HIS G 402 11.08 67.85 -17.84
C HIS G 402 10.82 67.53 -19.30
N TYR G 403 9.64 66.99 -19.60
CA TYR G 403 9.26 66.71 -20.99
C TYR G 403 7.75 66.89 -21.09
N ASP G 404 7.32 68.04 -21.61
CA ASP G 404 5.90 68.36 -21.80
C ASP G 404 5.15 68.28 -20.47
N PRO G 405 5.40 69.20 -19.55
CA PRO G 405 4.77 69.10 -18.22
C PRO G 405 3.25 69.23 -18.25
N MET G 406 2.68 69.79 -19.30
CA MET G 406 1.23 69.99 -19.35
C MET G 406 0.53 68.64 -19.44
N ILE G 407 -0.38 68.39 -18.50
CA ILE G 407 -1.15 67.15 -18.54
C ILE G 407 -2.31 67.27 -19.52
N ALA G 408 -3.08 68.35 -19.44
CA ALA G 408 -4.24 68.50 -20.29
C ALA G 408 -4.65 69.96 -20.35
N LYS G 409 -5.59 70.25 -21.25
CA LYS G 409 -6.23 71.57 -21.31
C LYS G 409 -7.74 71.38 -21.38
N LEU G 410 -8.45 72.06 -20.50
CA LEU G 410 -9.90 71.90 -20.37
C LEU G 410 -10.55 73.24 -20.67
N VAL G 411 -11.43 73.27 -21.67
CA VAL G 411 -12.09 74.50 -22.09
C VAL G 411 -13.59 74.34 -21.86
N VAL G 412 -14.21 75.41 -21.38
CA VAL G 412 -15.65 75.44 -21.11
C VAL G 412 -16.22 76.69 -21.78
N TRP G 413 -17.29 76.51 -22.55
CA TRP G 413 -17.97 77.59 -23.23
C TRP G 413 -19.38 77.72 -22.67
N GLY G 414 -19.75 78.96 -22.33
CA GLY G 414 -21.09 79.27 -21.86
C GLY G 414 -21.66 80.44 -22.64
N ASP G 415 -22.57 81.16 -21.98
CA ASP G 415 -23.13 82.39 -22.54
C ASP G 415 -22.53 83.64 -21.91
N ASN G 416 -22.11 83.56 -20.66
CA ASN G 416 -21.50 84.67 -19.95
C ASN G 416 -20.22 84.19 -19.27
N ARG G 417 -19.37 85.13 -18.88
CA ARG G 417 -18.12 84.78 -18.23
C ARG G 417 -18.37 84.06 -16.91
N ALA G 418 -19.37 84.51 -16.15
CA ALA G 418 -19.67 83.87 -14.88
C ALA G 418 -20.12 82.43 -15.08
N THR G 419 -20.98 82.19 -16.07
CA THR G 419 -21.44 80.83 -16.34
C THR G 419 -20.28 79.94 -16.81
N ALA G 420 -19.40 80.49 -17.64
CA ALA G 420 -18.23 79.73 -18.07
C ALA G 420 -17.33 79.39 -16.90
N LEU G 421 -17.13 80.33 -15.98
CA LEU G 421 -16.32 80.05 -14.81
C LEU G 421 -16.95 78.99 -13.93
N GLU G 422 -18.27 79.05 -13.74
CA GLU G 422 -18.94 78.02 -12.94
C GLU G 422 -18.83 76.66 -13.59
N GLY G 423 -19.00 76.59 -14.92
CA GLY G 423 -18.83 75.33 -15.61
C GLY G 423 -17.42 74.79 -15.51
N LEU G 424 -16.42 75.68 -15.59
CA LEU G 424 -15.03 75.25 -15.44
C LEU G 424 -14.77 74.73 -14.03
N ARG G 425 -15.35 75.39 -13.02
CA ARG G 425 -15.20 74.90 -11.65
C ARG G 425 -15.81 73.51 -11.51
N THR G 426 -17.01 73.32 -12.06
CA THR G 426 -17.66 72.01 -11.97
C THR G 426 -16.85 70.95 -12.69
N ALA G 427 -16.32 71.27 -13.87
CA ALA G 427 -15.55 70.29 -14.64
C ALA G 427 -14.24 69.95 -13.94
N LEU G 428 -13.56 70.94 -13.37
CA LEU G 428 -12.33 70.68 -12.64
C LEU G 428 -12.60 69.85 -11.39
N ALA G 429 -13.74 70.08 -10.74
CA ALA G 429 -14.10 69.27 -9.59
C ALA G 429 -14.30 67.81 -9.96
N SER G 430 -14.68 67.55 -11.20
CA SER G 430 -14.93 66.19 -11.67
C SER G 430 -13.71 65.53 -12.31
N TYR G 431 -12.61 66.26 -12.45
CA TYR G 431 -11.40 65.71 -13.07
C TYR G 431 -10.59 65.04 -11.97
N HIS G 432 -10.63 63.71 -11.92
CA HIS G 432 -10.01 62.95 -10.86
C HIS G 432 -8.74 62.29 -11.37
N ILE G 433 -7.60 62.74 -10.86
CA ILE G 433 -6.28 62.26 -11.27
C ILE G 433 -5.57 61.71 -10.04
N VAL G 434 -5.15 60.45 -10.13
CA VAL G 434 -4.45 59.77 -9.05
C VAL G 434 -3.16 59.19 -9.61
N GLY G 435 -2.03 59.51 -8.97
CA GLY G 435 -0.72 59.03 -9.36
C GLY G 435 0.29 60.14 -9.59
N VAL G 436 -0.18 61.31 -10.01
CA VAL G 436 0.68 62.45 -10.30
C VAL G 436 0.12 63.68 -9.59
N GLU G 437 1.00 64.42 -8.92
CA GLU G 437 0.58 65.69 -8.35
C GLU G 437 0.23 66.68 -9.45
N THR G 438 -0.77 67.52 -9.18
CA THR G 438 -1.28 68.45 -10.16
C THR G 438 -1.57 69.79 -9.48
N ASN G 439 -2.13 70.71 -10.25
CA ASN G 439 -2.48 72.05 -9.76
C ASN G 439 -3.98 72.29 -9.82
N ILE G 440 -4.77 71.22 -9.64
CA ILE G 440 -6.23 71.36 -9.65
C ILE G 440 -6.68 72.27 -8.52
N ASP G 441 -6.12 72.07 -7.32
CA ASP G 441 -6.46 72.93 -6.19
C ASP G 441 -6.05 74.37 -6.46
N PHE G 442 -4.88 74.57 -7.08
CA PHE G 442 -4.44 75.91 -7.44
C PHE G 442 -5.40 76.55 -8.44
N LEU G 443 -5.85 75.77 -9.43
CA LEU G 443 -6.80 76.30 -10.40
C LEU G 443 -8.14 76.66 -9.73
N GLN G 444 -8.59 75.83 -8.80
CA GLN G 444 -9.82 76.14 -8.08
C GLN G 444 -9.66 77.41 -7.25
N CYS G 445 -8.51 77.59 -6.60
CA CYS G 445 -8.27 78.81 -5.85
C CYS G 445 -8.26 80.03 -6.77
N CYS G 446 -7.63 79.91 -7.93
CA CYS G 446 -7.60 81.02 -8.88
C CYS G 446 -9.01 81.35 -9.37
N LEU G 447 -9.81 80.33 -9.68
CA LEU G 447 -11.16 80.57 -10.18
C LEU G 447 -12.05 81.18 -9.10
N SER G 448 -11.89 80.77 -7.85
CA SER G 448 -12.70 81.29 -6.77
C SER G 448 -12.15 82.59 -6.18
N ASN G 449 -11.02 83.07 -6.67
CA ASN G 449 -10.45 84.30 -6.16
C ASN G 449 -11.35 85.48 -6.53
N PRO G 450 -11.68 86.37 -5.58
CA PRO G 450 -12.53 87.51 -5.92
C PRO G 450 -11.95 88.41 -6.99
N GLY G 451 -10.63 88.61 -6.99
CA GLY G 451 -10.03 89.47 -7.99
C GLY G 451 -10.19 88.93 -9.40
N PHE G 452 -10.06 87.62 -9.56
CA PHE G 452 -10.26 87.02 -10.87
C PHE G 452 -11.71 87.13 -11.32
N VAL G 453 -12.66 86.92 -10.41
CA VAL G 453 -14.06 86.96 -10.77
C VAL G 453 -14.56 88.38 -11.00
N GLU G 454 -13.84 89.38 -10.48
CA GLU G 454 -14.23 90.77 -10.72
C GLU G 454 -14.13 91.12 -12.21
N GLY G 455 -13.04 90.72 -12.84
CA GLY G 455 -12.82 91.04 -14.24
C GLY G 455 -11.38 90.87 -14.67
N GLY G 456 -10.92 91.68 -15.61
CA GLY G 456 -9.55 91.58 -16.07
C GLY G 456 -8.57 91.92 -14.95
N VAL G 457 -7.47 91.16 -14.89
CA VAL G 457 -6.46 91.32 -13.86
C VAL G 457 -5.11 91.48 -14.52
N THR G 458 -4.16 92.01 -13.75
CA THR G 458 -2.82 92.26 -14.24
C THR G 458 -2.05 90.96 -14.40
N THR G 459 -0.87 91.07 -15.02
CA THR G 459 -0.03 89.90 -15.24
C THR G 459 0.51 89.35 -13.91
N ARG G 460 0.84 90.23 -12.97
CA ARG G 460 1.41 89.83 -11.69
C ARG G 460 0.37 89.31 -10.71
N PHE G 461 -0.83 88.98 -11.18
CA PHE G 461 -1.90 88.53 -10.29
C PHE G 461 -1.49 87.28 -9.52
N ILE G 462 -0.84 86.32 -10.21
CA ILE G 462 -0.34 85.13 -9.52
C ILE G 462 0.65 85.53 -8.44
N GLU G 463 1.54 86.49 -8.74
CA GLU G 463 2.47 86.97 -7.73
C GLU G 463 1.79 87.89 -6.72
N ASP G 464 0.58 88.37 -7.02
CA ASP G 464 -0.09 89.30 -6.11
C ASP G 464 -0.84 88.56 -5.02
N ASN G 465 -1.48 87.45 -5.34
CA ASN G 465 -2.27 86.67 -4.39
C ASN G 465 -1.61 85.32 -4.09
N SER G 466 -0.28 85.30 -4.01
CA SER G 466 0.43 84.04 -3.79
C SER G 466 0.04 83.43 -2.44
N VAL G 467 -0.06 84.26 -1.40
CA VAL G 467 -0.44 83.73 -0.10
C VAL G 467 -1.87 83.18 -0.13
N ASN G 468 -2.78 83.87 -0.82
CA ASN G 468 -4.17 83.44 -0.84
C ASN G 468 -4.36 82.21 -1.73
N LEU G 469 -3.68 82.19 -2.89
CA LEU G 469 -3.87 81.08 -3.82
C LEU G 469 -3.21 79.79 -3.35
N LEU G 470 -2.11 79.90 -2.60
CA LEU G 470 -1.40 78.73 -2.10
C LEU G 470 -1.91 78.27 -0.73
N GLN G 471 -3.16 78.57 -0.42
CA GLN G 471 -3.73 78.16 0.87
C GLN G 471 -3.84 76.64 0.93
N PRO G 472 -3.45 76.01 2.04
CA PRO G 472 -3.58 74.55 2.15
C PRO G 472 -5.05 74.14 2.14
N ARG G 473 -5.29 72.93 1.64
CA ARG G 473 -6.62 72.35 1.62
C ARG G 473 -6.85 71.54 2.88
N GLU G 474 -7.91 71.87 3.61
CA GLU G 474 -8.21 71.19 4.87
C GLU G 474 -8.78 69.80 4.61
N ILE G 475 -8.41 68.85 5.46
CA ILE G 475 -8.86 67.47 5.37
C ILE G 475 -9.64 67.14 6.63
N PRO G 476 -10.97 67.10 6.56
CA PRO G 476 -11.76 66.76 7.73
C PRO G 476 -11.58 65.30 8.13
N ASN G 477 -11.90 65.01 9.40
CA ASN G 477 -11.71 63.66 9.92
C ASN G 477 -12.59 62.65 9.19
N ASN G 478 -13.71 63.09 8.62
CA ASN G 478 -14.56 62.19 7.85
C ASN G 478 -13.81 61.62 6.66
N VAL G 479 -13.02 62.46 5.98
CA VAL G 479 -12.24 61.98 4.84
C VAL G 479 -11.21 60.95 5.29
N LEU G 480 -10.55 61.21 6.42
CA LEU G 480 -9.57 60.25 6.93
C LEU G 480 -10.22 58.92 7.25
N ALA G 481 -11.38 58.96 7.92
CA ALA G 481 -12.07 57.72 8.27
C ALA G 481 -12.50 56.96 7.03
N LEU G 482 -13.06 57.66 6.05
CA LEU G 482 -13.50 56.99 4.84
C LEU G 482 -12.33 56.41 4.05
N ALA G 483 -11.20 57.13 4.00
CA ALA G 483 -10.03 56.61 3.32
C ALA G 483 -9.51 55.36 4.02
N ALA G 484 -9.46 55.37 5.35
CA ALA G 484 -9.00 54.19 6.08
C ALA G 484 -9.94 53.00 5.85
N VAL G 485 -11.24 53.25 5.86
CA VAL G 485 -12.21 52.18 5.63
C VAL G 485 -12.05 51.62 4.21
N SER G 486 -11.87 52.50 3.23
CA SER G 486 -11.67 52.05 1.86
C SER G 486 -10.39 51.23 1.72
N TYR G 487 -9.32 51.66 2.38
CA TYR G 487 -8.07 50.90 2.33
C TYR G 487 -8.25 49.52 2.95
N LEU G 488 -8.94 49.45 4.10
CA LEU G 488 -9.18 48.16 4.74
C LEU G 488 -10.04 47.26 3.87
N CYS G 489 -11.08 47.82 3.24
CA CYS G 489 -11.91 47.03 2.35
C CYS G 489 -11.12 46.52 1.16
N SER G 490 -10.19 47.34 0.66
CA SER G 490 -9.31 46.88 -0.41
C SER G 490 -8.44 45.72 0.06
N GLN G 491 -7.93 45.80 1.29
CA GLN G 491 -7.15 44.70 1.84
C GLN G 491 -7.99 43.43 1.97
N ARG G 492 -9.23 43.57 2.43
CA ARG G 492 -10.09 42.42 2.64
C ARG G 492 -10.51 41.81 1.29
N GLY G 493 -10.48 40.49 1.21
CA GLY G 493 -11.03 39.80 0.06
C GLY G 493 -12.42 39.28 0.35
N THR G 494 -12.57 37.96 0.41
CA THR G 494 -13.82 37.35 0.82
C THR G 494 -13.76 36.81 2.25
N SER G 495 -12.66 37.04 2.96
CA SER G 495 -12.51 36.53 4.31
C SER G 495 -13.39 37.31 5.28
N THR G 496 -13.90 36.61 6.29
CA THR G 496 -14.75 37.22 7.31
C THR G 496 -13.89 37.74 8.46
N LEU G 497 -14.22 38.94 8.93
CA LEU G 497 -13.53 39.51 10.07
C LEU G 497 -14.12 38.92 11.34
N PHE G 498 -13.36 38.04 12.00
CA PHE G 498 -13.87 37.40 13.21
C PHE G 498 -12.73 37.15 14.18
N TRP G 499 -12.85 37.71 15.38
CA TRP G 499 -12.01 37.36 16.52
C TRP G 499 -12.97 37.11 17.67
N PRO G 500 -12.96 35.94 18.28
CA PRO G 500 -13.97 35.62 19.30
C PRO G 500 -13.92 36.59 20.47
N ASN G 501 -15.08 37.14 20.82
CA ASN G 501 -15.25 38.03 21.98
C ASN G 501 -14.40 39.29 21.87
N ARG G 502 -14.08 39.70 20.64
CA ARG G 502 -13.24 40.87 20.43
C ARG G 502 -13.62 41.56 19.13
N GLN G 503 -13.22 42.82 19.02
CA GLN G 503 -13.33 43.58 17.79
C GLN G 503 -11.97 43.57 17.10
N ILE G 504 -11.96 43.29 15.80
CA ILE G 504 -10.70 43.19 15.08
C ILE G 504 -10.06 44.58 14.99
N SER G 505 -8.79 44.66 15.35
CA SER G 505 -8.08 45.92 15.41
C SER G 505 -7.20 46.09 14.17
N GLN G 506 -7.24 47.28 13.57
CA GLN G 506 -6.45 47.59 12.40
C GLN G 506 -5.94 49.02 12.51
N GLY G 507 -4.88 49.31 11.76
CA GLY G 507 -4.32 50.64 11.74
C GLY G 507 -3.88 51.08 10.37
N VAL G 508 -4.19 52.32 9.99
CA VAL G 508 -3.81 52.87 8.70
C VAL G 508 -3.07 54.18 8.93
N CYS G 509 -1.90 54.31 8.32
CA CYS G 509 -1.05 55.48 8.51
C CYS G 509 -1.03 56.32 7.24
N PHE G 510 -1.40 57.58 7.37
CA PHE G 510 -1.33 58.56 6.29
C PHE G 510 -0.32 59.65 6.66
N THR G 511 0.09 60.40 5.64
CA THR G 511 0.93 61.58 5.83
C THR G 511 0.10 62.81 5.49
N VAL G 512 -0.08 63.69 6.47
CA VAL G 512 -0.82 64.93 6.29
C VAL G 512 0.14 66.08 6.61
N GLY G 513 0.58 66.79 5.56
CA GLY G 513 1.53 67.87 5.75
C GLY G 513 2.83 67.42 6.38
N GLY G 514 3.32 66.23 6.04
CA GLY G 514 4.48 65.66 6.67
C GLY G 514 4.23 65.06 8.04
N ASN G 515 3.02 65.17 8.55
CA ASN G 515 2.70 64.60 9.86
C ASN G 515 2.22 63.17 9.71
N PRO G 516 2.83 62.21 10.39
CA PRO G 516 2.38 60.82 10.30
C PRO G 516 1.11 60.56 11.11
N VAL G 517 -0.05 60.84 10.52
CA VAL G 517 -1.31 60.59 11.19
C VAL G 517 -1.62 59.11 11.13
N VAL G 518 -2.12 58.57 12.24
CA VAL G 518 -2.48 57.16 12.33
C VAL G 518 -3.94 57.05 12.72
N VAL G 519 -4.68 56.24 11.97
CA VAL G 519 -6.09 55.99 12.22
C VAL G 519 -6.22 54.56 12.74
N ARG G 520 -6.71 54.42 13.97
CA ARG G 520 -6.96 53.13 14.59
C ARG G 520 -8.43 52.79 14.41
N VAL G 521 -8.68 51.62 13.82
CA VAL G 521 -10.03 51.19 13.46
C VAL G 521 -10.33 49.88 14.17
N THR G 522 -11.52 49.79 14.75
CA THR G 522 -12.04 48.54 15.27
C THR G 522 -13.22 48.13 14.41
N VAL G 523 -13.15 46.92 13.84
CA VAL G 523 -14.14 46.43 12.90
C VAL G 523 -14.79 45.19 13.46
N SER G 524 -16.12 45.11 13.32
CA SER G 524 -16.90 43.98 13.80
C SER G 524 -17.24 43.05 12.63
N THR G 525 -17.93 41.96 12.96
CA THR G 525 -18.32 40.99 11.94
C THR G 525 -19.40 41.53 11.02
N LYS G 526 -20.14 42.57 11.45
CA LYS G 526 -21.20 43.16 10.65
C LYS G 526 -20.70 44.22 9.70
N MET G 527 -19.40 44.23 9.39
CA MET G 527 -18.80 45.19 8.47
C MET G 527 -19.05 46.62 8.93
N CYS G 528 -18.88 46.87 10.22
CA CYS G 528 -19.04 48.19 10.81
C CYS G 528 -17.72 48.61 11.43
N PHE G 529 -17.12 49.66 10.88
CA PHE G 529 -15.84 50.17 11.32
C PHE G 529 -16.05 51.34 12.28
N THR G 530 -15.18 51.44 13.27
CA THR G 530 -15.12 52.60 14.15
C THR G 530 -13.68 53.11 14.16
N CYS G 531 -13.49 54.33 13.68
CA CYS G 531 -12.19 54.95 13.56
C CYS G 531 -12.03 56.00 14.65
N ASP G 532 -10.86 56.00 15.30
CA ASP G 532 -10.61 56.86 16.45
C ASP G 532 -9.63 57.98 16.08
N PHE G 533 -10.03 59.22 16.38
CA PHE G 533 -9.18 60.39 16.29
C PHE G 533 -9.21 61.09 17.66
N ASP G 534 -8.41 62.15 17.77
CA ASP G 534 -8.30 62.87 19.04
C ASP G 534 -9.66 63.38 19.49
N SER G 535 -10.18 62.80 20.56
CA SER G 535 -11.51 63.14 21.10
C SER G 535 -12.58 63.06 20.03
N SER G 536 -12.48 62.04 19.16
CA SER G 536 -13.45 61.89 18.09
C SER G 536 -13.54 60.42 17.68
N SER G 537 -14.75 59.98 17.35
CA SER G 537 -14.98 58.63 16.86
C SER G 537 -15.93 58.69 15.69
N VAL G 538 -15.58 58.03 14.59
CA VAL G 538 -16.40 58.00 13.38
C VAL G 538 -16.79 56.56 13.11
N THR G 539 -18.09 56.33 12.98
CA THR G 539 -18.64 55.00 12.71
C THR G 539 -19.07 54.93 11.26
N VAL G 540 -18.53 53.97 10.52
CA VAL G 540 -18.82 53.80 9.10
C VAL G 540 -19.32 52.37 8.89
N TYR G 541 -20.56 52.23 8.44
CA TYR G 541 -21.12 50.93 8.12
C TYR G 541 -21.12 50.76 6.60
N VAL G 542 -20.38 49.75 6.13
CA VAL G 542 -20.24 49.50 4.69
C VAL G 542 -21.37 48.57 4.27
N GLU G 543 -22.35 49.13 3.53
CA GLU G 543 -23.49 48.33 3.10
C GLU G 543 -23.09 47.35 2.00
N SER G 544 -22.34 47.83 1.00
CA SER G 544 -21.94 46.98 -0.11
C SER G 544 -20.74 47.62 -0.81
N THR G 545 -20.04 46.79 -1.58
CA THR G 545 -18.93 47.24 -2.41
C THR G 545 -19.08 46.64 -3.80
N THR G 546 -18.52 47.33 -4.79
CA THR G 546 -18.57 46.86 -6.18
C THR G 546 -17.27 47.27 -6.85
N ASN G 547 -16.56 46.29 -7.42
CA ASN G 547 -15.29 46.55 -8.08
C ASN G 547 -15.55 47.02 -9.50
N MET G 548 -15.29 48.30 -9.76
CA MET G 548 -15.47 48.84 -11.10
C MET G 548 -14.38 48.30 -12.03
N PRO G 549 -14.65 48.24 -13.33
CA PRO G 549 -13.62 47.75 -14.26
C PRO G 549 -12.37 48.60 -14.30
N ASP G 550 -12.45 49.87 -13.92
CA ASP G 550 -11.27 50.74 -13.93
C ASP G 550 -10.50 50.65 -12.61
N SER G 551 -10.24 49.42 -12.17
CA SER G 551 -9.44 49.12 -10.97
C SER G 551 -9.84 49.96 -9.75
N SER G 552 -11.09 50.41 -9.70
CA SER G 552 -11.60 51.20 -8.59
C SER G 552 -12.78 50.47 -7.95
N THR G 553 -13.26 51.00 -6.83
CA THR G 553 -14.32 50.36 -6.08
C THR G 553 -15.39 51.38 -5.72
N PHE G 554 -16.65 51.04 -5.94
CA PHE G 554 -17.76 51.87 -5.51
C PHE G 554 -18.31 51.33 -4.20
N ILE G 555 -18.32 52.17 -3.17
CA ILE G 555 -18.67 51.75 -1.82
C ILE G 555 -19.87 52.56 -1.35
N ARG G 556 -20.90 51.86 -0.87
CA ARG G 556 -22.04 52.49 -0.21
C ARG G 556 -21.83 52.43 1.29
N VAL G 557 -21.90 53.57 1.96
CA VAL G 557 -21.58 53.67 3.37
C VAL G 557 -22.67 54.44 4.10
N THR G 558 -22.75 54.18 5.40
CA THR G 558 -23.53 54.96 6.35
C THR G 558 -22.56 55.48 7.40
N VAL G 559 -22.25 56.77 7.33
CA VAL G 559 -21.38 57.42 8.29
C VAL G 559 -22.18 57.75 9.54
N ASP G 560 -21.55 57.53 10.69
CA ASP G 560 -22.19 57.62 12.02
C ASP G 560 -23.36 56.66 11.99
N GLY G 561 -24.60 57.12 12.19
CA GLY G 561 -25.73 56.24 12.02
C GLY G 561 -26.79 56.90 11.16
N GLU G 562 -26.44 58.02 10.54
CA GLU G 562 -27.44 58.84 9.87
C GLU G 562 -27.01 59.44 8.54
N THR G 563 -25.81 59.17 8.03
CA THR G 563 -25.40 59.80 6.78
C THR G 563 -25.11 58.71 5.73
N ARG G 564 -26.11 58.40 4.91
CA ARG G 564 -25.95 57.37 3.88
C ARG G 564 -25.57 58.00 2.56
N PHE G 565 -24.52 57.46 1.92
CA PHE G 565 -24.14 57.91 0.59
C PHE G 565 -23.19 56.89 -0.02
N GLY G 566 -23.00 57.00 -1.33
CA GLY G 566 -22.05 56.17 -2.04
C GLY G 566 -20.92 57.01 -2.60
N PHE G 567 -19.74 56.41 -2.69
CA PHE G 567 -18.57 57.11 -3.21
C PHE G 567 -17.69 56.13 -3.95
N THR G 568 -16.64 56.65 -4.58
CA THR G 568 -15.70 55.87 -5.36
C THR G 568 -14.31 55.98 -4.73
N SER G 569 -13.61 54.86 -4.65
CA SER G 569 -12.32 54.80 -4.00
C SER G 569 -11.31 54.11 -4.90
N PHE G 570 -10.09 54.61 -4.87
CA PHE G 570 -8.98 54.05 -5.64
C PHE G 570 -7.78 53.92 -4.71
N VAL G 571 -7.29 52.71 -4.54
CA VAL G 571 -6.22 52.42 -3.58
C VAL G 571 -5.00 51.93 -4.34
N THR G 572 -3.90 52.66 -4.22
CA THR G 572 -2.60 52.24 -4.71
C THR G 572 -1.76 51.76 -3.54
N ASP G 573 -0.49 51.49 -3.79
CA ASP G 573 0.44 51.16 -2.72
C ASP G 573 1.01 52.40 -2.04
N SER G 574 0.67 53.59 -2.51
CA SER G 574 1.21 54.82 -1.95
C SER G 574 0.17 55.84 -1.54
N GLU G 575 -1.05 55.80 -2.08
CA GLU G 575 -2.06 56.77 -1.70
C GLU G 575 -3.44 56.15 -1.85
N VAL G 576 -4.41 56.77 -1.18
CA VAL G 576 -5.81 56.39 -1.25
C VAL G 576 -6.61 57.61 -1.69
N ALA G 577 -7.43 57.44 -2.73
CA ALA G 577 -8.22 58.53 -3.29
C ALA G 577 -9.70 58.23 -3.10
N VAL G 578 -10.45 59.22 -2.63
CA VAL G 578 -11.87 59.10 -2.40
C VAL G 578 -12.59 60.23 -3.11
N ALA G 579 -13.65 59.89 -3.85
CA ALA G 579 -14.50 60.86 -4.53
C ALA G 579 -15.80 60.97 -3.74
N LEU G 580 -15.79 61.82 -2.73
CA LEU G 580 -16.94 62.03 -1.87
C LEU G 580 -17.84 63.12 -2.44
N PRO G 581 -19.09 63.21 -1.97
CA PRO G 581 -19.92 64.36 -2.38
C PRO G 581 -19.29 65.69 -2.04
N GLN G 582 -18.44 65.74 -1.03
CA GLN G 582 -17.74 66.98 -0.70
C GLN G 582 -16.69 67.35 -1.73
N GLY G 583 -16.18 66.40 -2.49
CA GLY G 583 -15.15 66.69 -3.46
C GLY G 583 -14.31 65.46 -3.75
N PHE G 584 -13.05 65.69 -4.07
CA PHE G 584 -12.11 64.62 -4.36
C PHE G 584 -10.87 64.81 -3.51
N TYR G 585 -10.46 63.75 -2.82
CA TYR G 585 -9.33 63.83 -1.90
C TYR G 585 -8.37 62.70 -2.18
N THR G 586 -7.07 62.98 -2.04
CA THR G 586 -6.02 61.99 -2.11
C THR G 586 -5.16 62.10 -0.86
N LEU G 587 -5.09 61.01 -0.11
CA LEU G 587 -4.29 60.96 1.11
C LEU G 587 -3.12 60.01 0.88
N ALA G 588 -1.90 60.51 1.10
CA ALA G 588 -0.71 59.71 0.88
C ALA G 588 -0.44 58.81 2.08
N LEU G 589 -0.28 57.52 1.82
CA LEU G 589 0.12 56.60 2.87
C LEU G 589 1.52 56.93 3.35
N GLN G 590 1.79 56.62 4.61
CA GLN G 590 3.11 56.82 5.17
C GLN G 590 4.13 56.01 4.38
N PRO G 591 5.14 56.62 3.78
CA PRO G 591 6.05 55.88 2.90
C PRO G 591 6.84 54.82 3.67
N LEU G 592 7.08 53.70 3.00
CA LEU G 592 7.86 52.62 3.59
C LEU G 592 9.34 52.97 3.64
N ALA G 593 10.01 52.52 4.69
CA ALA G 593 11.44 52.76 4.83
C ALA G 593 12.21 51.96 3.78
N THR G 594 13.25 52.57 3.23
CA THR G 594 14.09 51.92 2.23
C THR G 594 15.17 51.05 2.84
N ASP G 595 15.39 51.11 4.15
CA ASP G 595 16.41 50.34 4.83
C ASP G 595 15.78 49.32 5.79
N PHE G 596 14.60 48.81 5.41
CA PHE G 596 13.90 47.86 6.26
C PHE G 596 14.69 46.57 6.39
N GLY G 597 15.03 46.21 7.63
CA GLY G 597 15.84 45.03 7.87
C GLY G 597 17.23 45.11 7.29
N SER G 598 17.87 46.27 7.42
CA SER G 598 19.21 46.49 6.87
C SER G 598 20.24 46.01 7.88
N THR G 599 21.02 45.01 7.49
CA THR G 599 22.10 44.47 8.32
C THR G 599 23.38 44.49 7.48
N SER G 600 24.13 45.58 7.57
CA SER G 600 25.36 45.74 6.77
C SER G 600 26.59 45.22 7.53
N ALA G 601 26.48 44.01 8.07
CA ALA G 601 27.58 43.25 8.64
C ALA G 601 28.18 43.89 9.88
N GLN G 602 27.75 45.10 10.22
CA GLN G 602 28.28 45.84 11.37
C GLN G 602 27.53 47.17 11.47
N ALA G 603 27.62 47.79 12.65
CA ALA G 603 27.08 49.13 12.85
C ALA G 603 28.02 50.00 13.67
N ASN G 604 29.24 49.55 13.95
CA ASN G 604 30.18 50.31 14.77
C ASN G 604 30.79 51.46 13.97
N GLY G 605 31.20 52.49 14.70
CA GLY G 605 31.81 53.67 14.09
C GLY G 605 33.28 53.54 13.76
N SER G 606 33.93 52.45 14.20
CA SER G 606 35.35 52.23 13.93
C SER G 606 35.58 51.15 12.89
N ALA G 607 34.92 50.00 13.03
CA ALA G 607 34.97 48.91 12.06
C ALA G 607 36.40 48.43 11.83
N SER G 608 37.00 47.91 12.90
CA SER G 608 38.34 47.32 12.83
C SER G 608 38.21 45.88 12.38
N VAL G 609 38.24 45.66 11.06
CA VAL G 609 38.06 44.33 10.48
C VAL G 609 39.41 43.61 10.47
N LEU G 610 39.36 42.28 10.51
CA LEU G 610 40.54 41.45 10.54
C LEU G 610 40.62 40.59 9.29
N SER G 611 41.83 40.20 8.93
CA SER G 611 42.04 39.38 7.74
C SER G 611 41.44 37.99 7.92
N PRO G 612 40.88 37.40 6.87
CA PRO G 612 40.27 36.08 6.99
C PRO G 612 41.30 34.95 7.02
N MET G 613 42.38 35.11 6.28
CA MET G 613 43.40 34.06 6.16
C MET G 613 44.69 34.72 5.71
N PRO G 614 45.83 34.06 5.91
CA PRO G 614 47.10 34.60 5.39
C PRO G 614 47.04 34.74 3.88
N GLY G 615 47.63 35.82 3.39
CA GLY G 615 47.61 36.10 1.96
C GLY G 615 48.32 37.40 1.67
N LYS G 616 48.26 37.80 0.41
CA LYS G 616 48.93 39.00 -0.07
C LYS G 616 47.91 40.04 -0.48
N VAL G 617 48.04 41.25 0.05
CA VAL G 617 47.19 42.36 -0.37
C VAL G 617 47.70 42.87 -1.71
N THR G 618 46.86 42.81 -2.74
CA THR G 618 47.31 43.12 -4.10
C THR G 618 47.05 44.56 -4.49
N LYS G 619 45.84 45.07 -4.27
CA LYS G 619 45.48 46.39 -4.74
C LYS G 619 44.46 47.01 -3.80
N LEU G 620 44.66 48.29 -3.47
CA LEU G 620 43.70 49.05 -2.68
C LEU G 620 42.71 49.69 -3.65
N LEU G 621 41.47 49.19 -3.65
CA LEU G 621 40.47 49.66 -4.60
C LEU G 621 40.01 51.09 -4.31
N VAL G 622 40.29 51.61 -3.12
CA VAL G 622 39.96 52.98 -2.76
C VAL G 622 41.21 53.65 -2.21
N ALA G 623 41.37 54.94 -2.51
CA ALA G 623 42.53 55.67 -2.03
C ALA G 623 42.42 55.90 -0.52
N ASP G 624 43.57 56.16 0.10
CA ASP G 624 43.60 56.43 1.53
C ASP G 624 42.85 57.73 1.83
N GLY G 625 42.02 57.70 2.87
CA GLY G 625 41.22 58.85 3.22
C GLY G 625 39.95 59.02 2.43
N THR G 626 39.53 58.01 1.68
CA THR G 626 38.33 58.09 0.86
C THR G 626 37.11 57.62 1.63
N LEU G 627 35.97 58.26 1.37
CA LEU G 627 34.71 57.84 1.97
C LEU G 627 34.19 56.60 1.23
N VAL G 628 33.84 55.56 1.99
CA VAL G 628 33.30 54.32 1.45
C VAL G 628 32.00 54.00 2.17
N GLN G 629 31.04 53.48 1.41
CA GLN G 629 29.76 53.08 1.96
C GLN G 629 29.84 51.67 2.55
N GLN G 630 28.72 51.21 3.09
CA GLN G 630 28.65 49.84 3.60
C GLN G 630 28.71 48.86 2.44
N GLY G 631 29.37 47.72 2.68
CA GLY G 631 29.50 46.72 1.65
C GLY G 631 30.33 47.11 0.45
N GLN G 632 31.14 48.17 0.57
CA GLN G 632 31.95 48.64 -0.54
C GLN G 632 33.37 48.10 -0.43
N ALA G 633 33.89 47.62 -1.56
CA ALA G 633 35.23 47.06 -1.59
C ALA G 633 36.27 48.14 -1.33
N ILE G 634 37.29 47.80 -0.54
CA ILE G 634 38.35 48.74 -0.21
C ILE G 634 39.71 48.19 -0.63
N LEU G 635 39.84 46.86 -0.68
CA LEU G 635 41.11 46.26 -1.04
C LEU G 635 40.87 44.83 -1.51
N ILE G 636 41.89 44.27 -2.17
CA ILE G 636 41.83 42.93 -2.72
C ILE G 636 42.90 42.08 -2.05
N LEU G 637 42.50 40.91 -1.55
CA LEU G 637 43.40 39.96 -0.91
C LEU G 637 43.48 38.70 -1.76
N GLU G 638 44.70 38.28 -2.08
CA GLU G 638 44.94 37.11 -2.92
C GLU G 638 45.54 36.01 -2.06
N ALA G 639 44.93 34.83 -2.12
CA ALA G 639 45.43 33.65 -1.45
C ALA G 639 45.02 32.43 -2.26
N MET G 640 45.95 31.48 -2.41
CA MET G 640 45.71 30.27 -3.19
C MET G 640 45.32 30.60 -4.63
N LYS G 641 45.92 31.66 -5.16
CA LYS G 641 45.66 32.13 -6.53
C LYS G 641 44.19 32.46 -6.75
N MET G 642 43.53 32.97 -5.71
CA MET G 642 42.13 33.37 -5.78
C MET G 642 42.01 34.78 -5.22
N GLU G 643 41.30 35.65 -5.93
CA GLU G 643 41.10 37.01 -5.46
C GLU G 643 39.97 37.07 -4.45
N HIS G 644 40.27 37.54 -3.25
CA HIS G 644 39.28 37.82 -2.22
C HIS G 644 39.28 39.31 -1.96
N VAL G 645 38.10 39.92 -1.97
CA VAL G 645 37.95 41.36 -1.87
C VAL G 645 37.39 41.70 -0.50
N VAL G 646 38.08 42.58 0.21
CA VAL G 646 37.64 43.05 1.52
C VAL G 646 36.68 44.21 1.33
N LYS G 647 35.53 44.15 1.99
CA LYS G 647 34.49 45.15 1.85
C LYS G 647 34.36 45.98 3.13
N ALA G 648 33.98 47.24 2.96
CA ALA G 648 33.71 48.10 4.10
C ALA G 648 32.41 47.70 4.78
N SER G 649 32.44 47.64 6.10
CA SER G 649 31.27 47.22 6.88
C SER G 649 30.37 48.38 7.28
N CYS G 650 30.77 49.62 7.04
CA CYS G 650 29.95 50.77 7.39
C CYS G 650 30.42 51.97 6.60
N ASP G 651 29.57 53.00 6.56
CA ASP G 651 29.92 54.24 5.89
C ASP G 651 31.02 54.98 6.65
N GLY G 652 31.86 55.68 5.90
CA GLY G 652 32.88 56.52 6.53
C GLY G 652 34.19 56.54 5.78
N GLU G 653 35.12 57.37 6.23
CA GLU G 653 36.45 57.43 5.64
C GLU G 653 37.24 56.20 6.04
N VAL G 654 37.89 55.57 5.05
CA VAL G 654 38.67 54.36 5.29
C VAL G 654 40.15 54.71 5.24
N LYS G 655 40.89 54.26 6.26
CA LYS G 655 42.34 54.45 6.33
C LYS G 655 42.98 53.08 6.50
N PHE G 656 43.84 52.71 5.56
CA PHE G 656 44.47 51.40 5.58
C PHE G 656 45.60 51.35 6.60
N CYS G 657 45.83 50.16 7.15
CA CYS G 657 46.89 49.92 8.12
C CYS G 657 48.05 49.14 7.54
N VAL G 658 47.78 48.18 6.67
CA VAL G 658 48.81 47.35 6.05
C VAL G 658 49.14 47.90 4.68
N HIS G 659 50.43 47.84 4.33
CA HIS G 659 50.88 48.29 3.03
C HIS G 659 50.49 47.29 1.94
N ALA G 660 50.32 47.79 0.72
CA ALA G 660 49.97 46.94 -0.40
C ALA G 660 51.18 46.13 -0.87
N ASP G 661 50.89 45.08 -1.65
CA ASP G 661 51.91 44.18 -2.18
C ASP G 661 52.76 43.57 -1.06
N GLY G 662 52.11 43.25 0.06
CA GLY G 662 52.80 42.66 1.18
C GLY G 662 52.26 41.29 1.55
N ILE G 663 52.09 41.05 2.85
CA ILE G 663 51.57 39.77 3.33
C ILE G 663 50.95 40.01 4.70
N VAL G 664 49.84 39.33 4.96
CA VAL G 664 49.13 39.43 6.22
C VAL G 664 48.93 38.02 6.79
N GLY G 665 48.47 37.98 8.04
CA GLY G 665 48.25 36.71 8.70
C GLY G 665 46.81 36.52 9.13
N GLY G 666 46.54 35.45 9.87
CA GLY G 666 45.19 35.20 10.35
C GLY G 666 44.76 36.26 11.36
N SER G 667 43.55 36.80 11.15
CA SER G 667 42.97 37.81 12.05
C SER G 667 43.89 39.02 12.21
N THR G 668 44.41 39.51 11.08
CA THR G 668 45.28 40.69 11.09
C THR G 668 44.47 41.92 10.70
N LEU G 669 44.61 42.99 11.49
CA LEU G 669 43.91 44.23 11.20
C LEU G 669 44.32 44.78 9.85
N LEU G 670 43.34 45.29 9.09
CA LEU G 670 43.57 45.79 7.75
C LEU G 670 43.35 47.29 7.63
N ALA G 671 42.20 47.80 8.06
CA ALA G 671 41.91 49.22 7.90
C ALA G 671 40.88 49.65 8.94
N HIS G 672 40.79 50.96 9.13
CA HIS G 672 39.84 51.58 10.05
C HIS G 672 38.84 52.40 9.25
N ILE G 673 37.57 52.23 9.56
CA ILE G 673 36.48 52.96 8.91
C ILE G 673 35.90 53.91 9.94
N ALA G 674 36.30 55.17 9.88
CA ALA G 674 35.85 56.18 10.83
C ALA G 674 34.75 57.01 10.19
N SER G 675 33.61 57.11 10.86
CA SER G 675 32.47 57.86 10.33
C SER G 675 32.80 59.34 10.31
N ALA G 676 33.08 59.87 9.12
CA ALA G 676 33.39 61.29 8.99
C ALA G 676 32.13 62.13 9.15
N ALA G 677 32.25 63.22 9.90
CA ALA G 677 31.13 64.11 10.13
C ALA G 677 30.80 64.92 8.89
N GLU H 60 -55.52 15.80 -10.01
CA GLU H 60 -55.79 16.37 -8.69
C GLU H 60 -54.93 15.66 -7.64
N VAL H 61 -54.47 14.46 -7.97
CA VAL H 61 -53.64 13.66 -7.09
C VAL H 61 -52.26 13.52 -7.72
N TYR H 62 -51.23 13.84 -6.93
CA TYR H 62 -49.83 13.75 -7.37
C TYR H 62 -49.60 14.61 -8.62
N LEU H 63 -49.83 15.91 -8.46
CA LEU H 63 -49.69 16.85 -9.56
C LEU H 63 -48.29 17.42 -9.67
N PHE H 64 -47.59 17.60 -8.55
CA PHE H 64 -46.30 18.27 -8.54
C PHE H 64 -45.17 17.28 -8.77
N HIS H 65 -43.95 17.78 -8.62
CA HIS H 65 -42.71 17.03 -8.62
C HIS H 65 -41.93 17.35 -7.36
N PRO H 66 -41.25 16.37 -6.75
CA PRO H 66 -40.54 16.65 -5.50
C PRO H 66 -39.49 17.75 -5.60
N ALA H 67 -38.90 17.93 -6.78
CA ALA H 67 -37.94 19.01 -6.95
C ALA H 67 -38.58 20.37 -6.74
N GLN H 68 -39.88 20.49 -7.01
CA GLN H 68 -40.58 21.75 -6.75
C GLN H 68 -40.59 22.07 -5.27
N TYR H 69 -40.83 21.06 -4.42
CA TYR H 69 -40.75 21.27 -2.98
C TYR H 69 -39.32 21.49 -2.53
N GLU H 70 -38.35 20.87 -3.20
CA GLU H 70 -36.95 21.08 -2.84
C GLU H 70 -36.53 22.52 -3.08
N SER H 71 -36.97 23.12 -4.19
CA SER H 71 -36.68 24.51 -4.51
C SER H 71 -37.98 25.30 -4.34
N ALA H 72 -38.23 25.73 -3.12
CA ALA H 72 -39.46 26.42 -2.76
C ALA H 72 -39.13 27.54 -1.79
N PRO H 73 -40.01 28.53 -1.67
CA PRO H 73 -39.80 29.57 -0.65
C PRO H 73 -39.83 28.98 0.75
N ALA H 74 -39.24 29.71 1.69
CA ALA H 74 -39.06 29.20 3.04
C ALA H 74 -40.37 28.81 3.69
N THR H 75 -41.48 29.42 3.28
CA THR H 75 -42.76 29.10 3.87
C THR H 75 -43.19 27.67 3.54
N THR H 76 -42.89 27.21 2.33
CA THR H 76 -43.36 25.90 1.87
C THR H 76 -42.27 24.85 1.76
N ARG H 77 -41.00 25.22 1.90
CA ARG H 77 -39.95 24.21 1.83
C ARG H 77 -40.02 23.32 3.06
N PRO H 78 -40.21 22.02 2.91
CA PRO H 78 -40.60 21.18 4.06
C PRO H 78 -39.46 20.87 5.02
N ASN H 79 -38.20 21.02 4.63
CA ASN H 79 -37.09 20.74 5.53
C ASN H 79 -36.56 21.99 6.20
N VAL H 80 -37.38 23.03 6.31
CA VAL H 80 -36.98 24.28 6.96
C VAL H 80 -37.61 24.33 8.35
N LEU H 81 -36.77 24.55 9.36
CA LEU H 81 -37.23 24.66 10.73
C LEU H 81 -37.88 26.02 10.95
N HIS H 82 -39.09 26.02 11.50
CA HIS H 82 -39.84 27.25 11.76
C HIS H 82 -40.00 27.40 13.27
N TYR H 83 -39.13 28.20 13.88
CA TYR H 83 -39.15 28.46 15.32
C TYR H 83 -39.05 29.97 15.55
N PRO H 84 -40.13 30.70 15.31
CA PRO H 84 -40.10 32.15 15.56
C PRO H 84 -39.99 32.45 17.04
N ALA H 85 -39.38 33.58 17.35
CA ALA H 85 -39.17 33.99 18.73
C ALA H 85 -40.48 34.51 19.32
N GLU H 86 -40.82 34.02 20.51
CA GLU H 86 -41.98 34.52 21.27
C GLU H 86 -41.54 35.71 22.11
N SER H 87 -41.23 36.81 21.43
CA SER H 87 -40.60 37.96 22.07
C SER H 87 -41.47 38.60 23.14
N THR H 88 -42.77 38.36 23.13
CA THR H 88 -43.67 38.92 24.14
C THR H 88 -43.81 38.05 25.36
N ASN H 89 -43.25 36.84 25.35
CA ASN H 89 -43.35 35.94 26.49
C ASN H 89 -42.41 36.39 27.61
N PRO H 90 -42.90 36.53 28.84
CA PRO H 90 -42.01 36.97 29.93
C PRO H 90 -40.82 36.05 30.16
N GLU H 91 -41.02 34.74 30.04
CA GLU H 91 -39.90 33.81 30.19
C GLU H 91 -38.85 34.05 29.12
N PHE H 92 -39.30 34.36 27.90
CA PHE H 92 -38.37 34.68 26.82
C PHE H 92 -37.53 35.90 27.16
N LYS H 93 -38.16 36.94 27.71
CA LYS H 93 -37.42 38.14 28.10
C LYS H 93 -36.44 37.85 29.22
N ALA H 94 -36.85 37.05 30.21
CA ALA H 94 -35.94 36.71 31.30
C ALA H 94 -34.73 35.94 30.80
N ASN H 95 -34.96 34.97 29.90
CA ASN H 95 -33.85 34.22 29.32
C ASN H 95 -32.93 35.14 28.52
N THR H 96 -33.52 36.07 27.76
CA THR H 96 -32.71 37.02 26.99
C THR H 96 -31.85 37.87 27.91
N GLU H 97 -32.42 38.34 29.02
CA GLU H 97 -31.65 39.16 29.95
C GLU H 97 -30.50 38.36 30.57
N ARG H 98 -30.77 37.11 30.97
CA ARG H 98 -29.70 36.29 31.53
C ARG H 98 -28.58 36.07 30.53
N MET H 99 -28.93 35.71 29.29
CA MET H 99 -27.90 35.47 28.29
C MET H 99 -27.12 36.73 27.98
N LYS H 100 -27.81 37.88 27.94
CA LYS H 100 -27.13 39.15 27.70
C LYS H 100 -26.14 39.45 28.81
N ALA H 101 -26.54 39.24 30.06
CA ALA H 101 -25.62 39.48 31.18
C ALA H 101 -24.41 38.56 31.10
N LEU H 102 -24.63 37.27 30.79
CA LEU H 102 -23.51 36.34 30.71
C LEU H 102 -22.55 36.73 29.59
N THR H 103 -23.08 37.10 28.43
CA THR H 103 -22.22 37.46 27.31
C THR H 103 -21.48 38.76 27.58
N ALA H 104 -22.13 39.71 28.25
CA ALA H 104 -21.45 40.94 28.63
C ALA H 104 -20.30 40.66 29.58
N GLU H 105 -20.51 39.77 30.55
CA GLU H 105 -19.43 39.40 31.46
C GLU H 105 -18.28 38.73 30.70
N LEU H 106 -18.61 37.85 29.76
CA LEU H 106 -17.57 37.19 28.97
C LEU H 106 -16.73 38.22 28.20
N ARG H 107 -17.40 39.15 27.51
CA ARG H 107 -16.67 40.16 26.76
C ARG H 107 -15.85 41.06 27.67
N ARG H 108 -16.38 41.37 28.85
CA ARG H 108 -15.64 42.20 29.80
C ARG H 108 -14.36 41.49 30.26
N ARG H 109 -14.44 40.20 30.55
CA ARG H 109 -13.24 39.47 30.95
C ARG H 109 -12.22 39.44 29.84
N VAL H 110 -12.66 39.18 28.60
CA VAL H 110 -11.73 39.17 27.48
C VAL H 110 -11.08 40.54 27.32
N GLN H 111 -11.87 41.60 27.46
CA GLN H 111 -11.35 42.95 27.27
C GLN H 111 -10.33 43.32 28.35
N VAL H 112 -10.62 42.95 29.61
CA VAL H 112 -9.67 43.27 30.67
C VAL H 112 -8.40 42.44 30.51
N ILE H 113 -8.49 41.24 29.95
CA ILE H 113 -7.27 40.50 29.63
C ILE H 113 -6.46 41.22 28.56
N VAL H 114 -7.14 41.70 27.51
CA VAL H 114 -6.42 42.35 26.41
C VAL H 114 -5.77 43.65 26.87
N ASP H 115 -6.52 44.49 27.57
CA ASP H 115 -6.05 45.82 27.94
C ASP H 115 -5.31 45.86 29.27
N GLY H 116 -5.41 44.82 30.09
CA GLY H 116 -4.81 44.83 31.40
C GLY H 116 -5.67 45.58 32.41
N ASP H 117 -5.68 45.12 33.66
CA ASP H 117 -6.50 45.74 34.69
C ASP H 117 -5.67 46.37 35.81
N SER H 118 -4.78 45.62 36.43
CA SER H 118 -4.04 46.12 37.57
C SER H 118 -2.89 47.02 37.14
N GLU H 119 -2.32 47.72 38.12
CA GLU H 119 -1.18 48.59 37.83
C GLU H 119 0.07 47.79 37.53
N ALA H 120 0.20 46.58 38.10
CA ALA H 120 1.34 45.74 37.78
C ALA H 120 1.35 45.37 36.30
N ASP H 121 0.17 45.09 35.74
CA ASP H 121 0.08 44.83 34.30
C ASP H 121 0.54 46.04 33.50
N LYS H 122 0.15 47.24 33.94
CA LYS H 122 0.57 48.45 33.23
C LYS H 122 2.08 48.62 33.28
N ARG H 123 2.68 48.39 34.45
CA ARG H 123 4.13 48.50 34.56
C ARG H 123 4.83 47.48 33.67
N ALA H 124 4.35 46.23 33.67
CA ALA H 124 4.96 45.21 32.84
C ALA H 124 4.84 45.55 31.36
N ARG H 125 3.69 46.04 30.94
CA ARG H 125 3.51 46.42 29.54
C ARG H 125 4.38 47.61 29.18
N ASP H 126 4.56 48.56 30.11
CA ASP H 126 5.45 49.68 29.85
C ASP H 126 6.89 49.21 29.68
N ARG H 127 7.33 48.28 30.53
CA ARG H 127 8.67 47.72 30.37
C ARG H 127 8.80 47.01 29.03
N HIS H 128 7.76 46.25 28.65
CA HIS H 128 7.79 45.52 27.39
C HIS H 128 7.87 46.46 26.19
N ILE H 129 7.10 47.55 26.22
CA ILE H 129 7.11 48.49 25.11
C ILE H 129 8.43 49.25 25.06
N SER H 130 8.97 49.60 26.23
CA SER H 130 10.22 50.36 26.27
C SER H 130 11.39 49.58 25.69
N ARG H 131 11.27 48.25 25.58
CA ARG H 131 12.30 47.42 24.98
C ARG H 131 12.17 47.32 23.46
N GLY H 132 11.23 48.05 22.86
CA GLY H 132 10.98 47.94 21.44
C GLY H 132 10.21 46.71 21.03
N LYS H 133 9.49 46.09 21.96
CA LYS H 133 8.74 44.87 21.70
C LYS H 133 7.28 45.19 21.45
N LEU H 134 6.65 44.40 20.58
CA LEU H 134 5.22 44.45 20.38
C LEU H 134 4.52 43.55 21.37
N LEU H 135 3.31 43.94 21.76
CA LEU H 135 2.50 43.09 22.61
C LEU H 135 2.04 41.86 21.84
N VAL H 136 1.67 40.82 22.58
CA VAL H 136 1.41 39.51 21.97
C VAL H 136 0.25 39.60 20.99
N HIS H 137 -0.85 40.25 21.39
CA HIS H 137 -1.96 40.42 20.47
C HIS H 137 -1.59 41.32 19.29
N GLN H 138 -0.72 42.31 19.52
CA GLN H 138 -0.22 43.12 18.42
C GLN H 138 0.64 42.30 17.47
N ARG H 139 1.45 41.40 18.01
CA ARG H 139 2.22 40.50 17.16
C ARG H 139 1.31 39.62 16.32
N ILE H 140 0.22 39.14 16.91
CA ILE H 140 -0.75 38.36 16.15
C ILE H 140 -1.36 39.21 15.04
N GLU H 141 -1.75 40.44 15.38
CA GLU H 141 -2.39 41.32 14.40
C GLU H 141 -1.46 41.61 13.23
N LYS H 142 -0.17 41.83 13.50
CA LYS H 142 0.76 42.17 12.44
C LYS H 142 1.40 40.96 11.77
N LEU H 143 1.17 39.75 12.28
CA LEU H 143 1.67 38.56 11.61
C LEU H 143 0.65 37.96 10.64
N VAL H 144 -0.63 38.02 11.01
CA VAL H 144 -1.69 37.48 10.18
C VAL H 144 -2.00 38.46 9.05
N ASP H 145 -2.69 37.96 8.02
CA ASP H 145 -3.10 38.81 6.92
C ASP H 145 -4.00 39.94 7.45
N PRO H 146 -3.91 41.13 6.87
CA PRO H 146 -4.51 42.32 7.53
C PRO H 146 -5.99 42.22 7.82
N MET H 147 -6.78 41.63 6.93
CA MET H 147 -8.23 41.51 7.13
C MET H 147 -8.60 40.04 7.01
N SER H 148 -8.50 39.31 8.12
CA SER H 148 -8.68 37.87 8.11
C SER H 148 -9.09 37.43 9.51
N PRO H 149 -9.79 36.30 9.62
CA PRO H 149 -10.21 35.83 10.95
C PRO H 149 -9.07 35.17 11.70
N PHE H 150 -9.16 35.25 13.02
CA PHE H 150 -8.19 34.61 13.91
C PHE H 150 -8.95 33.91 15.02
N LEU H 151 -8.79 32.59 15.11
CA LEU H 151 -9.50 31.78 16.09
C LEU H 151 -8.60 31.58 17.31
N GLU H 152 -8.61 32.55 18.21
CA GLU H 152 -7.91 32.41 19.47
C GLU H 152 -8.65 31.41 20.35
N LEU H 153 -7.93 30.45 20.92
CA LEU H 153 -8.58 29.27 21.50
C LEU H 153 -8.87 29.41 23.00
N SER H 154 -7.83 29.48 23.82
CA SER H 154 -8.00 29.50 25.27
C SER H 154 -7.82 30.93 25.78
N GLN H 155 -8.83 31.77 25.56
CA GLN H 155 -8.72 33.18 25.95
C GLN H 155 -8.63 33.32 27.45
N LEU H 156 -9.48 32.59 28.19
CA LEU H 156 -9.59 32.76 29.64
C LEU H 156 -8.89 31.65 30.41
N ALA H 157 -7.85 31.05 29.85
CA ALA H 157 -7.08 30.06 30.57
C ALA H 157 -6.32 30.71 31.72
N GLY H 158 -6.16 29.96 32.80
CA GLY H 158 -5.44 30.46 33.94
C GLY H 158 -6.20 31.43 34.81
N GLY H 159 -7.52 31.52 34.65
CA GLY H 159 -8.31 32.43 35.44
C GLY H 159 -8.62 31.89 36.82
N ASP H 160 -8.10 32.56 37.85
CA ASP H 160 -8.25 32.14 39.25
C ASP H 160 -7.70 30.73 39.48
N LEU H 161 -6.73 30.33 38.66
CA LEU H 161 -6.17 28.99 38.76
C LEU H 161 -5.07 28.90 39.80
N TYR H 162 -4.13 29.84 39.80
CA TYR H 162 -3.07 29.88 40.80
C TYR H 162 -3.30 31.08 41.69
N PRO H 163 -3.55 30.89 43.00
CA PRO H 163 -3.82 32.03 43.87
C PRO H 163 -2.63 32.97 43.94
N GLY H 164 -2.92 34.27 43.88
CA GLY H 164 -1.90 35.29 43.96
C GLY H 164 -1.31 35.69 42.62
N GLU H 165 -1.64 35.00 41.54
CA GLU H 165 -1.12 35.31 40.22
C GLU H 165 -2.26 35.52 39.24
N ALA H 166 -2.22 36.61 38.50
CA ALA H 166 -3.17 36.87 37.42
C ALA H 166 -2.55 36.38 36.12
N CYS H 167 -2.61 35.06 35.92
CA CYS H 167 -2.00 34.41 34.77
C CYS H 167 -2.90 34.65 33.56
N HIS H 168 -2.76 35.83 32.97
CA HIS H 168 -3.58 36.22 31.83
C HIS H 168 -3.27 35.33 30.64
N ARG H 169 -4.31 34.76 30.05
CA ARG H 169 -4.22 33.84 28.91
C ARG H 169 -3.37 32.62 29.21
N GLY H 170 -3.07 32.35 30.47
CA GLY H 170 -2.16 31.28 30.78
C GLY H 170 -0.72 31.58 30.42
N GLY H 171 -0.39 32.84 30.20
CA GLY H 171 0.95 33.24 29.82
C GLY H 171 1.30 32.97 28.37
N ILE H 172 0.32 32.64 27.53
CA ILE H 172 0.61 32.24 26.16
C ILE H 172 -0.67 32.38 25.35
N LEU H 173 -0.52 32.83 24.11
CA LEU H 173 -1.64 33.03 23.21
C LEU H 173 -1.53 32.00 22.09
N THR H 174 -2.59 31.22 21.89
CA THR H 174 -2.64 30.21 20.85
C THR H 174 -3.84 30.46 19.97
N GLY H 175 -3.66 30.31 18.66
CA GLY H 175 -4.79 30.54 17.77
C GLY H 175 -4.50 30.01 16.38
N ILE H 176 -5.54 30.06 15.55
CA ILE H 176 -5.42 29.69 14.15
C ILE H 176 -5.60 30.94 13.32
N GLY H 177 -4.56 31.30 12.57
CA GLY H 177 -4.58 32.48 11.73
C GLY H 177 -4.43 32.13 10.26
N VAL H 178 -4.46 33.16 9.43
CA VAL H 178 -4.32 33.02 7.99
C VAL H 178 -3.12 33.85 7.54
N VAL H 179 -2.10 33.17 7.02
CA VAL H 179 -0.92 33.82 6.48
C VAL H 179 -0.80 33.41 5.02
N HIS H 180 -0.78 34.39 4.12
CA HIS H 180 -0.71 34.15 2.68
C HIS H 180 -1.80 33.20 2.22
N GLY H 181 -2.98 33.31 2.82
CA GLY H 181 -4.11 32.49 2.47
C GLY H 181 -4.09 31.09 3.04
N MET H 182 -3.07 30.75 3.82
CA MET H 182 -2.93 29.41 4.41
C MET H 182 -3.22 29.49 5.90
N ARG H 183 -4.00 28.54 6.40
CA ARG H 183 -4.29 28.50 7.83
C ARG H 183 -3.12 27.88 8.58
N VAL H 184 -2.66 28.59 9.61
CA VAL H 184 -1.53 28.17 10.42
C VAL H 184 -1.92 28.25 11.88
N MET H 185 -1.18 27.50 12.70
CA MET H 185 -1.33 27.56 14.16
C MET H 185 -0.23 28.44 14.72
N ILE H 186 -0.61 29.48 15.44
CA ILE H 186 0.32 30.45 16.00
C ILE H 186 0.32 30.28 17.51
N VAL H 187 1.52 30.14 18.08
CA VAL H 187 1.74 30.02 19.51
C VAL H 187 2.74 31.10 19.89
N ALA H 188 2.30 32.06 20.71
CA ALA H 188 3.11 33.21 21.05
C ALA H 188 3.19 33.36 22.56
N ASN H 189 4.41 33.44 23.09
CA ASN H 189 4.60 33.63 24.52
C ASN H 189 4.32 35.07 24.90
N ASP H 190 3.73 35.26 26.07
CA ASP H 190 3.43 36.59 26.60
C ASP H 190 4.46 36.90 27.68
N ALA H 191 5.44 37.74 27.33
CA ALA H 191 6.51 38.07 28.26
C ALA H 191 6.04 38.97 29.40
N THR H 192 4.83 39.50 29.34
CA THR H 192 4.30 40.36 30.39
C THR H 192 3.63 39.57 31.51
N VAL H 193 3.61 38.25 31.41
CA VAL H 193 3.02 37.39 32.43
C VAL H 193 4.17 36.65 33.11
N LYS H 194 4.64 37.19 34.23
CA LYS H 194 5.73 36.59 34.99
C LYS H 194 6.97 36.40 34.13
N GLY H 195 7.23 37.34 33.23
CA GLY H 195 8.37 37.22 32.35
C GLY H 195 8.24 36.14 31.30
N GLY H 196 7.03 35.64 31.07
CA GLY H 196 6.82 34.59 30.10
C GLY H 196 7.11 33.19 30.60
N THR H 197 7.34 33.02 31.90
CA THR H 197 7.64 31.70 32.44
C THR H 197 6.47 30.76 32.28
N TYR H 198 6.77 29.48 32.07
CA TYR H 198 5.76 28.47 31.78
C TYR H 198 5.16 27.96 33.09
N TYR H 199 3.89 28.25 33.31
CA TYR H 199 3.10 27.58 34.32
C TYR H 199 2.68 26.21 33.81
N PRO H 200 2.18 25.34 34.69
CA PRO H 200 1.60 24.08 34.19
C PRO H 200 0.50 24.30 33.16
N ILE H 201 -0.33 25.32 33.36
CA ILE H 201 -1.37 25.63 32.39
C ILE H 201 -0.76 26.11 31.08
N THR H 202 0.37 26.81 31.15
CA THR H 202 1.04 27.26 29.93
C THR H 202 1.52 26.07 29.11
N VAL H 203 2.14 25.09 29.77
CA VAL H 203 2.57 23.88 29.09
C VAL H 203 1.38 23.14 28.50
N LYS H 204 0.29 23.05 29.27
CA LYS H 204 -0.89 22.34 28.79
C LYS H 204 -1.48 23.02 27.55
N LYS H 205 -1.55 24.35 27.56
CA LYS H 205 -2.10 25.07 26.43
C LYS H 205 -1.20 24.95 25.20
N HIS H 206 0.11 25.03 25.39
CA HIS H 206 1.05 24.84 24.29
C HIS H 206 0.90 23.44 23.69
N LEU H 207 0.77 22.43 24.54
CA LEU H 207 0.58 21.07 24.05
C LEU H 207 -0.74 20.92 23.31
N ARG H 208 -1.80 21.57 23.81
CA ARG H 208 -3.08 21.50 23.12
C ARG H 208 -3.02 22.13 21.75
N ALA H 209 -2.34 23.28 21.64
CA ALA H 209 -2.16 23.91 20.33
C ALA H 209 -1.39 22.99 19.39
N GLN H 210 -0.33 22.35 19.90
CA GLN H 210 0.44 21.43 19.07
C GLN H 210 -0.41 20.24 18.63
N ARG H 211 -1.26 19.73 19.52
CA ARG H 211 -2.13 18.62 19.17
C ARG H 211 -3.09 19.00 18.06
N ILE H 212 -3.71 20.17 18.18
CA ILE H 212 -4.64 20.63 17.15
C ILE H 212 -3.91 20.78 15.82
N ALA H 213 -2.74 21.41 15.86
CA ALA H 213 -1.99 21.62 14.62
C ALA H 213 -1.57 20.31 13.98
N GLU H 214 -1.15 19.33 14.79
CA GLU H 214 -0.72 18.05 14.23
C GLU H 214 -1.89 17.28 13.64
N GLU H 215 -3.01 17.25 14.34
CA GLU H 215 -4.14 16.48 13.82
C GLU H 215 -4.84 17.19 12.65
N ASN H 216 -4.62 18.49 12.47
CA ASN H 216 -5.15 19.18 11.30
C ASN H 216 -4.09 19.57 10.28
N ARG H 217 -2.84 19.15 10.49
CA ARG H 217 -1.73 19.46 9.58
C ARG H 217 -1.59 20.96 9.35
N LEU H 218 -1.74 21.72 10.40
CA LEU H 218 -1.54 23.17 10.35
C LEU H 218 -0.09 23.49 10.68
N PRO H 219 0.61 24.23 9.83
CA PRO H 219 1.99 24.63 10.18
C PRO H 219 2.01 25.43 11.46
N CYS H 220 3.03 25.19 12.27
CA CYS H 220 3.16 25.81 13.58
C CYS H 220 4.14 26.97 13.52
N ILE H 221 3.76 28.09 14.12
CA ILE H 221 4.62 29.25 14.28
C ILE H 221 4.70 29.56 15.77
N TYR H 222 5.91 29.54 16.31
CA TYR H 222 6.15 29.78 17.73
C TYR H 222 6.87 31.11 17.86
N LEU H 223 6.18 32.11 18.41
CA LEU H 223 6.78 33.39 18.74
C LEU H 223 7.29 33.29 20.17
N VAL H 224 8.61 33.10 20.31
CA VAL H 224 9.20 32.68 21.58
C VAL H 224 9.68 33.90 22.34
N ASP H 225 9.13 34.13 23.52
CA ASP H 225 9.65 35.10 24.48
C ASP H 225 9.29 34.58 25.88
N SER H 226 10.20 33.83 26.49
CA SER H 226 9.89 33.15 27.72
C SER H 226 11.14 32.92 28.55
N GLY H 227 11.04 33.17 29.85
CA GLY H 227 12.16 32.89 30.74
C GLY H 227 12.46 31.42 30.87
N GLY H 228 11.44 30.58 30.84
CA GLY H 228 11.56 29.15 30.96
C GLY H 228 10.52 28.63 31.92
N ALA H 229 10.66 27.36 32.28
CA ALA H 229 9.78 26.78 33.29
C ALA H 229 9.99 27.46 34.64
N ASN H 230 8.90 27.74 35.35
CA ASN H 230 9.01 28.36 36.66
C ASN H 230 9.43 27.31 37.68
N LEU H 231 10.47 27.63 38.45
CA LEU H 231 11.05 26.66 39.36
C LEU H 231 10.18 26.43 40.60
N GLY H 232 9.24 27.33 40.89
CA GLY H 232 8.37 27.14 42.03
C GLY H 232 7.46 25.94 41.91
N MET H 233 7.00 25.64 40.70
CA MET H 233 6.09 24.53 40.44
C MET H 233 6.72 23.52 39.50
N GLN H 234 8.04 23.34 39.61
CA GLN H 234 8.76 22.48 38.67
C GLN H 234 8.26 21.04 38.72
N GLY H 235 7.70 20.61 39.85
CA GLY H 235 7.16 19.28 39.92
C GLY H 235 6.00 19.05 38.98
N ASP H 236 5.21 20.10 38.73
CA ASP H 236 4.05 20.00 37.84
C ASP H 236 4.36 20.45 36.43
N VAL H 237 5.62 20.77 36.13
CA VAL H 237 6.01 21.31 34.83
C VAL H 237 7.05 20.44 34.14
N PHE H 238 8.14 20.12 34.84
CA PHE H 238 9.23 19.40 34.19
C PHE H 238 8.94 17.92 33.95
N PRO H 239 8.84 17.07 35.00
CA PRO H 239 8.81 15.62 34.76
C PRO H 239 7.43 15.02 34.55
N ASP H 240 7.07 14.64 33.32
CA ASP H 240 5.94 13.76 33.05
C ASP H 240 5.83 13.59 31.54
N GLU H 241 4.91 12.71 31.13
CA GLU H 241 4.61 12.55 29.71
C GLU H 241 4.05 13.84 29.12
N GLN H 242 3.01 14.39 29.74
CA GLN H 242 2.38 15.63 29.29
C GLN H 242 3.00 16.84 29.95
N HIS H 243 4.32 16.96 29.81
CA HIS H 243 5.07 18.06 30.41
C HIS H 243 5.96 18.74 29.40
N PHE H 244 6.88 19.58 29.86
CA PHE H 244 7.59 20.51 28.98
C PHE H 244 8.32 19.80 27.85
N GLY H 245 8.84 18.60 28.08
CA GLY H 245 9.52 17.88 27.03
C GLY H 245 8.60 17.36 25.94
N ARG H 246 7.33 17.19 26.25
CA ARG H 246 6.37 16.78 25.23
C ARG H 246 6.25 17.82 24.13
N ILE H 247 6.55 19.08 24.42
CA ILE H 247 6.57 20.10 23.38
C ILE H 247 7.59 19.75 22.31
N PHE H 248 8.81 19.38 22.74
CA PHE H 248 9.84 19.04 21.78
C PHE H 248 9.54 17.71 21.09
N PHE H 249 8.96 16.77 21.84
CA PHE H 249 8.53 15.53 21.21
C PHE H 249 7.54 15.79 20.08
N ASN H 250 6.52 16.59 20.36
CA ASN H 250 5.54 16.94 19.34
C ASN H 250 6.16 17.68 18.18
N GLN H 251 7.08 18.61 18.48
CA GLN H 251 7.71 19.38 17.42
C GLN H 251 8.50 18.48 16.48
N ALA H 252 9.29 17.57 17.05
CA ALA H 252 10.06 16.65 16.22
C ALA H 252 9.16 15.74 15.40
N ASN H 253 8.09 15.22 16.01
CA ASN H 253 7.23 14.31 15.28
C ASN H 253 6.45 15.03 14.19
N MET H 254 6.02 16.26 14.44
CA MET H 254 5.36 17.03 13.39
C MET H 254 6.31 17.35 12.26
N SER H 255 7.55 17.71 12.58
CA SER H 255 8.54 17.96 11.53
C SER H 255 8.79 16.71 10.70
N ALA H 256 8.78 15.54 11.34
CA ALA H 256 8.97 14.30 10.60
C ALA H 256 7.82 14.02 9.65
N LYS H 257 6.63 14.50 9.96
CA LYS H 257 5.44 14.26 9.16
C LYS H 257 5.24 15.28 8.06
N GLY H 258 6.18 16.21 7.89
CA GLY H 258 6.07 17.23 6.87
C GLY H 258 5.32 18.47 7.26
N ILE H 259 4.90 18.57 8.53
CA ILE H 259 4.24 19.77 9.03
C ILE H 259 5.31 20.76 9.46
N ALA H 260 5.32 21.93 8.81
CA ALA H 260 6.40 22.88 9.02
C ALA H 260 6.36 23.46 10.43
N GLN H 261 7.54 23.56 11.05
CA GLN H 261 7.70 24.17 12.36
C GLN H 261 8.59 25.40 12.20
N ILE H 262 8.07 26.56 12.58
CA ILE H 262 8.78 27.83 12.43
C ILE H 262 8.88 28.46 13.80
N ALA H 263 10.07 28.96 14.15
CA ALA H 263 10.30 29.63 15.41
C ALA H 263 10.84 31.03 15.16
N THR H 264 10.28 32.01 15.83
CA THR H 264 10.76 33.39 15.78
C THR H 264 11.06 33.83 17.20
N VAL H 265 12.34 34.10 17.47
CA VAL H 265 12.80 34.39 18.83
C VAL H 265 12.69 35.90 19.02
N MET H 266 11.53 36.34 19.50
CA MET H 266 11.33 37.75 19.79
C MET H 266 11.96 38.17 21.11
N GLY H 267 12.25 37.21 21.99
CA GLY H 267 12.80 37.51 23.30
C GLY H 267 13.82 36.50 23.76
N SER H 268 13.66 35.99 24.98
CA SER H 268 14.59 35.03 25.55
C SER H 268 14.03 33.62 25.49
N CYS H 269 14.92 32.65 25.37
CA CYS H 269 14.58 31.24 25.53
C CYS H 269 15.75 30.56 26.23
N THR H 270 15.50 30.08 27.44
CA THR H 270 16.55 29.59 28.32
C THR H 270 16.31 28.12 28.65
N ALA H 271 17.41 27.36 28.71
CA ALA H 271 17.41 25.96 29.15
C ALA H 271 16.50 25.16 28.21
N GLY H 272 15.47 24.49 28.71
CA GLY H 272 14.65 23.66 27.85
C GLY H 272 14.03 24.43 26.70
N GLY H 273 13.58 25.66 26.97
CA GLY H 273 12.99 26.46 25.91
C GLY H 273 13.92 26.68 24.73
N ALA H 274 15.24 26.62 24.97
CA ALA H 274 16.19 26.79 23.89
C ALA H 274 16.07 25.71 22.82
N TYR H 275 15.41 24.60 23.14
CA TYR H 275 15.20 23.56 22.14
C TYR H 275 14.18 24.00 21.09
N VAL H 276 13.28 24.92 21.44
CA VAL H 276 12.23 25.32 20.49
C VAL H 276 12.82 25.92 19.22
N PRO H 277 13.73 26.90 19.27
CA PRO H 277 14.33 27.36 18.01
C PRO H 277 15.17 26.30 17.33
N ALA H 278 15.89 25.49 18.09
CA ALA H 278 16.86 24.58 17.51
C ALA H 278 16.21 23.38 16.83
N MET H 279 15.04 22.97 17.30
CA MET H 279 14.36 21.82 16.72
C MET H 279 13.37 22.19 15.62
N SER H 280 13.27 23.47 15.27
CA SER H 280 12.37 23.91 14.22
C SER H 280 13.05 23.80 12.86
N ASP H 281 12.23 23.68 11.82
CA ASP H 281 12.77 23.63 10.46
C ASP H 281 13.47 24.94 10.10
N GLU H 282 12.86 26.07 10.45
CA GLU H 282 13.46 27.38 10.22
C GLU H 282 13.23 28.25 11.44
N SER H 283 14.23 29.05 11.79
CA SER H 283 14.18 29.86 12.99
C SER H 283 14.62 31.29 12.69
N ILE H 284 14.03 32.24 13.40
CA ILE H 284 14.33 33.66 13.29
C ILE H 284 14.65 34.19 14.67
N ILE H 285 15.65 35.06 14.76
CA ILE H 285 16.04 35.67 16.02
C ILE H 285 16.15 37.18 15.83
N VAL H 286 15.60 37.93 16.77
CA VAL H 286 15.67 39.39 16.74
C VAL H 286 16.97 39.82 17.38
N LYS H 287 17.59 40.87 16.83
CA LYS H 287 18.93 41.28 17.23
C LYS H 287 19.02 41.65 18.72
N GLY H 288 18.31 42.71 19.12
CA GLY H 288 18.48 43.21 20.47
C GLY H 288 17.94 42.27 21.54
N ASN H 289 16.71 41.79 21.36
CA ASN H 289 16.00 41.08 22.42
C ASN H 289 16.11 39.57 22.31
N GLY H 290 16.68 39.04 21.23
CA GLY H 290 16.73 37.60 21.04
C GLY H 290 17.97 36.99 21.65
N THR H 291 17.76 36.02 22.55
CA THR H 291 18.85 35.29 23.19
C THR H 291 18.50 33.82 23.26
N ILE H 292 19.45 32.97 22.87
CA ILE H 292 19.27 31.52 22.92
C ILE H 292 20.49 30.91 23.60
N PHE H 293 20.26 30.19 24.69
CA PHE H 293 21.34 29.45 25.35
C PHE H 293 20.75 28.38 26.25
N LEU H 294 21.45 27.26 26.34
CA LEU H 294 21.04 26.19 27.25
C LEU H 294 21.37 26.56 28.70
N GLY H 295 22.49 27.24 28.92
CA GLY H 295 22.85 27.69 30.24
C GLY H 295 22.92 29.19 30.34
N GLY H 296 22.14 29.77 31.25
CA GLY H 296 22.08 31.20 31.40
C GLY H 296 23.31 31.77 32.07
N PRO H 297 23.43 33.09 32.02
CA PRO H 297 24.57 33.77 32.65
C PRO H 297 24.70 33.46 34.14
N PRO H 298 23.60 33.39 34.91
CA PRO H 298 23.76 32.94 36.30
C PRO H 298 24.38 31.57 36.41
N LEU H 299 23.97 30.63 35.55
CA LEU H 299 24.51 29.28 35.61
C LEU H 299 25.99 29.26 35.22
N VAL H 300 26.36 29.99 34.17
CA VAL H 300 27.77 29.99 33.76
C VAL H 300 28.64 30.65 34.81
N PHE H 301 28.12 31.67 35.50
CA PHE H 301 28.90 32.29 36.56
C PHE H 301 29.03 31.36 37.77
N ALA H 302 27.95 30.69 38.15
CA ALA H 302 28.02 29.75 39.25
C ALA H 302 28.89 28.55 38.93
N ALA H 303 29.07 28.23 37.65
CA ALA H 303 29.89 27.08 37.26
C ALA H 303 31.35 27.45 37.10
N THR H 304 31.65 28.38 36.19
CA THR H 304 33.03 28.71 35.85
C THR H 304 33.51 30.02 36.44
N GLY H 305 32.66 30.76 37.14
CA GLY H 305 33.08 32.03 37.71
C GLY H 305 33.30 33.12 36.70
N GLU H 306 32.66 33.04 35.54
CA GLU H 306 32.80 34.04 34.49
C GLU H 306 31.50 34.84 34.34
N GLU H 307 31.64 36.13 34.05
CA GLU H 307 30.51 37.03 33.86
C GLU H 307 30.38 37.34 32.38
N VAL H 308 29.22 37.02 31.82
CA VAL H 308 28.91 37.30 30.42
C VAL H 308 27.50 37.83 30.33
N THR H 309 27.30 38.81 29.46
CA THR H 309 25.96 39.32 29.20
C THR H 309 25.19 38.34 28.32
N PRO H 310 23.85 38.34 28.39
CA PRO H 310 23.08 37.45 27.51
C PRO H 310 23.34 37.69 26.04
N GLU H 311 23.62 38.93 25.64
CA GLU H 311 23.86 39.22 24.23
C GLU H 311 25.12 38.52 23.73
N GLU H 312 26.22 38.61 24.48
CA GLU H 312 27.44 37.97 24.05
C GLU H 312 27.45 36.47 24.33
N LEU H 313 26.49 35.97 25.10
CA LEU H 313 26.37 34.53 25.33
C LEU H 313 25.55 33.85 24.23
N GLY H 314 24.32 34.32 24.01
CA GLY H 314 23.45 33.69 23.03
C GLY H 314 22.70 34.67 22.17
N GLY H 315 23.30 35.81 21.87
CA GLY H 315 22.65 36.84 21.09
C GLY H 315 22.48 36.44 19.63
N ALA H 316 21.89 37.37 18.87
CA ALA H 316 21.61 37.11 17.46
C ALA H 316 22.87 36.91 16.65
N ASP H 317 23.92 37.69 16.94
CA ASP H 317 25.16 37.57 16.16
C ASP H 317 25.79 36.19 16.33
N VAL H 318 25.88 35.70 17.55
CA VAL H 318 26.56 34.43 17.77
C VAL H 318 25.77 33.28 17.17
N HIS H 319 24.44 33.32 17.24
CA HIS H 319 23.62 32.24 16.72
C HIS H 319 23.29 32.37 15.24
N CYS H 320 23.62 33.50 14.62
CA CYS H 320 23.30 33.71 13.22
C CYS H 320 24.54 33.78 12.33
N ARG H 321 25.71 34.07 12.88
CA ARG H 321 26.94 34.15 12.10
C ARG H 321 27.91 33.03 12.38
N ALA H 322 27.93 32.49 13.61
CA ALA H 322 28.89 31.47 14.00
C ALA H 322 28.24 30.15 14.36
N SER H 323 27.25 30.17 15.26
CA SER H 323 26.65 28.93 15.74
C SER H 323 25.85 28.23 14.65
N GLY H 324 25.05 28.99 13.91
CA GLY H 324 24.19 28.40 12.90
C GLY H 324 22.88 27.86 13.42
N VAL H 325 22.53 28.12 14.67
CA VAL H 325 21.26 27.66 15.21
C VAL H 325 20.10 28.34 14.50
N THR H 326 20.20 29.64 14.28
CA THR H 326 19.14 30.40 13.63
C THR H 326 19.47 30.64 12.16
N ASP H 327 18.42 30.85 11.37
CA ASP H 327 18.56 31.00 9.93
C ASP H 327 18.30 32.41 9.43
N TYR H 328 17.57 33.23 10.17
CA TYR H 328 17.21 34.57 9.69
C TYR H 328 17.50 35.59 10.77
N PHE H 329 18.18 36.67 10.39
CA PHE H 329 18.55 37.74 11.29
C PHE H 329 17.50 38.85 11.16
N ALA H 330 16.83 39.17 12.25
CA ALA H 330 15.78 40.17 12.27
C ALA H 330 16.26 41.40 13.03
N THR H 331 16.07 42.58 12.44
CA THR H 331 16.49 43.81 13.10
C THR H 331 15.53 44.23 14.21
N ASP H 332 14.24 43.94 14.06
CA ASP H 332 13.25 44.33 15.06
C ASP H 332 12.06 43.37 14.94
N ASP H 333 11.01 43.64 15.72
CA ASP H 333 9.84 42.78 15.71
C ASP H 333 9.14 42.78 14.35
N LEU H 334 9.03 43.95 13.73
CA LEU H 334 8.35 44.04 12.44
C LEU H 334 9.11 43.26 11.37
N HIS H 335 10.43 43.39 11.34
CA HIS H 335 11.23 42.62 10.40
C HIS H 335 11.10 41.12 10.69
N ALA H 336 11.01 40.76 11.96
CA ALA H 336 10.83 39.35 12.31
C ALA H 336 9.52 38.81 11.78
N LEU H 337 8.44 39.58 11.92
CA LEU H 337 7.14 39.12 11.41
C LEU H 337 7.15 39.07 9.88
N TYR H 338 7.83 40.02 9.25
CA TYR H 338 7.97 39.96 7.79
C TYR H 338 8.70 38.70 7.36
N LEU H 339 9.79 38.36 8.05
CA LEU H 339 10.55 37.16 7.72
C LEU H 339 9.71 35.91 7.96
N THR H 340 8.89 35.92 9.01
CA THR H 340 7.98 34.81 9.25
C THR H 340 7.00 34.63 8.09
N ARG H 341 6.44 35.75 7.61
CA ARG H 341 5.53 35.68 6.47
C ARG H 341 6.26 35.18 5.23
N ARG H 342 7.51 35.59 5.05
CA ARG H 342 8.30 35.13 3.91
C ARG H 342 8.55 33.63 3.99
N ILE H 343 8.82 33.12 5.20
CA ILE H 343 8.98 31.68 5.38
C ILE H 343 7.70 30.95 5.04
N VAL H 344 6.56 31.46 5.50
CA VAL H 344 5.28 30.81 5.20
C VAL H 344 5.01 30.84 3.70
N ALA H 345 5.43 31.92 3.03
CA ALA H 345 5.16 32.04 1.60
C ALA H 345 5.87 30.97 0.79
N ASN H 346 6.99 30.45 1.30
CA ASN H 346 7.80 29.50 0.56
C ASN H 346 7.57 28.06 0.99
N LEU H 347 6.49 27.78 1.72
CA LEU H 347 6.04 26.41 1.93
C LEU H 347 5.32 25.95 0.68
N ASN H 348 5.83 24.90 0.04
CA ASN H 348 5.28 24.43 -1.23
C ASN H 348 4.00 23.63 -0.99
N ARG H 349 3.04 24.28 -0.34
CA ARG H 349 1.76 23.68 0.00
C ARG H 349 0.73 24.14 -1.03
N ASN H 350 0.06 23.18 -1.67
CA ASN H 350 -0.91 23.51 -2.70
C ASN H 350 -2.07 24.31 -2.12
N ASP H 351 -2.62 25.20 -2.93
CA ASP H 351 -3.70 26.07 -2.46
C ASP H 351 -4.93 25.27 -2.06
N CYS H 352 -5.29 24.27 -2.86
CA CYS H 352 -6.44 23.44 -2.56
C CYS H 352 -6.33 22.13 -3.32
N GLU H 353 -6.65 21.03 -2.63
CA GLU H 353 -6.68 19.73 -3.28
C GLU H 353 -7.75 19.69 -4.36
N ARG H 354 -8.91 20.27 -4.10
CA ARG H 354 -10.01 20.35 -5.06
C ARG H 354 -10.36 21.81 -5.30
N PRO H 355 -10.32 22.30 -6.54
CA PRO H 355 -10.63 23.72 -6.79
C PRO H 355 -12.11 24.05 -6.71
N CYS H 356 -12.97 23.09 -6.39
CA CYS H 356 -14.39 23.38 -6.28
C CYS H 356 -14.67 24.31 -5.12
N ARG H 357 -15.56 25.27 -5.33
CA ARG H 357 -15.86 26.27 -4.31
C ARG H 357 -17.08 25.89 -3.47
N GLY H 358 -18.23 25.73 -4.12
CA GLY H 358 -19.45 25.36 -3.41
C GLY H 358 -19.87 26.37 -2.36
N ARG H 359 -19.77 27.66 -2.67
CA ARG H 359 -20.11 28.72 -1.73
C ARG H 359 -21.49 29.32 -2.00
N GLU H 360 -22.38 28.55 -2.64
CA GLU H 360 -23.73 29.04 -2.93
C GLU H 360 -24.65 28.65 -1.77
N PHE H 361 -24.44 29.33 -0.65
CA PHE H 361 -25.20 29.06 0.56
C PHE H 361 -26.06 30.25 0.93
N THR H 362 -27.05 29.99 1.80
CA THR H 362 -27.98 30.98 2.28
C THR H 362 -27.84 31.13 3.79
N PRO H 363 -27.81 32.36 4.31
CA PRO H 363 -27.68 32.55 5.76
C PRO H 363 -28.88 31.99 6.49
N PRO H 364 -28.78 31.76 7.80
CA PRO H 364 -29.94 31.29 8.56
C PRO H 364 -31.09 32.27 8.47
N LEU H 365 -32.31 31.72 8.45
CA LEU H 365 -33.50 32.54 8.30
C LEU H 365 -33.93 33.22 9.59
N TYR H 366 -33.32 32.87 10.71
CA TYR H 366 -33.66 33.47 12.00
C TYR H 366 -32.41 34.07 12.63
N ASP H 367 -32.61 35.17 13.34
CA ASP H 367 -31.47 35.90 13.91
C ASP H 367 -30.87 35.11 15.06
N PRO H 368 -29.56 34.87 15.05
CA PRO H 368 -28.93 34.21 16.21
C PRO H 368 -29.03 35.00 17.49
N SER H 369 -29.24 36.31 17.41
CA SER H 369 -29.22 37.16 18.60
C SER H 369 -30.31 36.82 19.59
N GLU H 370 -31.33 36.08 19.18
CA GLU H 370 -32.42 35.70 20.07
C GLU H 370 -32.30 34.25 20.54
N ILE H 371 -31.17 33.58 20.26
CA ILE H 371 -30.99 32.21 20.74
C ILE H 371 -31.13 32.14 22.24
N GLY H 372 -30.56 33.13 22.95
CA GLY H 372 -30.66 33.16 24.39
C GLY H 372 -32.07 33.18 24.91
N GLY H 373 -33.03 33.63 24.10
CA GLY H 373 -34.42 33.60 24.53
C GLY H 373 -34.92 32.19 24.78
N PHE H 374 -34.41 31.23 24.04
CA PHE H 374 -34.83 29.84 24.18
C PHE H 374 -34.06 29.09 25.26
N ILE H 375 -32.99 29.66 25.80
CA ILE H 375 -32.11 28.96 26.74
C ILE H 375 -32.59 29.25 28.16
N PRO H 376 -33.04 28.25 28.90
CA PRO H 376 -33.52 28.47 30.27
C PRO H 376 -32.34 28.57 31.24
N ASP H 377 -32.68 28.70 32.52
CA ASP H 377 -31.68 28.79 33.57
C ASP H 377 -31.20 27.40 33.91
N MET H 378 -29.94 27.10 33.57
CA MET H 378 -29.39 25.77 33.86
C MET H 378 -29.20 25.55 35.35
N GLY H 379 -28.85 26.59 36.10
CA GLY H 379 -28.77 26.46 37.53
C GLY H 379 -30.10 26.77 38.20
N ALA H 380 -30.86 25.72 38.51
CA ALA H 380 -32.17 25.89 39.11
C ALA H 380 -32.55 24.60 39.80
N ASP H 381 -33.52 24.70 40.71
CA ASP H 381 -34.01 23.50 41.40
C ASP H 381 -34.63 22.52 40.42
N VAL H 382 -35.47 23.03 39.51
CA VAL H 382 -36.05 22.22 38.44
C VAL H 382 -35.72 22.91 37.13
N VAL H 383 -34.97 22.22 36.27
CA VAL H 383 -34.50 22.80 35.01
C VAL H 383 -35.54 22.54 33.93
N LYS H 384 -35.99 23.62 33.28
CA LYS H 384 -36.96 23.49 32.21
C LYS H 384 -36.31 22.92 30.96
N GLY H 385 -37.15 22.30 30.12
CA GLY H 385 -36.70 21.75 28.86
C GLY H 385 -37.07 22.66 27.70
N PHE H 386 -36.27 22.58 26.63
CA PHE H 386 -36.50 23.37 25.44
C PHE H 386 -36.17 22.53 24.22
N ASP H 387 -36.65 22.97 23.07
CA ASP H 387 -36.38 22.29 21.81
C ASP H 387 -35.07 22.82 21.24
N VAL H 388 -34.10 21.92 21.05
CA VAL H 388 -32.81 22.32 20.53
C VAL H 388 -32.89 22.73 19.06
N ARG H 389 -33.96 22.33 18.37
CA ARG H 389 -34.11 22.71 16.97
C ARG H 389 -34.19 24.22 16.80
N ALA H 390 -34.82 24.91 17.76
CA ALA H 390 -34.84 26.36 17.72
C ALA H 390 -33.44 26.94 17.70
N VAL H 391 -32.48 26.28 18.36
CA VAL H 391 -31.09 26.69 18.24
C VAL H 391 -30.56 26.36 16.86
N ILE H 392 -30.85 25.16 16.37
CA ILE H 392 -30.30 24.71 15.08
C ILE H 392 -30.79 25.61 13.96
N ALA H 393 -32.04 26.06 14.04
CA ALA H 393 -32.60 26.93 13.02
C ALA H 393 -31.83 28.25 12.93
N ARG H 394 -31.11 28.64 13.97
CA ARG H 394 -30.38 29.90 13.99
C ARG H 394 -28.89 29.72 13.76
N LEU H 395 -28.46 28.54 13.32
CA LEU H 395 -27.04 28.26 13.10
C LEU H 395 -26.72 27.70 11.72
N VAL H 396 -27.67 27.08 11.02
CA VAL H 396 -27.36 26.35 9.80
C VAL H 396 -27.89 27.12 8.60
N ASP H 397 -27.37 26.75 7.43
CA ASP H 397 -27.69 27.47 6.20
C ASP H 397 -29.16 27.36 5.85
N GLY H 398 -29.82 28.50 5.72
CA GLY H 398 -31.21 28.54 5.30
C GLY H 398 -32.17 27.88 6.27
N SER H 399 -31.70 27.63 7.49
CA SER H 399 -32.49 26.94 8.52
C SER H 399 -33.01 25.59 8.02
N GLU H 400 -32.26 24.94 7.15
CA GLU H 400 -32.64 23.66 6.59
C GLU H 400 -32.00 22.54 7.38
N PHE H 401 -32.76 21.48 7.62
CA PHE H 401 -32.31 20.42 8.53
C PHE H 401 -33.08 19.15 8.18
N ASP H 402 -32.36 18.14 7.67
CA ASP H 402 -32.97 16.86 7.34
C ASP H 402 -32.81 15.93 8.53
N GLU H 403 -33.90 15.74 9.28
CA GLU H 403 -33.85 14.93 10.48
C GLU H 403 -33.78 13.45 10.15
N PHE H 404 -32.97 12.70 10.91
CA PHE H 404 -32.64 11.32 10.58
C PHE H 404 -33.73 10.35 11.02
N LYS H 405 -34.00 10.28 12.33
CA LYS H 405 -35.08 9.45 12.86
C LYS H 405 -35.94 10.35 13.75
N LYS H 406 -36.89 11.04 13.13
CA LYS H 406 -37.64 12.06 13.84
C LYS H 406 -38.55 11.47 14.92
N LEU H 407 -38.96 10.22 14.78
CA LEU H 407 -39.97 9.64 15.66
C LEU H 407 -39.42 8.54 16.55
N TYR H 408 -38.13 8.20 16.45
CA TYR H 408 -37.58 7.08 17.21
C TYR H 408 -36.81 7.53 18.44
N GLY H 409 -35.81 8.38 18.28
CA GLY H 409 -35.04 8.86 19.41
C GLY H 409 -35.87 9.77 20.30
N ASP H 410 -36.34 10.88 19.73
CA ASP H 410 -37.30 11.79 20.36
C ASP H 410 -36.68 12.52 21.55
N THR H 411 -35.45 12.16 21.91
CA THR H 411 -34.67 12.91 22.88
C THR H 411 -33.25 13.17 22.41
N LEU H 412 -32.86 12.62 21.27
CA LEU H 412 -31.59 12.93 20.63
C LEU H 412 -31.90 13.27 19.18
N VAL H 413 -31.67 14.52 18.80
CA VAL H 413 -31.97 14.97 17.45
C VAL H 413 -30.73 14.77 16.58
N CYS H 414 -30.86 13.94 15.56
CA CYS H 414 -29.79 13.68 14.62
C CYS H 414 -30.24 14.10 13.23
N GLY H 415 -29.38 14.80 12.52
CA GLY H 415 -29.78 15.26 11.20
C GLY H 415 -28.61 15.80 10.42
N PHE H 416 -28.90 16.22 9.19
CA PHE H 416 -27.91 16.80 8.30
C PHE H 416 -28.20 18.28 8.09
N ALA H 417 -27.14 19.07 8.04
CA ALA H 417 -27.27 20.50 7.81
C ALA H 417 -26.01 20.98 7.09
N ARG H 418 -25.95 22.28 6.83
CA ARG H 418 -24.81 22.85 6.16
C ARG H 418 -24.40 24.16 6.83
N PHE H 419 -23.09 24.35 6.96
CA PHE H 419 -22.50 25.58 7.44
C PHE H 419 -21.70 26.19 6.30
N GLU H 420 -22.22 27.27 5.73
CA GLU H 420 -21.59 27.95 4.59
C GLU H 420 -21.27 26.97 3.47
N GLY H 421 -22.21 26.06 3.21
CA GLY H 421 -22.06 25.09 2.15
C GLY H 421 -21.35 23.80 2.54
N MET H 422 -20.84 23.70 3.75
CA MET H 422 -20.16 22.49 4.20
C MET H 422 -21.15 21.57 4.90
N LEU H 423 -21.28 20.35 4.40
CA LEU H 423 -22.24 19.41 4.95
C LEU H 423 -21.74 18.86 6.29
N VAL H 424 -22.63 18.86 7.29
CA VAL H 424 -22.29 18.47 8.65
C VAL H 424 -23.43 17.66 9.23
N GLY H 425 -23.09 16.58 9.93
CA GLY H 425 -24.07 15.84 10.71
C GLY H 425 -24.14 16.41 12.11
N ILE H 426 -25.34 16.70 12.56
CA ILE H 426 -25.60 17.32 13.86
C ILE H 426 -26.26 16.29 14.77
N VAL H 427 -25.66 16.10 15.94
CA VAL H 427 -26.24 15.29 17.02
C VAL H 427 -26.41 16.21 18.22
N ALA H 428 -27.65 16.39 18.67
CA ALA H 428 -27.96 17.30 19.75
C ALA H 428 -28.83 16.60 20.79
N ASN H 429 -28.62 16.95 22.05
CA ASN H 429 -29.43 16.39 23.12
C ASN H 429 -30.76 17.14 23.22
N ASN H 430 -31.83 16.39 23.48
CA ASN H 430 -33.16 16.97 23.60
C ASN H 430 -33.92 16.36 24.77
N GLY H 431 -33.20 15.90 25.79
CA GLY H 431 -33.82 15.28 26.94
C GLY H 431 -32.94 14.15 27.47
N ILE H 432 -33.57 13.27 28.24
CA ILE H 432 -32.86 12.15 28.83
C ILE H 432 -32.52 11.13 27.76
N LEU H 433 -31.30 10.60 27.82
CA LEU H 433 -30.88 9.55 26.89
C LEU H 433 -31.54 8.23 27.26
N TYR H 434 -32.11 7.57 26.27
CA TYR H 434 -32.68 6.24 26.40
C TYR H 434 -31.87 5.26 25.56
N SER H 435 -32.26 3.98 25.61
CA SER H 435 -31.63 2.98 24.76
C SER H 435 -31.89 3.29 23.29
N GLU H 436 -33.12 3.69 22.96
CA GLU H 436 -33.44 4.02 21.58
C GLU H 436 -32.63 5.22 21.09
N SER H 437 -32.50 6.24 21.95
CA SER H 437 -31.74 7.42 21.56
C SER H 437 -30.26 7.09 21.37
N ALA H 438 -29.71 6.26 22.24
CA ALA H 438 -28.31 5.86 22.09
C ALA H 438 -28.09 5.05 20.82
N LEU H 439 -29.01 4.12 20.53
CA LEU H 439 -28.91 3.35 19.29
C LEU H 439 -29.00 4.27 18.07
N LYS H 440 -29.93 5.22 18.11
CA LYS H 440 -30.08 6.17 17.01
C LYS H 440 -28.82 7.00 16.82
N GLY H 441 -28.23 7.48 17.92
CA GLY H 441 -27.00 8.24 17.81
C GLY H 441 -25.86 7.42 17.25
N ALA H 442 -25.72 6.17 17.70
CA ALA H 442 -24.66 5.31 17.18
C ALA H 442 -24.85 5.05 15.69
N HIS H 443 -26.08 4.76 15.27
CA HIS H 443 -26.35 4.51 13.86
C HIS H 443 -26.05 5.75 13.02
N PHE H 444 -26.45 6.93 13.52
CA PHE H 444 -26.18 8.16 12.79
C PHE H 444 -24.70 8.45 12.69
N VAL H 445 -23.95 8.19 13.77
CA VAL H 445 -22.51 8.42 13.73
C VAL H 445 -21.84 7.48 12.74
N GLU H 446 -22.27 6.22 12.71
CA GLU H 446 -21.75 5.28 11.71
C GLU H 446 -22.08 5.75 10.30
N LEU H 447 -23.30 6.23 10.09
CA LEU H 447 -23.71 6.70 8.77
C LEU H 447 -22.86 7.88 8.32
N CYS H 448 -22.60 8.82 9.22
CA CYS H 448 -21.75 9.96 8.88
C CYS H 448 -20.30 9.54 8.66
N SER H 449 -19.82 8.57 9.44
CA SER H 449 -18.44 8.11 9.27
C SER H 449 -18.25 7.43 7.93
N HIS H 450 -19.22 6.63 7.49
CA HIS H 450 -19.11 5.98 6.19
C HIS H 450 -19.12 6.98 5.03
N ARG H 451 -19.62 8.19 5.26
CA ARG H 451 -19.70 9.20 4.22
C ARG H 451 -18.67 10.31 4.38
N ASN H 452 -17.77 10.21 5.37
CA ASN H 452 -16.78 11.25 5.65
C ASN H 452 -17.44 12.60 5.90
N ILE H 453 -18.57 12.58 6.59
CA ILE H 453 -19.30 13.79 6.95
C ILE H 453 -18.87 14.21 8.35
N PRO H 454 -18.38 15.44 8.54
CA PRO H 454 -18.01 15.87 9.89
C PRO H 454 -19.20 15.90 10.82
N LEU H 455 -18.93 15.68 12.10
CA LEU H 455 -19.96 15.60 13.12
C LEU H 455 -19.94 16.83 14.01
N LEU H 456 -21.13 17.31 14.37
CA LEU H 456 -21.29 18.41 15.31
C LEU H 456 -22.19 17.95 16.44
N PHE H 457 -21.65 17.96 17.66
CA PHE H 457 -22.39 17.57 18.86
C PHE H 457 -22.80 18.81 19.62
N LEU H 458 -24.06 18.87 20.04
CA LEU H 458 -24.57 19.94 20.88
C LEU H 458 -25.00 19.30 22.19
N GLN H 459 -24.20 19.49 23.23
CA GLN H 459 -24.38 18.77 24.49
C GLN H 459 -25.24 19.57 25.45
N ASN H 460 -26.38 19.00 25.83
CA ASN H 460 -27.13 19.41 27.01
C ASN H 460 -27.70 18.12 27.59
N ILE H 461 -26.94 17.46 28.45
CA ILE H 461 -27.22 16.10 28.84
C ILE H 461 -27.16 15.97 30.35
N THR H 462 -28.13 15.25 30.92
CA THR H 462 -28.22 15.00 32.36
C THR H 462 -28.31 13.51 32.63
N GLY H 463 -27.45 12.74 31.97
CA GLY H 463 -27.37 11.31 32.20
C GLY H 463 -28.42 10.51 31.46
N PHE H 464 -28.42 9.20 31.74
CA PHE H 464 -29.32 8.26 31.11
C PHE H 464 -30.55 8.04 31.98
N MET H 465 -31.47 7.22 31.48
CA MET H 465 -32.66 6.86 32.24
C MET H 465 -32.34 5.72 33.19
N VAL H 466 -32.73 5.87 34.45
CA VAL H 466 -32.44 4.88 35.47
C VAL H 466 -33.65 4.00 35.67
N GLY H 467 -33.43 2.84 36.30
CA GLY H 467 -34.52 1.93 36.57
C GLY H 467 -34.19 0.49 36.27
N LYS H 468 -34.91 -0.43 36.92
CA LYS H 468 -34.67 -1.86 36.70
C LYS H 468 -35.01 -2.26 35.26
N THR H 469 -36.12 -1.75 34.73
CA THR H 469 -36.53 -2.11 33.37
C THR H 469 -35.50 -1.65 32.35
N TYR H 470 -34.96 -0.45 32.53
CA TYR H 470 -34.04 0.11 31.54
C TYR H 470 -32.69 -0.60 31.57
N GLU H 471 -32.20 -0.94 32.77
CA GLU H 471 -30.98 -1.74 32.86
C GLU H 471 -31.20 -3.14 32.30
N GLU H 472 -32.36 -3.74 32.56
CA GLU H 472 -32.67 -5.05 32.02
C GLU H 472 -32.76 -5.03 30.50
N GLY H 473 -33.20 -3.90 29.94
CA GLY H 473 -33.24 -3.76 28.49
C GLY H 473 -31.90 -3.55 27.84
N GLY H 474 -30.85 -3.33 28.62
CA GLY H 474 -29.50 -3.21 28.09
C GLY H 474 -29.12 -1.79 27.74
N ILE H 475 -29.49 -0.83 28.60
CA ILE H 475 -29.17 0.57 28.33
C ILE H 475 -27.67 0.78 28.37
N ALA H 476 -26.95 0.07 29.24
CA ALA H 476 -25.50 0.19 29.28
C ALA H 476 -24.89 -0.29 27.97
N LYS H 477 -25.43 -1.36 27.39
CA LYS H 477 -24.91 -1.87 26.13
C LYS H 477 -25.11 -0.86 25.00
N ASN H 478 -26.28 -0.21 24.95
CA ASN H 478 -26.54 0.74 23.88
C ASN H 478 -25.73 2.03 24.07
N GLY H 479 -25.58 2.48 25.32
CA GLY H 479 -24.67 3.58 25.58
C GLY H 479 -23.25 3.25 25.18
N ALA H 480 -22.83 2.01 25.41
CA ALA H 480 -21.52 1.57 24.97
C ALA H 480 -21.41 1.58 23.45
N LYS H 481 -22.48 1.18 22.75
CA LYS H 481 -22.46 1.24 21.30
C LYS H 481 -22.27 2.67 20.81
N LEU H 482 -23.00 3.61 21.43
CA LEU H 482 -22.83 5.01 21.06
C LEU H 482 -21.41 5.50 21.34
N VAL H 483 -20.87 5.15 22.50
CA VAL H 483 -19.51 5.57 22.86
C VAL H 483 -18.50 4.99 21.90
N THR H 484 -18.65 3.72 21.53
CA THR H 484 -17.74 3.10 20.58
C THR H 484 -17.81 3.77 19.23
N ALA H 485 -19.02 4.06 18.75
CA ALA H 485 -19.18 4.72 17.46
C ALA H 485 -18.51 6.09 17.47
N VAL H 486 -18.69 6.84 18.56
CA VAL H 486 -18.08 8.16 18.64
C VAL H 486 -16.56 8.04 18.71
N SER H 487 -16.06 7.06 19.45
CA SER H 487 -14.63 6.96 19.69
C SER H 487 -13.87 6.52 18.45
N THR H 488 -14.41 5.55 17.73
CA THR H 488 -13.65 4.90 16.67
C THR H 488 -13.84 5.54 15.30
N THR H 489 -14.61 6.63 15.20
CA THR H 489 -14.77 7.29 13.92
C THR H 489 -13.56 8.17 13.61
N HIS H 490 -13.35 8.42 12.31
CA HIS H 490 -12.23 9.20 11.85
C HIS H 490 -12.60 10.55 11.26
N VAL H 491 -13.88 10.85 11.11
CA VAL H 491 -14.32 12.14 10.59
C VAL H 491 -14.03 13.21 11.63
N PRO H 492 -13.82 14.46 11.25
CA PRO H 492 -13.65 15.52 12.25
C PRO H 492 -14.90 15.68 13.10
N LYS H 493 -14.70 15.94 14.39
CA LYS H 493 -15.79 16.10 15.33
C LYS H 493 -15.63 17.42 16.07
N ILE H 494 -16.72 18.18 16.16
CA ILE H 494 -16.75 19.43 16.90
C ILE H 494 -17.91 19.36 17.88
N THR H 495 -17.64 19.62 19.15
CA THR H 495 -18.66 19.56 20.18
C THR H 495 -18.77 20.92 20.87
N ILE H 496 -20.00 21.31 21.18
CA ILE H 496 -20.29 22.56 21.88
C ILE H 496 -21.22 22.26 23.04
N ILE H 497 -20.84 22.68 24.24
CA ILE H 497 -21.66 22.50 25.43
C ILE H 497 -22.60 23.69 25.50
N ILE H 498 -23.87 23.47 25.15
CA ILE H 498 -24.86 24.54 25.16
C ILE H 498 -25.61 24.51 26.48
N GLY H 499 -25.74 23.33 27.07
CA GLY H 499 -26.42 23.19 28.34
C GLY H 499 -25.56 22.61 29.43
N GLY H 500 -25.90 21.42 29.90
CA GLY H 500 -25.12 20.74 30.92
C GLY H 500 -24.58 19.42 30.38
N SER H 501 -23.36 19.08 30.78
CA SER H 501 -22.74 17.81 30.45
C SER H 501 -22.41 17.10 31.76
N TYR H 502 -23.16 16.05 32.07
CA TYR H 502 -23.07 15.38 33.36
C TYR H 502 -22.86 13.90 33.16
N GLY H 503 -21.77 13.38 33.75
CA GLY H 503 -21.58 11.94 33.87
C GLY H 503 -21.35 11.24 32.54
N ALA H 504 -21.75 9.96 32.51
CA ALA H 504 -21.49 9.12 31.35
C ALA H 504 -22.14 9.65 30.09
N GLY H 505 -23.23 10.41 30.23
CA GLY H 505 -23.83 11.02 29.07
C GLY H 505 -22.85 11.91 28.31
N ASN H 506 -22.04 12.67 29.06
CA ASN H 506 -20.96 13.42 28.45
C ASN H 506 -20.10 12.53 27.57
N TYR H 507 -19.73 11.36 28.11
CA TYR H 507 -18.92 10.41 27.34
C TYR H 507 -19.63 9.99 26.05
N GLY H 508 -20.94 9.83 26.11
CA GLY H 508 -21.67 9.45 24.92
C GLY H 508 -21.82 10.56 23.90
N MET H 509 -21.49 11.79 24.27
CA MET H 509 -21.72 12.94 23.40
C MET H 509 -20.42 13.62 23.00
N CYS H 510 -19.36 12.82 22.83
CA CYS H 510 -18.06 13.32 22.37
C CYS H 510 -17.51 14.40 23.31
N GLY H 511 -17.21 13.99 24.54
CA GLY H 511 -16.61 14.89 25.49
C GLY H 511 -15.14 15.12 25.18
N ARG H 512 -14.48 15.78 26.13
CA ARG H 512 -13.08 16.13 25.95
C ARG H 512 -12.19 14.90 25.79
N ALA H 513 -12.54 13.80 26.45
CA ALA H 513 -11.72 12.60 26.44
C ALA H 513 -11.80 11.83 25.12
N PHE H 514 -12.71 12.20 24.22
CA PHE H 514 -12.95 11.41 23.02
C PHE H 514 -12.39 12.10 21.77
N GLY H 515 -11.49 13.06 21.94
CA GLY H 515 -10.77 13.65 20.85
C GLY H 515 -11.58 14.35 19.78
N PRO H 516 -12.47 15.27 20.15
CA PRO H 516 -13.00 16.18 19.14
C PRO H 516 -11.93 17.15 18.67
N ARG H 517 -12.07 17.61 17.44
CA ARG H 517 -11.13 18.60 16.92
C ARG H 517 -11.16 19.86 17.76
N PHE H 518 -12.35 20.33 18.13
CA PHE H 518 -12.52 21.51 18.95
C PHE H 518 -13.69 21.29 19.90
N LEU H 519 -13.64 21.97 21.04
CA LEU H 519 -14.70 21.91 22.03
C LEU H 519 -14.87 23.28 22.66
N PHE H 520 -16.08 23.82 22.58
CA PHE H 520 -16.38 25.15 23.11
C PHE H 520 -17.58 25.06 24.05
N MET H 521 -17.63 25.99 24.99
CA MET H 521 -18.71 26.07 25.96
C MET H 521 -19.38 27.43 25.88
N TRP H 522 -20.71 27.44 25.97
CA TRP H 522 -21.44 28.68 26.12
C TRP H 522 -21.32 29.17 27.56
N PRO H 523 -21.49 30.49 27.78
CA PRO H 523 -21.30 31.02 29.13
C PRO H 523 -22.26 30.47 30.16
N ASN H 524 -23.38 29.90 29.75
CA ASN H 524 -24.33 29.31 30.68
C ASN H 524 -24.06 27.84 30.94
N ALA H 525 -23.08 27.25 30.27
CA ALA H 525 -22.86 25.81 30.34
C ALA H 525 -22.27 25.40 31.67
N ARG H 526 -22.59 24.17 32.09
CA ARG H 526 -22.04 23.57 33.30
C ARG H 526 -21.59 22.15 32.99
N ILE H 527 -20.40 21.80 33.46
CA ILE H 527 -19.84 20.46 33.26
C ILE H 527 -19.42 19.90 34.61
N SER H 528 -19.91 18.71 34.93
CA SER H 528 -19.62 18.08 36.21
C SER H 528 -19.84 16.58 36.07
N VAL H 529 -19.34 15.83 37.05
CA VAL H 529 -19.58 14.39 37.08
C VAL H 529 -21.07 14.10 37.28
N MET H 530 -21.80 15.03 37.87
CA MET H 530 -23.25 14.90 38.03
C MET H 530 -23.81 16.28 38.30
N GLY H 531 -25.13 16.40 38.13
CA GLY H 531 -25.78 17.68 38.36
C GLY H 531 -25.69 18.11 39.81
N GLY H 532 -25.75 19.43 40.02
CA GLY H 532 -25.62 19.96 41.36
C GLY H 532 -26.75 19.51 42.28
N ASN H 533 -28.00 19.60 41.79
CA ASN H 533 -29.12 19.09 42.56
C ASN H 533 -29.02 17.58 42.76
N GLN H 534 -28.64 16.86 41.70
CA GLN H 534 -28.46 15.42 41.80
C GLN H 534 -27.36 15.08 42.79
N ALA H 535 -26.24 15.80 42.72
CA ALA H 535 -25.15 15.55 43.66
C ALA H 535 -25.61 15.80 45.10
N ALA H 536 -26.32 16.90 45.34
CA ALA H 536 -26.79 17.20 46.68
C ALA H 536 -27.71 16.11 47.20
N THR H 537 -28.71 15.73 46.39
CA THR H 537 -29.66 14.72 46.82
C THR H 537 -28.98 13.38 47.10
N VAL H 538 -28.13 12.94 46.18
CA VAL H 538 -27.50 11.63 46.33
C VAL H 538 -26.55 11.62 47.51
N LEU H 539 -25.74 12.67 47.68
CA LEU H 539 -24.82 12.71 48.79
C LEU H 539 -25.56 12.78 50.13
N ALA H 540 -26.65 13.54 50.19
CA ALA H 540 -27.42 13.60 51.43
C ALA H 540 -28.04 12.24 51.75
N LEU H 541 -28.58 11.56 50.74
CA LEU H 541 -29.22 10.27 50.98
C LEU H 541 -28.20 9.20 51.37
N THR H 542 -27.04 9.21 50.74
CA THR H 542 -26.04 8.19 51.02
C THR H 542 -25.38 8.39 52.38
N ASN H 543 -25.08 9.64 52.73
CA ASN H 543 -24.37 9.92 53.98
C ASN H 543 -25.28 9.71 55.18
N SER H 544 -25.24 8.52 55.77
CA SER H 544 -26.06 8.23 56.94
C SER H 544 -25.51 8.89 58.20
N LYS H 545 -24.24 9.26 58.21
CA LYS H 545 -23.67 9.96 59.36
C LYS H 545 -24.31 11.32 59.55
N LEU H 546 -24.72 11.96 58.46
CA LEU H 546 -25.27 13.31 58.54
C LEU H 546 -26.56 13.32 59.36
N ARG H 547 -26.67 14.28 60.28
CA ARG H 547 -27.84 14.42 61.12
C ARG H 547 -28.92 15.21 60.40
N GLU H 548 -30.17 15.05 60.86
CA GLU H 548 -31.28 15.78 60.27
C GLU H 548 -31.13 17.27 60.46
N ASN H 549 -30.48 17.69 61.56
CA ASN H 549 -30.29 19.12 61.82
C ASN H 549 -29.30 19.76 60.86
N GLU H 550 -28.46 18.97 60.20
CA GLU H 550 -27.41 19.48 59.32
C GLU H 550 -27.60 19.00 57.89
N VAL H 551 -28.83 19.00 57.40
CA VAL H 551 -29.11 18.57 56.04
C VAL H 551 -29.06 19.74 55.05
N GLN H 552 -29.75 20.83 55.38
CA GLN H 552 -29.81 21.95 54.45
C GLN H 552 -28.44 22.57 54.22
N ASP H 553 -27.64 22.71 55.28
CA ASP H 553 -26.31 23.28 55.12
C ASP H 553 -25.43 22.41 54.25
N PHE H 554 -25.49 21.10 54.43
CA PHE H 554 -24.70 20.19 53.61
C PHE H 554 -25.09 20.28 52.14
N LYS H 555 -26.40 20.29 51.86
CA LYS H 555 -26.88 20.41 50.49
C LYS H 555 -26.45 21.74 49.88
N ALA H 556 -26.57 22.83 50.64
CA ALA H 556 -26.14 24.13 50.13
C ALA H 556 -24.65 24.14 49.83
N LYS H 557 -23.84 23.55 50.71
CA LYS H 557 -22.40 23.53 50.50
C LYS H 557 -22.02 22.74 49.26
N VAL H 558 -22.62 21.56 49.08
CA VAL H 558 -22.27 20.75 47.92
C VAL H 558 -22.78 21.39 46.63
N ARG H 559 -23.97 22.02 46.69
CA ARG H 559 -24.48 22.73 45.52
C ARG H 559 -23.56 23.89 45.15
N SER H 560 -23.10 24.65 46.14
CA SER H 560 -22.18 25.75 45.86
C SER H 560 -20.87 25.24 45.27
N LYS H 561 -20.35 24.14 45.81
CA LYS H 561 -19.11 23.59 45.27
C LYS H 561 -19.27 23.14 43.83
N TYR H 562 -20.38 22.47 43.52
CA TYR H 562 -20.60 22.01 42.15
C TYR H 562 -20.86 23.18 41.20
N GLU H 563 -21.56 24.22 41.66
CA GLU H 563 -21.75 25.41 40.84
C GLU H 563 -20.42 26.09 40.55
N TYR H 564 -19.55 26.16 41.55
CA TYR H 564 -18.26 26.82 41.36
C TYR H 564 -17.35 26.02 40.43
N GLU H 565 -17.29 24.71 40.62
CA GLU H 565 -16.40 23.88 39.82
C GLU H 565 -17.00 23.46 38.49
N GLY H 566 -18.26 23.79 38.22
CA GLY H 566 -18.87 23.42 36.97
C GLY H 566 -19.07 24.59 36.02
N SER H 567 -18.74 25.79 36.47
CA SER H 567 -18.96 26.98 35.65
C SER H 567 -18.06 26.96 34.42
N CYS H 568 -18.46 27.75 33.42
CA CYS H 568 -17.70 27.81 32.18
C CYS H 568 -16.29 28.33 32.41
N TYR H 569 -16.14 29.32 33.29
CA TYR H 569 -14.82 29.89 33.53
C TYR H 569 -13.91 28.91 34.25
N TYR H 570 -14.46 28.12 35.18
CA TYR H 570 -13.67 27.10 35.85
C TYR H 570 -13.14 26.09 34.85
N SER H 571 -13.99 25.64 33.92
CA SER H 571 -13.55 24.72 32.89
C SER H 571 -12.52 25.36 31.98
N THR H 572 -12.74 26.61 31.59
CA THR H 572 -11.85 27.27 30.63
C THR H 572 -10.46 27.48 31.21
N ALA H 573 -10.38 27.88 32.47
CA ALA H 573 -9.07 28.12 33.08
C ALA H 573 -8.22 26.87 33.13
N ARG H 574 -8.82 25.69 33.02
CA ARG H 574 -8.11 24.42 33.13
C ARG H 574 -7.96 23.72 31.79
N LEU H 575 -8.19 24.43 30.68
CA LEU H 575 -8.01 23.89 29.34
C LEU H 575 -8.87 22.64 29.12
N TRP H 576 -10.00 22.57 29.83
CA TRP H 576 -10.97 21.51 29.60
C TRP H 576 -11.75 21.70 28.31
N ASP H 577 -11.74 22.91 27.77
CA ASP H 577 -12.37 23.23 26.49
C ASP H 577 -11.44 24.13 25.70
N ASP H 578 -11.87 24.50 24.50
CA ASP H 578 -11.11 25.42 23.66
C ASP H 578 -11.67 26.83 23.70
N GLY H 579 -12.21 27.26 24.83
CA GLY H 579 -12.69 28.60 25.01
C GLY H 579 -14.19 28.67 25.18
N VAL H 580 -14.63 29.83 25.66
CA VAL H 580 -16.04 30.14 25.85
C VAL H 580 -16.46 31.12 24.77
N ILE H 581 -17.56 30.82 24.08
CA ILE H 581 -18.03 31.65 22.99
C ILE H 581 -19.49 32.02 23.23
N ALA H 582 -19.91 33.15 22.69
CA ALA H 582 -21.29 33.56 22.79
C ALA H 582 -22.14 32.74 21.82
N PRO H 583 -23.40 32.46 22.18
CA PRO H 583 -24.26 31.69 21.28
C PRO H 583 -24.40 32.30 19.90
N GLU H 584 -24.53 33.63 19.80
CA GLU H 584 -24.72 34.27 18.50
C GLU H 584 -23.49 34.15 17.61
N ASP H 585 -22.31 33.98 18.19
CA ASP H 585 -21.10 33.74 17.41
C ASP H 585 -20.90 32.28 17.06
N THR H 586 -21.73 31.38 17.60
CA THR H 586 -21.47 29.95 17.49
C THR H 586 -21.27 29.54 16.04
N ARG H 587 -22.20 29.90 15.16
CA ARG H 587 -22.08 29.54 13.76
C ARG H 587 -20.72 29.95 13.20
N ALA H 588 -20.35 31.22 13.41
CA ALA H 588 -19.06 31.69 12.91
C ALA H 588 -17.94 30.79 13.39
N VAL H 589 -17.91 30.51 14.70
CA VAL H 589 -16.84 29.68 15.24
C VAL H 589 -16.81 28.34 14.53
N VAL H 590 -17.98 27.70 14.39
CA VAL H 590 -18.02 26.40 13.75
C VAL H 590 -17.40 26.48 12.38
N VAL H 591 -17.77 27.50 11.60
CA VAL H 591 -17.25 27.61 10.23
C VAL H 591 -15.73 27.63 10.27
N GLN H 592 -15.16 28.48 11.12
CA GLN H 592 -13.70 28.55 11.19
C GLN H 592 -13.12 27.19 11.54
N ALA H 593 -13.69 26.54 12.55
CA ALA H 593 -13.20 25.23 12.94
C ALA H 593 -13.26 24.27 11.76
N LEU H 594 -14.38 24.27 11.03
CA LEU H 594 -14.50 23.37 9.90
C LEU H 594 -13.42 23.65 8.88
N LEU H 595 -13.15 24.93 8.61
CA LEU H 595 -12.12 25.25 7.63
C LEU H 595 -10.76 24.75 8.09
N SER H 596 -10.51 24.82 9.41
CA SER H 596 -9.23 24.35 9.92
C SER H 596 -9.04 22.87 9.68
N THR H 597 -10.14 22.13 9.54
CA THR H 597 -10.05 20.70 9.30
C THR H 597 -9.94 20.34 7.82
N LEU H 598 -9.97 21.33 6.93
CA LEU H 598 -9.95 21.00 5.51
C LEU H 598 -8.57 20.55 5.04
N SER H 599 -7.51 20.90 5.76
CA SER H 599 -6.16 20.45 5.41
C SER H 599 -5.79 19.12 6.05
N ALA H 600 -6.69 18.53 6.83
CA ALA H 600 -6.41 17.25 7.46
C ALA H 600 -6.32 16.15 6.39
N PRO H 601 -5.52 15.10 6.63
CA PRO H 601 -5.37 14.01 5.66
C PRO H 601 -6.62 13.15 5.54
N ASP I 11 -29.29 81.72 -4.71
CA ASP I 11 -29.31 80.52 -5.54
C ASP I 11 -29.11 79.28 -4.68
N PHE I 12 -29.98 78.29 -4.87
CA PHE I 12 -29.92 77.07 -4.09
C PHE I 12 -28.72 76.23 -4.48
N LYS I 13 -28.11 75.61 -3.48
CA LYS I 13 -27.06 74.62 -3.71
C LYS I 13 -27.48 73.21 -3.34
N LYS I 14 -28.33 73.04 -2.32
CA LYS I 14 -28.83 71.73 -1.93
C LYS I 14 -30.32 71.81 -1.67
N VAL I 15 -31.06 70.85 -2.21
CA VAL I 15 -32.49 70.72 -2.01
C VAL I 15 -32.76 69.35 -1.40
N LEU I 16 -33.49 69.34 -0.28
CA LEU I 16 -33.85 68.11 0.41
C LEU I 16 -35.29 67.77 0.09
N VAL I 17 -35.53 66.56 -0.40
CA VAL I 17 -36.88 66.09 -0.72
C VAL I 17 -37.37 65.24 0.44
N ALA I 18 -38.50 65.61 1.01
CA ALA I 18 -39.03 64.97 2.20
C ALA I 18 -39.99 63.82 1.88
N ASN I 19 -40.18 63.49 0.61
CA ASN I 19 -41.11 62.43 0.23
C ASN I 19 -40.39 61.44 -0.68
N ARG I 20 -40.59 60.16 -0.42
CA ARG I 20 -39.99 59.10 -1.22
C ARG I 20 -40.79 58.89 -2.50
N GLY I 21 -40.41 57.88 -3.27
CA GLY I 21 -41.14 57.50 -4.45
C GLY I 21 -40.60 58.12 -5.73
N GLU I 22 -41.45 58.11 -6.75
CA GLU I 22 -41.05 58.62 -8.06
C GLU I 22 -40.95 60.13 -8.07
N ILE I 23 -41.68 60.82 -7.18
CA ILE I 23 -41.58 62.27 -7.11
C ILE I 23 -40.17 62.68 -6.68
N ALA I 24 -39.58 61.93 -5.74
CA ALA I 24 -38.21 62.21 -5.35
C ALA I 24 -37.26 62.07 -6.52
N CYS I 25 -37.45 61.03 -7.35
CA CYS I 25 -36.60 60.84 -8.51
C CYS I 25 -36.79 61.97 -9.53
N ARG I 26 -38.04 62.42 -9.70
CA ARG I 26 -38.30 63.54 -10.62
C ARG I 26 -37.59 64.81 -10.15
N VAL I 27 -37.69 65.11 -8.86
CA VAL I 27 -37.03 66.30 -8.33
C VAL I 27 -35.52 66.15 -8.43
N PHE I 28 -35.00 64.95 -8.18
CA PHE I 28 -33.56 64.73 -8.29
C PHE I 28 -33.10 64.94 -9.73
N ARG I 29 -33.87 64.47 -10.70
CA ARG I 29 -33.51 64.65 -12.10
C ARG I 29 -33.49 66.12 -12.48
N THR I 30 -34.53 66.87 -12.07
CA THR I 30 -34.56 68.27 -12.44
C THR I 30 -33.50 69.08 -11.69
N CYS I 31 -33.08 68.60 -10.51
CA CYS I 31 -31.99 69.27 -9.81
C CYS I 31 -30.65 68.97 -10.48
N ARG I 32 -30.46 67.74 -10.96
CA ARG I 32 -29.26 67.42 -11.73
C ARG I 32 -29.19 68.23 -13.01
N GLU I 33 -30.35 68.50 -13.62
CA GLU I 33 -30.38 69.39 -14.78
C GLU I 33 -29.93 70.80 -14.41
N MET I 34 -30.27 71.26 -13.22
CA MET I 34 -29.94 72.61 -12.77
C MET I 34 -28.68 72.68 -11.93
N ASN I 35 -27.96 71.58 -11.78
CA ASN I 35 -26.73 71.49 -10.99
C ASN I 35 -26.95 71.75 -9.51
N ILE I 36 -28.07 71.29 -8.95
CA ILE I 36 -28.31 71.37 -7.52
C ILE I 36 -28.04 70.02 -6.89
N ARG I 37 -27.24 70.01 -5.83
CA ARG I 37 -26.98 68.77 -5.11
C ARG I 37 -28.26 68.28 -4.43
N THR I 38 -28.46 66.96 -4.46
CA THR I 38 -29.69 66.34 -4.00
C THR I 38 -29.47 65.63 -2.67
N VAL I 39 -30.40 65.84 -1.73
CA VAL I 39 -30.38 65.18 -0.44
C VAL I 39 -31.70 64.42 -0.29
N ALA I 40 -31.60 63.14 0.10
CA ALA I 40 -32.76 62.27 0.21
C ALA I 40 -33.10 62.01 1.67
N VAL I 41 -34.28 61.45 1.88
CA VAL I 41 -34.80 61.12 3.20
C VAL I 41 -35.28 59.67 3.17
N CYS I 42 -34.94 58.91 4.19
CA CYS I 42 -35.30 57.50 4.23
C CYS I 42 -35.36 57.04 5.68
N CYS I 43 -35.79 55.80 5.87
CA CYS I 43 -35.80 55.14 7.17
C CYS I 43 -34.84 53.96 7.15
N GLU I 44 -34.68 53.32 8.31
CA GLU I 44 -33.70 52.24 8.45
C GLU I 44 -34.07 51.01 7.64
N GLY I 45 -35.29 50.91 7.14
CA GLY I 45 -35.71 49.73 6.39
C GLY I 45 -35.65 49.91 4.90
N GLU I 46 -34.81 50.83 4.41
CA GLU I 46 -34.71 51.15 2.99
C GLU I 46 -33.25 51.01 2.56
N PRO I 47 -32.75 49.78 2.40
CA PRO I 47 -31.37 49.60 1.95
C PRO I 47 -31.17 49.76 0.46
N ASN I 48 -32.24 49.63 -0.34
CA ASN I 48 -32.11 49.71 -1.80
C ASN I 48 -33.22 50.56 -2.41
N ALA I 49 -33.68 51.58 -1.70
CA ALA I 49 -34.69 52.48 -2.25
C ALA I 49 -34.12 53.24 -3.44
N LYS I 50 -34.92 53.37 -4.50
CA LYS I 50 -34.44 53.98 -5.73
C LYS I 50 -34.03 55.43 -5.52
N HIS I 51 -34.84 56.19 -4.78
CA HIS I 51 -34.51 57.60 -4.56
C HIS I 51 -33.25 57.77 -3.73
N VAL I 52 -32.98 56.85 -2.80
CA VAL I 52 -31.75 56.90 -2.04
C VAL I 52 -30.54 56.70 -2.95
N LEU I 53 -30.63 55.75 -3.88
CA LEU I 53 -29.53 55.51 -4.80
C LEU I 53 -29.35 56.65 -5.79
N GLU I 54 -30.43 57.32 -6.18
CA GLU I 54 -30.36 58.39 -7.16
C GLU I 54 -29.95 59.73 -6.57
N ALA I 55 -29.79 59.82 -5.26
CA ALA I 55 -29.44 61.07 -4.60
C ALA I 55 -27.97 61.10 -4.23
N ASP I 56 -27.43 62.32 -4.13
CA ASP I 56 -26.05 62.48 -3.70
C ASP I 56 -25.86 62.07 -2.25
N GLU I 57 -26.81 62.42 -1.38
CA GLU I 57 -26.73 62.10 0.03
C GLU I 57 -28.11 61.71 0.53
N ALA I 58 -28.14 60.96 1.62
CA ALA I 58 -29.38 60.54 2.26
C ALA I 58 -29.24 60.65 3.77
N PHE I 59 -30.36 60.86 4.44
CA PHE I 59 -30.42 60.98 5.89
C PHE I 59 -31.52 60.08 6.41
N VAL I 60 -31.20 59.24 7.38
CA VAL I 60 -32.19 58.32 7.95
C VAL I 60 -32.97 59.05 9.04
N LEU I 61 -34.28 58.89 9.03
CA LEU I 61 -35.15 59.63 9.94
C LEU I 61 -35.37 58.94 11.27
N GLY I 62 -34.89 57.71 11.44
CA GLY I 62 -35.07 56.98 12.67
C GLY I 62 -35.59 55.58 12.44
N PRO I 63 -36.45 55.10 13.35
CA PRO I 63 -37.00 53.76 13.18
C PRO I 63 -37.83 53.68 11.91
N PRO I 64 -37.90 52.51 11.29
CA PRO I 64 -38.77 52.31 10.12
C PRO I 64 -40.12 51.71 10.46
N PRO I 65 -41.07 52.45 11.02
CA PRO I 65 -42.46 52.00 10.95
C PRO I 65 -43.25 52.60 9.79
N ALA I 66 -42.60 53.40 8.95
CA ALA I 66 -43.19 54.08 7.79
C ALA I 66 -44.25 55.10 8.19
N SER I 67 -44.46 55.33 9.49
CA SER I 67 -45.40 56.32 9.97
C SER I 67 -44.71 57.47 10.68
N THR I 68 -43.92 57.18 11.71
CA THR I 68 -43.13 58.22 12.36
C THR I 68 -42.11 58.81 11.41
N SER I 69 -41.41 57.96 10.66
CA SER I 69 -40.52 58.43 9.63
C SER I 69 -41.31 59.05 8.49
N TYR I 70 -40.64 59.93 7.74
CA TYR I 70 -41.21 60.72 6.65
C TYR I 70 -42.27 61.70 7.12
N LEU I 71 -42.54 61.78 8.42
CA LEU I 71 -43.51 62.73 8.97
C LEU I 71 -42.97 63.56 10.12
N ARG I 72 -41.84 63.19 10.71
CA ARG I 72 -41.25 63.97 11.79
C ARG I 72 -40.64 65.24 11.19
N GLY I 73 -41.34 66.36 11.36
CA GLY I 73 -40.85 67.61 10.83
C GLY I 73 -39.54 68.05 11.46
N ASP I 74 -39.41 67.87 12.77
CA ASP I 74 -38.18 68.26 13.46
C ASP I 74 -37.00 67.44 12.96
N ARG I 75 -37.20 66.14 12.74
CA ARG I 75 -36.13 65.31 12.22
C ARG I 75 -35.70 65.74 10.82
N ILE I 76 -36.67 66.11 9.98
CA ILE I 76 -36.35 66.59 8.63
C ILE I 76 -35.59 67.91 8.70
N ILE I 77 -35.99 68.80 9.61
CA ILE I 77 -35.28 70.06 9.77
C ILE I 77 -33.85 69.81 10.21
N CYS I 78 -33.66 68.90 11.16
CA CYS I 78 -32.31 68.56 11.59
C CYS I 78 -31.49 67.95 10.46
N ALA I 79 -32.13 67.11 9.64
CA ALA I 79 -31.44 66.53 8.50
C ALA I 79 -30.99 67.60 7.52
N ALA I 80 -31.87 68.56 7.22
CA ALA I 80 -31.53 69.63 6.29
C ALA I 80 -30.42 70.51 6.85
N LYS I 81 -30.46 70.79 8.16
CA LYS I 81 -29.42 71.64 8.75
C LYS I 81 -28.08 70.92 8.78
N LYS I 82 -28.07 69.63 9.10
CA LYS I 82 -26.81 68.88 9.17
C LYS I 82 -26.13 68.79 7.82
N LEU I 83 -26.90 68.57 6.75
CA LEU I 83 -26.36 68.42 5.41
C LEU I 83 -26.27 69.74 4.67
N GLN I 84 -26.48 70.86 5.35
CA GLN I 84 -26.36 72.20 4.76
C GLN I 84 -27.31 72.35 3.57
N ALA I 85 -28.51 71.79 3.69
CA ALA I 85 -29.50 71.93 2.62
C ALA I 85 -29.99 73.37 2.54
N ASP I 86 -30.18 73.86 1.32
CA ASP I 86 -30.65 75.22 1.11
C ASP I 86 -32.16 75.31 1.01
N ALA I 87 -32.82 74.31 0.45
CA ALA I 87 -34.27 74.35 0.28
C ALA I 87 -34.87 73.01 0.66
N VAL I 88 -36.16 73.03 0.98
CA VAL I 88 -36.90 71.82 1.31
C VAL I 88 -38.09 71.72 0.37
N HIS I 89 -38.14 70.64 -0.41
CA HIS I 89 -39.23 70.35 -1.33
C HIS I 89 -40.00 69.15 -0.83
N PRO I 90 -41.29 69.29 -0.50
CA PRO I 90 -42.04 68.17 0.08
C PRO I 90 -42.68 67.23 -0.93
N GLY I 91 -42.66 67.54 -2.21
CA GLY I 91 -43.34 66.68 -3.17
C GLY I 91 -44.85 66.81 -3.03
N TYR I 92 -45.55 65.79 -3.51
CA TYR I 92 -47.00 65.73 -3.40
C TYR I 92 -47.47 64.64 -2.46
N GLY I 93 -46.57 64.00 -1.74
CA GLY I 93 -46.92 62.93 -0.82
C GLY I 93 -47.36 63.45 0.54
N PHE I 94 -47.05 62.67 1.57
CA PHE I 94 -47.39 63.06 2.92
C PHE I 94 -46.54 64.23 3.37
N LEU I 95 -47.06 64.97 4.36
CA LEU I 95 -46.40 66.13 4.97
C LEU I 95 -46.20 67.28 3.99
N SER I 96 -46.82 67.21 2.81
CA SER I 96 -46.71 68.27 1.82
C SER I 96 -47.84 69.30 1.91
N GLU I 97 -48.79 69.09 2.81
CA GLU I 97 -49.90 70.03 3.00
C GLU I 97 -50.06 70.46 4.45
N ASN I 98 -49.03 70.25 5.26
CA ASN I 98 -49.07 70.60 6.67
C ASN I 98 -48.51 71.99 6.86
N ALA I 99 -49.34 72.92 7.34
CA ALA I 99 -48.90 74.30 7.54
C ALA I 99 -47.85 74.39 8.62
N GLU I 100 -47.95 73.56 9.66
CA GLU I 100 -46.98 73.60 10.75
C GLU I 100 -45.59 73.23 10.24
N PHE I 101 -45.49 72.24 9.35
CA PHE I 101 -44.19 71.86 8.80
C PHE I 101 -43.58 73.00 8.00
N ALA I 102 -44.37 73.68 7.17
CA ALA I 102 -43.85 74.80 6.40
C ALA I 102 -43.42 75.94 7.31
N SER I 103 -44.20 76.21 8.36
CA SER I 103 -43.83 77.25 9.31
C SER I 103 -42.51 76.91 10.00
N ALA I 104 -42.33 75.65 10.38
CA ALA I 104 -41.08 75.22 10.99
C ALA I 104 -39.92 75.34 10.00
N VAL I 105 -40.15 75.01 8.74
CA VAL I 105 -39.10 75.14 7.72
C VAL I 105 -38.68 76.60 7.59
N LEU I 106 -39.66 77.50 7.53
CA LEU I 106 -39.34 78.92 7.43
C LEU I 106 -38.65 79.43 8.69
N ALA I 107 -39.04 78.92 9.86
CA ALA I 107 -38.46 79.40 11.11
C ALA I 107 -36.98 79.05 11.20
N ALA I 108 -36.61 77.84 10.76
CA ALA I 108 -35.21 77.40 10.84
C ALA I 108 -34.31 78.12 9.86
N GLY I 109 -34.86 78.90 8.93
CA GLY I 109 -34.08 79.57 7.91
C GLY I 109 -34.10 78.89 6.56
N LEU I 110 -34.55 77.65 6.49
CA LEU I 110 -34.65 76.96 5.21
C LEU I 110 -35.79 77.55 4.38
N LYS I 111 -35.68 77.40 3.07
CA LYS I 111 -36.68 77.92 2.14
C LYS I 111 -37.62 76.78 1.74
N PHE I 112 -38.91 76.96 2.02
CA PHE I 112 -39.91 75.97 1.67
C PHE I 112 -40.30 76.12 0.20
N VAL I 113 -40.34 75.00 -0.52
CA VAL I 113 -40.72 75.01 -1.94
C VAL I 113 -42.22 74.78 -1.99
N GLY I 114 -42.98 75.87 -1.91
CA GLY I 114 -44.41 75.79 -1.95
C GLY I 114 -45.10 77.06 -1.51
N PRO I 115 -46.39 76.98 -1.25
CA PRO I 115 -47.17 78.17 -0.88
C PRO I 115 -46.84 78.63 0.52
N PRO I 116 -47.18 79.87 0.87
CA PRO I 116 -46.99 80.32 2.24
C PRO I 116 -47.85 79.51 3.19
N PRO I 117 -47.40 79.35 4.45
CA PRO I 117 -48.17 78.52 5.40
C PRO I 117 -49.58 79.02 5.62
N ALA I 118 -49.81 80.34 5.59
CA ALA I 118 -51.15 80.86 5.81
C ALA I 118 -52.13 80.40 4.74
N ALA I 119 -51.72 80.48 3.47
CA ALA I 119 -52.58 80.05 2.38
C ALA I 119 -52.85 78.56 2.44
N MET I 120 -51.82 77.77 2.75
CA MET I 120 -51.99 76.32 2.86
C MET I 120 -52.92 75.94 4.01
N LEU I 121 -52.80 76.64 5.14
CA LEU I 121 -53.69 76.36 6.27
C LEU I 121 -55.12 76.79 5.98
N SER I 122 -55.30 77.91 5.27
CA SER I 122 -56.64 78.43 5.06
C SER I 122 -57.44 77.58 4.08
N MET I 123 -56.76 76.84 3.20
CA MET I 123 -57.43 76.08 2.16
C MET I 123 -57.52 74.59 2.47
N GLY I 124 -57.34 74.21 3.73
CA GLY I 124 -57.39 72.80 4.10
C GLY I 124 -58.53 72.47 5.04
N SER I 125 -59.33 73.46 5.39
CA SER I 125 -60.43 73.27 6.32
C SER I 125 -61.77 72.97 5.65
N LYS I 126 -61.88 73.23 4.34
CA LYS I 126 -63.06 73.00 3.51
C LYS I 126 -64.22 73.92 3.90
N SER I 127 -64.06 74.77 4.92
CA SER I 127 -65.09 75.71 5.32
C SER I 127 -64.66 77.15 5.09
N GLU I 128 -63.51 77.56 5.64
CA GLU I 128 -63.01 78.90 5.39
C GLU I 128 -62.62 79.09 3.93
N SER I 129 -62.15 78.02 3.28
CA SER I 129 -61.83 78.10 1.86
C SER I 129 -63.06 78.44 1.04
N LYS I 130 -64.21 77.84 1.37
CA LYS I 130 -65.44 78.16 0.67
C LYS I 130 -65.82 79.62 0.90
N ARG I 131 -65.66 80.12 2.12
CA ARG I 131 -65.96 81.52 2.40
C ARG I 131 -65.08 82.45 1.57
N ILE I 132 -63.78 82.15 1.51
CA ILE I 132 -62.86 82.97 0.73
C ILE I 132 -63.23 82.94 -0.75
N MET I 133 -63.56 81.74 -1.26
CA MET I 133 -63.91 81.63 -2.67
C MET I 133 -65.20 82.38 -2.98
N GLU I 134 -66.18 82.34 -2.07
CA GLU I 134 -67.40 83.11 -2.27
C GLU I 134 -67.11 84.60 -2.26
N ALA I 135 -66.28 85.07 -1.32
CA ALA I 135 -65.99 86.49 -1.23
C ALA I 135 -65.16 87.00 -2.41
N ALA I 136 -64.54 86.10 -3.17
CA ALA I 136 -63.72 86.48 -4.31
C ALA I 136 -64.50 86.56 -5.61
N GLY I 137 -65.76 86.15 -5.63
CA GLY I 137 -66.55 86.14 -6.84
C GLY I 137 -66.38 84.90 -7.70
N VAL I 138 -65.55 83.95 -7.29
CA VAL I 138 -65.39 82.70 -8.03
C VAL I 138 -66.70 81.91 -7.93
N PRO I 139 -67.17 81.31 -9.02
CA PRO I 139 -68.42 80.54 -8.96
C PRO I 139 -68.35 79.41 -7.93
N ILE I 140 -69.45 79.21 -7.23
CA ILE I 140 -69.57 78.19 -6.20
C ILE I 140 -70.76 77.30 -6.54
N VAL I 141 -70.73 76.07 -6.04
CA VAL I 141 -71.84 75.14 -6.30
C VAL I 141 -73.12 75.73 -5.71
N PRO I 142 -74.20 75.85 -6.49
CA PRO I 142 -75.42 76.47 -5.97
C PRO I 142 -76.15 75.59 -4.97
N GLY I 143 -75.70 75.59 -3.72
CA GLY I 143 -76.33 74.81 -2.69
C GLY I 143 -76.67 75.68 -1.49
N TYR I 144 -77.56 75.15 -0.65
CA TYR I 144 -77.99 75.82 0.56
C TYR I 144 -77.45 75.07 1.78
N TYR I 145 -76.82 75.82 2.69
CA TYR I 145 -76.22 75.24 3.89
C TYR I 145 -76.52 76.11 5.11
N GLY I 146 -77.64 76.82 5.09
CA GLY I 146 -77.98 77.71 6.19
C GLY I 146 -78.43 76.95 7.43
N GLU I 147 -78.52 77.69 8.53
CA GLU I 147 -78.94 77.11 9.80
C GLU I 147 -80.44 76.83 9.84
N ASP I 148 -81.21 77.45 8.97
CA ASP I 148 -82.66 77.25 8.98
C ASP I 148 -83.00 75.91 8.34
N GLN I 149 -83.64 75.04 9.12
CA GLN I 149 -84.05 73.72 8.65
C GLN I 149 -85.56 73.59 8.50
N ASN I 150 -86.26 74.72 8.38
CA ASN I 150 -87.71 74.68 8.22
C ASN I 150 -88.07 74.06 6.87
N PRO I 151 -89.05 73.15 6.82
CA PRO I 151 -89.38 72.49 5.54
C PRO I 151 -89.80 73.46 4.45
N ASP I 152 -90.53 74.52 4.79
CA ASP I 152 -90.94 75.49 3.77
C ASP I 152 -89.74 76.26 3.24
N ARG I 153 -88.84 76.69 4.14
CA ARG I 153 -87.64 77.38 3.69
C ARG I 153 -86.76 76.48 2.84
N LEU I 154 -86.63 75.21 3.23
CA LEU I 154 -85.85 74.26 2.44
C LEU I 154 -86.48 74.06 1.06
N LEU I 155 -87.80 73.97 1.00
CA LEU I 155 -88.48 73.81 -0.28
C LEU I 155 -88.27 75.05 -1.16
N HIS I 156 -88.34 76.25 -0.57
CA HIS I 156 -88.11 77.46 -1.33
C HIS I 156 -86.67 77.51 -1.85
N GLU I 157 -85.71 77.12 -1.03
CA GLU I 157 -84.31 77.09 -1.46
C GLU I 157 -84.12 76.07 -2.59
N ALA I 158 -84.78 74.92 -2.48
CA ALA I 158 -84.69 73.91 -3.55
C ALA I 158 -85.27 74.45 -4.85
N LYS I 159 -86.40 75.16 -4.77
CA LYS I 159 -86.96 75.78 -5.96
C LYS I 159 -86.01 76.81 -6.55
N THR I 160 -85.37 77.61 -5.70
CA THR I 160 -84.41 78.60 -6.19
C THR I 160 -83.22 77.94 -6.87
N ILE I 161 -82.70 76.87 -6.28
CA ILE I 161 -81.53 76.19 -6.84
C ILE I 161 -81.89 75.58 -8.20
N GLY I 162 -83.02 74.88 -8.28
CA GLY I 162 -83.42 74.23 -9.50
C GLY I 162 -83.17 72.73 -9.50
N PHE I 163 -84.23 71.95 -9.73
CA PHE I 163 -84.10 70.51 -9.77
C PHE I 163 -83.26 70.09 -10.98
N PRO I 164 -82.54 68.95 -10.89
CA PRO I 164 -82.47 68.01 -9.76
C PRO I 164 -81.62 68.52 -8.61
N VAL I 165 -81.87 68.04 -7.39
CA VAL I 165 -81.13 68.47 -6.21
C VAL I 165 -80.73 67.24 -5.41
N LEU I 166 -79.80 67.44 -4.48
CA LEU I 166 -79.28 66.39 -3.63
C LEU I 166 -79.33 66.86 -2.18
N ILE I 167 -79.74 65.97 -1.29
CA ILE I 167 -79.86 66.26 0.13
C ILE I 167 -78.82 65.42 0.87
N LYS I 168 -78.01 66.07 1.70
CA LYS I 168 -76.95 65.42 2.44
C LYS I 168 -77.08 65.73 3.93
N ALA I 169 -76.49 64.86 4.75
CA ALA I 169 -76.37 65.13 6.17
C ALA I 169 -75.19 66.04 6.43
N VAL I 170 -75.30 66.85 7.50
CA VAL I 170 -74.22 67.76 7.86
C VAL I 170 -72.97 66.97 8.23
N SER I 171 -73.15 65.90 9.02
CA SER I 171 -72.06 64.99 9.36
C SER I 171 -71.99 63.78 8.44
N GLY I 172 -72.77 63.77 7.36
CA GLY I 172 -72.78 62.63 6.47
C GLY I 172 -71.44 62.44 5.79
N GLY I 173 -71.06 61.18 5.63
CA GLY I 173 -69.82 60.84 4.95
C GLY I 173 -69.93 59.50 4.27
N GLY I 174 -69.15 59.33 3.21
CA GLY I 174 -69.16 58.10 2.45
C GLY I 174 -70.39 57.89 1.61
N GLY I 175 -71.11 58.96 1.26
CA GLY I 175 -72.31 58.86 0.47
C GLY I 175 -73.56 58.47 1.23
N LYS I 176 -73.47 58.32 2.55
CA LYS I 176 -74.63 57.93 3.34
C LYS I 176 -75.49 59.14 3.65
N GLY I 177 -76.81 58.94 3.66
CA GLY I 177 -77.73 60.02 3.94
C GLY I 177 -77.95 61.00 2.82
N MET I 178 -77.63 60.62 1.59
CA MET I 178 -77.82 61.47 0.42
C MET I 178 -79.03 60.99 -0.37
N LYS I 179 -79.95 61.91 -0.65
CA LYS I 179 -81.17 61.60 -1.39
C LYS I 179 -81.28 62.50 -2.60
N ILE I 180 -81.54 61.90 -3.75
CA ILE I 180 -81.65 62.64 -5.02
C ILE I 180 -83.12 62.95 -5.26
N VAL I 181 -83.42 64.23 -5.47
CA VAL I 181 -84.78 64.70 -5.70
C VAL I 181 -84.85 65.25 -7.12
N MET I 182 -85.74 64.68 -7.93
CA MET I 182 -85.95 65.10 -9.31
C MET I 182 -87.18 65.97 -9.49
N GLU I 183 -88.22 65.74 -8.70
CA GLU I 183 -89.47 66.49 -8.79
C GLU I 183 -89.84 67.05 -7.44
N GLU I 184 -90.59 68.15 -7.46
CA GLU I 184 -90.95 68.85 -6.22
C GLU I 184 -91.82 67.97 -5.32
N THR I 185 -92.64 67.12 -5.92
CA THR I 185 -93.55 66.27 -5.13
C THR I 185 -92.78 65.32 -4.23
N GLU I 186 -91.68 64.75 -4.74
CA GLU I 186 -90.92 63.78 -3.98
C GLU I 186 -90.10 64.42 -2.86
N PHE I 187 -90.01 65.75 -2.84
CA PHE I 187 -89.17 66.42 -1.85
C PHE I 187 -89.67 66.18 -0.43
N HIS I 188 -90.98 66.25 -0.23
CA HIS I 188 -91.53 66.11 1.12
C HIS I 188 -91.25 64.74 1.71
N LEU I 189 -91.09 63.72 0.87
CA LEU I 189 -90.76 62.39 1.36
C LEU I 189 -89.25 62.20 1.48
N MET I 190 -88.51 62.70 0.50
CA MET I 190 -87.06 62.50 0.50
C MET I 190 -86.40 63.24 1.66
N LEU I 191 -86.89 64.44 1.98
CA LEU I 191 -86.34 65.19 3.09
C LEU I 191 -86.55 64.45 4.41
N GLU I 192 -87.76 63.92 4.61
CA GLU I 192 -88.03 63.16 5.83
C GLU I 192 -87.18 61.91 5.92
N SER I 193 -87.02 61.20 4.79
CA SER I 193 -86.20 60.00 4.78
C SER I 193 -84.74 60.33 5.10
N ALA I 194 -84.22 61.41 4.52
CA ALA I 194 -82.86 61.82 4.77
C ALA I 194 -82.67 62.21 6.23
N LYS I 195 -83.64 62.92 6.80
CA LYS I 195 -83.55 63.31 8.21
C LYS I 195 -83.56 62.08 9.11
N ARG I 196 -84.42 61.10 8.80
CA ARG I 196 -84.46 59.87 9.59
C ARG I 196 -83.13 59.13 9.51
N GLU I 197 -82.57 59.02 8.30
CA GLU I 197 -81.29 58.32 8.16
C GLU I 197 -80.17 59.06 8.88
N ALA I 198 -80.16 60.40 8.81
CA ALA I 198 -79.14 61.17 9.50
C ALA I 198 -79.25 61.01 11.01
N ILE I 199 -80.48 60.99 11.53
CA ILE I 199 -80.68 60.75 12.95
C ILE I 199 -80.20 59.35 13.34
N ASN I 200 -80.52 58.34 12.53
CA ASN I 200 -80.11 56.98 12.83
C ASN I 200 -78.62 56.74 12.64
N PHE I 201 -77.93 57.60 11.92
CA PHE I 201 -76.50 57.41 11.68
C PHE I 201 -75.63 58.48 12.33
N PHE I 202 -76.09 59.73 12.40
CA PHE I 202 -75.27 60.81 12.91
C PHE I 202 -75.94 61.61 14.02
N LYS I 203 -77.18 61.30 14.39
CA LYS I 203 -77.89 61.98 15.47
C LYS I 203 -77.98 63.49 15.23
N ASP I 204 -78.20 63.87 13.98
CA ASP I 204 -78.31 65.28 13.61
C ASP I 204 -79.27 65.37 12.44
N ASP I 205 -80.45 65.96 12.67
CA ASP I 205 -81.47 66.06 11.64
C ASP I 205 -81.22 67.19 10.65
N ARG I 206 -80.23 68.04 10.90
CA ARG I 206 -79.93 69.13 9.98
C ARG I 206 -79.46 68.58 8.65
N VAL I 207 -79.91 69.22 7.56
CA VAL I 207 -79.63 68.75 6.21
C VAL I 207 -79.05 69.89 5.39
N ILE I 208 -78.38 69.51 4.30
CA ILE I 208 -77.78 70.45 3.35
C ILE I 208 -78.33 70.13 1.97
N LEU I 209 -78.84 71.15 1.28
CA LEU I 209 -79.39 71.00 -0.06
C LEU I 209 -78.41 71.58 -1.07
N GLU I 210 -78.06 70.79 -2.07
CA GLU I 210 -77.14 71.22 -3.12
C GLU I 210 -77.70 70.83 -4.47
N ARG I 211 -77.10 71.36 -5.53
CA ARG I 211 -77.52 71.01 -6.88
C ARG I 211 -76.80 69.74 -7.33
N TYR I 212 -77.57 68.75 -7.74
CA TYR I 212 -77.03 67.46 -8.15
C TYR I 212 -76.65 67.50 -9.63
N VAL I 213 -75.41 67.12 -9.92
CA VAL I 213 -74.91 67.05 -11.30
C VAL I 213 -74.98 65.60 -11.74
N MET I 214 -75.76 65.35 -12.80
CA MET I 214 -75.95 63.97 -13.25
C MET I 214 -74.74 63.43 -14.00
N HIS I 215 -74.00 64.30 -14.69
CA HIS I 215 -72.82 63.88 -15.47
C HIS I 215 -71.64 64.76 -15.10
N PRO I 216 -71.07 64.58 -13.90
CA PRO I 216 -69.96 65.44 -13.48
C PRO I 216 -68.68 65.07 -14.21
N ARG I 217 -67.79 66.07 -14.30
CA ARG I 217 -66.44 65.87 -14.81
C ARG I 217 -65.49 66.68 -13.93
N HIS I 218 -64.49 66.03 -13.36
CA HIS I 218 -63.50 66.73 -12.56
C HIS I 218 -62.46 67.35 -13.47
N ILE I 219 -62.55 68.67 -13.66
CA ILE I 219 -61.64 69.39 -14.55
C ILE I 219 -60.67 70.20 -13.70
N GLU I 220 -59.38 69.98 -13.91
CA GLU I 220 -58.34 70.61 -13.11
C GLU I 220 -57.61 71.63 -13.96
N CYS I 221 -57.48 72.85 -13.44
CA CYS I 221 -56.68 73.90 -14.03
C CYS I 221 -55.45 74.13 -13.16
N GLN I 222 -54.29 74.20 -13.78
CA GLN I 222 -53.03 74.33 -13.06
C GLN I 222 -52.51 75.75 -13.18
N ILE I 223 -52.20 76.36 -12.03
CA ILE I 223 -51.75 77.73 -11.97
C ILE I 223 -50.37 77.77 -11.34
N PHE I 224 -49.58 78.76 -11.73
CA PHE I 224 -48.24 78.95 -11.20
C PHE I 224 -48.03 80.43 -10.94
N PHE I 225 -47.66 80.76 -9.71
CA PHE I 225 -47.54 82.14 -9.27
C PHE I 225 -46.15 82.41 -8.72
N ASP I 226 -45.62 83.59 -9.05
CA ASP I 226 -44.30 84.01 -8.61
C ASP I 226 -44.38 84.64 -7.23
N SER I 227 -43.22 85.00 -6.69
CA SER I 227 -43.16 85.69 -5.40
C SER I 227 -43.58 87.15 -5.50
N PHE I 228 -43.60 87.71 -6.72
CA PHE I 228 -43.94 89.11 -6.92
C PHE I 228 -45.43 89.33 -7.16
N GLY I 229 -46.24 88.28 -7.18
CA GLY I 229 -47.66 88.38 -7.39
C GLY I 229 -48.13 88.01 -8.78
N ASN I 230 -47.21 87.86 -9.74
CA ASN I 230 -47.61 87.45 -11.08
C ASN I 230 -48.08 86.00 -11.07
N GLY I 231 -48.96 85.68 -12.02
CA GLY I 231 -49.50 84.33 -12.10
C GLY I 231 -49.87 83.98 -13.52
N VAL I 232 -49.69 82.70 -13.84
CA VAL I 232 -49.96 82.18 -15.19
C VAL I 232 -50.64 80.83 -15.06
N PHE I 233 -51.69 80.62 -15.84
CA PHE I 233 -52.39 79.34 -15.87
C PHE I 233 -51.78 78.44 -16.95
N PHE I 234 -52.04 77.14 -16.81
CA PHE I 234 -51.44 76.12 -17.68
C PHE I 234 -52.52 75.18 -18.22
N PHE I 235 -53.57 75.80 -18.77
CA PHE I 235 -54.63 75.10 -19.52
C PHE I 235 -55.41 74.21 -18.55
N GLU I 236 -55.74 72.97 -18.91
CA GLU I 236 -56.66 72.16 -18.12
C GLU I 236 -56.17 70.72 -18.10
N ARG I 237 -56.70 69.95 -17.13
CA ARG I 237 -56.44 68.53 -17.03
C ARG I 237 -57.75 67.84 -16.66
N ASP I 238 -58.02 66.70 -17.31
CA ASP I 238 -59.24 65.95 -17.07
C ASP I 238 -58.92 64.72 -16.22
N CYS I 239 -59.63 64.58 -15.11
CA CYS I 239 -59.46 63.45 -14.21
C CYS I 239 -60.79 62.70 -14.01
N SER I 240 -61.61 62.66 -15.06
CA SER I 240 -62.94 62.05 -14.94
C SER I 240 -62.86 60.56 -14.67
N VAL I 241 -61.95 59.86 -15.37
CA VAL I 241 -61.86 58.41 -15.24
C VAL I 241 -61.20 58.06 -13.91
N GLN I 242 -62.01 57.69 -12.92
CA GLN I 242 -61.51 57.36 -11.60
C GLN I 242 -62.53 56.46 -10.91
N ARG I 243 -62.10 55.86 -9.80
CA ARG I 243 -62.94 54.95 -9.04
C ARG I 243 -62.68 55.17 -7.56
N ARG I 244 -63.74 55.52 -6.82
CA ARG I 244 -63.66 55.74 -5.37
C ARG I 244 -62.57 56.73 -5.01
N HIS I 245 -62.59 57.88 -5.68
CA HIS I 245 -61.64 58.97 -5.43
C HIS I 245 -60.20 58.53 -5.64
N GLN I 246 -59.97 57.65 -6.60
CA GLN I 246 -58.63 57.19 -6.97
C GLN I 246 -58.44 57.43 -8.46
N LYS I 247 -57.60 58.40 -8.80
CA LYS I 247 -57.38 58.74 -10.20
C LYS I 247 -56.71 57.57 -10.93
N VAL I 248 -57.15 57.35 -12.17
CA VAL I 248 -56.66 56.20 -12.94
C VAL I 248 -56.03 56.67 -14.23
N ILE I 249 -56.80 57.38 -15.07
CA ILE I 249 -56.35 57.82 -16.38
C ILE I 249 -56.63 59.31 -16.51
N GLU I 250 -55.64 60.07 -16.96
CA GLU I 250 -55.77 61.51 -17.14
C GLU I 250 -55.43 61.89 -18.57
N GLU I 251 -55.97 63.02 -19.01
CA GLU I 251 -55.75 63.51 -20.36
C GLU I 251 -55.50 65.02 -20.31
N ALA I 252 -54.77 65.52 -21.30
CA ALA I 252 -54.51 66.94 -21.40
C ALA I 252 -54.30 67.32 -22.86
N PRO I 253 -55.05 68.28 -23.38
CA PRO I 253 -56.10 69.06 -22.73
C PRO I 253 -57.39 68.26 -22.60
N ALA I 254 -58.37 68.76 -21.85
CA ALA I 254 -59.63 68.04 -21.69
C ALA I 254 -60.40 68.04 -23.01
N PRO I 255 -60.74 66.88 -23.56
CA PRO I 255 -61.47 66.86 -24.83
C PRO I 255 -62.87 67.43 -24.69
N GLY I 256 -63.37 67.99 -25.79
CA GLY I 256 -64.69 68.58 -25.80
C GLY I 256 -64.81 69.91 -25.12
N LEU I 257 -63.71 70.63 -24.95
CA LEU I 257 -63.71 71.94 -24.32
C LEU I 257 -63.35 73.01 -25.35
N SER I 258 -64.20 74.02 -25.47
CA SER I 258 -63.96 75.10 -26.41
C SER I 258 -62.83 76.00 -25.92
N VAL I 259 -62.26 76.76 -26.85
CA VAL I 259 -61.18 77.68 -26.51
C VAL I 259 -61.69 78.75 -25.55
N ASP I 260 -62.89 79.27 -25.79
CA ASP I 260 -63.47 80.27 -24.89
C ASP I 260 -63.68 79.69 -23.49
N MET I 261 -64.15 78.44 -23.40
CA MET I 261 -64.34 77.82 -22.11
C MET I 261 -63.02 77.65 -21.37
N ARG I 262 -61.96 77.27 -22.09
CA ARG I 262 -60.65 77.14 -21.47
C ARG I 262 -60.14 78.50 -20.98
N ARG I 263 -60.35 79.55 -21.79
CA ARG I 263 -59.95 80.89 -21.36
C ARG I 263 -60.69 81.31 -20.10
N ARG I 264 -62.00 81.04 -20.05
CA ARG I 264 -62.80 81.39 -18.89
C ARG I 264 -62.32 80.65 -17.65
N ILE I 265 -62.06 79.34 -17.79
CA ILE I 265 -61.60 78.55 -16.65
C ILE I 265 -60.23 79.03 -16.17
N GLY I 266 -59.34 79.33 -17.11
CA GLY I 266 -58.03 79.83 -16.72
C GLY I 266 -58.10 81.18 -16.02
N ASP I 267 -58.96 82.08 -16.51
CA ASP I 267 -59.12 83.37 -15.85
C ASP I 267 -59.69 83.21 -14.45
N VAL I 268 -60.69 82.33 -14.29
CA VAL I 268 -61.25 82.08 -12.97
C VAL I 268 -60.20 81.51 -12.03
N ALA I 269 -59.39 80.57 -12.52
CA ALA I 269 -58.35 79.98 -11.70
C ALA I 269 -57.32 81.03 -11.27
N LEU I 270 -56.90 81.89 -12.20
CA LEU I 270 -55.95 82.94 -11.86
C LEU I 270 -56.54 83.90 -10.83
N THR I 271 -57.82 84.26 -11.00
CA THR I 271 -58.46 85.15 -10.03
C THR I 271 -58.53 84.51 -8.65
N ALA I 272 -58.88 83.22 -8.59
CA ALA I 272 -58.94 82.54 -7.31
C ALA I 272 -57.57 82.47 -6.63
N ALA I 273 -56.53 82.18 -7.42
CA ALA I 273 -55.19 82.12 -6.86
C ALA I 273 -54.72 83.48 -6.37
N ARG I 274 -55.06 84.55 -7.11
CA ARG I 274 -54.75 85.89 -6.64
C ARG I 274 -55.48 86.21 -5.35
N ALA I 275 -56.75 85.80 -5.25
CA ALA I 275 -57.52 86.07 -4.06
C ALA I 275 -56.94 85.34 -2.84
N VAL I 276 -56.52 84.08 -3.04
CA VAL I 276 -55.95 83.33 -1.93
C VAL I 276 -54.51 83.74 -1.62
N GLY I 277 -53.86 84.48 -2.52
CA GLY I 277 -52.49 84.85 -2.31
C GLY I 277 -51.56 83.67 -2.36
N TYR I 278 -51.46 83.03 -3.53
CA TYR I 278 -50.73 81.79 -3.69
C TYR I 278 -49.35 82.04 -4.30
N VAL I 279 -48.39 81.25 -3.85
CA VAL I 279 -47.03 81.26 -4.39
C VAL I 279 -46.65 79.83 -4.74
N GLY I 280 -46.07 79.64 -5.92
CA GLY I 280 -45.67 78.31 -6.35
C GLY I 280 -46.64 77.70 -7.35
N ALA I 281 -46.70 76.37 -7.39
CA ALA I 281 -47.57 75.65 -8.32
C ALA I 281 -48.76 75.08 -7.57
N GLY I 282 -49.97 75.38 -8.05
CA GLY I 282 -51.17 74.86 -7.44
C GLY I 282 -52.16 74.40 -8.48
N THR I 283 -53.20 73.72 -8.01
CA THR I 283 -54.24 73.20 -8.89
C THR I 283 -55.61 73.57 -8.34
N VAL I 284 -56.57 73.77 -9.23
CA VAL I 284 -57.95 74.01 -8.85
C VAL I 284 -58.84 73.06 -9.64
N GLU I 285 -59.64 72.27 -8.93
CA GLU I 285 -60.52 71.28 -9.52
C GLU I 285 -61.96 71.77 -9.42
N PHE I 286 -62.64 71.78 -10.57
CA PHE I 286 -64.03 72.18 -10.69
C PHE I 286 -64.86 70.98 -11.16
N ILE I 287 -66.15 71.04 -10.85
CA ILE I 287 -67.11 70.04 -11.30
C ILE I 287 -67.82 70.62 -12.52
N PHE I 288 -67.39 70.20 -13.70
CA PHE I 288 -67.95 70.67 -14.96
C PHE I 288 -69.11 69.77 -15.37
N ASP I 289 -70.16 70.36 -15.92
CA ASP I 289 -71.31 69.63 -16.41
C ASP I 289 -71.38 69.75 -17.92
N THR I 290 -71.52 68.60 -18.60
CA THR I 290 -71.61 68.60 -20.05
C THR I 290 -72.92 69.22 -20.52
N GLU I 291 -74.01 68.97 -19.78
CA GLU I 291 -75.31 69.47 -20.20
C GLU I 291 -75.44 70.98 -19.98
N LYS I 292 -74.98 71.46 -18.83
CA LYS I 292 -75.17 72.86 -18.47
C LYS I 292 -74.04 73.77 -18.93
N ASP I 293 -72.87 73.20 -19.27
CA ASP I 293 -71.72 73.96 -19.76
C ASP I 293 -71.32 75.05 -18.76
N GLU I 294 -71.40 74.72 -17.48
CA GLU I 294 -71.00 75.65 -16.42
C GLU I 294 -70.17 74.90 -15.39
N PHE I 295 -69.07 75.50 -14.97
CA PHE I 295 -68.17 74.90 -14.00
C PHE I 295 -68.28 75.61 -12.66
N PHE I 296 -68.16 74.83 -11.58
CA PHE I 296 -68.23 75.35 -10.23
C PHE I 296 -67.01 74.88 -9.45
N PHE I 297 -66.42 75.78 -8.68
CA PHE I 297 -65.24 75.45 -7.88
C PHE I 297 -65.55 74.31 -6.93
N MET I 298 -64.68 73.31 -6.90
CA MET I 298 -64.82 72.17 -6.01
C MET I 298 -63.73 72.12 -4.95
N GLU I 299 -62.46 72.12 -5.35
CA GLU I 299 -61.39 72.03 -4.35
C GLU I 299 -60.07 72.45 -4.97
N MET I 300 -59.26 73.16 -4.19
CA MET I 300 -57.93 73.57 -4.65
C MET I 300 -56.85 72.84 -3.87
N ASN I 301 -55.82 72.41 -4.58
CA ASN I 301 -54.67 71.73 -3.99
C ASN I 301 -53.48 72.68 -4.04
N THR I 302 -52.92 72.96 -2.87
CA THR I 302 -51.79 73.88 -2.75
C THR I 302 -50.46 73.12 -2.75
N ARG I 303 -50.26 72.34 -3.82
CA ARG I 303 -49.08 71.52 -3.97
C ARG I 303 -49.01 71.03 -5.41
N LEU I 304 -47.89 70.39 -5.73
CA LEU I 304 -47.76 69.70 -7.01
C LEU I 304 -48.68 68.48 -7.03
N GLN I 305 -48.94 67.96 -8.22
CA GLN I 305 -49.82 66.82 -8.39
C GLN I 305 -49.13 65.75 -9.23
N VAL I 306 -49.58 64.51 -9.03
CA VAL I 306 -49.04 63.37 -9.78
C VAL I 306 -49.31 63.51 -11.27
N GLU I 307 -50.34 64.27 -11.65
CA GLU I 307 -50.75 64.40 -13.04
C GLU I 307 -50.05 65.55 -13.76
N HIS I 308 -49.06 66.16 -13.13
CA HIS I 308 -48.35 67.29 -13.74
C HIS I 308 -47.58 66.93 -15.02
N PRO I 309 -47.05 65.71 -15.18
CA PRO I 309 -46.35 65.43 -16.45
C PRO I 309 -47.23 65.58 -17.68
N VAL I 310 -48.51 65.26 -17.59
CA VAL I 310 -49.38 65.38 -18.76
C VAL I 310 -49.52 66.84 -19.17
N THR I 311 -49.36 67.77 -18.23
CA THR I 311 -49.30 69.19 -18.59
C THR I 311 -47.97 69.52 -19.25
N GLU I 312 -46.88 68.92 -18.75
CA GLU I 312 -45.56 69.24 -19.29
C GLU I 312 -45.41 68.81 -20.74
N GLN I 313 -46.25 67.90 -21.20
CA GLN I 313 -46.26 67.49 -22.60
C GLN I 313 -47.28 68.27 -23.39
N CYS I 315 -47.61 71.98 -23.26
CA CYS I 315 -47.16 73.32 -22.93
C CYS I 315 -45.71 73.53 -23.36
N GLN I 316 -45.50 74.46 -24.28
CA GLN I 316 -44.18 74.78 -24.83
C GLN I 316 -43.87 76.24 -24.51
N VAL I 317 -43.21 76.46 -23.37
CA VAL I 317 -42.82 77.81 -22.98
C VAL I 317 -41.73 78.29 -23.93
N ARG I 318 -42.00 79.40 -24.63
CA ARG I 318 -41.15 79.98 -25.67
C ARG I 318 -40.51 78.92 -26.55
N GLY I 319 -41.28 77.89 -26.90
CA GLY I 319 -40.80 76.79 -27.69
C GLY I 319 -40.17 75.67 -26.89
N ARG I 320 -39.49 75.99 -25.79
CA ARG I 320 -38.89 74.97 -24.96
C ARG I 320 -39.96 74.22 -24.17
N PRO I 321 -39.81 72.90 -23.98
CA PRO I 321 -40.80 72.16 -23.19
C PRO I 321 -40.82 72.63 -21.74
N LEU I 322 -42.00 72.53 -21.13
CA LEU I 322 -42.18 72.96 -19.76
C LEU I 322 -41.56 71.97 -18.79
N ASP I 323 -40.89 72.50 -17.76
CA ASP I 323 -40.39 71.71 -16.63
C ASP I 323 -40.95 72.36 -15.38
N LEU I 324 -42.06 71.83 -14.88
CA LEU I 324 -42.78 72.48 -13.78
C LEU I 324 -41.95 72.52 -12.51
N VAL I 325 -41.21 71.45 -12.22
CA VAL I 325 -40.39 71.44 -11.01
C VAL I 325 -39.26 72.45 -11.12
N ARG I 326 -38.71 72.64 -12.32
CA ARG I 326 -37.68 73.67 -12.50
C ARG I 326 -38.24 75.05 -12.21
N LEU I 327 -39.45 75.35 -12.70
CA LEU I 327 -40.06 76.63 -12.41
C LEU I 327 -40.34 76.78 -10.91
N GLN I 328 -40.77 75.69 -10.27
CA GLN I 328 -41.03 75.74 -8.83
C GLN I 328 -39.75 76.05 -8.05
N LEU I 329 -38.64 75.42 -8.43
CA LEU I 329 -37.36 75.71 -7.79
C LEU I 329 -36.93 77.14 -8.04
N GLN I 330 -37.12 77.64 -9.27
CA GLN I 330 -36.75 79.01 -9.58
C GLN I 330 -37.56 79.99 -8.75
N THR I 331 -38.87 79.75 -8.60
CA THR I 331 -39.68 80.61 -7.76
C THR I 331 -39.25 80.54 -6.30
N ALA I 332 -38.91 79.34 -5.82
CA ALA I 332 -38.43 79.20 -4.45
C ALA I 332 -37.13 79.96 -4.24
N MET I 333 -36.27 80.01 -5.25
CA MET I 333 -35.06 80.82 -5.17
C MET I 333 -35.37 82.31 -5.13
N GLY I 334 -36.53 82.73 -5.60
CA GLY I 334 -36.88 84.14 -5.62
C GLY I 334 -36.49 84.81 -6.92
N LEU I 335 -36.93 84.25 -8.05
CA LEU I 335 -36.61 84.81 -9.35
C LEU I 335 -37.89 85.17 -10.10
N PRO I 336 -37.86 86.22 -10.90
CA PRO I 336 -39.06 86.60 -11.67
C PRO I 336 -39.38 85.59 -12.75
N LEU I 337 -40.67 85.50 -13.09
CA LEU I 337 -41.11 84.62 -14.16
C LEU I 337 -40.59 85.12 -15.50
N GLY I 338 -40.26 84.17 -16.39
CA GLY I 338 -39.74 84.55 -17.69
C GLY I 338 -40.73 85.29 -18.56
N PHE I 339 -41.97 84.82 -18.60
CA PHE I 339 -42.98 85.43 -19.45
C PHE I 339 -44.34 85.31 -18.77
N ARG I 340 -45.31 86.06 -19.30
CA ARG I 340 -46.63 86.18 -18.69
C ARG I 340 -47.71 85.84 -19.71
N GLN I 341 -48.03 84.54 -19.82
CA GLN I 341 -49.13 84.06 -20.64
C GLN I 341 -49.01 84.48 -22.11
N GLU I 342 -47.79 84.58 -22.61
CA GLU I 342 -47.57 84.95 -24.00
C GLU I 342 -46.74 83.94 -24.77
N ASP I 343 -45.74 83.34 -24.14
CA ASP I 343 -44.89 82.35 -24.78
C ASP I 343 -45.34 80.92 -24.50
N ILE I 344 -46.61 80.71 -24.19
CA ILE I 344 -47.16 79.40 -23.91
C ILE I 344 -48.07 79.00 -25.06
N SER I 345 -47.83 77.82 -25.63
CA SER I 345 -48.58 77.33 -26.76
C SER I 345 -49.05 75.91 -26.50
N MET I 346 -50.30 75.63 -26.89
CA MET I 346 -50.82 74.28 -26.80
C MET I 346 -50.16 73.40 -27.84
N SER I 347 -50.17 72.09 -27.57
CA SER I 347 -49.56 71.11 -28.46
C SER I 347 -50.50 69.91 -28.57
N GLY I 348 -49.99 68.81 -29.11
CA GLY I 348 -50.82 67.63 -29.25
C GLY I 348 -51.21 67.05 -27.91
N ALA I 349 -52.30 66.28 -27.93
CA ALA I 349 -52.84 65.72 -26.70
C ALA I 349 -51.90 64.69 -26.09
N SER I 350 -51.88 64.64 -24.77
CA SER I 350 -51.11 63.67 -24.02
C SER I 350 -52.03 62.97 -23.02
N VAL I 351 -51.72 61.70 -22.75
CA VAL I 351 -52.54 60.86 -21.89
C VAL I 351 -51.64 60.12 -20.92
N GLU I 352 -52.08 60.05 -19.66
CA GLU I 352 -51.32 59.43 -18.58
C GLU I 352 -52.12 58.29 -17.97
N ALA I 353 -51.49 57.14 -17.83
CA ALA I 353 -52.07 55.98 -17.18
C ALA I 353 -51.30 55.66 -15.90
N ARG I 354 -52.03 55.38 -14.83
CA ARG I 354 -51.46 55.13 -13.51
C ARG I 354 -51.50 53.63 -13.25
N ILE I 355 -50.34 52.98 -13.35
CA ILE I 355 -50.23 51.55 -13.11
C ILE I 355 -50.07 51.33 -11.61
N TYR I 356 -51.09 50.75 -10.98
CA TYR I 356 -51.10 50.45 -9.56
C TYR I 356 -50.67 49.00 -9.33
N ALA I 357 -50.83 48.55 -8.09
CA ALA I 357 -50.47 47.19 -7.68
C ALA I 357 -51.66 46.53 -7.00
N GLU I 358 -52.83 46.60 -7.63
CA GLU I 358 -54.05 46.03 -7.11
C GLU I 358 -54.66 45.07 -8.12
N SER I 359 -55.62 44.28 -7.66
CA SER I 359 -56.30 43.30 -8.50
C SER I 359 -57.72 43.79 -8.81
N PRO I 360 -57.98 44.26 -10.03
CA PRO I 360 -59.32 44.79 -10.33
C PRO I 360 -60.43 43.76 -10.18
N ARG I 361 -60.15 42.49 -10.46
CA ARG I 361 -61.19 41.47 -10.36
C ARG I 361 -61.70 41.32 -8.93
N ASN I 362 -60.79 41.33 -7.96
CA ASN I 362 -61.16 41.12 -6.56
C ASN I 362 -61.38 42.45 -5.84
N GLY I 363 -62.22 43.30 -6.40
CA GLY I 363 -62.58 44.54 -5.75
C GLY I 363 -61.47 45.57 -5.65
N PHE I 364 -60.48 45.50 -6.54
CA PHE I 364 -59.41 46.50 -6.60
C PHE I 364 -58.62 46.59 -5.30
N LEU I 365 -58.54 45.50 -4.56
CA LEU I 365 -57.80 45.53 -3.31
C LEU I 365 -56.29 45.57 -3.58
N PRO I 366 -55.54 46.40 -2.85
CA PRO I 366 -54.09 46.42 -3.04
C PRO I 366 -53.47 45.08 -2.67
N VAL I 367 -52.45 44.69 -3.44
CA VAL I 367 -51.72 43.44 -3.21
C VAL I 367 -50.23 43.73 -3.31
N GLY I 368 -49.45 43.07 -2.47
CA GLY I 368 -48.01 43.23 -2.47
C GLY I 368 -47.32 42.26 -3.40
N GLY I 369 -46.01 42.18 -3.25
CA GLY I 369 -45.20 41.28 -4.04
C GLY I 369 -43.82 41.87 -4.26
N ARG I 370 -43.09 41.25 -5.20
CA ARG I 370 -41.76 41.69 -5.57
C ARG I 370 -41.68 41.79 -7.08
N LEU I 371 -41.12 42.90 -7.57
CA LEU I 371 -40.98 43.13 -9.01
C LEU I 371 -39.83 42.24 -9.51
N ARG I 372 -40.16 40.97 -9.75
CA ARG I 372 -39.16 40.01 -10.18
C ARG I 372 -38.76 40.18 -11.64
N TYR I 373 -39.61 40.83 -12.45
CA TYR I 373 -39.26 41.13 -13.83
C TYR I 373 -39.98 42.41 -14.21
N LEU I 374 -39.24 43.40 -14.69
CA LEU I 374 -39.76 44.75 -14.87
C LEU I 374 -39.35 45.32 -16.23
N LYS I 375 -39.61 44.57 -17.30
CA LYS I 375 -39.23 45.08 -18.62
C LYS I 375 -40.09 46.28 -18.99
N GLU I 376 -39.47 47.46 -19.02
CA GLU I 376 -40.15 48.72 -19.30
C GLU I 376 -40.41 48.87 -20.80
N PRO I 377 -41.45 49.62 -21.17
CA PRO I 377 -41.70 49.89 -22.59
C PRO I 377 -40.63 50.83 -23.13
N PRO I 378 -40.41 50.83 -24.44
CA PRO I 378 -39.39 51.73 -25.02
C PRO I 378 -39.73 53.19 -24.80
N GLN I 379 -38.94 53.86 -23.99
CA GLN I 379 -39.20 55.24 -23.57
C GLN I 379 -38.36 56.19 -24.40
N GLY I 380 -38.92 57.37 -24.68
CA GLY I 380 -38.24 58.41 -25.40
C GLY I 380 -39.11 58.96 -26.52
N ASN I 381 -38.46 59.48 -27.55
CA ASN I 381 -39.15 60.00 -28.72
C ASN I 381 -39.24 58.90 -29.76
N ARG I 382 -40.42 58.28 -29.87
CA ARG I 382 -40.63 57.20 -30.80
C ARG I 382 -40.87 57.77 -32.20
N GLY I 383 -41.33 56.92 -33.13
CA GLY I 383 -41.51 57.36 -34.51
C GLY I 383 -42.53 58.47 -34.63
N THR I 384 -43.67 58.35 -33.94
CA THR I 384 -44.73 59.33 -34.03
C THR I 384 -45.16 59.92 -32.69
N VAL I 385 -44.80 59.30 -31.57
CA VAL I 385 -45.24 59.75 -30.25
C VAL I 385 -44.03 59.81 -29.32
N LYS I 386 -44.20 60.52 -28.22
CA LYS I 386 -43.21 60.63 -27.17
C LYS I 386 -43.70 59.90 -25.93
N VAL I 387 -42.90 58.96 -25.43
CA VAL I 387 -43.26 58.11 -24.31
C VAL I 387 -42.38 58.48 -23.12
N ARG I 388 -42.99 58.63 -21.95
CA ARG I 388 -42.27 58.97 -20.73
C ARG I 388 -42.82 58.15 -19.58
N LEU I 389 -41.96 57.36 -18.95
CA LEU I 389 -42.34 56.51 -17.82
C LEU I 389 -41.69 57.05 -16.55
N ASP I 390 -42.49 57.19 -15.49
CA ASP I 390 -42.00 57.66 -14.21
C ASP I 390 -42.35 56.63 -13.15
N THR I 391 -41.33 56.05 -12.53
CA THR I 391 -41.52 54.99 -11.55
C THR I 391 -40.55 55.17 -10.40
N GLY I 392 -40.91 54.60 -9.26
CA GLY I 392 -40.05 54.64 -8.09
C GLY I 392 -39.55 53.26 -7.70
N PHE I 393 -39.68 52.30 -8.60
CA PHE I 393 -39.27 50.93 -8.35
C PHE I 393 -38.35 50.44 -9.45
N ARG I 394 -37.40 49.60 -9.08
CA ARG I 394 -36.54 48.91 -10.03
C ARG I 394 -36.79 47.41 -9.95
N ALA I 395 -36.23 46.69 -10.92
CA ALA I 395 -36.36 45.23 -10.93
C ALA I 395 -35.71 44.64 -9.68
N GLY I 396 -36.44 43.73 -9.03
CA GLY I 396 -35.98 43.14 -7.79
C GLY I 396 -36.51 43.80 -6.54
N ASP I 397 -37.04 45.01 -6.63
CA ASP I 397 -37.64 45.65 -5.48
C ASP I 397 -38.97 45.00 -5.13
N ASP I 398 -39.30 45.01 -3.84
CA ASP I 398 -40.55 44.46 -3.35
C ASP I 398 -41.46 45.60 -2.96
N VAL I 399 -42.64 45.66 -3.59
CA VAL I 399 -43.64 46.67 -3.24
C VAL I 399 -44.46 46.14 -2.07
N LEU I 400 -44.49 46.92 -0.99
CA LEU I 400 -45.18 46.52 0.22
C LEU I 400 -46.59 47.11 0.21
N VAL I 401 -47.58 46.28 0.55
CA VAL I 401 -48.97 46.69 0.46
C VAL I 401 -49.25 47.80 1.48
N HIS I 402 -50.27 48.61 1.19
CA HIS I 402 -50.71 49.71 2.03
C HIS I 402 -49.66 50.79 2.19
N TYR I 403 -48.72 50.90 1.23
CA TYR I 403 -47.71 51.95 1.26
C TYR I 403 -47.37 52.28 -0.19
N ASP I 404 -47.95 53.38 -0.69
CA ASP I 404 -47.72 53.86 -2.05
C ASP I 404 -48.08 52.78 -3.06
N PRO I 405 -49.37 52.46 -3.23
CA PRO I 405 -49.74 51.36 -4.12
C PRO I 405 -49.40 51.60 -5.58
N MET I 406 -49.21 52.85 -5.99
CA MET I 406 -48.94 53.15 -7.40
C MET I 406 -47.58 52.60 -7.80
N ILE I 407 -47.56 51.76 -8.83
CA ILE I 407 -46.29 51.23 -9.32
C ILE I 407 -45.59 52.25 -10.20
N ALA I 408 -46.31 52.82 -11.15
CA ALA I 408 -45.68 53.77 -12.08
C ALA I 408 -46.75 54.63 -12.73
N LYS I 409 -46.30 55.64 -13.47
CA LYS I 409 -47.17 56.46 -14.30
C LYS I 409 -46.54 56.57 -15.69
N LEU I 410 -47.32 56.27 -16.71
CA LEU I 410 -46.84 56.23 -18.08
C LEU I 410 -47.61 57.26 -18.89
N VAL I 411 -46.90 58.22 -19.50
CA VAL I 411 -47.52 59.29 -20.26
C VAL I 411 -47.07 59.18 -21.72
N VAL I 412 -48.01 59.40 -22.62
CA VAL I 412 -47.76 59.34 -24.06
C VAL I 412 -48.30 60.62 -24.69
N TRP I 413 -47.47 61.29 -25.48
CA TRP I 413 -47.84 62.51 -26.18
C TRP I 413 -47.82 62.26 -27.67
N GLY I 414 -48.89 62.67 -28.35
CA GLY I 414 -49.00 62.60 -29.79
C GLY I 414 -49.42 63.93 -30.36
N ASP I 415 -50.08 63.86 -31.52
CA ASP I 415 -50.67 65.04 -32.14
C ASP I 415 -52.17 65.11 -31.96
N ASN I 416 -52.82 63.97 -31.84
CA ASN I 416 -54.26 63.90 -31.64
C ASN I 416 -54.56 62.93 -30.51
N ARG I 417 -55.77 63.01 -29.97
CA ARG I 417 -56.15 62.13 -28.88
C ARG I 417 -56.12 60.66 -29.30
N ALA I 418 -56.56 60.38 -30.52
CA ALA I 418 -56.56 59.00 -31.00
C ALA I 418 -55.14 58.45 -31.11
N THR I 419 -54.21 59.25 -31.64
CA THR I 419 -52.82 58.82 -31.74
C THR I 419 -52.22 58.61 -30.36
N ALA I 420 -52.52 59.50 -29.42
CA ALA I 420 -52.02 59.33 -28.06
C ALA I 420 -52.57 58.07 -27.42
N LEU I 421 -53.85 57.77 -27.64
CA LEU I 421 -54.42 56.54 -27.10
C LEU I 421 -53.78 55.30 -27.72
N GLU I 422 -53.53 55.32 -29.03
CA GLU I 422 -52.87 54.19 -29.67
C GLU I 422 -51.46 54.01 -29.13
N GLY I 423 -50.72 55.11 -28.95
CA GLY I 423 -49.39 55.02 -28.39
C GLY I 423 -49.41 54.49 -26.96
N LEU I 424 -50.39 54.91 -26.17
CA LEU I 424 -50.51 54.41 -24.81
C LEU I 424 -50.82 52.91 -24.80
N ARG I 425 -51.70 52.47 -25.71
CA ARG I 425 -51.99 51.05 -25.82
C ARG I 425 -50.73 50.27 -26.16
N THR I 426 -49.97 50.76 -27.14
CA THR I 426 -48.73 50.06 -27.52
C THR I 426 -47.74 50.03 -26.37
N ALA I 427 -47.59 51.13 -25.65
CA ALA I 427 -46.64 51.18 -24.55
C ALA I 427 -47.06 50.27 -23.40
N LEU I 428 -48.36 50.23 -23.08
CA LEU I 428 -48.84 49.33 -22.04
C LEU I 428 -48.67 47.88 -22.46
N ALA I 429 -48.84 47.58 -23.74
CA ALA I 429 -48.62 46.22 -24.23
C ALA I 429 -47.17 45.79 -24.04
N SER I 430 -46.24 46.75 -24.04
CA SER I 430 -44.81 46.45 -23.90
C SER I 430 -44.33 46.51 -22.46
N TYR I 431 -45.19 46.87 -21.51
CA TYR I 431 -44.81 46.97 -20.11
C TYR I 431 -45.00 45.60 -19.48
N HIS I 432 -43.92 44.87 -19.28
CA HIS I 432 -43.97 43.49 -18.80
C HIS I 432 -43.55 43.44 -17.34
N ILE I 433 -44.51 43.14 -16.46
CA ILE I 433 -44.29 43.09 -15.02
C ILE I 433 -44.62 41.69 -14.53
N VAL I 434 -43.65 41.05 -13.87
CA VAL I 434 -43.81 39.71 -13.34
C VAL I 434 -43.42 39.72 -11.87
N GLY I 435 -44.32 39.24 -11.02
CA GLY I 435 -44.11 39.17 -9.58
C GLY I 435 -45.21 39.83 -8.78
N VAL I 436 -45.86 40.84 -9.35
CA VAL I 436 -46.91 41.60 -8.68
C VAL I 436 -48.10 41.70 -9.61
N GLU I 437 -49.30 41.45 -9.09
CA GLU I 437 -50.50 41.68 -9.86
C GLU I 437 -50.69 43.16 -10.11
N THR I 438 -51.22 43.50 -11.29
CA THR I 438 -51.36 44.88 -11.71
C THR I 438 -52.71 45.05 -12.40
N ASN I 439 -52.94 46.25 -12.92
CA ASN I 439 -54.18 46.58 -13.62
C ASN I 439 -53.92 46.92 -15.09
N ILE I 440 -52.90 46.29 -15.67
CA ILE I 440 -52.59 46.55 -17.08
C ILE I 440 -53.75 46.11 -17.96
N ASP I 441 -54.33 44.94 -17.68
CA ASP I 441 -55.49 44.48 -18.44
C ASP I 441 -56.67 45.41 -18.26
N PHE I 442 -56.87 45.90 -17.04
CA PHE I 442 -57.94 46.87 -16.79
C PHE I 442 -57.71 48.16 -17.58
N LEU I 443 -56.47 48.63 -17.63
CA LEU I 443 -56.16 49.83 -18.40
C LEU I 443 -56.40 49.61 -19.88
N GLN I 444 -56.03 48.43 -20.38
CA GLN I 444 -56.28 48.11 -21.79
C GLN I 444 -57.78 48.08 -22.08
N CYS I 445 -58.56 47.49 -21.18
CA CYS I 445 -60.01 47.47 -21.36
C CYS I 445 -60.58 48.88 -21.36
N CYS I 446 -60.10 49.74 -20.44
CA CYS I 446 -60.58 51.12 -20.42
C CYS I 446 -60.22 51.86 -21.69
N LEU I 447 -58.99 51.67 -22.19
CA LEU I 447 -58.57 52.36 -23.40
C LEU I 447 -59.34 51.88 -24.62
N SER I 448 -59.64 50.59 -24.69
CA SER I 448 -60.36 50.04 -25.82
C SER I 448 -61.88 50.18 -25.69
N ASN I 449 -62.37 50.72 -24.58
CA ASN I 449 -63.80 50.88 -24.40
C ASN I 449 -64.34 51.91 -25.39
N PRO I 450 -65.43 51.61 -26.11
CA PRO I 450 -65.96 52.59 -27.07
C PRO I 450 -66.37 53.91 -26.43
N GLY I 451 -66.92 53.87 -25.22
CA GLY I 451 -67.32 55.10 -24.55
C GLY I 451 -66.15 56.02 -24.27
N PHE I 452 -65.02 55.45 -23.84
CA PHE I 452 -63.84 56.26 -23.60
C PHE I 452 -63.30 56.85 -24.89
N VAL I 453 -63.29 56.08 -25.97
CA VAL I 453 -62.72 56.56 -27.22
C VAL I 453 -63.66 57.56 -27.91
N GLU I 454 -64.94 57.56 -27.55
CA GLU I 454 -65.85 58.55 -28.12
C GLU I 454 -65.45 59.97 -27.73
N GLY I 455 -65.13 60.18 -26.47
CA GLY I 455 -64.79 61.50 -25.98
C GLY I 455 -64.86 61.61 -24.47
N GLY I 456 -65.21 62.78 -23.97
CA GLY I 456 -65.31 62.97 -22.53
C GLY I 456 -66.40 62.09 -21.93
N VAL I 457 -66.11 61.53 -20.76
CA VAL I 457 -67.03 60.64 -20.08
C VAL I 457 -67.24 61.13 -18.65
N THR I 458 -68.32 60.65 -18.03
CA THR I 458 -68.67 61.07 -16.69
C THR I 458 -67.74 60.41 -15.67
N THR I 459 -67.87 60.87 -14.42
CA THR I 459 -67.04 60.33 -13.34
C THR I 459 -67.38 58.88 -13.05
N ARG I 460 -68.66 58.51 -13.13
CA ARG I 460 -69.11 57.17 -12.81
C ARG I 460 -68.85 56.17 -13.94
N PHE I 461 -68.00 56.53 -14.92
CA PHE I 461 -67.75 55.66 -16.06
C PHE I 461 -67.21 54.30 -15.61
N ILE I 462 -66.28 54.30 -14.65
CA ILE I 462 -65.78 53.04 -14.11
C ILE I 462 -66.91 52.23 -13.51
N GLU I 463 -67.81 52.89 -12.78
CA GLU I 463 -68.96 52.19 -12.23
C GLU I 463 -70.01 51.91 -13.29
N ASP I 464 -69.92 52.55 -14.46
CA ASP I 464 -70.93 52.35 -15.49
C ASP I 464 -70.63 51.12 -16.35
N ASN I 465 -69.36 50.87 -16.64
CA ASN I 465 -68.95 49.76 -17.50
C ASN I 465 -68.18 48.71 -16.71
N SER I 466 -68.58 48.49 -15.44
CA SER I 466 -67.85 47.55 -14.60
C SER I 466 -67.88 46.14 -15.18
N VAL I 467 -69.03 45.71 -15.69
CA VAL I 467 -69.13 44.37 -16.27
C VAL I 467 -68.25 44.27 -17.51
N ASN I 468 -68.22 45.32 -18.33
CA ASN I 468 -67.44 45.27 -19.56
C ASN I 468 -65.95 45.39 -19.29
N LEU I 469 -65.56 46.27 -18.37
CA LEU I 469 -64.14 46.49 -18.10
C LEU I 469 -63.51 45.33 -17.34
N LEU I 470 -64.26 44.63 -16.50
CA LEU I 470 -63.75 43.52 -15.72
C LEU I 470 -63.88 42.19 -16.45
N GLN I 471 -63.93 42.21 -17.78
CA GLN I 471 -64.04 40.97 -18.55
C GLN I 471 -62.78 40.14 -18.38
N PRO I 472 -62.90 38.83 -18.16
CA PRO I 472 -61.71 37.98 -18.04
C PRO I 472 -60.94 37.92 -19.36
N ARG I 473 -59.63 37.74 -19.23
CA ARG I 473 -58.76 37.60 -20.39
C ARG I 473 -58.63 36.12 -20.76
N GLU I 474 -58.95 35.81 -22.01
CA GLU I 474 -58.91 34.43 -22.47
C GLU I 474 -57.47 33.97 -22.69
N ILE I 475 -57.20 32.72 -22.37
CA ILE I 475 -55.89 32.11 -22.51
C ILE I 475 -56.00 30.95 -23.50
N PRO I 476 -55.56 31.13 -24.74
CA PRO I 476 -55.61 30.04 -25.71
C PRO I 476 -54.63 28.93 -25.35
N ASN I 477 -54.91 27.74 -25.90
CA ASN I 477 -54.10 26.56 -25.59
C ASN I 477 -52.66 26.73 -26.06
N ASN I 478 -52.43 27.57 -27.07
CA ASN I 478 -51.06 27.84 -27.51
C ASN I 478 -50.24 28.46 -26.40
N VAL I 479 -50.83 29.38 -25.65
CA VAL I 479 -50.11 30.01 -24.54
C VAL I 479 -49.77 28.99 -23.47
N LEU I 480 -50.72 28.10 -23.16
CA LEU I 480 -50.46 27.06 -22.17
C LEU I 480 -49.32 26.14 -22.62
N ALA I 481 -49.34 25.73 -23.89
CA ALA I 481 -48.29 24.85 -24.40
C ALA I 481 -46.93 25.54 -24.36
N LEU I 482 -46.88 26.81 -24.79
CA LEU I 482 -45.61 27.53 -24.79
C LEU I 482 -45.10 27.74 -23.38
N ALA I 483 -45.99 28.04 -22.43
CA ALA I 483 -45.57 28.21 -21.05
C ALA I 483 -45.02 26.92 -20.48
N ALA I 484 -45.69 25.78 -20.76
CA ALA I 484 -45.19 24.50 -20.28
C ALA I 484 -43.83 24.18 -20.88
N VAL I 485 -43.66 24.43 -22.18
CA VAL I 485 -42.39 24.18 -22.84
C VAL I 485 -41.29 25.05 -22.23
N SER I 486 -41.60 26.33 -21.98
CA SER I 486 -40.62 27.22 -21.38
C SER I 486 -40.24 26.76 -19.99
N TYR I 487 -41.22 26.33 -19.19
CA TYR I 487 -40.93 25.81 -17.86
C TYR I 487 -40.03 24.59 -17.93
N LEU I 488 -40.33 23.66 -18.84
CA LEU I 488 -39.51 22.46 -18.97
C LEU I 488 -38.10 22.81 -19.42
N CYS I 489 -37.96 23.76 -20.35
CA CYS I 489 -36.63 24.17 -20.78
C CYS I 489 -35.86 24.83 -19.65
N SER I 490 -36.56 25.58 -18.80
CA SER I 490 -35.92 26.15 -17.62
C SER I 490 -35.43 25.05 -16.69
N GLN I 491 -36.23 24.00 -16.52
CA GLN I 491 -35.80 22.87 -15.70
C GLN I 491 -34.57 22.19 -16.29
N ARG I 492 -34.57 22.00 -17.61
CA ARG I 492 -33.46 21.32 -18.26
C ARG I 492 -32.20 22.17 -18.22
N GLY I 493 -31.07 21.52 -17.93
CA GLY I 493 -29.79 22.19 -18.04
C GLY I 493 -29.10 21.82 -19.34
N THR I 494 -28.00 21.08 -19.25
CA THR I 494 -27.33 20.54 -20.43
C THR I 494 -27.60 19.06 -20.61
N SER I 495 -28.45 18.47 -19.78
CA SER I 495 -28.73 17.04 -19.87
C SER I 495 -29.59 16.73 -21.08
N THR I 496 -29.35 15.56 -21.67
CA THR I 496 -30.09 15.11 -22.85
C THR I 496 -31.32 14.33 -22.41
N LEU I 497 -32.44 14.58 -23.09
CA LEU I 497 -33.68 13.85 -22.81
C LEU I 497 -33.66 12.54 -23.58
N PHE I 498 -33.41 11.44 -22.86
CA PHE I 498 -33.33 10.14 -23.51
C PHE I 498 -33.91 9.07 -22.59
N TRP I 499 -34.94 8.39 -23.08
CA TRP I 499 -35.44 7.15 -22.48
C TRP I 499 -35.50 6.16 -23.63
N PRO I 500 -34.83 5.01 -23.53
CA PRO I 500 -34.77 4.10 -24.68
C PRO I 500 -36.14 3.61 -25.10
N ASN I 501 -36.43 3.74 -26.39
CA ASN I 501 -37.67 3.26 -27.01
C ASN I 501 -38.91 3.92 -26.41
N ARG I 502 -38.76 5.14 -25.89
CA ARG I 502 -39.87 5.84 -25.26
C ARG I 502 -39.71 7.34 -25.45
N GLN I 503 -40.81 8.05 -25.28
CA GLN I 503 -40.82 9.50 -25.22
C GLN I 503 -40.87 9.94 -23.77
N ILE I 504 -40.01 10.88 -23.39
CA ILE I 504 -39.93 11.29 -22.00
C ILE I 504 -41.22 12.04 -21.64
N SER I 505 -41.84 11.63 -20.54
CA SER I 505 -43.12 12.18 -20.11
C SER I 505 -42.90 13.21 -19.01
N GLN I 506 -43.59 14.35 -19.12
CA GLN I 506 -43.50 15.42 -18.14
C GLN I 506 -44.88 16.02 -17.94
N GLY I 507 -45.06 16.68 -16.81
CA GLY I 507 -46.32 17.34 -16.53
C GLY I 507 -46.14 18.69 -15.88
N VAL I 508 -46.90 19.68 -16.31
CA VAL I 508 -46.85 21.03 -15.74
C VAL I 508 -48.25 21.44 -15.33
N CYS I 509 -48.41 21.90 -14.10
CA CYS I 509 -49.71 22.27 -13.56
C CYS I 509 -49.79 23.77 -13.40
N PHE I 510 -50.79 24.38 -14.03
CA PHE I 510 -51.09 25.79 -13.88
C PHE I 510 -52.46 25.95 -13.21
N THR I 511 -52.72 27.16 -12.72
CA THR I 511 -54.01 27.53 -12.19
C THR I 511 -54.64 28.55 -13.13
N VAL I 512 -55.79 28.21 -13.71
CA VAL I 512 -56.52 29.10 -14.60
C VAL I 512 -57.89 29.33 -13.99
N GLY I 513 -58.10 30.54 -13.45
CA GLY I 513 -59.35 30.86 -12.80
C GLY I 513 -59.68 29.96 -11.63
N GLY I 514 -58.68 29.57 -10.87
CA GLY I 514 -58.86 28.61 -9.79
C GLY I 514 -58.94 27.17 -10.24
N ASN I 515 -58.92 26.91 -11.54
CA ASN I 515 -59.00 25.54 -12.04
C ASN I 515 -57.59 24.98 -12.19
N PRO I 516 -57.30 23.83 -11.59
CA PRO I 516 -55.97 23.22 -11.73
C PRO I 516 -55.78 22.55 -13.07
N VAL I 517 -55.39 23.31 -14.09
CA VAL I 517 -55.16 22.75 -15.41
C VAL I 517 -53.81 22.05 -15.42
N VAL I 518 -53.75 20.88 -16.06
CA VAL I 518 -52.53 20.09 -16.14
C VAL I 518 -52.22 19.87 -17.61
N VAL I 519 -50.98 20.15 -17.99
CA VAL I 519 -50.49 19.94 -19.36
C VAL I 519 -49.51 18.77 -19.32
N ARG I 520 -49.85 17.72 -20.06
CA ARG I 520 -48.99 16.55 -20.20
C ARG I 520 -48.20 16.68 -21.48
N VAL I 521 -46.88 16.59 -21.38
CA VAL I 521 -45.97 16.80 -22.49
C VAL I 521 -45.15 15.55 -22.70
N THR I 522 -45.00 15.15 -23.95
CA THR I 522 -44.07 14.11 -24.34
C THR I 522 -42.97 14.75 -25.17
N VAL I 523 -41.73 14.58 -24.73
CA VAL I 523 -40.59 15.23 -25.36
C VAL I 523 -39.64 14.16 -25.88
N SER I 524 -39.12 14.38 -27.08
CA SER I 524 -38.20 13.47 -27.74
C SER I 524 -36.77 13.99 -27.60
N THR I 525 -35.82 13.21 -28.12
CA THR I 525 -34.42 13.60 -28.07
C THR I 525 -34.10 14.77 -28.98
N LYS I 526 -34.95 15.03 -29.98
CA LYS I 526 -34.76 16.13 -30.92
C LYS I 526 -35.33 17.45 -30.41
N MET I 527 -35.57 17.56 -29.10
CA MET I 527 -36.10 18.78 -28.49
C MET I 527 -37.43 19.17 -29.13
N CYS I 528 -38.31 18.20 -29.32
CA CYS I 528 -39.64 18.42 -29.88
C CYS I 528 -40.67 17.98 -28.86
N PHE I 529 -41.42 18.94 -28.33
CA PHE I 529 -42.42 18.70 -27.30
C PHE I 529 -43.79 18.55 -27.95
N THR I 530 -44.61 17.66 -27.38
CA THR I 530 -46.01 17.54 -27.77
C THR I 530 -46.85 17.63 -26.50
N CYS I 531 -47.68 18.66 -26.43
CA CYS I 531 -48.51 18.94 -25.27
C CYS I 531 -49.95 18.56 -25.59
N ASP I 532 -50.60 17.89 -24.63
CA ASP I 532 -51.94 17.36 -24.83
C ASP I 532 -52.95 18.16 -24.03
N PHE I 533 -54.01 18.60 -24.70
CA PHE I 533 -55.19 19.19 -24.10
C PHE I 533 -56.42 18.42 -24.58
N ASP I 534 -57.58 18.78 -24.04
CA ASP I 534 -58.82 18.09 -24.38
C ASP I 534 -59.08 18.14 -25.88
N SER I 535 -58.96 16.97 -26.53
CA SER I 535 -59.13 16.86 -27.97
C SER I 535 -58.23 17.83 -28.72
N SER I 536 -57.00 18.01 -28.24
CA SER I 536 -56.08 18.95 -28.86
C SER I 536 -54.65 18.52 -28.58
N SER I 537 -53.79 18.70 -29.57
CA SER I 537 -52.37 18.43 -29.42
C SER I 537 -51.57 19.55 -30.06
N VAL I 538 -50.59 20.08 -29.33
CA VAL I 538 -49.76 21.17 -29.81
C VAL I 538 -48.31 20.70 -29.84
N THR I 539 -47.68 20.82 -31.01
CA THR I 539 -46.30 20.40 -31.20
C THR I 539 -45.41 21.65 -31.26
N VAL I 540 -44.41 21.70 -30.39
CA VAL I 540 -43.50 22.82 -30.29
C VAL I 540 -42.08 22.29 -30.45
N TYR I 541 -41.38 22.75 -31.48
CA TYR I 541 -39.99 22.39 -31.69
C TYR I 541 -39.12 23.57 -31.28
N VAL I 542 -38.25 23.36 -30.30
CA VAL I 542 -37.40 24.41 -29.77
C VAL I 542 -36.10 24.42 -30.55
N GLU I 543 -35.92 25.43 -31.41
CA GLU I 543 -34.73 25.50 -32.24
C GLU I 543 -33.51 25.86 -31.40
N SER I 544 -33.63 26.87 -30.54
CA SER I 544 -32.52 27.31 -29.73
C SER I 544 -33.05 28.11 -28.55
N THR I 545 -32.20 28.25 -27.53
CA THR I 545 -32.50 29.06 -26.36
C THR I 545 -31.28 29.92 -26.04
N THR I 546 -31.54 31.06 -25.41
CA THR I 546 -30.48 32.00 -25.01
C THR I 546 -30.86 32.63 -23.69
N ASN I 547 -29.98 32.52 -22.69
CA ASN I 547 -30.25 33.07 -21.38
C ASN I 547 -29.88 34.54 -21.36
N MET I 548 -30.89 35.41 -21.31
CA MET I 548 -30.65 36.84 -21.25
C MET I 548 -30.06 37.21 -19.89
N PRO I 549 -29.30 38.31 -19.83
CA PRO I 549 -28.73 38.72 -18.53
C PRO I 549 -29.78 39.07 -17.49
N ASP I 550 -30.98 39.44 -17.90
CA ASP I 550 -32.04 39.78 -16.94
C ASP I 550 -32.82 38.53 -16.52
N SER I 551 -32.09 37.48 -16.14
CA SER I 551 -32.66 36.23 -15.62
C SER I 551 -33.82 35.69 -16.46
N SER I 552 -33.86 36.03 -17.74
CA SER I 552 -34.90 35.57 -18.65
C SER I 552 -34.26 34.76 -19.78
N THR I 553 -35.10 34.15 -20.60
CA THR I 553 -34.63 33.30 -21.69
C THR I 553 -35.35 33.64 -22.97
N PHE I 554 -34.60 33.81 -24.05
CA PHE I 554 -35.18 34.00 -25.38
C PHE I 554 -35.19 32.66 -26.10
N ILE I 555 -36.37 32.23 -26.52
CA ILE I 555 -36.57 30.91 -27.11
C ILE I 555 -37.13 31.07 -28.52
N ARG I 556 -36.50 30.42 -29.48
CA ARG I 556 -36.99 30.33 -30.84
C ARG I 556 -37.73 29.01 -30.99
N VAL I 557 -38.98 29.06 -31.45
CA VAL I 557 -39.82 27.88 -31.50
C VAL I 557 -40.51 27.80 -32.86
N THR I 558 -40.91 26.58 -33.19
CA THR I 558 -41.79 26.27 -34.31
C THR I 558 -43.00 25.55 -33.75
N VAL I 559 -44.12 26.26 -33.69
CA VAL I 559 -45.38 25.69 -33.21
C VAL I 559 -46.02 24.91 -34.35
N ASP I 560 -46.57 23.74 -33.99
CA ASP I 560 -47.08 22.73 -34.92
C ASP I 560 -45.94 22.39 -35.86
N GLY I 561 -46.05 22.60 -37.16
CA GLY I 561 -44.91 22.42 -38.03
C GLY I 561 -44.74 23.60 -38.95
N GLU I 562 -45.49 24.68 -38.68
CA GLU I 562 -45.55 25.78 -39.63
C GLU I 562 -45.54 27.17 -39.01
N THR I 563 -45.43 27.32 -37.70
CA THR I 563 -45.47 28.66 -37.11
C THR I 563 -44.16 28.95 -36.38
N ARG I 564 -43.21 29.57 -37.08
CA ARG I 564 -41.91 29.87 -36.49
C ARG I 564 -41.90 31.28 -35.93
N PHE I 565 -41.43 31.42 -34.68
CA PHE I 565 -41.26 32.74 -34.08
C PHE I 565 -40.40 32.60 -32.84
N GLY I 566 -39.91 33.74 -32.36
CA GLY I 566 -39.15 33.80 -31.12
C GLY I 566 -39.89 34.61 -30.07
N PHE I 567 -39.72 34.22 -28.81
CA PHE I 567 -40.37 34.91 -27.72
C PHE I 567 -39.46 34.91 -26.51
N THR I 568 -39.89 35.61 -25.46
CA THR I 568 -39.14 35.74 -24.22
C THR I 568 -39.94 35.12 -23.09
N SER I 569 -39.25 34.40 -22.20
CA SER I 569 -39.89 33.69 -21.11
C SER I 569 -39.17 33.97 -19.81
N PHE I 570 -39.94 34.08 -18.74
CA PHE I 570 -39.43 34.29 -17.39
C PHE I 570 -40.12 33.31 -16.46
N VAL I 571 -39.34 32.48 -15.79
CA VAL I 571 -39.86 31.40 -14.96
C VAL I 571 -39.45 31.66 -13.52
N THR I 572 -40.44 31.81 -12.64
CA THR I 572 -40.22 31.87 -11.21
C THR I 572 -40.62 30.54 -10.59
N ASP I 573 -40.64 30.48 -9.27
CA ASP I 573 -41.14 29.32 -8.57
C ASP I 573 -42.65 29.32 -8.42
N SER I 574 -43.33 30.38 -8.87
CA SER I 574 -44.77 30.50 -8.72
C SER I 574 -45.51 30.80 -10.01
N GLU I 575 -44.88 31.38 -11.02
CA GLU I 575 -45.57 31.69 -12.27
C GLU I 575 -44.59 31.64 -13.43
N VAL I 576 -45.15 31.50 -14.63
CA VAL I 576 -44.40 31.50 -15.87
C VAL I 576 -44.97 32.61 -16.76
N ALA I 577 -44.09 33.48 -17.25
CA ALA I 577 -44.49 34.60 -18.08
C ALA I 577 -43.91 34.44 -19.48
N VAL I 578 -44.74 34.66 -20.49
CA VAL I 578 -44.35 34.53 -21.89
C VAL I 578 -44.73 35.82 -22.61
N ALA I 579 -43.79 36.37 -23.38
CA ALA I 579 -44.01 37.55 -24.21
C ALA I 579 -44.11 37.09 -25.65
N LEU I 580 -45.30 36.68 -26.06
CA LEU I 580 -45.56 36.21 -27.40
C LEU I 580 -45.93 37.35 -28.32
N PRO I 581 -45.88 37.15 -29.63
CA PRO I 581 -46.39 38.19 -30.54
C PRO I 581 -47.84 38.55 -30.28
N GLN I 582 -48.61 37.61 -29.72
CA GLN I 582 -50.01 37.91 -29.37
C GLN I 582 -50.12 38.86 -28.19
N GLY I 583 -49.10 38.94 -27.35
CA GLY I 583 -49.17 39.81 -26.19
C GLY I 583 -48.26 39.30 -25.08
N PHE I 584 -48.66 39.57 -23.84
CA PHE I 584 -47.90 39.15 -22.67
C PHE I 584 -48.83 38.38 -21.75
N TYR I 585 -48.40 37.21 -21.31
CA TYR I 585 -49.22 36.35 -20.48
C TYR I 585 -48.43 35.88 -19.27
N THR I 586 -49.11 35.77 -18.13
CA THR I 586 -48.55 35.21 -16.92
C THR I 586 -49.48 34.12 -16.42
N LEU I 587 -48.99 32.89 -16.35
CA LEU I 587 -49.75 31.75 -15.86
C LEU I 587 -49.19 31.33 -14.52
N ALA I 588 -50.07 31.26 -13.52
CA ALA I 588 -49.65 30.89 -12.18
C ALA I 588 -49.56 29.38 -12.04
N LEU I 589 -48.41 28.89 -11.59
CA LEU I 589 -48.27 27.47 -11.29
C LEU I 589 -49.18 27.09 -10.13
N GLN I 590 -49.61 25.84 -10.13
CA GLN I 590 -50.43 25.33 -9.04
C GLN I 590 -49.67 25.45 -7.73
N PRO I 591 -50.18 26.17 -6.75
CA PRO I 591 -49.40 26.42 -5.52
C PRO I 591 -49.12 25.14 -4.76
N LEU I 592 -47.94 25.08 -4.14
CA LEU I 592 -47.55 23.93 -3.35
C LEU I 592 -48.30 23.93 -2.01
N ALA I 593 -48.62 22.73 -1.54
CA ALA I 593 -49.28 22.59 -0.26
C ALA I 593 -48.34 22.96 0.88
N THR I 594 -48.88 23.62 1.91
CA THR I 594 -48.09 24.02 3.06
C THR I 594 -47.98 22.93 4.12
N ASP I 595 -48.72 21.83 3.97
CA ASP I 595 -48.71 20.72 4.91
C ASP I 595 -48.15 19.46 4.27
N PHE I 596 -47.20 19.63 3.34
CA PHE I 596 -46.63 18.49 2.63
C PHE I 596 -45.86 17.61 3.60
N GLY I 597 -46.25 16.35 3.69
CA GLY I 597 -45.62 15.44 4.62
C GLY I 597 -45.80 15.81 6.08
N SER I 598 -47.00 16.25 6.44
CA SER I 598 -47.29 16.69 7.80
C SER I 598 -47.66 15.47 8.65
N THR I 599 -46.88 15.21 9.68
CA THR I 599 -47.12 14.11 10.61
C THR I 599 -47.11 14.70 12.02
N SER I 600 -48.28 15.09 12.50
CA SER I 600 -48.39 15.71 13.83
C SER I 600 -48.67 14.67 14.91
N ALA I 601 -47.90 13.60 14.91
CA ALA I 601 -47.86 12.59 15.97
C ALA I 601 -49.17 11.82 16.13
N GLN I 602 -50.21 12.21 15.40
CA GLN I 602 -51.53 11.58 15.47
C GLN I 602 -52.45 12.27 14.48
N ALA I 603 -53.56 11.60 14.16
CA ALA I 603 -54.60 12.20 13.35
C ALA I 603 -56.00 11.87 13.88
N ASN I 604 -56.11 11.26 15.05
CA ASN I 604 -57.40 10.87 15.60
C ASN I 604 -58.14 12.08 16.17
N GLY I 605 -59.47 11.98 16.18
CA GLY I 605 -60.31 13.05 16.68
C GLY I 605 -60.48 13.09 18.18
N SER I 606 -59.99 12.09 18.90
CA SER I 606 -60.08 12.04 20.36
C SER I 606 -58.75 12.32 21.05
N ALA I 607 -57.68 11.67 20.60
CA ALA I 607 -56.32 11.91 21.10
C ALA I 607 -56.23 11.69 22.61
N SER I 608 -56.47 10.44 23.01
CA SER I 608 -56.35 10.03 24.41
C SER I 608 -54.90 9.66 24.67
N VAL I 609 -54.10 10.65 25.08
CA VAL I 609 -52.68 10.46 25.31
C VAL I 609 -52.46 9.94 26.73
N LEU I 610 -51.36 9.21 26.92
CA LEU I 610 -51.02 8.62 28.21
C LEU I 610 -49.73 9.22 28.74
N SER I 611 -49.58 9.19 30.06
CA SER I 611 -48.40 9.74 30.70
C SER I 611 -47.17 8.90 30.34
N PRO I 612 -46.01 9.56 30.18
CA PRO I 612 -44.80 8.82 29.81
C PRO I 612 -44.17 8.09 30.98
N MET I 613 -44.25 8.68 32.17
CA MET I 613 -43.63 8.10 33.36
C MET I 613 -44.31 8.69 34.58
N PRO I 614 -44.20 8.04 35.74
CA PRO I 614 -44.74 8.63 36.97
C PRO I 614 -44.11 9.99 37.25
N GLY I 615 -44.94 10.90 37.73
CA GLY I 615 -44.48 12.25 38.00
C GLY I 615 -45.61 13.11 38.50
N LYS I 616 -45.32 14.40 38.66
CA LYS I 616 -46.27 15.36 39.20
C LYS I 616 -46.64 16.38 38.12
N VAL I 617 -47.94 16.54 37.89
CA VAL I 617 -48.41 17.57 36.97
C VAL I 617 -48.34 18.91 37.69
N THR I 618 -47.55 19.84 37.15
CA THR I 618 -47.28 21.09 37.85
C THR I 618 -48.21 22.22 37.42
N LYS I 619 -48.40 22.43 36.13
CA LYS I 619 -49.17 23.57 35.66
C LYS I 619 -49.84 23.21 34.33
N LEU I 620 -51.11 23.59 34.20
CA LEU I 620 -51.85 23.43 32.96
C LEU I 620 -51.63 24.69 32.12
N LEU I 621 -50.86 24.56 31.03
CA LEU I 621 -50.51 25.72 30.23
C LEU I 621 -51.70 26.28 29.46
N VAL I 622 -52.78 25.52 29.34
CA VAL I 622 -54.00 25.99 28.68
C VAL I 622 -55.17 25.74 29.61
N ALA I 623 -56.13 26.65 29.60
CA ALA I 623 -57.31 26.51 30.43
C ALA I 623 -58.19 25.36 29.93
N ASP I 624 -59.02 24.84 30.82
CA ASP I 624 -59.95 23.78 30.44
C ASP I 624 -60.96 24.29 29.42
N GLY I 625 -61.19 23.49 28.37
CA GLY I 625 -62.09 23.88 27.32
C GLY I 625 -61.49 24.79 26.27
N THR I 626 -60.17 24.94 26.24
CA THR I 626 -59.50 25.81 25.28
C THR I 626 -59.13 25.04 24.02
N LEU I 627 -59.20 25.72 22.88
CA LEU I 627 -58.78 25.14 21.62
C LEU I 627 -57.25 25.16 21.53
N VAL I 628 -56.67 24.02 21.20
CA VAL I 628 -55.22 23.87 21.06
C VAL I 628 -54.92 23.24 19.71
N GLN I 629 -53.83 23.69 19.09
CA GLN I 629 -53.40 23.16 17.81
C GLN I 629 -52.53 21.93 18.02
N GLN I 630 -52.11 21.33 16.91
CA GLN I 630 -51.20 20.20 16.97
C GLN I 630 -49.84 20.64 17.49
N GLY I 631 -49.20 19.77 18.28
CA GLY I 631 -47.91 20.11 18.84
C GLY I 631 -47.91 21.23 19.84
N GLN I 632 -49.06 21.60 20.38
CA GLN I 632 -49.16 22.70 21.34
C GLN I 632 -49.18 22.16 22.76
N ALA I 633 -48.39 22.79 23.62
CA ALA I 633 -48.30 22.37 25.01
C ALA I 633 -49.62 22.62 25.75
N ILE I 634 -50.02 21.65 26.58
CA ILE I 634 -51.26 21.75 27.33
C ILE I 634 -50.98 21.67 28.82
N LEU I 635 -49.91 20.99 29.22
CA LEU I 635 -49.59 20.84 30.63
C LEU I 635 -48.11 20.52 30.78
N ILE I 636 -47.61 20.66 32.00
CA ILE I 636 -46.22 20.43 32.34
C ILE I 636 -46.14 19.30 33.36
N LEU I 637 -45.30 18.31 33.08
CA LEU I 637 -45.08 17.17 33.96
C LEU I 637 -43.65 17.22 34.48
N GLU I 638 -43.50 17.10 35.80
CA GLU I 638 -42.19 17.17 36.45
C GLU I 638 -41.86 15.80 37.02
N ALA I 639 -40.68 15.30 36.68
CA ALA I 639 -40.16 14.05 37.20
C ALA I 639 -38.65 14.16 37.25
N MET I 640 -38.06 13.68 38.35
CA MET I 640 -36.61 13.73 38.55
C MET I 640 -36.09 15.16 38.46
N LYS I 641 -36.88 16.10 38.97
CA LYS I 641 -36.55 17.52 38.97
C LYS I 641 -36.30 18.05 37.56
N MET I 642 -37.03 17.52 36.58
CA MET I 642 -36.93 17.95 35.19
C MET I 642 -38.33 18.23 34.68
N GLU I 643 -38.50 19.37 34.01
CA GLU I 643 -39.80 19.71 33.45
C GLU I 643 -39.99 19.03 32.11
N HIS I 644 -41.04 18.22 32.02
CA HIS I 644 -41.49 17.62 30.76
C HIS I 644 -42.85 18.19 30.42
N VAL I 645 -43.02 18.61 29.18
CA VAL I 645 -44.22 19.31 28.74
C VAL I 645 -45.01 18.40 27.81
N VAL I 646 -46.27 18.18 28.14
CA VAL I 646 -47.16 17.37 27.31
C VAL I 646 -47.75 18.26 26.22
N LYS I 647 -47.68 17.80 24.98
CA LYS I 647 -48.15 18.58 23.84
C LYS I 647 -49.41 17.95 23.25
N ALA I 648 -50.27 18.80 22.69
CA ALA I 648 -51.46 18.33 22.00
C ALA I 648 -51.08 17.68 20.67
N SER I 649 -51.67 16.52 20.39
CA SER I 649 -51.35 15.79 19.17
C SER I 649 -52.24 16.16 17.99
N CYS I 650 -53.28 16.98 18.19
CA CYS I 650 -54.15 17.37 17.10
C CYS I 650 -54.91 18.62 17.51
N ASP I 651 -55.51 19.28 16.52
CA ASP I 651 -56.32 20.46 16.78
C ASP I 651 -57.61 20.08 17.50
N GLY I 652 -58.07 21.00 18.35
CA GLY I 652 -59.35 20.79 19.02
C GLY I 652 -59.39 21.29 20.45
N GLU I 653 -60.56 21.25 21.06
CA GLU I 653 -60.70 21.63 22.46
C GLU I 653 -60.11 20.56 23.35
N VAL I 654 -59.30 20.98 24.33
CA VAL I 654 -58.63 20.07 25.24
C VAL I 654 -59.33 20.12 26.60
N LYS I 655 -59.68 18.95 27.13
CA LYS I 655 -60.28 18.82 28.45
C LYS I 655 -59.40 17.89 29.28
N PHE I 656 -58.90 18.40 30.40
CA PHE I 656 -58.00 17.61 31.24
C PHE I 656 -58.78 16.60 32.07
N CYS I 657 -58.11 15.49 32.39
CA CYS I 657 -58.68 14.43 33.20
C CYS I 657 -58.10 14.38 34.60
N VAL I 658 -56.80 14.64 34.73
CA VAL I 658 -56.13 14.62 36.03
C VAL I 658 -56.01 16.03 36.57
N HIS I 659 -56.14 16.16 37.88
CA HIS I 659 -56.01 17.45 38.54
C HIS I 659 -54.54 17.86 38.60
N ALA I 660 -54.32 19.18 38.64
CA ALA I 660 -52.98 19.71 38.74
C ALA I 660 -52.43 19.56 40.15
N ASP I 661 -51.11 19.68 40.27
CA ASP I 661 -50.40 19.55 41.55
C ASP I 661 -50.68 18.20 42.20
N GLY I 662 -50.76 17.15 41.39
CA GLY I 662 -51.01 15.82 41.89
C GLY I 662 -49.91 14.84 41.54
N ILE I 663 -50.29 13.64 41.11
CA ILE I 663 -49.33 12.62 40.75
C ILE I 663 -50.01 11.65 39.79
N VAL I 664 -49.25 11.19 38.79
CA VAL I 664 -49.75 10.25 37.79
C VAL I 664 -48.80 9.06 37.74
N GLY I 665 -49.24 8.03 37.02
CA GLY I 665 -48.44 6.82 36.88
C GLY I 665 -48.08 6.52 35.44
N GLY I 666 -47.46 5.36 35.20
CA GLY I 666 -47.10 4.99 33.85
C GLY I 666 -48.33 4.74 33.00
N SER I 667 -48.35 5.33 31.79
CA SER I 667 -49.44 5.16 30.84
C SER I 667 -50.78 5.57 31.44
N THR I 668 -50.80 6.73 32.11
CA THR I 668 -52.02 7.24 32.71
C THR I 668 -52.62 8.31 31.81
N LEU I 669 -53.92 8.19 31.57
CA LEU I 669 -54.62 9.16 30.72
C LEU I 669 -54.54 10.56 31.32
N LEU I 670 -54.31 11.55 30.47
CA LEU I 670 -54.13 12.93 30.91
C LEU I 670 -55.26 13.84 30.46
N ALA I 671 -55.55 13.88 29.16
CA ALA I 671 -56.55 14.80 28.65
C ALA I 671 -57.12 14.26 27.34
N HIS I 672 -58.27 14.81 26.95
CA HIS I 672 -58.94 14.46 25.71
C HIS I 672 -58.96 15.67 24.80
N ILE I 673 -58.60 15.47 23.54
CA ILE I 673 -58.58 16.52 22.53
C ILE I 673 -59.69 16.22 21.55
N ALA I 674 -60.83 16.89 21.71
CA ALA I 674 -62.00 16.67 20.87
C ALA I 674 -62.07 17.78 19.83
N SER I 675 -62.14 17.39 18.55
CA SER I 675 -62.18 18.36 17.47
C SER I 675 -63.50 19.12 17.50
N ALA I 676 -63.46 20.36 17.97
CA ALA I 676 -64.66 21.18 18.03
C ALA I 676 -65.07 21.63 16.63
N ALA I 677 -66.37 21.57 16.36
CA ALA I 677 -66.90 21.97 15.06
C ALA I 677 -66.87 23.49 14.90
N GLU J 60 7.72 22.81 -53.43
CA GLU J 60 6.67 22.04 -54.09
C GLU J 60 6.49 20.69 -53.38
N VAL J 61 7.51 20.28 -52.64
CA VAL J 61 7.50 19.01 -51.92
C VAL J 61 7.52 19.30 -50.43
N TYR J 62 6.58 18.71 -49.70
CA TYR J 62 6.45 18.87 -48.26
C TYR J 62 6.29 20.35 -47.88
N LEU J 63 5.20 20.93 -48.39
CA LEU J 63 4.92 22.34 -48.18
C LEU J 63 4.11 22.59 -46.92
N PHE J 64 3.25 21.66 -46.52
CA PHE J 64 2.32 21.89 -45.42
C PHE J 64 2.92 21.42 -44.10
N HIS J 65 2.10 21.46 -43.06
CA HIS J 65 2.37 20.92 -41.75
C HIS J 65 1.25 19.96 -41.37
N PRO J 66 1.57 18.85 -40.71
CA PRO J 66 0.53 17.85 -40.41
C PRO J 66 -0.63 18.40 -39.58
N ALA J 67 -0.39 19.42 -38.77
CA ALA J 67 -1.48 20.03 -38.02
C ALA J 67 -2.53 20.63 -38.94
N GLN J 68 -2.13 21.08 -40.13
CA GLN J 68 -3.10 21.59 -41.09
C GLN J 68 -4.07 20.51 -41.53
N TYR J 69 -3.57 19.30 -41.78
CA TYR J 69 -4.45 18.19 -42.09
C TYR J 69 -5.27 17.77 -40.87
N GLU J 70 -4.70 17.90 -39.68
CA GLU J 70 -5.45 17.55 -38.48
C GLU J 70 -6.65 18.48 -38.29
N SER J 71 -6.47 19.77 -38.57
CA SER J 71 -7.55 20.75 -38.47
C SER J 71 -7.92 21.16 -39.89
N ALA J 72 -8.80 20.39 -40.51
CA ALA J 72 -9.20 20.58 -41.89
C ALA J 72 -10.69 20.31 -42.01
N PRO J 73 -11.33 20.83 -43.06
CA PRO J 73 -12.73 20.49 -43.29
C PRO J 73 -12.90 19.01 -43.56
N ALA J 74 -14.14 18.53 -43.36
CA ALA J 74 -14.41 17.10 -43.43
C ALA J 74 -14.03 16.50 -44.77
N THR J 75 -14.02 17.30 -45.83
CA THR J 75 -13.67 16.78 -47.14
C THR J 75 -12.21 16.34 -47.20
N THR J 76 -11.32 17.08 -46.54
CA THR J 76 -9.90 16.83 -46.63
C THR J 76 -9.28 16.25 -45.37
N ARG J 77 -10.01 16.15 -44.28
CA ARG J 77 -9.45 15.56 -43.07
C ARG J 77 -9.27 14.07 -43.28
N PRO J 78 -8.05 13.53 -43.16
CA PRO J 78 -7.80 12.16 -43.64
C PRO J 78 -8.31 11.07 -42.73
N ASN J 79 -8.67 11.36 -41.48
CA ASN J 79 -9.19 10.35 -40.58
C ASN J 79 -10.70 10.38 -40.46
N VAL J 80 -11.39 10.92 -41.46
CA VAL J 80 -12.85 11.01 -41.46
C VAL J 80 -13.40 9.92 -42.38
N LEU J 81 -14.28 9.09 -41.86
CA LEU J 81 -14.90 8.04 -42.65
C LEU J 81 -15.96 8.64 -43.57
N HIS J 82 -15.88 8.32 -44.86
CA HIS J 82 -16.81 8.83 -45.86
C HIS J 82 -17.62 7.67 -46.41
N TYR J 83 -18.82 7.48 -45.88
CA TYR J 83 -19.72 6.42 -46.31
C TYR J 83 -21.10 7.01 -46.56
N PRO J 84 -21.28 7.72 -47.66
CA PRO J 84 -22.61 8.25 -47.99
C PRO J 84 -23.59 7.15 -48.31
N ALA J 85 -24.87 7.42 -48.02
CA ALA J 85 -25.91 6.44 -48.24
C ALA J 85 -26.28 6.37 -49.71
N GLU J 86 -26.34 5.14 -50.25
CA GLU J 86 -26.80 4.92 -51.62
C GLU J 86 -28.32 4.77 -51.62
N SER J 87 -28.99 5.90 -51.38
CA SER J 87 -30.42 5.89 -51.14
C SER J 87 -31.22 5.42 -52.35
N THR J 88 -30.64 5.44 -53.55
CA THR J 88 -31.34 5.00 -54.74
C THR J 88 -31.16 3.51 -55.01
N ASN J 89 -30.32 2.83 -54.25
CA ASN J 89 -30.09 1.41 -54.46
C ASN J 89 -31.27 0.60 -53.92
N PRO J 90 -31.84 -0.31 -54.71
CA PRO J 90 -32.99 -1.10 -54.22
C PRO J 90 -32.68 -1.91 -52.97
N GLU J 91 -31.48 -2.48 -52.87
CA GLU J 91 -31.11 -3.23 -51.68
C GLU J 91 -31.08 -2.31 -50.46
N PHE J 92 -30.62 -1.08 -50.66
CA PHE J 92 -30.63 -0.10 -49.57
C PHE J 92 -32.05 0.17 -49.08
N LYS J 93 -32.99 0.33 -50.01
CA LYS J 93 -34.37 0.56 -49.63
C LYS J 93 -34.97 -0.65 -48.91
N ALA J 94 -34.66 -1.86 -49.38
CA ALA J 94 -35.17 -3.06 -48.72
C ALA J 94 -34.63 -3.17 -47.29
N ASN J 95 -33.33 -2.90 -47.12
CA ASN J 95 -32.75 -2.91 -45.78
C ASN J 95 -33.40 -1.87 -44.89
N THR J 96 -33.64 -0.67 -45.44
CA THR J 96 -34.28 0.38 -44.66
C THR J 96 -35.67 -0.03 -44.22
N GLU J 97 -36.44 -0.65 -45.12
CA GLU J 97 -37.78 -1.10 -44.77
C GLU J 97 -37.75 -2.17 -43.69
N ARG J 98 -36.83 -3.13 -43.79
CA ARG J 98 -36.72 -4.16 -42.76
C ARG J 98 -36.38 -3.54 -41.40
N MET J 99 -35.39 -2.65 -41.37
CA MET J 99 -35.00 -2.05 -40.11
C MET J 99 -36.12 -1.20 -39.53
N LYS J 100 -36.85 -0.49 -40.39
CA LYS J 100 -37.97 0.32 -39.92
C LYS J 100 -39.06 -0.57 -39.31
N ALA J 101 -39.36 -1.70 -39.94
CA ALA J 101 -40.35 -2.61 -39.39
C ALA J 101 -39.91 -3.16 -38.04
N LEU J 102 -38.64 -3.55 -37.93
CA LEU J 102 -38.13 -4.09 -36.67
C LEU J 102 -38.20 -3.05 -35.55
N THR J 103 -37.79 -1.81 -35.86
CA THR J 103 -37.80 -0.78 -34.84
C THR J 103 -39.22 -0.40 -34.44
N ALA J 104 -40.14 -0.39 -35.40
CA ALA J 104 -41.54 -0.13 -35.08
C ALA J 104 -42.10 -1.21 -34.16
N GLU J 105 -41.75 -2.48 -34.42
CA GLU J 105 -42.20 -3.56 -33.55
C GLU J 105 -41.62 -3.40 -32.14
N LEU J 106 -40.35 -3.03 -32.05
CA LEU J 106 -39.72 -2.81 -30.75
C LEU J 106 -40.44 -1.72 -29.97
N ARG J 107 -40.68 -0.59 -30.61
CA ARG J 107 -41.37 0.52 -29.94
C ARG J 107 -42.79 0.12 -29.54
N ARG J 108 -43.46 -0.65 -30.39
CA ARG J 108 -44.82 -1.09 -30.07
C ARG J 108 -44.82 -1.99 -28.83
N ARG J 109 -43.86 -2.90 -28.73
CA ARG J 109 -43.79 -3.76 -27.55
C ARG J 109 -43.51 -2.94 -26.29
N VAL J 110 -42.58 -1.99 -26.37
CA VAL J 110 -42.31 -1.15 -25.21
C VAL J 110 -43.55 -0.36 -24.81
N GLN J 111 -44.27 0.17 -25.80
CA GLN J 111 -45.45 0.98 -25.50
C GLN J 111 -46.56 0.15 -24.88
N VAL J 112 -46.78 -1.07 -25.37
CA VAL J 112 -47.83 -1.90 -24.77
C VAL J 112 -47.42 -2.33 -23.38
N ILE J 113 -46.12 -2.49 -23.11
CA ILE J 113 -45.70 -2.75 -21.74
C ILE J 113 -46.02 -1.55 -20.85
N VAL J 114 -45.73 -0.34 -21.32
CA VAL J 114 -45.93 0.84 -20.49
C VAL J 114 -47.41 1.07 -20.23
N ASP J 115 -48.24 1.01 -21.28
CA ASP J 115 -49.65 1.35 -21.17
C ASP J 115 -50.54 0.17 -20.80
N GLY J 116 -50.04 -1.06 -20.86
CA GLY J 116 -50.87 -2.22 -20.62
C GLY J 116 -51.72 -2.57 -21.83
N ASP J 117 -51.95 -3.86 -22.05
CA ASP J 117 -52.73 -4.31 -23.21
C ASP J 117 -54.01 -5.01 -22.82
N SER J 118 -53.94 -6.02 -21.96
CA SER J 118 -55.12 -6.82 -21.63
C SER J 118 -55.98 -6.10 -20.59
N GLU J 119 -57.21 -6.60 -20.43
CA GLU J 119 -58.11 -6.03 -19.44
C GLU J 119 -57.66 -6.34 -18.03
N ALA J 120 -56.98 -7.47 -17.82
CA ALA J 120 -56.44 -7.77 -16.50
C ALA J 120 -55.43 -6.72 -16.06
N ASP J 121 -54.59 -6.26 -17.00
CA ASP J 121 -53.67 -5.18 -16.69
C ASP J 121 -54.41 -3.91 -16.29
N LYS J 122 -55.51 -3.60 -16.99
CA LYS J 122 -56.30 -2.43 -16.64
C LYS J 122 -56.89 -2.54 -15.25
N ARG J 123 -57.42 -3.72 -14.92
CA ARG J 123 -57.99 -3.92 -13.58
C ARG J 123 -56.92 -3.78 -12.51
N ALA J 124 -55.75 -4.38 -12.74
CA ALA J 124 -54.67 -4.29 -11.76
C ALA J 124 -54.20 -2.85 -11.58
N ARG J 125 -54.09 -2.10 -12.68
CA ARG J 125 -53.68 -0.70 -12.58
C ARG J 125 -54.75 0.13 -11.88
N ASP J 126 -56.02 -0.17 -12.12
CA ASP J 126 -57.09 0.54 -11.41
C ASP J 126 -57.03 0.27 -9.92
N ARG J 127 -56.79 -0.98 -9.52
CA ARG J 127 -56.62 -1.28 -8.10
C ARG J 127 -55.42 -0.55 -7.53
N HIS J 128 -54.32 -0.51 -8.28
CA HIS J 128 -53.11 0.15 -7.81
C HIS J 128 -53.34 1.65 -7.61
N ILE J 129 -54.02 2.28 -8.57
CA ILE J 129 -54.28 3.72 -8.47
C ILE J 129 -55.25 4.01 -7.34
N SER J 130 -56.27 3.16 -7.17
CA SER J 130 -57.27 3.39 -6.13
C SER J 130 -56.68 3.34 -4.74
N ARG J 131 -55.50 2.75 -4.57
CA ARG J 131 -54.81 2.72 -3.28
C ARG J 131 -53.96 3.96 -3.03
N GLY J 132 -54.00 4.94 -3.93
CA GLY J 132 -53.15 6.10 -3.79
C GLY J 132 -51.71 5.88 -4.19
N LYS J 133 -51.45 4.85 -4.99
CA LYS J 133 -50.10 4.50 -5.41
C LYS J 133 -49.82 5.02 -6.81
N LEU J 134 -48.57 5.42 -7.04
CA LEU J 134 -48.10 5.78 -8.36
C LEU J 134 -47.64 4.53 -9.10
N LEU J 135 -47.78 4.55 -10.41
CA LEU J 135 -47.26 3.46 -11.23
C LEU J 135 -45.74 3.52 -11.25
N VAL J 136 -45.13 2.38 -11.60
CA VAL J 136 -43.68 2.24 -11.46
C VAL J 136 -42.95 3.24 -12.35
N HIS J 137 -43.37 3.38 -13.60
CA HIS J 137 -42.75 4.38 -14.48
C HIS J 137 -43.04 5.78 -13.99
N GLN J 138 -44.21 6.03 -13.42
CA GLN J 138 -44.50 7.33 -12.82
C GLN J 138 -43.61 7.59 -11.62
N ARG J 139 -43.36 6.56 -10.80
CA ARG J 139 -42.44 6.72 -9.69
C ARG J 139 -41.04 7.07 -10.18
N ILE J 140 -40.60 6.43 -11.28
CA ILE J 140 -39.31 6.78 -11.86
C ILE J 140 -39.31 8.23 -12.32
N GLU J 141 -40.37 8.63 -13.01
CA GLU J 141 -40.43 9.99 -13.55
C GLU J 141 -40.40 11.04 -12.44
N LYS J 142 -41.07 10.77 -11.32
CA LYS J 142 -41.12 11.73 -10.24
C LYS J 142 -39.98 11.59 -9.24
N LEU J 143 -39.16 10.55 -9.35
CA LEU J 143 -37.99 10.42 -8.49
C LEU J 143 -36.75 11.03 -9.13
N VAL J 144 -36.60 10.89 -10.44
CA VAL J 144 -35.45 11.42 -11.15
C VAL J 144 -35.64 12.92 -11.37
N ASP J 145 -34.53 13.60 -11.65
CA ASP J 145 -34.59 15.04 -11.95
C ASP J 145 -35.50 15.27 -13.15
N PRO J 146 -36.25 16.39 -13.17
CA PRO J 146 -37.36 16.50 -14.12
C PRO J 146 -36.98 16.37 -15.59
N MET J 147 -35.83 16.91 -16.00
CA MET J 147 -35.42 16.83 -17.41
C MET J 147 -34.03 16.21 -17.44
N SER J 148 -33.98 14.88 -17.49
CA SER J 148 -32.73 14.15 -17.40
C SER J 148 -32.93 12.78 -18.04
N PRO J 149 -31.86 12.15 -18.52
CA PRO J 149 -31.99 10.84 -19.14
C PRO J 149 -32.17 9.74 -18.11
N PHE J 150 -32.80 8.65 -18.55
CA PHE J 150 -32.99 7.47 -17.72
C PHE J 150 -32.73 6.24 -18.58
N LEU J 151 -31.73 5.45 -18.19
CA LEU J 151 -31.33 4.28 -18.95
C LEU J 151 -31.99 3.05 -18.34
N GLU J 152 -33.23 2.81 -18.76
CA GLU J 152 -33.93 1.59 -18.36
C GLU J 152 -33.32 0.40 -19.09
N LEU J 153 -33.02 -0.67 -18.37
CA LEU J 153 -32.14 -1.72 -18.90
C LEU J 153 -32.91 -2.86 -19.56
N SER J 154 -33.67 -3.62 -18.78
CA SER J 154 -34.34 -4.81 -19.30
C SER J 154 -35.83 -4.51 -19.51
N GLN J 155 -36.12 -3.76 -20.56
CA GLN J 155 -37.51 -3.37 -20.82
C GLN J 155 -38.38 -4.59 -21.13
N LEU J 156 -37.88 -5.49 -21.97
CA LEU J 156 -38.67 -6.61 -22.47
C LEU J 156 -38.33 -7.92 -21.78
N ALA J 157 -37.84 -7.85 -20.54
CA ALA J 157 -37.58 -9.07 -19.77
C ALA J 157 -38.90 -9.78 -19.45
N GLY J 158 -38.85 -11.10 -19.44
CA GLY J 158 -40.02 -11.89 -19.12
C GLY J 158 -41.02 -12.01 -20.24
N GLY J 159 -40.64 -11.67 -21.47
CA GLY J 159 -41.56 -11.78 -22.59
C GLY J 159 -41.70 -13.19 -23.11
N ASP J 160 -42.89 -13.76 -22.99
CA ASP J 160 -43.17 -15.14 -23.40
C ASP J 160 -42.28 -16.13 -22.67
N LEU J 161 -41.84 -15.78 -21.47
CA LEU J 161 -40.94 -16.62 -20.70
C LEU J 161 -41.67 -17.68 -19.90
N TYR J 162 -42.72 -17.30 -19.19
CA TYR J 162 -43.55 -18.24 -18.44
C TYR J 162 -44.91 -18.34 -19.10
N PRO J 163 -45.30 -19.50 -19.62
CA PRO J 163 -46.59 -19.60 -20.30
C PRO J 163 -47.74 -19.30 -19.37
N GLY J 164 -48.70 -18.52 -19.87
CA GLY J 164 -49.87 -18.15 -19.11
C GLY J 164 -49.74 -16.89 -18.29
N GLU J 165 -48.54 -16.30 -18.21
CA GLU J 165 -48.31 -15.08 -17.45
C GLU J 165 -47.68 -14.03 -18.36
N ALA J 166 -48.24 -12.82 -18.33
CA ALA J 166 -47.66 -11.68 -19.03
C ALA J 166 -46.81 -10.91 -18.04
N CYS J 167 -45.61 -11.44 -17.81
CA CYS J 167 -44.66 -10.89 -16.84
C CYS J 167 -44.03 -9.64 -17.43
N HIS J 168 -44.79 -8.55 -17.38
CA HIS J 168 -44.32 -7.28 -17.95
C HIS J 168 -43.09 -6.78 -17.20
N ARG J 169 -42.04 -6.46 -17.95
CA ARG J 169 -40.77 -6.00 -17.40
C ARG J 169 -40.13 -6.97 -16.45
N GLY J 170 -40.60 -8.22 -16.41
CA GLY J 170 -40.12 -9.14 -15.40
C GLY J 170 -40.60 -8.83 -14.01
N GLY J 171 -41.65 -8.03 -13.89
CA GLY J 171 -42.16 -7.65 -12.59
C GLY J 171 -41.35 -6.61 -11.85
N ILE J 172 -40.40 -5.96 -12.52
CA ILE J 172 -39.48 -5.06 -11.85
C ILE J 172 -38.85 -4.16 -12.89
N LEU J 173 -38.66 -2.90 -12.54
CA LEU J 173 -38.05 -1.90 -13.41
C LEU J 173 -36.70 -1.51 -12.84
N THR J 174 -35.66 -1.64 -13.65
CA THR J 174 -34.31 -1.29 -13.25
C THR J 174 -33.75 -0.28 -14.23
N GLY J 175 -33.05 0.72 -13.72
CA GLY J 175 -32.48 1.70 -14.61
C GLY J 175 -31.44 2.56 -13.91
N ILE J 176 -30.79 3.41 -14.70
CA ILE J 176 -29.83 4.37 -14.18
C ILE J 176 -30.41 5.76 -14.40
N GLY J 177 -30.67 6.46 -13.29
CA GLY J 177 -31.23 7.78 -13.33
C GLY J 177 -30.28 8.81 -12.75
N VAL J 178 -30.73 10.07 -12.79
CA VAL J 178 -29.96 11.19 -12.28
C VAL J 178 -30.77 11.88 -11.19
N VAL J 179 -30.25 11.84 -9.97
CA VAL J 179 -30.88 12.51 -8.84
C VAL J 179 -29.87 13.50 -8.28
N HIS J 180 -30.27 14.78 -8.23
CA HIS J 180 -29.39 15.85 -7.76
C HIS J 180 -28.06 15.87 -8.50
N GLY J 181 -28.12 15.56 -9.80
CA GLY J 181 -26.94 15.54 -10.63
C GLY J 181 -26.05 14.33 -10.48
N MET J 182 -26.43 13.38 -9.64
CA MET J 182 -25.64 12.19 -9.40
C MET J 182 -26.34 10.98 -10.03
N ARG J 183 -25.57 10.15 -10.72
CA ARG J 183 -26.13 8.96 -11.33
C ARG J 183 -26.33 7.87 -10.28
N VAL J 184 -27.53 7.32 -10.23
CA VAL J 184 -27.90 6.29 -9.27
C VAL J 184 -28.57 5.15 -10.01
N MET J 185 -28.55 3.97 -9.38
CA MET J 185 -29.25 2.80 -9.89
C MET J 185 -30.56 2.67 -9.14
N ILE J 186 -31.66 2.66 -9.88
CA ILE J 186 -33.00 2.59 -9.32
C ILE J 186 -33.60 1.24 -9.65
N VAL J 187 -34.10 0.56 -8.62
CA VAL J 187 -34.76 -0.73 -8.73
C VAL J 187 -36.12 -0.59 -8.08
N ALA J 188 -37.18 -0.75 -8.87
CA ALA J 188 -38.54 -0.51 -8.39
C ALA J 188 -39.41 -1.72 -8.71
N ASN J 189 -40.09 -2.25 -7.70
CA ASN J 189 -40.98 -3.37 -7.91
C ASN J 189 -42.29 -2.90 -8.55
N ASP J 190 -42.83 -3.72 -9.44
CA ASP J 190 -44.10 -3.44 -10.11
C ASP J 190 -45.17 -4.29 -9.45
N ALA J 191 -45.98 -3.66 -8.59
CA ALA J 191 -47.02 -4.39 -7.87
C ALA J 191 -48.17 -4.82 -8.75
N THR J 192 -48.23 -4.36 -9.99
CA THR J 192 -49.29 -4.75 -10.91
C THR J 192 -49.00 -6.02 -11.67
N VAL J 193 -47.85 -6.65 -11.41
CA VAL J 193 -47.46 -7.90 -12.05
C VAL J 193 -47.50 -8.97 -10.97
N LYS J 194 -48.63 -9.68 -10.88
CA LYS J 194 -48.82 -10.75 -9.90
C LYS J 194 -48.56 -10.25 -8.48
N GLY J 195 -49.00 -9.02 -8.19
CA GLY J 195 -48.78 -8.46 -6.88
C GLY J 195 -47.36 -8.13 -6.55
N GLY J 196 -46.48 -8.08 -7.55
CA GLY J 196 -45.08 -7.80 -7.32
C GLY J 196 -44.25 -9.00 -6.90
N THR J 197 -44.81 -10.21 -6.97
CA THR J 197 -44.07 -11.39 -6.55
C THR J 197 -42.88 -11.63 -7.47
N TYR J 198 -41.81 -12.17 -6.88
CA TYR J 198 -40.55 -12.35 -7.59
C TYR J 198 -40.59 -13.66 -8.39
N TYR J 199 -40.59 -13.55 -9.71
CA TYR J 199 -40.30 -14.68 -10.58
C TYR J 199 -38.80 -14.91 -10.60
N PRO J 200 -38.34 -16.06 -11.12
CA PRO J 200 -36.90 -16.24 -11.30
C PRO J 200 -36.26 -15.14 -12.13
N ILE J 201 -36.95 -14.68 -13.17
CA ILE J 201 -36.43 -13.59 -13.99
C ILE J 201 -36.39 -12.31 -13.18
N THR J 202 -37.34 -12.10 -12.25
CA THR J 202 -37.30 -10.92 -11.41
C THR J 202 -36.06 -10.90 -10.53
N VAL J 203 -35.74 -12.04 -9.92
CA VAL J 203 -34.53 -12.15 -9.11
C VAL J 203 -33.30 -11.92 -9.96
N LYS J 204 -33.28 -12.50 -11.16
CA LYS J 204 -32.12 -12.34 -12.04
C LYS J 204 -31.92 -10.88 -12.42
N LYS J 205 -33.00 -10.18 -12.76
CA LYS J 205 -32.90 -8.77 -13.13
C LYS J 205 -32.46 -7.90 -11.96
N HIS J 206 -33.00 -8.18 -10.77
CA HIS J 206 -32.57 -7.44 -9.59
C HIS J 206 -31.08 -7.65 -9.32
N LEU J 207 -30.62 -8.90 -9.45
CA LEU J 207 -29.20 -9.18 -9.25
C LEU J 207 -28.34 -8.50 -10.31
N ARG J 208 -28.81 -8.45 -11.55
CA ARG J 208 -28.06 -7.78 -12.60
C ARG J 208 -27.94 -6.29 -12.31
N ALA J 209 -29.03 -5.67 -11.87
CA ALA J 209 -28.98 -4.26 -11.50
C ALA J 209 -27.99 -4.03 -10.36
N GLN J 210 -28.01 -4.91 -9.35
CA GLN J 210 -27.06 -4.78 -8.25
C GLN J 210 -25.62 -4.94 -8.72
N ARG J 211 -25.39 -5.87 -9.66
CA ARG J 211 -24.05 -6.07 -10.18
C ARG J 211 -23.55 -4.83 -10.91
N ILE J 212 -24.40 -4.25 -11.76
CA ILE J 212 -24.01 -3.03 -12.47
C ILE J 212 -23.70 -1.92 -11.49
N ALA J 213 -24.58 -1.75 -10.49
CA ALA J 213 -24.39 -0.67 -9.52
C ALA J 213 -23.10 -0.88 -8.73
N GLU J 214 -22.81 -2.11 -8.32
CA GLU J 214 -21.61 -2.36 -7.54
C GLU J 214 -20.35 -2.15 -8.37
N GLU J 215 -20.33 -2.64 -9.60
CA GLU J 215 -19.12 -2.48 -10.41
C GLU J 215 -18.95 -1.05 -10.93
N ASN J 216 -19.99 -0.24 -10.90
CA ASN J 216 -19.86 1.17 -11.28
C ASN J 216 -20.00 2.12 -10.10
N ARG J 217 -20.12 1.60 -8.88
CA ARG J 217 -20.25 2.42 -7.66
C ARG J 217 -21.43 3.38 -7.76
N LEU J 218 -22.52 2.90 -8.32
CA LEU J 218 -23.75 3.68 -8.39
C LEU J 218 -24.59 3.42 -7.15
N PRO J 219 -24.99 4.45 -6.40
CA PRO J 219 -25.87 4.22 -5.25
C PRO J 219 -27.17 3.56 -5.69
N CYS J 220 -27.65 2.63 -4.87
CA CYS J 220 -28.83 1.84 -5.19
C CYS J 220 -30.04 2.39 -4.44
N ILE J 221 -31.14 2.55 -5.16
CA ILE J 221 -32.42 2.94 -4.58
C ILE J 221 -33.42 1.84 -4.92
N TYR J 222 -34.01 1.25 -3.89
CA TYR J 222 -34.96 0.15 -4.05
C TYR J 222 -36.34 0.67 -3.65
N LEU J 223 -37.22 0.80 -4.63
CA LEU J 223 -38.63 1.14 -4.37
C LEU J 223 -39.37 -0.18 -4.23
N VAL J 224 -39.68 -0.54 -2.99
CA VAL J 224 -40.11 -1.90 -2.66
C VAL J 224 -41.63 -1.95 -2.62
N ASP J 225 -42.22 -2.77 -3.48
CA ASP J 225 -43.64 -3.12 -3.40
C ASP J 225 -43.78 -4.53 -3.99
N SER J 226 -43.71 -5.54 -3.13
CA SER J 226 -43.64 -6.91 -3.58
C SER J 226 -44.20 -7.85 -2.54
N GLY J 227 -45.02 -8.81 -3.00
CA GLY J 227 -45.55 -9.82 -2.09
C GLY J 227 -44.47 -10.73 -1.55
N GLY J 228 -43.46 -11.04 -2.35
CA GLY J 228 -42.38 -11.91 -1.98
C GLY J 228 -42.11 -12.89 -3.11
N ALA J 229 -41.27 -13.88 -2.81
CA ALA J 229 -41.03 -14.93 -3.80
C ALA J 229 -42.31 -15.73 -4.03
N ASN J 230 -42.57 -16.06 -5.30
CA ASN J 230 -43.75 -16.84 -5.62
C ASN J 230 -43.50 -18.31 -5.28
N LEU J 231 -44.42 -18.90 -4.53
CA LEU J 231 -44.23 -20.25 -4.02
C LEU J 231 -44.41 -21.31 -5.08
N GLY J 232 -45.00 -20.96 -6.23
CA GLY J 232 -45.16 -21.94 -7.30
C GLY J 232 -43.84 -22.38 -7.91
N MET J 233 -42.88 -21.47 -8.00
CA MET J 233 -41.57 -21.74 -8.60
C MET J 233 -40.46 -21.56 -7.58
N GLN J 234 -40.74 -21.90 -6.32
CA GLN J 234 -39.77 -21.64 -5.25
C GLN J 234 -38.46 -22.38 -5.47
N GLY J 235 -38.50 -23.50 -6.20
CA GLY J 235 -37.27 -24.22 -6.48
C GLY J 235 -36.30 -23.41 -7.32
N ASP J 236 -36.81 -22.55 -8.21
CA ASP J 236 -35.98 -21.74 -9.08
C ASP J 236 -35.76 -20.34 -8.52
N VAL J 237 -36.24 -20.06 -7.32
CA VAL J 237 -36.17 -18.72 -6.73
C VAL J 237 -35.43 -18.72 -5.41
N PHE J 238 -35.81 -19.59 -4.48
CA PHE J 238 -35.21 -19.54 -3.15
C PHE J 238 -33.79 -20.11 -3.08
N PRO J 239 -33.57 -21.42 -3.28
CA PRO J 239 -32.25 -21.98 -2.97
C PRO J 239 -31.26 -21.98 -4.12
N ASP J 240 -30.24 -21.11 -4.10
CA ASP J 240 -29.06 -21.23 -4.95
C ASP J 240 -28.15 -20.04 -4.66
N GLU J 241 -26.97 -20.05 -5.28
CA GLU J 241 -26.07 -18.91 -5.19
C GLU J 241 -26.69 -17.67 -5.81
N GLN J 242 -27.14 -17.78 -7.05
CA GLN J 242 -27.76 -16.65 -7.76
C GLN J 242 -29.26 -16.62 -7.55
N HIS J 243 -29.68 -16.59 -6.29
CA HIS J 243 -31.09 -16.61 -5.94
C HIS J 243 -31.41 -15.49 -4.96
N PHE J 244 -32.61 -15.54 -4.36
CA PHE J 244 -33.14 -14.37 -3.66
C PHE J 244 -32.22 -13.87 -2.55
N GLY J 245 -31.48 -14.77 -1.88
CA GLY J 245 -30.58 -14.34 -0.83
C GLY J 245 -29.36 -13.60 -1.36
N ARG J 246 -29.00 -13.82 -2.62
CA ARG J 246 -27.89 -13.07 -3.20
C ARG J 246 -28.18 -11.58 -3.24
N ILE J 247 -29.46 -11.20 -3.26
CA ILE J 247 -29.80 -9.78 -3.20
C ILE J 247 -29.30 -9.17 -1.90
N PHE J 248 -29.56 -9.85 -0.78
CA PHE J 248 -29.10 -9.35 0.51
C PHE J 248 -27.59 -9.43 0.64
N PHE J 249 -26.99 -10.49 0.08
CA PHE J 249 -25.54 -10.58 0.08
C PHE J 249 -24.92 -9.39 -0.65
N ASN J 250 -25.43 -9.08 -1.84
CA ASN J 250 -24.94 -7.94 -2.60
C ASN J 250 -25.17 -6.64 -1.87
N GLN J 251 -26.34 -6.50 -1.24
CA GLN J 251 -26.65 -5.27 -0.53
C GLN J 251 -25.68 -5.04 0.61
N ALA J 252 -25.42 -6.08 1.40
CA ALA J 252 -24.48 -5.95 2.51
C ALA J 252 -23.08 -5.64 2.01
N ASN J 253 -22.64 -6.32 0.95
CA ASN J 253 -21.28 -6.09 0.47
C ASN J 253 -21.12 -4.70 -0.14
N MET J 254 -22.14 -4.22 -0.85
CA MET J 254 -22.10 -2.85 -1.37
C MET J 254 -22.08 -1.84 -0.24
N SER J 255 -22.89 -2.05 0.80
CA SER J 255 -22.88 -1.15 1.94
C SER J 255 -21.51 -1.13 2.61
N ALA J 256 -20.85 -2.28 2.68
CA ALA J 256 -19.52 -2.33 3.28
C ALA J 256 -18.49 -1.58 2.45
N LYS J 257 -18.71 -1.46 1.14
CA LYS J 257 -17.77 -0.80 0.24
C LYS J 257 -18.04 0.70 0.13
N GLY J 258 -18.98 1.23 0.90
CA GLY J 258 -19.30 2.64 0.85
C GLY J 258 -20.30 3.05 -0.18
N ILE J 259 -20.91 2.10 -0.88
CA ILE J 259 -21.94 2.39 -1.87
C ILE J 259 -23.27 2.44 -1.14
N ALA J 260 -23.95 3.59 -1.22
CA ALA J 260 -25.15 3.81 -0.42
C ALA J 260 -26.29 2.92 -0.90
N GLN J 261 -27.01 2.34 0.05
CA GLN J 261 -28.19 1.53 -0.22
C GLN J 261 -29.38 2.22 0.43
N ILE J 262 -30.37 2.58 -0.37
CA ILE J 262 -31.55 3.31 0.09
C ILE J 262 -32.77 2.48 -0.27
N ALA J 263 -33.68 2.33 0.70
CA ALA J 263 -34.91 1.58 0.48
C ALA J 263 -36.10 2.46 0.80
N THR J 264 -37.09 2.48 -0.09
CA THR J 264 -38.34 3.19 0.12
C THR J 264 -39.47 2.19 -0.02
N VAL J 265 -40.19 1.96 1.08
CA VAL J 265 -41.22 0.93 1.13
C VAL J 265 -42.53 1.58 0.70
N MET J 266 -42.80 1.54 -0.60
CA MET J 266 -44.05 2.06 -1.13
C MET J 266 -45.21 1.10 -0.93
N GLY J 267 -44.92 -0.18 -0.69
CA GLY J 267 -45.95 -1.19 -0.55
C GLY J 267 -45.63 -2.22 0.50
N SER J 268 -45.75 -3.49 0.15
CA SER J 268 -45.50 -4.58 1.08
C SER J 268 -44.14 -5.22 0.83
N CYS J 269 -43.54 -5.72 1.89
CA CYS J 269 -42.34 -6.57 1.80
C CYS J 269 -42.45 -7.64 2.86
N THR J 270 -42.56 -8.90 2.42
CA THR J 270 -42.88 -10.02 3.30
C THR J 270 -41.75 -11.04 3.27
N ALA J 271 -41.47 -11.61 4.44
CA ALA J 271 -40.51 -12.72 4.59
C ALA J 271 -39.15 -12.26 4.11
N GLY J 272 -38.54 -12.92 3.11
CA GLY J 272 -37.20 -12.54 2.70
C GLY J 272 -37.11 -11.09 2.26
N GLY J 273 -38.12 -10.61 1.53
CA GLY J 273 -38.10 -9.23 1.08
C GLY J 273 -37.99 -8.23 2.21
N ALA J 274 -38.43 -8.62 3.41
CA ALA J 274 -38.34 -7.73 4.56
C ALA J 274 -36.90 -7.38 4.91
N TYR J 275 -35.93 -8.15 4.42
CA TYR J 275 -34.54 -7.82 4.66
C TYR J 275 -34.10 -6.60 3.87
N VAL J 276 -34.77 -6.30 2.75
CA VAL J 276 -34.36 -5.18 1.91
C VAL J 276 -34.40 -3.86 2.67
N PRO J 277 -35.50 -3.49 3.33
CA PRO J 277 -35.45 -2.25 4.13
C PRO J 277 -34.51 -2.34 5.31
N ALA J 278 -34.41 -3.50 5.93
CA ALA J 278 -33.66 -3.63 7.18
C ALA J 278 -32.16 -3.60 6.95
N MET J 279 -31.70 -4.06 5.80
CA MET J 279 -30.27 -4.11 5.50
C MET J 279 -29.77 -2.87 4.76
N SER J 280 -30.63 -1.89 4.53
CA SER J 280 -30.23 -0.67 3.85
C SER J 280 -29.67 0.34 4.85
N ASP J 281 -28.83 1.24 4.33
CA ASP J 281 -28.28 2.30 5.17
C ASP J 281 -29.38 3.22 5.68
N GLU J 282 -30.31 3.59 4.80
CA GLU J 282 -31.44 4.42 5.18
C GLU J 282 -32.69 3.89 4.49
N SER J 283 -33.81 3.89 5.20
CA SER J 283 -35.05 3.32 4.71
C SER J 283 -36.21 4.27 4.94
N ILE J 284 -37.16 4.22 4.01
CA ILE J 284 -38.37 5.04 4.05
C ILE J 284 -39.57 4.11 3.94
N ILE J 285 -40.62 4.39 4.71
CA ILE J 285 -41.85 3.61 4.66
C ILE J 285 -43.04 4.56 4.53
N VAL J 286 -43.94 4.25 3.62
CA VAL J 286 -45.15 5.04 3.43
C VAL J 286 -46.21 4.57 4.42
N LYS J 287 -46.97 5.53 4.95
CA LYS J 287 -47.91 5.25 6.03
C LYS J 287 -48.95 4.21 5.68
N GLY J 288 -49.81 4.50 4.71
CA GLY J 288 -50.94 3.63 4.45
C GLY J 288 -50.54 2.29 3.87
N ASN J 289 -49.67 2.30 2.86
CA ASN J 289 -49.40 1.09 2.07
C ASN J 289 -48.12 0.38 2.47
N GLY J 290 -47.30 0.95 3.35
CA GLY J 290 -46.04 0.35 3.72
C GLY J 290 -46.18 -0.62 4.89
N THR J 291 -45.77 -1.86 4.66
CA THR J 291 -45.80 -2.89 5.69
C THR J 291 -44.52 -3.72 5.61
N ILE J 292 -43.89 -3.94 6.76
CA ILE J 292 -42.67 -4.74 6.85
C ILE J 292 -42.85 -5.76 7.96
N PHE J 293 -42.71 -7.04 7.62
CA PHE J 293 -42.74 -8.10 8.62
C PHE J 293 -42.10 -9.36 8.06
N LEU J 294 -41.42 -10.10 8.92
CA LEU J 294 -40.87 -11.39 8.52
C LEU J 294 -41.95 -12.44 8.39
N GLY J 295 -42.97 -12.39 9.25
CA GLY J 295 -44.08 -13.32 9.18
C GLY J 295 -45.39 -12.60 8.95
N GLY J 296 -46.09 -12.96 7.88
CA GLY J 296 -47.33 -12.31 7.52
C GLY J 296 -48.46 -12.73 8.43
N PRO J 297 -49.59 -12.01 8.30
CA PRO J 297 -50.77 -12.32 9.10
C PRO J 297 -51.26 -13.75 8.93
N PRO J 298 -51.25 -14.31 7.70
CA PRO J 298 -51.59 -15.74 7.60
C PRO J 298 -50.68 -16.63 8.42
N LEU J 299 -49.38 -16.35 8.42
CA LEU J 299 -48.44 -17.17 9.18
C LEU J 299 -48.66 -17.02 10.67
N VAL J 300 -48.87 -15.79 11.15
CA VAL J 300 -49.06 -15.60 12.58
C VAL J 300 -50.38 -16.22 13.04
N PHE J 301 -51.40 -16.22 12.18
CA PHE J 301 -52.65 -16.87 12.57
C PHE J 301 -52.51 -18.39 12.55
N ALA J 302 -51.81 -18.94 11.56
CA ALA J 302 -51.59 -20.38 11.53
C ALA J 302 -50.68 -20.84 12.67
N ALA J 303 -49.87 -19.94 13.22
CA ALA J 303 -48.96 -20.31 14.30
C ALA J 303 -49.61 -20.14 15.67
N THR J 304 -50.03 -18.92 16.00
CA THR J 304 -50.53 -18.62 17.34
C THR J 304 -52.04 -18.47 17.40
N GLY J 305 -52.74 -18.56 16.28
CA GLY J 305 -54.18 -18.40 16.31
C GLY J 305 -54.66 -16.99 16.56
N GLU J 306 -53.84 -16.00 16.24
CA GLU J 306 -54.20 -14.60 16.44
C GLU J 306 -54.41 -13.91 15.10
N GLU J 307 -55.40 -13.02 15.07
CA GLU J 307 -55.74 -12.26 13.87
C GLU J 307 -55.24 -10.83 14.04
N VAL J 308 -54.37 -10.40 13.13
CA VAL J 308 -53.85 -9.03 13.13
C VAL J 308 -53.83 -8.51 11.70
N THR J 309 -54.18 -7.24 11.54
CA THR J 309 -54.08 -6.62 10.23
C THR J 309 -52.63 -6.32 9.89
N PRO J 310 -52.29 -6.24 8.61
CA PRO J 310 -50.90 -5.89 8.24
C PRO J 310 -50.46 -4.55 8.80
N GLU J 311 -51.36 -3.58 8.91
CA GLU J 311 -50.99 -2.27 9.42
C GLU J 311 -50.55 -2.35 10.89
N GLU J 312 -51.30 -3.08 11.72
CA GLU J 312 -50.93 -3.18 13.12
C GLU J 312 -49.83 -4.19 13.35
N LEU J 313 -49.48 -5.00 12.35
CA LEU J 313 -48.36 -5.93 12.45
C LEU J 313 -47.04 -5.28 12.08
N GLY J 314 -46.97 -4.71 10.87
CA GLY J 314 -45.74 -4.12 10.39
C GLY J 314 -45.92 -2.78 9.70
N GLY J 315 -46.88 -1.99 10.15
CA GLY J 315 -47.16 -0.72 9.52
C GLY J 315 -46.09 0.31 9.79
N ALA J 316 -46.30 1.50 9.21
CA ALA J 316 -45.32 2.56 9.34
C ALA J 316 -45.14 3.02 10.77
N ASP J 317 -46.22 3.07 11.54
CA ASP J 317 -46.12 3.53 12.93
C ASP J 317 -45.24 2.60 13.75
N VAL J 318 -45.45 1.29 13.65
CA VAL J 318 -44.71 0.36 14.49
C VAL J 318 -43.23 0.34 14.10
N HIS J 319 -42.92 0.46 12.81
CA HIS J 319 -41.54 0.39 12.35
C HIS J 319 -40.84 1.75 12.37
N CYS J 320 -41.56 2.83 12.61
CA CYS J 320 -40.95 4.15 12.61
C CYS J 320 -40.94 4.82 13.98
N ARG J 321 -41.78 4.37 14.91
CA ARG J 321 -41.83 4.94 16.24
C ARG J 321 -41.32 4.01 17.33
N ALA J 322 -41.47 2.70 17.15
CA ALA J 322 -41.08 1.73 18.17
C ALA J 322 -39.98 0.79 17.70
N SER J 323 -40.16 0.15 16.55
CA SER J 323 -39.20 -0.86 16.10
C SER J 323 -37.86 -0.23 15.72
N GLY J 324 -37.90 0.88 15.01
CA GLY J 324 -36.68 1.52 14.55
C GLY J 324 -36.10 0.94 13.27
N VAL J 325 -36.83 0.06 12.59
CA VAL J 325 -36.33 -0.49 11.33
C VAL J 325 -36.22 0.59 10.28
N THR J 326 -37.21 1.46 10.17
CA THR J 326 -37.23 2.52 9.19
C THR J 326 -36.82 3.86 9.82
N ASP J 327 -36.30 4.74 8.98
CA ASP J 327 -35.78 6.02 9.44
C ASP J 327 -36.64 7.21 9.04
N TYR J 328 -37.43 7.11 7.97
CA TYR J 328 -38.20 8.25 7.50
C TYR J 328 -39.65 7.84 7.30
N PHE J 329 -40.55 8.64 7.85
CA PHE J 329 -41.99 8.42 7.76
C PHE J 329 -42.54 9.22 6.60
N ALA J 330 -43.17 8.55 5.64
CA ALA J 330 -43.71 9.19 4.45
C ALA J 330 -45.22 9.14 4.49
N THR J 331 -45.86 10.27 4.22
CA THR J 331 -47.32 10.33 4.23
C THR J 331 -47.93 9.72 2.98
N ASP J 332 -47.25 9.83 1.83
CA ASP J 332 -47.76 9.29 0.58
C ASP J 332 -46.57 9.02 -0.34
N ASP J 333 -46.86 8.62 -1.58
CA ASP J 333 -45.80 8.31 -2.52
C ASP J 333 -44.96 9.52 -2.86
N LEU J 334 -45.59 10.68 -3.05
CA LEU J 334 -44.85 11.89 -3.39
C LEU J 334 -43.92 12.30 -2.27
N HIS J 335 -44.39 12.23 -1.03
CA HIS J 335 -43.52 12.53 0.11
C HIS J 335 -42.38 11.53 0.20
N ALA J 336 -42.66 10.26 -0.12
CA ALA J 336 -41.62 9.25 -0.11
C ALA J 336 -40.53 9.55 -1.13
N LEU J 337 -40.92 9.95 -2.35
CA LEU J 337 -39.93 10.29 -3.36
C LEU J 337 -39.16 11.54 -2.98
N TYR J 338 -39.83 12.51 -2.37
CA TYR J 338 -39.12 13.69 -1.87
C TYR J 338 -38.08 13.31 -0.82
N LEU J 339 -38.45 12.44 0.11
CA LEU J 339 -37.51 12.00 1.13
C LEU J 339 -36.35 11.22 0.53
N THR J 340 -36.62 10.43 -0.52
CA THR J 340 -35.56 9.75 -1.23
C THR J 340 -34.57 10.74 -1.85
N ARG J 341 -35.10 11.79 -2.49
CA ARG J 341 -34.23 12.81 -3.06
C ARG J 341 -33.44 13.52 -1.97
N ARG J 342 -34.05 13.74 -0.81
CA ARG J 342 -33.34 14.37 0.30
C ARG J 342 -32.21 13.47 0.81
N ILE J 343 -32.45 12.16 0.85
CA ILE J 343 -31.40 11.22 1.25
C ILE J 343 -30.25 11.27 0.26
N VAL J 344 -30.58 11.27 -1.05
CA VAL J 344 -29.53 11.34 -2.07
C VAL J 344 -28.75 12.64 -1.95
N ALA J 345 -29.44 13.73 -1.60
CA ALA J 345 -28.78 15.03 -1.54
C ALA J 345 -27.69 15.06 -0.48
N ASN J 346 -27.82 14.26 0.57
CA ASN J 346 -26.90 14.29 1.70
C ASN J 346 -25.86 13.18 1.64
N LEU J 347 -25.69 12.52 0.50
CA LEU J 347 -24.55 11.66 0.27
C LEU J 347 -23.35 12.54 -0.03
N ASN J 348 -22.33 12.48 0.83
CA ASN J 348 -21.18 13.37 0.70
C ASN J 348 -20.25 12.88 -0.41
N ARG J 349 -20.81 12.81 -1.61
CA ARG J 349 -20.09 12.34 -2.78
C ARG J 349 -19.68 13.55 -3.61
N ASN J 350 -18.38 13.64 -3.91
CA ASN J 350 -17.87 14.78 -4.65
C ASN J 350 -18.46 14.83 -6.06
N ASP J 351 -18.66 16.05 -6.56
CA ASP J 351 -19.29 16.22 -7.86
C ASP J 351 -18.46 15.60 -8.97
N CYS J 352 -17.14 15.78 -8.93
CA CYS J 352 -16.26 15.23 -9.95
C CYS J 352 -14.85 15.16 -9.40
N GLU J 353 -14.18 14.03 -9.67
CA GLU J 353 -12.78 13.89 -9.28
C GLU J 353 -11.90 14.89 -10.02
N ARG J 354 -12.17 15.08 -11.31
CA ARG J 354 -11.43 16.03 -12.14
C ARG J 354 -12.41 17.06 -12.71
N PRO J 355 -12.25 18.35 -12.43
CA PRO J 355 -13.21 19.35 -12.93
C PRO J 355 -13.09 19.64 -14.42
N CYS J 356 -12.22 18.96 -15.15
CA CYS J 356 -12.10 19.19 -16.58
C CYS J 356 -13.36 18.73 -17.30
N ARG J 357 -13.81 19.53 -18.27
CA ARG J 357 -15.04 19.23 -18.99
C ARG J 357 -14.77 18.46 -20.28
N GLY J 358 -14.02 19.06 -21.19
CA GLY J 358 -13.72 18.41 -22.46
C GLY J 358 -14.93 18.10 -23.30
N ARG J 359 -15.88 19.02 -23.39
CA ARG J 359 -17.12 18.82 -24.13
C ARG J 359 -17.09 19.50 -25.50
N GLU J 360 -15.90 19.71 -26.06
CA GLU J 360 -15.77 20.36 -27.37
C GLU J 360 -15.75 19.28 -28.44
N PHE J 361 -16.93 18.70 -28.67
CA PHE J 361 -17.08 17.61 -29.63
C PHE J 361 -18.00 18.03 -30.76
N THR J 362 -17.91 17.30 -31.87
CA THR J 362 -18.69 17.51 -33.06
C THR J 362 -19.58 16.30 -33.32
N PRO J 363 -20.85 16.50 -33.63
CA PRO J 363 -21.76 15.37 -33.89
C PRO J 363 -21.30 14.59 -35.12
N PRO J 364 -21.77 13.35 -35.28
CA PRO J 364 -21.42 12.59 -36.48
C PRO J 364 -21.87 13.30 -37.74
N LEU J 365 -21.06 13.17 -38.79
CA LEU J 365 -21.32 13.85 -40.05
C LEU J 365 -22.38 13.17 -40.89
N TYR J 366 -22.83 11.97 -40.52
CA TYR J 366 -23.84 11.25 -41.25
C TYR J 366 -24.99 10.89 -40.33
N ASP J 367 -26.20 10.90 -40.88
CA ASP J 367 -27.39 10.68 -40.07
C ASP J 367 -27.47 9.23 -39.62
N PRO J 368 -27.65 8.96 -38.33
CA PRO J 368 -27.85 7.57 -37.90
C PRO J 368 -29.10 6.92 -38.47
N SER J 369 -30.08 7.71 -38.89
CA SER J 369 -31.36 7.15 -39.32
C SER J 369 -31.24 6.26 -40.54
N GLU J 370 -30.13 6.33 -41.26
CA GLU J 370 -29.92 5.49 -42.43
C GLU J 370 -28.99 4.32 -42.17
N ILE J 371 -28.63 4.08 -40.90
CA ILE J 371 -27.77 2.94 -40.59
C ILE J 371 -28.41 1.64 -41.08
N GLY J 372 -29.71 1.50 -40.89
CA GLY J 372 -30.41 0.31 -41.33
C GLY J 372 -30.28 0.05 -42.81
N GLY J 373 -29.97 1.08 -43.60
CA GLY J 373 -29.77 0.85 -45.02
C GLY J 373 -28.58 -0.05 -45.30
N PHE J 374 -27.56 0.00 -44.45
CA PHE J 374 -26.37 -0.81 -44.64
C PHE J 374 -26.48 -2.20 -44.02
N ILE J 375 -27.53 -2.47 -43.25
CA ILE J 375 -27.65 -3.72 -42.50
C ILE J 375 -28.45 -4.71 -43.35
N PRO J 376 -27.85 -5.81 -43.77
CA PRO J 376 -28.58 -6.79 -44.59
C PRO J 376 -29.45 -7.69 -43.71
N ASP J 377 -30.09 -8.66 -44.37
CA ASP J 377 -30.96 -9.60 -43.68
C ASP J 377 -30.10 -10.70 -43.05
N MET J 378 -30.03 -10.70 -41.71
CA MET J 378 -29.22 -11.70 -41.03
C MET J 378 -29.81 -13.09 -41.17
N GLY J 379 -31.14 -13.21 -41.20
CA GLY J 379 -31.75 -14.50 -41.44
C GLY J 379 -31.97 -14.75 -42.92
N ALA J 380 -31.03 -15.48 -43.53
CA ALA J 380 -31.11 -15.77 -44.95
C ALA J 380 -30.25 -16.99 -45.24
N ASP J 381 -30.48 -17.59 -46.41
CA ASP J 381 -29.69 -18.75 -46.82
C ASP J 381 -28.23 -18.37 -46.99
N VAL J 382 -27.96 -17.25 -47.65
CA VAL J 382 -26.61 -16.70 -47.78
C VAL J 382 -26.65 -15.27 -47.27
N VAL J 383 -25.87 -14.99 -46.23
CA VAL J 383 -25.87 -13.69 -45.58
C VAL J 383 -24.84 -12.79 -46.27
N LYS J 384 -25.29 -11.63 -46.72
CA LYS J 384 -24.40 -10.69 -47.37
C LYS J 384 -23.51 -10.00 -46.34
N GLY J 385 -22.35 -9.54 -46.81
CA GLY J 385 -21.42 -8.81 -45.98
C GLY J 385 -21.50 -7.31 -46.23
N PHE J 386 -21.15 -6.54 -45.20
CA PHE J 386 -21.15 -5.09 -45.29
C PHE J 386 -19.95 -4.55 -44.53
N ASP J 387 -19.64 -3.28 -44.78
CA ASP J 387 -18.55 -2.61 -44.10
C ASP J 387 -19.09 -2.01 -42.80
N VAL J 388 -18.51 -2.44 -41.67
CA VAL J 388 -18.95 -1.93 -40.38
C VAL J 388 -18.57 -0.47 -40.20
N ARG J 389 -17.59 0.04 -40.96
CA ARG J 389 -17.20 1.43 -40.86
C ARG J 389 -18.34 2.37 -41.19
N ALA J 390 -19.20 1.99 -42.14
CA ALA J 390 -20.38 2.79 -42.43
C ALA J 390 -21.25 2.96 -41.20
N VAL J 391 -21.30 1.96 -40.33
CA VAL J 391 -21.97 2.12 -39.05
C VAL J 391 -21.17 3.06 -38.15
N ILE J 392 -19.86 2.86 -38.08
CA ILE J 392 -19.03 3.65 -37.18
C ILE J 392 -19.08 5.12 -37.54
N ALA J 393 -19.13 5.43 -38.83
CA ALA J 393 -19.21 6.82 -39.27
C ALA J 393 -20.47 7.50 -38.78
N ARG J 394 -21.50 6.75 -38.41
CA ARG J 394 -22.76 7.32 -37.95
C ARG J 394 -22.93 7.25 -36.45
N LEU J 395 -21.87 6.94 -35.71
CA LEU J 395 -21.94 6.84 -34.26
C LEU J 395 -20.92 7.67 -33.51
N VAL J 396 -19.80 8.03 -34.12
CA VAL J 396 -18.69 8.64 -33.40
C VAL J 396 -18.59 10.12 -33.77
N ASP J 397 -17.86 10.86 -32.93
CA ASP J 397 -17.78 12.30 -33.07
C ASP J 397 -17.09 12.69 -34.36
N GLY J 398 -17.78 13.49 -35.18
CA GLY J 398 -17.22 14.01 -36.40
C GLY J 398 -16.87 12.95 -37.42
N SER J 399 -17.39 11.74 -37.22
CA SER J 399 -17.09 10.59 -38.08
C SER J 399 -15.59 10.34 -38.20
N GLU J 400 -14.84 10.66 -37.15
CA GLU J 400 -13.40 10.49 -37.14
C GLU J 400 -13.04 9.16 -36.51
N PHE J 401 -12.07 8.48 -37.09
CA PHE J 401 -11.74 7.12 -36.68
C PHE J 401 -10.31 6.82 -37.08
N ASP J 402 -9.44 6.65 -36.09
CA ASP J 402 -8.03 6.31 -36.34
C ASP J 402 -7.89 4.79 -36.30
N GLU J 403 -7.80 4.17 -37.47
CA GLU J 403 -7.72 2.72 -37.56
C GLU J 403 -6.35 2.22 -37.13
N PHE J 404 -6.34 1.10 -36.40
CA PHE J 404 -5.13 0.62 -35.75
C PHE J 404 -4.22 -0.15 -36.71
N LYS J 405 -4.70 -1.25 -37.27
CA LYS J 405 -3.96 -2.03 -38.28
C LYS J 405 -4.90 -2.20 -39.46
N LYS J 406 -4.90 -1.21 -40.35
CA LYS J 406 -5.87 -1.19 -41.43
C LYS J 406 -5.64 -2.30 -42.44
N LEU J 407 -4.41 -2.80 -42.57
CA LEU J 407 -4.06 -3.74 -43.63
C LEU J 407 -3.73 -5.14 -43.12
N TYR J 408 -3.78 -5.37 -41.81
CA TYR J 408 -3.38 -6.66 -41.25
C TYR J 408 -4.57 -7.55 -40.92
N GLY J 409 -5.48 -7.08 -40.08
CA GLY J 409 -6.64 -7.86 -39.73
C GLY J 409 -7.58 -8.04 -40.89
N ASP J 410 -8.09 -6.91 -41.41
CA ASP J 410 -8.88 -6.86 -42.64
C ASP J 410 -10.24 -7.53 -42.47
N THR J 411 -10.47 -8.15 -41.31
CA THR J 411 -11.77 -8.67 -40.94
C THR J 411 -12.17 -8.28 -39.53
N LEU J 412 -11.27 -7.66 -38.77
CA LEU J 412 -11.58 -7.09 -37.46
C LEU J 412 -11.08 -5.66 -37.47
N VAL J 413 -12.00 -4.71 -37.43
CA VAL J 413 -11.66 -3.29 -37.48
C VAL J 413 -11.42 -2.82 -36.05
N CYS J 414 -10.20 -2.37 -35.77
CA CYS J 414 -9.83 -1.84 -34.47
C CYS J 414 -9.38 -0.40 -34.64
N GLY J 415 -9.87 0.49 -33.78
CA GLY J 415 -9.50 1.87 -33.93
C GLY J 415 -9.90 2.69 -32.72
N PHE J 416 -9.56 3.98 -32.78
CA PHE J 416 -9.89 4.93 -31.74
C PHE J 416 -10.94 5.90 -32.24
N ALA J 417 -11.88 6.25 -31.37
CA ALA J 417 -12.93 7.20 -31.71
C ALA J 417 -13.33 7.93 -30.45
N ARG J 418 -14.31 8.83 -30.58
CA ARG J 418 -14.78 9.59 -29.43
C ARG J 418 -16.29 9.67 -29.44
N PHE J 419 -16.88 9.53 -28.26
CA PHE J 419 -18.31 9.70 -28.04
C PHE J 419 -18.48 10.90 -27.12
N GLU J 420 -18.96 12.01 -27.68
CA GLU J 420 -19.14 13.27 -26.95
C GLU J 420 -17.87 13.65 -26.19
N GLY J 421 -16.73 13.47 -26.84
CA GLY J 421 -15.45 13.82 -26.27
C GLY J 421 -14.77 12.75 -25.47
N MET J 422 -15.44 11.62 -25.22
CA MET J 422 -14.85 10.53 -24.46
C MET J 422 -14.14 9.57 -25.41
N LEU J 423 -12.85 9.36 -25.18
CA LEU J 423 -12.05 8.51 -26.04
C LEU J 423 -12.38 7.04 -25.79
N VAL J 424 -12.62 6.30 -26.87
CA VAL J 424 -13.05 4.91 -26.79
C VAL J 424 -12.34 4.10 -27.87
N GLY J 425 -11.88 2.91 -27.50
CA GLY J 425 -11.38 1.96 -28.48
C GLY J 425 -12.50 1.10 -28.99
N ILE J 426 -12.62 1.01 -30.31
CA ILE J 426 -13.68 0.26 -30.98
C ILE J 426 -13.09 -0.97 -31.64
N VAL J 427 -13.65 -2.13 -31.31
CA VAL J 427 -13.33 -3.40 -31.95
C VAL J 427 -14.62 -3.91 -32.59
N ALA J 428 -14.63 -4.05 -33.90
CA ALA J 428 -15.82 -4.45 -34.63
C ALA J 428 -15.49 -5.58 -35.58
N ASN J 429 -16.45 -6.49 -35.76
CA ASN J 429 -16.27 -7.59 -36.70
C ASN J 429 -16.54 -7.14 -38.12
N ASN J 430 -15.74 -7.62 -39.05
CA ASN J 430 -15.90 -7.27 -40.46
C ASN J 430 -15.72 -8.50 -41.34
N GLY J 431 -16.07 -9.68 -40.83
CA GLY J 431 -15.94 -10.91 -41.58
C GLY J 431 -15.55 -12.05 -40.66
N ILE J 432 -14.99 -13.09 -41.27
CA ILE J 432 -14.56 -14.27 -40.53
C ILE J 432 -13.29 -13.95 -39.75
N LEU J 433 -13.23 -14.40 -38.50
CA LEU J 433 -12.03 -14.23 -37.69
C LEU J 433 -10.93 -15.17 -38.17
N TYR J 434 -9.73 -14.62 -38.34
CA TYR J 434 -8.54 -15.38 -38.66
C TYR J 434 -7.55 -15.28 -37.51
N SER J 435 -6.41 -15.95 -37.67
CA SER J 435 -5.35 -15.84 -36.67
C SER J 435 -4.82 -14.41 -36.61
N GLU J 436 -4.63 -13.78 -37.77
CA GLU J 436 -4.15 -12.40 -37.80
C GLU J 436 -5.15 -11.46 -37.14
N SER J 437 -6.43 -11.65 -37.41
CA SER J 437 -7.45 -10.79 -36.82
C SER J 437 -7.50 -10.95 -35.31
N ALA J 438 -7.40 -12.20 -34.82
CA ALA J 438 -7.39 -12.42 -33.37
C ALA J 438 -6.16 -11.81 -32.72
N LEU J 439 -4.99 -11.96 -33.34
CA LEU J 439 -3.78 -11.33 -32.81
C LEU J 439 -3.92 -9.82 -32.78
N LYS J 440 -4.47 -9.24 -33.85
CA LYS J 440 -4.66 -7.79 -33.90
C LYS J 440 -5.62 -7.33 -32.81
N GLY J 441 -6.71 -8.06 -32.62
CA GLY J 441 -7.64 -7.70 -31.57
C GLY J 441 -7.03 -7.79 -30.19
N ALA J 442 -6.26 -8.85 -29.92
CA ALA J 442 -5.60 -8.97 -28.63
C ALA J 442 -4.62 -7.84 -28.40
N HIS J 443 -3.81 -7.51 -29.41
CA HIS J 443 -2.86 -6.43 -29.27
C HIS J 443 -3.56 -5.10 -29.03
N PHE J 444 -4.66 -4.85 -29.75
CA PHE J 444 -5.39 -3.60 -29.55
C PHE J 444 -6.02 -3.53 -28.16
N VAL J 445 -6.54 -4.66 -27.67
CA VAL J 445 -7.12 -4.66 -26.34
C VAL J 445 -6.05 -4.40 -25.29
N GLU J 446 -4.86 -4.99 -25.45
CA GLU J 446 -3.76 -4.70 -24.54
C GLU J 446 -3.38 -3.22 -24.59
N LEU J 447 -3.34 -2.66 -25.80
CA LEU J 447 -2.99 -1.25 -25.96
C LEU J 447 -3.99 -0.35 -25.25
N CYS J 448 -5.28 -0.65 -25.40
CA CYS J 448 -6.30 0.14 -24.72
C CYS J 448 -6.23 -0.04 -23.22
N SER J 449 -5.97 -1.27 -22.76
CA SER J 449 -5.89 -1.52 -21.33
C SER J 449 -4.74 -0.76 -20.69
N HIS J 450 -3.58 -0.71 -21.36
CA HIS J 450 -2.44 0.03 -20.82
C HIS J 450 -2.71 1.52 -20.73
N ARG J 451 -3.67 2.03 -21.48
CA ARG J 451 -3.99 3.46 -21.48
C ARG J 451 -5.27 3.80 -20.75
N ASN J 452 -5.93 2.82 -20.13
CA ASN J 452 -7.21 3.03 -19.44
C ASN J 452 -8.25 3.60 -20.39
N ILE J 453 -8.25 3.13 -21.63
CA ILE J 453 -9.21 3.54 -22.65
C ILE J 453 -10.35 2.53 -22.66
N PRO J 454 -11.60 2.96 -22.47
CA PRO J 454 -12.71 2.01 -22.52
C PRO J 454 -12.85 1.38 -23.90
N LEU J 455 -13.38 0.16 -23.92
CA LEU J 455 -13.51 -0.63 -25.13
C LEU J 455 -14.97 -0.73 -25.56
N LEU J 456 -15.19 -0.66 -26.86
CA LEU J 456 -16.51 -0.84 -27.46
C LEU J 456 -16.43 -1.95 -28.49
N PHE J 457 -17.18 -3.02 -28.28
CA PHE J 457 -17.23 -4.16 -29.18
C PHE J 457 -18.52 -4.10 -29.99
N LEU J 458 -18.40 -4.28 -31.30
CA LEU J 458 -19.55 -4.37 -32.20
C LEU J 458 -19.53 -5.77 -32.80
N GLN J 459 -20.42 -6.64 -32.32
CA GLN J 459 -20.37 -8.06 -32.66
C GLN J 459 -21.25 -8.35 -33.87
N ASN J 460 -20.63 -8.83 -34.94
CA ASN J 460 -21.32 -9.54 -36.01
C ASN J 460 -20.36 -10.64 -36.45
N ILE J 461 -20.44 -11.79 -35.81
CA ILE J 461 -19.42 -12.82 -35.92
C ILE J 461 -20.07 -14.17 -36.19
N THR J 462 -19.48 -14.93 -37.11
CA THR J 462 -19.94 -16.25 -37.48
C THR J 462 -18.82 -17.26 -37.36
N GLY J 463 -18.09 -17.21 -36.25
CA GLY J 463 -17.05 -18.18 -35.97
C GLY J 463 -15.72 -17.86 -36.64
N PHE J 464 -14.78 -18.79 -36.46
CA PHE J 464 -13.44 -18.66 -36.99
C PHE J 464 -13.32 -19.37 -38.33
N MET J 465 -12.13 -19.29 -38.92
CA MET J 465 -11.86 -19.98 -40.17
C MET J 465 -11.46 -21.43 -39.88
N VAL J 466 -12.09 -22.36 -40.59
CA VAL J 466 -11.86 -23.78 -40.38
C VAL J 466 -10.88 -24.29 -41.42
N GLY J 467 -10.29 -25.44 -41.13
CA GLY J 467 -9.35 -26.04 -42.06
C GLY J 467 -8.09 -26.57 -41.41
N LYS J 468 -7.44 -27.52 -42.07
CA LYS J 468 -6.22 -28.11 -41.52
C LYS J 468 -5.10 -27.09 -41.42
N THR J 469 -4.94 -26.23 -42.44
CA THR J 469 -3.87 -25.25 -42.42
C THR J 469 -4.05 -24.25 -41.29
N TYR J 470 -5.29 -23.82 -41.04
CA TYR J 470 -5.52 -22.80 -40.03
C TYR J 470 -5.34 -23.36 -38.62
N GLU J 471 -5.76 -24.60 -38.39
CA GLU J 471 -5.50 -25.23 -37.11
C GLU J 471 -4.01 -25.47 -36.91
N GLU J 472 -3.31 -25.87 -37.98
CA GLU J 472 -1.86 -26.08 -37.89
C GLU J 472 -1.14 -24.77 -37.62
N GLY J 473 -1.67 -23.65 -38.10
CA GLY J 473 -1.08 -22.35 -37.82
C GLY J 473 -1.32 -21.84 -36.41
N GLY J 474 -2.18 -22.51 -35.65
CA GLY J 474 -2.41 -22.14 -34.27
C GLY J 474 -3.53 -21.14 -34.08
N ILE J 475 -4.63 -21.31 -34.82
CA ILE J 475 -5.74 -20.38 -34.71
C ILE J 475 -6.38 -20.46 -33.34
N ALA J 476 -6.41 -21.65 -32.73
CA ALA J 476 -6.95 -21.78 -31.38
C ALA J 476 -6.12 -20.99 -30.39
N LYS J 477 -4.79 -21.01 -30.56
CA LYS J 477 -3.92 -20.26 -29.66
C LYS J 477 -4.15 -18.76 -29.78
N ASN J 478 -4.34 -18.25 -30.99
CA ASN J 478 -4.55 -16.82 -31.17
C ASN J 478 -5.93 -16.40 -30.68
N GLY J 479 -6.95 -17.22 -30.92
CA GLY J 479 -8.25 -16.97 -30.33
C GLY J 479 -8.20 -16.95 -28.82
N ALA J 480 -7.40 -17.85 -28.24
CA ALA J 480 -7.20 -17.85 -26.80
C ALA J 480 -6.51 -16.59 -26.33
N LYS J 481 -5.53 -16.10 -27.10
CA LYS J 481 -4.88 -14.84 -26.75
C LYS J 481 -5.89 -13.70 -26.73
N LEU J 482 -6.76 -13.64 -27.73
CA LEU J 482 -7.80 -12.61 -27.75
C LEU J 482 -8.74 -12.75 -26.56
N VAL J 483 -9.16 -13.97 -26.26
CA VAL J 483 -10.07 -14.20 -25.14
C VAL J 483 -9.43 -13.79 -23.83
N THR J 484 -8.16 -14.14 -23.64
CA THR J 484 -7.45 -13.77 -22.42
C THR J 484 -7.33 -12.26 -22.29
N ALA J 485 -6.98 -11.58 -23.40
CA ALA J 485 -6.86 -10.12 -23.35
C ALA J 485 -8.19 -9.48 -22.98
N VAL J 486 -9.28 -9.98 -23.56
CA VAL J 486 -10.59 -9.41 -23.24
C VAL J 486 -10.97 -9.71 -21.79
N SER J 487 -10.64 -10.91 -21.31
CA SER J 487 -11.09 -11.32 -19.99
C SER J 487 -10.34 -10.59 -18.88
N THR J 488 -9.03 -10.42 -19.03
CA THR J 488 -8.21 -9.97 -17.93
C THR J 488 -8.04 -8.45 -17.89
N THR J 489 -8.64 -7.71 -18.82
CA THR J 489 -8.52 -6.26 -18.79
C THR J 489 -9.45 -5.66 -17.74
N HIS J 490 -9.07 -4.47 -17.26
CA HIS J 490 -9.82 -3.79 -16.22
C HIS J 490 -10.56 -2.54 -16.70
N VAL J 491 -10.36 -2.12 -17.94
CA VAL J 491 -11.04 -0.95 -18.48
C VAL J 491 -12.52 -1.29 -18.67
N PRO J 492 -13.42 -0.32 -18.61
CA PRO J 492 -14.83 -0.62 -18.88
C PRO J 492 -15.01 -1.11 -20.31
N LYS J 493 -15.90 -2.08 -20.48
CA LYS J 493 -16.17 -2.67 -21.79
C LYS J 493 -17.66 -2.62 -22.06
N ILE J 494 -18.03 -2.18 -23.26
CA ILE J 494 -19.41 -2.13 -23.69
C ILE J 494 -19.51 -2.85 -25.02
N THR J 495 -20.42 -3.83 -25.12
CA THR J 495 -20.59 -4.62 -26.33
C THR J 495 -22.00 -4.47 -26.85
N ILE J 496 -22.13 -4.40 -28.18
CA ILE J 496 -23.41 -4.30 -28.86
C ILE J 496 -23.44 -5.33 -29.96
N ILE J 497 -24.49 -6.16 -29.96
CA ILE J 497 -24.68 -7.18 -30.99
C ILE J 497 -25.44 -6.50 -32.13
N ILE J 498 -24.73 -6.19 -33.21
CA ILE J 498 -25.35 -5.53 -34.35
C ILE J 498 -25.73 -6.56 -35.40
N GLY J 499 -24.99 -7.66 -35.45
CA GLY J 499 -25.27 -8.72 -36.39
C GLY J 499 -25.57 -10.05 -35.72
N GLY J 500 -24.71 -11.03 -35.94
CA GLY J 500 -24.85 -12.34 -35.32
C GLY J 500 -23.65 -12.64 -34.44
N SER J 501 -23.92 -13.29 -33.31
CA SER J 501 -22.87 -13.76 -32.39
C SER J 501 -23.02 -15.26 -32.25
N TYR J 502 -22.09 -16.01 -32.85
CA TYR J 502 -22.19 -17.46 -32.95
C TYR J 502 -20.93 -18.10 -32.41
N GLY J 503 -21.10 -18.98 -31.42
CA GLY J 503 -20.03 -19.85 -30.98
C GLY J 503 -18.87 -19.13 -30.31
N ALA J 504 -17.69 -19.73 -30.42
CA ALA J 504 -16.51 -19.23 -29.72
C ALA J 504 -16.14 -17.83 -30.16
N GLY J 505 -16.53 -17.43 -31.37
CA GLY J 505 -16.31 -16.06 -31.79
C GLY J 505 -16.96 -15.06 -30.84
N ASN J 506 -18.18 -15.37 -30.40
CA ASN J 506 -18.82 -14.57 -29.36
C ASN J 506 -17.89 -14.41 -28.17
N TYR J 507 -17.28 -15.50 -27.73
CA TYR J 507 -16.37 -15.45 -26.59
C TYR J 507 -15.19 -14.52 -26.88
N GLY J 508 -14.72 -14.51 -28.12
CA GLY J 508 -13.62 -13.62 -28.45
C GLY J 508 -14.00 -12.17 -28.55
N MET J 509 -15.30 -11.85 -28.55
CA MET J 509 -15.77 -10.50 -28.77
C MET J 509 -16.53 -9.95 -27.56
N CYS J 510 -16.09 -10.34 -26.37
CA CYS J 510 -16.65 -9.85 -25.11
C CYS J 510 -18.15 -10.12 -25.02
N GLY J 511 -18.49 -11.41 -24.96
CA GLY J 511 -19.87 -11.81 -24.79
C GLY J 511 -20.34 -11.58 -23.36
N ARG J 512 -21.53 -12.13 -23.08
CA ARG J 512 -22.14 -11.93 -21.78
C ARG J 512 -21.30 -12.54 -20.66
N ALA J 513 -20.57 -13.62 -20.95
CA ALA J 513 -19.81 -14.33 -19.93
C ALA J 513 -18.53 -13.62 -19.53
N PHE J 514 -18.13 -12.56 -20.25
CA PHE J 514 -16.83 -11.93 -20.03
C PHE J 514 -16.95 -10.58 -19.34
N GLY J 515 -18.10 -10.32 -18.71
CA GLY J 515 -18.28 -9.17 -17.87
C GLY J 515 -18.09 -7.81 -18.51
N PRO J 516 -18.78 -7.53 -19.62
CA PRO J 516 -18.88 -6.15 -20.07
C PRO J 516 -19.76 -5.36 -19.11
N ARG J 517 -19.51 -4.05 -19.04
CA ARG J 517 -20.35 -3.20 -18.20
C ARG J 517 -21.79 -3.24 -18.67
N PHE J 518 -22.01 -3.17 -19.98
CA PHE J 518 -23.34 -3.22 -20.56
C PHE J 518 -23.29 -4.02 -21.86
N LEU J 519 -24.41 -4.63 -22.21
CA LEU J 519 -24.54 -5.38 -23.46
C LEU J 519 -25.93 -5.16 -24.02
N PHE J 520 -26.00 -4.69 -25.27
CA PHE J 520 -27.26 -4.40 -25.93
C PHE J 520 -27.29 -5.10 -27.28
N MET J 521 -28.50 -5.38 -27.75
CA MET J 521 -28.72 -6.03 -29.02
C MET J 521 -29.62 -5.17 -29.91
N TRP J 522 -29.28 -5.10 -31.19
CA TRP J 522 -30.17 -4.50 -32.16
C TRP J 522 -31.31 -5.46 -32.49
N PRO J 523 -32.45 -4.94 -32.94
CA PRO J 523 -33.61 -5.82 -33.19
C PRO J 523 -33.37 -6.87 -34.25
N ASN J 524 -32.38 -6.70 -35.11
CA ASN J 524 -32.06 -7.70 -36.13
C ASN J 524 -31.05 -8.72 -35.65
N ALA J 525 -30.52 -8.58 -34.45
CA ALA J 525 -29.42 -9.42 -33.99
C ALA J 525 -29.90 -10.83 -33.66
N ARG J 526 -28.98 -11.79 -33.83
CA ARG J 526 -29.23 -13.19 -33.48
C ARG J 526 -28.03 -13.73 -32.72
N ILE J 527 -28.29 -14.44 -31.63
CA ILE J 527 -27.26 -15.04 -30.81
C ILE J 527 -27.58 -16.53 -30.63
N SER J 528 -26.61 -17.37 -30.94
CA SER J 528 -26.79 -18.81 -30.86
C SER J 528 -25.42 -19.47 -30.75
N VAL J 529 -25.42 -20.75 -30.36
CA VAL J 529 -24.17 -21.50 -30.35
C VAL J 529 -23.59 -21.66 -31.74
N MET J 530 -24.44 -21.58 -32.77
CA MET J 530 -24.01 -21.63 -34.15
C MET J 530 -25.12 -21.06 -35.01
N GLY J 531 -24.76 -20.70 -36.25
CA GLY J 531 -25.75 -20.15 -37.16
C GLY J 531 -26.83 -21.14 -37.50
N GLY J 532 -28.00 -20.62 -37.87
CA GLY J 532 -29.12 -21.48 -38.18
C GLY J 532 -28.85 -22.37 -39.39
N ASN J 533 -28.33 -21.78 -40.46
CA ASN J 533 -27.94 -22.58 -41.63
C ASN J 533 -26.83 -23.55 -41.28
N GLN J 534 -25.83 -23.07 -40.51
CA GLN J 534 -24.75 -23.95 -40.09
C GLN J 534 -25.26 -25.09 -39.21
N ALA J 535 -26.15 -24.77 -38.28
CA ALA J 535 -26.73 -25.80 -37.43
C ALA J 535 -27.48 -26.84 -38.26
N ALA J 536 -28.30 -26.37 -39.21
CA ALA J 536 -29.06 -27.29 -40.04
C ALA J 536 -28.14 -28.20 -40.84
N THR J 537 -27.14 -27.62 -41.50
CA THR J 537 -26.23 -28.42 -42.33
C THR J 537 -25.47 -29.42 -41.49
N VAL J 538 -24.90 -28.98 -40.37
CA VAL J 538 -24.07 -29.87 -39.55
C VAL J 538 -24.92 -30.98 -38.94
N LEU J 539 -26.10 -30.65 -38.41
CA LEU J 539 -26.94 -31.67 -37.82
C LEU J 539 -27.43 -32.67 -38.85
N ALA J 540 -27.77 -32.20 -40.06
CA ALA J 540 -28.19 -33.13 -41.10
C ALA J 540 -27.05 -34.04 -41.51
N LEU J 541 -25.84 -33.50 -41.64
CA LEU J 541 -24.70 -34.31 -42.08
C LEU J 541 -24.31 -35.32 -41.00
N THR J 542 -24.33 -34.91 -39.74
CA THR J 542 -23.91 -35.80 -38.66
C THR J 542 -24.93 -36.90 -38.41
N ASN J 543 -26.22 -36.58 -38.45
CA ASN J 543 -27.26 -37.55 -38.13
C ASN J 543 -27.40 -38.58 -39.25
N SER J 544 -26.71 -39.71 -39.12
CA SER J 544 -26.80 -40.76 -40.13
C SER J 544 -28.11 -41.54 -40.03
N LYS J 545 -28.79 -41.48 -38.88
CA LYS J 545 -30.08 -42.15 -38.76
C LYS J 545 -31.12 -41.52 -39.66
N LEU J 546 -31.02 -40.22 -39.91
CA LEU J 546 -32.01 -39.52 -40.72
C LEU J 546 -32.05 -40.06 -42.14
N ARG J 547 -33.24 -40.31 -42.64
CA ARG J 547 -33.44 -40.81 -43.99
C ARG J 547 -33.43 -39.67 -44.99
N GLU J 548 -33.17 -40.01 -46.25
CA GLU J 548 -33.17 -39.00 -47.30
C GLU J 548 -34.54 -38.39 -47.49
N ASN J 549 -35.61 -39.16 -47.22
CA ASN J 549 -36.96 -38.66 -47.37
C ASN J 549 -37.31 -37.61 -46.32
N GLU J 550 -36.58 -37.57 -45.21
CA GLU J 550 -36.88 -36.67 -44.09
C GLU J 550 -35.74 -35.70 -43.83
N VAL J 551 -35.15 -35.15 -44.89
CA VAL J 551 -34.05 -34.20 -44.74
C VAL J 551 -34.57 -32.76 -44.68
N GLN J 552 -35.42 -32.38 -45.62
CA GLN J 552 -35.89 -30.99 -45.68
C GLN J 552 -36.69 -30.63 -44.43
N ASP J 553 -37.54 -31.53 -43.96
CA ASP J 553 -38.33 -31.24 -42.76
C ASP J 553 -37.44 -31.06 -41.55
N PHE J 554 -36.41 -31.91 -41.40
CA PHE J 554 -35.49 -31.78 -40.27
C PHE J 554 -34.74 -30.45 -40.32
N LYS J 555 -34.25 -30.08 -41.50
CA LYS J 555 -33.55 -28.80 -41.63
C LYS J 555 -34.47 -27.64 -41.34
N ALA J 556 -35.71 -27.69 -41.83
CA ALA J 556 -36.66 -26.62 -41.55
C ALA J 556 -36.95 -26.51 -40.07
N LYS J 557 -37.11 -27.66 -39.40
CA LYS J 557 -37.42 -27.66 -37.98
C LYS J 557 -36.27 -27.06 -37.17
N VAL J 558 -35.04 -27.47 -37.46
CA VAL J 558 -33.90 -26.96 -36.70
C VAL J 558 -33.68 -25.48 -37.00
N ARG J 559 -33.88 -25.06 -38.26
CA ARG J 559 -33.75 -23.65 -38.59
C ARG J 559 -34.79 -22.82 -37.86
N SER J 560 -36.04 -23.31 -37.79
CA SER J 560 -37.07 -22.59 -37.07
C SER J 560 -36.75 -22.51 -35.58
N LYS J 561 -36.24 -23.60 -35.00
CA LYS J 561 -35.89 -23.58 -33.59
C LYS J 561 -34.78 -22.58 -33.31
N TYR J 562 -33.75 -22.55 -34.16
CA TYR J 562 -32.66 -21.61 -33.96
C TYR J 562 -33.09 -20.18 -34.19
N GLU J 563 -33.96 -19.94 -35.17
CA GLU J 563 -34.51 -18.60 -35.37
C GLU J 563 -35.31 -18.14 -34.16
N TYR J 564 -36.11 -19.04 -33.58
CA TYR J 564 -36.92 -18.66 -32.43
C TYR J 564 -36.08 -18.41 -31.20
N GLU J 565 -35.09 -19.26 -30.94
CA GLU J 565 -34.27 -19.13 -29.75
C GLU J 565 -33.11 -18.17 -29.92
N GLY J 566 -32.89 -17.63 -31.11
CA GLY J 566 -31.81 -16.70 -31.33
C GLY J 566 -32.26 -15.27 -31.52
N SER J 567 -33.57 -15.05 -31.52
CA SER J 567 -34.09 -13.72 -31.76
C SER J 567 -33.72 -12.77 -30.62
N CYS J 568 -33.80 -11.47 -30.91
CA CYS J 568 -33.46 -10.48 -29.90
C CYS J 568 -34.40 -10.55 -28.71
N TYR J 569 -35.69 -10.77 -28.96
CA TYR J 569 -36.66 -10.81 -27.87
C TYR J 569 -36.45 -12.03 -26.98
N TYR J 570 -36.08 -13.17 -27.58
CA TYR J 570 -35.78 -14.35 -26.79
C TYR J 570 -34.60 -14.10 -25.85
N SER J 571 -33.55 -13.46 -26.36
CA SER J 571 -32.42 -13.12 -25.52
C SER J 571 -32.79 -12.12 -24.44
N THR J 572 -33.60 -11.12 -24.79
CA THR J 572 -33.93 -10.07 -23.84
C THR J 572 -34.79 -10.60 -22.69
N ALA J 573 -35.75 -11.48 -23.00
CA ALA J 573 -36.61 -11.99 -21.96
C ALA J 573 -35.86 -12.81 -20.92
N ARG J 574 -34.64 -13.25 -21.24
CA ARG J 574 -33.85 -14.09 -20.35
C ARG J 574 -32.66 -13.36 -19.75
N LEU J 575 -32.65 -12.03 -19.84
CA LEU J 575 -31.60 -11.21 -19.22
C LEU J 575 -30.22 -11.59 -19.76
N TRP J 576 -30.17 -12.10 -20.98
CA TRP J 576 -28.90 -12.35 -21.65
C TRP J 576 -28.23 -11.07 -22.12
N ASP J 577 -28.98 -9.98 -22.22
CA ASP J 577 -28.45 -8.67 -22.58
C ASP J 577 -29.08 -7.64 -21.66
N ASP J 578 -28.69 -6.39 -21.83
CA ASP J 578 -29.25 -5.29 -21.07
C ASP J 578 -30.27 -4.49 -21.88
N GLY J 579 -30.99 -5.14 -22.78
CA GLY J 579 -32.06 -4.52 -23.53
C GLY J 579 -31.77 -4.49 -25.02
N VAL J 580 -32.85 -4.25 -25.77
CA VAL J 580 -32.81 -4.10 -27.22
C VAL J 580 -32.99 -2.63 -27.54
N ILE J 581 -32.09 -2.09 -28.36
CA ILE J 581 -32.12 -0.68 -28.70
C ILE J 581 -32.12 -0.54 -30.22
N ALA J 582 -32.68 0.58 -30.69
CA ALA J 582 -32.66 0.87 -32.11
C ALA J 582 -31.27 1.33 -32.53
N PRO J 583 -30.86 1.02 -33.76
CA PRO J 583 -29.53 1.47 -34.21
C PRO J 583 -29.34 2.97 -34.14
N GLU J 584 -30.35 3.76 -34.50
CA GLU J 584 -30.21 5.21 -34.49
C GLU J 584 -30.03 5.78 -33.09
N ASP J 585 -30.49 5.07 -32.06
CA ASP J 585 -30.27 5.47 -30.68
C ASP J 585 -28.94 4.97 -30.12
N THR J 586 -28.23 4.13 -30.88
CA THR J 586 -27.07 3.44 -30.34
C THR J 586 -26.09 4.41 -29.70
N ARG J 587 -25.69 5.45 -30.45
CA ARG J 587 -24.75 6.43 -29.92
C ARG J 587 -25.22 6.96 -28.58
N ALA J 588 -26.48 7.42 -28.51
CA ALA J 588 -27.01 7.94 -27.26
C ALA J 588 -26.81 6.93 -26.14
N VAL J 589 -27.24 5.68 -26.36
CA VAL J 589 -27.11 4.67 -25.33
C VAL J 589 -25.67 4.57 -24.87
N VAL J 590 -24.74 4.48 -25.82
CA VAL J 590 -23.33 4.34 -25.46
C VAL J 590 -22.92 5.47 -24.54
N VAL J 591 -23.28 6.70 -24.89
CA VAL J 591 -22.87 7.85 -24.09
C VAL J 591 -23.33 7.65 -22.66
N GLN J 592 -24.61 7.33 -22.48
CA GLN J 592 -25.12 7.15 -21.13
C GLN J 592 -24.34 6.07 -20.41
N ALA J 593 -24.11 4.93 -21.07
CA ALA J 593 -23.35 3.86 -20.46
C ALA J 593 -21.98 4.36 -20.05
N LEU J 594 -21.30 5.09 -20.95
CA LEU J 594 -19.98 5.58 -20.61
C LEU J 594 -20.02 6.48 -19.38
N LEU J 595 -21.03 7.34 -19.31
CA LEU J 595 -21.14 8.23 -18.16
C LEU J 595 -21.33 7.44 -16.89
N SER J 596 -22.10 6.33 -16.96
CA SER J 596 -22.33 5.51 -15.79
C SER J 596 -21.03 4.92 -15.26
N THR J 597 -20.03 4.75 -16.14
CA THR J 597 -18.77 4.19 -15.71
C THR J 597 -17.79 5.23 -15.19
N LEU J 598 -18.16 6.52 -15.21
CA LEU J 598 -17.21 7.54 -14.78
C LEU J 598 -17.00 7.54 -13.28
N SER J 599 -17.94 7.01 -12.51
CA SER J 599 -17.80 6.92 -11.06
C SER J 599 -17.11 5.65 -10.61
N ALA J 600 -16.75 4.75 -11.53
CA ALA J 600 -16.08 3.52 -11.17
C ALA J 600 -14.68 3.82 -10.62
N PRO J 601 -14.18 2.98 -9.69
CA PRO J 601 -12.86 3.18 -9.11
C PRO J 601 -11.72 2.95 -10.10
N ASP K 11 -56.97 50.33 -42.21
CA ASP K 11 -55.57 50.40 -41.79
C ASP K 11 -55.01 49.00 -41.58
N PHE K 12 -53.85 48.74 -42.17
CA PHE K 12 -53.23 47.43 -42.06
C PHE K 12 -52.70 47.18 -40.66
N LYS K 13 -52.80 45.93 -40.21
CA LYS K 13 -52.18 45.49 -38.97
C LYS K 13 -51.06 44.49 -39.20
N LYS K 14 -51.18 43.64 -40.21
CA LYS K 14 -50.14 42.67 -40.54
C LYS K 14 -49.92 42.64 -42.04
N VAL K 15 -48.64 42.66 -42.43
CA VAL K 15 -48.24 42.57 -43.83
C VAL K 15 -47.33 41.37 -43.98
N LEU K 16 -47.64 40.50 -44.94
CA LEU K 16 -46.85 39.31 -45.20
C LEU K 16 -46.01 39.57 -46.45
N VAL K 17 -44.70 39.37 -46.33
CA VAL K 17 -43.77 39.53 -47.44
C VAL K 17 -43.49 38.15 -48.03
N ALA K 18 -43.76 38.00 -49.32
CA ALA K 18 -43.64 36.71 -49.98
C ALA K 18 -42.27 36.47 -50.60
N ASN K 19 -41.33 37.40 -50.43
CA ASN K 19 -40.00 37.26 -51.01
C ASN K 19 -38.96 37.40 -49.92
N ARG K 20 -37.96 36.52 -49.93
CA ARG K 20 -36.87 36.57 -48.97
C ARG K 20 -35.85 37.63 -49.37
N GLY K 21 -34.75 37.69 -48.62
CA GLY K 21 -33.65 38.57 -48.96
C GLY K 21 -33.71 39.91 -48.26
N GLU K 22 -32.96 40.86 -48.82
CA GLU K 22 -32.87 42.18 -48.22
C GLU K 22 -34.14 42.99 -48.40
N ILE K 23 -34.93 42.68 -49.44
CA ILE K 23 -36.19 43.39 -49.64
C ILE K 23 -37.14 43.10 -48.48
N ALA K 24 -37.15 41.85 -48.01
CA ALA K 24 -37.96 41.52 -46.84
C ALA K 24 -37.54 42.33 -45.62
N CYS K 25 -36.23 42.48 -45.42
CA CYS K 25 -35.75 43.28 -44.29
C CYS K 25 -36.14 44.75 -44.45
N ARG K 26 -36.07 45.28 -45.67
CA ARG K 26 -36.48 46.66 -45.91
C ARG K 26 -37.95 46.87 -45.59
N VAL K 27 -38.80 45.95 -46.05
CA VAL K 27 -40.23 46.06 -45.78
C VAL K 27 -40.50 45.90 -44.28
N PHE K 28 -39.77 45.01 -43.62
CA PHE K 28 -39.95 44.84 -42.19
C PHE K 28 -39.56 46.10 -41.43
N ARG K 29 -38.47 46.75 -41.85
CA ARG K 29 -38.05 47.98 -41.20
C ARG K 29 -39.09 49.08 -41.38
N THR K 30 -39.60 49.25 -42.59
CA THR K 30 -40.58 50.31 -42.81
C THR K 30 -41.91 49.98 -42.14
N CYS K 31 -42.21 48.70 -41.92
CA CYS K 31 -43.41 48.34 -41.18
C CYS K 31 -43.22 48.61 -39.68
N ARG K 32 -42.02 48.35 -39.16
CA ARG K 32 -41.74 48.68 -37.78
C ARG K 32 -41.81 50.19 -37.55
N GLU K 33 -41.40 50.97 -38.56
CA GLU K 33 -41.57 52.41 -38.48
C GLU K 33 -43.04 52.80 -38.40
N MET K 34 -43.91 52.09 -39.11
CA MET K 34 -45.33 52.39 -39.16
C MET K 34 -46.16 51.58 -38.18
N ASN K 35 -45.52 50.78 -37.32
CA ASN K 35 -46.18 49.94 -36.32
C ASN K 35 -47.05 48.85 -36.94
N ILE K 36 -46.62 48.26 -38.05
CA ILE K 36 -47.32 47.13 -38.64
C ILE K 36 -46.57 45.85 -38.28
N ARG K 37 -47.30 44.86 -37.76
CA ARG K 37 -46.69 43.57 -37.45
C ARG K 37 -46.25 42.88 -38.74
N THR K 38 -45.10 42.24 -38.67
CA THR K 38 -44.45 41.66 -39.84
C THR K 38 -44.57 40.14 -39.82
N VAL K 39 -44.91 39.56 -40.96
CA VAL K 39 -44.99 38.12 -41.14
C VAL K 39 -44.06 37.73 -42.28
N ALA K 40 -43.23 36.71 -42.05
CA ALA K 40 -42.22 36.29 -43.01
C ALA K 40 -42.63 34.96 -43.63
N VAL K 41 -41.92 34.62 -44.71
CA VAL K 41 -42.14 33.39 -45.46
C VAL K 41 -40.79 32.70 -45.65
N CYS K 42 -40.75 31.40 -45.42
CA CYS K 42 -39.50 30.65 -45.53
C CYS K 42 -39.82 29.20 -45.83
N CYS K 43 -38.76 28.43 -46.07
CA CYS K 43 -38.83 26.99 -46.27
C CYS K 43 -38.12 26.29 -45.11
N GLU K 44 -38.20 24.96 -45.12
CA GLU K 44 -37.66 24.16 -44.02
C GLU K 44 -36.13 24.23 -43.93
N GLY K 45 -35.46 24.73 -44.97
CA GLY K 45 -34.02 24.78 -44.96
C GLY K 45 -33.45 26.14 -44.58
N GLU K 46 -34.22 26.93 -43.83
CA GLU K 46 -33.82 28.29 -43.45
C GLU K 46 -33.91 28.43 -41.94
N PRO K 47 -32.96 27.85 -41.20
CA PRO K 47 -32.99 27.98 -39.74
C PRO K 47 -32.46 29.30 -39.22
N ASN K 48 -31.65 30.02 -40.01
CA ASN K 48 -31.06 31.27 -39.55
C ASN K 48 -31.14 32.36 -40.61
N ALA K 49 -32.21 32.36 -41.41
CA ALA K 49 -32.38 33.42 -42.40
C ALA K 49 -32.59 34.75 -41.71
N LYS K 50 -31.97 35.80 -42.25
CA LYS K 50 -32.02 37.10 -41.60
C LYS K 50 -33.44 37.65 -41.54
N HIS K 51 -34.20 37.51 -42.63
CA HIS K 51 -35.56 38.05 -42.63
C HIS K 51 -36.46 37.30 -41.66
N VAL K 52 -36.22 36.00 -41.48
CA VAL K 52 -37.00 35.24 -40.50
C VAL K 52 -36.73 35.77 -39.09
N LEU K 53 -35.48 36.07 -38.77
CA LEU K 53 -35.15 36.58 -37.45
C LEU K 53 -35.67 38.00 -37.24
N GLU K 54 -35.72 38.81 -38.30
CA GLU K 54 -36.16 40.19 -38.18
C GLU K 54 -37.67 40.35 -38.20
N ALA K 55 -38.43 39.28 -38.37
CA ALA K 55 -39.87 39.35 -38.46
C ALA K 55 -40.51 38.88 -37.16
N ASP K 56 -41.72 39.39 -36.89
CA ASP K 56 -42.46 38.96 -35.70
C ASP K 56 -42.86 37.51 -35.80
N GLU K 57 -43.30 37.07 -36.98
CA GLU K 57 -43.74 35.70 -37.19
C GLU K 57 -43.25 35.22 -38.55
N ALA K 58 -43.15 33.90 -38.69
CA ALA K 58 -42.77 33.28 -39.94
C ALA K 58 -43.62 32.05 -40.19
N PHE K 59 -43.81 31.73 -41.46
CA PHE K 59 -44.60 30.58 -41.88
C PHE K 59 -43.79 29.78 -42.89
N VAL K 60 -43.65 28.47 -42.65
CA VAL K 60 -42.88 27.63 -43.55
C VAL K 60 -43.78 27.20 -44.71
N LEU K 61 -43.23 27.24 -45.92
CA LEU K 61 -44.02 26.99 -47.13
C LEU K 61 -44.02 25.53 -47.56
N GLY K 62 -43.28 24.66 -46.88
CA GLY K 62 -43.24 23.27 -47.23
C GLY K 62 -41.82 22.77 -47.39
N PRO K 63 -41.61 21.85 -48.34
CA PRO K 63 -40.27 21.35 -48.57
C PRO K 63 -39.34 22.46 -49.02
N PRO K 64 -38.06 22.35 -48.72
CA PRO K 64 -37.07 23.34 -49.22
C PRO K 64 -36.34 22.87 -50.47
N PRO K 65 -36.96 22.90 -51.66
CA PRO K 65 -36.15 22.87 -52.88
C PRO K 65 -35.85 24.24 -53.46
N ALA K 66 -36.29 25.31 -52.80
CA ALA K 66 -36.13 26.70 -53.22
C ALA K 66 -36.85 27.02 -54.51
N SER K 67 -37.61 26.08 -55.07
CA SER K 67 -38.39 26.30 -56.28
C SER K 67 -39.89 26.22 -56.00
N THR K 68 -40.37 25.11 -55.45
CA THR K 68 -41.77 25.04 -55.06
C THR K 68 -42.09 26.05 -53.97
N SER K 69 -41.22 26.15 -52.97
CA SER K 69 -41.38 27.18 -51.95
C SER K 69 -41.12 28.55 -52.56
N TYR K 70 -41.68 29.58 -51.91
CA TYR K 70 -41.63 30.97 -52.33
C TYR K 70 -42.38 31.20 -53.65
N LEU K 71 -43.00 30.17 -54.22
CA LEU K 71 -43.76 30.32 -55.45
C LEU K 71 -45.16 29.73 -55.37
N ARG K 72 -45.47 28.91 -54.37
CA ARG K 72 -46.81 28.35 -54.20
C ARG K 72 -47.74 29.45 -53.73
N GLY K 73 -48.55 29.98 -54.65
CA GLY K 73 -49.47 31.05 -54.28
C GLY K 73 -50.51 30.60 -53.27
N ASP K 74 -51.04 29.39 -53.42
CA ASP K 74 -52.04 28.89 -52.50
C ASP K 74 -51.47 28.75 -51.10
N ARG K 75 -50.23 28.27 -50.99
CA ARG K 75 -49.60 28.14 -49.68
C ARG K 75 -49.40 29.50 -49.03
N ILE K 76 -49.02 30.51 -49.82
CA ILE K 76 -48.85 31.86 -49.28
C ILE K 76 -50.18 32.43 -48.83
N ILE K 77 -51.25 32.17 -49.58
CA ILE K 77 -52.57 32.63 -49.19
C ILE K 77 -52.99 31.98 -47.88
N CYS K 78 -52.75 30.67 -47.76
CA CYS K 78 -53.07 29.99 -46.51
C CYS K 78 -52.25 30.53 -45.34
N ALA K 79 -50.98 30.84 -45.59
CA ALA K 79 -50.12 31.43 -44.56
C ALA K 79 -50.68 32.78 -44.10
N ALA K 80 -51.08 33.62 -45.05
CA ALA K 80 -51.60 34.93 -44.69
C ALA K 80 -52.92 34.82 -43.94
N LYS K 81 -53.78 33.87 -44.35
CA LYS K 81 -55.05 33.71 -43.66
C LYS K 81 -54.86 33.16 -42.25
N LYS K 82 -53.95 32.21 -42.08
CA LYS K 82 -53.74 31.61 -40.76
C LYS K 82 -53.20 32.63 -39.77
N LEU K 83 -52.29 33.49 -40.20
CA LEU K 83 -51.67 34.48 -39.34
C LEU K 83 -52.43 35.80 -39.32
N GLN K 84 -53.63 35.84 -39.89
CA GLN K 84 -54.48 37.04 -39.89
C GLN K 84 -53.75 38.22 -40.53
N ALA K 85 -53.01 37.96 -41.60
CA ALA K 85 -52.33 39.02 -42.31
C ALA K 85 -53.34 39.91 -43.02
N ASP K 86 -53.09 41.21 -43.00
CA ASP K 86 -53.98 42.16 -43.65
C ASP K 86 -53.58 42.45 -45.09
N ALA K 87 -52.29 42.47 -45.40
CA ALA K 87 -51.83 42.79 -46.74
C ALA K 87 -50.73 41.81 -47.15
N VAL K 88 -50.53 41.71 -48.46
CA VAL K 88 -49.48 40.87 -49.02
C VAL K 88 -48.60 41.72 -49.91
N HIS K 89 -47.31 41.81 -49.57
CA HIS K 89 -46.33 42.56 -50.33
C HIS K 89 -45.35 41.58 -50.96
N PRO K 90 -45.25 41.51 -52.29
CA PRO K 90 -44.38 40.52 -52.93
C PRO K 90 -42.94 40.93 -53.12
N GLY K 91 -42.58 42.19 -52.84
CA GLY K 91 -41.22 42.61 -53.09
C GLY K 91 -40.97 42.73 -54.59
N TYR K 92 -39.68 42.67 -54.95
CA TYR K 92 -39.27 42.71 -56.35
C TYR K 92 -38.69 41.38 -56.82
N GLY K 93 -38.77 40.34 -56.02
CA GLY K 93 -38.23 39.04 -56.38
C GLY K 93 -39.18 38.22 -57.22
N PHE K 94 -39.12 36.91 -57.02
CA PHE K 94 -40.01 36.00 -57.76
C PHE K 94 -41.44 36.15 -57.27
N LEU K 95 -42.38 35.77 -58.13
CA LEU K 95 -43.82 35.80 -57.88
C LEU K 95 -44.35 37.21 -57.67
N SER K 96 -43.55 38.23 -57.95
CA SER K 96 -43.98 39.62 -57.80
C SER K 96 -44.55 40.20 -59.08
N GLU K 97 -44.53 39.45 -60.19
CA GLU K 97 -45.06 39.92 -61.46
C GLU K 97 -46.08 38.94 -62.04
N ASN K 98 -46.59 38.02 -61.22
CA ASN K 98 -47.55 37.03 -61.68
C ASN K 98 -48.96 37.54 -61.44
N ALA K 99 -49.71 37.72 -62.52
CA ALA K 99 -51.07 38.24 -62.41
C ALA K 99 -51.99 37.26 -61.70
N GLU K 100 -51.77 35.95 -61.90
CA GLU K 100 -52.60 34.95 -61.23
C GLU K 100 -52.46 35.04 -59.72
N PHE K 101 -51.24 35.25 -59.23
CA PHE K 101 -51.04 35.36 -57.79
C PHE K 101 -51.76 36.57 -57.22
N ALA K 102 -51.69 37.71 -57.91
CA ALA K 102 -52.39 38.90 -57.43
C ALA K 102 -53.91 38.70 -57.46
N SER K 103 -54.41 38.04 -58.51
CA SER K 103 -55.84 37.76 -58.58
C SER K 103 -56.27 36.85 -57.44
N ALA K 104 -55.45 35.84 -57.12
CA ALA K 104 -55.77 34.97 -56.00
C ALA K 104 -55.72 35.72 -54.67
N VAL K 105 -54.77 36.63 -54.52
CA VAL K 105 -54.69 37.45 -53.30
C VAL K 105 -55.95 38.28 -53.14
N LEU K 106 -56.39 38.92 -54.24
CA LEU K 106 -57.61 39.73 -54.17
C LEU K 106 -58.84 38.86 -53.92
N ALA K 107 -58.87 37.66 -54.49
CA ALA K 107 -60.03 36.79 -54.32
C ALA K 107 -60.21 36.36 -52.86
N ALA K 108 -59.11 36.06 -52.18
CA ALA K 108 -59.18 35.61 -50.80
C ALA K 108 -59.57 36.71 -49.82
N GLY K 109 -59.60 37.97 -50.27
CA GLY K 109 -59.90 39.08 -49.41
C GLY K 109 -58.68 39.87 -48.96
N LEU K 110 -57.49 39.33 -49.13
CA LEU K 110 -56.26 40.04 -48.79
C LEU K 110 -56.04 41.18 -49.79
N LYS K 111 -55.29 42.19 -49.34
CA LYS K 111 -54.99 43.35 -50.17
C LYS K 111 -53.59 43.20 -50.74
N PHE K 112 -53.50 43.20 -52.07
CA PHE K 112 -52.22 43.07 -52.75
C PHE K 112 -51.53 44.43 -52.80
N VAL K 113 -50.25 44.46 -52.46
CA VAL K 113 -49.47 45.70 -52.46
C VAL K 113 -48.81 45.78 -53.83
N GLY K 114 -49.53 46.38 -54.79
CA GLY K 114 -49.03 46.53 -56.13
C GLY K 114 -50.11 46.90 -57.13
N PRO K 115 -49.80 46.78 -58.42
CA PRO K 115 -50.73 47.19 -59.46
C PRO K 115 -51.88 46.20 -59.58
N PRO K 116 -52.98 46.60 -60.23
CA PRO K 116 -54.07 45.66 -60.45
C PRO K 116 -53.60 44.52 -61.35
N PRO K 117 -54.20 43.34 -61.20
CA PRO K 117 -53.75 42.19 -62.00
C PRO K 117 -53.87 42.40 -63.50
N ALA K 118 -54.87 43.16 -63.95
CA ALA K 118 -55.05 43.39 -65.38
C ALA K 118 -53.87 44.15 -65.97
N ALA K 119 -53.45 45.23 -65.29
CA ALA K 119 -52.32 46.01 -65.78
C ALA K 119 -51.03 45.20 -65.76
N MET K 120 -50.81 44.42 -64.70
CA MET K 120 -49.62 43.59 -64.61
C MET K 120 -49.59 42.53 -65.70
N LEU K 121 -50.74 41.90 -66.00
CA LEU K 121 -50.81 40.91 -67.06
C LEU K 121 -50.61 41.54 -68.44
N SER K 122 -51.15 42.73 -68.64
CA SER K 122 -51.10 43.34 -69.97
C SER K 122 -49.69 43.80 -70.34
N MET K 123 -48.84 44.07 -69.35
CA MET K 123 -47.51 44.62 -69.58
C MET K 123 -46.41 43.58 -69.47
N GLY K 124 -46.75 42.29 -69.53
CA GLY K 124 -45.76 41.25 -69.41
C GLY K 124 -45.60 40.40 -70.65
N SER K 125 -46.36 40.71 -71.69
CA SER K 125 -46.33 39.94 -72.93
C SER K 125 -45.38 40.51 -73.97
N LYS K 126 -44.92 41.76 -73.81
CA LYS K 126 -44.01 42.47 -74.69
C LYS K 126 -44.63 42.76 -76.06
N SER K 127 -45.86 42.34 -76.31
CA SER K 127 -46.54 42.61 -77.57
C SER K 127 -47.75 43.51 -77.36
N GLU K 128 -48.68 43.13 -76.48
CA GLU K 128 -49.82 44.00 -76.19
C GLU K 128 -49.37 45.28 -75.50
N SER K 129 -48.31 45.22 -74.69
CA SER K 129 -47.78 46.42 -74.05
C SER K 129 -47.31 47.43 -75.10
N LYS K 130 -46.65 46.96 -76.15
CA LYS K 130 -46.22 47.85 -77.22
C LYS K 130 -47.42 48.47 -77.93
N ARG K 131 -48.48 47.68 -78.16
CA ARG K 131 -49.68 48.22 -78.78
C ARG K 131 -50.30 49.31 -77.92
N ILE K 132 -50.39 49.07 -76.61
CA ILE K 132 -50.98 50.06 -75.71
C ILE K 132 -50.13 51.33 -75.70
N MET K 133 -48.80 51.17 -75.65
CA MET K 133 -47.92 52.33 -75.64
C MET K 133 -48.02 53.12 -76.92
N GLU K 134 -48.15 52.44 -78.07
CA GLU K 134 -48.34 53.14 -79.33
C GLU K 134 -49.67 53.90 -79.34
N ALA K 135 -50.73 53.26 -78.86
CA ALA K 135 -52.04 53.90 -78.87
C ALA K 135 -52.13 55.06 -77.90
N ALA K 136 -51.20 55.16 -76.95
CA ALA K 136 -51.20 56.24 -75.97
C ALA K 136 -50.40 57.46 -76.41
N GLY K 137 -49.70 57.38 -77.54
CA GLY K 137 -48.88 58.49 -77.99
C GLY K 137 -47.50 58.55 -77.38
N VAL K 138 -47.15 57.61 -76.52
CA VAL K 138 -45.80 57.55 -75.96
C VAL K 138 -44.82 57.20 -77.07
N PRO K 139 -43.64 57.85 -77.14
CA PRO K 139 -42.69 57.53 -78.20
C PRO K 139 -42.27 56.07 -78.17
N ILE K 140 -42.13 55.48 -79.36
CA ILE K 140 -41.75 54.08 -79.52
C ILE K 140 -40.52 54.04 -80.41
N VAL K 141 -39.74 52.98 -80.27
CA VAL K 141 -38.53 52.83 -81.09
C VAL K 141 -38.93 52.77 -82.56
N PRO K 142 -38.36 53.61 -83.43
CA PRO K 142 -38.78 53.62 -84.83
C PRO K 142 -38.31 52.39 -85.60
N GLY K 143 -39.05 51.29 -85.46
CA GLY K 143 -38.73 50.08 -86.17
C GLY K 143 -39.92 49.56 -86.94
N TYR K 144 -39.63 48.67 -87.89
CA TYR K 144 -40.66 48.06 -88.73
C TYR K 144 -40.77 46.58 -88.36
N TYR K 145 -42.00 46.13 -88.12
CA TYR K 145 -42.29 44.75 -87.74
C TYR K 145 -43.50 44.20 -88.48
N GLY K 146 -43.77 44.73 -89.67
CA GLY K 146 -44.93 44.31 -90.42
C GLY K 146 -44.78 42.92 -91.02
N GLU K 147 -45.90 42.39 -91.50
CA GLU K 147 -45.90 41.06 -92.10
C GLU K 147 -45.27 41.04 -93.48
N ASP K 148 -45.13 42.19 -94.13
CA ASP K 148 -44.56 42.24 -95.47
C ASP K 148 -43.04 42.10 -95.39
N GLN K 149 -42.52 41.05 -96.03
CA GLN K 149 -41.08 40.79 -96.04
C GLN K 149 -40.47 41.03 -97.42
N ASN K 150 -41.14 41.80 -98.27
CA ASN K 150 -40.62 42.08 -99.60
C ASN K 150 -39.34 42.91 -99.50
N PRO K 151 -38.29 42.57 -100.24
CA PRO K 151 -37.04 43.35 -100.12
C PRO K 151 -37.19 44.83 -100.43
N ASP K 152 -38.01 45.18 -101.42
CA ASP K 152 -38.21 46.59 -101.75
C ASP K 152 -38.94 47.32 -100.62
N ARG K 153 -39.98 46.70 -100.07
CA ARG K 153 -40.68 47.31 -98.94
C ARG K 153 -39.77 47.45 -97.73
N LEU K 154 -38.95 46.44 -97.46
CA LEU K 154 -38.01 46.51 -96.35
C LEU K 154 -36.99 47.63 -96.58
N LEU K 155 -36.50 47.78 -97.81
CA LEU K 155 -35.57 48.87 -98.11
C LEU K 155 -36.23 50.23 -97.93
N HIS K 156 -37.48 50.36 -98.37
CA HIS K 156 -38.19 51.62 -98.19
C HIS K 156 -38.38 51.94 -96.70
N GLU K 157 -38.74 50.93 -95.91
CA GLU K 157 -38.90 51.13 -94.47
C GLU K 157 -37.57 51.51 -93.82
N ALA K 158 -36.48 50.88 -94.26
CA ALA K 158 -35.16 51.23 -93.74
C ALA K 158 -34.80 52.68 -94.07
N LYS K 159 -35.11 53.11 -95.29
CA LYS K 159 -34.88 54.50 -95.66
C LYS K 159 -35.71 55.45 -94.81
N THR K 160 -36.98 55.08 -94.55
CA THR K 160 -37.83 55.91 -93.72
C THR K 160 -37.30 56.01 -92.29
N ILE K 161 -36.84 54.89 -91.73
CA ILE K 161 -36.34 54.87 -90.37
C ILE K 161 -35.08 55.72 -90.24
N GLY K 162 -34.15 55.55 -91.18
CA GLY K 162 -32.90 56.29 -91.13
C GLY K 162 -31.73 55.46 -90.63
N PHE K 163 -30.67 55.37 -91.42
CA PHE K 163 -29.50 54.62 -91.01
C PHE K 163 -28.80 55.32 -89.83
N PRO K 164 -28.12 54.57 -88.97
CA PRO K 164 -27.90 53.11 -89.00
C PRO K 164 -29.13 52.32 -88.57
N VAL K 165 -29.25 51.07 -89.01
CA VAL K 165 -30.38 50.21 -88.67
C VAL K 165 -29.87 48.84 -88.25
N LEU K 166 -30.76 48.07 -87.63
CA LEU K 166 -30.44 46.74 -87.14
C LEU K 166 -31.52 45.78 -87.62
N ILE K 167 -31.10 44.60 -88.07
CA ILE K 167 -31.99 43.56 -88.57
C ILE K 167 -31.95 42.39 -87.61
N LYS K 168 -33.12 41.95 -87.16
CA LYS K 168 -33.25 40.87 -86.20
C LYS K 168 -34.19 39.80 -86.74
N ALA K 169 -34.04 38.59 -86.19
CA ALA K 169 -34.99 37.52 -86.48
C ALA K 169 -36.21 37.64 -85.59
N VAL K 170 -37.35 37.20 -86.10
CA VAL K 170 -38.59 37.26 -85.33
C VAL K 170 -38.47 36.38 -84.08
N SER K 171 -37.92 35.18 -84.23
CA SER K 171 -37.65 34.29 -83.11
C SER K 171 -36.23 34.42 -82.59
N GLY K 172 -35.48 35.41 -83.08
CA GLY K 172 -34.09 35.56 -82.66
C GLY K 172 -33.98 35.89 -81.18
N GLY K 173 -32.98 35.32 -80.54
CA GLY K 173 -32.74 35.58 -79.13
C GLY K 173 -31.25 35.46 -78.83
N GLY K 174 -30.83 36.18 -77.79
CA GLY K 174 -29.43 36.15 -77.40
C GLY K 174 -28.50 36.89 -78.33
N GLY K 175 -29.02 37.82 -79.12
CA GLY K 175 -28.20 38.57 -80.06
C GLY K 175 -27.88 37.86 -81.36
N LYS K 176 -28.41 36.65 -81.57
CA LYS K 176 -28.15 35.91 -82.78
C LYS K 176 -29.06 36.38 -83.90
N GLY K 177 -28.52 36.40 -85.12
CA GLY K 177 -29.28 36.83 -86.27
C GLY K 177 -29.50 38.33 -86.40
N MET K 178 -28.67 39.13 -85.74
CA MET K 178 -28.76 40.58 -85.79
C MET K 178 -27.63 41.12 -86.66
N LYS K 179 -27.99 41.94 -87.65
CA LYS K 179 -27.02 42.52 -88.58
C LYS K 179 -27.15 44.03 -88.56
N ILE K 180 -26.02 44.72 -88.41
CA ILE K 180 -26.00 46.18 -88.36
C ILE K 180 -25.72 46.71 -89.75
N VAL K 181 -26.58 47.59 -90.23
CA VAL K 181 -26.47 48.19 -91.56
C VAL K 181 -26.22 49.68 -91.39
N MET K 182 -25.11 50.15 -91.94
CA MET K 182 -24.73 51.57 -91.87
C MET K 182 -25.01 52.31 -93.17
N GLU K 183 -24.91 51.64 -94.31
CA GLU K 183 -25.11 52.26 -95.61
C GLU K 183 -26.14 51.44 -96.40
N GLU K 184 -26.82 52.13 -97.32
CA GLU K 184 -27.88 51.50 -98.09
C GLU K 184 -27.35 50.37 -98.96
N THR K 185 -26.11 50.50 -99.46
CA THR K 185 -25.55 49.49 -100.35
C THR K 185 -25.41 48.15 -99.64
N GLU K 186 -25.00 48.16 -98.36
CA GLU K 186 -24.78 46.93 -97.63
C GLU K 186 -26.09 46.23 -97.26
N PHE K 187 -27.22 46.90 -97.42
CA PHE K 187 -28.50 46.34 -97.00
C PHE K 187 -28.84 45.07 -97.77
N HIS K 188 -28.61 45.07 -99.09
CA HIS K 188 -28.99 43.93 -99.91
C HIS K 188 -28.22 42.67 -99.52
N LEU K 189 -27.01 42.83 -98.97
CA LEU K 189 -26.24 41.67 -98.53
C LEU K 189 -26.59 41.31 -97.08
N MET K 190 -26.73 42.31 -96.22
CA MET K 190 -26.99 42.06 -94.81
C MET K 190 -28.35 41.40 -94.61
N LEU K 191 -29.36 41.82 -95.38
CA LEU K 191 -30.68 41.22 -95.26
C LEU K 191 -30.64 39.74 -95.64
N GLU K 192 -29.95 39.41 -96.73
CA GLU K 192 -29.83 38.02 -97.16
C GLU K 192 -29.08 37.19 -96.12
N SER K 193 -27.99 37.76 -95.57
CA SER K 193 -27.23 37.03 -94.54
C SER K 193 -28.08 36.78 -93.31
N ALA K 194 -28.84 37.79 -92.88
CA ALA K 194 -29.70 37.64 -91.72
C ALA K 194 -30.78 36.60 -91.97
N LYS K 195 -31.37 36.60 -93.17
CA LYS K 195 -32.39 35.61 -93.50
C LYS K 195 -31.80 34.21 -93.48
N ARG K 196 -30.60 34.04 -94.04
CA ARG K 196 -29.95 32.73 -94.03
C ARG K 196 -29.68 32.26 -92.61
N GLU K 197 -29.17 33.16 -91.75
CA GLU K 197 -28.89 32.78 -90.38
C GLU K 197 -30.18 32.44 -89.62
N ALA K 198 -31.24 33.21 -89.85
CA ALA K 198 -32.51 32.92 -89.20
C ALA K 198 -33.07 31.57 -89.64
N ILE K 199 -32.95 31.25 -90.94
CA ILE K 199 -33.39 29.95 -91.42
C ILE K 199 -32.56 28.83 -90.80
N ASN K 200 -31.24 29.02 -90.71
CA ASN K 200 -30.37 28.00 -90.13
C ASN K 200 -30.51 27.87 -88.63
N PHE K 201 -31.08 28.86 -87.95
CA PHE K 201 -31.21 28.82 -86.50
C PHE K 201 -32.66 28.74 -86.03
N PHE K 202 -33.59 29.39 -86.72
CA PHE K 202 -34.97 29.44 -86.28
C PHE K 202 -35.98 29.00 -87.33
N LYS K 203 -35.54 28.66 -88.53
CA LYS K 203 -36.41 28.18 -89.60
C LYS K 203 -37.53 29.19 -89.90
N ASP K 204 -37.18 30.47 -89.89
CA ASP K 204 -38.14 31.54 -90.18
C ASP K 204 -37.37 32.69 -90.83
N ASP K 205 -37.62 32.92 -92.11
CA ASP K 205 -36.91 33.96 -92.86
C ASP K 205 -37.45 35.36 -92.59
N ARG K 206 -38.56 35.49 -91.87
CA ARG K 206 -39.10 36.81 -91.57
C ARG K 206 -38.13 37.59 -90.69
N VAL K 207 -38.01 38.88 -90.97
CA VAL K 207 -37.04 39.75 -90.30
C VAL K 207 -37.75 40.98 -89.77
N ILE K 208 -37.12 41.63 -88.80
CA ILE K 208 -37.60 42.85 -88.18
C ILE K 208 -36.51 43.90 -88.30
N LEU K 209 -36.87 45.08 -88.81
CA LEU K 209 -35.94 46.18 -88.99
C LEU K 209 -36.21 47.24 -87.93
N GLU K 210 -35.17 47.64 -87.19
CA GLU K 210 -35.30 48.63 -86.15
C GLU K 210 -34.16 49.63 -86.29
N ARG K 211 -34.27 50.73 -85.54
CA ARG K 211 -33.20 51.74 -85.55
C ARG K 211 -32.15 51.36 -84.51
N TYR K 212 -30.89 51.27 -84.96
CA TYR K 212 -29.79 50.88 -84.10
C TYR K 212 -29.22 52.11 -83.39
N VAL K 213 -29.12 52.02 -82.07
CA VAL K 213 -28.55 53.08 -81.25
C VAL K 213 -27.11 52.70 -80.94
N MET K 214 -26.16 53.55 -81.37
CA MET K 214 -24.75 53.22 -81.20
C MET K 214 -24.29 53.43 -79.76
N HIS K 215 -24.88 54.39 -79.05
CA HIS K 215 -24.50 54.70 -77.67
C HIS K 215 -25.75 54.72 -76.80
N PRO K 216 -26.34 53.57 -76.51
CA PRO K 216 -27.56 53.53 -75.72
C PRO K 216 -27.28 53.82 -74.24
N ARG K 217 -28.32 54.32 -73.57
CA ARG K 217 -28.30 54.50 -72.12
C ARG K 217 -29.65 54.08 -71.58
N HIS K 218 -29.68 53.15 -70.64
CA HIS K 218 -30.94 52.74 -70.02
C HIS K 218 -31.31 53.73 -68.94
N ILE K 219 -32.29 54.59 -69.22
CA ILE K 219 -32.71 55.63 -68.29
C ILE K 219 -34.07 55.23 -67.72
N GLU K 220 -34.15 55.13 -66.40
CA GLU K 220 -35.36 54.69 -65.72
C GLU K 220 -36.01 55.87 -65.01
N CYS K 221 -37.31 56.05 -65.25
CA CYS K 221 -38.12 57.02 -64.54
C CYS K 221 -39.08 56.28 -63.63
N GLN K 222 -39.18 56.72 -62.38
CA GLN K 222 -39.98 56.04 -61.38
C GLN K 222 -41.26 56.83 -61.14
N ILE K 223 -42.41 56.15 -61.23
CA ILE K 223 -43.71 56.78 -61.07
C ILE K 223 -44.43 56.12 -59.91
N PHE K 224 -45.29 56.89 -59.25
CA PHE K 224 -46.09 56.40 -58.14
C PHE K 224 -47.50 56.94 -58.29
N PHE K 225 -48.47 56.03 -58.29
CA PHE K 225 -49.85 56.39 -58.55
C PHE K 225 -50.75 55.91 -57.41
N ASP K 226 -51.71 56.75 -57.05
CA ASP K 226 -52.65 56.47 -55.98
C ASP K 226 -53.81 55.65 -56.51
N SER K 227 -54.71 55.26 -55.60
CA SER K 227 -55.91 54.53 -55.99
C SER K 227 -56.96 55.43 -56.65
N PHE K 228 -56.83 56.75 -56.49
CA PHE K 228 -57.80 57.69 -57.03
C PHE K 228 -57.43 58.17 -58.43
N GLY K 229 -56.31 57.71 -58.99
CA GLY K 229 -55.89 58.11 -60.31
C GLY K 229 -54.78 59.14 -60.35
N ASN K 230 -54.45 59.75 -59.22
CA ASN K 230 -53.36 60.71 -59.19
C ASN K 230 -52.03 59.99 -59.36
N GLY K 231 -51.05 60.71 -59.92
CA GLY K 231 -49.74 60.13 -60.17
C GLY K 231 -48.66 61.17 -60.11
N VAL K 232 -47.50 60.76 -59.61
CA VAL K 232 -46.35 61.65 -59.43
C VAL K 232 -45.09 60.89 -59.86
N PHE K 233 -44.24 61.56 -60.63
CA PHE K 233 -42.96 60.99 -61.05
C PHE K 233 -41.88 61.35 -60.04
N PHE K 234 -40.78 60.58 -60.06
CA PHE K 234 -39.70 60.70 -59.09
C PHE K 234 -38.36 60.79 -59.82
N PHE K 235 -38.29 61.68 -60.80
CA PHE K 235 -37.05 62.06 -61.49
C PHE K 235 -36.56 60.86 -62.30
N GLU K 236 -35.27 60.54 -62.29
CA GLU K 236 -34.72 59.53 -63.20
C GLU K 236 -33.68 58.71 -62.47
N ARG K 237 -33.36 57.55 -63.06
CA ARG K 237 -32.30 56.68 -62.57
C ARG K 237 -31.53 56.15 -63.76
N ASP K 238 -30.21 56.13 -63.66
CA ASP K 238 -29.34 55.67 -64.74
C ASP K 238 -28.83 54.27 -64.40
N CYS K 239 -29.05 53.33 -65.33
CA CYS K 239 -28.59 51.96 -65.18
C CYS K 239 -27.69 51.55 -66.34
N SER K 240 -26.90 52.49 -66.85
CA SER K 240 -26.08 52.21 -68.03
C SER K 240 -25.00 51.19 -67.73
N VAL K 241 -24.35 51.30 -66.58
CA VAL K 241 -23.24 50.42 -66.22
C VAL K 241 -23.79 49.04 -65.87
N GLN K 242 -23.72 48.11 -66.80
CA GLN K 242 -24.23 46.76 -66.59
C GLN K 242 -23.54 45.82 -67.55
N ARG K 243 -23.68 44.52 -67.29
CA ARG K 243 -23.06 43.49 -68.11
C ARG K 243 -24.02 42.33 -68.27
N ARG K 244 -24.38 42.03 -69.51
CA ARG K 244 -25.27 40.90 -69.84
C ARG K 244 -26.59 41.00 -69.06
N HIS K 245 -27.22 42.17 -69.13
CA HIS K 245 -28.50 42.43 -68.50
C HIS K 245 -28.45 42.22 -66.99
N GLN K 246 -27.31 42.53 -66.38
CA GLN K 246 -27.14 42.45 -64.93
C GLN K 246 -26.66 43.81 -64.44
N LYS K 247 -27.55 44.52 -63.73
CA LYS K 247 -27.21 45.86 -63.25
C LYS K 247 -26.08 45.79 -62.23
N VAL K 248 -25.17 46.74 -62.30
CA VAL K 248 -23.99 46.75 -61.44
C VAL K 248 -23.94 48.02 -60.61
N ILE K 249 -23.91 49.17 -61.28
CA ILE K 249 -23.79 50.46 -60.60
C ILE K 249 -24.87 51.39 -61.13
N GLU K 250 -25.56 52.07 -60.22
CA GLU K 250 -26.62 52.99 -60.58
C GLU K 250 -26.35 54.36 -59.98
N GLU K 251 -26.94 55.38 -60.59
CA GLU K 251 -26.75 56.76 -60.15
C GLU K 251 -28.09 57.48 -60.22
N ALA K 252 -28.23 58.52 -59.38
CA ALA K 252 -29.44 59.32 -59.38
C ALA K 252 -29.10 60.72 -58.91
N PRO K 253 -29.43 61.76 -59.68
CA PRO K 253 -30.09 61.73 -60.99
C PRO K 253 -29.12 61.34 -62.10
N ALA K 254 -29.61 61.07 -63.30
CA ALA K 254 -28.72 60.70 -64.39
C ALA K 254 -27.87 61.89 -64.81
N PRO K 255 -26.55 61.78 -64.79
CA PRO K 255 -25.71 62.93 -65.17
C PRO K 255 -25.85 63.26 -66.64
N GLY K 256 -25.64 64.53 -66.95
CA GLY K 256 -25.74 65.00 -68.32
C GLY K 256 -27.14 65.15 -68.85
N LEU K 257 -28.14 65.26 -67.97
CA LEU K 257 -29.53 65.42 -68.38
C LEU K 257 -30.01 66.81 -67.99
N SER K 258 -30.55 67.54 -68.97
CA SER K 258 -31.06 68.87 -68.70
C SER K 258 -32.36 68.81 -67.93
N VAL K 259 -32.70 69.94 -67.30
CA VAL K 259 -33.95 70.01 -66.53
C VAL K 259 -35.15 69.83 -67.45
N ASP K 260 -35.11 70.43 -68.65
CA ASP K 260 -36.21 70.26 -69.59
C ASP K 260 -36.34 68.81 -70.02
N MET K 261 -35.22 68.13 -70.26
CA MET K 261 -35.27 66.72 -70.64
C MET K 261 -35.87 65.88 -69.52
N ARG K 262 -35.51 66.16 -68.27
CA ARG K 262 -36.07 65.43 -67.14
C ARG K 262 -37.58 65.68 -67.03
N ARG K 263 -38.01 66.93 -67.23
CA ARG K 263 -39.43 67.24 -67.21
C ARG K 263 -40.17 66.48 -68.30
N ARG K 264 -39.60 66.44 -69.51
CA ARG K 264 -40.23 65.73 -70.62
C ARG K 264 -40.34 64.24 -70.32
N ILE K 265 -39.27 63.65 -69.79
CA ILE K 265 -39.30 62.22 -69.48
C ILE K 265 -40.31 61.92 -68.38
N GLY K 266 -40.37 62.78 -67.36
CA GLY K 266 -41.35 62.58 -66.30
C GLY K 266 -42.78 62.69 -66.80
N ASP K 267 -43.04 63.68 -67.66
CA ASP K 267 -44.38 63.83 -68.22
C ASP K 267 -44.76 62.62 -69.07
N VAL K 268 -43.82 62.13 -69.88
CA VAL K 268 -44.09 60.95 -70.70
C VAL K 268 -44.37 59.74 -69.82
N ALA K 269 -43.59 59.57 -68.75
CA ALA K 269 -43.80 58.45 -67.85
C ALA K 269 -45.17 58.54 -67.17
N LEU K 270 -45.55 59.73 -66.71
CA LEU K 270 -46.86 59.89 -66.08
C LEU K 270 -47.97 59.59 -67.08
N THR K 271 -47.83 60.06 -68.31
CA THR K 271 -48.85 59.79 -69.33
C THR K 271 -48.97 58.30 -69.61
N ALA K 272 -47.83 57.61 -69.71
CA ALA K 272 -47.87 56.16 -69.96
C ALA K 272 -48.52 55.42 -68.80
N ALA K 273 -48.20 55.81 -67.56
CA ALA K 273 -48.80 55.17 -66.40
C ALA K 273 -50.31 55.43 -66.34
N ARG K 274 -50.73 56.65 -66.69
CA ARG K 274 -52.16 56.93 -66.75
C ARG K 274 -52.84 56.08 -67.82
N ALA K 275 -52.18 55.93 -68.97
CA ALA K 275 -52.76 55.13 -70.05
C ALA K 275 -52.90 53.67 -69.65
N VAL K 276 -51.89 53.12 -68.97
CA VAL K 276 -51.96 51.73 -68.54
C VAL K 276 -52.86 51.53 -67.32
N GLY K 277 -53.22 52.61 -66.64
CA GLY K 277 -54.04 52.49 -65.44
C GLY K 277 -53.29 51.80 -64.32
N TYR K 278 -52.24 52.44 -63.83
CA TYR K 278 -51.33 51.84 -62.86
C TYR K 278 -51.64 52.33 -61.45
N VAL K 279 -51.48 51.43 -60.48
CA VAL K 279 -51.63 51.75 -59.06
C VAL K 279 -50.38 51.25 -58.35
N GLY K 280 -49.82 52.09 -57.48
CA GLY K 280 -48.62 51.71 -56.75
C GLY K 280 -47.36 52.32 -57.31
N ALA K 281 -46.22 51.67 -57.12
CA ALA K 281 -44.94 52.17 -57.58
C ALA K 281 -44.48 51.35 -58.78
N GLY K 282 -44.15 52.04 -59.87
CA GLY K 282 -43.68 51.38 -61.08
C GLY K 282 -42.50 52.13 -61.67
N THR K 283 -41.87 51.49 -62.66
CA THR K 283 -40.72 52.06 -63.33
C THR K 283 -40.89 51.94 -64.83
N VAL K 284 -40.35 52.90 -65.57
CA VAL K 284 -40.35 52.86 -67.03
C VAL K 284 -38.92 53.12 -67.50
N GLU K 285 -38.39 52.19 -68.29
CA GLU K 285 -37.02 52.26 -68.80
C GLU K 285 -37.06 52.60 -70.28
N PHE K 286 -36.33 53.64 -70.65
CA PHE K 286 -36.19 54.10 -72.02
C PHE K 286 -34.74 53.96 -72.47
N ILE K 287 -34.57 53.85 -73.78
CA ILE K 287 -33.25 53.81 -74.41
C ILE K 287 -32.94 55.22 -74.88
N PHE K 288 -32.15 55.96 -74.11
CA PHE K 288 -31.77 57.32 -74.43
C PHE K 288 -30.50 57.31 -75.27
N ASP K 289 -30.42 58.22 -76.23
CA ASP K 289 -29.25 58.37 -77.08
C ASP K 289 -28.59 59.71 -76.79
N THR K 290 -27.29 59.69 -76.53
CA THR K 290 -26.56 60.93 -76.28
C THR K 290 -26.46 61.78 -77.53
N GLU K 291 -26.30 61.15 -78.69
CA GLU K 291 -26.13 61.90 -79.93
C GLU K 291 -27.45 62.52 -80.40
N LYS K 292 -28.54 61.76 -80.32
CA LYS K 292 -29.81 62.22 -80.85
C LYS K 292 -30.66 62.97 -79.83
N ASP K 293 -30.36 62.82 -78.54
CA ASP K 293 -31.09 63.51 -77.48
C ASP K 293 -32.60 63.20 -77.54
N GLU K 294 -32.93 61.96 -77.86
CA GLU K 294 -34.32 61.52 -77.92
C GLU K 294 -34.42 60.16 -77.23
N PHE K 295 -35.45 60.01 -76.40
CA PHE K 295 -35.68 58.77 -75.67
C PHE K 295 -36.88 58.03 -76.24
N PHE K 296 -36.79 56.70 -76.22
CA PHE K 296 -37.85 55.85 -76.72
C PHE K 296 -38.19 54.81 -75.66
N PHE K 297 -39.48 54.56 -75.46
CA PHE K 297 -39.92 53.60 -74.46
C PHE K 297 -39.36 52.22 -74.78
N MET K 298 -38.78 51.58 -73.76
CA MET K 298 -38.22 50.24 -73.90
C MET K 298 -38.99 49.20 -73.11
N GLU K 299 -39.17 49.40 -71.80
CA GLU K 299 -39.87 48.39 -71.01
C GLU K 299 -40.31 48.99 -69.69
N MET K 300 -41.50 48.64 -69.24
CA MET K 300 -42.00 49.09 -67.95
C MET K 300 -42.08 47.92 -66.97
N ASN K 301 -41.68 48.18 -65.73
CA ASN K 301 -41.73 47.21 -64.65
C ASN K 301 -42.83 47.62 -63.68
N THR K 302 -43.80 46.72 -63.48
CA THR K 302 -44.94 46.98 -62.61
C THR K 302 -44.68 46.43 -61.21
N ARG K 303 -43.59 46.91 -60.61
CA ARG K 303 -43.18 46.46 -59.29
C ARG K 303 -42.09 47.40 -58.78
N LEU K 304 -41.73 47.21 -57.52
CA LEU K 304 -40.58 47.91 -56.95
C LEU K 304 -39.30 47.39 -57.59
N GLN K 305 -38.23 48.15 -57.45
CA GLN K 305 -36.94 47.78 -58.02
C GLN K 305 -35.85 47.85 -56.97
N VAL K 306 -34.79 47.09 -57.20
CA VAL K 306 -33.64 47.05 -56.31
C VAL K 306 -32.97 48.41 -56.22
N GLU K 307 -33.12 49.25 -57.25
CA GLU K 307 -32.44 50.53 -57.33
C GLU K 307 -33.24 51.65 -56.72
N HIS K 308 -34.34 51.34 -56.03
CA HIS K 308 -35.17 52.37 -55.43
C HIS K 308 -34.49 53.18 -54.33
N PRO K 309 -33.54 52.62 -53.55
CA PRO K 309 -32.89 53.47 -52.53
C PRO K 309 -32.19 54.69 -53.09
N VAL K 310 -31.59 54.58 -54.29
CA VAL K 310 -30.89 55.71 -54.86
C VAL K 310 -31.86 56.85 -55.17
N THR K 311 -33.14 56.52 -55.41
CA THR K 311 -34.15 57.56 -55.53
C THR K 311 -34.49 58.15 -54.17
N GLU K 312 -34.53 57.31 -53.13
CA GLU K 312 -34.92 57.79 -51.80
C GLU K 312 -33.89 58.76 -51.24
N GLN K 313 -32.68 58.77 -51.78
CA GLN K 313 -31.67 59.72 -51.37
C GLN K 313 -31.63 60.92 -52.31
N CYS K 315 -34.72 62.80 -53.33
CA CYS K 315 -36.12 63.17 -53.23
C CYS K 315 -36.50 63.48 -51.78
N GLN K 316 -36.87 64.74 -51.54
CA GLN K 316 -37.25 65.21 -50.21
C GLN K 316 -38.69 65.68 -50.26
N VAL K 317 -39.62 64.78 -49.94
CA VAL K 317 -41.04 65.13 -49.91
C VAL K 317 -41.28 66.07 -48.74
N ARG K 318 -41.78 67.27 -49.04
CA ARG K 318 -42.00 68.36 -48.09
C ARG K 318 -40.87 68.46 -47.06
N GLY K 319 -39.64 68.29 -47.52
CA GLY K 319 -38.46 68.33 -46.66
C GLY K 319 -38.10 66.98 -46.06
N ARG K 320 -39.11 66.17 -45.74
CA ARG K 320 -38.84 64.86 -45.17
C ARG K 320 -38.30 63.92 -46.26
N PRO K 321 -37.36 63.03 -45.91
CA PRO K 321 -36.84 62.09 -46.90
C PRO K 321 -37.92 61.12 -47.37
N LEU K 322 -37.78 60.67 -48.61
CA LEU K 322 -38.75 59.76 -49.20
C LEU K 322 -38.58 58.35 -48.66
N ASP K 323 -39.70 57.71 -48.34
CA ASP K 323 -39.73 56.29 -47.99
C ASP K 323 -40.72 55.64 -48.95
N LEU K 324 -40.20 55.04 -50.02
CA LEU K 324 -41.07 54.55 -51.09
C LEU K 324 -41.95 53.41 -50.61
N VAL K 325 -41.42 52.53 -49.77
CA VAL K 325 -42.22 51.41 -49.28
C VAL K 325 -43.34 51.91 -48.37
N ARG K 326 -43.08 52.95 -47.61
CA ARG K 326 -44.13 53.55 -46.78
C ARG K 326 -45.26 54.09 -47.65
N LEU K 327 -44.91 54.79 -48.73
CA LEU K 327 -45.94 55.29 -49.65
C LEU K 327 -46.70 54.14 -50.29
N GLN K 328 -46.00 53.06 -50.64
CA GLN K 328 -46.66 51.91 -51.24
C GLN K 328 -47.66 51.28 -50.27
N LEU K 329 -47.26 51.15 -48.99
CA LEU K 329 -48.18 50.63 -47.99
C LEU K 329 -49.38 51.56 -47.80
N GLN K 330 -49.14 52.87 -47.78
CA GLN K 330 -50.23 53.82 -47.62
C GLN K 330 -51.22 53.72 -48.78
N THR K 331 -50.71 53.61 -50.00
CA THR K 331 -51.59 53.44 -51.16
C THR K 331 -52.36 52.13 -51.08
N ALA K 332 -51.69 51.06 -50.65
CA ALA K 332 -52.39 49.78 -50.49
C ALA K 332 -53.49 49.86 -49.44
N MET K 333 -53.28 50.66 -48.39
CA MET K 333 -54.34 50.88 -47.40
C MET K 333 -55.51 51.66 -47.98
N GLY K 334 -55.29 52.40 -49.06
CA GLY K 334 -56.36 53.21 -49.64
C GLY K 334 -56.39 54.62 -49.09
N LEU K 335 -55.25 55.31 -49.15
CA LEU K 335 -55.16 56.66 -48.63
C LEU K 335 -54.73 57.62 -49.74
N PRO K 336 -55.24 58.86 -49.72
CA PRO K 336 -54.84 59.82 -50.74
C PRO K 336 -53.38 60.24 -50.59
N LEU K 337 -52.78 60.62 -51.72
CA LEU K 337 -51.41 61.10 -51.71
C LEU K 337 -51.32 62.45 -50.99
N GLY K 338 -50.20 62.65 -50.29
CA GLY K 338 -50.04 63.88 -49.53
C GLY K 338 -49.95 65.12 -50.40
N PHE K 339 -49.18 65.03 -51.48
CA PHE K 339 -48.98 66.18 -52.36
C PHE K 339 -48.82 65.70 -53.79
N ARG K 340 -48.89 66.65 -54.73
CA ARG K 340 -48.92 66.35 -56.16
C ARG K 340 -47.83 67.16 -56.86
N GLN K 341 -46.62 66.60 -56.91
CA GLN K 341 -45.50 67.16 -57.67
C GLN K 341 -45.18 68.60 -57.27
N GLU K 342 -45.37 68.94 -56.01
CA GLU K 342 -45.06 70.29 -55.54
C GLU K 342 -44.09 70.30 -54.38
N ASP K 343 -44.19 69.35 -53.45
CA ASP K 343 -43.31 69.27 -52.30
C ASP K 343 -42.13 68.34 -52.52
N ILE K 344 -41.75 68.11 -53.77
CA ILE K 344 -40.64 67.23 -54.11
C ILE K 344 -39.50 68.08 -54.63
N SER K 345 -38.31 67.91 -54.05
CA SER K 345 -37.14 68.68 -54.41
C SER K 345 -35.96 67.76 -54.65
N MET K 346 -35.19 68.07 -55.69
CA MET K 346 -33.96 67.34 -55.96
C MET K 346 -32.91 67.67 -54.91
N SER K 347 -31.96 66.77 -54.74
CA SER K 347 -30.88 66.94 -53.77
C SER K 347 -29.58 66.49 -54.42
N GLY K 348 -28.55 66.31 -53.59
CA GLY K 348 -27.26 65.90 -54.11
C GLY K 348 -27.32 64.50 -54.71
N ALA K 349 -26.36 64.23 -55.59
CA ALA K 349 -26.33 62.96 -56.30
C ALA K 349 -26.05 61.80 -55.34
N SER K 350 -26.65 60.65 -55.64
CA SER K 350 -26.43 59.42 -54.90
C SER K 350 -26.07 58.31 -55.87
N VAL K 351 -25.23 57.39 -55.41
CA VAL K 351 -24.71 56.32 -56.24
C VAL K 351 -24.82 55.00 -55.47
N GLU K 352 -25.26 53.95 -56.18
CA GLU K 352 -25.48 52.64 -55.60
C GLU K 352 -24.59 51.62 -56.30
N ALA K 353 -23.89 50.82 -55.51
CA ALA K 353 -23.07 49.72 -56.00
C ALA K 353 -23.64 48.40 -55.50
N ARG K 354 -23.73 47.43 -56.41
CA ARG K 354 -24.32 46.12 -56.13
C ARG K 354 -23.18 45.12 -55.95
N ILE K 355 -22.96 44.70 -54.70
CA ILE K 355 -21.91 43.73 -54.38
C ILE K 355 -22.51 42.34 -54.55
N TYR K 356 -22.03 41.61 -55.56
CA TYR K 356 -22.48 40.27 -55.87
C TYR K 356 -21.51 39.26 -55.25
N ALA K 357 -21.69 37.99 -55.61
CA ALA K 357 -20.87 36.88 -55.11
C ALA K 357 -20.31 36.08 -56.28
N GLU K 358 -19.73 36.79 -57.25
CA GLU K 358 -19.15 36.17 -58.44
C GLU K 358 -17.71 36.59 -58.59
N SER K 359 -16.99 35.89 -59.47
CA SER K 359 -15.58 36.15 -59.73
C SER K 359 -15.44 36.82 -61.09
N PRO K 360 -15.17 38.13 -61.14
CA PRO K 360 -15.07 38.81 -62.44
C PRO K 360 -13.97 38.26 -63.33
N ARG K 361 -12.86 37.78 -62.76
CA ARG K 361 -11.77 37.28 -63.57
C ARG K 361 -12.19 36.06 -64.38
N ASN K 362 -12.92 35.14 -63.76
CA ASN K 362 -13.33 33.90 -64.42
C ASN K 362 -14.71 34.02 -65.06
N GLY K 363 -14.90 35.05 -65.87
CA GLY K 363 -16.14 35.20 -66.60
C GLY K 363 -17.36 35.52 -65.76
N PHE K 364 -17.17 36.14 -64.59
CA PHE K 364 -18.27 36.59 -63.75
C PHE K 364 -19.19 35.45 -63.32
N LEU K 365 -18.67 34.24 -63.23
CA LEU K 365 -19.51 33.11 -62.83
C LEU K 365 -19.84 33.20 -61.34
N PRO K 366 -21.09 32.95 -60.96
CA PRO K 366 -21.43 32.95 -59.53
C PRO K 366 -20.68 31.87 -58.78
N VAL K 367 -20.28 32.20 -57.55
CA VAL K 367 -19.56 31.27 -56.68
C VAL K 367 -20.17 31.36 -55.29
N GLY K 368 -20.26 30.22 -54.61
CA GLY K 368 -20.81 30.15 -53.28
C GLY K 368 -19.75 30.32 -52.21
N GLY K 369 -20.15 30.03 -50.98
CA GLY K 369 -19.25 30.12 -49.85
C GLY K 369 -20.02 30.50 -48.60
N ARG K 370 -19.26 30.85 -47.56
CA ARG K 370 -19.82 31.26 -46.28
C ARG K 370 -19.20 32.58 -45.87
N LEU K 371 -20.03 33.52 -45.43
CA LEU K 371 -19.56 34.83 -44.99
C LEU K 371 -18.92 34.66 -43.62
N ARG K 372 -17.66 34.22 -43.63
CA ARG K 372 -16.94 33.98 -42.39
C ARG K 372 -16.51 35.26 -41.70
N TYR K 373 -16.38 36.36 -42.43
CA TYR K 373 -16.06 37.65 -41.83
C TYR K 373 -16.74 38.73 -42.66
N LEU K 374 -17.55 39.56 -42.02
CA LEU K 374 -18.43 40.49 -42.72
C LEU K 374 -18.37 41.88 -42.12
N LYS K 375 -17.17 42.43 -41.96
CA LYS K 375 -17.07 43.76 -41.39
C LYS K 375 -17.64 44.80 -42.35
N GLU K 376 -18.78 45.38 -41.99
CA GLU K 376 -19.48 46.35 -42.81
C GLU K 376 -18.81 47.72 -42.71
N PRO K 377 -18.94 48.54 -43.75
CA PRO K 377 -18.41 49.91 -43.69
C PRO K 377 -19.22 50.75 -42.71
N PRO K 378 -18.64 51.83 -42.19
CA PRO K 378 -19.39 52.68 -41.26
C PRO K 378 -20.61 53.31 -41.91
N GLN K 379 -21.79 52.91 -41.46
CA GLN K 379 -23.05 53.30 -42.06
C GLN K 379 -23.70 54.42 -41.25
N GLY K 380 -24.37 55.33 -41.95
CA GLY K 380 -25.08 56.42 -41.33
C GLY K 380 -24.74 57.74 -41.99
N ASN K 381 -24.86 58.81 -41.23
CA ASN K 381 -24.54 60.15 -41.69
C ASN K 381 -23.09 60.44 -41.33
N ARG K 382 -22.20 60.34 -42.31
CA ARG K 382 -20.78 60.58 -42.07
C ARG K 382 -20.51 62.08 -42.08
N GLY K 383 -19.23 62.46 -42.12
CA GLY K 383 -18.89 63.87 -42.05
C GLY K 383 -19.45 64.68 -43.20
N THR K 384 -19.36 64.16 -44.42
CA THR K 384 -19.83 64.88 -45.60
C THR K 384 -20.84 64.11 -46.43
N VAL K 385 -20.97 62.79 -46.25
CA VAL K 385 -21.86 61.98 -47.06
C VAL K 385 -22.70 61.08 -46.15
N LYS K 386 -23.78 60.55 -46.72
CA LYS K 386 -24.65 59.62 -46.03
C LYS K 386 -24.51 58.24 -46.67
N VAL K 387 -24.20 57.25 -45.85
CA VAL K 387 -23.94 55.88 -46.32
C VAL K 387 -25.06 54.98 -45.82
N ARG K 388 -25.59 54.15 -46.72
CA ARG K 388 -26.66 53.22 -46.37
C ARG K 388 -26.38 51.88 -47.03
N LEU K 389 -26.29 50.83 -46.22
CA LEU K 389 -26.02 49.48 -46.68
C LEU K 389 -27.26 48.63 -46.48
N ASP K 390 -27.67 47.91 -47.52
CA ASP K 390 -28.82 47.01 -47.44
C ASP K 390 -28.36 45.62 -47.85
N THR K 391 -28.48 44.67 -46.91
CA THR K 391 -28.01 43.31 -47.14
C THR K 391 -29.00 42.33 -46.53
N GLY K 392 -28.97 41.11 -47.04
CA GLY K 392 -29.81 40.05 -46.52
C GLY K 392 -29.02 38.95 -45.87
N PHE K 393 -27.75 39.21 -45.58
CA PHE K 393 -26.86 38.22 -44.99
C PHE K 393 -26.19 38.79 -43.76
N ARG K 394 -25.91 37.92 -42.79
CA ARG K 394 -25.14 38.26 -41.60
C ARG K 394 -23.86 37.43 -41.58
N ALA K 395 -22.96 37.81 -40.66
CA ALA K 395 -21.73 37.06 -40.50
C ALA K 395 -22.03 35.63 -40.08
N GLY K 396 -21.37 34.68 -40.75
CA GLY K 396 -21.61 33.27 -40.52
C GLY K 396 -22.60 32.62 -41.45
N ASP K 397 -23.43 33.39 -42.14
CA ASP K 397 -24.34 32.83 -43.11
C ASP K 397 -23.58 32.34 -44.34
N ASP K 398 -24.12 31.32 -44.99
CA ASP K 398 -23.53 30.75 -46.19
C ASP K 398 -24.40 31.12 -47.38
N VAL K 399 -23.82 31.80 -48.35
CA VAL K 399 -24.53 32.16 -49.57
C VAL K 399 -24.42 30.99 -50.54
N LEU K 400 -25.57 30.47 -50.97
CA LEU K 400 -25.61 29.32 -51.86
C LEU K 400 -25.70 29.78 -53.31
N VAL K 401 -24.89 29.18 -54.17
CA VAL K 401 -24.78 29.60 -55.56
C VAL K 401 -26.10 29.37 -56.28
N HIS K 402 -26.35 30.16 -57.32
CA HIS K 402 -27.54 30.08 -58.16
C HIS K 402 -28.82 30.41 -57.40
N TYR K 403 -28.71 31.14 -56.29
CA TYR K 403 -29.89 31.57 -55.54
C TYR K 403 -29.57 32.94 -54.94
N ASP K 404 -30.07 34.00 -55.57
CA ASP K 404 -29.88 35.38 -55.12
C ASP K 404 -28.39 35.70 -55.01
N PRO K 405 -27.68 35.81 -56.14
CA PRO K 405 -26.23 36.02 -56.08
C PRO K 405 -25.82 37.34 -55.45
N MET K 406 -26.71 38.32 -55.40
CA MET K 406 -26.36 39.63 -54.85
C MET K 406 -26.10 39.52 -53.36
N ILE K 407 -24.92 39.98 -52.93
CA ILE K 407 -24.62 39.96 -51.50
C ILE K 407 -25.23 41.17 -50.80
N ALA K 408 -25.04 42.36 -51.37
CA ALA K 408 -25.55 43.56 -50.73
C ALA K 408 -25.65 44.68 -51.75
N LYS K 409 -26.26 45.78 -51.33
CA LYS K 409 -26.27 47.01 -52.11
C LYS K 409 -25.89 48.17 -51.21
N LEU K 410 -24.92 48.96 -51.65
CA LEU K 410 -24.37 50.05 -50.85
C LEU K 410 -24.60 51.36 -51.58
N VAL K 411 -25.31 52.29 -50.95
CA VAL K 411 -25.66 53.57 -51.55
C VAL K 411 -24.99 54.68 -50.75
N VAL K 412 -24.46 55.66 -51.47
CA VAL K 412 -23.80 56.82 -50.87
C VAL K 412 -24.40 58.08 -51.48
N TRP K 413 -24.80 59.01 -50.62
CA TRP K 413 -25.38 60.28 -51.04
C TRP K 413 -24.46 61.41 -50.61
N GLY K 414 -24.16 62.31 -51.55
CA GLY K 414 -23.37 63.49 -51.28
C GLY K 414 -24.07 64.72 -51.81
N ASP K 415 -23.27 65.74 -52.13
CA ASP K 415 -23.78 66.95 -52.78
C ASP K 415 -23.49 67.00 -54.26
N ASN K 416 -22.41 66.36 -54.71
CA ASN K 416 -22.03 66.31 -56.10
C ASN K 416 -21.70 64.87 -56.47
N ARG K 417 -21.68 64.59 -57.78
CA ARG K 417 -21.38 63.24 -58.23
C ARG K 417 -19.97 62.83 -57.83
N ALA K 418 -19.01 63.74 -57.91
CA ALA K 418 -17.64 63.41 -57.53
C ALA K 418 -17.54 63.06 -56.04
N THR K 419 -18.21 63.84 -55.19
CA THR K 419 -18.19 63.55 -53.76
C THR K 419 -18.86 62.22 -53.47
N ALA K 420 -19.97 61.93 -54.15
CA ALA K 420 -20.64 60.65 -53.96
C ALA K 420 -19.75 59.50 -54.39
N LEU K 421 -19.03 59.65 -55.50
CA LEU K 421 -18.11 58.61 -55.95
C LEU K 421 -16.98 58.41 -54.96
N GLU K 422 -16.42 59.50 -54.41
CA GLU K 422 -15.36 59.36 -53.42
C GLU K 422 -15.87 58.67 -52.17
N GLY K 423 -17.07 59.02 -51.72
CA GLY K 423 -17.65 58.35 -50.56
C GLY K 423 -17.90 56.88 -50.81
N LEU K 424 -18.35 56.55 -52.03
CA LEU K 424 -18.56 55.13 -52.36
C LEU K 424 -17.24 54.38 -52.39
N ARG K 425 -16.19 55.00 -52.92
CA ARG K 425 -14.88 54.37 -52.91
C ARG K 425 -14.41 54.10 -51.49
N THR K 426 -14.57 55.10 -50.61
CA THR K 426 -14.15 54.93 -49.23
C THR K 426 -14.95 53.84 -48.54
N ALA K 427 -16.27 53.80 -48.77
CA ALA K 427 -17.11 52.79 -48.14
C ALA K 427 -16.78 51.39 -48.64
N LEU K 428 -16.56 51.25 -49.96
CA LEU K 428 -16.19 49.94 -50.50
C LEU K 428 -14.83 49.50 -49.98
N ALA K 429 -13.91 50.45 -49.77
CA ALA K 429 -12.61 50.10 -49.20
C ALA K 429 -12.76 49.56 -47.79
N SER K 430 -13.80 49.97 -47.07
CA SER K 430 -14.03 49.54 -45.69
C SER K 430 -14.92 48.30 -45.59
N TYR K 431 -15.44 47.80 -46.70
CA TYR K 431 -16.31 46.62 -46.69
C TYR K 431 -15.42 45.39 -46.78
N HIS K 432 -15.22 44.72 -45.65
CA HIS K 432 -14.30 43.60 -45.55
C HIS K 432 -15.09 42.29 -45.50
N ILE K 433 -14.97 41.48 -46.55
CA ILE K 433 -15.68 40.23 -46.67
C ILE K 433 -14.67 39.11 -46.85
N VAL K 434 -14.73 38.11 -45.97
CA VAL K 434 -13.83 36.97 -46.00
C VAL K 434 -14.67 35.70 -45.99
N GLY K 435 -14.41 34.82 -46.96
CA GLY K 435 -15.11 33.55 -47.09
C GLY K 435 -15.74 33.35 -48.47
N VAL K 436 -16.13 34.44 -49.13
CA VAL K 436 -16.76 34.38 -50.44
C VAL K 436 -16.06 35.35 -51.35
N GLU K 437 -15.75 34.92 -52.58
CA GLU K 437 -15.23 35.83 -53.58
C GLU K 437 -16.29 36.85 -53.98
N THR K 438 -15.85 38.07 -54.25
CA THR K 438 -16.74 39.17 -54.54
C THR K 438 -16.17 39.99 -55.70
N ASN K 439 -16.84 41.09 -56.02
CA ASN K 439 -16.43 41.98 -57.10
C ASN K 439 -16.06 43.36 -56.55
N ILE K 440 -15.56 43.42 -55.33
CA ILE K 440 -15.16 44.70 -54.75
C ILE K 440 -14.05 45.33 -55.56
N ASP K 441 -13.06 44.53 -55.96
CA ASP K 441 -11.98 45.05 -56.79
C ASP K 441 -12.50 45.53 -58.14
N PHE K 442 -13.45 44.79 -58.71
CA PHE K 442 -14.06 45.20 -59.97
C PHE K 442 -14.81 46.52 -59.81
N LEU K 443 -15.53 46.67 -58.70
CA LEU K 443 -16.24 47.92 -58.45
C LEU K 443 -15.26 49.08 -58.27
N GLN K 444 -14.15 48.85 -57.58
CA GLN K 444 -13.14 49.89 -57.43
C GLN K 444 -12.55 50.28 -58.77
N CYS K 445 -12.28 49.29 -59.63
CA CYS K 445 -11.76 49.60 -60.96
C CYS K 445 -12.76 50.40 -61.76
N CYS K 446 -14.04 50.03 -61.70
CA CYS K 446 -15.06 50.78 -62.41
C CYS K 446 -15.17 52.21 -61.89
N LEU K 447 -15.12 52.39 -60.57
CA LEU K 447 -15.24 53.73 -60.00
C LEU K 447 -14.04 54.60 -60.34
N SER K 448 -12.85 54.01 -60.37
CA SER K 448 -11.63 54.75 -60.68
C SER K 448 -11.38 54.87 -62.18
N ASN K 449 -12.22 54.28 -63.01
CA ASN K 449 -12.04 54.36 -64.45
C ASN K 449 -12.25 55.80 -64.91
N PRO K 450 -11.34 56.36 -65.72
CA PRO K 450 -11.54 57.74 -66.20
C PRO K 450 -12.83 57.94 -66.98
N GLY K 451 -13.22 56.95 -67.79
CA GLY K 451 -14.44 57.10 -68.57
C GLY K 451 -15.68 57.22 -67.69
N PHE K 452 -15.73 56.44 -66.61
CA PHE K 452 -16.86 56.54 -65.69
C PHE K 452 -16.88 57.88 -64.98
N VAL K 453 -15.71 58.38 -64.56
CA VAL K 453 -15.67 59.64 -63.83
C VAL K 453 -15.89 60.83 -64.74
N GLU K 454 -15.71 60.67 -66.06
CA GLU K 454 -15.98 61.77 -66.98
C GLU K 454 -17.46 62.16 -66.96
N GLY K 455 -18.34 61.16 -67.00
CA GLY K 455 -19.76 61.42 -67.04
C GLY K 455 -20.56 60.20 -67.49
N GLY K 456 -21.68 60.44 -68.17
CA GLY K 456 -22.49 59.34 -68.64
C GLY K 456 -21.75 58.49 -69.66
N VAL K 457 -21.93 57.18 -69.56
CA VAL K 457 -21.26 56.22 -70.44
C VAL K 457 -22.30 55.31 -71.07
N THR K 458 -21.89 54.66 -72.15
CA THR K 458 -22.78 53.78 -72.89
C THR K 458 -23.00 52.47 -72.12
N THR K 459 -23.94 51.67 -72.63
CA THR K 459 -24.25 50.39 -72.00
C THR K 459 -23.08 49.42 -72.12
N ARG K 460 -22.38 49.43 -73.25
CA ARG K 460 -21.28 48.51 -73.49
C ARG K 460 -19.99 48.90 -72.78
N PHE K 461 -20.06 49.82 -71.82
CA PHE K 461 -18.86 50.29 -71.14
C PHE K 461 -18.12 49.14 -70.47
N ILE K 462 -18.84 48.24 -69.81
CA ILE K 462 -18.21 47.06 -69.22
C ILE K 462 -17.50 46.26 -70.29
N GLU K 463 -18.15 46.08 -71.45
CA GLU K 463 -17.50 45.38 -72.55
C GLU K 463 -16.44 46.23 -73.24
N ASP K 464 -16.43 47.54 -72.99
CA ASP K 464 -15.47 48.40 -73.67
C ASP K 464 -14.13 48.44 -72.94
N ASN K 465 -14.16 48.42 -71.61
CA ASN K 465 -12.94 48.51 -70.81
C ASN K 465 -12.67 47.20 -70.07
N SER K 466 -12.99 46.06 -70.70
CA SER K 466 -12.84 44.78 -70.03
C SER K 466 -11.39 44.51 -69.66
N VAL K 467 -10.46 44.83 -70.55
CA VAL K 467 -9.05 44.64 -70.26
C VAL K 467 -8.61 45.54 -69.10
N ASN K 468 -9.08 46.78 -69.08
CA ASN K 468 -8.67 47.71 -68.04
C ASN K 468 -9.33 47.39 -66.70
N LEU K 469 -10.61 47.02 -66.72
CA LEU K 469 -11.32 46.77 -65.47
C LEU K 469 -10.93 45.46 -64.82
N LEU K 470 -10.54 44.46 -65.62
CA LEU K 470 -10.14 43.15 -65.09
C LEU K 470 -8.64 43.08 -64.78
N GLN K 471 -8.02 44.22 -64.51
CA GLN K 471 -6.59 44.23 -64.21
C GLN K 471 -6.34 43.51 -62.89
N PRO K 472 -5.33 42.65 -62.81
CA PRO K 472 -5.03 41.98 -61.53
C PRO K 472 -4.57 42.97 -60.47
N ARG K 473 -4.86 42.63 -59.22
CA ARG K 473 -4.43 43.43 -58.09
C ARG K 473 -3.07 42.94 -57.60
N GLU K 474 -2.10 43.86 -57.54
CA GLU K 474 -0.75 43.51 -57.13
C GLU K 474 -0.68 43.29 -55.63
N ILE K 475 0.13 42.32 -55.23
CA ILE K 475 0.33 41.97 -53.82
C ILE K 475 1.80 42.21 -53.48
N PRO K 476 2.11 43.30 -52.79
CA PRO K 476 3.50 43.55 -52.40
C PRO K 476 3.97 42.55 -51.35
N ASN K 477 5.30 42.42 -51.25
CA ASN K 477 5.89 41.46 -50.33
C ASN K 477 5.56 41.79 -48.88
N ASN K 478 5.28 43.06 -48.58
CA ASN K 478 4.89 43.43 -47.23
C ASN K 478 3.61 42.73 -46.82
N VAL K 479 2.65 42.65 -47.73
CA VAL K 479 1.39 41.97 -47.43
C VAL K 479 1.63 40.49 -47.18
N LEU K 480 2.49 39.87 -47.99
CA LEU K 480 2.81 38.46 -47.79
C LEU K 480 3.44 38.22 -46.42
N ALA K 481 4.40 39.07 -46.05
CA ALA K 481 5.07 38.92 -44.77
C ALA K 481 4.08 39.11 -43.62
N LEU K 482 3.23 40.13 -43.70
CA LEU K 482 2.27 40.38 -42.63
C LEU K 482 1.26 39.25 -42.52
N ALA K 483 0.81 38.70 -43.66
CA ALA K 483 -0.11 37.59 -43.62
C ALA K 483 0.53 36.36 -43.00
N ALA K 484 1.79 36.08 -43.35
CA ALA K 484 2.48 34.94 -42.75
C ALA K 484 2.65 35.12 -41.24
N VAL K 485 3.01 36.33 -40.82
CA VAL K 485 3.17 36.60 -39.39
C VAL K 485 1.85 36.45 -38.67
N SER K 486 0.75 36.94 -39.26
CA SER K 486 -0.55 36.80 -38.65
C SER K 486 -0.97 35.34 -38.54
N TYR K 487 -0.70 34.55 -39.59
CA TYR K 487 -1.00 33.12 -39.53
C TYR K 487 -0.21 32.44 -38.43
N LEU K 488 1.08 32.75 -38.32
CA LEU K 488 1.90 32.14 -37.27
C LEU K 488 1.41 32.53 -35.89
N CYS K 489 1.05 33.81 -35.71
CA CYS K 489 0.53 34.25 -34.42
C CYS K 489 -0.78 33.56 -34.08
N SER K 490 -1.62 33.31 -35.10
CA SER K 490 -2.83 32.55 -34.88
C SER K 490 -2.50 31.13 -34.44
N GLN K 491 -1.49 30.52 -35.05
CA GLN K 491 -1.07 29.19 -34.62
C GLN K 491 -0.57 29.19 -33.19
N ARG K 492 0.22 30.20 -32.81
CA ARG K 492 0.78 30.28 -31.48
C ARG K 492 -0.32 30.55 -30.45
N GLY K 493 -0.25 29.84 -29.33
CA GLY K 493 -1.11 30.14 -28.20
C GLY K 493 -0.39 30.97 -27.17
N THR K 494 -0.15 30.39 -26.00
CA THR K 494 0.68 31.02 -24.98
C THR K 494 2.08 30.42 -24.89
N SER K 495 2.40 29.50 -25.79
CA SER K 495 3.71 28.86 -25.75
C SER K 495 4.81 29.80 -26.23
N THR K 496 5.98 29.67 -25.64
CA THR K 496 7.13 30.49 -25.98
C THR K 496 7.91 29.84 -27.11
N LEU K 497 8.37 30.67 -28.05
CA LEU K 497 9.19 30.19 -29.15
C LEU K 497 10.64 30.12 -28.68
N PHE K 498 11.15 28.91 -28.46
CA PHE K 498 12.51 28.75 -27.98
C PHE K 498 13.12 27.49 -28.54
N TRP K 499 14.23 27.64 -29.26
CA TRP K 499 15.10 26.54 -29.65
C TRP K 499 16.50 27.00 -29.26
N PRO K 500 17.22 26.25 -28.42
CA PRO K 500 18.51 26.74 -27.92
C PRO K 500 19.50 26.98 -29.04
N ASN K 501 20.10 28.17 -29.03
CA ASN K 501 21.14 28.57 -29.97
C ASN K 501 20.67 28.54 -31.41
N ARG K 502 19.36 28.73 -31.63
CA ARG K 502 18.81 28.69 -32.97
C ARG K 502 17.60 29.62 -33.05
N GLN K 503 17.25 29.97 -34.28
CA GLN K 503 16.01 30.69 -34.58
C GLN K 503 14.97 29.69 -35.05
N ILE K 504 13.76 29.79 -34.49
CA ILE K 504 12.72 28.82 -34.84
C ILE K 504 12.30 29.04 -36.28
N SER K 505 12.27 27.97 -37.07
CA SER K 505 11.99 28.04 -38.49
C SER K 505 10.54 27.64 -38.75
N GLN K 506 9.86 28.41 -39.59
CA GLN K 506 8.47 28.14 -39.95
C GLN K 506 8.28 28.44 -41.42
N GLY K 507 7.23 27.87 -41.99
CA GLY K 507 6.91 28.11 -43.39
C GLY K 507 5.42 28.24 -43.64
N VAL K 508 5.03 29.23 -44.44
CA VAL K 508 3.63 29.45 -44.77
C VAL K 508 3.49 29.50 -46.29
N CYS K 509 2.57 28.70 -46.83
CA CYS K 509 2.39 28.58 -48.27
C CYS K 509 1.08 29.25 -48.66
N PHE K 510 1.17 30.21 -49.58
CA PHE K 510 0.01 30.86 -50.18
C PHE K 510 -0.04 30.55 -51.66
N THR K 511 -1.21 30.78 -52.26
CA THR K 511 -1.40 30.67 -53.70
C THR K 511 -1.63 32.06 -54.26
N VAL K 512 -0.72 32.51 -55.13
CA VAL K 512 -0.82 33.80 -55.78
C VAL K 512 -0.92 33.56 -57.28
N GLY K 513 -2.10 33.78 -57.84
CA GLY K 513 -2.31 33.54 -59.26
C GLY K 513 -2.04 32.11 -59.66
N GLY K 514 -2.40 31.15 -58.82
CA GLY K 514 -2.08 29.76 -59.07
C GLY K 514 -0.65 29.37 -58.78
N ASN K 515 0.19 30.32 -58.41
CA ASN K 515 1.59 30.03 -58.10
C ASN K 515 1.73 29.70 -56.61
N PRO K 516 2.32 28.57 -56.26
CA PRO K 516 2.51 28.23 -54.85
C PRO K 516 3.67 28.99 -54.21
N VAL K 517 3.41 30.21 -53.76
CA VAL K 517 4.43 31.01 -53.10
C VAL K 517 4.63 30.48 -51.68
N VAL K 518 5.90 30.40 -51.26
CA VAL K 518 6.24 29.92 -49.92
C VAL K 518 7.03 31.01 -49.22
N VAL K 519 6.63 31.34 -48.00
CA VAL K 519 7.30 32.33 -47.16
C VAL K 519 7.98 31.57 -46.03
N ARG K 520 9.30 31.66 -45.97
CA ARG K 520 10.09 31.07 -44.91
C ARG K 520 10.38 32.13 -43.87
N VAL K 521 10.03 31.85 -42.62
CA VAL K 521 10.13 32.80 -41.53
C VAL K 521 11.03 32.22 -40.45
N THR K 522 11.92 33.04 -39.93
CA THR K 522 12.71 32.71 -38.75
C THR K 522 12.26 33.64 -37.63
N VAL K 523 11.84 33.05 -36.51
CA VAL K 523 11.28 33.81 -35.40
C VAL K 523 12.15 33.57 -34.17
N SER K 524 12.42 34.65 -33.44
CA SER K 524 13.21 34.62 -32.22
C SER K 524 12.29 34.62 -31.00
N THR K 525 12.90 34.54 -29.82
CA THR K 525 12.14 34.53 -28.58
C THR K 525 11.52 35.90 -28.28
N LYS K 526 12.03 36.96 -28.89
CA LYS K 526 11.52 38.30 -28.68
C LYS K 526 10.35 38.64 -29.60
N MET K 527 9.69 37.63 -30.15
CA MET K 527 8.54 37.82 -31.04
C MET K 527 8.89 38.71 -32.23
N CYS K 528 10.05 38.45 -32.83
CA CYS K 528 10.52 39.18 -34.00
C CYS K 528 10.69 38.20 -35.15
N PHE K 529 9.85 38.34 -36.17
CA PHE K 529 9.85 37.47 -37.33
C PHE K 529 10.69 38.09 -38.44
N THR K 530 11.39 37.24 -39.18
CA THR K 530 12.08 37.63 -40.40
C THR K 530 11.62 36.71 -41.52
N CYS K 531 10.98 37.29 -42.53
CA CYS K 531 10.42 36.56 -43.65
C CYS K 531 11.30 36.78 -44.88
N ASP K 532 11.58 35.69 -45.59
CA ASP K 532 12.51 35.72 -46.72
C ASP K 532 11.75 35.58 -48.04
N PHE K 533 12.01 36.49 -48.96
CA PHE K 533 11.57 36.43 -50.34
C PHE K 533 12.79 36.57 -51.25
N ASP K 534 12.56 36.43 -52.56
CA ASP K 534 13.65 36.48 -53.52
C ASP K 534 14.41 37.80 -53.41
N SER K 535 15.65 37.72 -52.92
CA SER K 535 16.50 38.89 -52.71
C SER K 535 15.80 39.95 -51.86
N SER K 536 15.07 39.49 -50.85
CA SER K 536 14.33 40.40 -49.99
C SER K 536 14.14 39.79 -48.61
N SER K 537 14.21 40.62 -47.58
CA SER K 537 13.96 40.20 -46.21
C SER K 537 13.11 41.24 -45.52
N VAL K 538 12.04 40.80 -44.86
CA VAL K 538 11.13 41.69 -44.15
C VAL K 538 11.13 41.32 -42.68
N THR K 539 11.42 42.29 -41.82
CA THR K 539 11.46 42.09 -40.38
C THR K 539 10.20 42.69 -39.76
N VAL K 540 9.46 41.87 -39.02
CA VAL K 540 8.22 42.30 -38.38
C VAL K 540 8.32 41.99 -36.90
N TYR K 541 8.26 43.03 -36.08
CA TYR K 541 8.25 42.87 -34.62
C TYR K 541 6.83 43.06 -34.12
N VAL K 542 6.28 42.02 -33.50
CA VAL K 542 4.89 42.04 -33.02
C VAL K 542 4.90 42.55 -31.59
N GLU K 543 4.43 43.79 -31.40
CA GLU K 543 4.41 44.38 -30.08
C GLU K 543 3.36 43.74 -29.19
N SER K 544 2.15 43.56 -29.72
CA SER K 544 1.07 43.00 -28.94
C SER K 544 -0.01 42.47 -29.88
N THR K 545 -0.86 41.60 -29.34
CA THR K 545 -2.01 41.07 -30.06
C THR K 545 -3.23 41.14 -29.15
N THR K 546 -4.41 41.23 -29.77
CA THR K 546 -5.65 41.28 -29.02
C THR K 546 -6.73 40.55 -29.82
N ASN K 547 -7.36 39.56 -29.20
CA ASN K 547 -8.38 38.77 -29.87
C ASN K 547 -9.71 39.50 -29.79
N MET K 548 -10.17 40.01 -30.93
CA MET K 548 -11.45 40.70 -30.98
C MET K 548 -12.59 39.69 -30.82
N PRO K 549 -13.75 40.13 -30.33
CA PRO K 549 -14.89 39.20 -30.20
C PRO K 549 -15.37 38.62 -31.51
N ASP K 550 -15.12 39.28 -32.63
CA ASP K 550 -15.54 38.77 -33.93
C ASP K 550 -14.50 37.84 -34.54
N SER K 551 -14.01 36.89 -33.73
CA SER K 551 -13.08 35.84 -34.15
C SER K 551 -11.90 36.39 -34.95
N SER K 552 -11.53 37.65 -34.76
CA SER K 552 -10.41 38.28 -35.43
C SER K 552 -9.39 38.73 -34.41
N THR K 553 -8.24 39.19 -34.90
CA THR K 553 -7.15 39.60 -34.03
C THR K 553 -6.60 40.95 -34.47
N PHE K 554 -6.42 41.86 -33.51
CA PHE K 554 -5.79 43.15 -33.79
C PHE K 554 -4.32 43.06 -33.37
N ILE K 555 -3.43 43.31 -34.33
CA ILE K 555 -1.99 43.13 -34.13
C ILE K 555 -1.30 44.46 -34.35
N ARG K 556 -0.46 44.85 -33.39
CA ARG K 556 0.41 46.01 -33.51
C ARG K 556 1.80 45.53 -33.91
N VAL K 557 2.33 46.08 -35.00
CA VAL K 557 3.58 45.60 -35.57
C VAL K 557 4.49 46.77 -35.87
N THR K 558 5.79 46.45 -35.93
CA THR K 558 6.84 47.33 -36.44
C THR K 558 7.49 46.60 -37.60
N VAL K 559 7.18 47.02 -38.82
CA VAL K 559 7.77 46.47 -40.02
C VAL K 559 9.17 47.07 -40.21
N ASP K 560 10.11 46.21 -40.61
CA ASP K 560 11.53 46.53 -40.69
C ASP K 560 11.95 47.00 -39.31
N GLY K 561 12.44 48.23 -39.14
CA GLY K 561 12.69 48.74 -37.82
C GLY K 561 12.10 50.12 -37.65
N GLU K 562 11.30 50.55 -38.63
CA GLU K 562 10.86 51.93 -38.67
C GLU K 562 9.41 52.16 -39.07
N THR K 563 8.61 51.11 -39.31
CA THR K 563 7.23 51.33 -39.73
C THR K 563 6.27 50.73 -38.71
N ARG K 564 5.81 51.54 -37.76
CA ARG K 564 4.91 51.06 -36.72
C ARG K 564 3.47 51.33 -37.11
N PHE K 565 2.63 50.31 -37.00
CA PHE K 565 1.19 50.47 -37.24
C PHE K 565 0.46 49.26 -36.70
N GLY K 566 -0.86 49.41 -36.56
CA GLY K 566 -1.72 48.32 -36.16
C GLY K 566 -2.67 47.93 -37.28
N PHE K 567 -3.03 46.65 -37.32
CA PHE K 567 -3.94 46.17 -38.34
C PHE K 567 -4.79 45.05 -37.76
N THR K 568 -5.75 44.59 -38.56
CA THR K 568 -6.67 43.53 -38.17
C THR K 568 -6.46 42.32 -39.08
N SER K 569 -6.50 41.13 -38.51
CA SER K 569 -6.24 39.90 -39.24
C SER K 569 -7.31 38.89 -38.93
N PHE K 570 -7.69 38.12 -39.95
CA PHE K 570 -8.66 37.05 -39.82
C PHE K 570 -8.11 35.82 -40.51
N VAL K 571 -7.96 34.73 -39.77
CA VAL K 571 -7.32 33.52 -40.27
C VAL K 571 -8.34 32.39 -40.27
N THR K 572 -8.61 31.85 -41.45
CA THR K 572 -9.41 30.64 -41.59
C THR K 572 -8.48 29.47 -41.88
N ASP K 573 -9.07 28.32 -42.20
CA ASP K 573 -8.28 27.17 -42.63
C ASP K 573 -7.93 27.23 -44.11
N SER K 574 -8.40 28.23 -44.84
CA SER K 574 -8.17 28.33 -46.27
C SER K 574 -7.58 29.65 -46.73
N GLU K 575 -7.75 30.74 -45.98
CA GLU K 575 -7.20 32.03 -46.40
C GLU K 575 -6.88 32.87 -45.18
N VAL K 576 -6.03 33.87 -45.40
CA VAL K 576 -5.65 34.84 -44.39
C VAL K 576 -5.98 36.23 -44.92
N ALA K 577 -6.70 37.01 -44.13
CA ALA K 577 -7.13 38.34 -44.52
C ALA K 577 -6.49 39.37 -43.60
N VAL K 578 -5.94 40.42 -44.19
CA VAL K 578 -5.29 41.50 -43.45
C VAL K 578 -5.89 42.83 -43.89
N ALA K 579 -6.25 43.66 -42.92
CA ALA K 579 -6.77 45.01 -43.15
C ALA K 579 -5.66 46.00 -42.80
N LEU K 580 -4.79 46.25 -43.76
CA LEU K 580 -3.68 47.15 -43.59
C LEU K 580 -4.08 48.57 -43.93
N PRO K 581 -3.29 49.57 -43.52
CA PRO K 581 -3.57 50.94 -43.98
C PRO K 581 -3.57 51.06 -45.49
N GLN K 582 -2.85 50.19 -46.20
CA GLN K 582 -2.86 50.20 -47.65
C GLN K 582 -4.18 49.71 -48.23
N GLY K 583 -4.95 48.94 -47.49
CA GLY K 583 -6.21 48.43 -47.99
C GLY K 583 -6.58 47.14 -47.29
N PHE K 584 -7.28 46.28 -48.03
CA PHE K 584 -7.72 44.99 -47.51
C PHE K 584 -7.26 43.90 -48.48
N TYR K 585 -6.62 42.87 -47.95
CA TYR K 585 -6.07 41.81 -48.77
C TYR K 585 -6.49 40.46 -48.22
N THR K 586 -6.76 39.52 -49.13
CA THR K 586 -7.03 38.13 -48.79
C THR K 586 -6.09 37.25 -49.59
N LEU K 587 -5.28 36.46 -48.90
CA LEU K 587 -4.36 35.54 -49.54
C LEU K 587 -4.81 34.11 -49.25
N ALA K 588 -5.01 33.34 -50.31
CA ALA K 588 -5.47 31.96 -50.16
C ALA K 588 -4.29 31.06 -49.82
N LEU K 589 -4.44 30.28 -48.75
CA LEU K 589 -3.45 29.27 -48.42
C LEU K 589 -3.42 28.20 -49.50
N GLN K 590 -2.25 27.58 -49.66
CA GLN K 590 -2.12 26.49 -50.61
C GLN K 590 -3.07 25.37 -50.21
N PRO K 591 -4.00 24.96 -51.07
CA PRO K 591 -5.02 23.99 -50.66
C PRO K 591 -4.40 22.64 -50.32
N LEU K 592 -5.00 21.96 -49.35
CA LEU K 592 -4.55 20.64 -48.95
C LEU K 592 -4.98 19.59 -49.97
N ALA K 593 -4.11 18.60 -50.17
CA ALA K 593 -4.42 17.51 -51.09
C ALA K 593 -5.56 16.66 -50.54
N THR K 594 -6.43 16.20 -51.43
CA THR K 594 -7.55 15.35 -51.04
C THR K 594 -7.19 13.88 -50.98
N ASP K 595 -6.01 13.50 -51.45
CA ASP K 595 -5.56 12.11 -51.45
C ASP K 595 -4.37 11.92 -50.53
N PHE K 596 -4.33 12.67 -49.44
CA PHE K 596 -3.22 12.61 -48.50
C PHE K 596 -3.19 11.24 -47.83
N GLY K 597 -2.07 10.53 -47.99
CA GLY K 597 -1.95 9.19 -47.44
C GLY K 597 -2.90 8.19 -48.05
N SER K 598 -3.08 8.25 -49.36
CA SER K 598 -4.02 7.37 -50.06
C SER K 598 -3.31 6.07 -50.40
N THR K 599 -3.80 4.97 -49.84
CA THR K 599 -3.26 3.63 -50.10
C THR K 599 -4.43 2.75 -50.54
N SER K 600 -4.65 2.68 -51.85
CA SER K 600 -5.77 1.90 -52.38
C SER K 600 -5.35 0.47 -52.72
N ALA K 601 -4.67 -0.17 -51.78
CA ALA K 601 -4.37 -1.61 -51.81
C ALA K 601 -3.43 -2.00 -52.94
N GLN K 602 -3.10 -1.06 -53.83
CA GLN K 602 -2.24 -1.32 -54.99
C GLN K 602 -2.08 -0.02 -55.76
N ALA K 603 -1.05 0.01 -56.61
CA ALA K 603 -0.84 1.12 -57.52
C ALA K 603 -0.43 0.66 -58.92
N ASN K 604 -0.47 -0.64 -59.19
CA ASN K 604 -0.04 -1.17 -60.48
C ASN K 604 -1.11 -0.93 -61.54
N GLY K 605 -0.65 -0.84 -62.79
CA GLY K 605 -1.55 -0.60 -63.91
C GLY K 605 -2.26 -1.83 -64.44
N SER K 606 -1.91 -3.02 -63.96
CA SER K 606 -2.54 -4.27 -64.39
C SER K 606 -3.48 -4.84 -63.34
N ALA K 607 -3.03 -4.93 -62.09
CA ALA K 607 -3.86 -5.37 -60.96
C ALA K 607 -4.43 -6.77 -61.21
N SER K 608 -3.52 -7.73 -61.31
CA SER K 608 -3.90 -9.14 -61.45
C SER K 608 -4.13 -9.71 -60.05
N VAL K 609 -5.37 -9.62 -59.57
CA VAL K 609 -5.73 -10.07 -58.23
C VAL K 609 -6.06 -11.57 -58.28
N LEU K 610 -5.85 -12.23 -57.14
CA LEU K 610 -6.08 -13.66 -57.02
C LEU K 610 -7.20 -13.93 -56.03
N SER K 611 -7.86 -15.08 -56.20
CA SER K 611 -8.96 -15.45 -55.33
C SER K 611 -8.46 -15.73 -53.92
N PRO K 612 -9.25 -15.37 -52.90
CA PRO K 612 -8.80 -15.59 -51.52
C PRO K 612 -8.95 -17.03 -51.06
N MET K 613 -9.99 -17.71 -51.54
CA MET K 613 -10.27 -19.08 -51.12
C MET K 613 -11.15 -19.72 -52.18
N PRO K 614 -11.22 -21.05 -52.23
CA PRO K 614 -12.14 -21.71 -53.16
C PRO K 614 -13.58 -21.30 -52.88
N GLY K 615 -14.33 -21.12 -53.96
CA GLY K 615 -15.71 -20.68 -53.83
C GLY K 615 -16.33 -20.52 -55.20
N LYS K 616 -17.56 -20.02 -55.20
CA LYS K 616 -18.35 -19.85 -56.41
C LYS K 616 -18.55 -18.38 -56.71
N VAL K 617 -18.22 -17.95 -57.92
CA VAL K 617 -18.48 -16.58 -58.34
C VAL K 617 -19.96 -16.48 -58.70
N THR K 618 -20.69 -15.64 -57.98
CA THR K 618 -22.14 -15.59 -58.13
C THR K 618 -22.61 -14.54 -59.13
N LYS K 619 -22.10 -13.31 -59.02
CA LYS K 619 -22.59 -12.23 -59.87
C LYS K 619 -21.47 -11.23 -60.12
N LEU K 620 -21.35 -10.79 -61.36
CA LEU K 620 -20.41 -9.73 -61.73
C LEU K 620 -21.12 -8.39 -61.56
N LEU K 621 -20.70 -7.63 -60.53
CA LEU K 621 -21.37 -6.37 -60.22
C LEU K 621 -21.12 -5.30 -61.27
N VAL K 622 -20.12 -5.48 -62.13
CA VAL K 622 -19.84 -4.54 -63.21
C VAL K 622 -19.75 -5.33 -64.50
N ALA K 623 -20.23 -4.73 -65.59
CA ALA K 623 -20.18 -5.38 -66.89
C ALA K 623 -18.74 -5.47 -67.39
N ASP K 624 -18.51 -6.40 -68.31
CA ASP K 624 -17.19 -6.56 -68.89
C ASP K 624 -16.83 -5.32 -69.71
N GLY K 625 -15.60 -4.84 -69.53
CA GLY K 625 -15.15 -3.63 -70.20
C GLY K 625 -15.56 -2.34 -69.54
N THR K 626 -16.04 -2.39 -68.31
CA THR K 626 -16.50 -1.19 -67.61
C THR K 626 -15.35 -0.58 -66.81
N LEU K 627 -15.35 0.75 -66.73
CA LEU K 627 -14.37 1.46 -65.91
C LEU K 627 -14.78 1.38 -64.45
N VAL K 628 -13.84 0.98 -63.59
CA VAL K 628 -14.07 0.86 -62.16
C VAL K 628 -12.98 1.64 -61.42
N GLN K 629 -13.38 2.30 -60.34
CA GLN K 629 -12.44 3.05 -59.52
C GLN K 629 -11.76 2.13 -58.51
N GLN K 630 -10.85 2.71 -57.73
CA GLN K 630 -10.19 1.96 -56.67
C GLN K 630 -11.20 1.61 -55.58
N GLY K 631 -11.04 0.41 -55.01
CA GLY K 631 -11.95 -0.02 -53.97
C GLY K 631 -13.37 -0.27 -54.41
N GLN K 632 -13.61 -0.41 -55.71
CA GLN K 632 -14.95 -0.62 -56.24
C GLN K 632 -15.20 -2.10 -56.49
N ALA K 633 -16.36 -2.58 -56.07
CA ALA K 633 -16.73 -3.98 -56.23
C ALA K 633 -16.90 -4.32 -57.71
N ILE K 634 -16.39 -5.49 -58.10
CA ILE K 634 -16.47 -5.94 -59.49
C ILE K 634 -17.21 -7.27 -59.57
N LEU K 635 -17.15 -8.07 -58.51
CA LEU K 635 -17.79 -9.38 -58.53
C LEU K 635 -18.02 -9.84 -57.10
N ILE K 636 -18.87 -10.86 -56.96
CA ILE K 636 -19.25 -11.42 -55.66
C ILE K 636 -18.82 -12.87 -55.62
N LEU K 637 -18.12 -13.25 -54.56
CA LEU K 637 -17.66 -14.61 -54.35
C LEU K 637 -18.36 -15.19 -53.13
N GLU K 638 -18.95 -16.37 -53.28
CA GLU K 638 -19.69 -17.03 -52.22
C GLU K 638 -18.93 -18.28 -51.78
N ALA K 639 -18.68 -18.37 -50.48
CA ALA K 639 -18.06 -19.53 -49.88
C ALA K 639 -18.59 -19.68 -48.46
N MET K 640 -18.90 -20.93 -48.08
CA MET K 640 -19.44 -21.23 -46.75
C MET K 640 -20.73 -20.45 -46.50
N LYS K 641 -21.53 -20.29 -47.56
CA LYS K 641 -22.81 -19.57 -47.50
C LYS K 641 -22.63 -18.14 -47.02
N MET K 642 -21.51 -17.52 -47.38
CA MET K 642 -21.21 -16.13 -47.03
C MET K 642 -20.80 -15.39 -48.29
N GLU K 643 -21.37 -14.22 -48.50
CA GLU K 643 -21.02 -13.43 -49.68
C GLU K 643 -19.73 -12.64 -49.42
N HIS K 644 -18.73 -12.87 -50.25
CA HIS K 644 -17.50 -12.09 -50.25
C HIS K 644 -17.41 -11.35 -51.58
N VAL K 645 -17.11 -10.06 -51.51
CA VAL K 645 -17.13 -9.19 -52.68
C VAL K 645 -15.70 -8.80 -53.03
N VAL K 646 -15.32 -9.05 -54.28
CA VAL K 646 -14.00 -8.68 -54.78
C VAL K 646 -14.04 -7.23 -55.24
N LYS K 647 -13.08 -6.44 -54.79
CA LYS K 647 -13.01 -5.02 -55.09
C LYS K 647 -11.87 -4.72 -56.04
N ALA K 648 -12.05 -3.70 -56.87
CA ALA K 648 -10.98 -3.24 -57.75
C ALA K 648 -9.92 -2.51 -56.95
N SER K 649 -8.65 -2.82 -57.24
CA SER K 649 -7.54 -2.22 -56.51
C SER K 649 -7.03 -0.94 -57.15
N CYS K 650 -7.50 -0.58 -58.33
CA CYS K 650 -7.06 0.65 -58.99
C CYS K 650 -8.08 1.05 -60.04
N ASP K 651 -7.98 2.29 -60.49
CA ASP K 651 -8.87 2.79 -61.53
C ASP K 651 -8.54 2.14 -62.87
N GLY K 652 -9.57 1.93 -63.69
CA GLY K 652 -9.36 1.41 -65.03
C GLY K 652 -10.45 0.48 -65.51
N GLU K 653 -10.38 0.07 -66.77
CA GLU K 653 -11.33 -0.89 -67.32
C GLU K 653 -11.03 -2.28 -66.76
N VAL K 654 -12.08 -2.96 -66.30
CA VAL K 654 -11.96 -4.29 -65.71
C VAL K 654 -12.46 -5.32 -66.71
N LYS K 655 -11.65 -6.36 -66.94
CA LYS K 655 -12.03 -7.47 -67.80
C LYS K 655 -11.90 -8.76 -67.01
N PHE K 656 -13.00 -9.49 -66.88
CA PHE K 656 -13.02 -10.71 -66.09
C PHE K 656 -12.36 -11.86 -66.84
N CYS K 657 -11.78 -12.78 -66.07
CA CYS K 657 -11.14 -13.96 -66.62
C CYS K 657 -11.94 -15.23 -66.40
N VAL K 658 -12.58 -15.35 -65.24
CA VAL K 658 -13.37 -16.53 -64.90
C VAL K 658 -14.84 -16.24 -65.18
N HIS K 659 -15.55 -17.28 -65.65
CA HIS K 659 -16.97 -17.15 -65.92
C HIS K 659 -17.77 -17.15 -64.62
N ALA K 660 -18.94 -16.52 -64.67
CA ALA K 660 -19.81 -16.46 -63.50
C ALA K 660 -20.52 -17.79 -63.29
N ASP K 661 -21.05 -17.97 -62.09
CA ASP K 661 -21.77 -19.19 -61.70
C ASP K 661 -20.88 -20.42 -61.86
N GLY K 662 -19.59 -20.27 -61.55
CA GLY K 662 -18.66 -21.37 -61.67
C GLY K 662 -17.99 -21.72 -60.35
N ILE K 663 -16.69 -21.95 -60.38
CA ILE K 663 -15.95 -22.29 -59.18
C ILE K 663 -14.48 -21.92 -59.41
N VAL K 664 -13.84 -21.41 -58.37
CA VAL K 664 -12.44 -21.01 -58.41
C VAL K 664 -11.71 -21.70 -57.27
N GLY K 665 -10.38 -21.58 -57.29
CA GLY K 665 -9.56 -22.18 -56.27
C GLY K 665 -8.70 -21.16 -55.53
N GLY K 666 -7.79 -21.66 -54.69
CA GLY K 666 -6.92 -20.76 -53.95
C GLY K 666 -5.96 -20.03 -54.87
N SER K 667 -5.87 -18.71 -54.71
CA SER K 667 -4.95 -17.88 -55.49
C SER K 667 -5.20 -18.02 -56.99
N THR K 668 -6.47 -17.97 -57.38
CA THR K 668 -6.85 -18.08 -58.78
C THR K 668 -7.12 -16.68 -59.35
N LEU K 669 -6.53 -16.39 -60.51
CA LEU K 669 -6.72 -15.09 -61.14
C LEU K 669 -8.19 -14.88 -61.48
N LEU K 670 -8.67 -13.66 -61.24
CA LEU K 670 -10.08 -13.33 -61.44
C LEU K 670 -10.29 -12.33 -62.58
N ALA K 671 -9.61 -11.19 -62.56
CA ALA K 671 -9.84 -10.17 -63.57
C ALA K 671 -8.60 -9.30 -63.70
N HIS K 672 -8.54 -8.56 -64.80
CA HIS K 672 -7.46 -7.63 -65.09
C HIS K 672 -8.01 -6.22 -65.12
N ILE K 673 -7.35 -5.30 -64.40
CA ILE K 673 -7.75 -3.91 -64.34
C ILE K 673 -6.70 -3.11 -65.11
N ALA K 674 -7.00 -2.77 -66.36
CA ALA K 674 -6.08 -2.05 -67.23
C ALA K 674 -6.47 -0.58 -67.24
N SER K 675 -5.51 0.29 -66.93
CA SER K 675 -5.78 1.73 -66.89
C SER K 675 -6.05 2.24 -68.29
N ALA K 676 -7.32 2.51 -68.60
CA ALA K 676 -7.68 3.02 -69.91
C ALA K 676 -7.27 4.48 -70.04
N ALA K 677 -6.71 4.82 -71.20
CA ALA K 677 -6.26 6.18 -71.47
C ALA K 677 -7.45 7.11 -71.68
N GLU L 60 4.71 56.21 15.87
CA GLU L 60 5.97 56.48 15.21
C GLU L 60 6.80 55.20 15.14
N VAL L 61 6.48 54.25 16.00
CA VAL L 61 7.18 52.96 16.08
C VAL L 61 6.21 51.87 15.69
N TYR L 62 6.62 51.04 14.73
CA TYR L 62 5.81 49.92 14.24
C TYR L 62 4.46 50.40 13.71
N LEU L 63 4.54 51.24 12.68
CA LEU L 63 3.35 51.82 12.08
C LEU L 63 2.77 50.99 10.95
N PHE L 64 3.61 50.28 10.21
CA PHE L 64 3.15 49.56 9.03
C PHE L 64 2.74 48.14 9.37
N HIS L 65 2.41 47.38 8.32
CA HIS L 65 2.15 45.96 8.36
C HIS L 65 3.09 45.25 7.40
N PRO L 66 3.61 44.07 7.75
CA PRO L 66 4.59 43.41 6.88
C PRO L 66 4.08 43.13 5.48
N ALA L 67 2.77 42.96 5.30
CA ALA L 67 2.22 42.76 3.97
C ALA L 67 2.46 43.97 3.08
N GLN L 68 2.56 45.17 3.67
CA GLN L 68 2.87 46.36 2.89
C GLN L 68 4.25 46.26 2.28
N TYR L 69 5.23 45.78 3.04
CA TYR L 69 6.56 45.55 2.48
C TYR L 69 6.56 44.39 1.49
N GLU L 70 5.70 43.39 1.72
CA GLU L 70 5.62 42.28 0.78
C GLU L 70 5.11 42.73 -0.58
N SER L 71 4.12 43.62 -0.60
CA SER L 71 3.57 44.18 -1.83
C SER L 71 4.01 45.63 -1.91
N ALA L 72 5.20 45.84 -2.45
CA ALA L 72 5.82 47.15 -2.52
C ALA L 72 6.53 47.28 -3.86
N PRO L 73 6.79 48.51 -4.30
CA PRO L 73 7.59 48.68 -5.52
C PRO L 73 9.00 48.14 -5.33
N ALA L 74 9.64 47.86 -6.48
CA ALA L 74 10.94 47.18 -6.46
C ALA L 74 11.98 47.95 -5.66
N THR L 75 11.82 49.27 -5.52
CA THR L 75 12.78 50.06 -4.77
C THR L 75 12.75 49.71 -3.29
N THR L 76 11.56 49.44 -2.74
CA THR L 76 11.40 49.23 -1.31
C THR L 76 11.09 47.79 -0.92
N ARG L 77 10.84 46.90 -1.88
CA ARG L 77 10.58 45.51 -1.53
C ARG L 77 11.87 44.87 -1.04
N PRO L 78 11.92 44.36 0.19
CA PRO L 78 13.22 44.02 0.79
C PRO L 78 13.84 42.73 0.27
N ASN L 79 13.08 41.85 -0.38
CA ASN L 79 13.64 40.62 -0.90
C ASN L 79 14.00 40.71 -2.38
N VAL L 80 14.24 41.91 -2.89
CA VAL L 80 14.60 42.12 -4.29
C VAL L 80 16.10 42.39 -4.37
N LEU L 81 16.79 41.61 -5.19
CA LEU L 81 18.22 41.78 -5.40
C LEU L 81 18.46 42.99 -6.29
N HIS L 82 19.33 43.91 -5.84
CA HIS L 82 19.65 45.12 -6.58
C HIS L 82 21.12 45.06 -6.99
N TYR L 83 21.37 44.65 -8.23
CA TYR L 83 22.71 44.55 -8.78
C TYR L 83 22.74 45.22 -10.15
N PRO L 84 22.73 46.54 -10.19
CA PRO L 84 22.82 47.25 -11.47
C PRO L 84 24.17 47.03 -12.13
N ALA L 85 24.17 47.05 -13.45
CA ALA L 85 25.38 46.83 -14.22
C ALA L 85 26.26 48.07 -14.20
N GLU L 86 27.54 47.88 -13.89
CA GLU L 86 28.53 48.97 -13.95
C GLU L 86 29.09 49.06 -15.37
N SER L 87 28.22 49.53 -16.27
CA SER L 87 28.53 49.48 -17.70
C SER L 87 29.73 50.33 -18.09
N THR L 88 30.12 51.29 -17.25
CA THR L 88 31.27 52.14 -17.54
C THR L 88 32.57 51.57 -17.02
N ASN L 89 32.53 50.47 -16.29
CA ASN L 89 33.75 49.87 -15.74
C ASN L 89 34.49 49.12 -16.84
N PRO L 90 35.78 49.36 -17.02
CA PRO L 90 36.52 48.65 -18.08
C PRO L 90 36.51 47.13 -17.93
N GLU L 91 36.58 46.63 -16.70
CA GLU L 91 36.50 45.18 -16.49
C GLU L 91 35.15 44.65 -16.94
N PHE L 92 34.08 45.41 -16.69
CA PHE L 92 32.77 45.01 -17.16
C PHE L 92 32.72 44.89 -18.67
N LYS L 93 33.32 45.86 -19.37
CA LYS L 93 33.34 45.82 -20.83
C LYS L 93 34.16 44.64 -21.33
N ALA L 94 35.30 44.36 -20.70
CA ALA L 94 36.12 43.22 -21.11
C ALA L 94 35.36 41.90 -20.92
N ASN L 95 34.69 41.76 -19.78
CA ASN L 95 33.88 40.56 -19.56
C ASN L 95 32.77 40.44 -20.59
N THR L 96 32.12 41.56 -20.90
CA THR L 96 31.06 41.54 -21.91
C THR L 96 31.60 41.09 -23.26
N GLU L 97 32.77 41.61 -23.65
CA GLU L 97 33.36 41.23 -24.93
C GLU L 97 33.70 39.74 -24.96
N ARG L 98 34.28 39.23 -23.87
CA ARG L 98 34.60 37.81 -23.82
C ARG L 98 33.35 36.94 -23.95
N MET L 99 32.31 37.28 -23.18
CA MET L 99 31.09 36.49 -23.22
C MET L 99 30.43 36.57 -24.60
N LYS L 100 30.46 37.75 -25.22
CA LYS L 100 29.90 37.91 -26.56
C LYS L 100 30.64 37.04 -27.56
N ALA L 101 31.98 37.01 -27.48
CA ALA L 101 32.75 36.18 -28.40
C ALA L 101 32.42 34.70 -28.19
N LEU L 102 32.34 34.26 -26.94
CA LEU L 102 32.04 32.86 -26.67
C LEU L 102 30.66 32.48 -27.19
N THR L 103 29.66 33.33 -26.96
CA THR L 103 28.31 33.02 -27.40
C THR L 103 28.21 33.04 -28.92
N ALA L 104 28.92 33.96 -29.57
CA ALA L 104 28.95 33.98 -31.03
C ALA L 104 29.56 32.70 -31.58
N GLU L 105 30.64 32.22 -30.96
CA GLU L 105 31.23 30.96 -31.39
C GLU L 105 30.27 29.80 -31.21
N LEU L 106 29.56 29.78 -30.08
CA LEU L 106 28.58 28.72 -29.84
C LEU L 106 27.50 28.71 -30.91
N ARG L 107 26.93 29.88 -31.20
CA ARG L 107 25.89 29.97 -32.22
C ARG L 107 26.43 29.59 -33.60
N ARG L 108 27.67 29.97 -33.89
CA ARG L 108 28.26 29.60 -35.17
C ARG L 108 28.40 28.09 -35.31
N ARG L 109 28.85 27.42 -34.25
CA ARG L 109 28.98 25.97 -34.31
C ARG L 109 27.62 25.31 -34.51
N VAL L 110 26.60 25.78 -33.78
CA VAL L 110 25.27 25.21 -33.95
C VAL L 110 24.77 25.43 -35.37
N GLN L 111 25.01 26.62 -35.92
CA GLN L 111 24.53 26.93 -37.26
C GLN L 111 25.24 26.09 -38.31
N VAL L 112 26.54 25.88 -38.18
CA VAL L 112 27.24 25.06 -39.17
C VAL L 112 26.81 23.60 -39.04
N ILE L 113 26.45 23.16 -37.84
CA ILE L 113 25.88 21.82 -37.72
C ILE L 113 24.55 21.74 -38.46
N VAL L 114 23.69 22.74 -38.30
CA VAL L 114 22.37 22.70 -38.92
C VAL L 114 22.49 22.77 -40.44
N ASP L 115 23.28 23.70 -40.96
CA ASP L 115 23.36 23.95 -42.39
C ASP L 115 24.40 23.10 -43.10
N GLY L 116 25.31 22.46 -42.36
CA GLY L 116 26.39 21.73 -42.99
C GLY L 116 27.50 22.64 -43.45
N ASP L 117 28.76 22.18 -43.36
CA ASP L 117 29.90 22.99 -43.73
C ASP L 117 30.66 22.43 -44.93
N SER L 118 31.07 21.17 -44.88
CA SER L 118 31.91 20.62 -45.94
C SER L 118 31.06 20.23 -47.14
N GLU L 119 31.75 19.94 -48.25
CA GLU L 119 31.06 19.51 -49.46
C GLU L 119 30.50 18.11 -49.32
N ALA L 120 31.14 17.26 -48.50
CA ALA L 120 30.61 15.92 -48.26
C ALA L 120 29.23 16.00 -47.61
N ASP L 121 29.06 16.94 -46.66
CA ASP L 121 27.74 17.13 -46.06
C ASP L 121 26.72 17.56 -47.11
N LYS L 122 27.12 18.43 -48.04
CA LYS L 122 26.20 18.85 -49.09
C LYS L 122 25.80 17.68 -49.98
N ARG L 123 26.76 16.84 -50.35
CA ARG L 123 26.44 15.67 -51.17
C ARG L 123 25.50 14.72 -50.43
N ALA L 124 25.77 14.47 -49.15
CA ALA L 124 24.92 13.58 -48.38
C ALA L 124 23.51 14.13 -48.25
N ARG L 125 23.39 15.44 -48.02
CA ARG L 125 22.07 16.06 -47.92
C ARG L 125 21.35 16.03 -49.26
N ASP L 126 22.07 16.20 -50.37
CA ASP L 126 21.46 16.09 -51.68
C ASP L 126 20.93 14.69 -51.93
N ARG L 127 21.71 13.67 -51.57
CA ARG L 127 21.23 12.29 -51.68
C ARG L 127 20.00 12.07 -50.82
N HIS L 128 20.01 12.60 -49.60
CA HIS L 128 18.89 12.43 -48.69
C HIS L 128 17.62 13.08 -49.23
N ILE L 129 17.75 14.29 -49.78
CA ILE L 129 16.59 14.99 -50.30
C ILE L 129 16.08 14.31 -51.56
N SER L 130 16.99 13.83 -52.41
CA SER L 130 16.59 13.19 -53.66
C SER L 130 15.79 11.92 -53.43
N ARG L 131 15.86 11.34 -52.23
CA ARG L 131 15.08 10.16 -51.90
C ARG L 131 13.68 10.51 -51.38
N GLY L 132 13.32 11.79 -51.39
CA GLY L 132 12.04 12.20 -50.83
C GLY L 132 12.02 12.27 -49.32
N LYS L 133 13.18 12.37 -48.69
CA LYS L 133 13.29 12.39 -47.23
C LYS L 133 13.45 13.80 -46.72
N LEU L 134 12.86 14.05 -45.56
CA LEU L 134 13.06 15.31 -44.85
C LEU L 134 14.30 15.22 -43.98
N LEU L 135 14.97 16.36 -43.82
CA LEU L 135 16.12 16.41 -42.93
C LEU L 135 15.64 16.30 -41.48
N VAL L 136 16.56 15.91 -40.60
CA VAL L 136 16.19 15.56 -39.23
C VAL L 136 15.60 16.76 -38.50
N HIS L 137 16.22 17.94 -38.64
CA HIS L 137 15.64 19.13 -38.02
C HIS L 137 14.32 19.50 -38.67
N GLN L 138 14.18 19.28 -39.98
CA GLN L 138 12.90 19.50 -40.64
C GLN L 138 11.84 18.54 -40.13
N ARG L 139 12.22 17.27 -39.89
CA ARG L 139 11.29 16.32 -39.30
C ARG L 139 10.84 16.77 -37.93
N ILE L 140 11.77 17.30 -37.13
CA ILE L 140 11.40 17.84 -35.82
C ILE L 140 10.44 19.01 -35.98
N GLU L 141 10.73 19.91 -36.92
CA GLU L 141 9.88 21.08 -37.10
C GLU L 141 8.47 20.69 -37.52
N LYS L 142 8.35 19.68 -38.38
CA LYS L 142 7.03 19.30 -38.87
C LYS L 142 6.34 18.25 -38.00
N LEU L 143 7.02 17.71 -36.98
CA LEU L 143 6.36 16.80 -36.07
C LEU L 143 5.81 17.52 -34.85
N VAL L 144 6.53 18.52 -34.34
CA VAL L 144 6.11 19.28 -33.18
C VAL L 144 5.01 20.27 -33.58
N ASP L 145 4.28 20.77 -32.59
CA ASP L 145 3.27 21.79 -32.85
C ASP L 145 3.91 23.01 -33.49
N PRO L 146 3.21 23.69 -34.41
CA PRO L 146 3.89 24.68 -35.27
C PRO L 146 4.59 25.81 -34.53
N MET L 147 4.03 26.30 -33.44
CA MET L 147 4.65 27.41 -32.69
C MET L 147 4.78 26.95 -31.24
N SER L 148 5.89 26.28 -30.93
CA SER L 148 6.09 25.67 -29.63
C SER L 148 7.59 25.53 -29.39
N PRO L 149 8.02 25.48 -28.13
CA PRO L 149 9.44 25.33 -27.85
C PRO L 149 9.91 23.90 -28.06
N PHE L 150 11.20 23.77 -28.36
CA PHE L 150 11.83 22.46 -28.51
C PHE L 150 13.19 22.50 -27.82
N LEU L 151 13.37 21.63 -26.84
CA LEU L 151 14.60 21.61 -26.05
C LEU L 151 15.53 20.52 -26.60
N GLU L 152 16.27 20.89 -27.63
CA GLU L 152 17.29 20.00 -28.17
C GLU L 152 18.45 19.91 -27.18
N LEU L 153 18.90 18.68 -26.87
CA LEU L 153 19.75 18.48 -25.70
C LEU L 153 21.24 18.51 -26.03
N SER L 154 21.72 17.54 -26.80
CA SER L 154 23.15 17.43 -27.08
C SER L 154 23.42 17.92 -28.49
N GLN L 155 23.40 19.25 -28.66
CA GLN L 155 23.59 19.82 -29.99
C GLN L 155 24.98 19.55 -30.53
N LEU L 156 26.00 19.71 -29.68
CA LEU L 156 27.39 19.62 -30.11
C LEU L 156 28.06 18.31 -29.72
N ALA L 157 27.28 17.25 -29.57
CA ALA L 157 27.85 15.94 -29.29
C ALA L 157 28.65 15.44 -30.49
N GLY L 158 29.72 14.70 -30.19
CA GLY L 158 30.55 14.16 -31.25
C GLY L 158 31.50 15.15 -31.89
N GLY L 159 31.70 16.32 -31.29
CA GLY L 159 32.59 17.31 -31.86
C GLY L 159 34.05 17.01 -31.60
N ASP L 160 34.80 16.74 -32.66
CA ASP L 160 36.22 16.38 -32.57
C ASP L 160 36.43 15.14 -31.72
N LEU L 161 35.42 14.30 -31.61
CA LEU L 161 35.49 13.11 -30.78
C LEU L 161 36.19 11.95 -31.48
N TYR L 162 35.85 11.70 -32.74
CA TYR L 162 36.49 10.65 -33.52
C TYR L 162 37.29 11.30 -34.64
N PRO L 163 38.61 11.14 -34.67
CA PRO L 163 39.40 11.79 -35.72
C PRO L 163 39.02 11.28 -37.11
N GLY L 164 38.90 12.22 -38.05
CA GLY L 164 38.56 11.90 -39.41
C GLY L 164 37.08 11.87 -39.72
N GLU L 165 36.22 12.00 -38.71
CA GLU L 165 34.77 11.99 -38.91
C GLU L 165 34.16 13.23 -38.30
N ALA L 166 33.30 13.90 -39.08
CA ALA L 166 32.53 15.05 -38.58
C ALA L 166 31.17 14.51 -38.14
N CYS L 167 31.16 13.92 -36.94
CA CYS L 167 29.96 13.29 -36.39
C CYS L 167 29.03 14.39 -35.88
N HIS L 168 28.30 14.99 -36.80
CA HIS L 168 27.40 16.08 -36.46
C HIS L 168 26.27 15.58 -35.57
N ARG L 169 26.07 16.25 -34.44
CA ARG L 169 25.07 15.91 -33.44
C ARG L 169 25.23 14.50 -32.89
N GLY L 170 26.38 13.87 -33.11
CA GLY L 170 26.52 12.48 -32.72
C GLY L 170 25.72 11.53 -33.58
N GLY L 171 25.29 11.96 -34.76
CA GLY L 171 24.49 11.15 -35.64
C GLY L 171 23.05 10.98 -35.23
N ILE L 172 22.57 11.77 -34.28
CA ILE L 172 21.23 11.58 -33.74
C ILE L 172 20.80 12.87 -33.06
N LEU L 173 19.52 13.21 -33.20
CA LEU L 173 18.95 14.42 -32.61
C LEU L 173 17.96 14.00 -31.54
N THR L 174 18.17 14.49 -30.32
CA THR L 174 17.30 14.18 -29.20
C THR L 174 16.79 15.49 -28.61
N GLY L 175 15.50 15.51 -28.26
CA GLY L 175 14.95 16.72 -27.70
C GLY L 175 13.61 16.47 -27.06
N ILE L 176 13.11 17.51 -26.39
CA ILE L 176 11.79 17.49 -25.79
C ILE L 176 10.91 18.46 -26.56
N GLY L 177 9.87 17.93 -27.21
CA GLY L 177 8.95 18.73 -27.99
C GLY L 177 7.55 18.69 -27.40
N VAL L 178 6.65 19.42 -28.06
CA VAL L 178 5.25 19.50 -27.64
C VAL L 178 4.39 19.03 -28.81
N VAL L 179 3.67 17.94 -28.62
CA VAL L 179 2.74 17.41 -29.60
C VAL L 179 1.37 17.37 -28.96
N HIS L 180 0.40 18.04 -29.57
CA HIS L 180 -0.97 18.12 -29.06
C HIS L 180 -0.99 18.61 -27.60
N GLY L 181 -0.10 19.53 -27.29
CA GLY L 181 -0.03 20.10 -25.96
C GLY L 181 0.67 19.24 -24.93
N MET L 182 1.16 18.07 -25.32
CA MET L 182 1.82 17.14 -24.41
C MET L 182 3.31 17.12 -24.70
N ARG L 183 4.13 17.17 -23.66
CA ARG L 183 5.56 17.11 -23.83
C ARG L 183 6.01 15.68 -24.05
N VAL L 184 6.78 15.47 -25.12
CA VAL L 184 7.27 14.16 -25.51
C VAL L 184 8.77 14.25 -25.75
N MET L 185 9.43 13.10 -25.68
CA MET L 185 10.84 12.98 -26.00
C MET L 185 10.97 12.41 -27.41
N ILE L 186 11.65 13.16 -28.28
CA ILE L 186 11.82 12.78 -29.68
C ILE L 186 13.27 12.41 -29.89
N VAL L 187 13.49 11.25 -30.48
CA VAL L 187 14.80 10.74 -30.84
C VAL L 187 14.78 10.40 -32.33
N ALA L 188 15.57 11.11 -33.12
CA ALA L 188 15.54 10.99 -34.57
C ALA L 188 16.93 10.72 -35.09
N ASN L 189 17.08 9.65 -35.87
CA ASN L 189 18.37 9.34 -36.46
C ASN L 189 18.66 10.26 -37.63
N ASP L 190 19.93 10.63 -37.78
CA ASP L 190 20.38 11.48 -38.87
C ASP L 190 21.07 10.59 -39.90
N ALA L 191 20.36 10.29 -40.99
CA ALA L 191 20.89 9.40 -42.01
C ALA L 191 22.01 10.03 -42.83
N THR L 192 22.26 11.33 -42.66
CA THR L 192 23.33 12.00 -43.39
C THR L 192 24.66 11.95 -42.66
N VAL L 193 24.73 11.28 -41.52
CA VAL L 193 25.96 11.13 -40.76
C VAL L 193 26.36 9.66 -40.86
N LYS L 194 27.23 9.34 -41.82
CA LYS L 194 27.70 7.97 -42.04
C LYS L 194 26.54 7.00 -42.25
N GLY L 195 25.52 7.46 -42.97
CA GLY L 195 24.36 6.63 -43.19
C GLY L 195 23.52 6.37 -41.97
N GLY L 196 23.71 7.15 -40.91
CA GLY L 196 22.96 6.95 -39.69
C GLY L 196 23.51 5.88 -38.77
N THR L 197 24.69 5.36 -39.03
CA THR L 197 25.25 4.30 -38.20
C THR L 197 25.54 4.81 -36.80
N TYR L 198 25.38 3.91 -35.83
CA TYR L 198 25.50 4.26 -34.42
C TYR L 198 26.97 4.24 -34.01
N TYR L 199 27.52 5.41 -33.72
CA TYR L 199 28.78 5.52 -33.02
C TYR L 199 28.57 5.25 -31.54
N PRO L 200 29.63 5.03 -30.77
CA PRO L 200 29.46 4.94 -29.32
C PRO L 200 28.78 6.15 -28.71
N ILE L 201 29.10 7.34 -29.22
CA ILE L 201 28.44 8.55 -28.74
C ILE L 201 26.97 8.54 -29.13
N THR L 202 26.62 7.97 -30.28
CA THR L 202 25.22 7.88 -30.68
C THR L 202 24.43 7.02 -29.70
N VAL L 203 25.00 5.87 -29.34
CA VAL L 203 24.36 4.99 -28.36
C VAL L 203 24.23 5.71 -27.02
N LYS L 204 25.28 6.41 -26.60
CA LYS L 204 25.24 7.11 -25.32
C LYS L 204 24.16 8.18 -25.30
N LYS L 205 24.04 8.95 -26.39
CA LYS L 205 23.04 10.00 -26.46
C LYS L 205 21.63 9.43 -26.50
N HIS L 206 21.43 8.33 -27.24
CA HIS L 206 20.12 7.68 -27.27
C HIS L 206 19.75 7.18 -25.88
N LEU L 207 20.70 6.58 -25.17
CA LEU L 207 20.43 6.11 -23.81
C LEU L 207 20.13 7.27 -22.87
N ARG L 208 20.84 8.39 -23.03
CA ARG L 208 20.57 9.55 -22.18
C ARG L 208 19.16 10.08 -22.42
N ALA L 209 18.75 10.15 -23.68
CA ALA L 209 17.38 10.58 -23.98
C ALA L 209 16.36 9.64 -23.37
N GLN L 210 16.61 8.32 -23.47
CA GLN L 210 15.70 7.35 -22.87
C GLN L 210 15.65 7.51 -21.36
N ARG L 211 16.79 7.78 -20.72
CA ARG L 211 16.82 7.96 -19.27
C ARG L 211 16.00 9.18 -18.86
N ILE L 212 16.18 10.29 -19.58
CA ILE L 212 15.42 11.50 -19.26
C ILE L 212 13.92 11.24 -19.43
N ALA L 213 13.54 10.58 -20.53
CA ALA L 213 12.14 10.32 -20.78
C ALA L 213 11.55 9.40 -19.71
N GLU L 214 12.30 8.37 -19.31
CA GLU L 214 11.79 7.43 -18.31
C GLU L 214 11.64 8.11 -16.95
N GLU L 215 12.63 8.90 -16.53
CA GLU L 215 12.53 9.52 -15.22
C GLU L 215 11.55 10.69 -15.20
N ASN L 216 11.17 11.24 -16.34
CA ASN L 216 10.15 12.27 -16.39
C ASN L 216 8.83 11.79 -16.99
N ARG L 217 8.72 10.50 -17.30
CA ARG L 217 7.50 9.93 -17.87
C ARG L 217 7.08 10.64 -19.16
N LEU L 218 8.06 10.98 -19.97
CA LEU L 218 7.80 11.57 -21.28
C LEU L 218 7.66 10.49 -22.32
N PRO L 219 6.55 10.44 -23.07
CA PRO L 219 6.43 9.46 -24.16
C PRO L 219 7.57 9.63 -25.16
N CYS L 220 8.07 8.50 -25.63
CA CYS L 220 9.22 8.48 -26.54
C CYS L 220 8.76 8.28 -27.96
N ILE L 221 9.30 9.08 -28.88
CA ILE L 221 9.08 8.93 -30.31
C ILE L 221 10.44 8.74 -30.96
N TYR L 222 10.61 7.63 -31.66
CA TYR L 222 11.87 7.29 -32.33
C TYR L 222 11.65 7.38 -33.82
N LEU L 223 12.26 8.38 -34.46
CA LEU L 223 12.25 8.49 -35.92
C LEU L 223 13.49 7.76 -36.42
N VAL L 224 13.28 6.56 -36.94
CA VAL L 224 14.36 5.61 -37.18
C VAL L 224 14.82 5.70 -38.63
N ASP L 225 16.08 6.06 -38.82
CA ASP L 225 16.73 5.94 -40.13
C ASP L 225 18.22 5.71 -39.85
N SER L 226 18.62 4.44 -39.79
CA SER L 226 19.96 4.10 -39.34
C SER L 226 20.40 2.79 -39.96
N GLY L 227 21.65 2.76 -40.44
CA GLY L 227 22.19 1.52 -40.98
C GLY L 227 22.39 0.46 -39.92
N GLY L 228 22.75 0.87 -38.71
CA GLY L 228 23.01 -0.02 -37.60
C GLY L 228 24.27 0.38 -36.89
N ALA L 229 24.71 -0.46 -35.97
CA ALA L 229 25.98 -0.21 -35.30
C ALA L 229 27.13 -0.31 -36.31
N ASN L 230 28.08 0.62 -36.18
CA ASN L 230 29.23 0.60 -37.08
C ASN L 230 30.21 -0.49 -36.65
N LEU L 231 30.59 -1.33 -37.60
CA LEU L 231 31.42 -2.50 -37.27
C LEU L 231 32.87 -2.14 -36.99
N GLY L 232 33.30 -0.94 -37.34
CA GLY L 232 34.66 -0.53 -37.04
C GLY L 232 34.93 -0.39 -35.56
N MET L 233 33.94 0.05 -34.79
CA MET L 233 34.08 0.28 -33.36
C MET L 233 33.11 -0.61 -32.59
N GLN L 234 32.86 -1.82 -33.09
CA GLN L 234 31.86 -2.69 -32.50
C GLN L 234 32.20 -3.04 -31.05
N GLY L 235 33.48 -3.02 -30.70
CA GLY L 235 33.86 -3.29 -29.32
C GLY L 235 33.31 -2.27 -28.34
N ASP L 236 33.18 -1.01 -28.78
CA ASP L 236 32.69 0.06 -27.93
C ASP L 236 31.19 0.31 -28.12
N VAL L 237 30.51 -0.51 -28.92
CA VAL L 237 29.10 -0.29 -29.25
C VAL L 237 28.25 -1.48 -28.86
N PHE L 238 28.63 -2.68 -29.28
CA PHE L 238 27.77 -3.84 -29.04
C PHE L 238 27.79 -4.36 -27.60
N PRO L 239 28.90 -4.91 -27.09
CA PRO L 239 28.84 -5.62 -25.80
C PRO L 239 29.11 -4.75 -24.58
N ASP L 240 28.09 -4.43 -23.79
CA ASP L 240 28.26 -3.90 -22.44
C ASP L 240 26.87 -3.60 -21.87
N GLU L 241 26.84 -3.22 -20.59
CA GLU L 241 25.60 -2.78 -19.97
C GLU L 241 25.07 -1.52 -20.65
N GLN L 242 25.89 -0.50 -20.76
CA GLN L 242 25.50 0.76 -21.38
C GLN L 242 25.82 0.76 -22.88
N HIS L 243 25.30 -0.25 -23.59
CA HIS L 243 25.55 -0.40 -25.01
C HIS L 243 24.24 -0.59 -25.77
N PHE L 244 24.34 -1.00 -27.03
CA PHE L 244 23.19 -0.92 -27.94
C PHE L 244 21.98 -1.68 -27.41
N GLY L 245 22.18 -2.81 -26.73
CA GLY L 245 21.04 -3.56 -26.19
C GLY L 245 20.33 -2.86 -25.07
N ARG L 246 21.02 -1.95 -24.36
CA ARG L 246 20.37 -1.19 -23.32
C ARG L 246 19.24 -0.33 -23.87
N ILE L 247 19.29 0.03 -25.15
CA ILE L 247 18.19 0.76 -25.76
C ILE L 247 16.91 -0.07 -25.70
N PHE L 248 17.01 -1.35 -26.08
CA PHE L 248 15.84 -2.22 -26.06
C PHE L 248 15.42 -2.54 -24.63
N PHE L 249 16.39 -2.68 -23.74
CA PHE L 249 16.06 -2.88 -22.32
C PHE L 249 15.24 -1.70 -21.80
N ASN L 250 15.71 -0.48 -22.05
CA ASN L 250 14.99 0.71 -21.62
C ASN L 250 13.62 0.80 -22.27
N GLN L 251 13.53 0.47 -23.55
CA GLN L 251 12.26 0.55 -24.25
C GLN L 251 11.24 -0.39 -23.65
N ALA L 252 11.65 -1.64 -23.40
CA ALA L 252 10.74 -2.61 -22.79
C ALA L 252 10.32 -2.17 -21.39
N ASN L 253 11.28 -1.68 -20.59
CA ASN L 253 10.93 -1.30 -19.22
C ASN L 253 10.04 -0.07 -19.19
N MET L 254 10.27 0.89 -20.08
CA MET L 254 9.38 2.04 -20.17
C MET L 254 7.98 1.63 -20.62
N SER L 255 7.90 0.73 -21.60
CA SER L 255 6.59 0.25 -22.04
C SER L 255 5.85 -0.46 -20.91
N ALA L 256 6.58 -1.21 -20.08
CA ALA L 256 5.94 -1.89 -18.96
C ALA L 256 5.43 -0.92 -17.92
N LYS L 257 6.01 0.28 -17.83
CA LYS L 257 5.62 1.27 -16.86
C LYS L 257 4.51 2.20 -17.35
N GLY L 258 3.97 1.94 -18.54
CA GLY L 258 2.91 2.75 -19.08
C GLY L 258 3.37 3.96 -19.85
N ILE L 259 4.67 4.13 -20.07
CA ILE L 259 5.21 5.23 -20.86
C ILE L 259 5.20 4.79 -22.32
N ALA L 260 4.47 5.53 -23.15
CA ALA L 260 4.25 5.12 -24.53
C ALA L 260 5.55 5.18 -25.33
N GLN L 261 5.78 4.15 -26.13
CA GLN L 261 6.92 4.07 -27.04
C GLN L 261 6.38 4.01 -28.46
N ILE L 262 6.77 4.98 -29.28
CA ILE L 262 6.29 5.10 -30.65
C ILE L 262 7.49 5.08 -31.57
N ALA L 263 7.42 4.29 -32.64
CA ALA L 263 8.49 4.21 -33.62
C ALA L 263 7.93 4.55 -35.00
N THR L 264 8.64 5.41 -35.72
CA THR L 264 8.30 5.76 -37.09
C THR L 264 9.51 5.47 -37.95
N VAL L 265 9.38 4.50 -38.86
CA VAL L 265 10.52 4.03 -39.66
C VAL L 265 10.55 4.87 -40.92
N MET L 266 11.28 5.99 -40.85
CA MET L 266 11.47 6.85 -42.01
C MET L 266 12.50 6.28 -42.99
N GLY L 267 13.35 5.37 -42.54
CA GLY L 267 14.40 4.83 -43.37
C GLY L 267 14.65 3.35 -43.13
N SER L 268 15.90 2.98 -42.92
CA SER L 268 16.27 1.59 -42.71
C SER L 268 16.56 1.34 -41.23
N CYS L 269 16.28 0.11 -40.81
CA CYS L 269 16.69 -0.38 -39.49
C CYS L 269 17.12 -1.83 -39.65
N THR L 270 18.39 -2.11 -39.41
CA THR L 270 18.99 -3.40 -39.71
C THR L 270 19.53 -4.04 -38.45
N ALA L 271 19.36 -5.36 -38.36
CA ALA L 271 19.94 -6.18 -37.29
C ALA L 271 19.39 -5.69 -35.96
N GLY L 272 20.23 -5.29 -35.00
CA GLY L 272 19.72 -4.89 -33.69
C GLY L 272 18.73 -3.76 -33.77
N GLY L 273 18.97 -2.78 -34.64
CA GLY L 273 18.05 -1.67 -34.79
C GLY L 273 16.64 -2.10 -35.14
N ALA L 274 16.49 -3.28 -35.76
CA ALA L 274 15.17 -3.77 -36.11
C ALA L 274 14.31 -4.03 -34.89
N TYR L 275 14.91 -4.13 -33.70
CA TYR L 275 14.13 -4.29 -32.49
C TYR L 275 13.39 -3.02 -32.11
N VAL L 276 13.88 -1.86 -32.54
CA VAL L 276 13.25 -0.59 -32.16
C VAL L 276 11.80 -0.51 -32.64
N PRO L 277 11.48 -0.79 -33.90
CA PRO L 277 10.05 -0.80 -34.27
C PRO L 277 9.28 -1.93 -33.64
N ALA L 278 9.91 -3.10 -33.51
CA ALA L 278 9.17 -4.30 -33.07
C ALA L 278 8.84 -4.26 -31.59
N MET L 279 9.66 -3.58 -30.79
CA MET L 279 9.43 -3.51 -29.36
C MET L 279 8.65 -2.28 -28.93
N SER L 280 8.18 -1.48 -29.87
CA SER L 280 7.39 -0.29 -29.56
C SER L 280 5.91 -0.66 -29.46
N ASP L 281 5.18 0.15 -28.69
CA ASP L 281 3.74 -0.05 -28.56
C ASP L 281 3.04 0.13 -29.90
N GLU L 282 3.42 1.16 -30.65
CA GLU L 282 2.89 1.41 -31.98
C GLU L 282 4.01 1.83 -32.90
N SER L 283 3.97 1.35 -34.14
CA SER L 283 5.03 1.59 -35.10
C SER L 283 4.46 2.04 -36.44
N ILE L 284 5.23 2.87 -37.14
CA ILE L 284 4.88 3.41 -38.44
C ILE L 284 6.04 3.16 -39.38
N ILE L 285 5.75 2.78 -40.61
CA ILE L 285 6.77 2.55 -41.63
C ILE L 285 6.38 3.28 -42.90
N VAL L 286 7.35 3.97 -43.50
CA VAL L 286 7.13 4.69 -44.75
C VAL L 286 7.32 3.72 -45.91
N LYS L 287 6.50 3.87 -46.94
CA LYS L 287 6.45 2.91 -48.04
C LYS L 287 7.79 2.77 -48.76
N GLY L 288 8.26 3.83 -49.40
CA GLY L 288 9.44 3.70 -50.24
C GLY L 288 10.71 3.44 -49.45
N ASN L 289 10.95 4.23 -48.40
CA ASN L 289 12.24 4.22 -47.72
C ASN L 289 12.27 3.35 -46.47
N GLY L 290 11.14 2.81 -46.04
CA GLY L 290 11.11 2.03 -44.83
C GLY L 290 11.39 0.56 -45.02
N THR L 291 12.43 0.06 -44.36
CA THR L 291 12.79 -1.36 -44.43
C THR L 291 13.15 -1.86 -43.04
N ILE L 292 12.61 -3.01 -42.67
CA ILE L 292 12.88 -3.63 -41.37
C ILE L 292 13.24 -5.09 -41.61
N PHE L 293 14.43 -5.50 -41.15
CA PHE L 293 14.83 -6.89 -41.22
C PHE L 293 15.97 -7.14 -40.25
N LEU L 294 15.97 -8.34 -39.65
CA LEU L 294 17.08 -8.73 -38.79
C LEU L 294 18.32 -9.08 -39.61
N GLY L 295 18.12 -9.69 -40.77
CA GLY L 295 19.23 -10.01 -41.65
C GLY L 295 19.11 -9.31 -42.99
N GLY L 296 20.11 -8.51 -43.34
CA GLY L 296 20.08 -7.73 -44.56
C GLY L 296 20.33 -8.59 -45.78
N PRO L 297 20.13 -7.98 -46.95
CA PRO L 297 20.35 -8.68 -48.21
C PRO L 297 21.76 -9.24 -48.36
N PRO L 298 22.80 -8.50 -47.94
CA PRO L 298 24.14 -9.13 -47.97
C PRO L 298 24.22 -10.40 -47.14
N LEU L 299 23.61 -10.39 -45.95
CA LEU L 299 23.66 -11.56 -45.09
C LEU L 299 22.88 -12.73 -45.70
N VAL L 300 21.70 -12.45 -46.24
CA VAL L 300 20.90 -13.54 -46.81
C VAL L 300 21.59 -14.10 -48.05
N PHE L 301 22.28 -13.27 -48.82
CA PHE L 301 23.00 -13.79 -49.98
C PHE L 301 24.21 -14.60 -49.55
N ALA L 302 24.96 -14.13 -48.55
CA ALA L 302 26.10 -14.89 -48.07
C ALA L 302 25.68 -16.19 -47.38
N ALA L 303 24.44 -16.27 -46.90
CA ALA L 303 23.97 -17.48 -46.23
C ALA L 303 23.35 -18.47 -47.21
N THR L 304 22.30 -18.06 -47.91
CA THR L 304 21.54 -18.96 -48.77
C THR L 304 21.82 -18.77 -50.26
N GLY L 305 22.64 -17.81 -50.64
CA GLY L 305 22.90 -17.59 -52.04
C GLY L 305 21.76 -17.01 -52.82
N GLU L 306 20.85 -16.29 -52.15
CA GLU L 306 19.69 -15.68 -52.81
C GLU L 306 19.84 -14.17 -52.82
N GLU L 307 19.40 -13.56 -53.92
CA GLU L 307 19.45 -12.12 -54.10
C GLU L 307 18.05 -11.55 -53.94
N VAL L 308 17.89 -10.65 -52.98
CA VAL L 308 16.60 -9.99 -52.73
C VAL L 308 16.87 -8.50 -52.48
N THR L 309 15.98 -7.66 -52.98
CA THR L 309 16.06 -6.24 -52.70
C THR L 309 15.56 -5.96 -51.29
N PRO L 310 16.02 -4.87 -50.67
CA PRO L 310 15.50 -4.53 -49.33
C PRO L 310 13.99 -4.34 -49.29
N GLU L 311 13.40 -3.84 -50.37
CA GLU L 311 11.96 -3.61 -50.39
C GLU L 311 11.19 -4.91 -50.30
N GLU L 312 11.60 -5.93 -51.06
CA GLU L 312 10.90 -7.21 -51.01
C GLU L 312 11.32 -8.05 -49.82
N LEU L 313 12.38 -7.68 -49.11
CA LEU L 313 12.79 -8.37 -47.91
C LEU L 313 12.05 -7.84 -46.68
N GLY L 314 12.14 -6.55 -46.42
CA GLY L 314 11.52 -5.96 -45.25
C GLY L 314 10.81 -4.66 -45.50
N GLY L 315 10.22 -4.51 -46.69
CA GLY L 315 9.56 -3.27 -47.04
C GLY L 315 8.27 -3.06 -46.29
N ALA L 316 7.62 -1.94 -46.59
CA ALA L 316 6.40 -1.57 -45.89
C ALA L 316 5.27 -2.57 -46.15
N ASP L 317 5.17 -3.08 -47.37
CA ASP L 317 4.08 -4.02 -47.68
C ASP L 317 4.20 -5.30 -46.86
N VAL L 318 5.40 -5.87 -46.78
CA VAL L 318 5.55 -7.15 -46.10
C VAL L 318 5.33 -6.99 -44.60
N HIS L 319 5.78 -5.88 -44.01
CA HIS L 319 5.65 -5.67 -42.57
C HIS L 319 4.32 -5.04 -42.18
N CYS L 320 3.52 -4.59 -43.13
CA CYS L 320 2.26 -3.96 -42.81
C CYS L 320 1.04 -4.76 -43.24
N ARG L 321 1.20 -5.68 -44.19
CA ARG L 321 0.09 -6.50 -44.67
C ARG L 321 0.20 -7.97 -44.27
N ALA L 322 1.42 -8.49 -44.13
CA ALA L 322 1.62 -9.90 -43.84
C ALA L 322 2.31 -10.14 -42.49
N SER L 323 3.45 -9.49 -42.26
CA SER L 323 4.21 -9.75 -41.03
C SER L 323 3.48 -9.24 -39.80
N GLY L 324 2.91 -8.05 -39.87
CA GLY L 324 2.27 -7.46 -38.71
C GLY L 324 3.20 -6.76 -37.75
N VAL L 325 4.47 -6.57 -38.11
CA VAL L 325 5.40 -5.87 -37.24
C VAL L 325 4.98 -4.41 -37.07
N THR L 326 4.59 -3.76 -38.16
CA THR L 326 4.19 -2.36 -38.13
C THR L 326 2.67 -2.24 -38.12
N ASP L 327 2.20 -1.10 -37.61
CA ASP L 327 0.77 -0.85 -37.46
C ASP L 327 0.22 0.20 -38.39
N TYR L 328 1.04 1.10 -38.92
CA TYR L 328 0.55 2.19 -39.75
C TYR L 328 1.38 2.29 -41.02
N PHE L 329 0.71 2.37 -42.15
CA PHE L 329 1.34 2.47 -43.46
C PHE L 329 1.38 3.94 -43.86
N ALA L 330 2.58 4.46 -44.06
CA ALA L 330 2.79 5.86 -44.41
C ALA L 330 3.26 5.96 -45.85
N THR L 331 2.63 6.86 -46.62
CA THR L 331 3.01 7.04 -48.02
C THR L 331 4.29 7.83 -48.17
N ASP L 332 4.56 8.78 -47.27
CA ASP L 332 5.74 9.62 -47.35
C ASP L 332 6.06 10.12 -45.94
N ASP L 333 7.08 10.98 -45.84
CA ASP L 333 7.49 11.49 -44.54
C ASP L 333 6.39 12.32 -43.89
N LEU L 334 5.71 13.17 -44.67
CA LEU L 334 4.67 14.02 -44.11
C LEU L 334 3.52 13.19 -43.56
N HIS L 335 3.10 12.16 -44.30
CA HIS L 335 2.05 11.28 -43.82
C HIS L 335 2.52 10.53 -42.57
N ALA L 336 3.79 10.16 -42.51
CA ALA L 336 4.33 9.50 -41.33
C ALA L 336 4.26 10.41 -40.11
N LEU L 337 4.62 11.67 -40.26
CA LEU L 337 4.55 12.60 -39.14
C LEU L 337 3.11 12.86 -38.73
N TYR L 338 2.20 12.92 -39.70
CA TYR L 338 0.79 13.05 -39.37
C TYR L 338 0.30 11.86 -38.56
N LEU L 339 0.69 10.65 -38.97
CA LEU L 339 0.28 9.46 -38.23
C LEU L 339 0.89 9.44 -36.84
N THR L 340 2.13 9.93 -36.70
CA THR L 340 2.73 10.05 -35.38
C THR L 340 1.93 10.99 -34.49
N ARG L 341 1.52 12.13 -35.05
CA ARG L 341 0.70 13.07 -34.28
C ARG L 341 -0.64 12.44 -33.90
N ARG L 342 -1.22 11.65 -34.80
CA ARG L 342 -2.47 10.98 -34.51
C ARG L 342 -2.30 9.95 -33.38
N ILE L 343 -1.17 9.24 -33.39
CA ILE L 343 -0.87 8.31 -32.30
C ILE L 343 -0.76 9.04 -30.98
N VAL L 344 -0.04 10.17 -30.97
CA VAL L 344 0.11 10.94 -29.74
C VAL L 344 -1.24 11.45 -29.27
N ALA L 345 -2.12 11.81 -30.20
CA ALA L 345 -3.42 12.37 -29.85
C ALA L 345 -4.28 11.38 -29.07
N ASN L 346 -4.07 10.08 -29.32
CA ASN L 346 -4.91 9.05 -28.71
C ASN L 346 -4.26 8.40 -27.50
N LEU L 347 -3.23 9.02 -26.94
CA LEU L 347 -2.74 8.62 -25.62
C LEU L 347 -3.66 9.21 -24.58
N ASN L 348 -4.30 8.34 -23.79
CA ASN L 348 -5.31 8.79 -22.83
C ASN L 348 -4.63 9.38 -21.59
N ARG L 349 -3.82 10.40 -21.83
CA ARG L 349 -3.07 11.07 -20.78
C ARG L 349 -3.79 12.36 -20.42
N ASN L 350 -4.10 12.54 -19.15
CA ASN L 350 -4.84 13.71 -18.71
C ASN L 350 -4.02 14.97 -18.94
N ASP L 351 -4.73 16.06 -19.25
CA ASP L 351 -4.05 17.32 -19.55
C ASP L 351 -3.26 17.83 -18.35
N CYS L 352 -3.83 17.75 -17.16
CA CYS L 352 -3.16 18.22 -15.95
C CYS L 352 -3.82 17.58 -14.74
N GLU L 353 -2.98 17.13 -13.81
CA GLU L 353 -3.50 16.57 -12.56
C GLU L 353 -4.26 17.63 -11.76
N ARG L 354 -3.73 18.85 -11.71
CA ARG L 354 -4.37 19.97 -11.03
C ARG L 354 -4.57 21.11 -12.03
N PRO L 355 -5.81 21.58 -12.23
CA PRO L 355 -6.05 22.64 -13.22
C PRO L 355 -5.58 24.02 -12.79
N CYS L 356 -4.96 24.16 -11.61
CA CYS L 356 -4.47 25.46 -11.18
C CYS L 356 -3.35 25.94 -12.09
N ARG L 357 -3.40 27.23 -12.44
CA ARG L 357 -2.45 27.80 -13.37
C ARG L 357 -1.27 28.46 -12.65
N GLY L 358 -1.54 29.46 -11.82
CA GLY L 358 -0.48 30.15 -11.10
C GLY L 358 0.54 30.82 -11.99
N ARG L 359 0.09 31.48 -13.05
CA ARG L 359 0.96 32.14 -14.01
C ARG L 359 1.06 33.64 -13.79
N GLU L 360 0.81 34.11 -12.56
CA GLU L 360 0.87 35.53 -12.24
C GLU L 360 2.29 35.86 -11.77
N PHE L 361 3.21 35.86 -12.72
CA PHE L 361 4.61 36.12 -12.42
C PHE L 361 5.07 37.38 -13.11
N THR L 362 6.19 37.92 -12.62
CA THR L 362 6.82 39.12 -13.13
C THR L 362 8.20 38.78 -13.69
N PRO L 363 8.55 39.29 -14.86
CA PRO L 363 9.86 39.01 -15.43
C PRO L 363 10.97 39.58 -14.56
N PRO L 364 12.21 39.12 -14.73
CA PRO L 364 13.32 39.68 -13.97
C PRO L 364 13.47 41.17 -14.22
N LEU L 365 13.85 41.89 -13.17
CA LEU L 365 13.97 43.33 -13.24
C LEU L 365 15.25 43.81 -13.91
N TYR L 366 16.18 42.91 -14.19
CA TYR L 366 17.43 43.26 -14.84
C TYR L 366 17.61 42.42 -16.10
N ASP L 367 18.21 43.03 -17.11
CA ASP L 367 18.35 42.38 -18.40
C ASP L 367 19.36 41.24 -18.32
N PRO L 368 19.01 40.03 -18.74
CA PRO L 368 20.00 38.95 -18.77
C PRO L 368 21.17 39.21 -19.69
N SER L 369 21.00 40.10 -20.69
CA SER L 369 22.03 40.30 -21.70
C SER L 369 23.33 40.83 -21.12
N GLU L 370 23.31 41.36 -19.91
CA GLU L 370 24.51 41.88 -19.27
C GLU L 370 25.08 40.93 -18.23
N ILE L 371 24.57 39.70 -18.14
CA ILE L 371 25.12 38.73 -17.20
C ILE L 371 26.61 38.53 -17.44
N GLY L 372 27.01 38.45 -18.70
CA GLY L 372 28.41 38.27 -19.03
C GLY L 372 29.30 39.36 -18.49
N GLY L 373 28.75 40.54 -18.21
CA GLY L 373 29.56 41.59 -17.61
C GLY L 373 30.09 41.22 -16.25
N PHE L 374 29.35 40.41 -15.50
CA PHE L 374 29.76 40.00 -14.16
C PHE L 374 30.65 38.76 -14.15
N ILE L 375 30.81 38.09 -15.29
CA ILE L 375 31.52 36.82 -15.35
C ILE L 375 32.98 37.11 -15.70
N PRO L 376 33.92 36.81 -14.82
CA PRO L 376 35.34 37.06 -15.11
C PRO L 376 35.91 35.95 -15.99
N ASP L 377 37.22 36.05 -16.25
CA ASP L 377 37.91 35.07 -17.07
C ASP L 377 38.25 33.86 -16.21
N MET L 378 37.60 32.74 -16.46
CA MET L 378 37.85 31.53 -15.67
C MET L 378 39.25 30.98 -15.93
N GLY L 379 39.73 31.09 -17.16
CA GLY L 379 41.10 30.68 -17.44
C GLY L 379 42.08 31.81 -17.23
N ALA L 380 42.71 31.84 -16.06
CA ALA L 380 43.65 32.89 -15.73
C ALA L 380 44.56 32.40 -14.61
N ASP L 381 45.69 33.09 -14.45
CA ASP L 381 46.61 32.75 -13.38
C ASP L 381 45.97 32.94 -12.02
N VAL L 382 45.28 34.04 -11.82
CA VAL L 382 44.51 34.31 -10.60
C VAL L 382 43.09 34.64 -11.03
N VAL L 383 42.13 33.82 -10.62
CA VAL L 383 40.75 33.98 -11.03
C VAL L 383 40.04 34.91 -10.04
N LYS L 384 39.43 35.96 -10.57
CA LYS L 384 38.70 36.90 -9.73
C LYS L 384 37.39 36.30 -9.26
N GLY L 385 36.90 36.80 -8.15
CA GLY L 385 35.62 36.39 -7.60
C GLY L 385 34.53 37.40 -7.90
N PHE L 386 33.29 36.90 -7.97
CA PHE L 386 32.13 37.74 -8.23
C PHE L 386 30.97 37.25 -7.38
N ASP L 387 29.97 38.10 -7.23
CA ASP L 387 28.76 37.75 -6.48
C ASP L 387 27.78 37.07 -7.42
N VAL L 388 27.45 35.82 -7.11
CA VAL L 388 26.53 35.05 -7.94
C VAL L 388 25.12 35.63 -7.88
N ARG L 389 24.81 36.42 -6.85
CA ARG L 389 23.48 37.01 -6.75
C ARG L 389 23.17 37.91 -7.94
N ALA L 390 24.18 38.62 -8.45
CA ALA L 390 23.98 39.42 -9.66
C ALA L 390 23.50 38.57 -10.82
N VAL L 391 23.93 37.31 -10.89
CA VAL L 391 23.39 36.39 -11.88
C VAL L 391 21.95 36.04 -11.53
N ILE L 392 21.69 35.73 -10.25
CA ILE L 392 20.36 35.28 -9.83
C ILE L 392 19.34 36.37 -10.08
N ALA L 393 19.72 37.63 -9.87
CA ALA L 393 18.81 38.74 -10.11
C ALA L 393 18.36 38.83 -11.56
N ARG L 394 19.11 38.24 -12.49
CA ARG L 394 18.78 38.29 -13.90
C ARG L 394 18.17 36.99 -14.40
N LEU L 395 17.74 36.10 -13.51
CA LEU L 395 17.16 34.84 -13.91
C LEU L 395 15.82 34.53 -13.26
N VAL L 396 15.49 35.11 -12.11
CA VAL L 396 14.32 34.72 -11.34
C VAL L 396 13.23 35.79 -11.46
N ASP L 397 12.02 35.40 -11.09
CA ASP L 397 10.86 36.27 -11.26
C ASP L 397 10.98 37.49 -10.36
N GLY L 398 10.87 38.67 -10.96
CA GLY L 398 10.87 39.91 -10.21
C GLY L 398 12.15 40.18 -9.45
N SER L 399 13.21 39.44 -9.79
CA SER L 399 14.49 39.53 -9.11
C SER L 399 14.35 39.33 -7.60
N GLU L 400 13.37 38.53 -7.19
CA GLU L 400 13.10 38.28 -5.79
C GLU L 400 13.80 37.01 -5.35
N PHE L 401 14.35 37.02 -4.13
CA PHE L 401 15.19 35.92 -3.67
C PHE L 401 15.20 35.95 -2.16
N ASP L 402 14.64 34.91 -1.53
CA ASP L 402 14.63 34.80 -0.08
C ASP L 402 15.82 33.95 0.35
N GLU L 403 16.87 34.60 0.85
CA GLU L 403 18.09 33.89 1.21
C GLU L 403 17.90 33.11 2.51
N PHE L 404 18.47 31.91 2.55
CA PHE L 404 18.21 30.97 3.65
C PHE L 404 19.04 31.29 4.88
N LYS L 405 20.37 31.23 4.76
CA LYS L 405 21.27 31.58 5.86
C LYS L 405 22.26 32.60 5.30
N LYS L 406 21.87 33.87 5.32
CA LYS L 406 22.66 34.89 4.65
C LYS L 406 24.00 35.13 5.32
N LEU L 407 24.12 34.86 6.62
CA LEU L 407 25.31 35.20 7.38
C LEU L 407 26.14 34.01 7.81
N TYR L 408 25.71 32.78 7.52
CA TYR L 408 26.39 31.58 8.00
C TYR L 408 27.29 30.96 6.95
N GLY L 409 26.74 30.60 5.80
CA GLY L 409 27.55 30.00 4.74
C GLY L 409 28.53 30.99 4.16
N ASP L 410 28.00 32.08 3.60
CA ASP L 410 28.78 33.23 3.14
C ASP L 410 29.65 32.87 1.93
N THR L 411 29.67 31.60 1.55
CA THR L 411 30.28 31.15 0.31
C THR L 411 29.39 30.21 -0.46
N LEU L 412 28.26 29.81 0.08
CA LEU L 412 27.25 29.04 -0.62
C LEU L 412 25.92 29.75 -0.42
N VAL L 413 25.39 30.35 -1.48
CA VAL L 413 24.14 31.09 -1.42
C VAL L 413 22.99 30.11 -1.63
N CYS L 414 22.15 29.97 -0.61
CA CYS L 414 20.98 29.12 -0.67
C CYS L 414 19.73 29.97 -0.48
N GLY L 415 18.74 29.77 -1.33
CA GLY L 415 17.55 30.59 -1.20
C GLY L 415 16.40 30.05 -2.03
N PHE L 416 15.28 30.75 -1.93
CA PHE L 416 14.08 30.39 -2.68
C PHE L 416 13.80 31.45 -3.73
N ALA L 417 13.36 31.00 -4.91
CA ALA L 417 13.03 31.91 -5.99
C ALA L 417 11.93 31.28 -6.82
N ARG L 418 11.52 31.96 -7.88
CA ARG L 418 10.48 31.44 -8.76
C ARG L 418 10.86 31.66 -10.21
N PHE L 419 10.59 30.66 -11.03
CA PHE L 419 10.74 30.73 -12.47
C PHE L 419 9.36 30.60 -13.09
N GLU L 420 8.84 31.72 -13.62
CA GLU L 420 7.51 31.77 -14.21
C GLU L 420 6.46 31.18 -13.28
N GLY L 421 6.58 31.52 -11.99
CA GLY L 421 5.64 31.08 -10.99
C GLY L 421 5.96 29.75 -10.34
N MET L 422 6.97 29.04 -10.81
CA MET L 422 7.33 27.75 -10.23
C MET L 422 8.39 27.96 -9.16
N LEU L 423 8.09 27.52 -7.94
CA LEU L 423 9.00 27.72 -6.81
C LEU L 423 10.19 26.77 -6.92
N VAL L 424 11.39 27.31 -6.75
CA VAL L 424 12.63 26.56 -6.92
C VAL L 424 13.61 26.97 -5.82
N GLY L 425 14.28 25.99 -5.23
CA GLY L 425 15.39 26.26 -4.34
C GLY L 425 16.68 26.35 -5.11
N ILE L 426 17.42 27.44 -4.89
CA ILE L 426 18.66 27.72 -5.60
C ILE L 426 19.83 27.55 -4.64
N VAL L 427 20.79 26.72 -5.03
CA VAL L 427 22.06 26.55 -4.34
C VAL L 427 23.16 26.97 -5.31
N ALA L 428 23.90 28.02 -4.96
CA ALA L 428 24.92 28.56 -5.84
C ALA L 428 26.23 28.70 -5.09
N ASN L 429 27.34 28.47 -5.79
CA ASN L 429 28.66 28.65 -5.20
C ASN L 429 29.04 30.12 -5.20
N ASN L 430 29.67 30.56 -4.11
CA ASN L 430 30.12 31.94 -3.99
C ASN L 430 31.51 32.02 -3.38
N GLY L 431 32.34 31.02 -3.61
CA GLY L 431 33.68 30.98 -3.07
C GLY L 431 34.07 29.57 -2.70
N ILE L 432 35.05 29.46 -1.79
CA ILE L 432 35.53 28.17 -1.35
C ILE L 432 34.53 27.54 -0.39
N LEU L 433 34.30 26.24 -0.54
CA LEU L 433 33.43 25.51 0.37
C LEU L 433 34.11 25.30 1.72
N TYR L 434 33.39 25.61 2.78
CA TYR L 434 33.83 25.35 4.15
C TYR L 434 32.90 24.32 4.79
N SER L 435 33.20 23.98 6.04
CA SER L 435 32.32 23.09 6.79
C SER L 435 30.96 23.74 7.00
N GLU L 436 30.94 25.02 7.34
CA GLU L 436 29.67 25.73 7.54
C GLU L 436 28.87 25.78 6.25
N SER L 437 29.52 26.05 5.13
CA SER L 437 28.82 26.11 3.85
C SER L 437 28.24 24.74 3.47
N ALA L 438 29.00 23.68 3.70
CA ALA L 438 28.50 22.34 3.40
C ALA L 438 27.32 21.98 4.29
N LEU L 439 27.41 22.29 5.58
CA LEU L 439 26.28 22.05 6.47
C LEU L 439 25.05 22.83 6.05
N LYS L 440 25.25 24.10 5.67
CA LYS L 440 24.15 24.93 5.23
C LYS L 440 23.50 24.36 3.96
N GLY L 441 24.32 23.92 3.01
CA GLY L 441 23.79 23.33 1.80
C GLY L 441 23.02 22.05 2.08
N ALA L 442 23.55 21.20 2.95
CA ALA L 442 22.84 19.97 3.28
C ALA L 442 21.50 20.26 3.95
N HIS L 443 21.49 21.21 4.89
CA HIS L 443 20.25 21.56 5.56
C HIS L 443 19.24 22.13 4.58
N PHE L 444 19.70 22.99 3.66
CA PHE L 444 18.80 23.56 2.67
C PHE L 444 18.24 22.49 1.74
N VAL L 445 19.08 21.54 1.33
CA VAL L 445 18.61 20.47 0.46
C VAL L 445 17.57 19.61 1.18
N GLU L 446 17.80 19.31 2.47
CA GLU L 446 16.80 18.58 3.24
C GLU L 446 15.50 19.37 3.34
N LEU L 447 15.60 20.68 3.57
CA LEU L 447 14.42 21.51 3.68
C LEU L 447 13.61 21.51 2.38
N CYS L 448 14.30 21.62 1.25
CA CYS L 448 13.60 21.57 -0.03
C CYS L 448 13.03 20.20 -0.32
N SER L 449 13.73 19.14 0.08
CA SER L 449 13.23 17.80 -0.15
C SER L 449 11.95 17.53 0.65
N HIS L 450 11.91 18.00 1.89
CA HIS L 450 10.71 17.81 2.70
C HIS L 450 9.51 18.57 2.15
N ARG L 451 9.73 19.57 1.31
CA ARG L 451 8.65 20.37 0.74
C ARG L 451 8.39 20.06 -0.73
N ASN L 452 9.09 19.10 -1.31
CA ASN L 452 8.96 18.76 -2.73
C ASN L 452 9.24 19.98 -3.61
N ILE L 453 10.23 20.77 -3.23
CA ILE L 453 10.65 21.95 -3.98
C ILE L 453 11.82 21.55 -4.87
N PRO L 454 11.73 21.74 -6.19
CA PRO L 454 12.85 21.40 -7.06
C PRO L 454 14.07 22.24 -6.74
N LEU L 455 15.25 21.66 -7.00
CA LEU L 455 16.53 22.28 -6.68
C LEU L 455 17.22 22.75 -7.94
N LEU L 456 17.85 23.91 -7.86
CA LEU L 456 18.67 24.46 -8.93
C LEU L 456 20.06 24.75 -8.39
N PHE L 457 21.06 24.08 -8.96
CA PHE L 457 22.45 24.25 -8.57
C PHE L 457 23.17 25.11 -9.60
N LEU L 458 23.92 26.09 -9.13
CA LEU L 458 24.75 26.92 -9.99
C LEU L 458 26.19 26.69 -9.57
N GLN L 459 26.94 25.94 -10.36
CA GLN L 459 28.26 25.46 -9.96
C GLN L 459 29.33 26.41 -10.44
N ASN L 460 30.08 26.99 -9.50
CA ASN L 460 31.38 27.60 -9.77
C ASN L 460 32.23 27.29 -8.54
N ILE L 461 32.90 26.14 -8.57
CA ILE L 461 33.52 25.57 -7.37
C ILE L 461 34.95 25.17 -7.68
N THR L 462 35.84 25.47 -6.74
CA THR L 462 37.26 25.14 -6.84
C THR L 462 37.70 24.38 -5.61
N GLY L 463 36.91 23.38 -5.21
CA GLY L 463 37.28 22.52 -4.10
C GLY L 463 36.96 23.11 -2.74
N PHE L 464 37.37 22.36 -1.71
CA PHE L 464 37.14 22.73 -0.32
C PHE L 464 38.34 23.48 0.24
N MET L 465 38.21 23.91 1.49
CA MET L 465 39.31 24.56 2.20
C MET L 465 40.24 23.51 2.78
N VAL L 466 41.54 23.67 2.53
CA VAL L 466 42.53 22.71 2.97
C VAL L 466 43.17 23.21 4.26
N GLY L 467 43.83 22.30 4.96
CA GLY L 467 44.50 22.66 6.19
C GLY L 467 44.28 21.69 7.32
N LYS L 468 45.20 21.69 8.29
CA LYS L 468 45.09 20.79 9.44
C LYS L 468 43.86 21.11 10.28
N THR L 469 43.61 22.40 10.51
CA THR L 469 42.48 22.80 11.34
C THR L 469 41.16 22.38 10.71
N TYR L 470 41.03 22.54 9.40
CA TYR L 470 39.77 22.25 8.74
C TYR L 470 39.49 20.76 8.68
N GLU L 471 40.52 19.94 8.43
CA GLU L 471 40.35 18.50 8.50
C GLU L 471 40.03 18.05 9.91
N GLU L 472 40.70 18.64 10.90
CA GLU L 472 40.41 18.30 12.29
C GLU L 472 38.99 18.69 12.68
N GLY L 473 38.45 19.75 12.09
CA GLY L 473 37.07 20.13 12.35
C GLY L 473 36.04 19.25 11.67
N GLY L 474 36.48 18.35 10.78
CA GLY L 474 35.57 17.41 10.16
C GLY L 474 34.97 17.91 8.86
N ILE L 475 35.78 18.57 8.03
CA ILE L 475 35.27 19.09 6.77
C ILE L 475 34.86 17.95 5.85
N ALA L 476 35.57 16.82 5.89
CA ALA L 476 35.17 15.67 5.08
C ALA L 476 33.80 15.16 5.50
N LYS L 477 33.51 15.15 6.79
CA LYS L 477 32.21 14.70 7.27
C LYS L 477 31.09 15.61 6.78
N ASN L 478 31.32 16.92 6.81
CA ASN L 478 30.28 17.85 6.38
C ASN L 478 30.08 17.81 4.86
N GLY L 479 31.18 17.69 4.11
CA GLY L 479 31.05 17.46 2.68
C GLY L 479 30.29 16.19 2.37
N ALA L 480 30.52 15.15 3.17
CA ALA L 480 29.77 13.91 3.02
C ALA L 480 28.29 14.12 3.33
N LYS L 481 27.98 14.92 4.35
CA LYS L 481 26.59 15.21 4.64
C LYS L 481 25.92 15.90 3.45
N LEU L 482 26.60 16.88 2.86
CA LEU L 482 26.05 17.55 1.69
C LEU L 482 25.86 16.58 0.53
N VAL L 483 26.85 15.72 0.28
CA VAL L 483 26.76 14.76 -0.81
C VAL L 483 25.61 13.79 -0.59
N THR L 484 25.45 13.31 0.65
CA THR L 484 24.36 12.41 0.95
C THR L 484 23.01 13.09 0.75
N ALA L 485 22.88 14.32 1.22
CA ALA L 485 21.62 15.04 1.05
C ALA L 485 21.28 15.23 -0.42
N VAL L 486 22.27 15.58 -1.23
CA VAL L 486 22.04 15.75 -2.66
C VAL L 486 21.69 14.41 -3.31
N SER L 487 22.38 13.35 -2.93
CA SER L 487 22.20 12.06 -3.60
C SER L 487 20.85 11.44 -3.28
N THR L 488 20.43 11.51 -2.03
CA THR L 488 19.27 10.74 -1.60
C THR L 488 17.95 11.48 -1.73
N THR L 489 17.96 12.72 -2.21
CA THR L 489 16.71 13.46 -2.39
C THR L 489 15.96 12.97 -3.62
N HIS L 490 14.65 13.18 -3.61
CA HIS L 490 13.79 12.74 -4.70
C HIS L 490 13.18 13.88 -5.51
N VAL L 491 13.38 15.13 -5.10
CA VAL L 491 12.86 16.27 -5.86
C VAL L 491 13.67 16.40 -7.14
N PRO L 492 13.09 16.96 -8.21
CA PRO L 492 13.88 17.19 -9.42
C PRO L 492 15.03 18.15 -9.16
N LYS L 493 16.17 17.85 -9.78
CA LYS L 493 17.37 18.67 -9.61
C LYS L 493 17.86 19.09 -10.99
N ILE L 494 18.18 20.38 -11.14
CA ILE L 494 18.76 20.91 -12.35
C ILE L 494 20.02 21.66 -11.98
N THR L 495 21.13 21.34 -12.64
CA THR L 495 22.40 21.98 -12.35
C THR L 495 22.96 22.65 -13.61
N ILE L 496 23.56 23.81 -13.42
CA ILE L 496 24.19 24.58 -14.49
C ILE L 496 25.58 24.96 -14.06
N ILE L 497 26.58 24.65 -14.89
CA ILE L 497 27.96 25.00 -14.62
C ILE L 497 28.17 26.41 -15.19
N ILE L 498 28.22 27.39 -14.32
CA ILE L 498 28.39 28.78 -14.75
C ILE L 498 29.86 29.15 -14.67
N GLY L 499 30.60 28.51 -13.76
CA GLY L 499 32.01 28.77 -13.61
C GLY L 499 32.87 27.54 -13.82
N GLY L 500 33.55 27.11 -12.77
CA GLY L 500 34.37 25.91 -12.82
C GLY L 500 33.87 24.87 -11.83
N SER L 501 33.94 23.61 -12.23
CA SER L 501 33.59 22.48 -11.36
C SER L 501 34.81 21.59 -11.24
N TYR L 502 35.45 21.59 -10.08
CA TYR L 502 36.72 20.93 -9.87
C TYR L 502 36.63 19.99 -8.67
N GLY L 503 36.93 18.72 -8.89
CA GLY L 503 37.13 17.79 -7.79
C GLY L 503 35.87 17.47 -7.01
N ALA L 504 36.08 17.11 -5.73
CA ALA L 504 34.99 16.65 -4.89
C ALA L 504 33.93 17.73 -4.70
N GLY L 505 34.30 19.01 -4.85
CA GLY L 505 33.30 20.06 -4.79
C GLY L 505 32.21 19.87 -5.84
N ASN L 506 32.61 19.45 -7.04
CA ASN L 506 31.64 19.08 -8.06
C ASN L 506 30.66 18.05 -7.51
N TYR L 507 31.19 17.03 -6.83
CA TYR L 507 30.32 16.00 -6.25
C TYR L 507 29.36 16.60 -5.23
N GLY L 508 29.81 17.60 -4.48
CA GLY L 508 28.92 18.23 -3.52
C GLY L 508 27.87 19.12 -4.13
N MET L 509 27.98 19.43 -5.41
CA MET L 509 27.10 20.38 -6.06
C MET L 509 26.27 19.74 -7.16
N CYS L 510 25.88 18.48 -6.97
CA CYS L 510 25.03 17.74 -7.91
C CYS L 510 25.65 17.69 -9.31
N GLY L 511 26.77 17.00 -9.40
CA GLY L 511 27.43 16.79 -10.67
C GLY L 511 26.68 15.76 -11.51
N ARG L 512 27.33 15.38 -12.61
CA ARG L 512 26.73 14.44 -13.55
C ARG L 512 26.45 13.09 -12.90
N ALA L 513 27.28 12.69 -11.94
CA ALA L 513 27.16 11.37 -11.33
C ALA L 513 26.00 11.27 -10.34
N PHE L 514 25.36 12.38 -9.98
CA PHE L 514 24.37 12.38 -8.92
C PHE L 514 22.94 12.53 -9.45
N GLY L 515 22.75 12.25 -10.73
CA GLY L 515 21.43 12.17 -11.33
C GLY L 515 20.57 13.42 -11.26
N PRO L 516 21.08 14.56 -11.71
CA PRO L 516 20.19 15.69 -11.98
C PRO L 516 19.34 15.39 -13.20
N ARG L 517 18.14 15.98 -13.22
CA ARG L 517 17.28 15.82 -14.38
C ARG L 517 17.94 16.35 -15.64
N PHE L 518 18.57 17.52 -15.54
CA PHE L 518 19.29 18.14 -16.65
C PHE L 518 20.54 18.81 -16.12
N LEU L 519 21.55 18.90 -16.99
CA LEU L 519 22.80 19.57 -16.65
C LEU L 519 23.30 20.31 -17.88
N PHE L 520 23.51 21.62 -17.74
CA PHE L 520 23.95 22.46 -18.84
C PHE L 520 25.20 23.23 -18.41
N MET L 521 26.00 23.62 -19.40
CA MET L 521 27.23 24.36 -19.18
C MET L 521 27.19 25.66 -19.99
N TRP L 522 27.66 26.73 -19.37
CA TRP L 522 27.88 27.97 -20.09
C TRP L 522 29.16 27.86 -20.92
N PRO L 523 29.27 28.65 -21.99
CA PRO L 523 30.45 28.52 -22.87
C PRO L 523 31.77 28.83 -22.20
N ASN L 524 31.75 29.53 -21.07
CA ASN L 524 32.98 29.83 -20.34
C ASN L 524 33.32 28.78 -19.29
N ALA L 525 32.47 27.77 -19.11
CA ALA L 525 32.63 26.84 -18.02
C ALA L 525 33.78 25.86 -18.28
N ARG L 526 34.40 25.41 -17.19
CA ARG L 526 35.46 24.42 -17.25
C ARG L 526 35.20 23.35 -16.19
N ILE L 527 35.34 22.08 -16.58
CA ILE L 527 35.15 20.96 -15.67
C ILE L 527 36.38 20.06 -15.73
N SER L 528 36.95 19.77 -14.57
CA SER L 528 38.16 18.94 -14.49
C SER L 528 38.24 18.37 -13.10
N VAL L 529 39.11 17.36 -12.95
CA VAL L 529 39.36 16.80 -11.63
C VAL L 529 40.00 17.84 -10.72
N MET L 530 40.69 18.82 -11.27
CA MET L 530 41.27 19.92 -10.51
C MET L 530 41.53 21.07 -11.46
N GLY L 531 41.72 22.26 -10.90
CA GLY L 531 41.98 23.43 -11.72
C GLY L 531 43.29 23.31 -12.47
N GLY L 532 43.36 24.02 -13.60
CA GLY L 532 44.56 23.96 -14.42
C GLY L 532 45.80 24.47 -13.71
N ASN L 533 45.68 25.63 -13.07
CA ASN L 533 46.79 26.15 -12.28
C ASN L 533 47.10 25.22 -11.12
N GLN L 534 46.07 24.72 -10.44
CA GLN L 534 46.27 23.80 -9.33
C GLN L 534 46.93 22.52 -9.82
N ALA L 535 46.47 21.98 -10.95
CA ALA L 535 47.08 20.78 -11.49
C ALA L 535 48.55 21.01 -11.82
N ALA L 536 48.85 22.14 -12.47
CA ALA L 536 50.24 22.44 -12.84
C ALA L 536 51.12 22.53 -11.60
N THR L 537 50.68 23.29 -10.60
CA THR L 537 51.48 23.47 -9.39
C THR L 537 51.69 22.15 -8.66
N VAL L 538 50.62 21.38 -8.47
CA VAL L 538 50.71 20.14 -7.71
C VAL L 538 51.58 19.12 -8.45
N LEU L 539 51.39 18.98 -9.76
CA LEU L 539 52.19 18.04 -10.52
C LEU L 539 53.66 18.43 -10.54
N ALA L 540 53.95 19.73 -10.66
CA ALA L 540 55.34 20.16 -10.63
C ALA L 540 55.97 19.89 -9.27
N LEU L 541 55.23 20.17 -8.19
CA LEU L 541 55.79 19.97 -6.85
C LEU L 541 55.99 18.49 -6.54
N THR L 542 55.05 17.64 -6.96
CA THR L 542 55.14 16.22 -6.66
C THR L 542 56.23 15.53 -7.47
N ASN L 543 56.34 15.87 -8.76
CA ASN L 543 57.28 15.21 -9.63
C ASN L 543 58.72 15.63 -9.30
N SER L 544 59.40 14.83 -8.47
CA SER L 544 60.78 15.13 -8.11
C SER L 544 61.74 14.79 -9.23
N LYS L 545 61.35 13.93 -10.17
CA LYS L 545 62.21 13.61 -11.30
C LYS L 545 62.43 14.83 -12.19
N LEU L 546 61.45 15.72 -12.27
CA LEU L 546 61.54 16.86 -13.15
C LEU L 546 62.68 17.78 -12.74
N ARG L 547 63.48 18.20 -13.72
CA ARG L 547 64.60 19.09 -13.47
C ARG L 547 64.13 20.54 -13.44
N GLU L 548 64.95 21.39 -12.82
CA GLU L 548 64.63 22.81 -12.75
C GLU L 548 64.61 23.44 -14.14
N ASN L 549 65.42 22.93 -15.06
CA ASN L 549 65.46 23.47 -16.42
C ASN L 549 64.18 23.18 -17.20
N GLU L 550 63.40 22.19 -16.78
CA GLU L 550 62.21 21.75 -17.51
C GLU L 550 60.95 21.91 -16.67
N VAL L 551 60.83 23.04 -15.96
CA VAL L 551 59.66 23.28 -15.13
C VAL L 551 58.60 24.04 -15.89
N GLN L 552 58.97 25.14 -16.56
CA GLN L 552 57.98 25.96 -17.24
C GLN L 552 57.31 25.20 -18.38
N ASP L 553 58.08 24.41 -19.14
CA ASP L 553 57.49 23.65 -20.23
C ASP L 553 56.49 22.62 -19.71
N PHE L 554 56.83 21.94 -18.61
CA PHE L 554 55.91 20.96 -18.04
C PHE L 554 54.62 21.62 -17.56
N LYS L 555 54.74 22.75 -16.87
CA LYS L 555 53.55 23.47 -16.41
C LYS L 555 52.71 23.93 -17.58
N ALA L 556 53.34 24.46 -18.62
CA ALA L 556 52.59 24.91 -19.80
C ALA L 556 51.87 23.74 -20.46
N LYS L 557 52.54 22.59 -20.57
CA LYS L 557 51.94 21.43 -21.21
C LYS L 557 50.73 20.93 -20.42
N VAL L 558 50.86 20.83 -19.10
CA VAL L 558 49.74 20.33 -18.30
C VAL L 558 48.60 21.34 -18.28
N ARG L 559 48.93 22.64 -18.25
CA ARG L 559 47.88 23.66 -18.32
C ARG L 559 47.14 23.59 -19.65
N SER L 560 47.86 23.41 -20.75
CA SER L 560 47.22 23.30 -22.05
C SER L 560 46.34 22.06 -22.12
N LYS L 561 46.82 20.93 -21.57
CA LYS L 561 46.02 19.72 -21.58
C LYS L 561 44.74 19.89 -20.77
N TYR L 562 44.84 20.51 -19.61
CA TYR L 562 43.65 20.71 -18.78
C TYR L 562 42.69 21.71 -19.40
N GLU L 563 43.21 22.76 -20.04
CA GLU L 563 42.35 23.69 -20.76
C GLU L 563 41.62 23.01 -21.91
N TYR L 564 42.32 22.14 -22.64
CA TYR L 564 41.70 21.46 -23.76
C TYR L 564 40.64 20.46 -23.31
N GLU L 565 40.94 19.68 -22.27
CA GLU L 565 40.01 18.66 -21.81
C GLU L 565 38.97 19.18 -20.83
N GLY L 566 39.05 20.46 -20.45
CA GLY L 566 38.07 21.01 -19.54
C GLY L 566 37.11 21.97 -20.20
N SER L 567 37.30 22.24 -21.49
CA SER L 567 36.46 23.19 -22.18
C SER L 567 35.03 22.69 -22.27
N CYS L 568 34.11 23.62 -22.52
CA CYS L 568 32.70 23.27 -22.62
C CYS L 568 32.45 22.33 -23.80
N TYR L 569 33.14 22.57 -24.92
CA TYR L 569 32.93 21.74 -26.10
C TYR L 569 33.46 20.32 -25.89
N TYR L 570 34.58 20.18 -25.18
CA TYR L 570 35.09 18.86 -24.86
C TYR L 570 34.10 18.08 -24.03
N SER L 571 33.51 18.72 -23.02
CA SER L 571 32.50 18.06 -22.20
C SER L 571 31.25 17.72 -23.02
N THR L 572 30.82 18.65 -23.87
CA THR L 572 29.59 18.45 -24.61
C THR L 572 29.71 17.30 -25.61
N ALA L 573 30.85 17.20 -26.28
CA ALA L 573 31.02 16.14 -27.27
C ALA L 573 30.97 14.75 -26.65
N ARG L 574 31.13 14.65 -25.33
CA ARG L 574 31.19 13.37 -24.64
C ARG L 574 29.95 13.12 -23.79
N LEU L 575 28.88 13.89 -24.01
CA LEU L 575 27.62 13.69 -23.30
C LEU L 575 27.79 13.79 -21.79
N TRP L 576 28.80 14.55 -21.36
CA TRP L 576 28.97 14.85 -19.94
C TRP L 576 27.95 15.85 -19.43
N ASP L 577 27.30 16.58 -20.33
CA ASP L 577 26.24 17.51 -19.98
C ASP L 577 25.12 17.35 -20.99
N ASP L 578 24.05 18.13 -20.80
CA ASP L 578 22.94 18.14 -21.73
C ASP L 578 22.97 19.35 -22.66
N GLY L 579 24.15 19.82 -23.01
CA GLY L 579 24.30 20.90 -23.97
C GLY L 579 24.90 22.14 -23.34
N VAL L 580 25.36 23.02 -24.23
CA VAL L 580 25.91 24.32 -23.86
C VAL L 580 24.89 25.39 -24.22
N ILE L 581 24.59 26.27 -23.27
CA ILE L 581 23.60 27.30 -23.47
C ILE L 581 24.21 28.65 -23.14
N ALA L 582 23.70 29.69 -23.78
CA ALA L 582 24.14 31.04 -23.49
C ALA L 582 23.57 31.50 -22.15
N PRO L 583 24.30 32.33 -21.40
CA PRO L 583 23.76 32.80 -20.11
C PRO L 583 22.43 33.50 -20.23
N GLU L 584 22.23 34.33 -21.26
CA GLU L 584 20.98 35.06 -21.39
C GLU L 584 19.79 34.16 -21.67
N ASP L 585 20.02 32.97 -22.23
CA ASP L 585 18.96 32.00 -22.43
C ASP L 585 18.73 31.12 -21.21
N THR L 586 19.59 31.24 -20.19
CA THR L 586 19.56 30.30 -19.08
C THR L 586 18.17 30.18 -18.48
N ARG L 587 17.56 31.30 -18.12
CA ARG L 587 16.23 31.28 -17.54
C ARG L 587 15.28 30.49 -18.40
N ALA L 588 15.22 30.80 -19.69
CA ALA L 588 14.33 30.09 -20.59
C ALA L 588 14.56 28.59 -20.50
N VAL L 589 15.83 28.17 -20.61
CA VAL L 589 16.14 26.75 -20.54
C VAL L 589 15.58 26.15 -19.26
N VAL L 590 15.84 26.81 -18.13
CA VAL L 590 15.40 26.27 -16.85
C VAL L 590 13.89 26.04 -16.90
N VAL L 591 13.15 27.04 -17.39
CA VAL L 591 11.70 26.91 -17.42
C VAL L 591 11.30 25.66 -18.18
N GLN L 592 11.86 25.48 -19.37
CA GLN L 592 11.51 24.30 -20.15
C GLN L 592 11.82 23.03 -19.36
N ALA L 593 13.02 22.97 -18.76
CA ALA L 593 13.37 21.80 -17.98
C ALA L 593 12.36 21.56 -16.88
N LEU L 594 11.99 22.62 -16.16
CA LEU L 594 11.04 22.47 -15.08
C LEU L 594 9.72 21.92 -15.59
N LEU L 595 9.26 22.42 -16.74
CA LEU L 595 8.01 21.94 -17.29
C LEU L 595 8.11 20.46 -17.62
N SER L 596 9.27 20.03 -18.11
CA SER L 596 9.46 18.62 -18.45
C SER L 596 9.32 17.74 -17.23
N THR L 597 9.59 18.28 -16.04
CA THR L 597 9.49 17.49 -14.82
C THR L 597 8.09 17.51 -14.22
N LEU L 598 7.13 18.23 -14.83
CA LEU L 598 5.81 18.32 -14.22
C LEU L 598 5.01 17.03 -14.37
N SER L 599 5.35 16.20 -15.35
CA SER L 599 4.68 14.92 -15.54
C SER L 599 5.34 13.78 -14.78
N ALA L 600 6.41 14.06 -14.04
CA ALA L 600 7.08 13.03 -13.25
C ALA L 600 6.17 12.56 -12.12
N PRO L 601 6.27 11.28 -11.73
CA PRO L 601 5.44 10.73 -10.64
C PRO L 601 5.79 11.31 -9.27
#